data_5URX
#
_entry.id   5URX
#
_cell.length_a   1
_cell.length_b   1
_cell.length_c   1
_cell.angle_alpha   90
_cell.angle_beta   90
_cell.angle_gamma   90
#
_symmetry.space_group_name_H-M   'P 1'
#
loop_
_entity.id
_entity.type
_entity.pdbx_description
1 polymer TssB
2 polymer TssC
#
loop_
_entity_poly.entity_id
_entity_poly.type
_entity_poly.pdbx_seq_one_letter_code
_entity_poly.pdbx_strand_id
1 'polypeptide(L)'
;MSKESSVAPTERVNIVYKPATGNAQEQVELPLKVLMLGDFTGQEDARPLEQRAPINVDKANFNEVMAQQNLKVTLTAADK
LSADPNATMNVSLQFKNLNDFSPESVVNQVPELKKLLELRSALNALKGPLGNLPAFRKKLQALLADEDGRKALIKELGLT
EETK
;
1A,1C,1E,1G,1I,1K,2A,2C,2E,2G,2I,2K,3A,3C,3E,3G,3I,3K
2 'polypeptide(L)'
;MANETQTQKSTGVANDASLSLLDEILSEAKLKPKDEGYDVAKRGVQAFITEMLAPNRSEERVDKALVDAMIAEIDKRLSS
QVNEILHAKEFQKLESSWRSLKFMVDRTDFRENTRVEMLNASKEDLQKDFEDAPEVTKSGLYKLVYSNEYGVFGGKPYGI
ISANYDFNVGPQDMELLRKCASVAAMAHAPFIGNAAPEVFGEESFLKLPDLKDLKSLFEGPQYARWHSFRESEDARYVGL
ALPRFLLRLPYGEKTVPVKAFNFTEDVVGHHERYLWGHASVALTSRVADSFAKFRWSPNIIGPQSGGAVENLPLHQYEAM
GEIQTKIPTEVMLTERREFELSEEGFIGLVFRKDSDNAAFFSANSTQKPRFFGNTPEGKAAETNYRLGTQLPYMFIMTRL
AHYIKVLQREQIGSWKEKSDLERELNHWLSQYISDMDDPAPAVRSRRPLRAARVVVEDVEGQPGWYRCSLQVRPHFKYMG
ASFTLSLVGKLDKE
;
1B,1D,1F,1H,1J,1L,2B,2D,2F,2H,2J,2L,3B,3D,3F,3H,3J,3L
#
# COMPACT_ATOMS: atom_id res chain seq x y z
N LEU A 30 -14.19 5.01 80.40
CA LEU A 30 -14.10 5.76 81.66
C LEU A 30 -15.19 6.83 81.72
N PRO A 31 -16.04 6.72 82.76
CA PRO A 31 -17.10 7.71 83.03
C PRO A 31 -16.45 9.10 83.24
N LEU A 32 -17.28 10.12 83.11
CA LEU A 32 -16.88 11.49 83.45
C LEU A 32 -17.52 11.83 84.81
N LYS A 33 -16.70 11.72 85.84
CA LYS A 33 -17.18 11.99 87.21
C LYS A 33 -16.64 13.34 87.68
N VAL A 34 -17.58 14.13 88.18
CA VAL A 34 -17.29 15.46 88.75
C VAL A 34 -17.54 15.39 90.27
N LEU A 35 -16.78 16.22 90.96
CA LEU A 35 -16.89 16.37 92.41
C LEU A 35 -17.30 17.79 92.76
N MET A 36 -18.52 17.92 93.26
CA MET A 36 -19.07 19.22 93.69
C MET A 36 -18.81 19.40 95.19
N LEU A 37 -17.91 20.32 95.48
CA LEU A 37 -17.53 20.61 96.86
C LEU A 37 -18.06 22.00 97.22
N GLY A 38 -18.71 22.06 98.38
CA GLY A 38 -19.36 23.31 98.82
C GLY A 38 -20.09 23.13 100.16
N ASP A 39 -20.51 24.27 100.68
CA ASP A 39 -21.23 24.33 101.97
C ASP A 39 -22.74 24.10 101.77
N PHE A 40 -23.09 22.83 101.71
CA PHE A 40 -24.49 22.40 101.50
C PHE A 40 -25.37 22.42 102.77
N THR A 41 -24.73 22.62 103.91
CA THR A 41 -25.45 22.65 105.20
C THR A 41 -25.27 24.03 105.85
N GLY A 42 -26.13 24.28 106.86
CA GLY A 42 -26.11 25.54 107.62
C GLY A 42 -24.95 25.66 108.63
N GLN A 43 -24.17 24.59 108.76
CA GLN A 43 -23.09 24.49 109.76
C GLN A 43 -21.96 23.55 109.29
N GLU A 44 -20.77 23.82 109.81
CA GLU A 44 -19.61 22.91 109.64
C GLU A 44 -19.84 21.61 110.41
N ASP A 45 -19.24 20.54 109.90
CA ASP A 45 -19.30 19.23 110.57
C ASP A 45 -18.06 19.05 111.47
N ALA A 46 -18.30 18.37 112.60
CA ALA A 46 -17.25 17.93 113.53
C ALA A 46 -16.34 16.85 112.92
N ARG A 47 -16.91 16.02 112.05
CA ARG A 47 -16.19 14.94 111.38
C ARG A 47 -15.06 15.51 110.48
N PRO A 48 -13.86 14.95 110.60
CA PRO A 48 -12.70 15.33 109.76
C PRO A 48 -13.06 15.15 108.29
N LEU A 49 -12.42 15.98 107.46
CA LEU A 49 -12.62 15.95 105.99
C LEU A 49 -12.36 14.57 105.38
N GLU A 50 -11.28 13.94 105.84
CA GLU A 50 -10.92 12.59 105.37
C GLU A 50 -11.93 11.49 105.77
N GLN A 51 -12.70 11.79 106.82
CA GLN A 51 -13.66 10.83 107.37
C GLN A 51 -15.05 10.98 106.75
N ARG A 52 -15.53 12.21 106.62
CA ARG A 52 -16.82 12.47 105.95
C ARG A 52 -16.77 11.93 104.53
N ALA A 53 -17.89 11.36 104.12
CA ALA A 53 -17.95 10.65 102.84
C ALA A 53 -18.70 11.45 101.76
N PRO A 54 -18.33 11.22 100.49
CA PRO A 54 -19.03 11.78 99.33
C PRO A 54 -20.36 11.05 99.09
N ILE A 55 -21.29 11.77 98.47
CA ILE A 55 -22.63 11.24 98.15
C ILE A 55 -22.84 11.25 96.62
N ASN A 56 -23.18 10.09 96.08
CA ASN A 56 -23.50 9.98 94.65
C ASN A 56 -24.93 10.50 94.40
N VAL A 57 -25.03 11.44 93.48
CA VAL A 57 -26.32 12.08 93.14
C VAL A 57 -26.64 11.85 91.66
N ASP A 58 -27.93 11.64 91.41
CA ASP A 58 -28.48 11.54 90.05
C ASP A 58 -29.96 11.98 90.05
N LYS A 59 -30.53 12.05 88.86
CA LYS A 59 -31.94 12.48 88.66
C LYS A 59 -32.98 11.65 89.43
N ALA A 60 -32.68 10.38 89.68
CA ALA A 60 -33.62 9.43 90.30
C ALA A 60 -33.51 9.31 91.82
N ASN A 61 -32.76 10.22 92.45
CA ASN A 61 -32.56 10.21 93.92
C ASN A 61 -32.14 11.56 94.49
N PHE A 62 -32.22 12.61 93.69
CA PHE A 62 -31.80 13.96 94.11
C PHE A 62 -32.51 14.39 95.40
N ASN A 63 -33.84 14.27 95.39
CA ASN A 63 -34.67 14.61 96.56
C ASN A 63 -34.34 13.74 97.78
N GLU A 64 -34.06 12.46 97.52
CA GLU A 64 -33.77 11.46 98.55
C GLU A 64 -32.47 11.87 99.26
N VAL A 65 -31.54 12.40 98.47
CA VAL A 65 -30.26 12.90 98.97
C VAL A 65 -30.47 14.08 99.92
N MET A 66 -31.36 15.00 99.55
CA MET A 66 -31.64 16.17 100.39
C MET A 66 -32.27 15.76 101.73
N ALA A 67 -33.22 14.82 101.64
CA ALA A 67 -33.93 14.26 102.80
C ALA A 67 -32.95 13.59 103.78
N GLN A 68 -32.02 12.81 103.23
CA GLN A 68 -31.00 12.12 104.02
C GLN A 68 -29.93 13.06 104.58
N GLN A 69 -29.63 14.12 103.83
CA GLN A 69 -28.62 15.12 104.23
C GLN A 69 -29.10 15.89 105.47
N ASN A 70 -30.42 16.11 105.54
CA ASN A 70 -31.07 16.81 106.67
C ASN A 70 -30.56 18.25 106.76
N LEU A 71 -31.37 19.16 106.23
CA LEU A 71 -31.03 20.58 106.21
C LEU A 71 -31.81 21.32 107.30
N LYS A 72 -31.13 22.30 107.90
CA LYS A 72 -31.71 23.12 108.97
C LYS A 72 -31.05 24.50 109.01
N VAL A 73 -31.91 25.50 109.20
CA VAL A 73 -31.49 26.90 109.34
C VAL A 73 -32.07 27.52 110.61
N THR A 74 -31.14 27.89 111.49
CA THR A 74 -31.47 28.66 112.70
C THR A 74 -30.91 30.07 112.47
N LEU A 75 -31.84 30.99 112.26
CA LEU A 75 -31.48 32.37 111.90
C LEU A 75 -32.55 33.34 112.42
N THR A 76 -32.09 34.56 112.61
CA THR A 76 -32.92 35.67 113.07
C THR A 76 -33.06 36.74 111.98
N ALA A 77 -34.31 37.15 111.75
CA ALA A 77 -34.67 38.22 110.81
C ALA A 77 -35.41 39.32 111.55
N ALA A 78 -35.40 40.53 110.98
CA ALA A 78 -36.18 41.66 111.49
C ALA A 78 -37.67 41.29 111.54
N ASP A 79 -38.26 41.49 112.70
CA ASP A 79 -39.70 41.25 112.91
C ASP A 79 -40.48 42.45 112.36
N LYS A 80 -41.06 42.26 111.18
CA LYS A 80 -41.85 43.34 110.55
C LYS A 80 -43.36 43.12 110.67
N LEU A 81 -43.73 42.29 111.65
CA LEU A 81 -45.15 42.07 111.99
C LEU A 81 -45.67 43.11 112.99
N SER A 82 -44.75 43.94 113.47
CA SER A 82 -45.04 45.04 114.39
C SER A 82 -44.33 46.32 113.90
N ALA A 83 -44.30 47.33 114.76
CA ALA A 83 -43.65 48.63 114.52
C ALA A 83 -42.53 48.92 115.54
N ASP A 84 -41.77 47.89 115.86
CA ASP A 84 -40.66 48.01 116.83
C ASP A 84 -39.33 47.60 116.17
N PRO A 85 -38.35 48.52 116.12
CA PRO A 85 -37.00 48.25 115.61
C PRO A 85 -36.21 47.20 116.42
N ASN A 86 -36.54 47.08 117.70
CA ASN A 86 -35.94 46.09 118.62
C ASN A 86 -36.57 44.69 118.52
N ALA A 87 -37.70 44.60 117.83
CA ALA A 87 -38.39 43.31 117.60
C ALA A 87 -37.66 42.49 116.53
N THR A 88 -37.28 41.29 116.96
CA THR A 88 -36.58 40.34 116.11
C THR A 88 -37.29 38.98 116.12
N MET A 89 -37.22 38.27 115.00
CA MET A 89 -37.84 36.93 114.88
C MET A 89 -36.79 35.87 114.56
N ASN A 90 -36.75 34.87 115.42
CA ASN A 90 -35.86 33.72 115.21
C ASN A 90 -36.68 32.51 114.73
N VAL A 91 -36.22 31.94 113.64
CA VAL A 91 -36.88 30.80 112.96
C VAL A 91 -35.93 29.60 112.92
N SER A 92 -36.55 28.41 112.87
CA SER A 92 -35.81 27.14 112.74
C SER A 92 -36.40 26.34 111.58
N LEU A 93 -35.95 26.66 110.37
CA LEU A 93 -36.46 25.98 109.17
C LEU A 93 -35.73 24.65 108.92
N GLN A 94 -36.48 23.71 108.39
CA GLN A 94 -36.01 22.36 108.04
C GLN A 94 -36.42 22.04 106.61
N PHE A 95 -35.51 21.42 105.89
CA PHE A 95 -35.75 21.08 104.48
C PHE A 95 -35.46 19.60 104.24
N LYS A 96 -36.35 19.02 103.44
CA LYS A 96 -36.26 17.62 102.98
C LYS A 96 -36.08 17.56 101.45
N ASN A 97 -36.70 18.51 100.77
CA ASN A 97 -36.62 18.68 99.31
C ASN A 97 -36.64 20.17 98.96
N LEU A 98 -36.44 20.45 97.67
CA LEU A 98 -36.46 21.83 97.14
C LEU A 98 -37.80 22.55 97.30
N ASN A 99 -38.87 21.76 97.31
CA ASN A 99 -40.23 22.28 97.53
C ASN A 99 -40.35 22.98 98.90
N ASP A 100 -39.50 22.57 99.84
CA ASP A 100 -39.47 23.14 101.20
C ASP A 100 -38.84 24.53 101.28
N PHE A 101 -38.37 25.06 100.16
CA PHE A 101 -37.88 26.45 100.10
C PHE A 101 -38.94 27.43 99.59
N SER A 102 -40.09 26.89 99.21
CA SER A 102 -41.22 27.71 98.77
C SER A 102 -41.82 28.49 99.95
N PRO A 103 -42.33 29.69 99.71
CA PRO A 103 -42.97 30.52 100.75
C PRO A 103 -44.07 29.78 101.53
N GLU A 104 -44.74 28.85 100.83
CA GLU A 104 -45.78 27.99 101.44
C GLU A 104 -45.24 27.12 102.59
N SER A 105 -44.03 26.59 102.42
CA SER A 105 -43.39 25.77 103.46
C SER A 105 -42.75 26.64 104.55
N VAL A 106 -42.25 27.81 104.15
CA VAL A 106 -41.66 28.80 105.08
C VAL A 106 -42.71 29.24 106.11
N VAL A 107 -43.90 29.56 105.62
CA VAL A 107 -45.04 29.94 106.48
C VAL A 107 -45.43 28.82 107.44
N ASN A 108 -45.46 27.59 106.92
CA ASN A 108 -45.87 26.41 107.69
C ASN A 108 -44.91 26.11 108.84
N GLN A 109 -43.66 26.50 108.68
CA GLN A 109 -42.63 26.27 109.70
C GLN A 109 -42.36 27.49 110.58
N VAL A 110 -43.14 28.55 110.36
CA VAL A 110 -43.01 29.80 111.13
C VAL A 110 -44.40 30.11 111.72
N PRO A 111 -44.62 29.71 112.99
CA PRO A 111 -45.90 29.91 113.72
C PRO A 111 -46.44 31.35 113.66
N GLU A 112 -45.52 32.30 113.69
CA GLU A 112 -45.82 33.75 113.63
C GLU A 112 -46.44 34.17 112.29
N LEU A 113 -46.22 33.35 111.27
CA LEU A 113 -46.83 33.52 109.94
C LEU A 113 -47.93 32.50 109.68
N LYS A 114 -47.74 31.28 110.19
CA LYS A 114 -48.71 30.18 110.03
C LYS A 114 -50.08 30.55 110.61
N LYS A 115 -50.06 31.18 111.79
CA LYS A 115 -51.29 31.66 112.45
C LYS A 115 -51.98 32.77 111.64
N LEU A 116 -51.18 33.60 110.99
CA LEU A 116 -51.67 34.67 110.10
C LEU A 116 -52.30 34.11 108.82
N LEU A 117 -51.76 33.00 108.35
CA LEU A 117 -52.31 32.28 107.19
C LEU A 117 -53.65 31.60 107.57
N GLU A 118 -53.69 31.06 108.78
CA GLU A 118 -54.92 30.46 109.33
C GLU A 118 -56.01 31.53 109.51
N LEU A 119 -55.56 32.72 109.95
CA LEU A 119 -56.42 33.90 110.06
C LEU A 119 -56.96 34.31 108.68
N ARG A 120 -56.06 34.34 107.70
CA ARG A 120 -56.40 34.68 106.31
C ARG A 120 -57.55 33.76 105.84
N SER A 121 -57.37 32.46 106.02
CA SER A 121 -58.37 31.45 105.62
C SER A 121 -59.71 31.61 106.35
N ALA A 122 -59.64 32.00 107.62
CA ALA A 122 -60.82 32.29 108.45
C ALA A 122 -61.58 33.53 107.93
N LEU A 123 -60.87 34.48 107.52
CA LEU A 123 -61.53 35.73 107.08
C LEU A 123 -62.11 35.56 105.67
N ASN A 124 -61.41 34.83 104.78
CA ASN A 124 -61.91 34.61 103.42
C ASN A 124 -63.17 33.74 103.48
N ALA A 125 -63.18 32.72 104.36
CA ALA A 125 -64.33 31.83 104.58
C ALA A 125 -65.53 32.64 105.06
N LEU A 126 -65.31 33.49 106.07
CA LEU A 126 -66.35 34.37 106.61
C LEU A 126 -66.89 35.31 105.52
N LYS A 127 -65.98 36.03 104.82
CA LYS A 127 -66.38 37.00 103.79
C LYS A 127 -67.09 36.36 102.60
N GLY A 128 -66.75 35.09 102.27
CA GLY A 128 -67.44 34.36 101.18
C GLY A 128 -68.67 33.62 101.70
N PRO A 129 -69.04 33.85 102.99
CA PRO A 129 -70.18 33.26 103.67
C PRO A 129 -70.15 31.71 103.76
N LEU A 130 -68.95 31.11 103.78
CA LEU A 130 -68.78 29.66 103.84
C LEU A 130 -68.96 29.08 105.23
N GLY A 131 -68.91 29.94 106.27
CA GLY A 131 -69.20 29.49 107.63
C GLY A 131 -69.99 30.54 108.37
N ASN A 132 -70.76 30.14 109.38
CA ASN A 132 -71.56 31.08 110.16
C ASN A 132 -70.70 31.71 111.26
N LEU A 133 -71.23 32.76 111.94
CA LEU A 133 -70.54 33.50 112.98
C LEU A 133 -70.09 32.65 114.16
N PRO A 134 -70.90 31.66 114.58
CA PRO A 134 -70.55 30.79 115.71
C PRO A 134 -69.27 29.97 115.41
N ALA A 135 -69.16 29.39 114.19
CA ALA A 135 -68.00 28.61 113.76
C ALA A 135 -66.79 29.55 113.66
N PHE A 136 -66.98 30.70 113.00
CA PHE A 136 -65.95 31.72 112.86
C PHE A 136 -65.32 32.05 114.23
N ARG A 137 -66.16 32.37 115.26
CA ARG A 137 -65.63 32.75 116.60
C ARG A 137 -64.90 31.58 117.27
N LYS A 138 -65.38 30.34 117.07
CA LYS A 138 -64.75 29.13 117.64
C LYS A 138 -63.37 28.92 117.02
N LYS A 139 -63.27 29.06 115.68
CA LYS A 139 -62.01 28.91 114.97
C LYS A 139 -61.05 30.05 115.28
N LEU A 140 -61.56 31.23 115.50
CA LEU A 140 -60.72 32.34 115.78
C LEU A 140 -60.01 32.14 117.07
N GLN A 141 -60.73 31.70 118.08
CA GLN A 141 -60.12 31.47 119.36
C GLN A 141 -59.04 30.39 119.30
N ALA A 142 -59.22 29.37 118.51
CA ALA A 142 -58.23 28.33 118.29
C ALA A 142 -56.92 28.88 117.65
N LEU A 143 -57.06 29.67 116.62
CA LEU A 143 -55.93 30.33 116.02
C LEU A 143 -55.15 31.17 117.05
N LEU A 144 -55.83 32.00 117.82
CA LEU A 144 -55.16 32.95 118.68
C LEU A 144 -54.70 32.40 120.02
N ALA A 145 -55.09 31.17 120.28
CA ALA A 145 -54.73 30.43 121.48
C ALA A 145 -53.23 30.06 121.51
N ASP A 146 -52.55 29.95 120.33
CA ASP A 146 -51.13 29.58 120.25
C ASP A 146 -50.26 30.37 121.24
N GLU A 147 -49.66 29.70 122.25
CA GLU A 147 -48.90 30.45 123.26
C GLU A 147 -47.58 31.07 122.77
N ASP A 148 -47.12 30.67 121.58
CA ASP A 148 -45.89 31.19 121.00
C ASP A 148 -46.11 32.55 120.32
N GLY A 149 -47.39 32.99 120.17
CA GLY A 149 -47.71 34.28 119.57
C GLY A 149 -47.50 35.42 120.51
N ARG A 150 -47.17 36.60 119.97
CA ARG A 150 -47.06 37.78 120.83
C ARG A 150 -48.48 38.35 120.98
N LYS A 151 -48.76 39.07 122.08
CA LYS A 151 -50.08 39.67 122.26
C LYS A 151 -50.25 40.81 121.24
N ALA A 152 -49.14 41.45 120.84
CA ALA A 152 -49.15 42.52 119.82
C ALA A 152 -49.68 41.93 118.52
N LEU A 153 -49.16 40.76 118.11
CA LEU A 153 -49.67 40.11 116.89
C LEU A 153 -51.15 39.71 117.03
N ILE A 154 -51.56 39.13 118.18
CA ILE A 154 -52.96 38.73 118.40
C ILE A 154 -53.90 39.91 118.19
N LYS A 155 -53.54 41.12 118.72
CA LYS A 155 -54.26 42.38 118.59
C LYS A 155 -54.44 42.83 117.14
N GLU A 156 -53.37 42.76 116.33
CA GLU A 156 -53.37 43.09 114.90
C GLU A 156 -54.25 42.09 114.14
N LEU A 157 -54.24 40.81 114.57
CA LEU A 157 -55.09 39.78 113.95
C LEU A 157 -56.58 40.01 114.26
N GLY A 158 -56.91 40.30 115.54
CA GLY A 158 -58.29 40.61 115.98
C GLY A 158 -58.82 41.90 115.36
N LEU A 159 -57.91 42.86 115.03
CA LEU A 159 -58.29 44.13 114.39
C LEU A 159 -58.76 43.95 112.95
N THR A 160 -58.50 42.79 112.35
CA THR A 160 -58.91 42.45 110.99
C THR A 160 -60.33 41.88 110.96
N GLU A 161 -60.87 41.52 112.12
CA GLU A 161 -62.22 40.92 112.20
C GLU A 161 -63.32 41.97 111.92
N GLU A 162 -64.23 41.74 110.93
CA GLU A 162 -65.34 42.71 110.73
C GLU A 162 -66.21 42.78 111.99
N THR A 163 -66.69 43.98 112.34
CA THR A 163 -67.51 44.20 113.53
C THR A 163 -68.70 43.27 113.68
N LYS A 164 -69.39 42.96 112.57
CA LYS A 164 -70.56 42.07 112.58
C LYS A 164 -70.26 40.61 112.89
N ASP B 63 -70.40 45.01 102.64
CA ASP B 63 -69.69 44.55 103.86
C ASP B 63 -68.43 43.72 103.56
N LYS B 64 -68.55 42.82 102.59
CA LYS B 64 -67.50 41.90 102.15
C LYS B 64 -66.30 42.68 101.61
N ALA B 65 -66.58 43.84 101.03
CA ALA B 65 -65.53 44.73 100.50
C ALA B 65 -64.53 45.14 101.59
N LEU B 66 -65.06 45.40 102.79
CA LEU B 66 -64.24 45.71 103.98
C LEU B 66 -63.43 44.50 104.46
N VAL B 67 -64.07 43.34 104.39
CA VAL B 67 -63.42 42.05 104.73
C VAL B 67 -62.25 41.77 103.77
N ASP B 68 -62.47 42.07 102.49
CA ASP B 68 -61.43 41.91 101.46
C ASP B 68 -60.24 42.85 101.70
N ALA B 69 -60.56 44.06 102.16
CA ALA B 69 -59.56 45.07 102.53
C ALA B 69 -58.71 44.60 103.72
N MET B 70 -59.36 43.88 104.64
CA MET B 70 -58.69 43.25 105.79
C MET B 70 -57.71 42.17 105.31
N ILE B 71 -58.14 41.41 104.30
CA ILE B 71 -57.29 40.39 103.65
C ILE B 71 -56.10 41.02 102.92
N ALA B 72 -56.34 42.15 102.31
CA ALA B 72 -55.29 42.88 101.58
C ALA B 72 -54.18 43.34 102.53
N GLU B 73 -54.60 43.90 103.66
CA GLU B 73 -53.68 44.40 104.70
C GLU B 73 -52.99 43.26 105.45
N ILE B 74 -53.71 42.17 105.66
CA ILE B 74 -53.15 40.97 106.33
C ILE B 74 -52.00 40.38 105.49
N ASP B 75 -52.26 40.21 104.19
CA ASP B 75 -51.27 39.65 103.27
C ASP B 75 -50.12 40.61 103.04
N LYS B 76 -50.43 41.90 103.08
CA LYS B 76 -49.42 42.96 102.98
C LYS B 76 -48.39 42.81 104.12
N ARG B 77 -48.90 42.62 105.33
CA ARG B 77 -48.04 42.45 106.52
C ARG B 77 -47.28 41.12 106.48
N LEU B 78 -47.99 40.06 106.09
CA LEU B 78 -47.40 38.71 106.01
C LEU B 78 -46.28 38.69 104.97
N SER B 79 -46.51 39.34 103.84
CA SER B 79 -45.53 39.47 102.74
C SER B 79 -44.30 40.29 103.11
N SER B 80 -44.50 41.25 103.97
CA SER B 80 -43.40 42.10 104.47
C SER B 80 -42.43 41.26 105.31
N GLN B 81 -43.00 40.33 106.08
CA GLN B 81 -42.22 39.40 106.92
C GLN B 81 -41.58 38.31 106.07
N VAL B 82 -42.30 37.76 105.19
CA VAL B 82 -41.81 36.66 104.30
C VAL B 82 -40.62 37.11 103.43
N ASN B 83 -40.63 38.39 103.05
CA ASN B 83 -39.51 38.98 102.30
C ASN B 83 -38.20 38.90 103.10
N GLU B 84 -38.31 39.07 104.42
CA GLU B 84 -37.17 39.03 105.34
C GLU B 84 -36.48 37.66 105.38
N ILE B 85 -37.30 36.60 105.39
CA ILE B 85 -36.78 35.22 105.39
C ILE B 85 -36.19 34.86 104.02
N LEU B 86 -36.96 35.18 102.98
CA LEU B 86 -36.56 34.88 101.60
C LEU B 86 -35.34 35.64 101.13
N HIS B 87 -35.13 36.81 101.73
CA HIS B 87 -33.97 37.66 101.42
C HIS B 87 -32.88 37.59 102.48
N ALA B 88 -33.00 36.62 103.38
CA ALA B 88 -31.97 36.35 104.39
C ALA B 88 -30.77 35.71 103.68
N LYS B 89 -29.60 36.23 103.99
CA LYS B 89 -28.33 35.75 103.39
C LYS B 89 -28.02 34.27 103.71
N GLU B 90 -28.34 33.88 104.95
CA GLU B 90 -28.19 32.50 105.42
C GLU B 90 -29.17 31.58 104.66
N PHE B 91 -30.38 32.06 104.48
CA PHE B 91 -31.41 31.29 103.77
C PHE B 91 -31.05 31.09 102.29
N GLN B 92 -30.64 32.17 101.66
CA GLN B 92 -30.26 32.17 100.24
C GLN B 92 -29.01 31.33 99.98
N LYS B 93 -28.07 31.34 100.94
CA LYS B 93 -26.85 30.52 100.79
C LYS B 93 -27.21 29.03 100.71
N LEU B 94 -28.16 28.62 101.57
CA LEU B 94 -28.63 27.23 101.59
C LEU B 94 -29.41 26.92 100.30
N GLU B 95 -30.38 27.76 99.97
CA GLU B 95 -31.25 27.53 98.81
C GLU B 95 -30.43 27.51 97.51
N SER B 96 -29.70 28.58 97.25
CA SER B 96 -28.89 28.74 96.04
C SER B 96 -27.92 27.56 95.85
N SER B 97 -27.43 26.98 96.96
CA SER B 97 -26.51 25.83 96.90
C SER B 97 -27.19 24.59 96.31
N TRP B 98 -28.37 24.27 96.86
CA TRP B 98 -29.13 23.09 96.42
C TRP B 98 -29.89 23.29 95.11
N ARG B 99 -30.43 24.49 94.91
CA ARG B 99 -31.14 24.83 93.67
C ARG B 99 -30.17 24.85 92.48
N SER B 100 -29.03 25.48 92.68
CA SER B 100 -27.95 25.50 91.65
C SER B 100 -27.42 24.09 91.38
N LEU B 101 -27.42 23.25 92.42
CA LEU B 101 -26.98 21.86 92.30
C LEU B 101 -27.91 21.06 91.38
N LYS B 102 -29.21 21.19 91.61
CA LYS B 102 -30.21 20.49 90.77
C LYS B 102 -30.18 21.04 89.34
N PHE B 103 -30.04 22.35 89.22
CA PHE B 103 -29.92 23.03 87.91
C PHE B 103 -28.80 22.38 87.08
N MET B 104 -27.72 22.02 87.76
CA MET B 104 -26.62 21.24 87.17
C MET B 104 -27.07 19.81 86.84
N VAL B 105 -27.50 19.11 87.89
CA VAL B 105 -27.82 17.68 87.83
C VAL B 105 -28.82 17.36 86.72
N ASP B 106 -29.93 18.09 86.67
CA ASP B 106 -31.02 17.74 85.74
C ASP B 106 -30.75 18.15 84.27
N ARG B 107 -29.62 18.81 84.04
CA ARG B 107 -29.19 19.16 82.67
C ARG B 107 -28.07 18.24 82.18
N THR B 108 -27.76 17.23 82.98
CA THR B 108 -26.80 16.18 82.60
C THR B 108 -27.61 14.94 82.15
N ASP B 109 -26.87 13.96 81.67
CA ASP B 109 -27.48 12.69 81.25
C ASP B 109 -26.68 11.53 81.84
N PHE B 110 -27.22 10.95 82.90
CA PHE B 110 -26.58 9.84 83.63
C PHE B 110 -26.49 8.53 82.83
N ARG B 111 -27.23 8.45 81.74
CA ARG B 111 -27.18 7.30 80.82
C ARG B 111 -25.96 7.33 79.90
N GLU B 112 -25.29 8.49 79.87
CA GLU B 112 -24.09 8.70 79.04
C GLU B 112 -22.79 8.56 79.85
N ASN B 113 -22.86 7.78 80.93
CA ASN B 113 -21.70 7.52 81.81
C ASN B 113 -21.18 8.81 82.48
N THR B 114 -22.13 9.62 82.91
CA THR B 114 -21.82 10.86 83.66
C THR B 114 -22.18 10.62 85.12
N ARG B 115 -21.28 11.02 86.01
CA ARG B 115 -21.47 10.82 87.46
C ARG B 115 -21.05 12.07 88.22
N VAL B 116 -21.69 12.29 89.35
CA VAL B 116 -21.40 13.43 90.23
C VAL B 116 -21.52 12.98 91.70
N GLU B 117 -20.59 13.46 92.49
CA GLU B 117 -20.61 13.23 93.95
C GLU B 117 -20.58 14.58 94.68
N MET B 118 -21.23 14.60 95.82
CA MET B 118 -21.27 15.79 96.69
C MET B 118 -20.36 15.58 97.89
N LEU B 119 -19.58 16.60 98.19
CA LEU B 119 -18.67 16.61 99.34
C LEU B 119 -18.79 17.93 100.09
N ASN B 120 -19.52 17.89 101.19
CA ASN B 120 -19.76 19.08 102.02
C ASN B 120 -18.48 19.58 102.68
N ALA B 121 -18.05 20.76 102.27
CA ALA B 121 -16.84 21.41 102.81
C ALA B 121 -16.91 22.93 102.63
N SER B 122 -16.60 23.64 103.69
CA SER B 122 -16.48 25.11 103.67
C SER B 122 -15.05 25.52 103.29
N LYS B 123 -14.87 26.73 102.78
CA LYS B 123 -13.52 27.20 102.43
C LYS B 123 -12.57 27.22 103.65
N GLU B 124 -13.15 27.62 104.79
CA GLU B 124 -12.40 27.73 106.05
C GLU B 124 -11.80 26.36 106.44
N ASP B 125 -12.60 25.30 106.32
CA ASP B 125 -12.14 23.96 106.71
C ASP B 125 -11.22 23.32 105.65
N LEU B 126 -11.32 23.83 104.41
CA LEU B 126 -10.40 23.41 103.34
C LEU B 126 -8.97 23.84 103.69
N GLN B 127 -8.88 25.08 104.17
CA GLN B 127 -7.62 25.66 104.66
C GLN B 127 -7.17 24.97 105.93
N LYS B 128 -8.13 24.68 106.81
CA LYS B 128 -7.86 23.94 108.05
C LYS B 128 -7.15 22.60 107.76
N ASP B 129 -7.69 21.87 106.78
CA ASP B 129 -7.16 20.55 106.43
C ASP B 129 -5.80 20.64 105.75
N PHE B 130 -5.71 21.56 104.81
CA PHE B 130 -4.49 21.71 104.03
C PHE B 130 -3.31 22.30 104.85
N GLU B 131 -3.65 23.14 105.82
CA GLU B 131 -2.67 23.70 106.76
C GLU B 131 -2.28 22.68 107.84
N ASP B 132 -3.28 21.88 108.25
CA ASP B 132 -3.07 20.83 109.27
C ASP B 132 -2.12 19.74 108.75
N ALA B 133 -2.41 19.25 107.55
CA ALA B 133 -1.60 18.22 106.90
C ALA B 133 -0.16 18.71 106.68
N PRO B 134 0.80 17.80 106.84
CA PRO B 134 2.24 18.08 106.58
C PRO B 134 2.51 18.32 105.09
N GLU B 135 1.75 17.63 104.25
CA GLU B 135 1.86 17.74 102.78
C GLU B 135 0.51 17.43 102.14
N VAL B 136 0.35 17.92 100.92
CA VAL B 136 -0.89 17.74 100.14
C VAL B 136 -1.26 16.26 99.94
N THR B 137 -0.25 15.41 99.83
CA THR B 137 -0.49 13.96 99.61
C THR B 137 -1.20 13.30 100.80
N LYS B 138 -1.21 14.01 101.93
CA LYS B 138 -1.84 13.50 103.17
C LYS B 138 -3.10 14.30 103.55
N SER B 139 -3.51 15.21 102.68
CA SER B 139 -4.75 15.97 102.89
C SER B 139 -5.96 15.04 102.70
N GLY B 140 -7.05 15.39 103.38
CA GLY B 140 -8.32 14.63 103.33
C GLY B 140 -8.92 14.65 101.92
N LEU B 141 -8.86 15.83 101.30
CA LEU B 141 -9.35 16.03 99.93
C LEU B 141 -8.56 15.22 98.90
N TYR B 142 -7.24 15.23 99.06
CA TYR B 142 -6.35 14.41 98.22
C TYR B 142 -6.73 12.93 98.32
N LYS B 143 -7.05 12.51 99.54
CA LYS B 143 -7.37 11.11 99.82
C LYS B 143 -8.51 10.59 98.95
N LEU B 144 -9.58 11.34 98.78
CA LEU B 144 -10.72 10.79 98.00
C LEU B 144 -10.98 11.48 96.66
N VAL B 145 -10.01 12.28 96.25
CA VAL B 145 -9.92 12.76 94.86
C VAL B 145 -8.91 11.82 94.14
N TYR B 146 -7.67 11.85 94.63
CA TYR B 146 -6.58 11.05 94.03
C TYR B 146 -6.57 9.60 94.51
N SER B 147 -6.35 9.43 95.82
CA SER B 147 -6.05 8.11 96.41
C SER B 147 -7.15 7.07 96.19
N ASN B 148 -8.39 7.48 96.45
CA ASN B 148 -9.55 6.58 96.30
C ASN B 148 -10.06 6.45 94.85
N GLU B 149 -9.42 7.17 93.93
CA GLU B 149 -9.84 7.19 92.54
C GLU B 149 -8.71 6.88 91.53
N TYR B 150 -8.05 7.93 91.07
CA TYR B 150 -7.00 7.85 90.05
C TYR B 150 -5.87 6.86 90.43
N GLY B 151 -5.51 6.88 91.73
CA GLY B 151 -4.39 6.05 92.22
C GLY B 151 -4.86 4.72 92.84
N VAL B 152 -6.01 4.22 92.41
CA VAL B 152 -6.56 2.94 92.90
C VAL B 152 -6.83 1.98 91.75
N PHE B 153 -6.15 0.86 91.78
CA PHE B 153 -6.40 -0.26 90.86
C PHE B 153 -7.86 -0.75 91.02
N GLY B 154 -8.59 -0.68 89.91
CA GLY B 154 -10.02 -1.08 89.90
C GLY B 154 -10.98 0.11 90.05
N GLY B 155 -10.41 1.26 90.46
CA GLY B 155 -11.20 2.48 90.66
C GLY B 155 -11.39 3.27 89.37
N LYS B 156 -11.67 4.54 89.56
CA LYS B 156 -11.91 5.49 88.45
C LYS B 156 -11.41 6.88 88.84
N PRO B 157 -10.91 7.67 87.89
CA PRO B 157 -10.39 9.02 88.13
C PRO B 157 -11.49 10.09 88.06
N TYR B 158 -11.41 11.05 88.97
CA TYR B 158 -12.30 12.23 88.97
C TYR B 158 -11.99 13.11 87.75
N GLY B 159 -13.06 13.38 86.99
CA GLY B 159 -12.96 14.16 85.74
C GLY B 159 -12.57 15.61 86.05
N ILE B 160 -13.33 16.23 86.94
CA ILE B 160 -13.19 17.66 87.31
C ILE B 160 -13.79 17.93 88.70
N ILE B 161 -13.37 19.01 89.31
CA ILE B 161 -13.88 19.45 90.63
C ILE B 161 -14.53 20.83 90.46
N SER B 162 -15.77 20.89 90.90
CA SER B 162 -16.55 22.15 90.89
C SER B 162 -16.74 22.63 92.32
N ALA B 163 -16.14 23.77 92.60
CA ALA B 163 -16.30 24.34 93.93
C ALA B 163 -17.18 25.54 93.93
N ASN B 164 -18.14 25.41 94.82
CA ASN B 164 -19.17 26.42 94.98
C ASN B 164 -18.70 27.52 95.94
N TYR B 165 -17.73 28.29 95.46
CA TYR B 165 -17.09 29.35 96.27
C TYR B 165 -16.88 30.60 95.43
N ASP B 166 -16.84 31.72 96.14
CA ASP B 166 -16.39 33.00 95.58
C ASP B 166 -15.01 33.34 96.16
N PHE B 167 -14.10 33.77 95.34
CA PHE B 167 -12.74 34.09 95.80
C PHE B 167 -12.48 35.59 95.70
N ASN B 168 -11.81 36.08 96.72
CA ASN B 168 -11.32 37.47 96.76
C ASN B 168 -9.79 37.45 96.54
N VAL B 169 -9.17 38.60 96.71
CA VAL B 169 -7.69 38.72 96.66
C VAL B 169 -7.03 38.43 98.02
N GLY B 170 -7.85 38.16 99.00
CA GLY B 170 -7.45 37.83 100.37
C GLY B 170 -6.41 36.71 100.34
N PRO B 171 -5.45 36.80 101.25
CA PRO B 171 -4.37 35.82 101.37
C PRO B 171 -4.84 34.38 101.62
N GLN B 172 -5.85 34.21 102.40
CA GLN B 172 -6.47 32.89 102.65
C GLN B 172 -7.03 32.28 101.35
N ASP B 173 -7.71 33.11 100.56
CA ASP B 173 -8.28 32.68 99.27
C ASP B 173 -7.22 32.30 98.25
N MET B 174 -6.14 33.07 98.28
CA MET B 174 -5.03 32.79 97.37
C MET B 174 -4.29 31.50 97.72
N GLU B 175 -4.13 31.27 99.02
CA GLU B 175 -3.50 30.04 99.52
C GLU B 175 -4.36 28.81 99.18
N LEU B 176 -5.67 28.98 99.28
CA LEU B 176 -6.62 27.90 98.96
C LEU B 176 -6.54 27.48 97.49
N LEU B 177 -6.42 28.51 96.64
CA LEU B 177 -6.23 28.31 95.20
C LEU B 177 -4.91 27.60 94.87
N ARG B 178 -3.89 27.91 95.66
CA ARG B 178 -2.57 27.29 95.49
C ARG B 178 -2.64 25.77 95.72
N LYS B 179 -3.36 25.41 96.78
CA LYS B 179 -3.52 23.99 97.15
C LYS B 179 -4.40 23.22 96.17
N CYS B 180 -5.43 23.89 95.68
CA CYS B 180 -6.35 23.31 94.70
C CYS B 180 -5.68 23.13 93.33
N ALA B 181 -4.72 24.02 93.04
CA ALA B 181 -3.92 23.94 91.81
C ALA B 181 -2.99 22.71 91.87
N SER B 182 -2.40 22.50 93.05
CA SER B 182 -1.50 21.35 93.29
C SER B 182 -2.25 20.02 93.20
N VAL B 183 -3.43 19.97 93.80
CA VAL B 183 -4.28 18.77 93.79
C VAL B 183 -4.70 18.39 92.36
N ALA B 184 -5.18 19.40 91.65
CA ALA B 184 -5.67 19.27 90.28
C ALA B 184 -4.55 18.81 89.34
N ALA B 185 -3.34 19.32 89.58
CA ALA B 185 -2.15 18.94 88.81
C ALA B 185 -1.77 17.47 88.99
N MET B 186 -1.83 17.03 90.25
CA MET B 186 -1.46 15.66 90.63
C MET B 186 -2.45 14.64 90.09
N ALA B 187 -3.72 15.04 90.04
CA ALA B 187 -4.60 14.05 89.45
C ALA B 187 -5.30 14.35 88.14
N HIS B 188 -4.70 15.36 87.55
CA HIS B 188 -4.95 15.74 86.16
C HIS B 188 -6.42 16.14 86.04
N ALA B 189 -6.94 16.88 86.99
CA ALA B 189 -8.31 17.39 86.82
C ALA B 189 -8.42 18.83 87.29
N PRO B 190 -9.07 19.66 86.46
CA PRO B 190 -9.19 21.10 86.71
C PRO B 190 -10.12 21.40 87.89
N PHE B 191 -9.82 22.49 88.56
CA PHE B 191 -10.64 23.03 89.65
C PHE B 191 -11.30 24.33 89.18
N ILE B 192 -12.62 24.30 89.14
CA ILE B 192 -13.42 25.45 88.67
C ILE B 192 -14.21 26.03 89.83
N GLY B 193 -14.24 27.36 89.86
CA GLY B 193 -14.98 28.13 90.86
C GLY B 193 -15.34 29.51 90.30
N ASN B 194 -15.70 30.41 91.19
CA ASN B 194 -16.09 31.77 90.81
C ASN B 194 -15.31 32.84 91.57
N ALA B 195 -15.30 34.04 91.01
CA ALA B 195 -14.71 35.24 91.62
C ALA B 195 -15.80 36.15 92.20
N ALA B 196 -15.48 36.74 93.34
CA ALA B 196 -16.40 37.66 94.01
C ALA B 196 -16.30 39.07 93.39
N PRO B 197 -17.37 39.90 93.44
CA PRO B 197 -17.38 41.25 92.88
C PRO B 197 -16.21 42.22 93.31
N GLU B 198 -15.92 42.06 94.68
CA GLU B 198 -14.87 42.83 95.34
C GLU B 198 -13.47 42.53 94.82
N VAL B 199 -13.31 41.42 94.08
CA VAL B 199 -12.02 41.10 93.45
C VAL B 199 -11.57 42.22 92.49
N PHE B 200 -12.57 42.90 91.92
CA PHE B 200 -12.32 44.01 90.98
C PHE B 200 -12.45 45.37 91.66
N GLY B 201 -12.53 45.33 93.00
CA GLY B 201 -12.66 46.53 93.85
C GLY B 201 -13.99 47.25 93.64
N GLU B 202 -15.02 46.48 93.32
CA GLU B 202 -16.38 47.03 93.15
C GLU B 202 -17.36 46.32 94.11
N GLU B 203 -18.38 47.05 94.50
CA GLU B 203 -19.40 46.56 95.45
C GLU B 203 -20.14 45.33 94.88
N SER B 204 -20.54 45.38 93.61
CA SER B 204 -21.18 44.24 92.93
C SER B 204 -20.72 44.24 91.48
N PHE B 205 -21.08 43.18 90.75
CA PHE B 205 -20.77 43.08 89.32
C PHE B 205 -21.45 44.13 88.45
N LEU B 206 -22.46 44.81 89.02
CA LEU B 206 -23.21 45.85 88.31
C LEU B 206 -22.37 47.11 88.00
N LYS B 207 -21.17 47.18 88.56
CA LYS B 207 -20.27 48.31 88.27
C LYS B 207 -19.09 47.92 87.36
N LEU B 208 -19.17 46.77 86.72
CA LEU B 208 -18.15 46.37 85.72
C LEU B 208 -18.03 47.34 84.54
N PRO B 209 -19.15 47.89 84.05
CA PRO B 209 -19.16 48.94 83.01
C PRO B 209 -18.35 50.19 83.39
N ASP B 210 -18.25 50.46 84.69
CA ASP B 210 -17.52 51.66 85.17
C ASP B 210 -15.99 51.48 85.20
N LEU B 211 -15.54 50.23 85.18
CA LEU B 211 -14.11 49.94 85.18
C LEU B 211 -13.49 50.28 83.83
N LYS B 212 -12.61 51.28 83.87
CA LYS B 212 -11.95 51.82 82.66
C LYS B 212 -10.86 50.91 82.08
N ASP B 213 -10.17 50.17 82.95
CA ASP B 213 -9.06 49.31 82.53
C ASP B 213 -8.67 48.30 83.63
N LEU B 214 -9.06 47.05 83.39
CA LEU B 214 -8.75 45.94 84.30
C LEU B 214 -7.25 45.64 84.41
N LYS B 215 -6.58 45.67 83.25
CA LYS B 215 -5.14 45.40 83.17
C LYS B 215 -4.34 46.32 84.12
N SER B 216 -4.70 47.60 84.11
CA SER B 216 -4.04 48.61 84.98
C SER B 216 -4.44 48.43 86.44
N LEU B 217 -5.70 48.03 86.66
CA LEU B 217 -6.24 47.79 87.99
C LEU B 217 -5.43 46.70 88.73
N PHE B 218 -5.02 45.67 88.00
CA PHE B 218 -4.28 44.53 88.56
C PHE B 218 -2.78 44.79 88.77
N GLU B 219 -2.37 46.03 88.57
CA GLU B 219 -0.96 46.42 88.80
C GLU B 219 -0.71 46.79 90.25
N GLY B 220 -1.83 47.09 90.94
CA GLY B 220 -1.69 47.48 92.32
C GLY B 220 -1.08 46.36 93.18
N PRO B 221 -0.40 46.78 94.25
CA PRO B 221 0.25 45.88 95.25
C PRO B 221 -0.73 44.89 95.86
N GLN B 222 -1.99 45.24 95.93
CA GLN B 222 -3.10 44.41 96.43
C GLN B 222 -3.17 43.03 95.76
N TYR B 223 -2.73 42.96 94.49
CA TYR B 223 -2.80 41.70 93.71
C TYR B 223 -1.44 41.04 93.52
N ALA B 224 -0.51 41.32 94.44
CA ALA B 224 0.86 40.76 94.38
C ALA B 224 0.85 39.22 94.34
N ARG B 225 0.07 38.63 95.26
CA ARG B 225 -0.02 37.17 95.36
C ARG B 225 -0.74 36.55 94.15
N TRP B 226 -1.80 37.22 93.69
CA TRP B 226 -2.57 36.74 92.54
C TRP B 226 -1.71 36.71 91.26
N HIS B 227 -0.84 37.73 91.15
CA HIS B 227 0.08 37.84 90.02
C HIS B 227 1.12 36.70 90.01
N SER B 228 1.59 36.34 91.20
CA SER B 228 2.55 35.23 91.33
C SER B 228 1.87 33.88 91.03
N PHE B 229 0.60 33.79 91.42
CA PHE B 229 -0.21 32.58 91.22
C PHE B 229 -0.38 32.26 89.73
N ARG B 230 -0.59 33.31 88.95
CA ARG B 230 -0.76 33.19 87.49
C ARG B 230 0.50 32.70 86.76
N GLU B 231 1.64 32.85 87.43
CA GLU B 231 2.94 32.44 86.87
C GLU B 231 3.34 30.99 87.22
N SER B 232 2.67 30.42 88.21
CA SER B 232 2.94 29.02 88.59
C SER B 232 2.52 28.07 87.46
N GLU B 233 3.28 26.99 87.33
CA GLU B 233 2.99 25.89 86.40
C GLU B 233 1.73 25.10 86.76
N ASP B 234 1.29 25.26 88.01
CA ASP B 234 0.05 24.61 88.51
C ASP B 234 -1.23 25.39 88.15
N ALA B 235 -1.04 26.65 87.75
CA ALA B 235 -2.15 27.54 87.38
C ALA B 235 -3.00 27.01 86.22
N ARG B 236 -2.43 26.10 85.41
CA ARG B 236 -3.19 25.47 84.32
C ARG B 236 -4.44 24.69 84.76
N TYR B 237 -4.47 24.34 86.04
CA TYR B 237 -5.58 23.53 86.57
C TYR B 237 -6.56 24.35 87.44
N VAL B 238 -6.48 25.66 87.32
CA VAL B 238 -7.43 26.57 87.95
C VAL B 238 -8.19 27.35 86.86
N GLY B 239 -9.47 27.51 87.14
CA GLY B 239 -10.38 28.28 86.27
C GLY B 239 -11.47 28.94 87.11
N LEU B 240 -11.49 30.26 87.05
CA LEU B 240 -12.48 31.06 87.78
C LEU B 240 -13.41 31.79 86.81
N ALA B 241 -14.68 31.82 87.18
CA ALA B 241 -15.73 32.47 86.37
C ALA B 241 -16.07 33.85 86.96
N LEU B 242 -16.66 34.68 86.14
CA LEU B 242 -16.98 36.09 86.54
C LEU B 242 -18.39 36.18 87.12
N PRO B 243 -19.42 36.84 86.29
CA PRO B 243 -20.59 37.28 86.97
C PRO B 243 -21.47 36.07 87.25
N ARG B 244 -22.27 36.17 88.29
CA ARG B 244 -23.26 35.12 88.61
C ARG B 244 -24.42 35.15 87.60
N PHE B 245 -25.49 34.47 87.93
CA PHE B 245 -26.70 34.43 87.09
C PHE B 245 -27.90 34.01 87.92
N LEU B 246 -29.07 34.49 87.52
CA LEU B 246 -30.33 34.20 88.20
C LEU B 246 -30.66 32.71 88.22
N LEU B 247 -31.19 32.28 89.35
CA LEU B 247 -31.68 30.90 89.53
C LEU B 247 -33.20 30.84 89.58
N ARG B 248 -33.78 31.90 90.16
CA ARG B 248 -35.23 31.95 90.39
C ARG B 248 -35.81 33.30 89.98
N LEU B 249 -36.96 33.21 89.33
CA LEU B 249 -37.79 34.38 89.03
C LEU B 249 -38.59 34.71 90.30
N PRO B 250 -38.58 35.99 90.70
CA PRO B 250 -39.25 36.49 91.93
C PRO B 250 -40.71 36.05 91.93
N TYR B 251 -41.22 35.73 93.13
CA TYR B 251 -42.61 35.25 93.31
C TYR B 251 -43.65 36.28 92.87
N GLY B 252 -44.66 35.80 92.14
CA GLY B 252 -45.68 36.67 91.55
C GLY B 252 -46.95 35.86 91.29
N GLU B 253 -48.08 36.51 91.55
CA GLU B 253 -49.41 35.91 91.37
C GLU B 253 -49.62 35.29 89.99
N LYS B 254 -48.94 35.87 88.99
CA LYS B 254 -49.04 35.40 87.61
C LYS B 254 -47.84 34.55 87.16
N THR B 255 -46.65 35.14 87.27
CA THR B 255 -45.41 34.51 86.78
C THR B 255 -44.91 33.32 87.62
N VAL B 256 -45.07 33.44 88.94
CA VAL B 256 -44.61 32.40 89.89
C VAL B 256 -45.46 32.39 91.18
N PRO B 257 -46.66 31.90 91.03
CA PRO B 257 -47.67 31.86 92.11
C PRO B 257 -47.36 30.78 93.14
N VAL B 258 -47.85 31.04 94.34
CA VAL B 258 -47.80 30.10 95.47
C VAL B 258 -49.24 29.77 95.91
N LYS B 259 -49.37 28.72 96.70
CA LYS B 259 -50.70 28.26 97.17
C LYS B 259 -51.20 29.13 98.32
N ALA B 260 -52.53 29.24 98.41
CA ALA B 260 -53.25 29.96 99.50
C ALA B 260 -52.85 31.44 99.59
N PHE B 261 -51.76 31.69 100.31
CA PHE B 261 -51.19 33.02 100.54
C PHE B 261 -50.90 33.73 99.21
N ASN B 262 -51.50 34.91 99.07
CA ASN B 262 -51.30 35.74 97.87
C ASN B 262 -49.99 36.53 98.01
N PHE B 263 -48.89 35.82 97.79
CA PHE B 263 -47.55 36.38 97.94
C PHE B 263 -47.04 36.98 96.63
N THR B 264 -46.62 38.21 96.73
CA THR B 264 -45.94 38.96 95.64
C THR B 264 -44.58 39.44 96.13
N GLU B 265 -43.53 38.73 95.78
CA GLU B 265 -42.18 39.08 96.23
C GLU B 265 -41.82 40.50 95.73
N ASP B 266 -41.27 41.27 96.67
CA ASP B 266 -40.86 42.65 96.37
C ASP B 266 -39.35 42.80 96.43
N VAL B 267 -38.73 42.71 95.27
CA VAL B 267 -37.29 43.01 95.11
C VAL B 267 -37.09 44.53 95.24
N VAL B 268 -36.32 44.92 96.23
CA VAL B 268 -35.98 46.36 96.47
C VAL B 268 -35.00 46.87 95.38
N GLY B 269 -34.34 48.00 95.74
CA GLY B 269 -33.25 48.61 94.99
C GLY B 269 -32.01 47.69 94.92
N HIS B 270 -31.80 46.91 95.99
CA HIS B 270 -30.69 45.95 96.06
C HIS B 270 -31.03 44.71 95.23
N HIS B 271 -30.27 44.52 94.16
CA HIS B 271 -30.39 43.32 93.30
C HIS B 271 -29.94 42.04 94.02
N GLU B 272 -29.29 42.21 95.17
CA GLU B 272 -28.88 41.06 96.01
C GLU B 272 -30.08 40.29 96.56
N ARG B 273 -31.26 40.92 96.47
CA ARG B 273 -32.54 40.27 96.77
C ARG B 273 -32.84 39.13 95.80
N TYR B 274 -32.37 39.26 94.56
CA TYR B 274 -32.45 38.17 93.57
C TYR B 274 -31.59 36.97 94.01
N LEU B 275 -32.14 35.80 93.76
CA LEU B 275 -31.43 34.53 94.03
C LEU B 275 -30.37 34.25 92.95
N TRP B 276 -29.22 34.87 93.13
CA TRP B 276 -28.07 34.66 92.24
C TRP B 276 -27.43 33.28 92.48
N GLY B 277 -26.92 32.71 91.41
CA GLY B 277 -26.31 31.37 91.41
C GLY B 277 -24.88 31.40 90.91
N HIS B 278 -24.11 30.44 91.38
CA HIS B 278 -22.68 30.30 91.01
C HIS B 278 -22.54 29.84 89.55
N ALA B 279 -21.98 30.71 88.72
CA ALA B 279 -21.78 30.41 87.28
C ALA B 279 -20.96 29.15 87.00
N SER B 280 -20.14 28.73 87.98
CA SER B 280 -19.30 27.53 87.85
C SER B 280 -20.10 26.28 87.47
N VAL B 281 -21.35 26.23 87.95
CA VAL B 281 -22.30 25.15 87.61
C VAL B 281 -22.68 25.15 86.12
N ALA B 282 -22.87 26.36 85.58
CA ALA B 282 -23.23 26.54 84.17
C ALA B 282 -22.08 26.05 83.27
N LEU B 283 -20.86 26.38 83.68
CA LEU B 283 -19.66 25.89 83.00
C LEU B 283 -19.54 24.36 83.12
N THR B 284 -19.93 23.84 84.27
CA THR B 284 -19.90 22.36 84.52
C THR B 284 -20.91 21.69 83.59
N SER B 285 -22.02 22.27 83.27
CA SER B 285 -23.00 21.66 82.35
C SER B 285 -22.46 21.61 80.91
N ARG B 286 -21.59 22.58 80.62
CA ARG B 286 -20.91 22.66 79.31
C ARG B 286 -19.99 21.46 79.10
N VAL B 287 -19.25 21.14 80.15
CA VAL B 287 -18.34 19.98 80.16
C VAL B 287 -19.12 18.66 79.97
N ALA B 288 -20.28 18.60 80.65
CA ALA B 288 -21.13 17.41 80.65
C ALA B 288 -21.72 17.14 79.27
N ASP B 289 -22.18 18.20 78.60
CA ASP B 289 -22.78 18.07 77.27
C ASP B 289 -21.79 17.59 76.22
N SER B 290 -20.60 18.18 76.24
CA SER B 290 -19.52 17.81 75.31
C SER B 290 -19.15 16.33 75.48
N PHE B 291 -19.07 15.89 76.73
CA PHE B 291 -18.78 14.49 77.07
C PHE B 291 -19.93 13.56 76.69
N ALA B 292 -21.16 13.99 76.96
CA ALA B 292 -22.36 13.18 76.67
C ALA B 292 -22.46 12.86 75.16
N LYS B 293 -22.05 13.82 74.34
CA LYS B 293 -22.09 13.66 72.88
C LYS B 293 -20.88 12.94 72.30
N PHE B 294 -19.69 13.23 72.83
CA PHE B 294 -18.43 12.78 72.21
C PHE B 294 -17.50 11.96 73.09
N ARG B 295 -17.72 12.02 74.40
CA ARG B 295 -16.84 11.42 75.42
C ARG B 295 -15.51 12.19 75.54
N TRP B 296 -15.55 13.42 75.07
CA TRP B 296 -14.43 14.38 75.20
C TRP B 296 -15.01 15.73 75.58
N SER B 297 -14.21 16.54 76.26
CA SER B 297 -14.64 17.88 76.70
C SER B 297 -13.82 19.07 76.12
N PRO B 298 -13.86 19.25 74.80
CA PRO B 298 -13.30 20.47 74.18
C PRO B 298 -14.36 21.45 73.67
N ASN B 299 -15.60 20.98 73.48
CA ASN B 299 -16.66 21.79 72.86
C ASN B 299 -17.47 22.56 73.92
N ILE B 300 -16.84 23.62 74.42
CA ILE B 300 -17.40 24.38 75.56
C ILE B 300 -17.18 25.89 75.46
N ILE B 301 -16.84 26.38 74.26
CA ILE B 301 -16.39 27.78 74.09
C ILE B 301 -17.02 28.53 72.91
N GLY B 302 -18.34 28.42 72.77
CA GLY B 302 -18.99 29.04 71.62
C GLY B 302 -20.51 29.00 71.64
N PRO B 303 -21.11 30.04 71.06
CA PRO B 303 -22.56 30.16 70.88
C PRO B 303 -23.13 28.96 70.09
N GLN B 304 -22.32 28.45 69.16
CA GLN B 304 -22.69 27.31 68.32
C GLN B 304 -21.90 26.04 68.65
N SER B 305 -20.68 26.23 69.17
CA SER B 305 -19.79 25.10 69.46
C SER B 305 -20.27 24.21 70.63
N GLY B 306 -20.93 24.88 71.61
CA GLY B 306 -21.53 24.20 72.76
C GLY B 306 -21.14 24.81 74.10
N GLY B 307 -20.73 26.10 74.04
CA GLY B 307 -20.48 26.91 75.23
C GLY B 307 -21.65 27.87 75.51
N ALA B 308 -22.76 27.64 74.80
CA ALA B 308 -24.00 28.41 74.95
C ALA B 308 -24.83 27.85 76.11
N VAL B 309 -25.29 28.76 76.94
CA VAL B 309 -26.17 28.48 78.09
C VAL B 309 -27.56 28.96 77.70
N GLU B 310 -28.45 28.01 77.52
CA GLU B 310 -29.81 28.32 77.03
C GLU B 310 -30.82 28.22 78.17
N ASN B 311 -31.89 28.98 78.02
CA ASN B 311 -33.05 28.97 78.92
C ASN B 311 -32.74 29.61 80.30
N LEU B 312 -32.38 30.89 80.23
CA LEU B 312 -32.15 31.68 81.44
C LEU B 312 -33.46 32.32 81.93
N PRO B 313 -33.61 32.44 83.25
CA PRO B 313 -34.75 33.12 83.88
C PRO B 313 -34.82 34.58 83.40
N LEU B 314 -36.03 35.05 83.21
CA LEU B 314 -36.29 36.44 82.78
C LEU B 314 -37.21 37.10 83.81
N HIS B 315 -37.15 38.43 83.92
CA HIS B 315 -38.01 39.18 84.84
C HIS B 315 -38.31 40.60 84.34
N GLN B 316 -39.42 40.74 83.64
CA GLN B 316 -39.89 42.06 83.17
C GLN B 316 -40.53 42.84 84.33
N TYR B 317 -40.12 44.08 84.47
CA TYR B 317 -40.62 44.99 85.52
C TYR B 317 -40.58 46.43 85.01
N GLU B 318 -41.34 47.29 85.68
CA GLU B 318 -41.44 48.70 85.27
C GLU B 318 -40.09 49.40 85.42
N ALA B 319 -39.80 50.21 84.42
CA ALA B 319 -38.60 51.04 84.43
C ALA B 319 -39.00 52.50 84.70
N MET B 320 -38.61 53.44 83.85
CA MET B 320 -38.97 54.86 83.96
C MET B 320 -40.29 55.19 83.23
N GLY B 321 -41.26 54.28 83.42
CA GLY B 321 -42.55 54.37 82.69
C GLY B 321 -42.65 53.32 81.58
N GLU B 322 -41.54 52.68 81.28
CA GLU B 322 -41.42 51.61 80.28
C GLU B 322 -41.27 50.28 81.01
N ILE B 323 -40.92 49.25 80.26
CA ILE B 323 -40.66 47.92 80.81
C ILE B 323 -39.26 47.46 80.40
N GLN B 324 -38.63 46.73 81.29
CA GLN B 324 -37.31 46.11 81.05
C GLN B 324 -37.21 44.82 81.86
N THR B 325 -36.35 43.95 81.42
CA THR B 325 -36.09 42.67 82.11
C THR B 325 -34.77 42.75 82.85
N LYS B 326 -34.80 42.24 84.06
CA LYS B 326 -33.55 42.04 84.82
C LYS B 326 -32.65 41.08 84.04
N ILE B 327 -31.47 41.56 83.70
CA ILE B 327 -30.49 40.76 82.96
C ILE B 327 -30.15 39.52 83.80
N PRO B 328 -30.20 38.35 83.16
CA PRO B 328 -29.89 37.04 83.77
C PRO B 328 -28.53 37.03 84.46
N THR B 329 -27.59 37.77 83.90
CA THR B 329 -26.29 38.05 84.55
C THR B 329 -26.35 39.49 85.03
N GLU B 330 -25.64 39.82 86.07
CA GLU B 330 -25.65 41.16 86.70
C GLU B 330 -25.53 42.27 85.66
N VAL B 331 -24.65 42.04 84.67
CA VAL B 331 -24.41 43.01 83.60
C VAL B 331 -24.51 42.40 82.19
N MET B 332 -24.60 43.30 81.22
CA MET B 332 -24.53 42.96 79.80
C MET B 332 -23.12 43.27 79.31
N LEU B 333 -22.29 42.25 79.40
CA LEU B 333 -20.89 42.37 79.04
C LEU B 333 -20.72 42.62 77.51
N THR B 334 -19.97 43.71 77.21
CA THR B 334 -19.54 44.07 75.85
C THR B 334 -18.39 43.17 75.37
N GLU B 335 -18.19 43.12 74.06
CA GLU B 335 -17.12 42.29 73.49
C GLU B 335 -15.72 42.71 74.00
N ARG B 336 -15.53 44.03 74.13
CA ARG B 336 -14.26 44.59 74.59
C ARG B 336 -14.00 44.22 76.06
N ARG B 337 -15.04 44.31 76.86
CA ARG B 337 -14.90 43.99 78.29
C ARG B 337 -14.69 42.49 78.53
N GLU B 338 -15.34 41.66 77.72
CA GLU B 338 -15.15 40.19 77.75
C GLU B 338 -13.71 39.86 77.42
N PHE B 339 -13.20 40.51 76.39
CA PHE B 339 -11.84 40.27 75.91
C PHE B 339 -10.80 40.67 76.98
N GLU B 340 -11.11 41.75 77.69
CA GLU B 340 -10.27 42.25 78.80
C GLU B 340 -10.19 41.20 79.92
N LEU B 341 -11.36 40.68 80.28
CA LEU B 341 -11.46 39.61 81.28
C LEU B 341 -10.75 38.33 80.88
N SER B 342 -10.81 38.03 79.58
CA SER B 342 -10.13 36.86 79.00
C SER B 342 -8.61 37.00 79.11
N GLU B 343 -8.13 38.23 78.92
CA GLU B 343 -6.71 38.57 79.05
C GLU B 343 -6.20 38.42 80.49
N GLU B 344 -7.12 38.63 81.43
CA GLU B 344 -6.83 38.50 82.87
C GLU B 344 -7.20 37.11 83.45
N GLY B 345 -7.40 36.16 82.53
CA GLY B 345 -7.63 34.75 82.86
C GLY B 345 -8.93 34.48 83.62
N PHE B 346 -9.96 35.25 83.30
CA PHE B 346 -11.32 35.00 83.83
C PHE B 346 -12.20 34.38 82.75
N ILE B 347 -13.16 33.59 83.21
CA ILE B 347 -14.15 32.94 82.33
C ILE B 347 -15.48 33.70 82.51
N GLY B 348 -15.68 34.66 81.62
CA GLY B 348 -16.86 35.53 81.65
C GLY B 348 -18.01 34.94 80.84
N LEU B 349 -19.09 34.64 81.54
CA LEU B 349 -20.36 34.24 80.90
C LEU B 349 -21.09 35.49 80.42
N VAL B 350 -21.00 35.75 79.14
CA VAL B 350 -21.65 36.95 78.56
C VAL B 350 -23.12 36.66 78.26
N PHE B 351 -23.92 37.70 78.38
CA PHE B 351 -25.35 37.63 78.09
C PHE B 351 -25.64 38.13 76.67
N ARG B 352 -26.40 37.34 75.94
CA ARG B 352 -26.86 37.70 74.58
C ARG B 352 -28.01 38.70 74.72
N LYS B 353 -27.73 39.92 74.31
CA LYS B 353 -28.66 41.05 74.49
C LYS B 353 -30.05 40.70 73.93
N ASP B 354 -31.06 41.01 74.75
CA ASP B 354 -32.48 40.85 74.39
C ASP B 354 -32.94 39.37 74.26
N SER B 355 -32.21 38.45 74.87
CA SER B 355 -32.61 37.04 74.83
C SER B 355 -32.57 36.43 76.23
N ASP B 356 -32.61 35.12 76.32
CA ASP B 356 -32.43 34.35 77.57
C ASP B 356 -31.24 33.37 77.40
N ASN B 357 -30.31 33.76 76.54
CA ASN B 357 -29.12 32.94 76.23
C ASN B 357 -27.85 33.69 76.58
N ALA B 358 -26.92 32.95 77.14
CA ALA B 358 -25.57 33.41 77.47
C ALA B 358 -24.54 32.47 76.86
N ALA B 359 -23.31 32.93 76.68
CA ALA B 359 -22.25 32.09 76.10
C ALA B 359 -20.87 32.31 76.74
N PHE B 360 -20.11 31.24 76.76
CA PHE B 360 -18.68 31.27 77.17
C PHE B 360 -17.83 31.33 75.91
N PHE B 361 -17.38 32.53 75.58
CA PHE B 361 -16.53 32.74 74.39
C PHE B 361 -15.17 32.05 74.46
N SER B 362 -14.66 31.86 75.67
CA SER B 362 -13.39 31.13 75.89
C SER B 362 -13.25 30.68 77.35
N ALA B 363 -12.43 29.65 77.53
CA ALA B 363 -12.16 29.08 78.86
C ALA B 363 -10.65 29.06 79.14
N ASN B 364 -10.06 30.25 79.16
CA ASN B 364 -8.64 30.39 79.55
C ASN B 364 -8.49 30.06 81.03
N SER B 365 -7.41 29.39 81.37
CA SER B 365 -7.11 29.09 82.79
C SER B 365 -6.55 30.36 83.45
N THR B 366 -6.24 30.24 84.73
CA THR B 366 -5.60 31.36 85.46
C THR B 366 -4.20 31.67 84.90
N GLN B 367 -3.49 30.63 84.44
CA GLN B 367 -2.10 30.79 83.99
C GLN B 367 -1.96 31.87 82.91
N LYS B 368 -0.94 32.69 83.13
CA LYS B 368 -0.56 33.77 82.21
C LYS B 368 0.45 33.22 81.18
N PRO B 369 0.18 33.44 79.88
CA PRO B 369 1.10 33.01 78.81
C PRO B 369 2.47 33.68 78.94
N ARG B 370 3.49 32.92 78.56
CA ARG B 370 4.89 33.41 78.54
C ARG B 370 5.24 33.94 77.16
N PHE B 371 6.06 34.96 77.13
CA PHE B 371 6.55 35.55 75.87
C PHE B 371 7.97 35.05 75.58
N PHE B 372 8.20 34.72 74.34
CA PHE B 372 9.51 34.23 73.85
C PHE B 372 10.02 35.12 72.73
N GLY B 373 11.33 34.97 72.45
CA GLY B 373 12.00 35.73 71.36
C GLY B 373 11.27 35.49 70.04
N ASN B 374 11.16 36.55 69.25
CA ASN B 374 10.44 36.50 67.96
C ASN B 374 11.26 35.82 66.86
N THR B 375 11.46 34.54 67.04
CA THR B 375 12.17 33.71 66.07
C THR B 375 11.31 32.49 65.73
N PRO B 376 11.68 31.67 64.75
CA PRO B 376 10.90 30.48 64.37
C PRO B 376 10.68 29.53 65.56
N GLU B 377 11.76 29.30 66.30
CA GLU B 377 11.73 28.45 67.50
C GLU B 377 10.99 29.11 68.67
N GLY B 378 11.21 30.43 68.81
CA GLY B 378 10.61 31.23 69.90
C GLY B 378 9.08 31.31 69.80
N LYS B 379 8.59 31.44 68.57
CA LYS B 379 7.16 31.52 68.28
C LYS B 379 6.47 30.16 68.42
N ALA B 380 7.23 29.10 68.12
CA ALA B 380 6.78 27.72 68.32
C ALA B 380 6.62 27.42 69.82
N ALA B 381 7.54 27.99 70.62
CA ALA B 381 7.51 27.88 72.09
C ALA B 381 6.26 28.55 72.68
N GLU B 382 5.96 29.71 72.12
CA GLU B 382 4.78 30.49 72.50
C GLU B 382 3.48 29.75 72.16
N THR B 383 3.43 29.18 70.95
CA THR B 383 2.28 28.38 70.47
C THR B 383 2.01 27.22 71.45
N ASN B 384 3.08 26.51 71.77
CA ASN B 384 2.98 25.33 72.66
C ASN B 384 2.54 25.69 74.07
N TYR B 385 3.07 26.80 74.57
CA TYR B 385 2.78 27.24 75.94
C TYR B 385 1.33 27.74 76.06
N ARG B 386 0.86 28.44 75.03
CA ARG B 386 -0.51 28.97 74.99
C ARG B 386 -1.57 27.86 74.93
N LEU B 387 -1.24 26.77 74.23
CA LEU B 387 -2.13 25.60 74.19
C LEU B 387 -2.35 25.02 75.60
N GLY B 388 -1.25 25.05 76.37
CA GLY B 388 -1.24 24.60 77.77
C GLY B 388 -2.12 25.49 78.68
N THR B 389 -2.18 26.77 78.36
CA THR B 389 -2.90 27.76 79.19
C THR B 389 -4.43 27.71 79.02
N GLN B 390 -4.90 27.00 78.00
CA GLN B 390 -6.34 26.95 77.71
C GLN B 390 -6.94 25.60 78.07
N LEU B 391 -8.02 25.67 78.82
CA LEU B 391 -8.78 24.50 79.30
C LEU B 391 -9.34 23.58 78.19
N PRO B 392 -9.84 24.12 77.07
CA PRO B 392 -10.35 23.31 75.94
C PRO B 392 -9.34 22.27 75.42
N TYR B 393 -8.05 22.53 75.63
CA TYR B 393 -6.98 21.62 75.20
C TYR B 393 -6.44 20.76 76.35
N MET B 394 -6.42 21.34 77.55
CA MET B 394 -6.00 20.62 78.76
C MET B 394 -6.97 19.47 79.09
N PHE B 395 -8.21 19.60 78.70
CA PHE B 395 -9.21 18.54 78.93
C PHE B 395 -8.88 17.28 78.11
N ILE B 396 -8.30 17.53 76.95
CA ILE B 396 -7.83 16.44 76.06
C ILE B 396 -6.69 15.68 76.76
N MET B 397 -5.71 16.43 77.23
CA MET B 397 -4.56 15.80 77.91
C MET B 397 -4.97 15.08 79.21
N THR B 398 -5.96 15.63 79.90
CA THR B 398 -6.47 15.07 81.15
C THR B 398 -7.07 13.68 80.91
N ARG B 399 -7.89 13.57 79.86
CA ARG B 399 -8.53 12.29 79.52
C ARG B 399 -7.51 11.26 79.02
N LEU B 400 -6.50 11.77 78.30
CA LEU B 400 -5.38 10.93 77.83
C LEU B 400 -4.58 10.36 78.99
N ALA B 401 -4.35 11.21 79.99
CA ALA B 401 -3.66 10.83 81.23
C ALA B 401 -4.43 9.76 82.01
N HIS B 402 -5.75 9.89 82.00
CA HIS B 402 -6.63 8.92 82.68
C HIS B 402 -6.66 7.56 81.98
N TYR B 403 -6.66 7.59 80.66
CA TYR B 403 -6.67 6.36 79.85
C TYR B 403 -5.34 5.60 79.96
N ILE B 404 -4.25 6.35 79.98
CA ILE B 404 -2.89 5.78 80.07
C ILE B 404 -2.69 5.06 81.41
N LYS B 405 -3.12 5.73 82.49
CA LYS B 405 -2.97 5.21 83.85
C LYS B 405 -3.70 3.86 84.01
N VAL B 406 -4.95 3.85 83.56
CA VAL B 406 -5.80 2.65 83.64
C VAL B 406 -5.25 1.53 82.75
N LEU B 407 -5.23 1.79 81.46
CA LEU B 407 -4.87 0.78 80.45
C LEU B 407 -3.45 0.20 80.62
N GLN B 408 -2.55 1.03 81.11
CA GLN B 408 -1.15 0.60 81.34
C GLN B 408 -0.99 -0.33 82.53
N ARG B 409 -1.80 -0.13 83.56
CA ARG B 409 -1.77 -1.03 84.74
C ARG B 409 -2.17 -2.46 84.38
N GLU B 410 -3.06 -2.57 83.40
CA GLU B 410 -3.49 -3.86 82.84
C GLU B 410 -2.35 -4.61 82.14
N GLN B 411 -1.41 -3.84 81.61
CA GLN B 411 -0.28 -4.36 80.83
C GLN B 411 0.93 -4.76 81.69
N ILE B 412 0.98 -4.28 82.93
CA ILE B 412 2.10 -4.61 83.84
C ILE B 412 2.22 -6.15 83.97
N GLY B 413 3.46 -6.62 83.78
CA GLY B 413 3.76 -8.05 83.89
C GLY B 413 3.90 -8.73 82.51
N SER B 414 3.40 -8.07 81.48
CA SER B 414 3.49 -8.57 80.09
C SER B 414 4.94 -8.47 79.55
N TRP B 415 5.25 -9.35 78.62
CA TRP B 415 6.58 -9.39 77.97
C TRP B 415 6.72 -8.23 76.98
N LYS B 416 7.12 -7.07 77.48
CA LYS B 416 7.28 -5.88 76.65
C LYS B 416 8.73 -5.41 76.60
N GLU B 417 9.27 -5.41 75.40
CA GLU B 417 10.57 -4.79 75.08
C GLU B 417 10.32 -3.33 74.67
N LYS B 418 11.37 -2.53 74.58
CA LYS B 418 11.23 -1.09 74.27
C LYS B 418 10.35 -0.78 73.04
N SER B 419 10.69 -1.43 71.93
CA SER B 419 9.97 -1.25 70.65
C SER B 419 8.56 -1.83 70.67
N ASP B 420 8.30 -2.73 71.61
CA ASP B 420 6.94 -3.28 71.82
C ASP B 420 5.97 -2.19 72.32
N LEU B 421 6.48 -1.34 73.20
CA LEU B 421 5.71 -0.19 73.71
C LEU B 421 5.45 0.86 72.63
N GLU B 422 6.47 1.11 71.80
CA GLU B 422 6.32 2.08 70.70
C GLU B 422 5.27 1.62 69.69
N ARG B 423 5.28 0.32 69.39
CA ARG B 423 4.33 -0.28 68.44
C ARG B 423 2.89 -0.20 68.96
N GLU B 424 2.70 -0.65 70.19
CA GLU B 424 1.37 -0.72 70.80
C GLU B 424 0.81 0.66 71.15
N LEU B 425 1.65 1.51 71.73
CA LEU B 425 1.28 2.90 72.06
C LEU B 425 0.88 3.71 70.83
N ASN B 426 1.57 3.46 69.72
CA ASN B 426 1.25 4.11 68.44
C ASN B 426 -0.11 3.68 67.91
N HIS B 427 -0.35 2.38 67.95
CA HIS B 427 -1.63 1.81 67.50
C HIS B 427 -2.81 2.29 68.37
N TRP B 428 -2.51 2.51 69.65
CA TRP B 428 -3.52 2.99 70.61
C TRP B 428 -3.91 4.43 70.35
N LEU B 429 -2.90 5.30 70.24
CA LEU B 429 -3.17 6.73 70.13
C LEU B 429 -3.92 7.07 68.84
N SER B 430 -3.63 6.32 67.78
CA SER B 430 -4.31 6.47 66.48
C SER B 430 -5.84 6.41 66.61
N GLN B 431 -6.30 5.76 67.66
CA GLN B 431 -7.74 5.64 67.96
C GLN B 431 -8.45 7.00 68.04
N TYR B 432 -7.73 8.03 68.50
CA TYR B 432 -8.31 9.37 68.70
C TYR B 432 -7.75 10.41 67.71
N ILE B 433 -7.23 9.95 66.59
CA ILE B 433 -6.64 10.84 65.58
C ILE B 433 -7.53 10.92 64.35
N SER B 434 -7.72 12.13 63.88
CA SER B 434 -8.43 12.41 62.63
C SER B 434 -7.52 13.24 61.73
N ASP B 435 -6.72 12.56 60.96
CA ASP B 435 -5.67 13.17 60.12
C ASP B 435 -6.08 13.22 58.64
N MET B 436 -7.35 13.51 58.42
CA MET B 436 -7.85 13.61 57.05
C MET B 436 -7.69 15.05 56.53
N ASP B 437 -7.80 15.18 55.22
CA ASP B 437 -7.66 16.49 54.55
C ASP B 437 -8.64 17.54 55.12
N ASP B 438 -9.86 17.10 55.42
CA ASP B 438 -10.94 17.94 55.92
C ASP B 438 -12.04 17.08 56.54
N PRO B 439 -11.87 16.73 57.79
CA PRO B 439 -12.88 16.01 58.60
C PRO B 439 -14.08 16.89 58.78
N ALA B 440 -15.25 16.23 58.84
CA ALA B 440 -16.48 16.99 59.04
C ALA B 440 -16.36 17.88 60.29
N PRO B 441 -16.71 19.16 60.14
CA PRO B 441 -16.55 20.16 61.21
C PRO B 441 -17.36 19.73 62.42
N ALA B 442 -16.75 19.86 63.60
CA ALA B 442 -17.33 19.39 64.88
C ALA B 442 -17.52 17.86 64.89
N VAL B 443 -16.66 17.16 64.16
CA VAL B 443 -16.66 15.68 64.09
C VAL B 443 -15.27 15.16 64.50
N ARG B 444 -14.26 15.90 64.01
CA ARG B 444 -13.08 16.34 64.78
C ARG B 444 -13.30 16.36 66.30
N SER B 445 -14.55 16.59 66.69
CA SER B 445 -14.96 16.57 68.09
C SER B 445 -14.71 15.23 68.80
N ARG B 446 -15.20 14.11 68.23
CA ARG B 446 -14.96 12.78 68.81
C ARG B 446 -13.49 12.33 68.69
N ARG B 447 -12.80 12.87 67.67
CA ARG B 447 -11.35 12.63 67.48
C ARG B 447 -10.59 13.97 67.53
N PRO B 448 -10.31 14.41 68.75
CA PRO B 448 -9.74 15.74 69.04
C PRO B 448 -8.33 15.97 68.46
N LEU B 449 -7.58 14.89 68.28
CA LEU B 449 -6.19 14.99 67.82
C LEU B 449 -6.06 14.91 66.30
N ARG B 450 -5.07 15.63 65.80
CA ARG B 450 -4.73 15.64 64.37
C ARG B 450 -3.46 14.82 64.11
N ALA B 451 -2.47 15.02 64.96
CA ALA B 451 -1.21 14.27 64.90
C ALA B 451 -0.73 13.94 66.31
N ALA B 452 0.13 12.95 66.39
CA ALA B 452 0.79 12.57 67.63
C ALA B 452 2.03 11.74 67.43
N ARG B 453 2.95 11.94 68.33
CA ARG B 453 4.27 11.29 68.28
C ARG B 453 4.61 10.65 69.63
N VAL B 454 5.11 9.43 69.55
CA VAL B 454 5.54 8.67 70.73
C VAL B 454 6.98 8.17 70.54
N VAL B 455 7.77 8.41 71.55
CA VAL B 455 9.13 7.85 71.68
C VAL B 455 9.26 7.12 73.02
N VAL B 456 9.91 5.98 73.00
CA VAL B 456 10.15 5.19 74.21
C VAL B 456 11.64 4.88 74.34
N GLU B 457 12.18 5.17 75.50
CA GLU B 457 13.57 4.82 75.81
C GLU B 457 13.60 3.92 77.05
N ASP B 458 14.79 3.46 77.38
CA ASP B 458 14.98 2.55 78.52
C ASP B 458 15.55 3.31 79.71
N VAL B 459 15.03 2.99 80.88
CA VAL B 459 15.60 3.47 82.15
C VAL B 459 16.86 2.62 82.42
N GLU B 460 18.00 3.19 82.08
CA GLU B 460 19.28 2.47 82.18
C GLU B 460 19.54 2.04 83.64
N GLY B 461 19.96 0.77 83.75
CA GLY B 461 20.22 0.13 85.06
C GLY B 461 18.94 -0.20 85.83
N GLN B 462 17.83 -0.29 85.09
CA GLN B 462 16.53 -0.70 85.65
C GLN B 462 15.71 -1.42 84.55
N PRO B 463 15.99 -2.71 84.37
CA PRO B 463 15.37 -3.54 83.33
C PRO B 463 13.88 -3.72 83.60
N GLY B 464 13.09 -3.45 82.56
CA GLY B 464 11.61 -3.55 82.67
C GLY B 464 10.93 -2.19 82.77
N TRP B 465 11.72 -1.16 83.04
CA TRP B 465 11.23 0.22 83.17
C TRP B 465 11.61 1.04 81.94
N TYR B 466 10.67 1.89 81.55
CA TYR B 466 10.80 2.70 80.32
C TYR B 466 10.44 4.17 80.57
N ARG B 467 10.98 5.00 79.71
CA ARG B 467 10.69 6.45 79.70
C ARG B 467 9.99 6.81 78.39
N CYS B 468 8.74 7.20 78.51
CA CYS B 468 7.89 7.46 77.34
C CYS B 468 7.57 8.95 77.20
N SER B 469 7.64 9.41 75.97
CA SER B 469 7.27 10.79 75.62
C SER B 469 6.14 10.79 74.59
N LEU B 470 5.08 11.47 74.98
CA LEU B 470 3.87 11.62 74.17
C LEU B 470 3.57 13.09 73.88
N GLN B 471 3.64 13.45 72.60
CA GLN B 471 3.35 14.81 72.14
C GLN B 471 2.23 14.77 71.10
N VAL B 472 1.28 15.67 71.25
CA VAL B 472 0.06 15.69 70.41
C VAL B 472 -0.22 17.08 69.82
N ARG B 473 -0.81 17.07 68.65
CA ARG B 473 -1.23 18.27 67.92
C ARG B 473 -2.75 18.22 67.76
N PRO B 474 -3.49 18.88 68.65
CA PRO B 474 -4.96 18.94 68.64
C PRO B 474 -5.45 19.82 67.50
N HIS B 475 -6.69 19.60 67.05
CA HIS B 475 -7.34 20.53 66.11
C HIS B 475 -7.55 21.89 66.81
N PHE B 476 -7.44 22.96 66.05
CA PHE B 476 -7.52 24.31 66.61
C PHE B 476 -8.92 24.88 66.62
N LYS B 477 -9.23 25.51 67.74
CA LYS B 477 -10.47 26.27 67.90
C LYS B 477 -10.32 27.66 67.28
N TYR B 478 -11.38 28.10 66.61
CA TYR B 478 -11.47 29.45 66.04
C TYR B 478 -11.76 30.45 67.17
N MET B 479 -10.78 31.29 67.48
CA MET B 479 -10.87 32.16 68.67
C MET B 479 -10.54 33.64 68.42
N GLY B 480 -10.80 34.09 67.19
CA GLY B 480 -10.56 35.50 66.83
C GLY B 480 -9.80 35.65 65.51
N ALA B 481 -9.94 36.83 64.93
CA ALA B 481 -9.39 37.17 63.60
C ALA B 481 -9.50 38.67 63.34
N SER B 482 -8.57 39.16 62.55
CA SER B 482 -8.55 40.56 62.10
C SER B 482 -8.87 40.61 60.60
N PHE B 483 -9.70 41.57 60.23
CA PHE B 483 -10.14 41.74 58.84
C PHE B 483 -9.70 43.09 58.28
N THR B 484 -9.22 43.05 57.05
CA THR B 484 -8.83 44.24 56.27
C THR B 484 -9.72 44.36 55.04
N LEU B 485 -10.61 45.34 55.05
CA LEU B 485 -11.52 45.57 53.93
C LEU B 485 -10.91 46.58 52.96
N SER B 486 -11.16 46.38 51.68
CA SER B 486 -10.61 47.27 50.64
C SER B 486 -11.40 47.19 49.34
N LEU B 487 -11.83 48.36 48.91
CA LEU B 487 -12.37 48.56 47.55
C LEU B 487 -11.21 48.54 46.57
N VAL B 488 -11.46 48.01 45.38
CA VAL B 488 -10.42 47.84 44.36
C VAL B 488 -11.03 47.77 42.96
N GLY B 489 -10.32 48.41 42.04
CA GLY B 489 -10.64 48.32 40.60
C GLY B 489 -9.64 47.36 39.98
N LYS B 490 -9.99 46.73 38.89
CA LYS B 490 -9.15 45.78 38.11
C LYS B 490 -8.71 44.54 38.92
N LEU B 491 -9.50 44.21 39.94
CA LEU B 491 -9.26 42.99 40.73
C LEU B 491 -9.43 41.78 39.81
N ASP B 492 -8.58 40.78 39.99
CA ASP B 492 -8.76 39.52 39.25
C ASP B 492 -10.13 38.94 39.60
N LYS B 493 -10.87 38.57 38.58
CA LYS B 493 -12.28 38.12 38.74
C LYS B 493 -12.41 36.81 39.57
N LEU C 30 2.28 70.71 41.05
CA LEU C 30 2.87 72.04 41.24
C LEU C 30 2.33 73.03 40.21
N PRO C 31 1.69 74.10 40.71
CA PRO C 31 1.19 75.20 39.87
C PRO C 31 2.37 75.82 39.10
N LEU C 32 2.02 76.53 38.04
CA LEU C 32 2.98 77.35 37.30
C LEU C 32 2.78 78.81 37.69
N LYS C 33 3.63 79.26 38.59
CA LYS C 33 3.53 80.65 39.09
C LYS C 33 4.64 81.50 38.48
N VAL C 34 4.20 82.62 37.94
CA VAL C 34 5.09 83.64 37.35
C VAL C 34 5.09 84.87 38.24
N LEU C 35 6.23 85.56 38.21
CA LEU C 35 6.42 86.81 38.95
C LEU C 35 6.69 87.95 37.97
N MET C 36 5.72 88.85 37.87
CA MET C 36 5.83 90.03 37.02
C MET C 36 6.37 91.21 37.84
N LEU C 37 7.61 91.57 37.52
CA LEU C 37 8.29 92.66 38.23
C LEU C 37 8.44 93.82 37.25
N GLY C 38 8.07 95.01 37.75
CA GLY C 38 8.06 96.22 36.90
C GLY C 38 7.56 97.44 37.67
N ASP C 39 7.71 98.58 37.01
CA ASP C 39 7.31 99.88 37.56
C ASP C 39 5.82 100.16 37.25
N PHE C 40 4.97 99.60 38.11
CA PHE C 40 3.52 99.75 37.97
C PHE C 40 2.93 101.07 38.51
N THR C 41 3.76 101.83 39.21
CA THR C 41 3.35 103.13 39.78
C THR C 41 4.18 104.27 39.15
N GLY C 42 3.67 105.49 39.37
CA GLY C 42 4.33 106.71 38.86
C GLY C 42 5.58 107.13 39.67
N GLN C 43 5.86 106.41 40.75
CA GLN C 43 6.96 106.74 41.67
C GLN C 43 7.51 105.50 42.37
N GLU C 44 8.77 105.59 42.77
CA GLU C 44 9.42 104.58 43.63
C GLU C 44 8.80 104.62 45.04
N ASP C 45 8.82 103.45 45.69
CA ASP C 45 8.35 103.35 47.08
C ASP C 45 9.53 103.52 48.06
N ALA C 46 9.23 104.14 49.20
CA ALA C 46 10.15 104.27 50.34
C ALA C 46 10.43 102.91 51.02
N ARG C 47 9.43 102.02 50.99
CA ARG C 47 9.53 100.68 51.58
C ARG C 47 10.63 99.87 50.88
N PRO C 48 11.50 99.23 51.67
CA PRO C 48 12.56 98.34 51.15
C PRO C 48 11.93 97.22 50.31
N LEU C 49 12.71 96.75 49.33
CA LEU C 49 12.28 95.66 48.43
C LEU C 49 11.85 94.40 49.18
N GLU C 50 12.62 94.04 50.19
CA GLU C 50 12.34 92.87 51.03
C GLU C 50 11.05 93.01 51.86
N GLN C 51 10.64 94.26 52.08
CA GLN C 51 9.48 94.57 52.92
C GLN C 51 8.19 94.67 52.10
N ARG C 52 8.24 95.36 50.97
CA ARG C 52 7.07 95.44 50.06
C ARG C 52 6.67 94.03 49.64
N ALA C 53 5.37 93.84 49.56
CA ALA C 53 4.81 92.50 49.32
C ALA C 53 4.30 92.33 47.88
N PRO C 54 4.33 91.09 47.37
CA PRO C 54 3.75 90.71 46.08
C PRO C 54 2.21 90.65 46.18
N ILE C 55 1.57 90.87 45.04
CA ILE C 55 0.09 90.84 44.94
C ILE C 55 -0.34 89.74 43.96
N ASN C 56 -1.21 88.86 44.44
CA ASN C 56 -1.77 87.79 43.59
C ASN C 56 -2.88 88.38 42.71
N VAL C 57 -2.73 88.17 41.40
CA VAL C 57 -3.69 88.70 40.41
C VAL C 57 -4.32 87.54 39.62
N ASP C 58 -5.60 87.71 39.32
CA ASP C 58 -6.36 86.80 38.45
C ASP C 58 -7.50 87.57 37.76
N LYS C 59 -8.18 86.88 36.86
CA LYS C 59 -9.31 87.44 36.08
C LYS C 59 -10.45 88.03 36.92
N ALA C 60 -10.65 87.47 38.11
CA ALA C 60 -11.79 87.83 38.99
C ALA C 60 -11.50 88.94 40.02
N ASN C 61 -10.34 89.60 39.89
CA ASN C 61 -9.94 90.66 40.82
C ASN C 61 -8.91 91.64 40.23
N PHE C 62 -8.69 91.56 38.92
CA PHE C 62 -7.69 92.42 38.24
C PHE C 62 -7.95 93.91 38.52
N ASN C 63 -9.20 94.32 38.29
CA ASN C 63 -9.61 95.71 38.54
C ASN C 63 -9.48 96.11 40.02
N GLU C 64 -9.79 95.17 40.90
CA GLU C 64 -9.77 95.37 42.35
C GLU C 64 -8.32 95.64 42.78
N VAL C 65 -7.40 94.95 42.11
CA VAL C 65 -5.96 95.12 42.35
C VAL C 65 -5.50 96.54 41.96
N MET C 66 -5.99 97.03 40.82
CA MET C 66 -5.63 98.39 40.37
C MET C 66 -6.15 99.46 41.34
N ALA C 67 -7.40 99.27 41.77
CA ALA C 67 -8.08 100.16 42.73
C ALA C 67 -7.31 100.23 44.05
N GLN C 68 -6.89 99.06 44.54
CA GLN C 68 -6.12 98.95 45.79
C GLN C 68 -4.69 99.48 45.66
N GLN C 69 -4.10 99.32 44.48
CA GLN C 69 -2.73 99.76 44.20
C GLN C 69 -2.64 101.30 44.23
N ASN C 70 -3.73 101.95 43.80
CA ASN C 70 -3.85 103.41 43.79
C ASN C 70 -2.78 104.01 42.86
N LEU C 71 -3.23 104.35 41.66
CA LEU C 71 -2.35 104.93 40.64
C LEU C 71 -2.56 106.44 40.55
N LYS C 72 -1.46 107.15 40.31
CA LYS C 72 -1.48 108.62 40.20
C LYS C 72 -0.32 109.09 39.32
N VAL C 73 -0.65 110.05 38.47
CA VAL C 73 0.32 110.71 37.58
C VAL C 73 0.26 112.24 37.73
N THR C 74 1.39 112.77 38.20
CA THR C 74 1.60 114.22 38.26
C THR C 74 2.63 114.54 37.18
N LEU C 75 2.14 115.18 36.13
CA LEU C 75 2.97 115.46 34.94
C LEU C 75 2.49 116.74 34.26
N THR C 76 3.43 117.33 33.55
CA THR C 76 3.20 118.56 32.78
C THR C 76 3.34 118.30 31.27
N ALA C 77 2.35 118.77 30.53
CA ALA C 77 2.31 118.70 29.06
C ALA C 77 2.21 120.12 28.48
N ALA C 78 2.62 120.26 27.23
CA ALA C 78 2.47 121.53 26.49
C ALA C 78 0.99 121.92 26.44
N ASP C 79 0.72 123.16 26.85
CA ASP C 79 -0.63 123.71 26.81
C ASP C 79 -0.94 124.18 25.39
N LYS C 80 -1.73 123.38 24.68
CA LYS C 80 -2.09 123.70 23.29
C LYS C 80 -3.52 124.25 23.17
N LEU C 81 -4.04 124.74 24.29
CA LEU C 81 -5.34 125.42 24.34
C LEU C 81 -5.24 126.91 24.02
N SER C 82 -3.99 127.37 23.90
CA SER C 82 -3.65 128.74 23.53
C SER C 82 -2.57 128.74 22.43
N ALA C 83 -1.99 129.91 22.19
CA ALA C 83 -0.93 130.13 21.20
C ALA C 83 0.37 130.66 21.86
N ASP C 84 0.68 130.11 23.03
CA ASP C 84 1.89 130.53 23.77
C ASP C 84 2.81 129.31 24.00
N PRO C 85 4.05 129.38 23.51
CA PRO C 85 5.08 128.34 23.73
C PRO C 85 5.49 128.17 25.21
N ASN C 86 5.35 129.23 25.99
CA ASN C 86 5.64 129.24 27.44
C ASN C 86 4.49 128.68 28.30
N ALA C 87 3.31 128.51 27.69
CA ALA C 87 2.14 127.95 28.36
C ALA C 87 2.28 126.43 28.53
N THR C 88 2.21 126.04 29.79
CA THR C 88 2.31 124.63 30.17
C THR C 88 1.11 124.21 31.05
N MET C 89 0.71 122.95 30.94
CA MET C 89 -0.41 122.41 31.73
C MET C 89 0.05 121.25 32.60
N ASN C 90 -0.18 121.40 33.90
CA ASN C 90 0.12 120.33 34.86
C ASN C 90 -1.19 119.67 35.29
N VAL C 91 -1.18 118.35 35.18
CA VAL C 91 -2.34 117.49 35.50
C VAL C 91 -2.00 116.50 36.61
N SER C 92 -3.04 116.10 37.34
CA SER C 92 -2.92 115.09 38.40
C SER C 92 -3.96 113.99 38.19
N LEU C 93 -3.62 113.05 37.32
CA LEU C 93 -4.55 111.94 37.00
C LEU C 93 -4.47 110.82 38.03
N GLN C 94 -5.63 110.20 38.25
CA GLN C 94 -5.81 109.09 39.20
C GLN C 94 -6.54 107.97 38.48
N PHE C 95 -6.08 106.74 38.73
CA PHE C 95 -6.66 105.56 38.09
C PHE C 95 -7.06 104.52 39.15
N LYS C 96 -8.21 103.92 38.90
CA LYS C 96 -8.77 102.84 39.72
C LYS C 96 -8.88 101.55 38.89
N ASN C 97 -9.17 101.72 37.60
CA ASN C 97 -9.26 100.63 36.62
C ASN C 97 -8.72 101.10 35.26
N LEU C 98 -8.64 100.16 34.32
CA LEU C 98 -8.18 100.44 32.95
C LEU C 98 -9.07 101.41 32.17
N ASN C 99 -10.35 101.44 32.53
CA ASN C 99 -11.32 102.37 31.94
C ASN C 99 -10.93 103.83 32.20
N ASP C 100 -10.19 104.06 33.28
CA ASP C 100 -9.71 105.39 33.66
C ASP C 100 -8.55 105.93 32.80
N PHE C 101 -8.10 105.14 31.83
CA PHE C 101 -7.10 105.60 30.85
C PHE C 101 -7.74 106.08 29.55
N SER C 102 -9.06 105.94 29.46
CA SER C 102 -9.80 106.42 28.30
C SER C 102 -9.84 107.96 28.28
N PRO C 103 -9.84 108.56 27.09
CA PRO C 103 -9.91 110.03 26.93
C PRO C 103 -11.08 110.67 27.69
N GLU C 104 -12.17 109.90 27.83
CA GLU C 104 -13.35 110.34 28.60
C GLU C 104 -13.03 110.59 30.09
N SER C 105 -12.19 109.75 30.67
CA SER C 105 -11.78 109.92 32.09
C SER C 105 -10.68 110.98 32.22
N VAL C 106 -9.83 111.07 31.21
CA VAL C 106 -8.73 112.07 31.15
C VAL C 106 -9.34 113.48 31.19
N VAL C 107 -10.36 113.69 30.36
CA VAL C 107 -11.08 114.98 30.31
C VAL C 107 -11.73 115.32 31.67
N ASN C 108 -12.35 114.30 32.27
CA ASN C 108 -13.08 114.47 33.53
C ASN C 108 -12.14 114.87 34.70
N GLN C 109 -10.89 114.48 34.59
CA GLN C 109 -9.89 114.78 35.64
C GLN C 109 -9.01 115.98 35.29
N VAL C 110 -9.30 116.62 34.16
CA VAL C 110 -8.57 117.81 33.70
C VAL C 110 -9.58 118.94 33.49
N PRO C 111 -9.74 119.82 34.49
CA PRO C 111 -10.70 120.95 34.48
C PRO C 111 -10.61 121.82 33.22
N GLU C 112 -9.40 121.99 32.72
CA GLU C 112 -9.08 122.78 31.51
C GLU C 112 -9.69 122.17 30.24
N LEU C 113 -9.98 120.87 30.31
CA LEU C 113 -10.67 120.15 29.23
C LEU C 113 -12.13 119.83 29.59
N LYS C 114 -12.38 119.55 30.87
CA LYS C 114 -13.72 119.23 31.40
C LYS C 114 -14.70 120.38 31.13
N LYS C 115 -14.24 121.61 31.37
CA LYS C 115 -15.04 122.82 31.09
C LYS C 115 -15.34 123.00 29.60
N LEU C 116 -14.38 122.61 28.77
CA LEU C 116 -14.53 122.63 27.31
C LEU C 116 -15.53 121.58 26.80
N LEU C 117 -15.58 120.45 27.50
CA LEU C 117 -16.55 119.38 27.22
C LEU C 117 -17.96 119.83 27.65
N GLU C 118 -18.03 120.53 28.78
CA GLU C 118 -19.29 121.11 29.28
C GLU C 118 -19.80 122.19 28.32
N LEU C 119 -18.85 122.96 27.78
CA LEU C 119 -19.12 123.95 26.73
C LEU C 119 -19.66 123.28 25.46
N ARG C 120 -19.00 122.20 25.06
CA ARG C 120 -19.39 121.40 23.89
C ARG C 120 -20.87 121.00 24.03
N SER C 121 -21.21 120.43 25.19
CA SER C 121 -22.59 119.96 25.47
C SER C 121 -23.61 121.11 25.47
N ALA C 122 -23.18 122.27 25.96
CA ALA C 122 -23.99 123.51 25.94
C ALA C 122 -24.26 124.00 24.51
N LEU C 123 -23.29 123.89 23.70
CA LEU C 123 -23.46 124.42 22.32
C LEU C 123 -24.27 123.44 21.47
N ASN C 124 -24.08 122.13 21.65
CA ASN C 124 -24.84 121.14 20.90
C ASN C 124 -26.32 121.22 21.29
N ALA C 125 -26.60 121.39 22.60
CA ALA C 125 -27.97 121.54 23.14
C ALA C 125 -28.63 122.76 22.53
N LEU C 126 -27.92 123.90 22.54
CA LEU C 126 -28.41 125.14 21.95
C LEU C 126 -28.69 124.96 20.43
N LYS C 127 -27.68 124.44 19.68
CA LYS C 127 -27.82 124.26 18.23
C LYS C 127 -28.91 123.26 17.84
N GLY C 128 -29.18 122.25 18.69
CA GLY C 128 -30.27 121.29 18.44
C GLY C 128 -31.59 121.79 19.01
N PRO C 129 -31.62 123.03 19.52
CA PRO C 129 -32.79 123.70 20.11
C PRO C 129 -33.38 122.99 21.35
N LEU C 130 -32.53 122.26 22.11
CA LEU C 130 -32.96 121.51 23.29
C LEU C 130 -33.13 122.37 24.53
N GLY C 131 -32.58 123.60 24.51
CA GLY C 131 -32.79 124.55 25.60
C GLY C 131 -32.96 125.94 25.05
N ASN C 132 -33.65 126.82 25.78
CA ASN C 132 -33.86 128.19 25.34
C ASN C 132 -32.65 129.06 25.72
N LEU C 133 -32.59 130.30 25.21
CA LEU C 133 -31.51 131.24 25.43
C LEU C 133 -31.25 131.57 26.89
N PRO C 134 -32.31 131.71 27.70
CA PRO C 134 -32.17 132.02 29.13
C PRO C 134 -31.40 130.90 29.88
N ALA C 135 -31.75 129.62 29.61
CA ALA C 135 -31.08 128.47 30.24
C ALA C 135 -29.63 128.41 29.74
N PHE C 136 -29.44 128.55 28.42
CA PHE C 136 -28.12 128.57 27.80
C PHE C 136 -27.20 129.57 28.53
N ARG C 137 -27.65 130.85 28.69
CA ARG C 137 -26.81 131.88 29.34
C ARG C 137 -26.52 131.57 30.81
N LYS C 138 -27.49 130.96 31.52
CA LYS C 138 -27.33 130.57 32.94
C LYS C 138 -26.28 129.47 33.05
N LYS C 139 -26.35 128.45 32.17
CA LYS C 139 -25.39 127.36 32.15
C LYS C 139 -24.01 127.81 31.70
N LEU C 140 -23.95 128.77 30.81
CA LEU C 140 -22.70 129.24 30.32
C LEU C 140 -21.94 129.89 31.43
N GLN C 141 -22.59 130.72 32.21
CA GLN C 141 -21.94 131.38 33.29
C GLN C 141 -21.41 130.40 34.34
N ALA C 142 -22.12 129.34 34.59
CA ALA C 142 -21.69 128.27 35.49
C ALA C 142 -20.39 127.58 35.00
N LEU C 143 -20.36 127.21 33.75
CA LEU C 143 -19.18 126.66 33.14
C LEU C 143 -17.96 127.60 33.32
N LEU C 144 -18.11 128.86 32.98
CA LEU C 144 -16.98 129.77 32.92
C LEU C 144 -16.58 130.39 34.27
N ALA C 145 -17.38 130.11 35.26
CA ALA C 145 -17.17 130.55 36.64
C ALA C 145 -15.97 129.83 37.30
N ASP C 146 -15.59 128.60 36.84
CA ASP C 146 -14.47 127.83 37.41
C ASP C 146 -13.22 128.69 37.60
N GLU C 147 -12.79 128.92 38.86
CA GLU C 147 -11.63 129.81 39.07
C GLU C 147 -10.28 129.25 38.62
N ASP C 148 -10.21 127.94 38.33
CA ASP C 148 -8.98 127.29 37.87
C ASP C 148 -8.74 127.53 36.37
N GLY C 149 -9.74 128.11 35.65
CA GLY C 149 -9.61 128.39 34.21
C GLY C 149 -8.80 129.62 33.97
N ARG C 150 -8.09 129.67 32.83
CA ARG C 150 -7.38 130.89 32.46
C ARG C 150 -8.41 131.83 31.78
N LYS C 151 -8.19 133.14 31.82
CA LYS C 151 -9.10 134.08 31.16
C LYS C 151 -8.96 133.91 29.64
N ALA C 152 -7.77 133.50 29.17
CA ALA C 152 -7.50 133.25 27.74
C ALA C 152 -8.43 132.13 27.28
N LEU C 153 -8.50 131.02 28.06
CA LEU C 153 -9.42 129.94 27.69
C LEU C 153 -10.89 130.39 27.73
N ILE C 154 -11.31 131.15 28.78
CA ILE C 154 -12.69 131.64 28.87
C ILE C 154 -13.09 132.41 27.62
N LYS C 155 -12.20 133.29 27.10
CA LYS C 155 -12.35 134.09 25.89
C LYS C 155 -12.55 133.26 24.64
N GLU C 156 -11.74 132.19 24.46
CA GLU C 156 -11.84 131.23 23.35
C GLU C 156 -13.17 130.46 23.45
N LEU C 157 -13.62 130.14 24.68
CA LEU C 157 -14.91 129.46 24.90
C LEU C 157 -16.10 130.36 24.56
N GLY C 158 -16.07 131.63 25.01
CA GLY C 158 -17.10 132.64 24.72
C GLY C 158 -17.16 132.99 23.23
N LEU C 159 -16.01 132.90 22.51
CA LEU C 159 -15.94 133.17 21.07
C LEU C 159 -16.66 132.12 20.23
N THR C 160 -17.00 130.97 20.82
CA THR C 160 -17.72 129.88 20.16
C THR C 160 -19.24 130.09 20.25
N GLU C 161 -19.69 131.03 21.10
CA GLU C 161 -21.13 131.29 21.26
C GLU C 161 -21.74 131.99 20.04
N GLU C 162 -22.81 131.44 19.40
CA GLU C 162 -23.44 132.17 18.28
C GLU C 162 -23.99 133.51 18.79
N THR C 163 -23.88 134.55 17.96
CA THR C 163 -24.32 135.92 18.30
C THR C 163 -25.76 136.01 18.82
N LYS C 164 -26.68 135.23 18.24
CA LYS C 164 -28.10 135.23 18.63
C LYS C 164 -28.37 134.63 20.02
N ASP D 63 -28.37 128.85 10.47
CA ASP D 63 -27.71 129.32 11.72
C ASP D 63 -26.96 128.21 12.47
N LYS D 64 -27.61 127.04 12.54
CA LYS D 64 -27.10 125.85 13.23
C LYS D 64 -25.78 125.37 12.61
N ALA D 65 -25.67 125.60 11.30
CA ALA D 65 -24.44 125.24 10.55
C ALA D 65 -23.20 125.94 11.13
N LEU D 66 -23.38 127.21 11.53
CA LEU D 66 -22.32 127.98 12.20
C LEU D 66 -22.01 127.45 13.60
N VAL D 67 -23.06 127.06 14.30
CA VAL D 67 -22.95 126.44 15.64
C VAL D 67 -22.16 125.12 15.55
N ASP D 68 -22.45 124.35 14.51
CA ASP D 68 -21.75 123.08 14.25
C ASP D 68 -20.26 123.30 13.97
N ALA D 69 -19.99 124.39 13.24
CA ALA D 69 -18.60 124.81 12.94
C ALA D 69 -17.85 125.19 14.22
N MET D 70 -18.57 125.79 15.15
CA MET D 70 -18.04 126.13 16.49
C MET D 70 -17.67 124.86 17.25
N ILE D 71 -18.54 123.85 17.13
CA ILE D 71 -18.29 122.50 17.73
C ILE D 71 -17.08 121.81 17.08
N ALA D 72 -16.94 122.00 15.80
CA ALA D 72 -15.81 121.39 15.05
C ALA D 72 -14.48 121.96 15.54
N GLU D 73 -14.44 123.29 15.69
CA GLU D 73 -13.25 124.00 16.15
C GLU D 73 -12.96 123.77 17.63
N ILE D 74 -14.02 123.66 18.41
CA ILE D 74 -13.90 123.38 19.87
C ILE D 74 -13.25 122.00 20.10
N ASP D 75 -13.76 120.99 19.39
CA ASP D 75 -13.25 119.62 19.49
C ASP D 75 -11.85 119.50 18.90
N LYS D 76 -11.61 120.29 17.86
CA LYS D 76 -10.28 120.37 17.23
C LYS D 76 -9.24 120.82 18.28
N ARG D 77 -9.57 121.85 19.03
CA ARG D 77 -8.68 122.38 20.08
C ARG D 77 -8.54 121.41 21.25
N LEU D 78 -9.67 120.83 21.66
CA LEU D 78 -9.71 119.88 22.78
C LEU D 78 -8.87 118.64 22.43
N SER D 79 -9.00 118.17 21.20
CA SER D 79 -8.25 117.01 20.68
C SER D 79 -6.75 117.26 20.58
N SER D 80 -6.39 118.49 20.31
CA SER D 80 -4.98 118.90 20.23
C SER D 80 -4.31 118.77 21.60
N GLN D 81 -5.09 119.12 22.62
CA GLN D 81 -4.61 119.03 24.02
C GLN D 81 -4.62 117.59 24.51
N VAL D 82 -5.65 116.87 24.23
CA VAL D 82 -5.80 115.46 24.65
C VAL D 82 -4.68 114.56 24.07
N ASN D 83 -4.23 114.91 22.86
CA ASN D 83 -3.10 114.20 22.22
C ASN D 83 -1.83 114.31 23.08
N GLU D 84 -1.65 115.47 23.70
CA GLU D 84 -0.48 115.74 24.56
C GLU D 84 -0.43 114.84 25.81
N ILE D 85 -1.59 114.61 26.42
CA ILE D 85 -1.68 113.74 27.61
C ILE D 85 -1.52 112.27 27.18
N LEU D 86 -2.24 111.90 26.13
CA LEU D 86 -2.25 110.51 25.64
C LEU D 86 -0.90 110.07 25.06
N HIS D 87 -0.14 111.06 24.58
CA HIS D 87 1.20 110.81 24.02
C HIS D 87 2.32 111.21 24.98
N ALA D 88 1.96 111.47 26.22
CA ALA D 88 2.94 111.74 27.28
C ALA D 88 3.64 110.43 27.64
N LYS D 89 4.96 110.50 27.70
CA LYS D 89 5.81 109.32 28.01
C LYS D 89 5.53 108.73 29.40
N GLU D 90 5.29 109.62 30.36
CA GLU D 90 4.93 109.23 31.74
C GLU D 90 3.55 108.53 31.75
N PHE D 91 2.63 109.09 30.99
CA PHE D 91 1.28 108.52 30.91
C PHE D 91 1.29 107.13 30.26
N GLN D 92 1.99 107.03 29.15
CA GLN D 92 2.10 105.77 28.39
C GLN D 92 2.84 104.69 29.17
N LYS D 93 3.84 105.10 29.96
CA LYS D 93 4.59 104.13 30.79
C LYS D 93 3.64 103.45 31.79
N LEU D 94 2.76 104.26 32.40
CA LEU D 94 1.77 103.76 33.36
C LEU D 94 0.74 102.88 32.64
N GLU D 95 0.15 103.41 31.56
CA GLU D 95 -0.90 102.69 30.83
C GLU D 95 -0.39 101.36 30.27
N SER D 96 0.67 101.43 29.47
CA SER D 96 1.26 100.26 28.81
C SER D 96 1.62 99.17 29.83
N SER D 97 2.01 99.57 31.06
CA SER D 97 2.35 98.60 32.12
C SER D 97 1.13 97.78 32.55
N TRP D 98 0.04 98.47 32.85
CA TRP D 98 -1.20 97.82 33.30
C TRP D 98 -2.00 97.17 32.18
N ARG D 99 -2.04 97.81 31.02
CA ARG D 99 -2.74 97.28 29.84
C ARG D 99 -2.06 96.00 29.35
N SER D 100 -0.74 96.05 29.25
CA SER D 100 0.07 94.85 28.88
C SER D 100 -0.07 93.74 29.92
N LEU D 101 -0.24 94.13 31.19
CA LEU D 101 -0.44 93.18 32.28
C LEU D 101 -1.75 92.40 32.11
N LYS D 102 -2.82 93.12 31.84
CA LYS D 102 -4.14 92.49 31.64
C LYS D 102 -4.13 91.63 30.37
N PHE D 103 -3.48 92.14 29.33
CA PHE D 103 -3.31 91.41 28.06
C PHE D 103 -2.71 90.02 28.32
N MET D 104 -1.76 89.98 29.26
CA MET D 104 -1.19 88.72 29.76
C MET D 104 -2.23 87.92 30.54
N VAL D 105 -2.73 88.54 31.60
CA VAL D 105 -3.61 87.90 32.58
C VAL D 105 -4.82 87.23 31.93
N ASP D 106 -5.53 87.97 31.08
CA ASP D 106 -6.80 87.46 30.52
C ASP D 106 -6.63 86.42 29.39
N ARG D 107 -5.38 86.15 29.02
CA ARG D 107 -5.08 85.10 28.03
C ARG D 107 -4.53 83.84 28.71
N THR D 108 -4.53 83.84 30.03
CA THR D 108 -4.15 82.67 30.84
C THR D 108 -5.44 82.00 31.32
N ASP D 109 -5.28 80.86 31.96
CA ASP D 109 -6.41 80.12 32.53
C ASP D 109 -6.06 79.70 33.96
N PHE D 110 -6.61 80.44 34.90
CA PHE D 110 -6.37 80.22 36.35
C PHE D 110 -6.96 78.91 36.89
N ARG D 111 -7.83 78.29 36.11
CA ARG D 111 -8.40 76.98 36.45
C ARG D 111 -7.43 75.82 36.18
N GLU D 112 -6.36 76.13 35.43
CA GLU D 112 -5.34 75.13 35.06
C GLU D 112 -4.10 75.21 35.97
N ASN D 113 -4.30 75.71 37.19
CA ASN D 113 -3.22 75.84 38.19
C ASN D 113 -2.13 76.82 37.72
N THR D 114 -2.58 77.93 37.14
CA THR D 114 -1.67 79.00 36.72
C THR D 114 -1.85 80.16 37.70
N ARG D 115 -0.74 80.72 38.15
CA ARG D 115 -0.76 81.84 39.11
C ARG D 115 0.25 82.90 38.72
N VAL D 116 -0.06 84.13 39.08
CA VAL D 116 0.81 85.29 38.81
C VAL D 116 0.75 86.25 39.99
N GLU D 117 1.92 86.78 40.33
CA GLU D 117 2.04 87.80 41.37
C GLU D 117 2.74 89.04 40.80
N MET D 118 2.34 90.19 41.31
CA MET D 118 2.94 91.48 40.90
C MET D 118 3.86 91.99 42.01
N LEU D 119 5.03 92.43 41.59
CA LEU D 119 6.03 93.01 42.49
C LEU D 119 6.59 94.29 41.90
N ASN D 120 6.09 95.41 42.42
CA ASN D 120 6.49 96.75 41.96
C ASN D 120 7.96 97.04 42.28
N ALA D 121 8.76 97.16 41.23
CA ALA D 121 10.20 97.46 41.34
C ALA D 121 10.73 98.11 40.07
N SER D 122 11.47 99.18 40.23
CA SER D 122 12.16 99.86 39.12
C SER D 122 13.56 99.23 38.93
N LYS D 123 14.13 99.38 37.73
CA LYS D 123 15.48 98.84 37.49
C LYS D 123 16.53 99.45 38.43
N GLU D 124 16.36 100.77 38.67
CA GLU D 124 17.27 101.53 39.52
C GLU D 124 17.33 100.93 40.94
N ASP D 125 16.17 100.61 41.49
CA ASP D 125 16.09 100.06 42.86
C ASP D 125 16.48 98.58 42.93
N LEU D 126 16.41 97.90 41.78
CA LEU D 126 16.88 96.51 41.67
C LEU D 126 18.40 96.47 41.89
N GLN D 127 19.06 97.44 41.25
CA GLN D 127 20.51 97.64 41.40
C GLN D 127 20.85 98.13 42.81
N LYS D 128 20.00 99.02 43.33
CA LYS D 128 20.15 99.53 44.70
C LYS D 128 20.19 98.37 45.71
N ASP D 129 19.25 97.44 45.56
CA ASP D 129 19.13 96.31 46.48
C ASP D 129 20.28 95.31 46.33
N PHE D 130 20.59 95.00 45.08
CA PHE D 130 21.62 94.02 44.79
C PHE D 130 23.05 94.52 45.12
N GLU D 131 23.24 95.83 44.97
CA GLU D 131 24.51 96.49 45.35
C GLU D 131 24.61 96.67 46.86
N ASP D 132 23.46 96.96 47.49
CA ASP D 132 23.38 97.17 48.93
C ASP D 132 23.71 95.87 49.69
N ALA D 133 23.05 94.79 49.27
CA ALA D 133 23.25 93.46 49.87
C ALA D 133 24.72 93.01 49.70
N PRO D 134 25.24 92.31 50.72
CA PRO D 134 26.59 91.73 50.70
C PRO D 134 26.70 90.58 49.69
N GLU D 135 25.60 89.84 49.52
CA GLU D 135 25.51 88.73 48.59
C GLU D 135 24.07 88.56 48.10
N VAL D 136 23.92 87.90 46.97
CA VAL D 136 22.61 87.66 46.34
C VAL D 136 21.64 86.90 47.26
N THR D 137 22.19 86.02 48.09
CA THR D 137 21.34 85.21 49.00
C THR D 137 20.63 86.06 50.06
N LYS D 138 21.08 87.31 50.20
CA LYS D 138 20.51 88.26 51.17
C LYS D 138 19.76 89.42 50.50
N SER D 139 19.63 89.35 49.17
CA SER D 139 18.85 90.36 48.43
C SER D 139 17.36 90.19 48.74
N GLY D 140 16.63 91.29 48.62
CA GLY D 140 15.18 91.33 48.87
C GLY D 140 14.41 90.47 47.85
N LEU D 141 14.86 90.54 46.60
CA LEU D 141 14.27 89.75 45.51
C LEU D 141 14.48 88.25 45.70
N TYR D 142 15.70 87.89 46.10
CA TYR D 142 16.03 86.49 46.43
C TYR D 142 15.11 85.97 47.53
N LYS D 143 14.84 86.84 48.51
CA LYS D 143 14.03 86.46 49.67
C LYS D 143 12.66 85.95 49.27
N LEU D 144 11.96 86.59 48.34
CA LEU D 144 10.59 86.12 48.04
C LEU D 144 10.43 85.51 46.63
N VAL D 145 11.56 85.23 46.00
CA VAL D 145 11.61 84.35 44.83
C VAL D 145 12.02 82.95 45.35
N TYR D 146 13.22 82.89 45.93
CA TYR D 146 13.78 81.62 46.42
C TYR D 146 13.28 81.26 47.83
N SER D 147 13.62 82.12 48.79
CA SER D 147 13.45 81.82 50.24
C SER D 147 11.99 81.53 50.63
N ASN D 148 11.08 82.38 50.17
CA ASN D 148 9.65 82.23 50.50
C ASN D 148 8.91 81.23 49.61
N GLU D 149 9.63 80.64 48.66
CA GLU D 149 9.03 79.70 47.70
C GLU D 149 9.76 78.36 47.61
N TYR D 150 10.70 78.28 46.67
CA TYR D 150 11.45 77.06 46.39
C TYR D 150 12.12 76.44 47.63
N GLY D 151 12.67 77.33 48.49
CA GLY D 151 13.41 76.90 49.68
C GLY D 151 12.56 76.88 50.95
N VAL D 152 11.25 76.71 50.82
CA VAL D 152 10.33 76.66 51.96
C VAL D 152 9.49 75.37 51.93
N PHE D 153 9.65 74.60 52.97
CA PHE D 153 8.81 73.40 53.21
C PHE D 153 7.34 73.81 53.33
N GLY D 154 6.52 73.26 52.43
CA GLY D 154 5.07 73.57 52.39
C GLY D 154 4.72 74.63 51.34
N GLY D 155 5.76 75.33 50.85
CA GLY D 155 5.59 76.40 49.85
C GLY D 155 5.53 75.84 48.43
N LYS D 156 5.83 76.73 47.50
CA LYS D 156 5.82 76.42 46.06
C LYS D 156 6.91 77.24 45.35
N PRO D 157 7.52 76.70 44.29
CA PRO D 157 8.57 77.39 43.53
C PRO D 157 8.01 78.27 42.40
N TYR D 158 8.62 79.44 42.25
CA TYR D 158 8.29 80.35 41.13
C TYR D 158 8.74 79.71 39.80
N GLY D 159 7.76 79.65 38.89
CA GLY D 159 7.98 79.04 37.56
C GLY D 159 8.96 79.86 36.73
N ILE D 160 8.68 81.15 36.61
CA ILE D 160 9.45 82.10 35.77
C ILE D 160 9.23 83.54 36.26
N ILE D 161 10.15 84.41 35.90
CA ILE D 161 10.07 85.84 36.24
C ILE D 161 10.04 86.64 34.93
N SER D 162 9.02 87.48 34.84
CA SER D 162 8.83 88.38 33.70
C SER D 162 9.09 89.82 34.14
N ALA D 163 10.14 90.38 33.58
CA ALA D 163 10.45 91.77 33.91
C ALA D 163 10.13 92.71 32.78
N ASN D 164 9.35 93.68 33.20
CA ASN D 164 8.87 94.69 32.26
C ASN D 164 9.91 95.82 32.12
N TYR D 165 11.01 95.48 31.48
CA TYR D 165 12.14 96.41 31.30
C TYR D 165 12.72 96.30 29.89
N ASP D 166 13.32 97.39 29.47
CA ASP D 166 14.16 97.44 28.26
C ASP D 166 15.62 97.55 28.69
N PHE D 167 16.48 96.79 28.08
CA PHE D 167 17.91 96.82 28.43
C PHE D 167 18.75 97.39 27.30
N ASN D 168 19.71 98.19 27.69
CA ASN D 168 20.72 98.74 26.77
C ASN D 168 22.05 98.00 27.02
N VAL D 169 23.11 98.48 26.38
CA VAL D 169 24.49 97.95 26.61
C VAL D 169 25.18 98.62 27.82
N GLY D 170 24.48 99.57 28.42
CA GLY D 170 24.93 100.32 29.59
C GLY D 170 25.40 99.35 30.67
N PRO D 171 26.45 99.76 31.37
CA PRO D 171 27.04 98.95 32.45
C PRO D 171 26.07 98.61 33.58
N GLN D 172 25.22 99.50 33.94
CA GLN D 172 24.17 99.27 34.95
C GLN D 172 23.21 98.15 34.51
N ASP D 173 22.81 98.20 33.22
CA ASP D 173 21.90 97.19 32.66
C ASP D 173 22.54 95.81 32.58
N MET D 174 23.82 95.82 32.27
CA MET D 174 24.57 94.56 32.20
C MET D 174 24.76 93.91 33.57
N GLU D 175 25.02 94.76 34.58
CA GLU D 175 25.17 94.29 35.96
C GLU D 175 23.84 93.73 36.49
N LEU D 176 22.75 94.37 36.10
CA LEU D 176 21.41 93.93 36.51
C LEU D 176 21.07 92.54 35.96
N LEU D 177 21.46 92.35 34.70
CA LEU D 177 21.31 91.05 34.04
C LEU D 177 22.16 89.95 34.69
N ARG D 178 23.33 90.36 35.17
CA ARG D 178 24.24 89.43 35.86
C ARG D 178 23.60 88.86 37.15
N LYS D 179 22.97 89.77 37.89
CA LYS D 179 22.30 89.42 39.15
C LYS D 179 21.05 88.59 38.94
N CYS D 180 20.31 88.93 37.89
CA CYS D 180 19.08 88.20 37.53
C CYS D 180 19.40 86.78 37.00
N ALA D 181 20.57 86.66 36.37
CA ALA D 181 21.06 85.35 35.89
C ALA D 181 21.41 84.45 37.09
N SER D 182 22.05 85.04 38.09
CA SER D 182 22.42 84.34 39.33
C SER D 182 21.20 83.86 40.11
N VAL D 183 20.21 84.74 40.23
CA VAL D 183 18.94 84.45 40.95
C VAL D 183 18.19 83.29 40.27
N ALA D 184 18.06 83.42 38.96
CA ALA D 184 17.35 82.47 38.12
C ALA D 184 18.00 81.08 38.18
N ALA D 185 19.34 81.09 38.23
CA ALA D 185 20.13 79.85 38.33
C ALA D 185 19.90 79.12 39.65
N MET D 186 19.87 79.90 40.73
CA MET D 186 19.71 79.37 42.09
C MET D 186 18.32 78.81 42.32
N ALA D 187 17.33 79.45 41.67
CA ALA D 187 16.04 78.80 41.87
C ALA D 187 15.32 78.19 40.69
N HIS D 188 16.18 78.00 39.71
CA HIS D 188 15.87 77.20 38.52
C HIS D 188 14.69 77.85 37.79
N ALA D 189 14.69 79.16 37.67
CA ALA D 189 13.65 79.80 36.85
C ALA D 189 14.21 80.91 36.01
N PRO D 190 13.83 80.92 34.72
CA PRO D 190 14.34 81.89 33.74
C PRO D 190 13.82 83.30 33.99
N PHE D 191 14.65 84.25 33.63
CA PHE D 191 14.30 85.68 33.68
C PHE D 191 14.16 86.21 32.26
N ILE D 192 12.96 86.65 31.94
CA ILE D 192 12.63 87.15 30.59
C ILE D 192 12.35 88.64 30.66
N GLY D 193 12.87 89.34 29.65
CA GLY D 193 12.67 90.79 29.48
C GLY D 193 12.83 91.16 28.01
N ASN D 194 13.01 92.45 27.77
CA ASN D 194 13.15 92.97 26.40
C ASN D 194 14.41 93.82 26.23
N ALA D 195 14.82 93.98 24.99
CA ALA D 195 15.93 94.84 24.58
C ALA D 195 15.43 96.15 23.97
N ALA D 196 16.14 97.21 24.28
CA ALA D 196 15.80 98.54 23.76
C ALA D 196 16.35 98.73 22.33
N PRO D 197 15.75 99.58 21.48
CA PRO D 197 16.20 99.82 20.10
C PRO D 197 17.71 100.20 19.91
N GLU D 198 18.13 101.10 20.92
CA GLU D 198 19.49 101.62 20.98
C GLU D 198 20.54 100.55 21.23
N VAL D 199 20.11 99.35 21.68
CA VAL D 199 21.03 98.22 21.84
C VAL D 199 21.75 97.86 20.52
N PHE D 200 21.03 98.12 19.42
CA PHE D 200 21.55 97.85 18.07
C PHE D 200 22.10 99.12 17.40
N GLY D 201 22.23 100.18 18.22
CA GLY D 201 22.74 101.49 17.79
C GLY D 201 21.81 102.17 16.78
N GLU D 202 20.50 101.92 16.94
CA GLU D 202 19.48 102.56 16.10
C GLU D 202 18.48 103.32 16.98
N GLU D 203 17.91 104.36 16.41
CA GLU D 203 16.95 105.24 17.12
C GLU D 203 15.70 104.44 17.55
N SER D 204 15.15 103.63 16.64
CA SER D 204 14.00 102.77 16.94
C SER D 204 14.18 101.44 16.19
N PHE D 205 13.31 100.48 16.48
CA PHE D 205 13.32 99.19 15.77
C PHE D 205 12.99 99.29 14.27
N LEU D 206 12.45 100.45 13.86
CA LEU D 206 12.08 100.68 12.46
C LEU D 206 13.30 100.77 11.51
N LYS D 207 14.49 100.80 12.09
CA LYS D 207 15.72 100.81 11.26
C LYS D 207 16.48 99.47 11.30
N LEU D 208 15.84 98.41 11.77
CA LEU D 208 16.42 97.06 11.73
C LEU D 208 16.75 96.58 10.30
N PRO D 209 15.88 96.88 9.32
CA PRO D 209 16.12 96.59 7.89
C PRO D 209 17.43 97.22 7.35
N ASP D 210 17.84 98.34 7.94
CA ASP D 210 19.06 99.04 7.51
C ASP D 210 20.36 98.41 8.02
N LEU D 211 20.26 97.61 9.07
CA LEU D 211 21.43 96.94 9.63
C LEU D 211 21.90 95.82 8.70
N LYS D 212 23.10 96.03 8.18
CA LYS D 212 23.73 95.11 7.20
C LYS D 212 24.23 93.80 7.81
N ASP D 213 24.71 93.85 9.05
CA ASP D 213 25.29 92.69 9.72
C ASP D 213 25.39 92.90 11.25
N LEU D 214 24.50 92.23 11.97
CA LEU D 214 24.47 92.28 13.44
C LEU D 214 25.71 91.65 14.08
N LYS D 215 26.14 90.53 13.53
CA LYS D 215 27.31 89.79 14.03
C LYS D 215 28.56 90.69 14.08
N SER D 216 28.76 91.46 13.01
CA SER D 216 29.90 92.40 12.93
C SER D 216 29.71 93.61 13.84
N LEU D 217 28.45 94.03 13.98
CA LEU D 217 28.08 95.17 14.84
C LEU D 217 28.47 94.90 16.30
N PHE D 218 28.31 93.66 16.74
CA PHE D 218 28.61 93.26 18.13
C PHE D 218 30.09 93.00 18.42
N GLU D 219 30.94 93.32 17.44
CA GLU D 219 32.39 93.17 17.61
C GLU D 219 33.00 94.41 18.27
N GLY D 220 32.22 95.50 18.19
CA GLY D 220 32.74 96.73 18.75
C GLY D 220 32.98 96.62 20.28
N PRO D 221 33.93 97.42 20.75
CA PRO D 221 34.30 97.51 22.19
C PRO D 221 33.11 97.86 23.08
N GLN D 222 32.14 98.54 22.55
CA GLN D 222 30.89 98.93 23.23
C GLN D 222 30.15 97.74 23.86
N TYR D 223 30.31 96.55 23.26
CA TYR D 223 29.61 95.34 23.73
C TYR D 223 30.53 94.35 24.46
N ALA D 224 31.63 94.87 25.01
CA ALA D 224 32.62 94.04 25.73
C ALA D 224 31.98 93.25 26.88
N ARG D 225 31.19 93.95 27.69
CA ARG D 225 30.53 93.32 28.85
C ARG D 225 29.43 92.34 28.43
N TRP D 226 28.69 92.70 27.38
CA TRP D 226 27.62 91.85 26.87
C TRP D 226 28.16 90.52 26.33
N HIS D 227 29.34 90.61 25.70
CA HIS D 227 30.03 89.45 25.15
C HIS D 227 30.49 88.49 26.26
N SER D 228 30.97 89.06 27.36
CA SER D 228 31.40 88.26 28.53
C SER D 228 30.20 87.60 29.21
N PHE D 229 29.08 88.32 29.22
CA PHE D 229 27.83 87.86 29.82
C PHE D 229 27.30 86.60 29.13
N ARG D 230 27.41 86.59 27.81
CA ARG D 230 26.97 85.45 26.99
C ARG D 230 27.79 84.17 27.22
N GLU D 231 28.98 84.34 27.78
CA GLU D 231 29.90 83.23 28.07
C GLU D 231 29.72 82.63 29.48
N SER D 232 29.04 83.36 30.35
CA SER D 232 28.78 82.85 31.71
C SER D 232 27.83 81.64 31.67
N GLU D 233 28.06 80.73 32.59
CA GLU D 233 27.20 79.55 32.80
C GLU D 233 25.79 79.90 33.33
N ASP D 234 25.66 81.13 33.84
CA ASP D 234 24.38 81.65 34.34
C ASP D 234 23.49 82.22 33.23
N ALA D 235 24.10 82.47 32.08
CA ALA D 235 23.40 83.05 30.91
C ALA D 235 22.23 82.17 30.41
N ARG D 236 22.25 80.89 30.75
CA ARG D 236 21.13 79.98 30.40
C ARG D 236 19.77 80.40 30.96
N TYR D 237 19.80 81.24 32.00
CA TYR D 237 18.55 81.67 32.66
C TYR D 237 18.15 83.10 32.33
N VAL D 238 18.74 83.64 31.28
CA VAL D 238 18.35 84.94 30.73
C VAL D 238 17.81 84.75 29.30
N GLY D 239 16.77 85.53 29.03
CA GLY D 239 16.12 85.57 27.71
C GLY D 239 15.55 86.95 27.45
N LEU D 240 16.06 87.57 26.40
CA LEU D 240 15.62 88.92 26.00
C LEU D 240 14.92 88.86 24.64
N ALA D 241 13.85 89.63 24.53
CA ALA D 241 13.05 89.71 23.30
C ALA D 241 13.39 90.99 22.51
N LEU D 242 13.08 90.98 21.26
CA LEU D 242 13.42 92.12 20.34
C LEU D 242 12.28 93.15 20.28
N PRO D 243 11.50 93.20 19.03
CA PRO D 243 10.73 94.38 18.83
C PRO D 243 9.48 94.32 19.71
N ARG D 244 8.98 95.48 20.06
CA ARG D 244 7.72 95.58 20.82
C ARG D 244 6.53 95.21 19.91
N PHE D 245 5.34 95.52 20.38
CA PHE D 245 4.10 95.29 19.62
C PHE D 245 2.98 96.18 20.15
N LEU D 246 2.07 96.52 19.27
CA LEU D 246 0.92 97.39 19.60
C LEU D 246 0.02 96.77 20.68
N LEU D 247 -0.45 97.65 21.55
CA LEU D 247 -1.42 97.28 22.60
C LEU D 247 -2.81 97.84 22.30
N ARG D 248 -2.81 99.03 21.71
CA ARG D 248 -4.04 99.78 21.46
C ARG D 248 -4.09 100.35 20.04
N LEU D 249 -5.25 100.22 19.45
CA LEU D 249 -5.57 100.87 18.18
C LEU D 249 -5.96 102.33 18.50
N PRO D 250 -5.36 103.27 17.76
CA PRO D 250 -5.57 104.73 17.96
C PRO D 250 -7.06 105.05 17.95
N TYR D 251 -7.46 106.02 18.79
CA TYR D 251 -8.86 106.44 18.94
C TYR D 251 -9.46 106.98 17.64
N GLY D 252 -10.68 106.54 17.33
CA GLY D 252 -11.34 106.90 16.06
C GLY D 252 -12.83 106.75 16.23
N GLU D 253 -13.54 107.70 15.62
CA GLU D 253 -15.02 107.76 15.65
C GLU D 253 -15.69 106.43 15.24
N LYS D 254 -15.00 105.69 14.37
CA LYS D 254 -15.50 104.40 13.87
C LYS D 254 -14.85 103.19 14.53
N THR D 255 -13.51 103.13 14.44
CA THR D 255 -12.74 101.97 14.91
C THR D 255 -12.64 101.86 16.45
N VAL D 256 -12.51 103.01 17.11
CA VAL D 256 -12.37 103.06 18.58
C VAL D 256 -12.94 104.37 19.16
N PRO D 257 -14.24 104.46 19.16
CA PRO D 257 -14.98 105.65 19.60
C PRO D 257 -14.98 105.81 21.12
N VAL D 258 -15.12 107.05 21.52
CA VAL D 258 -15.28 107.45 22.93
C VAL D 258 -16.63 108.16 23.10
N LYS D 259 -17.06 108.31 24.34
CA LYS D 259 -18.36 108.93 24.66
C LYS D 259 -18.26 110.46 24.57
N ALA D 260 -19.40 111.07 24.22
CA ALA D 260 -19.57 112.54 24.16
C ALA D 260 -18.60 113.21 23.17
N PHE D 261 -17.39 113.50 23.67
CA PHE D 261 -16.32 114.14 22.94
C PHE D 261 -15.98 113.34 21.67
N ASN D 262 -16.06 114.04 20.54
CA ASN D 262 -15.74 113.44 19.23
C ASN D 262 -14.22 113.46 19.02
N PHE D 263 -13.56 112.54 19.70
CA PHE D 263 -12.09 112.44 19.68
C PHE D 263 -11.61 111.52 18.55
N THR D 264 -10.70 112.07 17.77
CA THR D 264 -9.97 111.34 16.71
C THR D 264 -8.47 111.47 16.96
N GLU D 265 -7.88 110.44 17.55
CA GLU D 265 -6.45 110.49 17.86
C GLU D 265 -5.62 110.67 16.57
N ASP D 266 -4.66 111.58 16.68
CA ASP D 266 -3.78 111.89 15.54
C ASP D 266 -2.34 111.46 15.81
N VAL D 267 -2.02 110.28 15.34
CA VAL D 267 -0.64 109.77 15.37
C VAL D 267 0.19 110.56 14.33
N VAL D 268 1.21 111.26 14.81
CA VAL D 268 2.13 112.03 13.93
C VAL D 268 3.04 111.08 13.12
N GLY D 269 4.16 111.67 12.63
CA GLY D 269 5.26 111.00 11.97
C GLY D 269 5.99 110.03 12.93
N HIS D 270 6.03 110.40 14.21
CA HIS D 270 6.65 109.55 15.26
C HIS D 270 5.71 108.41 15.64
N HIS D 271 6.14 107.21 15.30
CA HIS D 271 5.41 105.98 15.67
C HIS D 271 5.41 105.73 17.19
N GLU D 272 6.25 106.48 17.92
CA GLU D 272 6.29 106.41 19.38
C GLU D 272 4.98 106.89 20.03
N ARG D 273 4.17 107.58 19.21
CA ARG D 273 2.80 107.95 19.58
C ARG D 273 1.90 106.73 19.80
N TYR D 274 2.18 105.66 19.07
CA TYR D 274 1.50 104.37 19.28
C TYR D 274 1.86 103.79 20.66
N LEU D 275 0.84 103.20 21.28
CA LEU D 275 1.01 102.52 22.58
C LEU D 275 1.67 101.15 22.41
N TRP D 276 2.99 101.17 22.32
CA TRP D 276 3.79 99.95 22.21
C TRP D 276 3.84 99.21 23.55
N GLY D 277 3.90 97.90 23.48
CA GLY D 277 3.90 97.00 24.64
C GLY D 277 5.12 96.09 24.66
N HIS D 278 5.50 95.70 25.86
CA HIS D 278 6.66 94.83 26.08
C HIS D 278 6.36 93.40 25.59
N ALA D 279 7.09 92.97 24.57
CA ALA D 279 6.91 91.63 23.97
C ALA D 279 7.09 90.46 24.96
N SER D 280 7.82 90.72 26.06
CA SER D 280 8.07 89.72 27.11
C SER D 280 6.77 89.08 27.64
N VAL D 281 5.70 89.89 27.67
CA VAL D 281 4.36 89.43 28.06
C VAL D 281 3.78 88.41 27.08
N ALA D 282 4.01 88.65 25.79
CA ALA D 282 3.53 87.78 24.70
C ALA D 282 4.21 86.41 24.82
N LEU D 283 5.51 86.44 25.11
CA LEU D 283 6.29 85.23 25.36
C LEU D 283 5.80 84.51 26.63
N THR D 284 5.41 85.29 27.63
CA THR D 284 4.87 84.74 28.91
C THR D 284 3.54 84.04 28.62
N SER D 285 2.74 84.49 27.73
CA SER D 285 1.45 83.82 27.42
C SER D 285 1.69 82.47 26.71
N ARG D 286 2.81 82.41 26.00
CA ARG D 286 3.25 81.17 25.32
C ARG D 286 3.56 80.07 26.33
N VAL D 287 4.26 80.46 27.38
CA VAL D 287 4.61 79.55 28.49
C VAL D 287 3.34 79.03 29.19
N ALA D 288 2.39 79.97 29.37
CA ALA D 288 1.13 79.68 30.08
C ALA D 288 0.27 78.67 29.32
N ASP D 289 0.18 78.86 27.99
CA ASP D 289 -0.64 77.97 27.14
C ASP D 289 -0.11 76.53 27.12
N SER D 290 1.21 76.42 26.96
CA SER D 290 1.88 75.10 26.96
C SER D 290 1.63 74.35 28.27
N PHE D 291 1.73 75.09 29.38
CA PHE D 291 1.48 74.55 30.72
C PHE D 291 0.00 74.20 30.93
N ALA D 292 -0.88 75.07 30.47
CA ALA D 292 -2.34 74.89 30.62
C ALA D 292 -2.80 73.59 29.96
N LYS D 293 -2.17 73.27 28.82
CA LYS D 293 -2.51 72.07 28.04
C LYS D 293 -1.81 70.79 28.54
N PHE D 294 -0.55 70.93 28.92
CA PHE D 294 0.31 69.75 29.19
C PHE D 294 0.95 69.69 30.56
N ARG D 295 1.00 70.82 31.25
CA ARG D 295 1.71 70.99 32.54
C ARG D 295 3.22 70.99 32.34
N TRP D 296 3.63 71.25 31.10
CA TRP D 296 5.04 71.41 30.71
C TRP D 296 5.13 72.62 29.78
N SER D 297 6.29 73.25 29.76
CA SER D 297 6.51 74.43 28.88
C SER D 297 7.64 74.27 27.83
N PRO D 298 7.47 73.34 26.89
CA PRO D 298 8.37 73.26 25.72
C PRO D 298 7.73 73.74 24.41
N ASN D 299 6.40 73.81 24.37
CA ASN D 299 5.67 74.13 23.12
C ASN D 299 5.43 75.63 22.97
N ILE D 300 6.50 76.33 22.62
CA ILE D 300 6.49 77.80 22.59
C ILE D 300 7.30 78.41 21.42
N ILE D 301 7.61 77.59 20.42
CA ILE D 301 8.55 78.00 19.35
C ILE D 301 8.10 77.68 17.92
N GLY D 302 6.85 77.99 17.61
CA GLY D 302 6.34 77.64 16.28
C GLY D 302 4.96 78.20 15.96
N PRO D 303 4.75 78.48 14.68
CA PRO D 303 3.45 78.93 14.13
C PRO D 303 2.34 77.93 14.45
N GLN D 304 2.71 76.65 14.47
CA GLN D 304 1.77 75.55 14.75
C GLN D 304 2.01 74.88 16.10
N SER D 305 3.27 74.94 16.56
CA SER D 305 3.67 74.26 17.82
C SER D 305 3.06 74.92 19.07
N GLY D 306 2.89 76.25 18.99
CA GLY D 306 2.25 77.04 20.07
C GLY D 306 3.08 78.26 20.50
N GLY D 307 3.96 78.70 19.58
CA GLY D 307 4.71 79.96 19.73
C GLY D 307 4.09 81.07 18.87
N ALA D 308 2.88 80.82 18.36
CA ALA D 308 2.11 81.78 17.57
C ALA D 308 1.32 82.71 18.49
N VAL D 309 1.42 83.98 18.19
CA VAL D 309 0.70 85.07 18.89
C VAL D 309 -0.42 85.52 17.95
N GLU D 310 -1.63 85.22 18.35
CA GLU D 310 -2.82 85.49 17.52
C GLU D 310 -3.58 86.70 18.03
N ASN D 311 -4.25 87.37 17.10
CA ASN D 311 -5.15 88.51 17.37
C ASN D 311 -4.40 89.78 17.77
N LEU D 312 -3.56 90.23 16.86
CA LEU D 312 -2.83 91.49 17.03
C LEU D 312 -3.67 92.68 16.53
N PRO D 313 -3.54 93.82 17.19
CA PRO D 313 -4.19 95.08 16.77
C PRO D 313 -3.73 95.46 15.36
N LEU D 314 -4.67 96.00 14.60
CA LEU D 314 -4.39 96.46 13.21
C LEU D 314 -4.79 97.94 13.11
N HIS D 315 -4.18 98.65 12.18
CA HIS D 315 -4.50 100.08 11.95
C HIS D 315 -4.27 100.50 10.49
N GLN D 316 -5.31 100.44 9.70
CA GLN D 316 -5.27 100.91 8.30
C GLN D 316 -5.36 102.43 8.25
N TYR D 317 -4.45 103.02 7.49
CA TYR D 317 -4.37 104.48 7.30
C TYR D 317 -3.83 104.78 5.90
N GLU D 318 -4.04 106.01 5.47
CA GLU D 318 -3.63 106.44 4.13
C GLU D 318 -2.10 106.41 3.99
N ALA D 319 -1.69 105.92 2.85
CA ALA D 319 -0.26 105.91 2.50
C ALA D 319 0.02 107.00 1.46
N MET D 320 0.62 106.66 0.33
CA MET D 320 0.89 107.59 -0.79
C MET D 320 -0.28 107.67 -1.79
N GLY D 321 -1.50 107.72 -1.22
CA GLY D 321 -2.74 107.67 -2.03
C GLY D 321 -3.44 106.31 -1.90
N GLU D 322 -2.75 105.34 -1.34
CA GLU D 322 -3.23 103.98 -1.09
C GLU D 322 -3.52 103.83 0.40
N ILE D 323 -3.75 102.61 0.82
CA ILE D 323 -3.97 102.27 2.23
C ILE D 323 -2.96 101.20 2.67
N GLN D 324 -2.55 101.30 3.90
CA GLN D 324 -1.66 100.32 4.54
C GLN D 324 -1.96 100.28 6.04
N THR D 325 -1.61 99.16 6.65
CA THR D 325 -1.80 98.97 8.10
C THR D 325 -0.46 99.11 8.80
N LYS D 326 -0.48 99.81 9.92
CA LYS D 326 0.68 99.86 10.81
C LYS D 326 0.96 98.43 11.30
N ILE D 327 2.17 97.97 11.00
CA ILE D 327 2.62 96.62 11.41
C ILE D 327 2.54 96.53 12.95
N PRO D 328 1.91 95.47 13.44
CA PRO D 328 1.76 95.19 14.88
C PRO D 328 3.09 95.21 15.61
N THR D 329 4.15 94.80 14.95
CA THR D 329 5.53 94.96 15.42
C THR D 329 6.13 96.09 14.60
N GLU D 330 7.08 96.81 15.15
CA GLU D 330 7.73 97.98 14.51
C GLU D 330 8.12 97.67 13.05
N VAL D 331 8.65 96.46 12.85
CA VAL D 331 9.09 96.01 11.52
C VAL D 331 8.51 94.64 11.12
N MET D 332 8.65 94.38 9.83
CA MET D 332 8.35 93.06 9.25
C MET D 332 9.66 92.31 9.05
N LEU D 333 10.01 91.56 10.09
CA LEU D 333 11.26 90.83 10.12
C LEU D 333 11.28 89.70 9.04
N THR D 334 12.32 89.72 8.20
CA THR D 334 12.65 88.69 7.21
C THR D 334 13.24 87.43 7.90
N GLU D 335 13.18 86.31 7.19
CA GLU D 335 13.71 85.05 7.75
C GLU D 335 15.22 85.16 8.05
N ARG D 336 15.95 85.85 7.17
CA ARG D 336 17.40 86.02 7.33
C ARG D 336 17.72 86.89 8.55
N ARG D 337 16.94 87.94 8.71
CA ARG D 337 17.18 88.85 9.85
C ARG D 337 16.80 88.21 11.19
N GLU D 338 15.73 87.40 11.18
CA GLU D 338 15.31 86.62 12.36
C GLU D 338 16.42 85.66 12.77
N PHE D 339 16.98 84.99 11.77
CA PHE D 339 18.04 84.00 11.99
C PHE D 339 19.30 84.65 12.57
N GLU D 340 19.58 85.87 12.10
CA GLU D 340 20.71 86.66 12.59
C GLU D 340 20.54 87.00 14.07
N LEU D 341 19.33 87.44 14.41
CA LEU D 341 18.96 87.73 15.80
C LEU D 341 19.02 86.51 16.72
N SER D 342 18.63 85.38 16.15
CA SER D 342 18.67 84.08 16.85
C SER D 342 20.11 83.68 17.18
N GLU D 343 21.02 83.96 16.24
CA GLU D 343 22.46 83.72 16.40
C GLU D 343 23.08 84.59 17.50
N GLU D 344 22.49 85.77 17.68
CA GLU D 344 22.93 86.72 18.72
C GLU D 344 22.13 86.62 20.03
N GLY D 345 21.41 85.49 20.16
CA GLY D 345 20.69 85.12 21.38
C GLY D 345 19.54 86.07 21.73
N PHE D 346 18.86 86.57 20.71
CA PHE D 346 17.64 87.37 20.90
C PHE D 346 16.41 86.54 20.50
N ILE D 347 15.31 86.85 21.16
CA ILE D 347 14.00 86.21 20.90
C ILE D 347 13.15 87.21 20.11
N GLY D 348 13.22 87.07 18.79
CA GLY D 348 12.51 87.97 17.86
C GLY D 348 11.11 87.46 17.54
N LEU D 349 10.12 88.25 17.93
CA LEU D 349 8.71 88.02 17.57
C LEU D 349 8.50 88.55 16.14
N VAL D 350 8.47 87.64 15.19
CA VAL D 350 8.29 88.02 13.78
C VAL D 350 6.79 88.18 13.47
N PHE D 351 6.52 89.10 12.56
CA PHE D 351 5.16 89.35 12.09
C PHE D 351 4.88 88.59 10.80
N ARG D 352 3.75 87.90 10.78
CA ARG D 352 3.27 87.19 9.59
C ARG D 352 2.66 88.22 8.63
N LYS D 353 3.35 88.42 7.52
CA LYS D 353 2.99 89.46 6.54
C LYS D 353 1.53 89.36 6.13
N ASP D 354 0.87 90.53 6.16
CA ASP D 354 -0.53 90.69 5.72
C ASP D 354 -1.57 90.03 6.66
N SER D 355 -1.19 89.76 7.90
CA SER D 355 -2.13 89.17 8.86
C SER D 355 -2.11 89.95 10.18
N ASP D 356 -2.67 89.38 11.22
CA ASP D 356 -2.62 89.90 12.60
C ASP D 356 -1.97 88.86 13.53
N ASN D 357 -1.12 88.02 12.94
CA ASN D 357 -0.45 86.93 13.66
C ASN D 357 1.06 87.11 13.60
N ALA D 358 1.69 86.84 14.73
CA ALA D 358 3.14 86.83 14.89
C ALA D 358 3.59 85.49 15.49
N ALA D 359 4.85 85.14 15.33
CA ALA D 359 5.38 83.87 15.87
C ALA D 359 6.80 83.98 16.42
N PHE D 360 7.06 83.18 17.43
CA PHE D 360 8.41 82.99 17.99
C PHE D 360 9.01 81.72 17.39
N PHE D 361 9.84 81.90 16.38
CA PHE D 361 10.50 80.76 15.71
C PHE D 361 11.45 79.96 16.61
N SER D 362 12.04 80.63 17.60
CA SER D 362 12.91 79.97 18.59
C SER D 362 13.09 80.84 19.84
N ALA D 363 13.44 80.17 20.92
CA ALA D 363 13.67 80.81 22.23
C ALA D 363 15.06 80.47 22.78
N ASN D 364 16.07 80.86 22.02
CA ASN D 364 17.46 80.72 22.48
C ASN D 364 17.71 81.66 23.66
N SER D 365 18.47 81.19 24.63
CA SER D 365 18.84 82.04 25.78
C SER D 365 19.96 82.99 25.35
N THR D 366 20.40 83.81 26.27
CA THR D 366 21.55 84.71 26.01
C THR D 366 22.85 83.92 25.77
N GLN D 367 22.98 82.78 26.45
CA GLN D 367 24.22 81.99 26.39
C GLN D 367 24.62 81.63 24.96
N LYS D 368 25.91 81.84 24.70
CA LYS D 368 26.53 81.52 23.42
C LYS D 368 27.05 80.07 23.47
N PRO D 369 26.69 79.26 22.46
CA PRO D 369 27.16 77.87 22.34
C PRO D 369 28.70 77.80 22.25
N ARG D 370 29.24 76.76 22.84
CA ARG D 370 30.69 76.47 22.80
C ARG D 370 31.00 75.52 21.64
N PHE D 371 32.16 75.71 21.04
CA PHE D 371 32.63 74.83 19.96
C PHE D 371 33.65 73.84 20.50
N PHE D 372 33.53 72.61 20.06
CA PHE D 372 34.42 71.51 20.45
C PHE D 372 35.07 70.88 19.22
N GLY D 373 36.14 70.10 19.47
CA GLY D 373 36.87 69.39 18.40
C GLY D 373 35.90 68.49 17.62
N ASN D 374 36.10 68.45 16.31
CA ASN D 374 35.23 67.69 15.40
C ASN D 374 35.52 66.18 15.44
N THR D 375 35.20 65.60 16.58
CA THR D 375 35.35 64.17 16.82
C THR D 375 34.02 63.61 17.34
N PRO D 376 33.86 62.29 17.46
CA PRO D 376 32.61 61.67 17.96
C PRO D 376 32.22 62.22 19.34
N GLU D 377 33.22 62.29 20.23
CA GLU D 377 33.04 62.82 21.59
C GLU D 377 32.83 64.34 21.60
N GLY D 378 33.59 65.02 20.73
CA GLY D 378 33.55 66.50 20.64
C GLY D 378 32.19 67.02 20.15
N LYS D 379 31.61 66.30 19.19
CA LYS D 379 30.30 66.65 18.62
C LYS D 379 29.16 66.33 19.58
N ALA D 380 29.36 65.28 20.38
CA ALA D 380 28.43 64.92 21.46
C ALA D 380 28.41 66.00 22.54
N ALA D 381 29.58 66.57 22.81
CA ALA D 381 29.75 67.67 23.77
C ALA D 381 29.01 68.93 23.31
N GLU D 382 29.11 69.19 22.01
CA GLU D 382 28.44 70.32 21.38
C GLU D 382 26.91 70.15 21.42
N THR D 383 26.43 68.94 21.12
CA THR D 383 24.99 68.59 21.17
C THR D 383 24.44 68.87 22.57
N ASN D 384 25.16 68.38 23.57
CA ASN D 384 24.73 68.50 24.97
C ASN D 384 24.71 69.96 25.45
N TYR D 385 25.73 70.71 25.03
CA TYR D 385 25.87 72.12 25.43
C TYR D 385 24.79 73.00 24.78
N ARG D 386 24.49 72.71 23.52
CA ARG D 386 23.46 73.44 22.76
C ARG D 386 22.05 73.24 23.33
N LEU D 387 21.79 72.03 23.82
CA LEU D 387 20.50 71.74 24.47
C LEU D 387 20.29 72.62 25.70
N GLY D 388 21.42 72.84 26.41
CA GLY D 388 21.48 73.71 27.59
C GLY D 388 21.19 75.18 27.26
N THR D 389 21.61 75.60 26.07
CA THR D 389 21.50 77.01 25.64
C THR D 389 20.08 77.41 25.21
N GLN D 390 19.20 76.43 25.03
CA GLN D 390 17.84 76.70 24.55
C GLN D 390 16.80 76.53 25.66
N LEU D 391 15.99 77.55 25.80
CA LEU D 391 14.89 77.63 26.79
C LEU D 391 13.84 76.50 26.69
N PRO D 392 13.43 76.08 25.49
CA PRO D 392 12.46 74.98 25.31
C PRO D 392 12.86 73.68 26.03
N TYR D 393 14.16 73.50 26.28
CA TYR D 393 14.69 72.31 26.96
C TYR D 393 15.00 72.58 28.44
N MET D 394 15.46 73.80 28.72
CA MET D 394 15.73 74.24 30.10
C MET D 394 14.45 74.26 30.94
N PHE D 395 13.32 74.49 30.31
CA PHE D 395 12.03 74.51 31.03
C PHE D 395 11.68 73.12 31.57
N ILE D 396 12.12 72.11 30.82
CA ILE D 396 11.95 70.71 31.24
C ILE D 396 12.78 70.44 32.50
N MET D 397 14.04 70.84 32.45
CA MET D 397 14.93 70.62 33.61
C MET D 397 14.47 71.43 34.84
N THR D 398 13.92 72.62 34.60
CA THR D 398 13.43 73.51 35.66
C THR D 398 12.29 72.83 36.43
N ARG D 399 11.34 72.27 35.69
CA ARG D 399 10.18 71.58 36.31
C ARG D 399 10.61 70.31 37.04
N LEU D 400 11.60 69.63 36.46
CA LEU D 400 12.19 68.42 37.08
C LEU D 400 12.87 68.75 38.40
N ALA D 401 13.57 69.88 38.41
CA ALA D 401 14.25 70.40 39.61
C ALA D 401 13.24 70.76 40.71
N HIS D 402 12.11 71.32 40.29
CA HIS D 402 11.04 71.68 41.23
C HIS D 402 10.34 70.47 41.84
N TYR D 403 10.14 69.44 41.02
CA TYR D 403 9.50 68.20 41.48
C TYR D 403 10.39 67.41 42.43
N ILE D 404 11.69 67.40 42.14
CA ILE D 404 12.69 66.68 42.95
C ILE D 404 12.80 67.30 44.36
N LYS D 405 12.87 68.64 44.39
CA LYS D 405 13.00 69.40 45.64
C LYS D 405 11.82 69.10 46.59
N VAL D 406 10.63 69.21 46.03
CA VAL D 406 9.37 68.99 46.79
C VAL D 406 9.27 67.53 47.25
N LEU D 407 9.19 66.63 46.27
CA LEU D 407 8.94 65.20 46.53
C LEU D 407 10.00 64.53 47.41
N GLN D 408 11.24 64.99 47.29
CA GLN D 408 12.35 64.44 48.08
C GLN D 408 12.31 64.84 49.55
N ARG D 409 11.84 66.05 49.83
CA ARG D 409 11.68 66.52 51.22
C ARG D 409 10.68 65.67 52.01
N GLU D 410 9.68 65.18 51.28
CA GLU D 410 8.67 64.25 51.84
C GLU D 410 9.27 62.90 52.26
N GLN D 411 10.35 62.52 51.57
CA GLN D 411 11.03 61.24 51.79
C GLN D 411 12.09 61.27 52.88
N ILE D 412 12.54 62.47 53.28
CA ILE D 412 13.55 62.59 54.35
C ILE D 412 13.05 61.89 55.62
N GLY D 413 13.95 61.06 56.16
CA GLY D 413 13.64 60.30 57.39
C GLY D 413 13.29 58.83 57.12
N SER D 414 12.92 58.53 55.87
CA SER D 414 12.59 57.16 55.45
C SER D 414 13.84 56.27 55.39
N TRP D 415 13.61 54.97 55.58
CA TRP D 415 14.69 53.95 55.53
C TRP D 415 15.12 53.71 54.09
N LYS D 416 16.04 54.54 53.60
CA LYS D 416 16.53 54.42 52.22
C LYS D 416 18.01 54.08 52.18
N GLU D 417 18.31 52.95 51.59
CA GLU D 417 19.68 52.53 51.24
C GLU D 417 19.97 53.03 49.82
N LYS D 418 21.23 52.97 49.40
CA LYS D 418 21.65 53.51 48.09
C LYS D 418 20.79 53.02 46.90
N SER D 419 20.65 51.70 46.80
CA SER D 419 19.87 51.04 45.73
C SER D 419 18.37 51.30 45.85
N ASP D 420 17.92 51.68 47.05
CA ASP D 420 16.51 52.07 47.25
C ASP D 420 16.16 53.35 46.49
N LEU D 421 17.10 54.29 46.50
CA LEU D 421 16.96 55.55 45.75
C LEU D 421 16.98 55.33 44.24
N GLU D 422 17.85 54.42 43.79
CA GLU D 422 17.94 54.11 42.36
C GLU D 422 16.65 53.46 41.84
N ARG D 423 16.09 52.57 42.67
CA ARG D 423 14.83 51.89 42.32
C ARG D 423 13.66 52.87 42.22
N GLU D 424 13.50 53.67 43.28
CA GLU D 424 12.37 54.61 43.36
C GLU D 424 12.50 55.77 42.38
N LEU D 425 13.69 56.34 42.30
CA LEU D 425 13.97 57.44 41.34
C LEU D 425 13.76 57.03 39.88
N ASN D 426 14.08 55.77 39.58
CA ASN D 426 13.85 55.22 38.23
C ASN D 426 12.36 55.09 37.92
N HIS D 427 11.62 54.55 38.89
CA HIS D 427 10.17 54.39 38.74
C HIS D 427 9.46 55.74 38.62
N TRP D 428 10.02 56.74 39.28
CA TRP D 428 9.46 58.10 39.27
C TRP D 428 9.66 58.77 37.90
N LEU D 429 10.90 58.76 37.42
CA LEU D 429 11.23 59.48 36.19
C LEU D 429 10.48 58.91 34.98
N SER D 430 10.26 57.60 35.00
CA SER D 430 9.50 56.91 33.94
C SER D 430 8.13 57.54 33.69
N GLN D 431 7.61 58.21 34.71
CA GLN D 431 6.32 58.91 34.64
C GLN D 431 6.25 59.92 33.48
N TYR D 432 7.39 60.53 33.15
CA TYR D 432 7.44 61.56 32.10
C TYR D 432 8.22 61.11 30.85
N ILE D 433 8.31 59.81 30.65
CA ILE D 433 9.04 59.25 29.50
C ILE D 433 8.08 58.64 28.50
N SER D 434 8.33 58.96 27.24
CA SER D 434 7.59 58.38 26.10
C SER D 434 8.60 57.77 25.15
N ASP D 435 8.93 56.53 25.40
CA ASP D 435 9.98 55.78 24.68
C ASP D 435 9.40 54.80 23.65
N MET D 436 8.33 55.23 22.99
CA MET D 436 7.70 54.39 21.98
C MET D 436 8.35 54.65 20.61
N ASP D 437 8.10 53.73 19.70
CA ASP D 437 8.64 53.81 18.31
C ASP D 437 8.29 55.14 17.63
N ASP D 438 7.06 55.60 17.87
CA ASP D 438 6.51 56.81 17.25
C ASP D 438 5.27 57.28 18.03
N PRO D 439 5.48 58.02 19.08
CA PRO D 439 4.41 58.66 19.89
C PRO D 439 3.72 59.69 19.02
N ALA D 440 2.41 59.84 19.29
CA ALA D 440 1.65 60.82 18.54
C ALA D 440 2.33 62.20 18.63
N PRO D 441 2.51 62.86 17.49
CA PRO D 441 3.23 64.14 17.40
C PRO D 441 2.52 65.16 18.27
N ALA D 442 3.31 65.93 19.02
CA ALA D 442 2.80 66.91 20.01
C ALA D 442 2.01 66.23 21.14
N VAL D 443 2.38 64.99 21.44
CA VAL D 443 1.77 64.19 22.53
C VAL D 443 2.88 63.74 23.49
N ARG D 444 4.00 63.36 22.88
CA ARG D 444 5.36 63.75 23.29
C ARG D 444 5.42 65.03 24.14
N SER D 445 4.45 65.91 23.89
CA SER D 445 4.30 67.15 24.65
C SER D 445 4.09 66.94 26.16
N ARG D 446 3.10 66.11 26.55
CA ARG D 446 2.87 65.81 27.97
C ARG D 446 4.00 64.95 28.60
N ARG D 447 4.67 64.17 27.74
CA ARG D 447 5.83 63.37 28.15
C ARG D 447 7.07 63.79 27.34
N PRO D 448 7.72 64.87 27.80
CA PRO D 448 8.82 65.55 27.09
C PRO D 448 10.08 64.71 26.90
N LEU D 449 10.29 63.75 27.79
CA LEU D 449 11.51 62.91 27.79
C LEU D 449 11.34 61.64 26.96
N ARG D 450 12.44 61.25 26.35
CA ARG D 450 12.51 60.01 25.55
C ARG D 450 13.28 58.92 26.33
N ALA D 451 14.39 59.32 26.93
CA ALA D 451 15.21 58.43 27.77
C ALA D 451 15.73 59.20 28.98
N ALA D 452 16.11 58.44 29.98
CA ALA D 452 16.75 58.99 31.19
C ALA D 452 17.49 57.94 31.99
N ARG D 453 18.56 58.43 32.60
CA ARG D 453 19.47 57.58 33.38
C ARG D 453 19.73 58.20 34.75
N VAL D 454 19.68 57.33 35.76
CA VAL D 454 19.94 57.71 37.15
C VAL D 454 21.00 56.78 37.75
N VAL D 455 21.98 57.42 38.37
CA VAL D 455 22.98 56.72 39.21
C VAL D 455 23.01 57.37 40.60
N VAL D 456 23.15 56.52 41.61
CA VAL D 456 23.23 56.99 43.00
C VAL D 456 24.47 56.39 43.66
N GLU D 457 25.24 57.25 44.27
CA GLU D 457 26.41 56.82 45.05
C GLU D 457 26.27 57.32 46.49
N ASP D 458 27.20 56.91 47.32
CA ASP D 458 27.18 57.28 48.75
C ASP D 458 28.20 58.38 49.02
N VAL D 459 27.79 59.33 49.83
CA VAL D 459 28.71 60.35 50.37
C VAL D 459 29.53 59.68 51.48
N GLU D 460 30.74 59.28 51.11
CA GLU D 460 31.61 58.52 52.03
C GLU D 460 31.92 59.35 53.29
N GLY D 461 31.79 58.66 54.43
CA GLY D 461 31.98 59.26 55.77
C GLY D 461 30.81 60.17 56.17
N GLN D 462 29.66 59.96 55.54
CA GLN D 462 28.40 60.66 55.87
C GLN D 462 27.21 59.74 55.58
N PRO D 463 26.91 58.86 56.53
CA PRO D 463 25.84 57.84 56.37
C PRO D 463 24.47 58.53 56.32
N GLY D 464 23.69 58.13 55.30
CA GLY D 464 22.35 58.70 55.09
C GLY D 464 22.30 59.72 53.95
N TRP D 465 23.48 60.16 53.51
CA TRP D 465 23.61 61.13 52.42
C TRP D 465 24.10 60.44 51.14
N TYR D 466 23.53 60.90 50.04
CA TYR D 466 23.77 60.30 48.72
C TYR D 466 24.09 61.36 47.67
N ARG D 467 24.79 60.91 46.64
CA ARG D 467 25.11 61.73 45.46
C ARG D 467 24.41 61.15 44.22
N CYS D 468 23.47 61.90 43.70
CA CYS D 468 22.63 61.42 42.60
C CYS D 468 22.91 62.18 41.30
N SER D 469 22.98 61.42 40.23
CA SER D 469 23.15 61.98 38.87
C SER D 469 21.97 61.59 37.99
N LEU D 470 21.35 62.62 37.45
CA LEU D 470 20.19 62.49 36.56
C LEU D 470 20.48 63.12 35.20
N GLN D 471 20.48 62.27 34.18
CA GLN D 471 20.70 62.70 32.79
C GLN D 471 19.51 62.28 31.92
N VAL D 472 19.05 63.20 31.10
CA VAL D 472 17.83 62.99 30.29
C VAL D 472 18.03 63.34 28.82
N ARG D 473 17.32 62.62 27.97
CA ARG D 473 17.32 62.83 26.52
C ARG D 473 15.89 63.23 26.10
N PRO D 474 15.65 64.52 25.95
CA PRO D 474 14.34 65.08 25.55
C PRO D 474 14.08 64.82 24.07
N HIS D 475 12.81 64.81 23.68
CA HIS D 475 12.45 64.77 22.25
C HIS D 475 12.93 66.07 21.59
N PHE D 476 13.34 65.97 20.34
CA PHE D 476 13.90 67.13 19.63
C PHE D 476 12.88 67.95 18.86
N LYS D 477 13.04 69.24 18.98
CA LYS D 477 12.25 70.21 18.20
C LYS D 477 12.86 70.35 16.79
N TYR D 478 11.98 70.44 15.81
CA TYR D 478 12.36 70.71 14.42
C TYR D 478 12.69 72.20 14.26
N MET D 479 13.96 72.51 14.04
CA MET D 479 14.43 73.91 14.07
C MET D 479 15.28 74.34 12.87
N GLY D 480 15.03 73.69 11.71
CA GLY D 480 15.77 74.02 10.48
C GLY D 480 16.29 72.78 9.76
N ALA D 481 16.57 72.97 8.48
CA ALA D 481 16.98 71.91 7.56
C ALA D 481 17.45 72.48 6.23
N SER D 482 18.36 71.76 5.59
CA SER D 482 18.87 72.11 4.26
C SER D 482 18.37 71.08 3.25
N PHE D 483 17.94 71.58 2.10
CA PHE D 483 17.39 70.73 1.02
C PHE D 483 18.25 70.81 -0.23
N THR D 484 18.47 69.65 -0.83
CA THR D 484 19.18 69.50 -2.11
C THR D 484 18.23 68.91 -3.16
N LEU D 485 17.83 69.74 -4.10
CA LEU D 485 16.92 69.31 -5.18
C LEU D 485 17.74 68.84 -6.38
N SER D 486 17.22 67.82 -7.05
CA SER D 486 17.91 67.25 -8.22
C SER D 486 16.95 66.48 -9.13
N LEU D 487 16.97 66.90 -10.39
CA LEU D 487 16.35 66.13 -11.48
C LEU D 487 17.22 64.92 -11.78
N VAL D 488 16.59 63.83 -12.16
CA VAL D 488 17.30 62.55 -12.38
C VAL D 488 16.49 61.65 -13.32
N GLY D 489 17.24 60.99 -14.20
CA GLY D 489 16.68 59.93 -15.05
C GLY D 489 17.09 58.59 -14.47
N LYS D 490 16.35 57.56 -14.72
CA LYS D 490 16.58 56.15 -14.27
C LYS D 490 16.61 56.02 -12.72
N LEU D 491 15.92 56.93 -12.05
CA LEU D 491 15.77 56.86 -10.59
C LEU D 491 14.98 55.59 -10.26
N ASP D 492 15.37 54.91 -9.18
CA ASP D 492 14.57 53.77 -8.70
C ASP D 492 13.16 54.25 -8.38
N LYS D 493 12.17 53.54 -8.88
CA LYS D 493 10.75 53.97 -8.78
C LYS D 493 10.23 54.00 -7.31
N LEU E 30 37.49 66.75 -28.82
CA LEU E 30 38.60 67.35 -29.56
C LEU E 30 38.35 67.23 -31.07
N PRO E 31 38.28 68.40 -31.74
CA PRO E 31 38.15 68.46 -33.20
C PRO E 31 39.33 67.74 -33.86
N LEU E 32 39.14 67.40 -35.13
CA LEU E 32 40.22 66.86 -35.96
C LEU E 32 40.69 67.99 -36.90
N LYS E 33 41.79 68.61 -36.49
CA LYS E 33 42.35 69.73 -37.27
C LYS E 33 43.59 69.26 -38.03
N VAL E 34 43.57 69.57 -39.32
CA VAL E 34 44.68 69.28 -40.23
C VAL E 34 45.34 70.61 -40.64
N LEU E 35 46.63 70.51 -40.91
CA LEU E 35 47.43 71.64 -41.38
C LEU E 35 47.98 71.34 -42.77
N MET E 36 47.46 72.08 -43.75
CA MET E 36 47.90 71.97 -45.15
C MET E 36 49.01 72.99 -45.42
N LEU E 37 50.21 72.47 -45.59
CA LEU E 37 51.38 73.32 -45.83
C LEU E 37 51.83 73.08 -47.27
N GLY E 38 52.05 74.20 -47.98
CA GLY E 38 52.40 74.14 -49.40
C GLY E 38 52.58 75.55 -49.99
N ASP E 39 53.07 75.54 -51.22
CA ASP E 39 53.32 76.78 -51.98
C ASP E 39 52.06 77.22 -52.73
N PHE E 40 51.21 77.92 -52.00
CA PHE E 40 49.93 78.43 -52.53
C PHE E 40 50.03 79.72 -53.37
N THR E 41 51.21 80.34 -53.33
CA THR E 41 51.46 81.59 -54.06
C THR E 41 52.56 81.37 -55.12
N GLY E 42 52.64 82.33 -56.04
CA GLY E 42 53.64 82.32 -57.12
C GLY E 42 55.07 82.69 -56.66
N GLN E 43 55.20 83.08 -55.40
CA GLN E 43 56.48 83.56 -54.84
C GLN E 43 56.58 83.29 -53.33
N GLU E 44 57.82 83.18 -52.86
CA GLU E 44 58.12 83.10 -51.43
C GLU E 44 57.81 84.45 -50.74
N ASP E 45 57.47 84.38 -49.47
CA ASP E 45 57.21 85.59 -48.66
C ASP E 45 58.50 86.00 -47.93
N ALA E 46 58.67 87.31 -47.80
CA ALA E 46 59.73 87.94 -46.98
C ALA E 46 59.54 87.68 -45.48
N ARG E 47 58.28 87.59 -45.06
CA ARG E 47 57.92 87.34 -43.65
C ARG E 47 58.46 85.98 -43.19
N PRO E 48 59.11 85.95 -42.02
CA PRO E 48 59.62 84.71 -41.39
C PRO E 48 58.46 83.72 -41.19
N LEU E 49 58.81 82.44 -41.24
CA LEU E 49 57.84 81.35 -41.06
C LEU E 49 57.05 81.46 -39.74
N GLU E 50 57.77 81.79 -38.68
CA GLU E 50 57.17 81.96 -37.35
C GLU E 50 56.21 83.16 -37.26
N GLN E 51 56.39 84.10 -38.18
CA GLN E 51 55.60 85.35 -38.19
C GLN E 51 54.34 85.23 -39.06
N ARG E 52 54.49 84.66 -40.26
CA ARG E 52 53.33 84.43 -41.15
C ARG E 52 52.32 83.54 -40.42
N ALA E 53 51.06 83.86 -40.63
CA ALA E 53 49.98 83.20 -39.89
C ALA E 53 49.22 82.18 -40.74
N PRO E 54 48.65 81.15 -40.09
CA PRO E 54 47.77 80.17 -40.72
C PRO E 54 46.38 80.78 -40.98
N ILE E 55 45.71 80.24 -41.98
CA ILE E 55 44.35 80.67 -42.37
C ILE E 55 43.35 79.52 -42.21
N ASN E 56 42.29 79.77 -41.46
CA ASN E 56 41.22 78.78 -41.30
C ASN E 56 40.31 78.78 -42.54
N VAL E 57 40.15 77.61 -43.12
CA VAL E 57 39.35 77.45 -44.35
C VAL E 57 38.19 76.48 -44.09
N ASP E 58 37.06 76.81 -44.70
CA ASP E 58 35.86 75.94 -44.72
C ASP E 58 35.04 76.21 -45.99
N LYS E 59 34.00 75.41 -46.16
CA LYS E 59 33.09 75.50 -47.33
C LYS E 59 32.43 76.87 -47.54
N ALA E 60 32.22 77.60 -46.46
CA ALA E 60 31.48 78.88 -46.48
C ALA E 60 32.37 80.14 -46.63
N ASN E 61 33.65 79.94 -46.93
CA ASN E 61 34.60 81.05 -47.09
C ASN E 61 35.83 80.70 -47.95
N PHE E 62 35.78 79.55 -48.63
CA PHE E 62 36.92 79.09 -49.44
C PHE E 62 37.33 80.14 -50.48
N ASN E 63 36.35 80.63 -51.23
CA ASN E 63 36.58 81.68 -52.24
C ASN E 63 37.11 82.99 -51.64
N GLU E 64 36.59 83.32 -50.45
CA GLU E 64 36.92 84.55 -49.72
C GLU E 64 38.41 84.49 -49.34
N VAL E 65 38.85 83.28 -48.99
CA VAL E 65 40.25 83.02 -48.64
C VAL E 65 41.16 83.26 -49.85
N MET E 66 40.74 82.79 -51.02
CA MET E 66 41.54 82.99 -52.24
C MET E 66 41.67 84.48 -52.60
N ALA E 67 40.54 85.17 -52.49
CA ALA E 67 40.45 86.62 -52.76
C ALA E 67 41.38 87.42 -51.83
N GLN E 68 41.36 87.05 -50.55
CA GLN E 68 42.21 87.71 -49.54
C GLN E 68 43.70 87.34 -49.67
N GLN E 69 43.96 86.10 -50.11
CA GLN E 69 45.33 85.61 -50.30
C GLN E 69 46.03 86.37 -51.43
N ASN E 70 45.25 86.76 -52.44
CA ASN E 70 45.75 87.52 -53.60
C ASN E 70 46.80 86.71 -54.36
N LEU E 71 46.34 86.11 -55.44
CA LEU E 71 47.20 85.26 -56.29
C LEU E 71 47.61 86.04 -57.55
N LYS E 72 48.85 85.80 -57.97
CA LYS E 72 49.42 86.45 -59.16
C LYS E 72 50.51 85.57 -59.78
N VAL E 73 50.46 85.51 -61.10
CA VAL E 73 51.47 84.79 -61.91
C VAL E 73 52.06 85.69 -62.99
N THR E 74 53.36 85.90 -62.85
CA THR E 74 54.16 86.60 -63.88
C THR E 74 55.03 85.54 -64.52
N LEU E 75 54.69 85.21 -65.75
CA LEU E 75 55.35 84.12 -66.49
C LEU E 75 55.34 84.41 -67.99
N THR E 76 56.31 83.80 -68.64
CA THR E 76 56.47 83.90 -70.10
C THR E 76 56.25 82.54 -70.76
N ALA E 77 55.43 82.56 -71.80
CA ALA E 77 55.13 81.38 -72.65
C ALA E 77 55.53 81.68 -74.09
N ALA E 78 55.75 80.62 -74.86
CA ALA E 78 56.01 80.73 -76.30
C ALA E 78 54.83 81.43 -77.00
N ASP E 79 55.16 82.46 -77.75
CA ASP E 79 54.16 83.22 -78.52
C ASP E 79 53.86 82.44 -79.81
N LYS E 80 52.70 81.78 -79.80
CA LYS E 80 52.28 80.99 -80.98
C LYS E 80 51.20 81.70 -81.81
N LEU E 81 51.12 83.01 -81.62
CA LEU E 81 50.22 83.86 -82.43
C LEU E 81 50.88 84.33 -83.74
N SER E 82 52.16 84.00 -83.86
CA SER E 82 52.97 84.27 -85.06
C SER E 82 53.76 83.01 -85.45
N ALA E 83 54.72 83.20 -86.35
CA ALA E 83 55.62 82.14 -86.86
C ALA E 83 57.09 82.44 -86.57
N ASP E 84 57.35 82.97 -85.36
CA ASP E 84 58.72 83.31 -84.95
C ASP E 84 59.09 82.56 -83.66
N PRO E 85 60.15 81.74 -83.72
CA PRO E 85 60.69 81.02 -82.55
C PRO E 85 61.22 81.94 -81.43
N ASN E 86 61.66 83.13 -81.81
CA ASN E 86 62.16 84.17 -80.87
C ASN E 86 61.04 84.99 -80.20
N ALA E 87 59.81 84.85 -80.72
CA ALA E 87 58.63 85.53 -80.17
C ALA E 87 58.17 84.85 -78.86
N THR E 88 58.15 85.66 -77.82
CA THR E 88 57.72 85.22 -76.50
C THR E 88 56.63 86.14 -75.94
N MET E 89 55.74 85.57 -75.14
CA MET E 89 54.63 86.34 -74.53
C MET E 89 54.71 86.26 -73.01
N ASN E 90 54.78 87.43 -72.40
CA ASN E 90 54.76 87.55 -70.93
C ASN E 90 53.39 88.04 -70.47
N VAL E 91 52.84 87.28 -69.53
CA VAL E 91 51.50 87.53 -68.97
C VAL E 91 51.58 87.78 -67.46
N SER E 92 50.60 88.54 -66.97
CA SER E 92 50.47 88.82 -65.53
C SER E 92 49.05 88.48 -65.06
N LEU E 93 48.83 87.21 -64.78
CA LEU E 93 47.49 86.74 -64.36
C LEU E 93 47.28 86.95 -62.86
N GLN E 94 46.03 87.25 -62.53
CA GLN E 94 45.56 87.49 -61.15
C GLN E 94 44.33 86.63 -60.90
N PHE E 95 44.28 86.06 -59.71
CA PHE E 95 43.17 85.18 -59.32
C PHE E 95 42.57 85.63 -57.99
N LYS E 96 41.24 85.55 -57.96
CA LYS E 96 40.43 85.86 -56.77
C LYS E 96 39.67 84.61 -56.31
N ASN E 97 39.27 83.79 -57.29
CA ASN E 97 38.59 82.51 -57.07
C ASN E 97 39.04 81.49 -58.12
N LEU E 98 38.59 80.25 -57.94
CA LEU E 98 38.89 79.14 -58.87
C LEU E 98 38.36 79.35 -60.29
N ASN E 99 37.27 80.10 -60.39
CA ASN E 99 36.69 80.47 -61.70
C ASN E 99 37.68 81.27 -62.55
N ASP E 100 38.62 81.95 -61.90
CA ASP E 100 39.66 82.74 -62.58
C ASP E 100 40.77 81.91 -63.23
N PHE E 101 40.70 80.59 -63.10
CA PHE E 101 41.62 79.69 -63.81
C PHE E 101 41.04 79.15 -65.11
N SER E 102 39.78 79.49 -65.37
CA SER E 102 39.11 79.08 -66.61
C SER E 102 39.71 79.86 -67.80
N PRO E 103 39.76 79.22 -68.98
CA PRO E 103 40.27 79.86 -70.22
C PRO E 103 39.61 81.21 -70.52
N GLU E 104 38.34 81.34 -70.11
CA GLU E 104 37.57 82.60 -70.26
C GLU E 104 38.20 83.77 -69.50
N SER E 105 38.71 83.50 -68.30
CA SER E 105 39.37 84.53 -67.48
C SER E 105 40.82 84.77 -67.95
N VAL E 106 41.46 83.70 -68.42
CA VAL E 106 42.85 83.76 -68.96
C VAL E 106 42.88 84.72 -70.16
N VAL E 107 41.92 84.55 -71.06
CA VAL E 107 41.78 85.42 -72.24
C VAL E 107 41.55 86.90 -71.84
N ASN E 108 40.69 87.08 -70.86
CA ASN E 108 40.30 88.43 -70.39
C ASN E 108 41.48 89.20 -69.78
N GLN E 109 42.45 88.45 -69.24
CA GLN E 109 43.62 89.05 -68.61
C GLN E 109 44.86 89.06 -69.53
N VAL E 110 44.67 88.61 -70.76
CA VAL E 110 45.74 88.58 -71.77
C VAL E 110 45.25 89.35 -73.00
N PRO E 111 45.63 90.63 -73.11
CA PRO E 111 45.24 91.54 -74.21
C PRO E 111 45.47 90.95 -75.62
N GLU E 112 46.55 90.20 -75.75
CA GLU E 112 46.95 89.54 -77.00
C GLU E 112 45.95 88.46 -77.45
N LEU E 113 45.17 87.96 -76.49
CA LEU E 113 44.08 87.01 -76.74
C LEU E 113 42.70 87.68 -76.63
N LYS E 114 42.58 88.63 -75.71
CA LYS E 114 41.32 89.37 -75.47
C LYS E 114 40.86 90.11 -76.73
N LYS E 115 41.81 90.73 -77.42
CA LYS E 115 41.54 91.43 -78.70
C LYS E 115 41.11 90.45 -79.80
N LEU E 116 41.68 89.25 -79.78
CA LEU E 116 41.31 88.16 -80.71
C LEU E 116 39.90 87.62 -80.45
N LEU E 117 39.51 87.62 -79.17
CA LEU E 117 38.15 87.22 -78.77
C LEU E 117 37.14 88.30 -79.19
N GLU E 118 37.55 89.57 -79.06
CA GLU E 118 36.74 90.70 -79.50
C GLU E 118 36.56 90.68 -81.03
N LEU E 119 37.64 90.29 -81.70
CA LEU E 119 37.63 90.07 -83.17
C LEU E 119 36.67 88.94 -83.54
N ARG E 120 36.75 87.84 -82.78
CA ARG E 120 35.89 86.67 -82.97
C ARG E 120 34.42 87.12 -82.94
N SER E 121 34.07 87.87 -81.90
CA SER E 121 32.69 88.37 -81.70
C SER E 121 32.24 89.30 -82.81
N ALA E 122 33.17 90.11 -83.31
CA ALA E 122 32.95 91.02 -84.46
C ALA E 122 32.67 90.25 -85.75
N LEU E 123 33.37 89.20 -85.92
CA LEU E 123 33.21 88.45 -87.19
C LEU E 123 31.94 87.59 -87.15
N ASN E 124 31.61 87.00 -85.99
CA ASN E 124 30.40 86.19 -85.87
C ASN E 124 29.17 87.08 -86.04
N ALA E 125 29.20 88.31 -85.46
CA ALA E 125 28.12 89.30 -85.58
C ALA E 125 27.92 89.67 -87.04
N LEU E 126 29.02 90.00 -87.73
CA LEU E 126 28.98 90.34 -89.15
C LEU E 126 28.42 89.16 -89.99
N LYS E 127 28.99 87.94 -89.80
CA LYS E 127 28.56 86.77 -90.57
C LYS E 127 27.12 86.36 -90.31
N GLY E 128 26.60 86.62 -89.08
CA GLY E 128 25.18 86.34 -88.76
C GLY E 128 24.28 87.52 -89.11
N PRO E 129 24.86 88.57 -89.77
CA PRO E 129 24.17 89.79 -90.19
C PRO E 129 23.56 90.62 -89.05
N LEU E 130 24.14 90.53 -87.83
CA LEU E 130 23.64 91.24 -86.66
C LEU E 130 24.03 92.70 -86.61
N GLY E 131 25.04 93.11 -87.43
CA GLY E 131 25.40 94.52 -87.55
C GLY E 131 25.74 94.84 -88.98
N ASN E 132 25.58 96.11 -89.38
CA ASN E 132 25.89 96.53 -90.74
C ASN E 132 27.39 96.82 -90.88
N LEU E 133 27.86 97.00 -92.13
CA LEU E 133 29.25 97.26 -92.46
C LEU E 133 29.85 98.47 -91.77
N PRO E 134 29.09 99.57 -91.64
CA PRO E 134 29.58 100.81 -90.98
C PRO E 134 29.93 100.54 -89.50
N ALA E 135 29.06 99.81 -88.77
CA ALA E 135 29.29 99.49 -87.35
C ALA E 135 30.48 98.53 -87.26
N PHE E 136 30.51 97.49 -88.11
CA PHE E 136 31.60 96.53 -88.19
C PHE E 136 32.94 97.27 -88.30
N ARG E 137 33.09 98.20 -89.27
CA ARG E 137 34.37 98.92 -89.47
C ARG E 137 34.74 99.80 -88.29
N LYS E 138 33.74 100.42 -87.62
CA LYS E 138 33.95 101.27 -86.44
C LYS E 138 34.47 100.42 -85.27
N LYS E 139 33.84 99.24 -85.05
CA LYS E 139 34.26 98.34 -83.99
C LYS E 139 35.61 97.70 -84.29
N LEU E 140 35.91 97.46 -85.53
CA LEU E 140 37.15 96.85 -85.90
C LEU E 140 38.28 97.77 -85.54
N GLN E 141 38.16 99.02 -85.87
CA GLN E 141 39.19 99.98 -85.57
C GLN E 141 39.43 100.10 -84.07
N ALA E 142 38.39 100.03 -83.26
CA ALA E 142 38.50 100.04 -81.81
C ALA E 142 39.30 98.84 -81.26
N LEU E 143 38.98 97.66 -81.73
CA LEU E 143 39.72 96.47 -81.39
C LEU E 143 41.22 96.63 -81.72
N LEU E 144 41.55 97.05 -82.92
CA LEU E 144 42.93 97.05 -83.37
C LEU E 144 43.76 98.26 -82.94
N ALA E 145 43.09 99.21 -82.32
CA ALA E 145 43.67 100.42 -81.78
C ALA E 145 44.56 100.13 -80.55
N ASP E 146 44.34 99.01 -79.80
CA ASP E 146 45.11 98.66 -78.59
C ASP E 146 46.63 98.79 -78.84
N GLU E 147 47.31 99.73 -78.16
CA GLU E 147 48.74 99.93 -78.44
C GLU E 147 49.66 98.79 -77.96
N ASP E 148 49.14 97.88 -77.13
CA ASP E 148 49.90 96.75 -76.60
C ASP E 148 49.98 95.60 -77.63
N GLY E 149 49.19 95.69 -78.75
CA GLY E 149 49.20 94.66 -79.78
C GLY E 149 50.39 94.78 -80.68
N ARG E 150 50.86 93.65 -81.24
CA ARG E 150 51.93 93.71 -82.22
C ARG E 150 51.28 94.03 -83.58
N LYS E 151 52.03 94.65 -84.52
CA LYS E 151 51.48 94.93 -85.84
C LYS E 151 51.29 93.60 -86.60
N ALA E 152 52.13 92.59 -86.28
CA ALA E 152 52.03 91.25 -86.89
C ALA E 152 50.66 90.66 -86.52
N LEU E 153 50.27 90.74 -85.24
CA LEU E 153 48.95 90.25 -84.84
C LEU E 153 47.81 91.06 -85.51
N ILE E 154 47.92 92.40 -85.56
CA ILE E 154 46.89 93.24 -86.21
C ILE E 154 46.64 92.79 -87.64
N LYS E 155 47.72 92.50 -88.41
CA LYS E 155 47.72 92.01 -89.79
C LYS E 155 46.99 90.67 -89.96
N GLU E 156 47.25 89.71 -89.05
CA GLU E 156 46.59 88.39 -89.01
C GLU E 156 45.10 88.57 -88.67
N LEU E 157 44.77 89.54 -87.80
CA LEU E 157 43.37 89.84 -87.46
C LEU E 157 42.60 90.46 -88.64
N GLY E 158 43.23 91.45 -89.33
CA GLY E 158 42.66 92.11 -90.51
C GLY E 158 42.51 91.14 -91.69
N LEU E 159 43.39 90.11 -91.78
CA LEU E 159 43.33 89.08 -92.83
C LEU E 159 42.11 88.17 -92.71
N THR E 160 41.45 88.18 -91.56
CA THR E 160 40.24 87.39 -91.30
C THR E 160 38.98 88.11 -91.77
N GLU E 161 39.09 89.41 -92.07
CA GLU E 161 37.94 90.20 -92.52
C GLU E 161 37.47 89.83 -93.94
N GLU E 162 36.19 89.44 -94.15
CA GLU E 162 35.73 89.16 -95.53
C GLU E 162 35.87 90.42 -96.39
N THR E 163 36.26 90.26 -97.65
CA THR E 163 36.47 91.38 -98.59
C THR E 163 35.30 92.36 -98.69
N LYS E 164 34.06 91.86 -98.67
CA LYS E 164 32.85 92.68 -98.76
C LYS E 164 32.58 93.56 -97.55
N ASP F 63 28.70 83.19 -98.87
CA ASP F 63 29.68 84.16 -98.31
C ASP F 63 30.01 83.91 -96.83
N LYS F 64 28.97 83.62 -96.05
CA LYS F 64 29.05 83.39 -94.61
C LYS F 64 29.94 82.18 -94.31
N ALA F 65 29.93 81.21 -95.23
CA ALA F 65 30.77 79.99 -95.12
C ALA F 65 32.25 80.35 -95.01
N LEU F 66 32.68 81.36 -95.78
CA LEU F 66 34.06 81.89 -95.72
C LEU F 66 34.34 82.61 -94.41
N VAL F 67 33.35 83.35 -93.93
CA VAL F 67 33.41 84.04 -92.62
C VAL F 67 33.57 83.02 -91.48
N ASP F 68 32.83 81.92 -91.59
CA ASP F 68 32.90 80.83 -90.60
C ASP F 68 34.28 80.17 -90.60
N ALA F 69 34.85 80.04 -91.78
CA ALA F 69 36.21 79.51 -91.96
C ALA F 69 37.26 80.42 -91.30
N MET F 70 37.01 81.73 -91.38
CA MET F 70 37.84 82.74 -90.71
C MET F 70 37.77 82.58 -89.19
N ILE F 71 36.56 82.28 -88.70
CA ILE F 71 36.33 81.99 -87.27
C ILE F 71 37.03 80.70 -86.83
N ALA F 72 37.03 79.73 -87.70
CA ALA F 72 37.67 78.43 -87.42
C ALA F 72 39.19 78.59 -87.25
N GLU F 73 39.78 79.36 -88.16
CA GLU F 73 41.23 79.65 -88.15
C GLU F 73 41.63 80.59 -87.01
N ILE F 74 40.76 81.53 -86.70
CA ILE F 74 40.98 82.49 -85.59
C ILE F 74 41.05 81.74 -84.25
N ASP F 75 40.06 80.86 -84.03
CA ASP F 75 39.97 80.07 -82.80
C ASP F 75 41.07 79.03 -82.72
N LYS F 76 41.46 78.52 -83.90
CA LYS F 76 42.59 77.59 -84.02
C LYS F 76 43.88 78.24 -83.48
N ARG F 77 44.12 79.47 -83.90
CA ARG F 77 45.30 80.23 -83.46
C ARG F 77 45.22 80.61 -81.98
N LEU F 78 44.04 81.06 -81.57
CA LEU F 78 43.80 81.47 -80.18
C LEU F 78 43.98 80.27 -79.24
N SER F 79 43.48 79.12 -79.64
CA SER F 79 43.59 77.86 -78.90
C SER F 79 45.04 77.35 -78.79
N SER F 80 45.80 77.62 -79.81
CA SER F 80 47.23 77.24 -79.84
C SER F 80 48.01 78.01 -78.76
N GLN F 81 47.61 79.27 -78.59
CA GLN F 81 48.23 80.15 -77.57
C GLN F 81 47.71 79.81 -76.18
N VAL F 82 46.45 79.60 -76.04
CA VAL F 82 45.81 79.29 -74.74
C VAL F 82 46.35 77.96 -74.15
N ASN F 83 46.71 77.02 -75.02
CA ASN F 83 47.33 75.76 -74.60
C ASN F 83 48.65 76.02 -73.86
N GLU F 84 49.40 77.02 -74.34
CA GLU F 84 50.69 77.41 -73.75
C GLU F 84 50.57 77.90 -72.30
N ILE F 85 49.54 78.69 -72.04
CA ILE F 85 49.29 79.22 -70.68
C ILE F 85 48.77 78.09 -69.76
N LEU F 86 47.79 77.36 -70.29
CA LEU F 86 47.15 76.27 -69.53
C LEU F 86 48.09 75.11 -69.22
N HIS F 87 49.09 74.95 -70.07
CA HIS F 87 50.10 73.89 -69.91
C HIS F 87 51.42 74.43 -69.37
N ALA F 88 51.41 75.67 -68.91
CA ALA F 88 52.58 76.27 -68.26
C ALA F 88 52.74 75.63 -66.87
N LYS F 89 53.96 75.23 -66.56
CA LYS F 89 54.28 74.58 -65.29
C LYS F 89 54.02 75.47 -64.06
N GLU F 90 54.32 76.76 -64.21
CA GLU F 90 54.06 77.77 -63.18
C GLU F 90 52.54 77.93 -62.97
N PHE F 91 51.81 77.96 -64.07
CA PHE F 91 50.35 78.11 -64.00
C PHE F 91 49.68 76.90 -63.33
N GLN F 92 50.11 75.72 -63.76
CA GLN F 92 49.57 74.46 -63.23
C GLN F 92 49.92 74.26 -61.76
N LYS F 93 51.11 74.71 -61.35
CA LYS F 93 51.52 74.60 -59.93
C LYS F 93 50.56 75.39 -59.04
N LEU F 94 50.20 76.60 -59.51
CA LEU F 94 49.25 77.46 -58.79
C LEU F 94 47.86 76.83 -58.79
N GLU F 95 47.37 76.47 -59.98
CA GLU F 95 46.01 75.93 -60.12
C GLU F 95 45.83 74.63 -59.32
N SER F 96 46.69 73.66 -59.61
CA SER F 96 46.63 72.34 -58.96
C SER F 96 46.67 72.46 -57.44
N SER F 97 47.38 73.47 -56.90
CA SER F 97 47.47 73.70 -55.45
C SER F 97 46.11 74.07 -54.85
N TRP F 98 45.46 75.04 -55.46
CA TRP F 98 44.15 75.53 -54.99
C TRP F 98 42.98 74.63 -55.36
N ARG F 99 43.03 74.06 -56.56
CA ARG F 99 41.99 73.12 -57.02
C ARG F 99 42.01 71.83 -56.17
N SER F 100 43.19 71.30 -55.95
CA SER F 100 43.37 70.12 -55.08
C SER F 100 42.96 70.43 -53.64
N LEU F 101 43.17 71.68 -53.22
CA LEU F 101 42.79 72.12 -51.88
C LEU F 101 41.26 72.08 -51.69
N LYS F 102 40.54 72.63 -52.67
CA LYS F 102 39.07 72.64 -52.62
C LYS F 102 38.52 71.21 -52.72
N PHE F 103 39.14 70.42 -53.59
CA PHE F 103 38.80 68.99 -53.76
C PHE F 103 38.82 68.28 -52.39
N MET F 104 39.81 68.65 -51.57
CA MET F 104 39.88 68.20 -50.17
C MET F 104 38.75 68.79 -49.34
N VAL F 105 38.72 70.12 -49.30
CA VAL F 105 37.83 70.89 -48.42
C VAL F 105 36.36 70.49 -48.60
N ASP F 106 35.89 70.45 -49.84
CA ASP F 106 34.46 70.23 -50.09
C ASP F 106 34.00 68.76 -49.92
N ARG F 107 34.96 67.88 -49.65
CA ARG F 107 34.65 66.47 -49.37
C ARG F 107 34.73 66.16 -47.87
N THR F 108 34.94 67.20 -47.07
CA THR F 108 34.93 67.10 -45.61
C THR F 108 33.57 67.62 -45.11
N ASP F 109 33.37 67.48 -43.81
CA ASP F 109 32.13 67.97 -43.18
C ASP F 109 32.51 68.76 -41.92
N PHE F 110 32.47 70.07 -42.05
CA PHE F 110 32.83 71.01 -40.95
C PHE F 110 31.86 70.99 -39.76
N ARG F 111 30.69 70.39 -39.96
CA ARG F 111 29.70 70.21 -38.90
C ARG F 111 30.05 69.05 -37.95
N GLU F 112 31.02 68.24 -38.37
CA GLU F 112 31.47 67.07 -37.60
C GLU F 112 32.77 67.36 -36.83
N ASN F 113 32.98 68.65 -36.51
CA ASN F 113 34.17 69.10 -35.76
C ASN F 113 35.47 68.82 -36.52
N THR F 114 35.43 69.08 -37.81
CA THR F 114 36.61 68.96 -38.68
C THR F 114 37.09 70.38 -39.02
N ARG F 115 38.38 70.60 -38.93
CA ARG F 115 38.97 71.92 -39.18
C ARG F 115 40.25 71.76 -40.01
N VAL F 116 40.53 72.77 -40.80
CA VAL F 116 41.74 72.83 -41.63
C VAL F 116 42.28 74.27 -41.68
N GLU F 117 43.60 74.36 -41.60
CA GLU F 117 44.29 75.65 -41.73
C GLU F 117 45.33 75.56 -42.85
N MET F 118 45.52 76.68 -43.51
CA MET F 118 46.52 76.79 -44.60
C MET F 118 47.74 77.58 -44.11
N LEU F 119 48.90 77.03 -44.42
CA LEU F 119 50.18 77.66 -44.08
C LEU F 119 51.12 77.64 -45.28
N ASN F 120 51.20 78.79 -45.94
CA ASN F 120 52.03 78.94 -47.15
C ASN F 120 53.52 78.81 -46.83
N ALA F 121 54.12 77.75 -47.36
CA ALA F 121 55.55 77.46 -47.18
C ALA F 121 56.08 76.59 -48.31
N SER F 122 57.21 76.98 -48.86
CA SER F 122 57.94 76.20 -49.88
C SER F 122 58.91 75.22 -49.18
N LYS F 123 59.29 74.15 -49.88
CA LYS F 123 60.25 73.20 -49.29
C LYS F 123 61.59 73.85 -48.94
N GLU F 124 62.00 74.75 -49.84
CA GLU F 124 63.28 75.47 -49.69
C GLU F 124 63.31 76.26 -48.37
N ASP F 125 62.21 76.96 -48.06
CA ASP F 125 62.15 77.79 -46.85
C ASP F 125 61.91 76.95 -45.58
N LEU F 126 61.38 75.74 -45.76
CA LEU F 126 61.24 74.78 -44.66
C LEU F 126 62.61 74.38 -44.13
N GLN F 127 63.49 74.12 -45.11
CA GLN F 127 64.90 73.81 -44.82
C GLN F 127 65.63 75.03 -44.27
N LYS F 128 65.32 76.19 -44.84
CA LYS F 128 65.89 77.47 -44.36
C LYS F 128 65.61 77.66 -42.87
N ASP F 129 64.36 77.42 -42.47
CA ASP F 129 63.95 77.63 -41.08
C ASP F 129 64.55 76.58 -40.14
N PHE F 130 64.49 75.33 -40.58
CA PHE F 130 64.98 74.24 -39.75
C PHE F 130 66.51 74.22 -39.60
N GLU F 131 67.20 74.70 -40.65
CA GLU F 131 68.67 74.85 -40.62
C GLU F 131 69.08 76.09 -39.83
N ASP F 132 68.26 77.15 -39.96
CA ASP F 132 68.51 78.41 -39.25
C ASP F 132 68.40 78.23 -37.73
N ALA F 133 67.29 77.60 -37.31
CA ALA F 133 67.03 77.33 -35.89
C ALA F 133 68.14 76.44 -35.29
N PRO F 134 68.50 76.70 -34.04
CA PRO F 134 69.47 75.88 -33.28
C PRO F 134 68.93 74.48 -32.98
N GLU F 135 67.62 74.39 -32.79
CA GLU F 135 66.93 73.13 -32.51
C GLU F 135 65.48 73.19 -33.02
N VAL F 136 64.90 72.04 -33.23
CA VAL F 136 63.53 71.90 -33.74
C VAL F 136 62.49 72.60 -32.84
N THR F 137 62.75 72.60 -31.53
CA THR F 137 61.82 73.23 -30.56
C THR F 137 61.69 74.75 -30.76
N LYS F 138 62.63 75.31 -31.52
CA LYS F 138 62.66 76.76 -31.80
C LYS F 138 62.36 77.08 -33.26
N SER F 139 62.00 76.06 -34.04
CA SER F 139 61.58 76.27 -35.43
C SER F 139 60.22 76.98 -35.47
N GLY F 140 60.00 77.70 -36.57
CA GLY F 140 58.75 78.45 -36.80
C GLY F 140 57.54 77.51 -36.92
N LEU F 141 57.77 76.40 -37.62
CA LEU F 141 56.74 75.37 -37.82
C LEU F 141 56.36 74.69 -36.51
N TYR F 142 57.38 74.37 -35.70
CA TYR F 142 57.15 73.81 -34.35
C TYR F 142 56.29 74.75 -33.52
N LYS F 143 56.55 76.04 -33.66
CA LYS F 143 55.86 77.07 -32.88
C LYS F 143 54.35 77.01 -33.04
N LEU F 144 53.84 76.84 -34.26
CA LEU F 144 52.37 76.87 -34.40
C LEU F 144 51.75 75.53 -34.83
N VAL F 145 52.55 74.48 -34.72
CA VAL F 145 52.05 73.10 -34.74
C VAL F 145 51.93 72.66 -33.26
N TYR F 146 53.08 72.64 -32.57
CA TYR F 146 53.14 72.19 -31.18
C TYR F 146 52.78 73.30 -30.18
N SER F 147 53.58 74.36 -30.17
CA SER F 147 53.54 75.39 -29.13
C SER F 147 52.17 76.09 -29.01
N ASN F 148 51.63 76.50 -30.15
CA ASN F 148 50.34 77.20 -30.19
C ASN F 148 49.12 76.28 -30.13
N GLU F 149 49.37 74.98 -30.08
CA GLU F 149 48.30 73.97 -30.08
C GLU F 149 48.38 72.96 -28.93
N TYR F 150 49.06 71.84 -29.21
CA TYR F 150 49.18 70.72 -28.26
C TYR F 150 49.74 71.15 -26.89
N GLY F 151 50.72 72.07 -26.93
CA GLY F 151 51.41 72.51 -25.70
C GLY F 151 50.84 73.81 -25.13
N VAL F 152 49.58 74.10 -25.40
CA VAL F 152 48.90 75.31 -24.90
C VAL F 152 47.63 74.95 -24.14
N PHE F 153 47.62 75.31 -22.86
CA PHE F 153 46.42 75.21 -22.01
C PHE F 153 45.28 76.06 -22.61
N GLY F 154 44.18 75.37 -22.91
CA GLY F 154 43.00 76.03 -23.52
C GLY F 154 42.95 75.88 -25.05
N GLY F 155 44.09 75.45 -25.63
CA GLY F 155 44.20 75.26 -27.08
C GLY F 155 43.69 73.90 -27.52
N LYS F 156 44.17 73.50 -28.68
CA LYS F 156 43.80 72.23 -29.32
C LYS F 156 45.00 71.68 -30.11
N PRO F 157 45.16 70.36 -30.19
CA PRO F 157 46.27 69.72 -30.93
C PRO F 157 45.94 69.48 -32.40
N TYR F 158 46.94 69.72 -33.25
CA TYR F 158 46.83 69.42 -34.69
C TYR F 158 46.76 67.89 -34.90
N GLY F 159 45.71 67.50 -35.64
CA GLY F 159 45.43 66.09 -35.91
C GLY F 159 46.53 65.48 -36.79
N ILE F 160 46.77 66.14 -37.92
CA ILE F 160 47.72 65.68 -38.96
C ILE F 160 48.19 66.86 -39.82
N ILE F 161 49.32 66.67 -40.48
CA ILE F 161 49.89 67.68 -41.39
C ILE F 161 49.97 67.08 -42.80
N SER F 162 49.38 67.81 -43.74
CA SER F 162 49.38 67.42 -45.16
C SER F 162 50.27 68.40 -45.92
N ALA F 163 51.36 67.86 -46.44
CA ALA F 163 52.26 68.69 -47.23
C ALA F 163 52.18 68.40 -48.69
N ASN F 164 51.94 69.49 -49.38
CA ASN F 164 51.76 69.45 -50.83
C ASN F 164 53.13 69.51 -51.53
N TYR F 165 53.89 68.44 -51.38
CA TYR F 165 55.25 68.35 -51.94
C TYR F 165 55.49 66.99 -52.56
N ASP F 166 56.42 66.98 -53.50
CA ASP F 166 57.00 65.75 -54.07
C ASP F 166 58.43 65.60 -53.55
N PHE F 167 58.79 64.42 -53.14
CA PHE F 167 60.13 64.19 -52.60
C PHE F 167 60.94 63.28 -53.51
N ASN F 168 62.19 63.63 -53.66
CA ASN F 168 63.18 62.81 -54.39
C ASN F 168 64.11 62.14 -53.36
N VAL F 169 65.16 61.50 -53.85
CA VAL F 169 66.22 60.91 -52.98
C VAL F 169 67.30 61.93 -52.61
N GLY F 170 67.16 63.14 -53.14
CA GLY F 170 68.05 64.26 -52.90
C GLY F 170 68.27 64.45 -51.40
N PRO F 171 69.48 64.82 -51.05
CA PRO F 171 69.87 65.04 -49.65
C PRO F 171 69.05 66.12 -48.92
N GLN F 172 68.70 67.16 -49.60
CA GLN F 172 67.81 68.22 -49.06
C GLN F 172 66.42 67.66 -48.70
N ASP F 173 65.88 66.83 -49.61
CA ASP F 173 64.56 66.22 -49.39
C ASP F 173 64.56 65.23 -48.23
N MET F 174 65.67 64.52 -48.11
CA MET F 174 65.81 63.56 -47.02
C MET F 174 65.94 64.23 -45.65
N GLU F 175 66.68 65.35 -45.64
CA GLU F 175 66.85 66.15 -44.42
C GLU F 175 65.51 66.77 -43.99
N LEU F 176 64.73 67.19 -44.97
CA LEU F 176 63.41 67.79 -44.70
C LEU F 176 62.45 66.78 -44.06
N LEU F 177 62.52 65.56 -44.57
CA LEU F 177 61.75 64.44 -44.01
C LEU F 177 62.17 64.09 -42.59
N ARG F 178 63.46 64.23 -42.32
CA ARG F 178 64.00 63.98 -40.98
C ARG F 178 63.42 64.94 -39.95
N LYS F 179 63.34 66.21 -40.34
CA LYS F 179 62.81 67.26 -39.47
C LYS F 179 61.30 67.14 -39.27
N CYS F 180 60.60 66.76 -40.32
CA CYS F 180 59.15 66.56 -40.27
C CYS F 180 58.78 65.32 -39.43
N ALA F 181 59.67 64.34 -39.44
CA ALA F 181 59.50 63.13 -38.61
C ALA F 181 59.64 63.48 -37.12
N SER F 182 60.62 64.33 -36.82
CA SER F 182 60.87 64.80 -35.44
C SER F 182 59.70 65.64 -34.91
N VAL F 183 59.20 66.54 -35.75
CA VAL F 183 58.05 67.41 -35.39
C VAL F 183 56.79 66.58 -35.09
N ALA F 184 56.51 65.67 -36.02
CA ALA F 184 55.35 64.79 -35.96
C ALA F 184 55.38 63.91 -34.71
N ALA F 185 56.60 63.45 -34.37
CA ALA F 185 56.82 62.61 -33.17
C ALA F 185 56.53 63.38 -31.88
N MET F 186 57.00 64.63 -31.84
CA MET F 186 56.85 65.48 -30.65
C MET F 186 55.40 65.89 -30.42
N ALA F 187 54.68 66.07 -31.52
CA ALA F 187 53.29 66.38 -31.22
C ALA F 187 52.20 65.41 -31.63
N HIS F 188 52.73 64.23 -31.87
CA HIS F 188 51.94 63.01 -32.05
C HIS F 188 51.03 63.20 -33.26
N ALA F 189 51.54 63.76 -34.34
CA ALA F 189 50.73 63.82 -35.55
C ALA F 189 51.56 63.52 -36.78
N PRO F 190 51.00 62.65 -37.65
CA PRO F 190 51.70 62.18 -38.86
C PRO F 190 51.86 63.28 -39.91
N PHE F 191 52.92 63.18 -40.66
CA PHE F 191 53.21 64.05 -41.80
C PHE F 191 53.06 63.25 -43.10
N ILE F 192 52.11 63.66 -43.90
CA ILE F 192 51.80 62.98 -45.17
C ILE F 192 52.17 63.89 -46.35
N GLY F 193 52.76 63.25 -47.35
CA GLY F 193 53.14 63.92 -48.61
C GLY F 193 53.20 62.90 -49.74
N ASN F 194 53.84 63.29 -50.83
CA ASN F 194 53.97 62.43 -52.00
C ASN F 194 55.42 62.25 -52.46
N ALA F 195 55.64 61.20 -53.23
CA ALA F 195 56.93 60.91 -53.86
C ALA F 195 56.91 61.27 -55.36
N ALA F 196 58.03 61.79 -55.81
CA ALA F 196 58.19 62.17 -57.22
C ALA F 196 58.53 60.94 -58.09
N PRO F 197 58.19 60.91 -59.39
CA PRO F 197 58.47 59.80 -60.30
C PRO F 197 59.96 59.28 -60.35
N GLU F 198 60.86 60.36 -60.33
CA GLU F 198 62.31 60.18 -60.36
C GLU F 198 62.86 59.44 -59.14
N VAL F 199 62.05 59.36 -58.06
CA VAL F 199 62.45 58.59 -56.87
C VAL F 199 62.73 57.11 -57.23
N PHE F 200 62.02 56.63 -58.26
CA PHE F 200 62.15 55.24 -58.73
C PHE F 200 63.05 55.16 -59.98
N GLY F 201 63.74 56.28 -60.25
CA GLY F 201 64.66 56.41 -61.40
C GLY F 201 63.93 56.31 -62.75
N GLU F 202 62.70 56.78 -62.77
CA GLU F 202 61.89 56.83 -64.01
C GLU F 202 61.44 58.26 -64.30
N GLU F 203 61.27 58.55 -65.58
CA GLU F 203 60.88 59.89 -66.04
C GLU F 203 59.50 60.29 -65.49
N SER F 204 58.53 59.37 -65.53
CA SER F 204 57.18 59.60 -64.96
C SER F 204 56.70 58.29 -64.36
N PHE F 205 55.56 58.35 -63.67
CA PHE F 205 54.93 57.14 -63.10
C PHE F 205 54.43 56.15 -64.15
N LEU F 206 54.35 56.60 -65.41
CA LEU F 206 53.89 55.75 -66.53
C LEU F 206 54.88 54.61 -66.86
N LYS F 207 56.05 54.63 -66.27
CA LYS F 207 57.02 53.54 -66.46
C LYS F 207 57.16 52.61 -65.25
N LEU F 208 56.23 52.70 -64.31
CA LEU F 208 56.19 51.77 -63.16
C LEU F 208 56.06 50.29 -63.58
N PRO F 209 55.25 49.99 -64.60
CA PRO F 209 55.12 48.64 -65.17
C PRO F 209 56.45 48.06 -65.67
N ASP F 210 57.38 48.92 -66.08
CA ASP F 210 58.70 48.48 -66.58
C ASP F 210 59.70 48.10 -65.48
N LEU F 211 59.44 48.55 -64.26
CA LEU F 211 60.32 48.23 -63.14
C LEU F 211 60.13 46.76 -62.73
N LYS F 212 61.22 46.02 -62.91
CA LYS F 212 61.24 44.56 -62.65
C LYS F 212 61.26 44.19 -61.16
N ASP F 213 61.91 45.02 -60.35
CA ASP F 213 62.07 44.75 -58.91
C ASP F 213 62.49 46.01 -58.14
N LEU F 214 61.53 46.57 -57.41
CA LEU F 214 61.77 47.76 -56.56
C LEU F 214 62.72 47.49 -55.40
N LYS F 215 62.56 46.33 -54.78
CA LYS F 215 63.39 45.92 -53.63
C LYS F 215 64.89 45.95 -54.00
N SER F 216 65.22 45.43 -55.17
CA SER F 216 66.61 45.42 -55.67
C SER F 216 67.07 46.81 -56.10
N LEU F 217 66.15 47.60 -56.64
CA LEU F 217 66.41 48.98 -57.08
C LEU F 217 66.90 49.84 -55.89
N PHE F 218 66.31 49.62 -54.73
CA PHE F 218 66.64 50.40 -53.51
C PHE F 218 67.91 49.95 -52.79
N GLU F 219 68.64 49.03 -53.42
CA GLU F 219 69.92 48.56 -52.86
C GLU F 219 71.08 49.46 -53.26
N GLY F 220 70.81 50.23 -54.33
CA GLY F 220 71.86 51.10 -54.82
C GLY F 220 72.28 52.15 -53.75
N PRO F 221 73.54 52.58 -53.84
CA PRO F 221 74.15 53.61 -52.96
C PRO F 221 73.36 54.92 -52.97
N GLN F 222 72.68 55.21 -54.05
CA GLN F 222 71.82 56.39 -54.24
C GLN F 222 70.77 56.56 -53.12
N TYR F 223 70.34 55.44 -52.54
CA TYR F 223 69.29 55.46 -51.50
C TYR F 223 69.84 55.19 -50.10
N ALA F 224 71.13 55.48 -49.89
CA ALA F 224 71.79 55.26 -48.60
C ALA F 224 71.08 56.00 -47.45
N ARG F 225 70.78 57.28 -47.69
CA ARG F 225 70.12 58.12 -46.67
C ARG F 225 68.66 57.70 -46.43
N TRP F 226 67.98 57.34 -47.52
CA TRP F 226 66.58 56.91 -47.42
C TRP F 226 66.45 55.61 -46.60
N HIS F 227 67.43 54.74 -46.77
CA HIS F 227 67.50 53.46 -46.05
C HIS F 227 67.71 53.69 -44.54
N SER F 228 68.54 54.67 -44.20
CA SER F 228 68.80 55.01 -42.79
C SER F 228 67.55 55.66 -42.16
N PHE F 229 66.84 56.44 -42.98
CA PHE F 229 65.62 57.15 -42.56
C PHE F 229 64.53 56.16 -42.14
N ARG F 230 64.40 55.08 -42.89
CA ARG F 230 63.42 54.03 -42.62
C ARG F 230 63.67 53.27 -41.31
N GLU F 231 64.91 53.35 -40.82
CA GLU F 231 65.32 52.69 -39.58
C GLU F 231 65.14 53.55 -38.31
N SER F 232 64.97 54.85 -38.51
CA SER F 232 64.75 55.76 -37.38
C SER F 232 63.39 55.47 -36.71
N GLU F 233 63.38 55.65 -35.40
CA GLU F 233 62.15 55.55 -34.57
C GLU F 233 61.12 56.65 -34.86
N ASP F 234 61.59 57.72 -35.53
CA ASP F 234 60.73 58.83 -35.92
C ASP F 234 59.98 58.58 -37.25
N ALA F 235 60.44 57.58 -37.98
CA ALA F 235 59.87 57.20 -39.28
C ALA F 235 58.37 56.82 -39.19
N ARG F 236 57.92 56.43 -38.00
CA ARG F 236 56.50 56.11 -37.78
C ARG F 236 55.53 57.26 -38.11
N TYR F 237 56.06 58.48 -38.12
CA TYR F 237 55.23 59.67 -38.33
C TYR F 237 55.39 60.28 -39.72
N VAL F 238 55.97 59.51 -40.62
CA VAL F 238 56.06 59.87 -42.05
C VAL F 238 55.28 58.85 -42.89
N GLY F 239 54.61 59.43 -43.89
CA GLY F 239 53.84 58.64 -44.86
C GLY F 239 53.84 59.34 -46.22
N LEU F 240 54.38 58.65 -47.19
CA LEU F 240 54.47 59.17 -48.57
C LEU F 240 53.59 58.33 -49.51
N ALA F 241 52.93 59.02 -50.42
CA ALA F 241 52.04 58.40 -51.41
C ALA F 241 52.75 58.30 -52.77
N LEU F 242 52.25 57.41 -53.61
CA LEU F 242 52.88 57.15 -54.94
C LEU F 242 52.27 58.04 -56.03
N PRO F 243 51.38 57.36 -57.00
CA PRO F 243 51.14 58.09 -58.22
C PRO F 243 50.14 59.20 -57.92
N ARG F 244 50.21 60.25 -58.72
CA ARG F 244 49.24 61.36 -58.64
C ARG F 244 47.88 60.90 -59.19
N PHE F 245 47.01 61.85 -59.43
CA PHE F 245 45.68 61.60 -60.01
C PHE F 245 45.11 62.87 -60.64
N LEU F 246 44.30 62.70 -61.65
CA LEU F 246 43.67 63.81 -62.38
C LEU F 246 42.79 64.67 -61.48
N LEU F 247 42.86 65.96 -61.73
CA LEU F 247 42.01 66.96 -61.05
C LEU F 247 40.95 67.52 -61.99
N ARG F 248 41.33 67.65 -63.26
CA ARG F 248 40.49 68.28 -64.27
C ARG F 248 40.45 67.48 -65.57
N LEU F 249 39.24 67.38 -66.10
CA LEU F 249 39.03 66.83 -67.43
C LEU F 249 39.32 67.94 -68.45
N PRO F 250 40.13 67.63 -69.48
CA PRO F 250 40.57 68.58 -70.51
C PRO F 250 39.36 69.29 -71.12
N TYR F 251 39.53 70.58 -71.45
CA TYR F 251 38.46 71.42 -72.01
C TYR F 251 37.93 70.89 -73.35
N GLY F 252 36.61 70.88 -73.49
CA GLY F 252 35.96 70.30 -74.68
C GLY F 252 34.57 70.91 -74.84
N GLU F 253 34.23 71.17 -76.08
CA GLU F 253 32.93 71.77 -76.47
C GLU F 253 31.72 71.03 -75.85
N LYS F 254 31.90 69.72 -75.64
CA LYS F 254 30.84 68.87 -75.09
C LYS F 254 31.05 68.54 -73.60
N THR F 255 32.20 67.94 -73.30
CA THR F 255 32.50 67.45 -71.94
C THR F 255 32.80 68.56 -70.91
N VAL F 256 33.49 69.61 -71.36
CA VAL F 256 33.88 70.74 -70.49
C VAL F 256 33.99 72.06 -71.28
N PRO F 257 32.85 72.58 -71.65
CA PRO F 257 32.74 73.79 -72.47
C PRO F 257 33.06 75.06 -71.68
N VAL F 258 33.51 76.05 -72.43
CA VAL F 258 33.76 77.42 -71.92
C VAL F 258 32.85 78.40 -72.69
N LYS F 259 32.72 79.60 -72.15
CA LYS F 259 31.87 80.65 -72.74
C LYS F 259 32.55 81.30 -73.95
N ALA F 260 31.73 81.76 -74.89
CA ALA F 260 32.16 82.51 -76.09
C ALA F 260 33.15 81.72 -76.96
N PHE F 261 34.43 81.81 -76.60
CA PHE F 261 35.54 81.15 -77.27
C PHE F 261 35.31 79.63 -77.35
N ASN F 262 35.34 79.13 -78.58
CA ASN F 262 35.18 77.69 -78.82
C ASN F 262 36.52 76.98 -78.60
N PHE F 263 36.84 76.79 -77.34
CA PHE F 263 38.12 76.19 -76.93
C PHE F 263 38.00 74.67 -76.78
N THR F 264 38.91 73.99 -77.46
CA THR F 264 39.10 72.54 -77.36
C THR F 264 40.54 72.24 -76.95
N GLU F 265 40.74 71.97 -75.68
CA GLU F 265 42.11 71.71 -75.18
C GLU F 265 42.71 70.50 -75.90
N ASP F 266 43.97 70.68 -76.30
CA ASP F 266 44.70 69.63 -77.02
C ASP F 266 45.86 69.09 -76.17
N VAL F 267 45.59 68.00 -75.48
CA VAL F 267 46.64 67.26 -74.75
C VAL F 267 47.53 66.53 -75.77
N VAL F 268 48.81 66.89 -75.78
CA VAL F 268 49.81 66.26 -76.67
C VAL F 268 50.10 64.81 -76.22
N GLY F 269 51.28 64.32 -76.70
CA GLY F 269 51.89 63.05 -76.32
C GLY F 269 52.30 63.05 -74.82
N HIS F 270 52.70 64.22 -74.33
CA HIS F 270 53.07 64.38 -72.91
C HIS F 270 51.82 64.46 -72.04
N HIS F 271 51.66 63.43 -71.21
CA HIS F 271 50.57 63.38 -70.22
C HIS F 271 50.72 64.45 -69.13
N GLU F 272 51.89 65.08 -69.07
CA GLU F 272 52.13 66.18 -68.12
C GLU F 272 51.26 67.42 -68.41
N ARG F 273 50.68 67.41 -69.62
CA ARG F 273 49.66 68.39 -70.02
C ARG F 273 48.40 68.28 -69.16
N TYR F 274 48.09 67.06 -68.71
CA TYR F 274 46.98 66.85 -67.76
C TYR F 274 47.29 67.50 -66.41
N LEU F 275 46.25 68.07 -65.83
CA LEU F 275 46.32 68.68 -64.50
C LEU F 275 46.33 67.60 -63.40
N TRP F 276 47.51 67.06 -63.15
CA TRP F 276 47.71 66.07 -62.08
C TRP F 276 47.68 66.74 -60.71
N GLY F 277 47.18 66.00 -59.74
CA GLY F 277 47.00 66.46 -58.34
C GLY F 277 47.75 65.58 -57.36
N HIS F 278 48.11 66.17 -56.24
CA HIS F 278 48.83 65.48 -55.17
C HIS F 278 47.90 64.50 -54.44
N ALA F 279 48.21 63.22 -54.56
CA ALA F 279 47.42 62.14 -53.93
C ALA F 279 47.26 62.27 -52.41
N SER F 280 48.20 62.99 -51.77
CA SER F 280 48.18 63.21 -50.31
C SER F 280 46.84 63.79 -49.82
N VAL F 281 46.22 64.61 -50.68
CA VAL F 281 44.89 65.18 -50.41
C VAL F 281 43.78 64.11 -50.35
N ALA F 282 43.89 63.14 -51.26
CA ALA F 282 42.93 62.03 -51.35
C ALA F 282 43.00 61.19 -50.07
N LEU F 283 44.23 60.96 -49.62
CA LEU F 283 44.47 60.24 -48.36
C LEU F 283 43.94 61.07 -47.16
N THR F 284 44.07 62.38 -47.25
CA THR F 284 43.57 63.30 -46.19
C THR F 284 42.05 63.22 -46.15
N SER F 285 41.36 63.04 -47.22
CA SER F 285 39.89 62.93 -47.20
C SER F 285 39.43 61.62 -46.54
N ARG F 286 40.30 60.61 -46.65
CA ARG F 286 40.08 59.30 -46.00
C ARG F 286 40.07 59.43 -44.49
N VAL F 287 41.03 60.19 -43.99
CA VAL F 287 41.16 60.47 -42.55
C VAL F 287 39.92 61.24 -42.03
N ALA F 288 39.47 62.18 -42.86
CA ALA F 288 38.34 63.07 -42.52
C ALA F 288 37.03 62.28 -42.41
N ASP F 289 36.81 61.37 -43.37
CA ASP F 289 35.57 60.55 -43.39
C ASP F 289 35.46 59.62 -42.18
N SER F 290 36.57 58.96 -41.88
CA SER F 290 36.64 58.05 -40.72
C SER F 290 36.33 58.79 -39.41
N PHE F 291 36.89 60.00 -39.29
CA PHE F 291 36.66 60.87 -38.12
C PHE F 291 35.22 61.40 -38.09
N ALA F 292 34.72 61.80 -39.25
CA ALA F 292 33.36 62.37 -39.36
C ALA F 292 32.30 61.36 -38.88
N LYS F 293 32.55 60.08 -39.18
CA LYS F 293 31.63 58.99 -38.79
C LYS F 293 31.82 58.49 -37.36
N PHE F 294 33.08 58.39 -36.92
CA PHE F 294 33.42 57.70 -35.67
C PHE F 294 34.19 58.51 -34.65
N ARG F 295 34.80 59.59 -35.08
CA ARG F 295 35.71 60.43 -34.27
C ARG F 295 37.05 59.72 -34.03
N TRP F 296 37.32 58.73 -34.88
CA TRP F 296 38.58 57.98 -34.90
C TRP F 296 39.01 57.82 -36.36
N SER F 297 40.31 57.70 -36.58
CA SER F 297 40.85 57.52 -37.94
C SER F 297 41.62 56.20 -38.18
N PRO F 298 40.94 55.06 -38.08
CA PRO F 298 41.53 53.77 -38.51
C PRO F 298 40.93 53.22 -39.82
N ASN F 299 39.75 53.71 -40.21
CA ASN F 299 39.03 53.17 -41.38
C ASN F 299 39.40 53.89 -42.67
N ILE F 300 40.59 53.56 -43.15
CA ILE F 300 41.18 54.29 -44.30
C ILE F 300 41.96 53.37 -45.27
N ILE F 301 41.74 52.06 -45.18
CA ILE F 301 42.59 51.08 -45.90
C ILE F 301 41.82 49.97 -46.63
N GLY F 302 40.78 50.35 -47.36
CA GLY F 302 39.95 49.32 -48.00
C GLY F 302 38.90 49.86 -48.95
N PRO F 303 38.61 49.07 -49.98
CA PRO F 303 37.55 49.35 -50.97
C PRO F 303 36.18 49.50 -50.27
N GLN F 304 36.00 48.73 -49.20
CA GLN F 304 34.75 48.75 -48.41
C GLN F 304 34.91 49.39 -47.04
N SER F 305 36.14 49.31 -46.50
CA SER F 305 36.43 49.81 -45.14
C SER F 305 36.35 51.35 -45.03
N GLY F 306 36.74 52.02 -46.14
CA GLY F 306 36.66 53.48 -46.24
C GLY F 306 37.97 54.13 -46.72
N GLY F 307 38.78 53.31 -47.40
CA GLY F 307 40.00 53.77 -48.10
C GLY F 307 39.76 53.89 -49.60
N ALA F 308 38.49 53.82 -50.00
CA ALA F 308 38.06 53.96 -51.40
C ALA F 308 37.88 55.43 -51.74
N VAL F 309 38.43 55.80 -52.88
CA VAL F 309 38.34 57.16 -53.45
C VAL F 309 37.36 57.05 -54.63
N GLU F 310 36.22 57.67 -54.45
CA GLU F 310 35.13 57.59 -55.44
C GLU F 310 35.02 58.88 -56.23
N ASN F 311 34.53 58.73 -57.47
CA ASN F 311 34.23 59.84 -58.38
C ASN F 311 35.50 60.52 -58.94
N LEU F 312 36.29 59.72 -59.63
CA LEU F 312 37.48 60.22 -60.32
C LEU F 312 37.14 60.73 -61.73
N PRO F 313 37.82 61.78 -62.17
CA PRO F 313 37.68 62.31 -63.53
C PRO F 313 38.02 61.23 -64.56
N LEU F 314 37.28 61.24 -65.65
CA LEU F 314 37.48 60.29 -66.76
C LEU F 314 37.71 61.10 -68.06
N HIS F 315 38.40 60.50 -69.02
CA HIS F 315 38.67 61.15 -70.32
C HIS F 315 38.81 60.14 -71.46
N GLN F 316 37.70 59.87 -72.14
CA GLN F 316 37.71 58.99 -73.33
C GLN F 316 38.25 59.75 -74.54
N TYR F 317 39.17 59.11 -75.23
CA TYR F 317 39.81 59.67 -76.44
C TYR F 317 40.20 58.53 -77.38
N GLU F 318 40.44 58.89 -78.62
CA GLU F 318 40.76 57.88 -79.66
C GLU F 318 42.11 57.21 -79.36
N ALA F 319 42.11 55.92 -79.58
CA ALA F 319 43.31 55.11 -79.43
C ALA F 319 43.85 54.74 -80.83
N MET F 320 44.07 53.46 -81.10
CA MET F 320 44.52 52.95 -82.41
C MET F 320 43.33 52.64 -83.34
N GLY F 321 42.35 53.57 -83.34
CA GLY F 321 41.07 53.37 -84.08
C GLY F 321 39.91 53.03 -83.14
N GLU F 322 40.24 52.73 -81.90
CA GLU F 322 39.28 52.42 -80.83
C GLU F 322 39.20 53.63 -79.88
N ILE F 323 38.57 53.41 -78.75
CA ILE F 323 38.45 54.43 -77.70
C ILE F 323 39.00 53.88 -76.38
N GLN F 324 39.61 54.75 -75.62
CA GLN F 324 40.12 54.43 -74.27
C GLN F 324 40.07 55.69 -73.40
N THR F 325 40.02 55.48 -72.11
CA THR F 325 40.02 56.59 -71.15
C THR F 325 41.39 56.72 -70.50
N LYS F 326 41.82 57.94 -70.37
CA LYS F 326 43.03 58.24 -69.59
C LYS F 326 42.79 57.80 -68.14
N ILE F 327 43.63 56.90 -67.68
CA ILE F 327 43.55 56.38 -66.31
C ILE F 327 43.70 57.57 -65.33
N PRO F 328 42.78 57.66 -64.37
CA PRO F 328 42.77 58.69 -63.33
C PRO F 328 44.09 58.80 -62.60
N THR F 329 44.76 57.67 -62.43
CA THR F 329 46.15 57.63 -61.94
C THR F 329 47.03 57.32 -63.15
N GLU F 330 48.25 57.75 -63.14
CA GLU F 330 49.21 57.61 -64.26
C GLU F 330 49.19 56.16 -64.81
N VAL F 331 49.15 55.21 -63.88
CA VAL F 331 49.15 53.79 -64.23
C VAL F 331 48.01 52.98 -63.57
N MET F 332 47.82 51.79 -64.10
CA MET F 332 46.91 50.79 -63.52
C MET F 332 47.76 49.78 -62.76
N LEU F 333 47.93 50.09 -61.48
CA LEU F 333 48.75 49.28 -60.60
C LEU F 333 48.14 47.88 -60.38
N THR F 334 48.96 46.84 -60.65
CA THR F 334 48.66 45.43 -60.37
C THR F 334 48.79 45.13 -58.87
N GLU F 335 48.18 44.03 -58.44
CA GLU F 335 48.23 43.63 -57.02
C GLU F 335 49.67 43.37 -56.56
N ARG F 336 50.47 42.76 -57.44
CA ARG F 336 51.87 42.43 -57.13
C ARG F 336 52.71 43.70 -56.99
N ARG F 337 52.47 44.65 -57.89
CA ARG F 337 53.23 45.90 -57.84
C ARG F 337 52.84 46.78 -56.64
N GLU F 338 51.56 46.75 -56.28
CA GLU F 338 51.05 47.45 -55.08
C GLU F 338 51.73 46.88 -53.83
N PHE F 339 51.79 45.56 -53.79
CA PHE F 339 52.37 44.84 -52.64
C PHE F 339 53.86 45.16 -52.50
N GLU F 340 54.53 45.29 -53.64
CA GLU F 340 55.96 45.66 -53.69
C GLU F 340 56.18 47.05 -53.09
N LEU F 341 55.33 47.99 -53.52
CA LEU F 341 55.34 49.36 -52.99
C LEU F 341 55.04 49.44 -51.49
N SER F 342 54.14 48.57 -51.06
CA SER F 342 53.77 48.45 -49.64
C SER F 342 54.95 47.98 -48.79
N GLU F 343 55.72 47.06 -49.35
CA GLU F 343 56.95 46.52 -48.73
C GLU F 343 58.03 47.60 -48.59
N GLU F 344 58.02 48.55 -49.52
CA GLU F 344 58.97 49.67 -49.52
C GLU F 344 58.41 50.94 -48.85
N GLY F 345 57.33 50.73 -48.08
CA GLY F 345 56.73 51.78 -47.23
C GLY F 345 56.13 52.96 -48.02
N PHE F 346 55.56 52.65 -49.18
CA PHE F 346 54.82 53.65 -49.97
C PHE F 346 53.32 53.38 -49.86
N ILE F 347 52.56 54.45 -49.97
CA ILE F 347 51.08 54.41 -49.95
C ILE F 347 50.60 54.61 -51.39
N GLY F 348 50.39 53.48 -52.06
CA GLY F 348 49.98 53.46 -53.47
C GLY F 348 48.46 53.47 -53.60
N LEU F 349 47.95 54.54 -54.21
CA LEU F 349 46.53 54.65 -54.59
C LEU F 349 46.32 53.88 -55.90
N VAL F 350 45.78 52.69 -55.77
CA VAL F 350 45.54 51.83 -56.96
C VAL F 350 44.20 52.23 -57.63
N PHE F 351 44.19 52.07 -58.94
CA PHE F 351 42.99 52.34 -59.74
C PHE F 351 42.22 51.05 -60.01
N ARG F 352 40.92 51.10 -59.76
CA ARG F 352 40.01 49.99 -60.04
C ARG F 352 39.73 49.98 -61.55
N LYS F 353 40.25 48.94 -62.21
CA LYS F 353 40.19 48.84 -63.68
C LYS F 353 38.76 49.02 -64.19
N ASP F 354 38.66 49.85 -65.23
CA ASP F 354 37.39 50.12 -65.94
C ASP F 354 36.34 50.90 -65.11
N SER F 355 36.78 51.59 -64.08
CA SER F 355 35.85 52.40 -63.28
C SER F 355 36.39 53.82 -63.08
N ASP F 356 35.82 54.56 -62.14
CA ASP F 356 36.31 55.87 -61.70
C ASP F 356 36.61 55.84 -60.20
N ASN F 357 36.94 54.64 -59.71
CA ASN F 357 37.22 54.41 -58.28
C ASN F 357 38.65 53.91 -58.10
N ALA F 358 39.27 54.42 -57.07
CA ALA F 358 40.61 54.01 -56.62
C ALA F 358 40.56 53.65 -55.13
N ALA F 359 41.52 52.87 -54.65
CA ALA F 359 41.56 52.47 -53.24
C ALA F 359 42.98 52.44 -52.65
N PHE F 360 43.06 52.73 -51.37
CA PHE F 360 44.28 52.58 -50.57
C PHE F 360 44.20 51.25 -49.82
N PHE F 361 44.86 50.24 -50.36
CA PHE F 361 44.88 48.90 -49.74
C PHE F 361 45.55 48.85 -48.36
N SER F 362 46.51 49.75 -48.13
CA SER F 362 47.18 49.88 -46.83
C SER F 362 47.90 51.22 -46.70
N ALA F 363 48.11 51.61 -45.46
CA ALA F 363 48.80 52.87 -45.11
C ALA F 363 50.00 52.61 -44.19
N ASN F 364 50.95 51.84 -44.70
CA ASN F 364 52.22 51.63 -43.98
C ASN F 364 53.01 52.93 -43.93
N SER F 365 53.66 53.17 -42.81
CA SER F 365 54.52 54.36 -42.69
C SER F 365 55.84 54.09 -43.41
N THR F 366 56.74 55.07 -43.37
CA THR F 366 58.08 54.89 -43.94
C THR F 366 58.88 53.83 -43.17
N GLN F 367 58.66 53.74 -41.86
CA GLN F 367 59.44 52.85 -40.99
C GLN F 367 59.42 51.39 -41.48
N LYS F 368 60.62 50.82 -41.50
CA LYS F 368 60.85 49.43 -41.88
C LYS F 368 60.73 48.54 -40.61
N PRO F 369 59.92 47.48 -40.68
CA PRO F 369 59.75 46.52 -39.58
C PRO F 369 61.08 45.86 -39.22
N ARG F 370 61.25 45.59 -37.93
CA ARG F 370 62.42 44.88 -37.40
C ARG F 370 62.13 43.38 -37.29
N PHE F 371 63.15 42.58 -37.52
CA PHE F 371 63.04 41.12 -37.39
C PHE F 371 63.65 40.67 -36.06
N PHE F 372 62.96 39.76 -35.42
CA PHE F 372 63.38 39.18 -34.13
C PHE F 372 63.51 37.66 -34.23
N GLY F 373 64.19 37.09 -33.24
CA GLY F 373 64.38 35.62 -33.16
C GLY F 373 63.01 34.92 -33.17
N ASN F 374 62.98 33.80 -33.87
CA ASN F 374 61.73 33.01 -34.04
C ASN F 374 61.38 32.19 -32.80
N THR F 375 61.05 32.91 -31.75
CA THR F 375 60.64 32.32 -30.47
C THR F 375 59.29 32.93 -30.07
N PRO F 376 58.63 32.43 -29.02
CA PRO F 376 57.34 32.96 -28.55
C PRO F 376 57.43 34.47 -28.23
N GLU F 377 58.50 34.83 -27.51
CA GLU F 377 58.78 36.22 -27.14
C GLU F 377 59.21 37.08 -28.34
N GLY F 378 60.03 36.46 -29.21
CA GLY F 378 60.58 37.14 -30.40
C GLY F 378 59.49 37.52 -31.41
N LYS F 379 58.53 36.62 -31.57
CA LYS F 379 57.40 36.82 -32.50
C LYS F 379 56.40 37.84 -31.95
N ALA F 380 56.28 37.87 -30.62
CA ALA F 380 55.47 38.87 -29.91
C ALA F 380 56.06 40.28 -30.09
N ALA F 381 57.40 40.33 -30.10
CA ALA F 381 58.15 41.58 -30.32
C ALA F 381 57.93 42.13 -31.73
N GLU F 382 57.91 41.20 -32.68
CA GLU F 382 57.66 41.50 -34.09
C GLU F 382 56.22 42.03 -34.30
N THR F 383 55.26 41.35 -33.66
CA THR F 383 53.84 41.75 -33.71
C THR F 383 53.67 43.19 -33.22
N ASN F 384 54.28 43.46 -32.07
CA ASN F 384 54.18 44.78 -31.43
C ASN F 384 54.83 45.89 -32.26
N TYR F 385 55.98 45.57 -32.84
CA TYR F 385 56.74 46.54 -33.64
C TYR F 385 56.03 46.86 -34.96
N ARG F 386 55.43 45.84 -35.56
CA ARG F 386 54.68 45.99 -36.83
C ARG F 386 53.42 46.86 -36.67
N LEU F 387 52.78 46.73 -35.51
CA LEU F 387 51.61 47.57 -35.20
C LEU F 387 51.97 49.06 -35.19
N GLY F 388 53.20 49.30 -34.66
CA GLY F 388 53.80 50.64 -34.60
C GLY F 388 54.08 51.22 -36.00
N THR F 389 54.44 50.34 -36.93
CA THR F 389 54.83 50.75 -38.29
C THR F 389 53.65 51.15 -39.20
N GLN F 390 52.44 50.84 -38.76
CA GLN F 390 51.24 51.10 -39.58
C GLN F 390 50.42 52.26 -39.04
N LEU F 391 50.12 53.18 -39.93
CA LEU F 391 49.34 54.40 -39.64
C LEU F 391 47.92 54.15 -39.09
N PRO F 392 47.19 53.14 -39.59
CA PRO F 392 45.84 52.81 -39.09
C PRO F 392 45.78 52.57 -37.57
N TYR F 393 46.92 52.19 -36.98
CA TYR F 393 47.01 51.94 -35.53
C TYR F 393 47.65 53.12 -34.78
N MET F 394 48.59 53.79 -35.43
CA MET F 394 49.25 54.99 -34.88
C MET F 394 48.24 56.14 -34.70
N PHE F 395 47.22 56.17 -35.51
CA PHE F 395 46.18 57.21 -35.41
C PHE F 395 45.39 57.07 -34.11
N ILE F 396 45.25 55.81 -33.68
CA ILE F 396 44.60 55.49 -32.40
C ILE F 396 45.44 56.05 -31.25
N MET F 397 46.73 55.74 -31.26
CA MET F 397 47.62 56.22 -30.20
C MET F 397 47.74 57.75 -30.19
N THR F 398 47.68 58.36 -31.37
CA THR F 398 47.79 59.82 -31.52
C THR F 398 46.61 60.51 -30.82
N ARG F 399 45.41 59.99 -31.05
CA ARG F 399 44.19 60.56 -30.44
C ARG F 399 44.17 60.33 -28.93
N LEU F 400 44.68 59.17 -28.51
CA LEU F 400 44.83 58.83 -27.09
C LEU F 400 45.78 59.80 -26.39
N ALA F 401 46.88 60.11 -27.07
CA ALA F 401 47.89 61.05 -26.59
C ALA F 401 47.30 62.47 -26.45
N HIS F 402 46.44 62.83 -27.39
CA HIS F 402 45.79 64.15 -27.35
C HIS F 402 44.76 64.28 -26.23
N TYR F 403 44.04 63.19 -25.98
CA TYR F 403 43.02 63.16 -24.91
C TYR F 403 43.67 63.19 -23.53
N ILE F 404 44.77 62.48 -23.39
CA ILE F 404 45.51 62.39 -22.10
C ILE F 404 46.09 63.76 -21.72
N LYS F 405 46.70 64.43 -22.71
CA LYS F 405 47.33 65.74 -22.50
C LYS F 405 46.30 66.76 -21.98
N VAL F 406 45.18 66.82 -22.69
CA VAL F 406 44.09 67.77 -22.37
C VAL F 406 43.48 67.44 -20.99
N LEU F 407 42.88 66.25 -20.91
CA LEU F 407 42.12 65.83 -19.73
C LEU F 407 42.94 65.78 -18.44
N GLN F 408 44.21 65.47 -18.57
CA GLN F 408 45.12 65.40 -17.41
C GLN F 408 45.49 66.77 -16.84
N ARG F 409 45.60 67.77 -17.71
CA ARG F 409 45.88 69.15 -17.27
C ARG F 409 44.76 69.71 -16.38
N GLU F 410 43.53 69.26 -16.68
CA GLU F 410 42.35 69.61 -15.87
C GLU F 410 42.41 69.05 -14.45
N GLN F 411 43.11 67.92 -14.33
CA GLN F 411 43.22 67.19 -13.05
C GLN F 411 44.38 67.68 -12.16
N ILE F 412 45.32 68.42 -12.73
CA ILE F 412 46.46 68.94 -11.96
C ILE F 412 45.94 69.78 -10.77
N GLY F 413 46.48 69.45 -9.59
CA GLY F 413 46.10 70.15 -8.35
C GLY F 413 45.13 69.33 -7.48
N SER F 414 44.50 68.33 -8.08
CA SER F 414 43.56 67.44 -7.36
C SER F 414 44.31 66.49 -6.41
N TRP F 415 43.61 66.06 -5.38
CA TRP F 415 44.15 65.13 -4.37
C TRP F 415 44.22 63.70 -4.94
N LYS F 416 45.29 63.41 -5.66
CA LYS F 416 45.47 62.09 -6.27
C LYS F 416 46.66 61.34 -5.68
N GLU F 417 46.37 60.20 -5.10
CA GLU F 417 47.37 59.22 -4.67
C GLU F 417 47.61 58.25 -5.82
N LYS F 418 48.65 57.43 -5.74
CA LYS F 418 49.03 56.51 -6.84
C LYS F 418 47.87 55.65 -7.38
N SER F 419 47.17 54.97 -6.46
CA SER F 419 46.04 54.09 -6.80
C SER F 419 44.81 54.87 -7.28
N ASP F 420 44.76 56.16 -6.96
CA ASP F 420 43.69 57.03 -7.47
C ASP F 420 43.77 57.21 -8.99
N LEU F 421 45.00 57.34 -9.47
CA LEU F 421 45.27 57.42 -10.91
C LEU F 421 44.95 56.12 -11.65
N GLU F 422 45.30 54.99 -11.02
CA GLU F 422 45.01 53.68 -11.62
C GLU F 422 43.51 53.44 -11.74
N ARG F 423 42.77 53.84 -10.71
CA ARG F 423 41.31 53.68 -10.69
C ARG F 423 40.64 54.54 -11.77
N GLU F 424 41.00 55.82 -11.79
CA GLU F 424 40.37 56.77 -12.72
C GLU F 424 40.80 56.55 -14.18
N LEU F 425 42.10 56.32 -14.38
CA LEU F 425 42.64 56.02 -15.72
C LEU F 425 42.04 54.75 -16.33
N ASN F 426 41.77 53.77 -15.47
CA ASN F 426 41.13 52.52 -15.91
C ASN F 426 39.68 52.75 -16.36
N HIS F 427 38.96 53.52 -15.54
CA HIS F 427 37.56 53.85 -15.85
C HIS F 427 37.45 54.70 -17.13
N TRP F 428 38.47 55.52 -17.36
CA TRP F 428 38.52 56.38 -18.55
C TRP F 428 38.75 55.58 -19.83
N LEU F 429 39.78 54.74 -19.80
CA LEU F 429 40.17 54.02 -21.02
C LEU F 429 39.07 53.06 -21.49
N SER F 430 38.34 52.49 -20.53
CA SER F 430 37.21 51.60 -20.82
C SER F 430 36.19 52.23 -21.78
N GLN F 431 36.16 53.56 -21.80
CA GLN F 431 35.28 54.32 -22.69
C GLN F 431 35.44 53.95 -24.17
N TYR F 432 36.66 53.57 -24.57
CA TYR F 432 36.96 53.24 -25.97
C TYR F 432 37.27 51.76 -26.19
N ILE F 433 36.78 50.92 -25.30
CA ILE F 433 37.03 49.47 -25.38
C ILE F 433 35.76 48.72 -25.76
N SER F 434 35.91 47.81 -26.69
CA SER F 434 34.83 46.90 -27.10
C SER F 434 35.33 45.47 -26.96
N ASP F 435 35.15 44.93 -25.80
CA ASP F 435 35.68 43.60 -25.40
C ASP F 435 34.59 42.53 -25.42
N MET F 436 33.71 42.62 -26.38
CA MET F 436 32.63 41.63 -26.51
C MET F 436 33.09 40.45 -27.38
N ASP F 437 32.36 39.37 -27.28
CA ASP F 437 32.65 38.13 -28.04
C ASP F 437 32.76 38.38 -29.55
N ASP F 438 31.89 39.25 -30.06
CA ASP F 438 31.78 39.59 -31.48
C ASP F 438 30.98 40.88 -31.67
N PRO F 439 31.65 42.00 -31.55
CA PRO F 439 31.08 43.34 -31.81
C PRO F 439 30.73 43.44 -33.28
N ALA F 440 29.66 44.21 -33.54
CA ALA F 440 29.26 44.39 -34.93
C ALA F 440 30.44 44.91 -35.76
N PRO F 441 30.68 44.27 -36.89
CA PRO F 441 31.84 44.57 -37.77
C PRO F 441 31.76 46.04 -38.20
N ALA F 442 32.91 46.71 -38.13
CA ALA F 442 33.01 48.16 -38.41
C ALA F 442 32.20 49.00 -37.40
N VAL F 443 32.08 48.48 -36.19
CA VAL F 443 31.39 49.15 -35.07
C VAL F 443 32.35 49.28 -33.89
N ARG F 444 33.10 48.19 -33.69
CA ARG F 444 34.55 48.21 -33.42
C ARG F 444 35.26 49.50 -33.88
N SER F 445 34.71 50.09 -34.93
CA SER F 445 35.20 51.37 -35.46
C SER F 445 35.17 52.52 -34.44
N ARG F 446 34.01 52.78 -33.81
CA ARG F 446 33.92 53.82 -32.78
C ARG F 446 34.68 53.48 -31.48
N ARG F 447 34.83 52.16 -31.24
CA ARG F 447 35.61 51.64 -30.10
C ARG F 447 36.77 50.77 -30.62
N PRO F 448 37.85 51.44 -31.00
CA PRO F 448 39.01 50.82 -31.69
C PRO F 448 39.76 49.78 -30.86
N LEU F 449 39.71 49.93 -29.54
CA LEU F 449 40.45 49.06 -28.61
C LEU F 449 39.66 47.82 -28.19
N ARG F 450 40.39 46.75 -27.98
CA ARG F 450 39.83 45.47 -27.49
C ARG F 450 40.20 45.25 -26.02
N ALA F 451 41.45 45.52 -25.70
CA ALA F 451 41.97 45.43 -24.33
C ALA F 451 42.94 46.57 -24.06
N ALA F 452 43.14 46.84 -22.79
CA ALA F 452 44.13 47.82 -22.34
C ALA F 452 44.50 47.65 -20.88
N ARG F 453 45.75 47.98 -20.62
CA ARG F 453 46.35 47.83 -19.29
C ARG F 453 47.05 49.12 -18.88
N VAL F 454 46.82 49.49 -17.63
CA VAL F 454 47.44 50.68 -17.02
C VAL F 454 48.11 50.30 -15.70
N VAL F 455 49.34 50.74 -15.57
CA VAL F 455 50.11 50.68 -14.31
C VAL F 455 50.62 52.07 -13.95
N VAL F 456 50.55 52.39 -12.68
CA VAL F 456 51.05 53.70 -12.19
C VAL F 456 52.01 53.45 -11.03
N GLU F 457 53.17 54.08 -11.13
CA GLU F 457 54.17 54.04 -10.05
C GLU F 457 54.47 55.47 -9.61
N ASP F 458 55.28 55.58 -8.57
CA ASP F 458 55.65 56.88 -8.00
C ASP F 458 57.05 57.28 -8.44
N VAL F 459 57.20 58.54 -8.77
CA VAL F 459 58.54 59.14 -9.02
C VAL F 459 59.18 59.36 -7.64
N GLU F 460 60.03 58.43 -7.26
CA GLU F 460 60.66 58.45 -5.92
C GLU F 460 61.47 59.74 -5.73
N GLY F 461 61.26 60.33 -4.54
CA GLY F 461 61.90 61.61 -4.16
C GLY F 461 61.28 62.82 -4.89
N GLN F 462 60.06 62.63 -5.39
CA GLN F 462 59.27 63.71 -6.01
C GLN F 462 57.77 63.46 -5.78
N PRO F 463 57.29 63.86 -4.61
CA PRO F 463 55.90 63.64 -4.18
C PRO F 463 54.93 64.43 -5.06
N GLY F 464 53.91 63.73 -5.55
CA GLY F 464 52.91 64.35 -6.43
C GLY F 464 53.10 63.98 -7.90
N TRP F 465 54.27 63.43 -8.22
CA TRP F 465 54.60 63.00 -9.59
C TRP F 465 54.54 61.48 -9.72
N TYR F 466 54.05 61.06 -10.85
CA TYR F 466 53.81 59.63 -11.14
C TYR F 466 54.36 59.22 -12.50
N ARG F 467 54.63 57.93 -12.61
CA ARG F 467 55.07 57.29 -13.87
C ARG F 467 54.00 56.30 -14.33
N CYS F 468 53.38 56.62 -15.44
CA CYS F 468 52.24 55.82 -15.95
C CYS F 468 52.60 55.08 -17.23
N SER F 469 52.18 53.84 -17.28
CA SER F 469 52.33 52.99 -18.47
C SER F 469 50.97 52.53 -18.98
N LEU F 470 50.76 52.85 -20.25
CA LEU F 470 49.52 52.52 -20.96
C LEU F 470 49.81 51.66 -22.19
N GLN F 471 49.30 50.44 -22.16
CA GLN F 471 49.45 49.48 -23.26
C GLN F 471 48.06 49.03 -23.74
N VAL F 472 47.89 49.02 -25.05
CA VAL F 472 46.58 48.73 -25.67
C VAL F 472 46.67 47.67 -26.77
N ARG F 473 45.59 46.92 -26.90
CA ARG F 473 45.44 45.87 -27.93
C ARG F 473 44.26 46.28 -28.83
N PRO F 474 44.54 46.91 -29.96
CA PRO F 474 43.54 47.35 -30.95
C PRO F 474 42.95 46.15 -31.68
N HIS F 475 41.74 46.30 -32.22
CA HIS F 475 41.18 45.30 -33.14
C HIS F 475 42.02 45.26 -34.41
N PHE F 476 42.15 44.07 -35.00
CA PHE F 476 43.02 43.89 -36.17
C PHE F 476 42.30 44.08 -37.49
N LYS F 477 42.99 44.76 -38.37
CA LYS F 477 42.56 44.92 -39.77
C LYS F 477 42.94 43.68 -40.58
N TYR F 478 42.02 43.27 -41.44
CA TYR F 478 42.24 42.17 -42.39
C TYR F 478 43.12 42.68 -43.54
N MET F 479 44.36 42.18 -43.60
CA MET F 479 45.35 42.74 -44.55
C MET F 479 46.10 41.69 -45.39
N GLY F 480 45.43 40.57 -45.65
CA GLY F 480 46.03 39.49 -46.47
C GLY F 480 45.88 38.11 -45.84
N ALA F 481 45.99 37.12 -46.69
CA ALA F 481 45.78 35.70 -46.32
C ALA F 481 46.22 34.77 -47.45
N SER F 482 46.65 33.58 -47.07
CA SER F 482 47.02 32.52 -48.01
C SER F 482 45.99 31.40 -47.95
N PHE F 483 45.63 30.90 -49.12
CA PHE F 483 44.62 29.84 -49.25
C PHE F 483 45.22 28.57 -49.87
N THR F 484 44.84 27.45 -49.27
CA THR F 484 45.21 26.11 -49.76
C THR F 484 43.94 25.35 -50.18
N LEU F 485 43.78 25.17 -51.46
CA LEU F 485 42.61 24.44 -52.00
C LEU F 485 42.95 22.97 -52.17
N SER F 486 41.97 22.12 -51.92
CA SER F 486 42.17 20.67 -52.02
C SER F 486 40.85 19.92 -52.21
N LEU F 487 40.84 19.13 -53.27
CA LEU F 487 39.79 18.12 -53.49
C LEU F 487 40.02 16.96 -52.53
N VAL F 488 38.96 16.34 -52.08
CA VAL F 488 39.03 15.27 -51.07
C VAL F 488 37.79 14.38 -51.14
N GLY F 489 38.05 13.09 -50.98
CA GLY F 489 36.98 12.09 -50.82
C GLY F 489 36.90 11.72 -49.35
N LYS F 490 35.76 11.29 -48.89
CA LYS F 490 35.47 10.85 -47.49
C LYS F 490 35.70 11.98 -46.46
N LEU F 491 35.56 13.22 -46.91
CA LEU F 491 35.63 14.38 -46.02
C LEU F 491 34.46 14.30 -45.03
N ASP F 492 34.70 14.67 -43.79
CA ASP F 492 33.60 14.76 -42.80
C ASP F 492 32.58 15.78 -43.32
N LYS F 493 31.32 15.38 -43.32
CA LYS F 493 30.23 16.21 -43.91
C LYS F 493 30.02 17.56 -43.18
N LEU G 30 56.24 -2.92 -59.33
CA LEU G 30 57.35 -3.62 -59.98
C LEU G 30 56.83 -4.77 -60.85
N PRO G 31 57.14 -4.68 -62.16
CA PRO G 31 56.82 -5.75 -63.12
C PRO G 31 57.48 -7.06 -62.68
N LEU G 32 56.96 -8.15 -63.22
CA LEU G 32 57.58 -9.47 -63.06
C LEU G 32 58.31 -9.81 -64.36
N LYS G 33 59.63 -9.60 -64.34
CA LYS G 33 60.45 -9.85 -65.52
C LYS G 33 61.26 -11.13 -65.32
N VAL G 34 61.15 -11.98 -66.33
CA VAL G 34 61.89 -13.25 -66.40
C VAL G 34 62.95 -13.14 -67.50
N LEU G 35 64.03 -13.88 -67.28
CA LEU G 35 65.13 -13.97 -68.23
C LEU G 35 65.28 -15.42 -68.72
N MET G 36 64.95 -15.62 -69.99
CA MET G 36 65.09 -16.93 -70.64
C MET G 36 66.45 -17.04 -71.32
N LEU G 37 67.28 -17.88 -70.73
CA LEU G 37 68.65 -18.08 -71.25
C LEU G 37 68.73 -19.49 -71.82
N GLY G 38 69.26 -19.56 -73.05
CA GLY G 38 69.33 -20.84 -73.78
C GLY G 38 69.95 -20.66 -75.17
N ASP G 39 70.20 -21.81 -75.78
CA ASP G 39 70.82 -21.88 -77.11
C ASP G 39 69.74 -21.77 -78.21
N PHE G 40 69.38 -20.53 -78.51
CA PHE G 40 68.34 -20.24 -79.52
C PHE G 40 68.83 -20.27 -80.98
N THR G 41 70.14 -20.36 -81.15
CA THR G 41 70.76 -20.41 -82.49
C THR G 41 71.49 -21.75 -82.69
N GLY G 42 71.81 -22.02 -83.96
CA GLY G 42 72.53 -23.25 -84.36
C GLY G 42 74.03 -23.23 -84.04
N GLN G 43 74.51 -22.08 -83.53
CA GLN G 43 75.95 -21.88 -83.26
C GLN G 43 76.17 -20.86 -82.13
N GLU G 44 77.31 -21.02 -81.47
CA GLU G 44 77.79 -20.03 -80.48
C GLU G 44 78.17 -18.72 -81.17
N ASP G 45 78.04 -17.62 -80.44
CA ASP G 45 78.44 -16.30 -80.93
C ASP G 45 79.88 -15.98 -80.49
N ALA G 46 80.59 -15.28 -81.38
CA ALA G 46 81.92 -14.73 -81.12
C ALA G 46 81.89 -13.60 -80.06
N ARG G 47 80.79 -12.85 -80.04
CA ARG G 47 80.59 -11.75 -79.09
C ARG G 47 80.60 -12.27 -77.64
N PRO G 48 81.36 -11.60 -76.77
CA PRO G 48 81.41 -11.92 -75.33
C PRO G 48 80.01 -11.84 -74.72
N LEU G 49 79.79 -12.64 -73.69
CA LEU G 49 78.50 -12.68 -72.98
C LEU G 49 78.04 -11.32 -72.45
N GLU G 50 79.00 -10.58 -71.90
CA GLU G 50 78.75 -9.23 -71.38
C GLU G 50 78.38 -8.21 -72.47
N GLN G 51 78.77 -8.51 -73.70
CA GLN G 51 78.58 -7.61 -74.84
C GLN G 51 77.26 -7.89 -75.57
N ARG G 52 76.96 -9.17 -75.83
CA ARG G 52 75.68 -9.55 -76.46
C ARG G 52 74.53 -9.06 -75.58
N ALA G 53 73.50 -8.60 -76.26
CA ALA G 53 72.37 -7.95 -75.57
C ALA G 53 71.14 -8.86 -75.48
N PRO G 54 70.32 -8.64 -74.43
CA PRO G 54 69.02 -9.31 -74.27
C PRO G 54 67.98 -8.69 -75.22
N ILE G 55 66.99 -9.51 -75.57
CA ILE G 55 65.89 -9.10 -76.46
C ILE G 55 64.55 -9.18 -75.71
N ASN G 56 63.82 -8.08 -75.72
CA ASN G 56 62.47 -8.04 -75.12
C ASN G 56 61.46 -8.68 -76.09
N VAL G 57 60.75 -9.67 -75.58
CA VAL G 57 59.75 -10.42 -76.38
C VAL G 57 58.35 -10.27 -75.76
N ASP G 58 57.38 -10.18 -76.66
CA ASP G 58 55.95 -10.18 -76.29
C ASP G 58 55.11 -10.73 -77.45
N LYS G 59 53.82 -10.89 -77.19
CA LYS G 59 52.85 -11.43 -78.17
C LYS G 59 52.79 -10.67 -79.50
N ALA G 60 53.08 -9.37 -79.46
CA ALA G 60 52.93 -8.47 -80.62
C ALA G 60 54.21 -8.29 -81.45
N ASN G 61 55.23 -9.10 -81.19
CA ASN G 61 56.51 -9.02 -81.91
C ASN G 61 57.34 -10.32 -81.87
N PHE G 62 56.72 -11.40 -81.42
CA PHE G 62 57.41 -12.69 -81.27
C PHE G 62 58.06 -13.12 -82.59
N ASN G 63 57.25 -13.11 -83.65
CA ASN G 63 57.71 -13.46 -85.00
C ASN G 63 58.82 -12.52 -85.51
N GLU G 64 58.68 -11.24 -85.19
CA GLU G 64 59.60 -10.18 -85.61
C GLU G 64 60.97 -10.45 -84.98
N VAL G 65 60.93 -10.94 -83.74
CA VAL G 65 62.14 -11.32 -83.00
C VAL G 65 62.87 -12.48 -83.69
N MET G 66 62.11 -13.48 -84.13
CA MET G 66 62.70 -14.64 -84.83
C MET G 66 63.37 -14.22 -86.14
N ALA G 67 62.66 -13.36 -86.88
CA ALA G 67 63.13 -12.82 -88.17
C ALA G 67 64.44 -12.03 -87.99
N GLN G 68 64.47 -11.20 -86.96
CA GLN G 68 65.67 -10.39 -86.64
C GLN G 68 66.83 -11.23 -86.09
N GLN G 69 66.50 -12.30 -85.36
CA GLN G 69 67.50 -13.19 -84.76
C GLN G 69 68.26 -13.95 -85.85
N ASN G 70 67.55 -14.27 -86.94
CA ASN G 70 68.12 -14.97 -88.10
C ASN G 70 68.61 -16.36 -87.68
N LEU G 71 67.78 -17.35 -87.99
CA LEU G 71 68.07 -18.75 -87.65
C LEU G 71 68.54 -19.50 -88.89
N LYS G 72 69.50 -20.40 -88.67
CA LYS G 72 70.08 -21.22 -89.74
C LYS G 72 70.60 -22.54 -89.18
N VAL G 73 70.32 -23.59 -89.94
CA VAL G 73 70.80 -24.95 -89.63
C VAL G 73 71.53 -25.57 -90.84
N THR G 74 72.81 -25.83 -90.60
CA THR G 74 73.64 -26.57 -91.56
C THR G 74 73.90 -27.94 -90.93
N LEU G 75 73.26 -28.94 -91.51
CA LEU G 75 73.29 -30.30 -90.95
C LEU G 75 73.14 -31.33 -92.08
N THR G 76 73.66 -32.50 -91.77
CA THR G 76 73.62 -33.65 -92.67
C THR G 76 72.75 -34.77 -92.09
N ALA G 77 71.86 -35.28 -92.92
CA ALA G 77 70.97 -36.41 -92.61
C ALA G 77 71.21 -37.55 -93.61
N ALA G 78 70.86 -38.77 -93.20
CA ALA G 78 70.90 -39.94 -94.09
C ALA G 78 70.02 -39.69 -95.32
N ASP G 79 70.62 -39.89 -96.49
CA ASP G 79 69.90 -39.75 -97.77
C ASP G 79 69.10 -41.03 -98.02
N LYS G 80 67.80 -40.93 -97.79
CA LYS G 80 66.91 -42.10 -97.99
C LYS G 80 66.09 -42.00 -99.29
N LEU G 81 66.58 -41.16 -100.20
CA LEU G 81 65.99 -41.03 -101.55
C LEU G 81 66.56 -42.08 -102.53
N SER G 82 67.56 -42.80 -102.04
CA SER G 82 68.20 -43.90 -102.78
C SER G 82 68.34 -45.14 -101.86
N ALA G 83 69.14 -46.10 -102.32
CA ALA G 83 69.43 -47.35 -101.60
C ALA G 83 70.93 -47.51 -101.30
N ASP G 84 71.56 -46.40 -100.93
CA ASP G 84 72.99 -46.41 -100.62
C ASP G 84 73.23 -45.92 -99.17
N PRO G 85 73.84 -46.76 -98.33
CA PRO G 85 74.22 -46.40 -96.95
C PRO G 85 75.25 -45.27 -96.85
N ASN G 86 76.07 -45.12 -97.89
CA ASN G 86 77.09 -44.05 -97.99
C ASN G 86 76.53 -42.71 -98.49
N ALA G 87 75.29 -42.73 -98.98
CA ALA G 87 74.59 -41.52 -99.44
C ALA G 87 74.12 -40.68 -98.26
N THR G 88 74.60 -39.45 -98.26
CA THR G 88 74.25 -38.47 -97.24
C THR G 88 73.72 -37.17 -97.87
N MET G 89 72.82 -36.50 -97.16
CA MET G 89 72.24 -35.23 -97.63
C MET G 89 72.53 -34.10 -96.64
N ASN G 90 73.17 -33.06 -97.16
CA ASN G 90 73.43 -31.85 -96.38
C ASN G 90 72.47 -30.74 -96.80
N VAL G 91 71.83 -30.18 -95.79
CA VAL G 91 70.81 -29.12 -95.96
C VAL G 91 71.23 -27.85 -95.23
N SER G 92 70.74 -26.72 -95.74
CA SER G 92 70.97 -25.40 -95.13
C SER G 92 69.63 -24.68 -94.92
N LEU G 93 68.95 -25.02 -93.83
CA LEU G 93 67.63 -24.43 -93.54
C LEU G 93 67.76 -23.07 -92.86
N GLN G 94 66.81 -22.21 -93.19
CA GLN G 94 66.72 -20.84 -92.65
C GLN G 94 65.30 -20.61 -92.14
N PHE G 95 65.23 -19.95 -91.00
CA PHE G 95 63.93 -19.68 -90.36
C PHE G 95 63.77 -18.20 -90.05
N LYS G 96 62.56 -17.72 -90.29
CA LYS G 96 62.14 -16.33 -90.00
C LYS G 96 61.03 -16.32 -88.95
N ASN G 97 60.18 -17.35 -89.01
CA ASN G 97 59.08 -17.57 -88.06
C ASN G 97 58.90 -19.07 -87.81
N LEU G 98 58.02 -19.38 -86.85
CA LEU G 98 57.68 -20.78 -86.49
C LEU G 98 57.08 -21.60 -87.63
N ASN G 99 56.38 -20.89 -88.53
CA ASN G 99 55.79 -21.51 -89.73
C ASN G 99 56.87 -22.15 -90.62
N ASP G 100 58.10 -21.65 -90.53
CA ASP G 100 59.24 -22.16 -91.29
C ASP G 100 59.80 -23.50 -90.79
N PHE G 101 59.22 -24.03 -89.72
CA PHE G 101 59.57 -25.38 -89.22
C PHE G 101 58.62 -26.45 -89.73
N SER G 102 57.58 -26.02 -90.45
CA SER G 102 56.62 -26.95 -91.05
C SER G 102 57.27 -27.72 -92.21
N PRO G 103 56.87 -28.97 -92.43
CA PRO G 103 57.39 -29.81 -93.53
C PRO G 103 57.29 -29.13 -94.90
N GLU G 104 56.28 -28.28 -95.06
CA GLU G 104 56.07 -27.49 -96.29
C GLU G 104 57.24 -26.52 -96.58
N SER G 105 57.78 -25.91 -95.53
CA SER G 105 58.93 -24.99 -95.67
C SER G 105 60.25 -25.77 -95.78
N VAL G 106 60.32 -26.91 -95.10
CA VAL G 106 61.49 -27.81 -95.14
C VAL G 106 61.73 -28.30 -96.58
N VAL G 107 60.64 -28.72 -97.23
CA VAL G 107 60.68 -29.16 -98.63
C VAL G 107 61.15 -28.04 -99.57
N ASN G 108 60.60 -26.84 -99.33
CA ASN G 108 60.88 -25.67 -100.17
C ASN G 108 62.35 -25.23 -100.11
N GLN G 109 63.01 -25.54 -98.99
CA GLN G 109 64.42 -25.19 -98.79
C GLN G 109 65.38 -26.35 -99.05
N VAL G 110 64.82 -27.47 -99.49
CA VAL G 110 65.60 -28.67 -99.82
C VAL G 110 65.28 -29.07 -101.26
N PRO G 111 66.13 -28.66 -102.21
CA PRO G 111 65.96 -28.91 -103.66
C PRO G 111 65.71 -30.40 -104.00
N GLU G 112 66.34 -31.28 -103.26
CA GLU G 112 66.25 -32.74 -103.39
C GLU G 112 64.83 -33.26 -103.08
N LEU G 113 64.08 -32.47 -102.31
CA LEU G 113 62.67 -32.73 -101.99
C LEU G 113 61.72 -31.81 -102.77
N LYS G 114 62.15 -30.56 -102.97
CA LYS G 114 61.36 -29.55 -103.69
C LYS G 114 61.04 -30.01 -105.12
N LYS G 115 62.04 -30.58 -105.79
CA LYS G 115 61.87 -31.14 -107.15
C LYS G 115 60.91 -32.32 -107.17
N LEU G 116 60.93 -33.11 -106.10
CA LEU G 116 60.01 -34.25 -105.92
C LEU G 116 58.57 -33.81 -105.68
N LEU G 117 58.42 -32.66 -105.01
CA LEU G 117 57.11 -32.05 -104.79
C LEU G 117 56.57 -31.46 -106.11
N GLU G 118 57.47 -30.87 -106.89
CA GLU G 118 57.13 -30.35 -108.22
C GLU G 118 56.71 -31.49 -109.16
N LEU G 119 57.42 -32.62 -109.01
CA LEU G 119 57.08 -33.87 -109.72
C LEU G 119 55.70 -34.38 -109.31
N ARG G 120 55.45 -34.37 -108.00
CA ARG G 120 54.16 -34.79 -107.44
C ARG G 120 53.03 -33.99 -108.10
N SER G 121 53.18 -32.67 -108.12
CA SER G 121 52.18 -31.76 -108.72
C SER G 121 51.99 -32.00 -110.22
N ALA G 122 53.08 -32.32 -110.90
CA ALA G 122 53.06 -32.68 -112.35
C ALA G 122 52.29 -33.98 -112.60
N LEU G 123 52.45 -34.90 -111.73
CA LEU G 123 51.81 -36.21 -111.96
C LEU G 123 50.32 -36.15 -111.58
N ASN G 124 49.97 -35.41 -110.52
CA ASN G 124 48.57 -35.27 -110.11
C ASN G 124 47.80 -34.51 -111.19
N ALA G 125 48.42 -33.45 -111.76
CA ALA G 125 47.84 -32.65 -112.85
C ALA G 125 47.57 -33.53 -114.06
N LEU G 126 48.58 -34.32 -114.46
CA LEU G 126 48.46 -35.24 -115.58
C LEU G 126 47.34 -36.29 -115.32
N LYS G 127 47.38 -36.96 -114.14
CA LYS G 127 46.38 -37.99 -113.80
C LYS G 127 44.98 -37.45 -113.68
N GLY G 128 44.80 -36.17 -113.27
CA GLY G 128 43.47 -35.55 -113.20
C GLY G 128 43.09 -34.89 -114.53
N PRO G 129 43.93 -35.10 -115.58
CA PRO G 129 43.74 -34.57 -116.93
C PRO G 129 43.70 -33.03 -117.02
N LEU G 130 44.40 -32.33 -116.09
CA LEU G 130 44.42 -30.87 -116.04
C LEU G 130 45.38 -30.25 -117.05
N GLY G 131 46.31 -31.06 -117.60
CA GLY G 131 47.20 -30.58 -118.66
C GLY G 131 47.39 -31.67 -119.68
N ASN G 132 47.71 -31.28 -120.94
CA ASN G 132 47.94 -32.25 -122.00
C ASN G 132 49.38 -32.77 -121.95
N LEU G 133 49.68 -33.82 -122.73
CA LEU G 133 50.99 -34.46 -122.79
C LEU G 133 52.13 -33.54 -123.15
N PRO G 134 51.91 -32.60 -124.10
CA PRO G 134 52.96 -31.66 -124.53
C PRO G 134 53.40 -30.75 -123.35
N ALA G 135 52.44 -30.22 -122.57
CA ALA G 135 52.74 -29.37 -121.41
C ALA G 135 53.44 -30.21 -120.34
N PHE G 136 52.90 -31.41 -120.06
CA PHE G 136 53.48 -32.34 -119.11
C PHE G 136 54.97 -32.55 -119.41
N ARG G 137 55.33 -32.91 -120.69
CA ARG G 137 56.74 -33.19 -121.05
C ARG G 137 57.63 -31.94 -120.91
N LYS G 138 57.09 -30.75 -121.23
CA LYS G 138 57.81 -29.48 -121.12
C LYS G 138 58.12 -29.18 -119.65
N LYS G 139 57.12 -29.37 -118.76
CA LYS G 139 57.29 -29.15 -117.33
C LYS G 139 58.20 -30.18 -116.70
N LEU G 140 58.17 -31.40 -117.20
CA LEU G 140 58.98 -32.43 -116.66
C LEU G 140 60.42 -32.12 -116.87
N GLN G 141 60.76 -31.70 -118.06
CA GLN G 141 62.14 -31.37 -118.36
C GLN G 141 62.64 -30.21 -117.50
N ALA G 142 61.82 -29.23 -117.21
CA ALA G 142 62.14 -28.14 -116.32
C ALA G 142 62.47 -28.61 -114.87
N LEU G 143 61.62 -29.45 -114.33
CA LEU G 143 61.86 -30.04 -113.05
C LEU G 143 63.23 -30.77 -113.01
N LEU G 144 63.49 -31.62 -113.97
CA LEU G 144 64.66 -32.49 -113.92
C LEU G 144 65.97 -31.83 -114.38
N ALA G 145 65.84 -30.64 -114.89
CA ALA G 145 66.96 -29.82 -115.36
C ALA G 145 67.84 -29.33 -114.18
N ASP G 146 67.30 -29.21 -112.94
CA ASP G 146 68.04 -28.74 -111.76
C ASP G 146 69.42 -29.42 -111.64
N GLU G 147 70.54 -28.67 -111.79
CA GLU G 147 71.86 -29.31 -111.76
C GLU G 147 72.29 -29.85 -110.39
N ASP G 148 71.59 -29.46 -109.31
CA ASP G 148 71.90 -29.90 -107.96
C ASP G 148 71.33 -31.31 -107.68
N GLY G 149 70.48 -31.84 -108.60
CA GLY G 149 69.90 -33.18 -108.44
C GLY G 149 70.87 -34.26 -108.79
N ARG G 150 70.74 -35.43 -108.16
CA ARG G 150 71.57 -36.57 -108.53
C ARG G 150 70.90 -37.24 -109.75
N LYS G 151 71.67 -37.93 -110.60
CA LYS G 151 71.08 -38.62 -111.74
C LYS G 151 70.25 -39.82 -111.22
N ALA G 152 70.64 -40.39 -110.06
CA ALA G 152 69.90 -41.49 -109.43
C ALA G 152 68.50 -41.00 -109.09
N LEU G 153 68.38 -39.80 -108.47
CA LEU G 153 67.06 -39.26 -108.17
C LEU G 153 66.26 -38.96 -109.45
N ILE G 154 66.90 -38.36 -110.49
CA ILE G 154 66.21 -38.07 -111.76
C ILE G 154 65.56 -39.33 -112.33
N LYS G 155 66.29 -40.48 -112.33
CA LYS G 155 65.87 -41.81 -112.77
C LYS G 155 64.64 -42.33 -112.04
N GLU G 156 64.62 -42.20 -110.70
CA GLU G 156 63.51 -42.58 -109.82
C GLU G 156 62.29 -41.69 -110.11
N LEU G 157 62.54 -40.40 -110.41
CA LEU G 157 61.47 -39.46 -110.76
C LEU G 157 60.84 -39.80 -112.13
N GLY G 158 61.69 -40.06 -113.15
CA GLY G 158 61.26 -40.46 -114.50
C GLY G 158 60.54 -41.82 -114.50
N LEU G 159 60.88 -42.72 -113.55
CA LEU G 159 60.25 -44.04 -113.41
C LEU G 159 58.80 -43.95 -112.92
N THR G 160 58.39 -42.79 -112.40
CA THR G 160 57.03 -42.56 -111.93
C THR G 160 56.11 -42.08 -113.07
N GLU G 161 56.69 -41.72 -114.22
CA GLU G 161 55.90 -41.24 -115.37
C GLU G 161 55.10 -42.37 -116.04
N GLU G 162 53.75 -42.26 -116.17
CA GLU G 162 53.01 -43.32 -116.91
C GLU G 162 53.51 -43.40 -118.35
N THR G 163 53.59 -44.62 -118.89
CA THR G 163 54.08 -44.87 -120.26
C THR G 163 53.41 -44.03 -121.34
N LYS G 164 52.10 -43.82 -121.24
CA LYS G 164 51.34 -43.03 -122.22
C LYS G 164 51.65 -41.53 -122.22
N ASP H 63 43.71 -46.33 -116.02
CA ASP H 63 45.08 -45.77 -116.20
C ASP H 63 45.52 -44.85 -115.04
N LYS H 64 44.60 -44.00 -114.60
CA LYS H 64 44.80 -43.03 -113.54
C LYS H 64 45.15 -43.73 -112.21
N ALA H 65 44.60 -44.93 -112.04
CA ALA H 65 44.88 -45.75 -110.85
C ALA H 65 46.38 -46.04 -110.69
N LEU H 66 47.04 -46.30 -111.82
CA LEU H 66 48.51 -46.48 -111.86
C LEU H 66 49.27 -45.20 -111.56
N VAL H 67 48.75 -44.09 -112.07
CA VAL H 67 49.31 -42.75 -111.80
C VAL H 67 49.21 -42.42 -110.30
N ASP H 68 48.08 -42.79 -109.70
CA ASP H 68 47.86 -42.58 -108.26
C ASP H 68 48.83 -43.42 -107.42
N ALA H 69 49.10 -44.63 -107.90
CA ALA H 69 50.08 -45.54 -107.28
C ALA H 69 51.50 -44.95 -107.33
N MET H 70 51.79 -44.26 -108.43
CA MET H 70 53.06 -43.54 -108.61
C MET H 70 53.18 -42.40 -107.58
N ILE H 71 52.06 -41.71 -107.35
CA ILE H 71 51.96 -40.66 -106.32
C ILE H 71 52.14 -41.21 -104.91
N ALA H 72 51.60 -42.38 -104.68
CA ALA H 72 51.69 -43.06 -103.38
C ALA H 72 53.15 -43.39 -103.04
N GLU H 73 53.85 -43.94 -104.04
CA GLU H 73 55.26 -44.32 -103.91
C GLU H 73 56.20 -43.11 -103.84
N ILE H 74 55.85 -42.07 -104.59
CA ILE H 74 56.62 -40.81 -104.60
C ILE H 74 56.59 -40.16 -103.19
N ASP H 75 55.37 -40.06 -102.64
CA ASP H 75 55.17 -39.45 -101.31
C ASP H 75 55.76 -40.33 -100.21
N LYS H 76 55.70 -41.64 -100.43
CA LYS H 76 56.32 -42.62 -99.52
C LYS H 76 57.83 -42.34 -99.39
N ARG H 77 58.48 -42.15 -100.54
CA ARG H 77 59.92 -41.85 -100.57
C ARG H 77 60.25 -40.47 -99.98
N LEU H 78 59.43 -39.49 -100.37
CA LEU H 78 59.61 -38.10 -99.89
C LEU H 78 59.44 -38.04 -98.38
N SER H 79 58.45 -38.74 -97.86
CA SER H 79 58.16 -38.84 -96.42
C SER H 79 59.25 -39.55 -95.62
N SER H 80 59.90 -40.49 -96.25
CA SER H 80 61.03 -41.22 -95.64
C SER H 80 62.21 -40.27 -95.40
N GLN H 81 62.40 -39.36 -96.36
CA GLN H 81 63.47 -38.35 -96.26
C GLN H 81 63.09 -37.24 -95.29
N VAL H 82 61.90 -36.78 -95.36
CA VAL H 82 61.40 -35.68 -94.48
C VAL H 82 61.44 -36.08 -93.00
N ASN H 83 61.24 -37.37 -92.72
CA ASN H 83 61.35 -37.90 -91.35
C ASN H 83 62.77 -37.67 -90.79
N GLU H 84 63.77 -37.82 -91.67
CA GLU H 84 65.18 -37.64 -91.29
C GLU H 84 65.52 -36.22 -90.83
N ILE H 85 64.96 -35.23 -91.53
CA ILE H 85 65.16 -33.81 -91.17
C ILE H 85 64.38 -33.47 -89.89
N LEU H 86 63.12 -33.88 -89.87
CA LEU H 86 62.22 -33.60 -88.74
C LEU H 86 62.64 -34.29 -87.44
N HIS H 87 63.34 -35.41 -87.59
CA HIS H 87 63.85 -36.18 -86.45
C HIS H 87 65.34 -35.99 -86.21
N ALA H 88 65.90 -34.98 -86.89
CA ALA H 88 67.31 -34.60 -86.68
C ALA H 88 67.41 -33.89 -85.32
N LYS H 89 68.39 -34.31 -84.54
CA LYS H 89 68.62 -33.75 -83.19
C LYS H 89 68.95 -32.24 -83.20
N GLU H 90 69.72 -31.83 -84.21
CA GLU H 90 70.07 -30.42 -84.42
C GLU H 90 68.81 -29.62 -84.78
N PHE H 91 67.99 -30.20 -85.63
CA PHE H 91 66.75 -29.54 -86.06
C PHE H 91 65.76 -29.37 -84.89
N GLN H 92 65.59 -30.45 -84.14
CA GLN H 92 64.68 -30.46 -83.00
C GLN H 92 65.15 -29.55 -81.87
N LYS H 93 66.47 -29.43 -81.69
CA LYS H 93 67.02 -28.54 -80.66
C LYS H 93 66.61 -27.08 -80.95
N LEU H 94 66.71 -26.71 -82.25
CA LEU H 94 66.34 -25.37 -82.69
C LEU H 94 64.82 -25.16 -82.55
N GLU H 95 64.04 -26.09 -83.10
CA GLU H 95 62.58 -25.98 -83.10
C GLU H 95 62.02 -25.95 -81.68
N SER H 96 62.34 -26.97 -80.90
CA SER H 96 61.87 -27.10 -79.51
C SER H 96 62.20 -25.87 -78.68
N SER H 97 63.34 -25.21 -78.97
CA SER H 97 63.74 -23.99 -78.25
C SER H 97 62.76 -22.83 -78.49
N TRP H 98 62.48 -22.57 -79.77
CA TRP H 98 61.58 -21.48 -80.16
C TRP H 98 60.10 -21.80 -79.96
N ARG H 99 59.71 -23.04 -80.24
CA ARG H 99 58.31 -23.48 -80.05
C ARG H 99 57.95 -23.47 -78.56
N SER H 100 58.83 -24.00 -77.73
CA SER H 100 58.66 -23.98 -76.26
C SER H 100 58.64 -22.54 -75.73
N LEU H 101 59.41 -21.66 -76.39
CA LEU H 101 59.46 -20.25 -76.01
C LEU H 101 58.11 -19.56 -76.24
N LYS H 102 57.52 -19.79 -77.41
CA LYS H 102 56.21 -19.21 -77.73
C LYS H 102 55.12 -19.80 -76.83
N PHE H 103 55.22 -21.11 -76.60
CA PHE H 103 54.30 -21.82 -75.70
C PHE H 103 54.24 -21.12 -74.33
N MET H 104 55.42 -20.65 -73.89
CA MET H 104 55.53 -19.81 -72.68
C MET H 104 54.88 -18.44 -72.90
N VAL H 105 55.41 -17.74 -73.90
CA VAL H 105 55.07 -16.33 -74.18
C VAL H 105 53.55 -16.14 -74.33
N ASP H 106 52.91 -16.95 -75.16
CA ASP H 106 51.49 -16.73 -75.48
C ASP H 106 50.51 -17.17 -74.37
N ARG H 107 51.05 -17.74 -73.30
CA ARG H 107 50.24 -18.11 -72.13
C ARG H 107 50.43 -17.13 -70.97
N THR H 108 51.18 -16.07 -71.24
CA THR H 108 51.36 -14.96 -70.29
C THR H 108 50.43 -13.82 -70.71
N ASP H 109 50.40 -12.78 -69.88
CA ASP H 109 49.60 -11.59 -70.16
C ASP H 109 50.46 -10.35 -69.91
N PHE H 110 50.94 -9.78 -71.01
CA PHE H 110 51.82 -8.59 -70.98
C PHE H 110 51.14 -7.31 -70.49
N ARG H 111 49.81 -7.34 -70.42
CA ARG H 111 49.02 -6.22 -69.88
C ARG H 111 49.02 -6.20 -68.34
N GLU H 112 49.48 -7.29 -67.74
CA GLU H 112 49.54 -7.44 -66.28
C GLU H 112 50.95 -7.15 -65.73
N ASN H 113 51.72 -6.35 -66.47
CA ASN H 113 53.09 -5.96 -66.08
C ASN H 113 54.02 -7.18 -66.02
N THR H 114 53.88 -8.06 -67.01
CA THR H 114 54.76 -9.22 -67.15
C THR H 114 55.71 -8.96 -68.32
N ARG H 115 56.98 -9.24 -68.12
CA ARG H 115 58.01 -9.01 -69.15
C ARG H 115 58.95 -10.19 -69.22
N VAL H 116 59.49 -10.41 -70.40
CA VAL H 116 60.48 -11.49 -70.65
C VAL H 116 61.53 -11.00 -71.65
N GLU H 117 62.76 -11.37 -71.36
CA GLU H 117 63.89 -11.09 -72.25
C GLU H 117 64.60 -12.39 -72.62
N MET H 118 65.13 -12.42 -73.83
CA MET H 118 65.90 -13.58 -74.32
C MET H 118 67.39 -13.25 -74.33
N LEU H 119 68.16 -14.20 -73.84
CA LEU H 119 69.63 -14.08 -73.80
C LEU H 119 70.26 -15.38 -74.28
N ASN H 120 70.70 -15.35 -75.54
CA ASN H 120 71.31 -16.52 -76.18
C ASN H 120 72.65 -16.90 -75.54
N ALA H 121 72.66 -18.06 -74.89
CA ALA H 121 73.87 -18.59 -74.23
C ALA H 121 73.80 -20.11 -74.12
N SER H 122 74.89 -20.75 -74.48
CA SER H 122 75.07 -22.21 -74.32
C SER H 122 75.65 -22.51 -72.92
N LYS H 123 75.44 -23.73 -72.43
CA LYS H 123 76.01 -24.11 -71.12
C LYS H 123 77.54 -24.00 -71.10
N GLU H 124 78.14 -24.40 -72.22
CA GLU H 124 79.60 -24.39 -72.37
C GLU H 124 80.17 -22.98 -72.17
N ASP H 125 79.51 -21.99 -72.79
CA ASP H 125 79.99 -20.59 -72.70
C ASP H 125 79.64 -19.93 -71.36
N LEU H 126 78.63 -20.49 -70.68
CA LEU H 126 78.29 -20.06 -69.31
C LEU H 126 79.45 -20.35 -68.36
N GLN H 127 79.99 -21.56 -68.54
CA GLN H 127 81.17 -22.01 -67.80
C GLN H 127 82.41 -21.24 -68.23
N LYS H 128 82.51 -20.99 -69.53
CA LYS H 128 83.61 -20.19 -70.08
C LYS H 128 83.69 -18.81 -69.39
N ASP H 129 82.53 -18.16 -69.28
CA ASP H 129 82.46 -16.82 -68.70
C ASP H 129 82.73 -16.83 -67.19
N PHE H 130 82.10 -17.78 -66.51
CA PHE H 130 82.23 -17.86 -65.07
C PHE H 130 83.63 -18.32 -64.60
N GLU H 131 84.26 -19.15 -65.41
CA GLU H 131 85.65 -19.59 -65.17
C GLU H 131 86.65 -18.49 -65.55
N ASP H 132 86.33 -17.76 -66.63
CA ASP H 132 87.18 -16.67 -67.11
C ASP H 132 87.25 -15.53 -66.09
N ALA H 133 86.07 -15.11 -65.62
CA ALA H 133 85.96 -14.04 -64.63
C ALA H 133 86.69 -14.42 -63.32
N PRO H 134 87.32 -13.44 -62.68
CA PRO H 134 87.98 -13.61 -61.37
C PRO H 134 86.97 -13.88 -60.24
N GLU H 135 85.79 -13.29 -60.37
CA GLU H 135 84.70 -13.45 -59.41
C GLU H 135 83.35 -13.28 -60.11
N VAL H 136 82.32 -13.83 -59.49
CA VAL H 136 80.94 -13.78 -60.02
C VAL H 136 80.44 -12.34 -60.25
N THR H 137 80.89 -11.42 -59.41
CA THR H 137 80.46 -10.01 -59.52
C THR H 137 80.94 -9.34 -60.84
N LYS H 138 81.89 -10.00 -61.50
CA LYS H 138 82.46 -9.51 -62.76
C LYS H 138 82.08 -10.38 -63.97
N SER H 139 81.21 -11.37 -63.74
CA SER H 139 80.69 -12.21 -64.84
C SER H 139 79.76 -11.38 -65.72
N GLY H 140 79.67 -11.80 -66.98
CA GLY H 140 78.82 -11.14 -68.00
C GLY H 140 77.34 -11.26 -67.63
N LEU H 141 76.98 -12.45 -67.16
CA LEU H 141 75.60 -12.75 -66.73
C LEU H 141 75.19 -11.91 -65.51
N TYR H 142 76.10 -11.82 -64.54
CA TYR H 142 75.89 -10.96 -63.36
C TYR H 142 75.63 -9.52 -63.78
N LYS H 143 76.38 -9.07 -64.79
CA LYS H 143 76.30 -7.69 -65.26
C LYS H 143 74.89 -7.29 -65.68
N LEU H 144 74.16 -8.14 -66.41
CA LEU H 144 72.83 -7.71 -66.87
C LEU H 144 71.65 -8.48 -66.24
N VAL H 145 71.97 -9.22 -65.20
CA VAL H 145 70.95 -9.73 -64.27
C VAL H 145 70.90 -8.75 -63.07
N TYR H 146 72.03 -8.65 -62.38
CA TYR H 146 72.14 -7.81 -61.18
C TYR H 146 72.42 -6.33 -61.51
N SER H 147 73.57 -6.10 -62.13
CA SER H 147 74.13 -4.73 -62.29
C SER H 147 73.21 -3.79 -63.08
N ASN H 148 72.71 -4.29 -64.22
CA ASN H 148 71.82 -3.49 -65.08
C ASN H 148 70.36 -3.46 -64.62
N GLU H 149 70.07 -4.16 -63.53
CA GLU H 149 68.70 -4.27 -63.03
C GLU H 149 68.54 -3.91 -61.54
N TYR H 150 68.64 -4.94 -60.70
CA TYR H 150 68.45 -4.80 -59.25
C TYR H 150 69.35 -3.73 -58.62
N GLY H 151 70.60 -3.65 -59.10
CA GLY H 151 71.60 -2.72 -58.54
C GLY H 151 71.71 -1.42 -59.33
N VAL H 152 70.65 -1.01 -60.01
CA VAL H 152 70.61 0.23 -60.79
C VAL H 152 69.45 1.13 -60.37
N PHE H 153 69.79 2.31 -59.89
CA PHE H 153 68.81 3.36 -59.59
C PHE H 153 68.03 3.74 -60.85
N GLY H 154 66.71 3.56 -60.78
CA GLY H 154 65.83 3.84 -61.93
C GLY H 154 65.48 2.59 -62.73
N GLY H 155 66.22 1.50 -62.49
CA GLY H 155 66.02 0.23 -63.19
C GLY H 155 64.94 -0.61 -62.54
N LYS H 156 65.02 -1.90 -62.82
CA LYS H 156 64.07 -2.90 -62.32
C LYS H 156 64.79 -4.24 -62.09
N PRO H 157 64.38 -5.02 -61.09
CA PRO H 157 65.00 -6.32 -60.77
C PRO H 157 64.36 -7.47 -61.56
N TYR H 158 65.22 -8.38 -62.02
CA TYR H 158 64.78 -9.63 -62.67
C TYR H 158 64.05 -10.53 -61.65
N GLY H 159 62.83 -10.91 -62.04
CA GLY H 159 61.97 -11.74 -61.19
C GLY H 159 62.56 -13.14 -61.01
N ILE H 160 62.86 -13.78 -62.13
CA ILE H 160 63.35 -15.18 -62.16
C ILE H 160 64.12 -15.43 -63.47
N ILE H 161 64.95 -16.46 -63.46
CA ILE H 161 65.73 -16.88 -64.64
C ILE H 161 65.33 -18.31 -65.01
N SER H 162 64.95 -18.46 -66.26
CA SER H 162 64.56 -19.76 -66.83
C SER H 162 65.64 -20.20 -67.81
N ALA H 163 66.30 -21.29 -67.45
CA ALA H 163 67.33 -21.81 -68.36
C ALA H 163 66.89 -23.07 -69.02
N ASN H 164 67.02 -22.97 -70.32
CA ASN H 164 66.62 -24.07 -71.20
C ASN H 164 67.76 -25.09 -71.35
N TYR H 165 68.01 -25.79 -70.26
CA TYR H 165 69.11 -26.77 -70.20
C TYR H 165 68.68 -28.04 -69.47
N ASP H 166 69.36 -29.11 -69.82
CA ASP H 166 69.28 -30.38 -69.08
C ASP H 166 70.59 -30.58 -68.31
N PHE H 167 70.50 -30.98 -67.07
CA PHE H 167 71.71 -31.17 -66.25
C PHE H 167 71.91 -32.63 -65.92
N ASN H 168 73.16 -33.04 -65.97
CA ASN H 168 73.59 -34.38 -65.55
C ASN H 168 74.33 -34.25 -64.20
N VAL H 169 74.92 -35.35 -63.76
CA VAL H 169 75.78 -35.35 -62.54
C VAL H 169 77.23 -34.95 -62.84
N GLY H 170 77.50 -34.71 -64.10
CA GLY H 170 78.81 -34.28 -64.61
C GLY H 170 79.32 -33.09 -63.80
N PRO H 171 80.62 -33.08 -63.58
CA PRO H 171 81.27 -32.01 -62.82
C PRO H 171 81.09 -30.60 -63.40
N GLN H 172 81.09 -30.49 -64.68
CA GLN H 172 80.82 -29.21 -65.39
C GLN H 172 79.41 -28.69 -65.07
N ASP H 173 78.42 -29.61 -65.11
CA ASP H 173 77.03 -29.27 -64.83
C ASP H 173 76.81 -28.86 -63.37
N MET H 174 77.54 -29.53 -62.50
CA MET H 174 77.45 -29.20 -61.07
C MET H 174 78.07 -27.85 -60.74
N GLU H 175 79.19 -27.54 -61.40
CA GLU H 175 79.86 -26.25 -61.25
C GLU H 175 78.98 -25.10 -61.78
N LEU H 176 78.29 -25.38 -62.87
CA LEU H 176 77.39 -24.39 -63.49
C LEU H 176 76.23 -24.03 -62.56
N LEU H 177 75.70 -25.07 -61.92
CA LEU H 177 74.64 -24.91 -60.91
C LEU H 177 75.11 -24.13 -59.69
N ARG H 178 76.38 -24.32 -59.34
CA ARG H 178 76.97 -23.61 -58.20
C ARG H 178 77.01 -22.09 -58.46
N LYS H 179 77.39 -21.74 -59.67
CA LYS H 179 77.47 -20.32 -60.08
C LYS H 179 76.12 -19.67 -60.23
N CYS H 180 75.16 -20.44 -60.74
CA CYS H 180 73.78 -19.96 -60.91
C CYS H 180 73.08 -19.79 -59.54
N ALA H 181 73.47 -20.62 -58.58
CA ALA H 181 72.97 -20.51 -57.20
C ALA H 181 73.48 -19.22 -56.54
N SER H 182 74.75 -18.91 -56.79
CA SER H 182 75.39 -17.69 -56.26
C SER H 182 74.76 -16.43 -56.85
N VAL H 183 74.54 -16.45 -58.16
CA VAL H 183 73.93 -15.31 -58.89
C VAL H 183 72.50 -15.03 -58.37
N ALA H 184 71.73 -16.10 -58.30
CA ALA H 184 70.34 -16.08 -57.87
C ALA H 184 70.21 -15.55 -56.43
N ALA H 185 71.17 -15.94 -55.59
CA ALA H 185 71.23 -15.53 -54.19
C ALA H 185 71.48 -14.02 -54.06
N MET H 186 72.43 -13.53 -54.87
CA MET H 186 72.83 -12.11 -54.86
C MET H 186 71.73 -11.20 -55.37
N ALA H 187 70.97 -11.70 -56.34
CA ALA H 187 69.89 -10.81 -56.73
C ALA H 187 68.46 -11.21 -56.49
N HIS H 188 68.42 -12.19 -55.61
CA HIS H 188 67.18 -12.65 -54.97
C HIS H 188 66.24 -13.18 -56.06
N ALA H 189 66.76 -13.92 -57.02
CA ALA H 189 65.86 -14.54 -57.99
C ALA H 189 66.27 -15.97 -58.30
N PRO H 190 65.29 -16.88 -58.28
CA PRO H 190 65.53 -18.31 -58.48
C PRO H 190 65.94 -18.63 -59.92
N PHE H 191 66.74 -19.67 -60.03
CA PHE H 191 67.17 -20.23 -61.32
C PHE H 191 66.50 -21.59 -61.52
N ILE H 192 65.69 -21.67 -62.55
CA ILE H 192 64.92 -22.89 -62.85
C ILE H 192 65.43 -23.50 -64.16
N GLY H 193 65.54 -24.81 -64.15
CA GLY H 193 65.95 -25.61 -65.32
C GLY H 193 65.40 -27.03 -65.21
N ASN H 194 65.97 -27.92 -66.00
CA ASN H 194 65.54 -29.32 -66.02
C ASN H 194 66.70 -30.30 -65.80
N ALA H 195 66.35 -31.50 -65.42
CA ALA H 195 67.29 -32.63 -65.27
C ALA H 195 67.17 -33.60 -66.46
N ALA H 196 68.32 -34.11 -66.85
CA ALA H 196 68.38 -35.08 -67.95
C ALA H 196 68.05 -36.50 -67.45
N PRO H 197 67.53 -37.42 -68.29
CA PRO H 197 67.18 -38.79 -67.92
C PRO H 197 68.30 -39.64 -67.20
N GLU H 198 69.55 -39.41 -67.80
CA GLU H 198 70.76 -40.06 -67.33
C GLU H 198 71.16 -39.67 -65.91
N VAL H 199 70.58 -38.58 -65.39
CA VAL H 199 70.81 -38.18 -63.99
C VAL H 199 70.40 -39.31 -63.01
N PHE H 200 69.40 -40.08 -63.43
CA PHE H 200 68.88 -41.19 -62.63
C PHE H 200 69.45 -42.55 -63.09
N GLY H 201 70.49 -42.46 -63.95
CA GLY H 201 71.18 -43.62 -64.53
C GLY H 201 70.27 -44.46 -65.43
N GLU H 202 69.34 -43.79 -66.10
CA GLU H 202 68.44 -44.45 -67.06
C GLU H 202 68.58 -43.79 -68.44
N GLU H 203 68.33 -44.58 -69.46
CA GLU H 203 68.45 -44.12 -70.87
C GLU H 203 67.46 -42.98 -71.16
N SER H 204 66.21 -43.12 -70.72
CA SER H 204 65.19 -42.06 -70.88
C SER H 204 64.31 -42.08 -69.64
N PHE H 205 63.43 -41.08 -69.53
CA PHE H 205 62.46 -41.01 -68.42
C PHE H 205 61.43 -42.15 -68.41
N LEU H 206 61.35 -42.88 -69.53
CA LEU H 206 60.40 -44.01 -69.66
C LEU H 206 60.77 -45.20 -68.76
N LYS H 207 61.93 -45.16 -68.14
CA LYS H 207 62.33 -46.22 -67.19
C LYS H 207 62.27 -45.78 -65.72
N LEU H 208 61.63 -44.66 -65.44
CA LEU H 208 61.40 -44.21 -64.04
C LEU H 208 60.62 -45.23 -63.20
N PRO H 209 59.59 -45.88 -63.78
CA PRO H 209 58.83 -46.97 -63.12
C PRO H 209 59.71 -48.14 -62.66
N ASP H 210 60.84 -48.36 -63.34
CA ASP H 210 61.76 -49.46 -63.00
C ASP H 210 62.67 -49.16 -61.80
N LEU H 211 62.82 -47.89 -61.48
CA LEU H 211 63.66 -47.50 -60.35
C LEU H 211 62.97 -47.83 -59.03
N LYS H 212 63.60 -48.75 -58.31
CA LYS H 212 63.07 -49.28 -57.04
C LYS H 212 63.18 -48.32 -55.86
N ASP H 213 64.23 -47.49 -55.85
CA ASP H 213 64.50 -46.56 -54.74
C ASP H 213 65.53 -45.48 -55.14
N LEU H 214 65.01 -44.28 -55.36
CA LEU H 214 65.83 -43.10 -55.69
C LEU H 214 66.78 -42.69 -54.57
N LYS H 215 66.26 -42.72 -53.35
CA LYS H 215 67.03 -42.33 -52.15
C LYS H 215 68.33 -43.14 -52.04
N SER H 216 68.22 -44.45 -52.27
CA SER H 216 69.38 -45.36 -52.23
C SER H 216 70.30 -45.17 -53.43
N LEU H 217 69.69 -44.86 -54.58
CA LEU H 217 70.42 -44.61 -55.83
C LEU H 217 71.40 -43.42 -55.67
N PHE H 218 70.97 -42.40 -54.94
CA PHE H 218 71.79 -41.19 -54.73
C PHE H 218 72.86 -41.32 -53.65
N GLU H 219 73.04 -42.54 -53.15
CA GLU H 219 74.09 -42.79 -52.15
C GLU H 219 75.43 -43.09 -52.80
N GLY H 220 75.34 -43.44 -54.09
CA GLY H 220 76.56 -43.78 -54.80
C GLY H 220 77.53 -42.57 -54.86
N PRO H 221 78.82 -42.89 -54.94
CA PRO H 221 79.93 -41.91 -55.06
C PRO H 221 79.76 -40.97 -56.25
N GLN H 222 79.09 -41.42 -57.29
CA GLN H 222 78.77 -40.66 -58.51
C GLN H 222 78.07 -39.32 -58.21
N TYR H 223 77.32 -39.26 -57.11
CA TYR H 223 76.56 -38.04 -56.75
C TYR H 223 77.17 -37.29 -55.58
N ALA H 224 78.48 -37.46 -55.36
CA ALA H 224 79.19 -36.79 -54.26
C ALA H 224 79.04 -35.26 -54.30
N ARG H 225 79.26 -34.70 -55.50
CA ARG H 225 79.17 -33.25 -55.69
C ARG H 225 77.73 -32.73 -55.57
N TRP H 226 76.79 -33.51 -56.11
CA TRP H 226 75.37 -33.13 -56.05
C TRP H 226 74.86 -33.09 -54.60
N HIS H 227 75.36 -34.03 -53.80
CA HIS H 227 75.02 -34.12 -52.38
C HIS H 227 75.53 -32.91 -51.59
N SER H 228 76.73 -32.46 -51.95
CA SER H 228 77.33 -31.27 -51.29
C SER H 228 76.58 -29.99 -51.71
N PHE H 229 76.13 -29.98 -52.97
CA PHE H 229 75.39 -28.85 -53.55
C PHE H 229 74.07 -28.61 -52.81
N ARG H 230 73.40 -29.70 -52.46
CA ARG H 230 72.12 -29.65 -51.72
C ARG H 230 72.26 -29.10 -50.30
N GLU H 231 73.48 -29.13 -49.78
CA GLU H 231 73.78 -28.64 -48.43
C GLU H 231 74.18 -27.15 -48.37
N SER H 232 74.52 -26.60 -49.53
CA SER H 232 74.88 -25.16 -49.59
C SER H 232 73.66 -24.29 -49.29
N GLU H 233 73.92 -23.16 -48.64
CA GLU H 233 72.91 -22.12 -48.36
C GLU H 233 72.38 -21.42 -49.62
N ASP H 234 73.13 -21.58 -50.72
CA ASP H 234 72.75 -21.01 -52.03
C ASP H 234 71.76 -21.89 -52.79
N ALA H 235 71.65 -23.15 -52.36
CA ALA H 235 70.77 -24.14 -52.99
C ALA H 235 69.28 -23.72 -53.00
N ARG H 236 68.92 -22.81 -52.10
CA ARG H 236 67.54 -22.28 -52.06
C ARG H 236 67.08 -21.59 -53.36
N TYR H 237 68.06 -21.19 -54.17
CA TYR H 237 67.76 -20.45 -55.41
C TYR H 237 67.93 -21.31 -56.67
N VAL H 238 67.99 -22.60 -56.49
CA VAL H 238 67.99 -23.57 -57.59
C VAL H 238 66.74 -24.45 -57.52
N GLY H 239 66.20 -24.70 -58.71
CA GLY H 239 65.03 -25.57 -58.88
C GLY H 239 65.10 -26.28 -60.22
N LEU H 240 65.15 -27.59 -60.15
CA LEU H 240 65.21 -28.44 -61.35
C LEU H 240 63.94 -29.28 -61.49
N ALA H 241 63.48 -29.40 -62.71
CA ALA H 241 62.27 -30.16 -63.05
C ALA H 241 62.64 -31.54 -63.62
N LEU H 242 61.70 -32.45 -63.57
CA LEU H 242 61.94 -33.86 -64.01
C LEU H 242 61.58 -34.05 -65.49
N PRO H 243 60.34 -34.81 -65.77
CA PRO H 243 60.23 -35.32 -67.11
C PRO H 243 59.83 -34.17 -68.03
N ARG H 244 60.19 -34.29 -69.28
CA ARG H 244 59.79 -33.32 -70.31
C ARG H 244 58.28 -33.48 -70.62
N PHE H 245 57.85 -32.86 -71.70
CA PHE H 245 56.46 -32.96 -72.17
C PHE H 245 56.37 -32.60 -73.65
N LEU H 246 55.40 -33.18 -74.32
CA LEU H 246 55.17 -32.97 -75.75
C LEU H 246 54.87 -31.50 -76.09
N LEU H 247 55.43 -31.08 -77.21
CA LEU H 247 55.17 -29.74 -77.76
C LEU H 247 54.30 -29.80 -79.01
N ARG H 248 54.49 -30.87 -79.78
CA ARG H 248 53.83 -31.03 -81.07
C ARG H 248 53.26 -32.44 -81.24
N LEU H 249 52.05 -32.47 -81.76
CA LEU H 249 51.40 -33.71 -82.20
C LEU H 249 51.97 -34.05 -83.59
N PRO H 250 52.40 -35.30 -83.77
CA PRO H 250 53.02 -35.80 -85.03
C PRO H 250 52.12 -35.48 -86.22
N TYR H 251 52.74 -35.15 -87.35
CA TYR H 251 52.02 -34.79 -88.59
C TYR H 251 51.13 -35.91 -89.12
N GLY H 252 49.91 -35.54 -89.50
CA GLY H 252 48.90 -36.51 -89.94
C GLY H 252 47.88 -35.82 -90.82
N GLU H 253 47.47 -36.54 -91.85
CA GLU H 253 46.48 -36.06 -92.85
C GLU H 253 45.20 -35.50 -92.20
N LYS H 254 44.86 -36.07 -91.04
CA LYS H 254 43.64 -35.66 -90.31
C LYS H 254 43.94 -34.74 -89.11
N THR H 255 44.78 -35.23 -88.21
CA THR H 255 45.07 -34.52 -86.94
C THR H 255 45.96 -33.28 -87.09
N VAL H 256 46.93 -33.35 -88.00
CA VAL H 256 47.88 -32.24 -88.25
C VAL H 256 48.40 -32.25 -89.70
N PRO H 257 47.53 -31.85 -90.60
CA PRO H 257 47.78 -31.86 -92.05
C PRO H 257 48.72 -30.72 -92.47
N VAL H 258 49.39 -30.97 -93.56
CA VAL H 258 50.27 -29.98 -94.24
C VAL H 258 49.73 -29.74 -95.66
N LYS H 259 50.20 -28.68 -96.28
CA LYS H 259 49.75 -28.31 -97.65
C LYS H 259 50.44 -29.18 -98.71
N ALA H 260 49.73 -29.38 -99.82
CA ALA H 260 50.22 -30.11 -101.01
C ALA H 260 50.65 -31.55 -100.69
N PHE H 261 51.90 -31.68 -100.24
CA PHE H 261 52.52 -32.95 -99.88
C PHE H 261 51.69 -33.69 -98.81
N ASN H 262 51.32 -34.92 -99.17
CA ASN H 262 50.54 -35.77 -98.25
C ASN H 262 51.49 -36.44 -97.26
N PHE H 263 51.91 -35.66 -96.28
CA PHE H 263 52.88 -36.12 -95.27
C PHE H 263 52.18 -36.72 -94.05
N THR H 264 52.61 -37.92 -93.72
CA THR H 264 52.20 -38.64 -92.51
C THR H 264 53.45 -39.00 -91.69
N GLU H 265 53.72 -38.22 -90.67
CA GLU H 265 54.92 -38.46 -89.85
C GLU H 265 54.85 -39.85 -89.20
N ASP H 266 55.99 -40.54 -89.29
CA ASP H 266 56.10 -41.89 -88.74
C ASP H 266 57.06 -41.93 -87.54
N VAL H 267 56.49 -41.83 -86.36
CA VAL H 267 57.25 -42.01 -85.11
C VAL H 267 57.59 -43.51 -84.96
N VAL H 268 58.88 -43.81 -84.94
CA VAL H 268 59.37 -45.20 -84.74
C VAL H 268 59.13 -45.67 -83.29
N GLY H 269 59.90 -46.73 -82.93
CA GLY H 269 60.00 -47.28 -81.58
C GLY H 269 60.61 -46.27 -80.59
N HIS H 270 61.53 -45.44 -81.10
CA HIS H 270 62.16 -44.38 -80.28
C HIS H 270 61.20 -43.21 -80.11
N HIS H 271 60.78 -43.02 -78.87
CA HIS H 271 59.93 -41.86 -78.50
C HIS H 271 60.68 -40.52 -78.61
N GLU H 272 62.00 -40.59 -78.78
CA GLU H 272 62.82 -39.39 -79.00
C GLU H 272 62.49 -38.68 -80.32
N ARG H 273 61.77 -39.42 -81.18
CA ARG H 273 61.20 -38.86 -82.41
C ARG H 273 60.14 -37.77 -82.12
N TYR H 274 59.44 -37.92 -80.99
CA TYR H 274 58.51 -36.88 -80.51
C TYR H 274 59.27 -35.61 -80.13
N LEU H 275 58.66 -34.47 -80.47
CA LEU H 275 59.19 -33.15 -80.11
C LEU H 275 58.95 -32.84 -78.63
N TRP H 276 59.83 -33.35 -77.79
CA TRP H 276 59.77 -33.09 -76.34
C TRP H 276 60.24 -31.66 -76.03
N GLY H 277 59.64 -31.09 -75.01
CA GLY H 277 59.91 -29.70 -74.57
C GLY H 277 60.36 -29.65 -73.13
N HIS H 278 61.12 -28.60 -72.82
CA HIS H 278 61.66 -28.38 -71.47
C HIS H 278 60.54 -27.96 -70.51
N ALA H 279 60.27 -28.81 -69.52
CA ALA H 279 59.23 -28.56 -68.51
C ALA H 279 59.38 -27.25 -67.74
N SER H 280 60.62 -26.72 -67.69
CA SER H 280 60.93 -25.47 -66.98
C SER H 280 60.04 -24.30 -67.45
N VAL H 281 59.67 -24.34 -68.74
CA VAL H 281 58.76 -23.35 -69.33
C VAL H 281 57.34 -23.43 -68.74
N ALA H 282 56.90 -24.66 -68.53
CA ALA H 282 55.56 -24.94 -67.96
C ALA H 282 55.49 -24.39 -66.53
N LEU H 283 56.57 -24.61 -65.78
CA LEU H 283 56.70 -24.06 -64.43
C LEU H 283 56.76 -22.51 -64.47
N THR H 284 57.39 -21.98 -65.49
CA THR H 284 57.49 -20.50 -65.67
C THR H 284 56.10 -19.95 -65.96
N SER H 285 55.23 -20.62 -66.63
CA SER H 285 53.87 -20.13 -66.88
C SER H 285 53.02 -20.09 -65.59
N ARG H 286 53.38 -21.00 -64.68
CA ARG H 286 52.75 -21.07 -63.34
C ARG H 286 53.03 -19.82 -62.53
N VAL H 287 54.30 -19.40 -62.59
CA VAL H 287 54.76 -18.18 -61.91
C VAL H 287 54.04 -16.93 -62.47
N ALA H 288 53.89 -16.94 -63.80
CA ALA H 288 53.28 -15.82 -64.54
C ALA H 288 51.80 -15.65 -64.18
N ASP H 289 51.08 -16.76 -64.11
CA ASP H 289 49.64 -16.74 -63.80
C ASP H 289 49.35 -16.22 -62.40
N SER H 290 50.13 -16.72 -61.44
CA SER H 290 50.01 -16.30 -60.03
C SER H 290 50.23 -14.79 -59.89
N PHE H 291 51.26 -14.29 -60.60
CA PHE H 291 51.59 -12.87 -60.62
C PHE H 291 50.53 -12.04 -61.36
N ALA H 292 50.05 -12.55 -62.48
CA ALA H 292 49.04 -11.86 -63.29
C ALA H 292 47.75 -11.60 -62.49
N LYS H 293 47.41 -12.56 -61.63
CA LYS H 293 46.20 -12.47 -60.79
C LYS H 293 46.40 -11.67 -59.50
N PHE H 294 47.56 -11.85 -58.87
CA PHE H 294 47.78 -11.33 -57.51
C PHE H 294 48.97 -10.41 -57.32
N ARG H 295 49.89 -10.43 -58.27
CA ARG H 295 51.18 -9.71 -58.21
C ARG H 295 52.13 -10.36 -57.19
N TRP H 296 51.84 -11.63 -56.89
CA TRP H 296 52.66 -12.48 -56.03
C TRP H 296 52.73 -13.87 -56.67
N SER H 297 53.82 -14.58 -56.41
CA SER H 297 54.02 -15.93 -56.97
C SER H 297 54.14 -17.06 -55.91
N PRO H 298 53.07 -17.32 -55.14
CA PRO H 298 53.01 -18.50 -54.28
C PRO H 298 52.04 -19.58 -54.78
N ASN H 299 51.12 -19.22 -55.68
CA ASN H 299 50.06 -20.14 -56.13
C ASN H 299 50.48 -20.93 -57.37
N ILE H 300 51.34 -21.90 -57.13
CA ILE H 300 51.98 -22.66 -58.24
C ILE H 300 52.15 -24.17 -57.93
N ILE H 301 51.43 -24.67 -56.93
CA ILE H 301 51.68 -26.03 -56.41
C ILE H 301 50.42 -26.87 -56.18
N GLY H 302 49.52 -26.87 -57.15
CA GLY H 302 48.26 -27.59 -56.95
C GLY H 302 47.37 -27.68 -58.17
N PRO H 303 46.63 -28.78 -58.27
CA PRO H 303 45.62 -29.01 -59.31
C PRO H 303 44.56 -27.89 -59.35
N GLN H 304 44.26 -27.37 -58.16
CA GLN H 304 43.28 -26.29 -58.01
C GLN H 304 43.91 -24.95 -57.62
N SER H 305 45.07 -25.02 -56.95
CA SER H 305 45.74 -23.81 -56.45
C SER H 305 46.32 -22.92 -57.57
N GLY H 306 46.76 -23.59 -58.66
CA GLY H 306 47.27 -22.92 -59.86
C GLY H 306 48.63 -23.45 -60.33
N GLY H 307 48.92 -24.69 -59.91
CA GLY H 307 50.09 -25.45 -60.40
C GLY H 307 49.68 -26.48 -61.45
N ALA H 308 48.43 -26.36 -61.93
CA ALA H 308 47.89 -27.23 -62.97
C ALA H 308 48.27 -26.69 -64.36
N VAL H 309 48.74 -27.60 -65.19
CA VAL H 309 49.10 -27.34 -66.59
C VAL H 309 48.01 -27.95 -67.45
N GLU H 310 47.25 -27.09 -68.09
CA GLU H 310 46.08 -27.50 -68.88
C GLU H 310 46.39 -27.44 -70.37
N ASN H 311 45.69 -28.30 -71.11
CA ASN H 311 45.72 -28.34 -72.58
C ASN H 311 47.04 -28.91 -73.12
N LEU H 312 47.31 -30.14 -72.74
CA LEU H 312 48.48 -30.87 -73.25
C LEU H 312 48.14 -31.59 -74.57
N PRO H 313 49.12 -31.67 -75.48
CA PRO H 313 48.99 -32.42 -76.75
C PRO H 313 48.69 -33.89 -76.45
N LEU H 314 47.85 -34.46 -77.29
CA LEU H 314 47.47 -35.88 -77.18
C LEU H 314 47.79 -36.57 -78.51
N HIS H 315 48.01 -37.90 -78.47
CA HIS H 315 48.30 -38.67 -79.68
C HIS H 315 47.83 -40.13 -79.57
N GLN H 316 46.63 -40.39 -80.03
CA GLN H 316 46.08 -41.76 -80.07
C GLN H 316 46.69 -42.53 -81.24
N TYR H 317 47.14 -43.73 -80.96
CA TYR H 317 47.75 -44.64 -81.95
C TYR H 317 47.49 -46.08 -81.56
N GLU H 318 47.64 -46.97 -82.52
CA GLU H 318 47.36 -48.40 -82.30
C GLU H 318 48.34 -48.99 -81.28
N ALA H 319 47.77 -49.81 -80.43
CA ALA H 319 48.55 -50.55 -79.44
C ALA H 319 48.65 -52.02 -79.86
N MET H 320 48.29 -52.96 -79.00
CA MET H 320 48.27 -54.40 -79.30
C MET H 320 46.92 -54.86 -79.90
N GLY H 321 46.42 -54.03 -80.83
CA GLY H 321 45.08 -54.24 -81.42
C GLY H 321 44.05 -53.24 -80.89
N GLU H 322 44.42 -52.54 -79.83
CA GLU H 322 43.61 -51.50 -79.18
C GLU H 322 44.18 -50.14 -79.55
N ILE H 323 43.71 -49.12 -78.86
CA ILE H 323 44.19 -47.74 -79.04
C ILE H 323 44.67 -47.19 -77.69
N GLN H 324 45.69 -46.38 -77.76
CA GLN H 324 46.24 -45.67 -76.58
C GLN H 324 46.84 -44.34 -77.04
N THR H 325 46.93 -43.42 -76.11
CA THR H 325 47.53 -42.10 -76.37
C THR H 325 48.92 -42.04 -75.75
N LYS H 326 49.84 -41.49 -76.52
CA LYS H 326 51.17 -41.18 -75.99
C LYS H 326 51.01 -40.17 -74.85
N ILE H 327 51.47 -40.57 -73.68
CA ILE H 327 51.41 -39.73 -72.48
C ILE H 327 52.18 -38.42 -72.76
N PRO H 328 51.54 -37.28 -72.46
CA PRO H 328 52.12 -35.94 -72.64
C PRO H 328 53.48 -35.80 -71.96
N THR H 329 53.65 -36.48 -70.84
CA THR H 329 54.95 -36.63 -70.18
C THR H 329 55.42 -38.05 -70.47
N GLU H 330 56.70 -38.28 -70.50
CA GLU H 330 57.31 -39.59 -70.83
C GLU H 330 56.63 -40.73 -70.06
N VAL H 331 56.35 -40.46 -68.79
CA VAL H 331 55.71 -41.46 -67.91
C VAL H 331 54.48 -40.92 -67.18
N MET H 332 53.72 -41.86 -66.63
CA MET H 332 52.59 -41.57 -65.73
C MET H 332 53.06 -41.79 -64.30
N LEU H 333 53.55 -40.69 -63.73
CA LEU H 333 54.12 -40.72 -62.39
C LEU H 333 53.02 -41.02 -61.33
N THR H 334 53.30 -42.06 -60.51
CA THR H 334 52.50 -42.44 -59.34
C THR H 334 52.73 -41.46 -58.16
N GLU H 335 51.80 -41.45 -57.22
CA GLU H 335 51.91 -40.56 -56.05
C GLU H 335 53.18 -40.86 -55.22
N ARG H 336 53.51 -42.14 -55.10
CA ARG H 336 54.68 -42.58 -54.34
C ARG H 336 55.97 -42.14 -55.02
N ARG H 337 56.00 -42.28 -56.34
CA ARG H 337 57.20 -41.89 -57.08
C ARG H 337 57.41 -40.37 -57.13
N GLU H 338 56.30 -39.63 -57.19
CA GLU H 338 56.32 -38.15 -57.11
C GLU H 338 56.90 -37.71 -55.78
N PHE H 339 56.42 -38.37 -54.73
CA PHE H 339 56.83 -38.04 -53.36
C PHE H 339 58.33 -38.32 -53.16
N GLU H 340 58.80 -39.39 -53.79
CA GLU H 340 60.23 -39.77 -53.76
C GLU H 340 61.09 -38.68 -54.41
N LEU H 341 60.64 -38.23 -55.57
CA LEU H 341 61.29 -37.14 -56.31
C LEU H 341 61.29 -35.82 -55.54
N SER H 342 60.20 -35.58 -54.83
CA SER H 342 60.05 -34.39 -53.99
C SER H 342 61.06 -34.40 -52.83
N GLU H 343 61.28 -35.59 -52.28
CA GLU H 343 62.27 -35.82 -51.21
C GLU H 343 63.70 -35.57 -51.67
N GLU H 344 63.92 -35.82 -52.97
CA GLU H 344 65.24 -35.59 -53.60
C GLU H 344 65.37 -34.23 -54.29
N GLY H 345 64.44 -33.33 -53.94
CA GLY H 345 64.45 -31.93 -54.38
C GLY H 345 64.27 -31.73 -55.88
N PHE H 346 63.45 -32.60 -56.49
CA PHE H 346 63.06 -32.43 -57.89
C PHE H 346 61.62 -31.94 -57.98
N ILE H 347 61.35 -31.20 -59.06
CA ILE H 347 60.01 -30.67 -59.35
C ILE H 347 59.43 -31.52 -60.49
N GLY H 348 58.67 -32.53 -60.07
CA GLY H 348 58.06 -33.49 -61.00
C GLY H 348 56.68 -33.03 -61.45
N LEU H 349 56.56 -32.79 -62.76
CA LEU H 349 55.27 -32.51 -63.41
C LEU H 349 54.55 -33.83 -63.66
N VAL H 350 53.61 -34.14 -62.80
CA VAL H 350 52.85 -35.41 -62.93
C VAL H 350 51.70 -35.24 -63.94
N PHE H 351 51.41 -36.34 -64.60
CA PHE H 351 50.32 -36.39 -65.58
C PHE H 351 49.05 -36.97 -64.94
N ARG H 352 47.95 -36.27 -65.13
CA ARG H 352 46.62 -36.71 -64.68
C ARG H 352 46.13 -37.79 -65.64
N LYS H 353 46.07 -39.01 -65.12
CA LYS H 353 45.74 -40.20 -65.94
C LYS H 353 44.44 -39.99 -66.72
N ASP H 354 44.52 -40.34 -68.00
CA ASP H 354 43.37 -40.30 -68.93
C ASP H 354 42.88 -38.88 -69.28
N SER H 355 43.72 -37.88 -69.09
CA SER H 355 43.35 -36.50 -69.45
C SER H 355 44.44 -35.84 -70.28
N ASP H 356 44.39 -34.53 -70.42
CA ASP H 356 45.42 -33.71 -71.05
C ASP H 356 45.94 -32.65 -70.04
N ASN H 357 45.82 -32.99 -68.76
CA ASN H 357 46.20 -32.10 -67.66
C ASN H 357 47.32 -32.72 -66.82
N ALA H 358 48.25 -31.89 -66.45
CA ALA H 358 49.36 -32.24 -65.54
C ALA H 358 49.40 -31.23 -64.39
N ALA H 359 50.03 -31.60 -63.29
CA ALA H 359 50.14 -30.70 -62.12
C ALA H 359 51.49 -30.79 -61.40
N PHE H 360 51.88 -29.67 -60.84
CA PHE H 360 53.05 -29.56 -59.95
C PHE H 360 52.55 -29.61 -58.50
N PHE H 361 52.65 -30.78 -57.90
CA PHE H 361 52.22 -30.97 -56.50
C PHE H 361 53.03 -30.17 -55.48
N SER H 362 54.29 -29.89 -55.80
CA SER H 362 55.17 -29.05 -54.96
C SER H 362 56.38 -28.54 -55.73
N ALA H 363 56.93 -27.45 -55.23
CA ALA H 363 58.11 -26.79 -55.83
C ALA H 363 59.24 -26.65 -54.79
N ASN H 364 59.69 -27.78 -54.27
CA ASN H 364 60.87 -27.80 -53.38
C ASN H 364 62.12 -27.39 -54.16
N SER H 365 62.98 -26.64 -53.52
CA SER H 365 64.25 -26.26 -54.15
C SER H 365 65.23 -27.44 -54.04
N THR H 366 66.42 -27.26 -54.56
CA THR H 366 67.47 -28.29 -54.45
C THR H 366 67.89 -28.51 -52.98
N GLN H 367 67.85 -27.45 -52.18
CA GLN H 367 68.34 -27.51 -50.80
C GLN H 367 67.65 -28.62 -49.99
N LYS H 368 68.48 -29.34 -49.27
CA LYS H 368 68.06 -30.42 -48.38
C LYS H 368 67.80 -29.84 -46.97
N PRO H 369 66.63 -30.13 -46.40
CA PRO H 369 66.27 -29.67 -45.04
C PRO H 369 67.25 -30.22 -44.00
N ARG H 370 67.50 -29.40 -42.98
CA ARG H 370 68.36 -29.77 -41.84
C ARG H 370 67.49 -30.33 -40.70
N PHE H 371 68.04 -31.30 -39.99
CA PHE H 371 67.37 -31.88 -38.81
C PHE H 371 67.96 -31.28 -37.53
N PHE H 372 67.07 -31.00 -36.61
CA PHE H 372 67.42 -30.42 -35.30
C PHE H 372 66.89 -31.31 -34.17
N GLY H 373 67.44 -31.07 -32.97
CA GLY H 373 67.02 -31.81 -31.76
C GLY H 373 65.51 -31.68 -31.56
N ASN H 374 64.90 -32.77 -31.13
CA ASN H 374 63.44 -32.84 -30.93
C ASN H 374 62.99 -32.15 -29.64
N THR H 375 63.15 -30.84 -29.64
CA THR H 375 62.75 -29.99 -28.53
C THR H 375 61.85 -28.86 -29.07
N PRO H 376 61.22 -28.06 -28.21
CA PRO H 376 60.36 -26.94 -28.66
C PRO H 376 61.10 -25.97 -29.58
N GLU H 377 62.33 -25.63 -29.18
CA GLU H 377 63.20 -24.73 -29.95
C GLU H 377 63.75 -25.41 -31.21
N GLY H 378 64.10 -26.70 -31.07
CA GLY H 378 64.67 -27.49 -32.17
C GLY H 378 63.68 -27.70 -33.33
N LYS H 379 62.43 -27.91 -32.97
CA LYS H 379 61.35 -28.13 -33.95
C LYS H 379 60.94 -26.82 -34.63
N ALA H 380 61.07 -25.72 -33.89
CA ALA H 380 60.86 -24.37 -34.42
C ALA H 380 61.93 -24.03 -35.46
N ALA H 381 63.16 -24.49 -35.19
CA ALA H 381 64.31 -24.31 -36.09
C ALA H 381 64.10 -25.07 -37.41
N GLU H 382 63.55 -26.27 -37.28
CA GLU H 382 63.23 -27.12 -38.41
C GLU H 382 62.11 -26.50 -39.28
N THR H 383 61.08 -25.99 -38.61
CA THR H 383 59.95 -25.30 -39.29
C THR H 383 60.47 -24.12 -40.13
N ASN H 384 61.32 -23.32 -39.51
CA ASN H 384 61.87 -22.11 -40.15
C ASN H 384 62.76 -22.46 -41.35
N TYR H 385 63.57 -23.50 -41.17
CA TYR H 385 64.53 -23.91 -42.20
C TYR H 385 63.80 -24.52 -43.42
N ARG H 386 62.76 -25.29 -43.15
CA ARG H 386 61.94 -25.93 -44.20
C ARG H 386 61.19 -24.91 -45.06
N LEU H 387 60.73 -23.83 -44.42
CA LEU H 387 60.08 -22.73 -45.16
C LEU H 387 61.02 -22.11 -46.20
N GLY H 388 62.30 -22.02 -45.78
CA GLY H 388 63.40 -21.52 -46.62
C GLY H 388 63.66 -22.43 -47.83
N THR H 389 63.47 -23.74 -47.63
CA THR H 389 63.78 -24.74 -48.67
C THR H 389 62.74 -24.82 -49.79
N GLN H 390 61.59 -24.19 -49.59
CA GLN H 390 60.49 -24.26 -50.57
C GLN H 390 60.31 -22.95 -51.32
N LEU H 391 60.27 -23.08 -52.63
CA LEU H 391 60.11 -21.95 -53.58
C LEU H 391 58.82 -21.13 -53.39
N PRO H 392 57.66 -21.76 -53.10
CA PRO H 392 56.40 -21.03 -52.86
C PRO H 392 56.50 -19.94 -51.78
N TYR H 393 57.46 -20.08 -50.88
CA TYR H 393 57.68 -19.11 -49.78
C TYR H 393 58.85 -18.16 -50.08
N MET H 394 59.87 -18.69 -50.75
CA MET H 394 61.03 -17.89 -51.18
C MET H 394 60.62 -16.81 -52.19
N PHE H 395 59.59 -17.05 -52.95
CA PHE H 395 59.10 -16.07 -53.94
C PHE H 395 58.54 -14.83 -53.24
N ILE H 396 57.97 -15.07 -52.05
CA ILE H 396 57.46 -13.98 -51.19
C ILE H 396 58.63 -13.11 -50.72
N MET H 397 59.66 -13.76 -50.20
CA MET H 397 60.83 -13.01 -49.71
C MET H 397 61.57 -12.28 -50.84
N THR H 398 61.56 -12.88 -52.03
CA THR H 398 62.23 -12.30 -53.21
C THR H 398 61.56 -10.98 -53.60
N ARG H 399 60.23 -10.98 -53.63
CA ARG H 399 59.48 -9.76 -53.98
C ARG H 399 59.61 -8.68 -52.91
N LEU H 400 59.66 -9.13 -51.65
CA LEU H 400 59.89 -8.23 -50.51
C LEU H 400 61.25 -7.55 -50.59
N ALA H 401 62.25 -8.34 -50.97
CA ALA H 401 63.63 -7.86 -51.16
C ALA H 401 63.70 -6.82 -52.30
N HIS H 402 62.92 -7.07 -53.36
CA HIS H 402 62.87 -6.13 -54.49
C HIS H 402 62.18 -4.82 -54.17
N TYR H 403 61.13 -4.89 -53.36
CA TYR H 403 60.38 -3.70 -52.93
C TYR H 403 61.19 -2.83 -51.97
N ILE H 404 61.93 -3.49 -51.08
CA ILE H 404 62.75 -2.80 -50.07
C ILE H 404 63.89 -2.03 -50.74
N LYS H 405 64.56 -2.68 -51.70
CA LYS H 405 65.69 -2.10 -52.42
C LYS H 405 65.27 -0.81 -53.14
N VAL H 406 64.17 -0.92 -53.88
CA VAL H 406 63.63 0.21 -54.66
C VAL H 406 63.16 1.34 -53.73
N LEU H 407 62.16 1.03 -52.92
CA LEU H 407 61.49 2.03 -52.07
C LEU H 407 62.41 2.72 -51.07
N GLN H 408 63.41 1.99 -50.60
CA GLN H 408 64.40 2.52 -49.64
C GLN H 408 65.37 3.52 -50.25
N ARG H 409 65.73 3.30 -51.52
CA ARG H 409 66.62 4.23 -52.23
C ARG H 409 65.99 5.62 -52.39
N GLU H 410 64.65 5.62 -52.53
CA GLU H 410 63.86 6.85 -52.59
C GLU H 410 63.91 7.67 -51.28
N GLN H 411 64.11 6.95 -50.18
CA GLN H 411 64.12 7.53 -48.83
C GLN H 411 65.49 8.05 -48.41
N ILE H 412 66.56 7.63 -49.09
CA ILE H 412 67.92 8.08 -48.75
C ILE H 412 67.98 9.63 -48.80
N GLY H 413 68.52 10.19 -47.71
CA GLY H 413 68.67 11.64 -47.59
C GLY H 413 67.61 12.27 -46.67
N SER H 414 66.53 11.53 -46.43
CA SER H 414 65.44 11.99 -45.54
C SER H 414 65.88 11.98 -44.06
N TRP H 415 65.25 12.84 -43.28
CA TRP H 415 65.51 12.96 -41.83
C TRP H 415 64.91 11.77 -41.08
N LYS H 416 65.63 10.67 -41.02
CA LYS H 416 65.15 9.46 -40.33
C LYS H 416 66.02 9.11 -39.14
N GLU H 417 65.37 9.11 -37.98
CA GLU H 417 65.95 8.58 -36.73
C GLU H 417 65.58 7.10 -36.63
N LYS H 418 66.19 6.37 -35.71
CA LYS H 418 65.98 4.92 -35.57
C LYS H 418 64.50 4.49 -35.53
N SER H 419 63.75 5.12 -34.61
CA SER H 419 62.33 4.83 -34.41
C SER H 419 61.46 5.30 -35.59
N ASP H 420 61.99 6.22 -36.39
CA ASP H 420 61.29 6.65 -37.62
C ASP H 420 61.20 5.52 -38.65
N LEU H 421 62.27 4.74 -38.74
CA LEU H 421 62.33 3.56 -39.61
C LEU H 421 61.40 2.45 -39.13
N GLU H 422 61.34 2.26 -37.81
CA GLU H 422 60.45 1.22 -37.25
C GLU H 422 58.98 1.57 -37.49
N ARG H 423 58.65 2.85 -37.35
CA ARG H 423 57.28 3.32 -37.57
C ARG H 423 56.85 3.15 -39.03
N GLU H 424 57.68 3.65 -39.93
CA GLU H 424 57.37 3.63 -41.37
C GLU H 424 57.42 2.22 -41.96
N LEU H 425 58.46 1.47 -41.61
CA LEU H 425 58.61 0.07 -42.05
C LEU H 425 57.46 -0.83 -41.60
N ASN H 426 56.96 -0.55 -40.38
CA ASN H 426 55.79 -1.29 -39.86
C ASN H 426 54.52 -0.99 -40.65
N HIS H 427 54.30 0.30 -40.91
CA HIS H 427 53.14 0.74 -41.68
C HIS H 427 53.17 0.20 -43.12
N TRP H 428 54.39 0.06 -43.65
CA TRP H 428 54.60 -0.45 -45.01
C TRP H 428 54.27 -1.95 -45.10
N LEU H 429 54.86 -2.73 -44.21
CA LEU H 429 54.72 -4.18 -44.30
C LEU H 429 53.26 -4.63 -44.10
N SER H 430 52.53 -3.89 -43.27
CA SER H 430 51.11 -4.15 -43.04
C SER H 430 50.29 -4.21 -44.33
N GLN H 431 50.80 -3.55 -45.36
CA GLN H 431 50.18 -3.54 -46.69
C GLN H 431 49.92 -4.95 -47.26
N TYR H 432 50.81 -5.88 -46.91
CA TYR H 432 50.72 -7.27 -47.44
C TYR H 432 50.36 -8.30 -46.36
N ILE H 433 49.72 -7.84 -45.29
CA ILE H 433 49.35 -8.72 -44.18
C ILE H 433 47.83 -8.91 -44.15
N SER H 434 47.44 -10.16 -43.98
CA SER H 434 46.03 -10.55 -43.78
C SER H 434 45.92 -11.34 -42.48
N ASP H 435 45.74 -10.62 -41.41
CA ASP H 435 45.74 -11.18 -40.04
C ASP H 435 44.31 -11.33 -39.48
N MET H 436 43.40 -11.72 -40.34
CA MET H 436 42.00 -11.92 -39.92
C MET H 436 41.80 -13.35 -39.43
N ASP H 437 40.72 -13.55 -38.72
CA ASP H 437 40.35 -14.87 -38.17
C ASP H 437 40.32 -15.97 -39.24
N ASP H 438 39.80 -15.61 -40.41
CA ASP H 438 39.61 -16.52 -41.54
C ASP H 438 39.40 -15.73 -42.85
N PRO H 439 40.46 -15.32 -43.46
CA PRO H 439 40.46 -14.64 -44.78
C PRO H 439 39.95 -15.62 -45.82
N ALA H 440 39.25 -15.04 -46.81
CA ALA H 440 38.74 -15.89 -47.88
C ALA H 440 39.88 -16.72 -48.50
N PRO H 441 39.65 -18.02 -48.64
CA PRO H 441 40.68 -18.97 -49.11
C PRO H 441 41.14 -18.55 -50.51
N ALA H 442 42.45 -18.58 -50.72
CA ALA H 442 43.09 -18.11 -51.97
C ALA H 442 42.86 -16.60 -52.19
N VAL H 443 42.74 -15.87 -51.09
CA VAL H 443 42.57 -14.39 -51.10
C VAL H 443 43.68 -13.76 -50.26
N ARG H 444 43.94 -14.43 -49.14
CA ARG H 444 45.30 -14.75 -48.63
C ARG H 444 46.38 -14.72 -49.73
N SER H 445 45.97 -15.04 -50.95
CA SER H 445 46.84 -14.99 -52.11
C SER H 445 47.45 -13.60 -52.40
N ARG H 446 46.61 -12.56 -52.48
CA ARG H 446 47.12 -11.19 -52.69
C ARG H 446 47.87 -10.63 -51.46
N ARG H 447 47.50 -11.15 -50.28
CA ARG H 447 48.19 -10.81 -49.02
C ARG H 447 48.80 -12.07 -48.39
N PRO H 448 49.98 -12.45 -48.87
CA PRO H 448 50.65 -13.72 -48.53
C PRO H 448 51.04 -13.87 -47.06
N LEU H 449 51.26 -12.73 -46.39
CA LEU H 449 51.73 -12.73 -44.99
C LEU H 449 50.58 -12.71 -43.99
N ARG H 450 50.83 -13.36 -42.87
CA ARG H 450 49.88 -13.41 -41.74
C ARG H 450 50.36 -12.50 -40.60
N ALA H 451 51.66 -12.58 -40.31
CA ALA H 451 52.30 -11.74 -39.29
C ALA H 451 53.68 -11.31 -39.77
N ALA H 452 54.18 -10.25 -39.17
CA ALA H 452 55.53 -9.77 -39.41
C ALA H 452 56.04 -8.86 -38.32
N ARG H 453 57.33 -8.95 -38.11
CA ARG H 453 58.03 -8.20 -37.06
C ARG H 453 59.26 -7.49 -37.63
N VAL H 454 59.39 -6.24 -37.21
CA VAL H 454 60.54 -5.39 -37.62
C VAL H 454 61.20 -4.80 -36.37
N VAL H 455 62.51 -4.93 -36.33
CA VAL H 455 63.37 -4.25 -35.35
C VAL H 455 64.46 -3.47 -36.08
N VAL H 456 64.74 -2.28 -35.58
CA VAL H 456 65.79 -1.43 -36.15
C VAL H 456 66.75 -0.99 -35.05
N GLU H 457 68.02 -1.18 -35.30
CA GLU H 457 69.08 -0.73 -34.39
C GLU H 457 70.01 0.22 -35.14
N ASP H 458 70.94 0.79 -34.42
CA ASP H 458 71.89 1.76 -34.98
C ASP H 458 73.25 1.09 -35.21
N VAL H 459 73.85 1.41 -36.33
CA VAL H 459 75.24 1.03 -36.62
C VAL H 459 76.14 1.98 -35.81
N GLU H 460 76.60 1.50 -34.67
CA GLU H 460 77.38 2.32 -33.74
C GLU H 460 78.67 2.83 -34.42
N GLY H 461 78.91 4.13 -34.20
CA GLY H 461 80.06 4.84 -34.80
C GLY H 461 79.89 5.09 -36.30
N GLN H 462 78.63 5.07 -36.75
CA GLN H 462 78.26 5.40 -38.13
C GLN H 462 76.85 6.01 -38.16
N PRO H 463 76.78 7.31 -37.88
CA PRO H 463 75.50 8.04 -37.78
C PRO H 463 74.81 8.11 -39.16
N GLY H 464 73.52 7.74 -39.15
CA GLY H 464 72.73 7.73 -40.40
C GLY H 464 72.51 6.32 -40.95
N TRP H 465 73.29 5.37 -40.43
CA TRP H 465 73.20 3.97 -40.86
C TRP H 465 72.51 3.12 -39.78
N TYR H 466 71.71 2.20 -40.26
CA TYR H 466 70.86 1.34 -39.40
C TYR H 466 70.97 -0.13 -39.77
N ARG H 467 70.67 -0.96 -38.79
CA ARG H 467 70.60 -2.42 -38.96
C ARG H 467 69.16 -2.89 -38.73
N CYS H 468 68.55 -3.37 -39.78
CA CYS H 468 67.13 -3.74 -39.74
C CYS H 468 66.94 -5.25 -39.87
N SER H 469 66.04 -5.77 -39.04
CA SER H 469 65.64 -7.18 -39.08
C SER H 469 64.15 -7.31 -39.37
N LEU H 470 63.88 -8.05 -40.42
CA LEU H 470 62.52 -8.33 -40.89
C LEU H 470 62.23 -9.83 -40.90
N GLN H 471 61.29 -10.23 -40.07
CA GLN H 471 60.85 -11.63 -39.96
C GLN H 471 59.34 -11.72 -40.24
N VAL H 472 58.97 -12.68 -41.06
CA VAL H 472 57.57 -12.83 -41.52
C VAL H 472 57.05 -14.26 -41.34
N ARG H 473 55.75 -14.34 -41.12
CA ARG H 473 55.02 -15.61 -40.96
C ARG H 473 53.98 -15.69 -42.09
N PRO H 474 54.31 -16.36 -43.18
CA PRO H 474 53.43 -16.53 -44.36
C PRO H 474 52.29 -17.51 -44.03
N HIS H 475 51.18 -17.40 -44.75
CA HIS H 475 50.11 -18.42 -44.67
C HIS H 475 50.65 -19.75 -45.20
N PHE H 476 50.19 -20.84 -44.61
CA PHE H 476 50.70 -22.18 -44.97
C PHE H 476 49.92 -22.85 -46.08
N LYS H 477 50.68 -23.45 -46.97
CA LYS H 477 50.13 -24.31 -48.03
C LYS H 477 49.83 -25.70 -47.47
N TYR H 478 48.71 -26.25 -47.90
CA TYR H 478 48.31 -27.63 -47.58
C TYR H 478 49.11 -28.60 -48.45
N MET H 479 50.01 -29.34 -47.82
CA MET H 479 50.98 -30.17 -48.57
C MET H 479 51.09 -31.64 -48.11
N GLY H 480 49.98 -32.15 -47.55
CA GLY H 480 49.95 -33.56 -47.08
C GLY H 480 49.36 -33.69 -45.68
N ALA H 481 48.92 -34.90 -45.40
CA ALA H 481 48.20 -35.24 -44.16
C ALA H 481 48.05 -36.76 -44.02
N SER H 482 48.00 -37.20 -42.78
CA SER H 482 47.76 -38.62 -42.44
C SER H 482 46.38 -38.75 -41.79
N PHE H 483 45.67 -39.79 -42.21
CA PHE H 483 44.31 -40.05 -41.72
C PHE H 483 44.23 -41.39 -40.97
N THR H 484 43.53 -41.34 -39.85
CA THR H 484 43.24 -42.54 -39.03
C THR H 484 41.72 -42.77 -38.99
N LEU H 485 41.29 -43.82 -39.67
CA LEU H 485 39.86 -44.17 -39.72
C LEU H 485 39.54 -45.16 -38.61
N SER H 486 38.35 -45.03 -38.06
CA SER H 486 37.91 -45.91 -36.95
C SER H 486 36.40 -45.95 -36.81
N LEU H 487 35.89 -47.17 -36.86
CA LEU H 487 34.50 -47.46 -36.47
C LEU H 487 34.39 -47.39 -34.94
N VAL H 488 33.26 -46.94 -34.46
CA VAL H 488 33.05 -46.72 -33.01
C VAL H 488 31.57 -46.75 -32.67
N GLY H 489 31.29 -47.38 -31.53
CA GLY H 489 29.95 -47.36 -30.92
C GLY H 489 29.97 -46.36 -29.78
N LYS H 490 28.85 -45.80 -29.45
CA LYS H 490 28.64 -44.81 -28.34
C LYS H 490 29.46 -43.52 -28.53
N LEU H 491 29.77 -43.20 -29.78
CA LEU H 491 30.45 -41.95 -30.11
C LEU H 491 29.52 -40.79 -29.74
N ASP H 492 30.09 -39.72 -29.21
CA ASP H 492 29.30 -38.50 -28.96
C ASP H 492 28.71 -38.02 -30.29
N LYS H 493 27.42 -37.75 -30.29
CA LYS H 493 26.68 -37.41 -31.53
C LYS H 493 27.16 -36.08 -32.18
N LEU I 30 39.77 -68.63 -19.98
CA LEU I 30 40.39 -69.89 -19.57
C LEU I 30 39.31 -70.97 -19.34
N PRO I 31 39.41 -72.06 -20.11
CA PRO I 31 38.54 -73.23 -19.95
C PRO I 31 38.66 -73.78 -18.54
N LEU I 32 37.66 -74.56 -18.15
CA LEU I 32 37.72 -75.33 -16.90
C LEU I 32 38.02 -76.78 -17.25
N LYS I 33 39.29 -77.13 -17.08
CA LYS I 33 39.74 -78.50 -17.41
C LYS I 33 39.97 -79.29 -16.12
N VAL I 34 39.37 -80.47 -16.10
CA VAL I 34 39.50 -81.42 -15.00
C VAL I 34 40.32 -82.63 -15.49
N LEU I 35 41.03 -83.22 -14.53
CA LEU I 35 41.83 -84.41 -14.78
C LEU I 35 41.29 -85.58 -13.92
N MET I 36 40.71 -86.55 -14.61
CA MET I 36 40.19 -87.75 -13.96
C MET I 36 41.26 -88.85 -13.96
N LEU I 37 41.77 -89.12 -12.77
CA LEU I 37 42.84 -90.12 -12.61
C LEU I 37 42.23 -91.31 -11.85
N GLY I 38 42.49 -92.50 -12.40
CA GLY I 38 41.91 -93.74 -11.86
C GLY I 38 42.32 -94.97 -12.68
N ASP I 39 41.98 -96.12 -12.11
CA ASP I 39 42.28 -97.42 -12.72
C ASP I 39 41.17 -97.83 -13.70
N PHE I 40 41.31 -97.31 -14.91
CA PHE I 40 40.34 -97.58 -16.00
C PHE I 40 40.52 -98.91 -16.72
N THR I 41 41.64 -99.58 -16.45
CA THR I 41 41.95 -100.88 -17.07
C THR I 41 42.03 -101.98 -15.99
N GLY I 42 42.00 -103.22 -16.48
CA GLY I 42 42.09 -104.42 -15.60
C GLY I 42 43.50 -104.70 -15.06
N GLN I 43 44.49 -103.92 -15.52
CA GLN I 43 45.90 -104.13 -15.17
C GLN I 43 46.69 -102.81 -15.21
N GLU I 44 47.77 -102.79 -14.43
CA GLU I 44 48.76 -101.70 -14.47
C GLU I 44 49.52 -101.72 -15.80
N ASP I 45 49.97 -100.55 -16.23
CA ASP I 45 50.79 -100.42 -17.44
C ASP I 45 52.28 -100.45 -17.08
N ALA I 46 53.06 -101.05 -17.98
CA ALA I 46 54.54 -101.06 -17.93
C ALA I 46 55.12 -99.66 -18.16
N ARG I 47 54.45 -98.86 -18.98
CA ARG I 47 54.88 -97.50 -19.31
C ARG I 47 54.90 -96.62 -18.04
N PRO I 48 56.01 -95.89 -17.83
CA PRO I 48 56.15 -94.94 -16.72
C PRO I 48 55.02 -93.90 -16.75
N LEU I 49 54.67 -93.41 -15.56
CA LEU I 49 53.59 -92.40 -15.41
C LEU I 49 53.83 -91.14 -16.26
N GLU I 50 55.08 -90.68 -16.25
CA GLU I 50 55.49 -89.51 -17.03
C GLU I 50 55.40 -89.72 -18.56
N GLN I 51 55.43 -90.98 -18.97
CA GLN I 51 55.44 -91.35 -20.39
C GLN I 51 54.01 -91.58 -20.92
N ARG I 52 53.19 -92.32 -20.17
CA ARG I 52 51.78 -92.52 -20.56
C ARG I 52 51.09 -91.17 -20.68
N ALA I 53 50.23 -91.09 -21.69
CA ALA I 53 49.60 -89.81 -22.04
C ALA I 53 48.14 -89.74 -21.60
N PRO I 54 47.66 -88.50 -21.33
CA PRO I 54 46.25 -88.24 -21.03
C PRO I 54 45.40 -88.29 -22.31
N ILE I 55 44.13 -88.60 -22.14
CA ILE I 55 43.16 -88.70 -23.26
C ILE I 55 42.05 -87.66 -23.06
N ASN I 56 41.84 -86.84 -24.08
CA ASN I 56 40.74 -85.86 -24.06
C ASN I 56 39.42 -86.57 -24.40
N VAL I 57 38.45 -86.40 -23.50
CA VAL I 57 37.13 -87.04 -23.65
C VAL I 57 36.03 -85.96 -23.72
N ASP I 58 35.04 -86.25 -24.57
CA ASP I 58 33.83 -85.44 -24.69
C ASP I 58 32.65 -86.33 -25.16
N LYS I 59 31.47 -85.72 -25.18
CA LYS I 59 30.22 -86.41 -25.60
C LYS I 59 30.26 -87.05 -26.99
N ALA I 60 31.05 -86.46 -27.89
CA ALA I 60 31.09 -86.88 -29.31
C ALA I 60 32.19 -87.91 -29.64
N ASN I 61 32.81 -88.49 -28.62
CA ASN I 61 33.89 -89.48 -28.81
C ASN I 61 34.11 -90.39 -27.60
N PHE I 62 33.18 -90.35 -26.65
CA PHE I 62 33.31 -91.15 -25.40
C PHE I 62 33.49 -92.64 -25.72
N ASN I 63 32.60 -93.16 -26.56
CA ASN I 63 32.66 -94.57 -26.99
C ASN I 63 33.96 -94.91 -27.75
N GLU I 64 34.41 -93.95 -28.57
CA GLU I 64 35.59 -94.08 -29.40
C GLU I 64 36.81 -94.23 -28.49
N VAL I 65 36.78 -93.49 -27.39
CA VAL I 65 37.84 -93.55 -26.37
C VAL I 65 37.90 -94.94 -25.72
N MET I 66 36.74 -95.51 -25.41
CA MET I 66 36.69 -96.85 -24.80
C MET I 66 37.25 -97.92 -25.75
N ALA I 67 36.84 -97.80 -27.02
CA ALA I 67 37.27 -98.71 -28.10
C ALA I 67 38.80 -98.67 -28.28
N GLN I 68 39.34 -97.45 -28.27
CA GLN I 68 40.80 -97.24 -28.42
C GLN I 68 41.59 -97.66 -27.17
N GLN I 69 40.97 -97.49 -26.00
CA GLN I 69 41.60 -97.84 -24.71
C GLN I 69 41.80 -99.35 -24.60
N ASN I 70 40.86 -100.10 -25.20
CA ASN I 70 40.89 -101.57 -25.21
C ASN I 70 40.84 -102.13 -23.78
N LEU I 71 39.63 -102.56 -23.41
CA LEU I 71 39.39 -103.10 -22.07
C LEU I 71 39.31 -104.62 -22.14
N LYS I 72 39.84 -105.24 -21.09
CA LYS I 72 39.84 -106.71 -20.97
C LYS I 72 39.87 -107.13 -19.50
N VAL I 73 39.08 -108.15 -19.22
CA VAL I 73 38.99 -108.77 -17.88
C VAL I 73 39.20 -110.28 -17.96
N THR I 74 40.28 -110.70 -17.31
CA THR I 74 40.57 -112.13 -17.12
C THR I 74 40.35 -112.41 -15.64
N LEU I 75 39.27 -113.13 -15.37
CA LEU I 75 38.83 -113.39 -13.99
C LEU I 75 38.11 -114.73 -13.92
N THR I 76 38.14 -115.27 -12.71
CA THR I 76 37.49 -116.54 -12.39
C THR I 76 36.34 -116.33 -11.38
N ALA I 77 35.20 -116.91 -11.71
CA ALA I 77 33.99 -116.90 -10.87
C ALA I 77 33.58 -118.34 -10.54
N ALA I 78 32.84 -118.51 -9.46
CA ALA I 78 32.26 -119.80 -9.08
C ALA I 78 31.36 -120.32 -10.22
N ASP I 79 31.64 -121.55 -10.63
CA ASP I 79 30.84 -122.22 -11.67
C ASP I 79 29.56 -122.76 -11.03
N LYS I 80 28.46 -122.06 -11.28
CA LYS I 80 27.15 -122.46 -10.73
C LYS I 80 26.25 -123.13 -11.77
N LEU I 81 26.89 -123.61 -12.85
CA LEU I 81 26.19 -124.38 -13.89
C LEU I 81 26.12 -125.88 -13.55
N SER I 82 26.80 -126.23 -12.47
CA SER I 82 26.82 -127.60 -11.91
C SER I 82 26.58 -127.55 -10.39
N ALA I 83 26.83 -128.68 -9.74
CA ALA I 83 26.70 -128.85 -8.29
C ALA I 83 28.02 -129.26 -7.63
N ASP I 84 29.11 -128.64 -8.09
CA ASP I 84 30.45 -128.93 -7.56
C ASP I 84 31.09 -127.63 -7.02
N PRO I 85 31.44 -127.62 -5.71
CA PRO I 85 32.15 -126.50 -5.07
C PRO I 85 33.55 -126.23 -5.64
N ASN I 86 34.19 -127.28 -6.17
CA ASN I 86 35.52 -127.20 -6.81
C ASN I 86 35.47 -126.70 -8.28
N ALA I 87 34.27 -126.65 -8.85
CA ALA I 87 34.06 -126.15 -10.22
C ALA I 87 34.18 -124.62 -10.26
N THR I 88 35.10 -124.19 -11.08
CA THR I 88 35.35 -122.75 -11.30
C THR I 88 35.31 -122.41 -12.79
N MET I 89 34.89 -121.19 -13.10
CA MET I 89 34.81 -120.71 -14.48
C MET I 89 35.68 -119.48 -14.69
N ASN I 90 36.60 -119.60 -15.64
CA ASN I 90 37.46 -118.47 -16.02
C ASN I 90 36.98 -117.89 -17.35
N VAL I 91 36.79 -116.58 -17.34
CA VAL I 91 36.28 -115.81 -18.48
C VAL I 91 37.29 -114.75 -18.93
N SER I 92 37.23 -114.41 -20.21
CA SER I 92 38.07 -113.35 -20.79
C SER I 92 37.19 -112.35 -21.53
N LEU I 93 36.62 -111.41 -20.78
CA LEU I 93 35.72 -110.40 -21.38
C LEU I 93 36.51 -109.23 -21.98
N GLN I 94 35.95 -108.71 -23.05
CA GLN I 94 36.51 -107.56 -23.80
C GLN I 94 35.41 -106.53 -24.01
N PHE I 95 35.80 -105.28 -23.85
CA PHE I 95 34.84 -104.16 -23.98
C PHE I 95 35.37 -103.12 -24.96
N LYS I 96 34.43 -102.62 -25.76
CA LYS I 96 34.67 -101.55 -26.74
C LYS I 96 33.83 -100.31 -26.38
N ASN I 97 32.65 -100.56 -25.84
CA ASN I 97 31.72 -99.52 -25.37
C ASN I 97 30.99 -100.00 -24.10
N LEU I 98 30.22 -99.09 -23.51
CA LEU I 98 29.41 -99.40 -22.31
C LEU I 98 28.34 -100.46 -22.51
N ASN I 99 27.87 -100.56 -23.76
CA ASN I 99 26.88 -101.60 -24.14
C ASN I 99 27.45 -103.01 -23.93
N ASP I 100 28.77 -103.13 -23.97
CA ASP I 100 29.47 -104.41 -23.76
C ASP I 100 29.50 -104.89 -22.30
N PHE I 101 28.94 -104.10 -21.38
CA PHE I 101 28.79 -104.53 -19.98
C PHE I 101 27.41 -105.11 -19.70
N SER I 102 26.54 -105.08 -20.70
CA SER I 102 25.20 -105.65 -20.58
C SER I 102 25.28 -107.20 -20.54
N PRO I 103 24.38 -107.84 -19.80
CA PRO I 103 24.32 -109.31 -19.69
C PRO I 103 24.30 -110.02 -21.06
N GLU I 104 23.70 -109.33 -22.05
CA GLU I 104 23.64 -109.83 -23.45
C GLU I 104 25.04 -110.00 -24.07
N SER I 105 25.94 -109.07 -23.78
CA SER I 105 27.34 -109.15 -24.29
C SER I 105 28.18 -110.11 -23.45
N VAL I 106 27.89 -110.18 -22.15
CA VAL I 106 28.57 -111.09 -21.21
C VAL I 106 28.35 -112.55 -21.65
N VAL I 107 27.10 -112.87 -21.98
CA VAL I 107 26.73 -114.21 -22.47
C VAL I 107 27.45 -114.54 -23.79
N ASN I 108 27.49 -113.55 -24.68
CA ASN I 108 28.08 -113.72 -26.01
C ASN I 108 29.59 -114.00 -25.95
N GLN I 109 30.23 -113.51 -24.90
CA GLN I 109 31.68 -113.70 -24.71
C GLN I 109 32.02 -114.85 -23.76
N VAL I 110 30.99 -115.55 -23.29
CA VAL I 110 31.16 -116.69 -22.38
C VAL I 110 30.47 -117.91 -23.02
N PRO I 111 31.25 -118.75 -23.72
CA PRO I 111 30.76 -119.96 -24.42
C PRO I 111 29.88 -120.87 -23.56
N GLU I 112 30.21 -120.96 -22.28
CA GLU I 112 29.49 -121.77 -21.28
C GLU I 112 28.07 -121.26 -21.03
N LEU I 113 27.84 -119.99 -21.35
CA LEU I 113 26.51 -119.36 -21.30
C LEU I 113 25.92 -119.15 -22.69
N LYS I 114 26.77 -118.84 -23.66
CA LYS I 114 26.36 -118.61 -25.05
C LYS I 114 25.66 -119.84 -25.64
N LYS I 115 26.22 -121.02 -25.36
CA LYS I 115 25.61 -122.29 -25.79
C LYS I 115 24.26 -122.56 -25.13
N LEU I 116 24.14 -122.12 -23.88
CA LEU I 116 22.87 -122.21 -23.12
C LEU I 116 21.79 -121.26 -23.67
N LEU I 117 22.24 -120.12 -24.16
CA LEU I 117 21.35 -119.15 -24.82
C LEU I 117 20.89 -119.69 -26.18
N GLU I 118 21.80 -120.34 -26.89
CA GLU I 118 21.50 -121.00 -28.17
C GLU I 118 20.51 -122.15 -27.96
N LEU I 119 20.71 -122.87 -26.84
CA LEU I 119 19.79 -123.92 -26.39
C LEU I 119 18.40 -123.35 -26.09
N ARG I 120 18.39 -122.22 -25.37
CA ARG I 120 17.16 -121.51 -25.01
C ARG I 120 16.36 -121.22 -26.29
N SER I 121 17.03 -120.64 -27.28
CA SER I 121 16.41 -120.27 -28.57
C SER I 121 15.88 -121.50 -29.34
N ALA I 122 16.62 -122.60 -29.24
CA ALA I 122 16.22 -123.90 -29.84
C ALA I 122 14.96 -124.47 -29.17
N LEU I 123 14.87 -124.31 -27.91
CA LEU I 123 13.72 -124.90 -27.21
C LEU I 123 12.47 -124.03 -27.38
N ASN I 124 12.63 -122.70 -27.39
CA ASN I 124 11.50 -121.80 -27.59
C ASN I 124 10.93 -121.98 -29.00
N ALA I 125 11.83 -122.13 -30.00
CA ALA I 125 11.47 -122.36 -31.41
C ALA I 125 10.67 -123.65 -31.52
N LEU I 126 11.19 -124.73 -30.92
CA LEU I 126 10.52 -126.03 -30.91
C LEU I 126 9.14 -125.93 -30.23
N LYS I 127 9.10 -125.36 -29.00
CA LYS I 127 7.83 -125.26 -28.24
C LYS I 127 6.80 -124.37 -28.92
N GLY I 128 7.23 -123.33 -29.69
CA GLY I 128 6.31 -122.48 -30.44
C GLY I 128 6.02 -123.05 -31.83
N PRO I 129 6.51 -124.28 -32.11
CA PRO I 129 6.33 -125.01 -33.37
C PRO I 129 6.92 -124.29 -34.61
N LEU I 130 7.98 -123.48 -34.41
CA LEU I 130 8.60 -122.72 -35.50
C LEU I 130 9.56 -123.54 -36.34
N GLY I 131 9.98 -124.72 -35.84
CA GLY I 131 10.79 -125.63 -36.63
C GLY I 131 10.36 -127.06 -36.37
N ASN I 132 10.61 -127.96 -37.33
CA ASN I 132 10.24 -129.36 -37.17
C ASN I 132 11.34 -130.12 -36.40
N LEU I 133 11.04 -131.36 -36.00
CA LEU I 133 11.94 -132.21 -35.23
C LEU I 133 13.29 -132.45 -35.89
N PRO I 134 13.32 -132.64 -37.22
CA PRO I 134 14.59 -132.90 -37.95
C PRO I 134 15.55 -131.69 -37.83
N ALA I 135 15.03 -130.45 -37.99
CA ALA I 135 15.83 -129.22 -37.88
C ALA I 135 16.29 -129.07 -36.42
N PHE I 136 15.35 -129.24 -35.47
CA PHE I 136 15.65 -129.18 -34.04
C PHE I 136 16.86 -130.08 -33.71
N ARG I 137 16.83 -131.39 -34.12
CA ARG I 137 17.93 -132.32 -33.80
C ARG I 137 19.24 -131.92 -34.46
N LYS I 138 19.20 -131.37 -35.68
CA LYS I 138 20.38 -130.92 -36.42
C LYS I 138 21.03 -129.72 -35.69
N LYS I 139 20.19 -128.76 -35.25
CA LYS I 139 20.66 -127.58 -34.52
C LYS I 139 21.16 -127.95 -33.13
N LEU I 140 20.56 -128.94 -32.51
CA LEU I 140 20.95 -129.33 -31.20
C LEU I 140 22.34 -129.87 -31.23
N GLN I 141 22.63 -130.72 -32.18
CA GLN I 141 23.95 -131.29 -32.28
C GLN I 141 25.01 -130.23 -32.53
N ALA I 142 24.72 -129.21 -33.30
CA ALA I 142 25.60 -128.09 -33.52
C ALA I 142 25.93 -127.31 -32.22
N LEU I 143 24.92 -126.99 -31.46
CA LEU I 143 25.09 -126.37 -30.18
C LEU I 143 26.03 -127.20 -29.27
N LEU I 144 25.77 -128.48 -29.14
CA LEU I 144 26.47 -129.30 -28.17
C LEU I 144 27.84 -129.82 -28.63
N ALA I 145 28.13 -129.58 -29.87
CA ALA I 145 29.40 -129.94 -30.52
C ALA I 145 30.58 -129.09 -29.97
N ASP I 146 30.34 -127.87 -29.44
CA ASP I 146 31.40 -126.98 -28.92
C ASP I 146 32.37 -127.74 -28.00
N GLU I 147 33.66 -127.88 -28.40
CA GLU I 147 34.59 -128.67 -27.57
C GLU I 147 34.98 -128.02 -26.24
N ASP I 148 34.68 -126.73 -26.06
CA ASP I 148 35.00 -126.00 -24.85
C ASP I 148 33.96 -126.28 -23.73
N GLY I 149 32.83 -126.96 -24.08
CA GLY I 149 31.79 -127.29 -23.09
C GLY I 149 32.16 -128.47 -22.25
N ARG I 150 31.67 -128.50 -21.00
CA ARG I 150 31.90 -129.68 -20.17
C ARG I 150 30.83 -130.71 -20.55
N LYS I 151 31.10 -132.01 -20.34
CA LYS I 151 30.10 -133.03 -20.63
C LYS I 151 28.95 -132.92 -19.62
N ALA I 152 29.25 -132.44 -18.39
CA ALA I 152 28.25 -132.22 -17.34
C ALA I 152 27.25 -131.20 -17.85
N LEU I 153 27.72 -130.08 -18.42
CA LEU I 153 26.81 -129.08 -18.98
C LEU I 153 26.00 -129.64 -20.16
N ILE I 154 26.65 -130.39 -21.09
CA ILE I 154 25.94 -130.98 -22.24
C ILE I 154 24.76 -131.83 -21.77
N LYS I 155 24.96 -132.66 -20.71
CA LYS I 155 23.95 -133.52 -20.08
C LYS I 155 22.76 -132.75 -19.52
N GLU I 156 23.01 -131.63 -18.81
CA GLU I 156 21.99 -130.73 -18.27
C GLU I 156 21.22 -130.05 -19.41
N LEU I 157 21.91 -129.73 -20.52
CA LEU I 157 21.27 -129.15 -21.71
C LEU I 157 20.36 -130.16 -22.42
N GLY I 158 20.84 -131.40 -22.61
CA GLY I 158 20.07 -132.50 -23.23
C GLY I 158 18.87 -132.91 -22.37
N LEU I 159 18.97 -132.75 -21.03
CA LEU I 159 17.89 -133.07 -20.09
C LEU I 159 16.69 -132.11 -20.21
N THR I 160 16.89 -130.97 -20.88
CA THR I 160 15.84 -129.98 -21.11
C THR I 160 15.02 -130.31 -22.36
N GLU I 161 15.51 -131.23 -23.19
CA GLU I 161 14.80 -131.60 -24.43
C GLU I 161 13.51 -132.40 -24.16
N GLU I 162 12.32 -131.95 -24.65
CA GLU I 162 11.11 -132.79 -24.47
C GLU I 162 11.30 -134.14 -25.14
N THR I 163 10.78 -135.21 -24.52
CA THR I 163 10.90 -136.59 -25.03
C THR I 163 10.47 -136.77 -26.48
N LYS I 164 9.39 -136.10 -26.90
CA LYS I 164 8.86 -136.18 -28.27
C LYS I 164 9.75 -135.56 -29.34
N ASP J 63 1.67 -130.18 -23.85
CA ASP J 63 3.09 -130.54 -24.05
C ASP J 63 4.05 -129.34 -23.95
N LYS J 64 3.64 -128.22 -24.56
CA LYS J 64 4.40 -126.98 -24.61
C LYS J 64 4.64 -126.42 -23.20
N ALA J 65 3.68 -126.68 -22.31
CA ALA J 65 3.78 -126.27 -20.90
C ALA J 65 5.05 -126.84 -20.23
N LEU J 66 5.36 -128.09 -20.56
CA LEU J 66 6.58 -128.76 -20.09
C LEU J 66 7.85 -128.16 -20.70
N VAL J 67 7.75 -127.82 -21.97
CA VAL J 67 8.84 -127.14 -22.71
C VAL J 67 9.13 -125.76 -22.09
N ASP J 68 8.06 -125.06 -21.72
CA ASP J 68 8.18 -123.74 -21.06
C ASP J 68 8.85 -123.87 -19.68
N ALA J 69 8.52 -124.95 -18.98
CA ALA J 69 9.14 -125.28 -17.68
C ALA J 69 10.64 -125.54 -17.83
N MET J 70 11.00 -126.17 -18.95
CA MET J 70 12.41 -126.41 -19.31
C MET J 70 13.15 -125.09 -19.53
N ILE J 71 12.45 -124.15 -20.18
CA ILE J 71 12.97 -122.78 -20.40
C ILE J 71 13.12 -122.01 -19.07
N ALA J 72 12.20 -122.23 -18.17
CA ALA J 72 12.22 -121.57 -16.86
C ALA J 72 13.45 -122.01 -16.05
N GLU J 73 13.69 -123.32 -16.06
CA GLU J 73 14.83 -123.93 -15.35
C GLU J 73 16.17 -123.62 -16.02
N ILE J 74 16.16 -123.55 -17.35
CA ILE J 74 17.36 -123.20 -18.13
C ILE J 74 17.83 -121.78 -17.80
N ASP J 75 16.87 -120.84 -17.82
CA ASP J 75 17.15 -119.42 -17.53
C ASP J 75 17.50 -119.22 -16.08
N LYS J 76 16.88 -120.03 -15.22
CA LYS J 76 17.17 -120.04 -13.78
C LYS J 76 18.67 -120.35 -13.55
N ARG J 77 19.15 -121.39 -14.23
CA ARG J 77 20.57 -121.79 -14.12
C ARG J 77 21.51 -120.77 -14.76
N LEU J 78 21.11 -120.26 -15.92
CA LEU J 78 21.91 -119.27 -16.66
C LEU J 78 22.03 -117.99 -15.84
N SER J 79 20.94 -117.57 -15.22
CA SER J 79 20.88 -116.38 -14.35
C SER J 79 21.71 -116.52 -13.08
N SER J 80 21.79 -117.72 -12.58
CA SER J 80 22.61 -118.03 -11.39
C SER J 80 24.09 -117.80 -11.69
N GLN J 81 24.48 -118.15 -12.90
CA GLN J 81 25.87 -117.97 -13.37
C GLN J 81 26.14 -116.52 -13.72
N VAL J 82 25.25 -115.90 -14.40
CA VAL J 82 25.39 -114.48 -14.83
C VAL J 82 25.51 -113.53 -13.63
N ASN J 83 24.85 -113.88 -12.52
CA ASN J 83 24.95 -113.12 -11.28
C ASN J 83 26.40 -113.09 -10.77
N GLU J 84 27.10 -114.22 -10.95
CA GLU J 84 28.51 -114.36 -10.53
C GLU J 84 29.46 -113.40 -11.25
N ILE J 85 29.24 -113.25 -12.56
CA ILE J 85 30.06 -112.33 -13.37
C ILE J 85 29.70 -110.87 -13.06
N LEU J 86 28.41 -110.59 -13.03
CA LEU J 86 27.90 -109.24 -12.78
C LEU J 86 28.21 -108.73 -11.38
N HIS J 87 28.36 -109.66 -10.45
CA HIS J 87 28.68 -109.33 -9.05
C HIS J 87 30.14 -109.60 -8.70
N ALA J 88 30.95 -109.84 -9.74
CA ALA J 88 32.40 -109.99 -9.57
C ALA J 88 33.00 -108.62 -9.28
N LYS J 89 33.84 -108.58 -8.26
CA LYS J 89 34.49 -107.33 -7.81
C LYS J 89 35.40 -106.69 -8.88
N GLU J 90 36.09 -107.57 -9.63
CA GLU J 90 36.95 -107.16 -10.76
C GLU J 90 36.08 -106.57 -11.88
N PHE J 91 34.97 -107.23 -12.14
CA PHE J 91 34.05 -106.77 -13.21
C PHE J 91 33.43 -105.41 -12.86
N GLN J 92 32.96 -105.30 -11.63
CA GLN J 92 32.31 -104.07 -11.15
C GLN J 92 33.29 -102.90 -11.06
N LYS J 93 34.55 -103.19 -10.72
CA LYS J 93 35.59 -102.14 -10.65
C LYS J 93 35.77 -101.50 -12.04
N LEU J 94 35.79 -102.35 -13.08
CA LEU J 94 35.93 -101.90 -14.46
C LEU J 94 34.68 -101.12 -14.89
N GLU J 95 33.51 -101.74 -14.69
CA GLU J 95 32.24 -101.14 -15.13
C GLU J 95 31.98 -99.80 -14.43
N SER J 96 31.99 -99.82 -13.11
CA SER J 96 31.72 -98.62 -12.29
C SER J 96 32.65 -97.47 -12.66
N SER J 97 33.89 -97.78 -13.06
CA SER J 97 34.88 -96.76 -13.47
C SER J 97 34.43 -96.02 -14.72
N TRP J 98 34.07 -96.79 -15.75
CA TRP J 98 33.64 -96.21 -17.04
C TRP J 98 32.21 -95.67 -17.04
N ARG J 99 31.32 -96.36 -16.34
CA ARG J 99 29.91 -95.92 -16.22
C ARG J 99 29.83 -94.62 -15.42
N SER J 100 30.55 -94.56 -14.31
CA SER J 100 30.64 -93.33 -13.49
C SER J 100 31.29 -92.19 -14.27
N LEU J 101 32.23 -92.55 -15.15
CA LEU J 101 32.92 -91.57 -16.00
C LEU J 101 31.95 -90.90 -16.98
N LYS J 102 31.14 -91.72 -17.64
CA LYS J 102 30.14 -91.20 -18.60
C LYS J 102 29.07 -90.39 -17.87
N PHE J 103 28.66 -90.90 -16.71
CA PHE J 103 27.69 -90.21 -15.85
C PHE J 103 28.15 -88.76 -15.57
N MET J 104 29.46 -88.61 -15.39
CA MET J 104 30.10 -87.28 -15.27
C MET J 104 30.05 -86.54 -16.60
N VAL J 105 30.64 -87.16 -17.61
CA VAL J 105 30.85 -86.55 -18.94
C VAL J 105 29.55 -86.01 -19.53
N ASP J 106 28.51 -86.83 -19.56
CA ASP J 106 27.27 -86.45 -20.26
C ASP J 106 26.39 -85.44 -19.49
N ARG J 107 26.81 -85.10 -18.28
CA ARG J 107 26.12 -84.06 -17.48
C ARG J 107 26.88 -82.73 -17.51
N THR J 108 27.94 -82.68 -18.30
CA THR J 108 28.72 -81.46 -18.53
C THR J 108 28.28 -80.87 -19.87
N ASP J 109 28.80 -79.69 -20.17
CA ASP J 109 28.53 -79.02 -21.44
C ASP J 109 29.85 -78.52 -22.04
N PHE J 110 30.33 -79.26 -23.02
CA PHE J 110 31.61 -78.96 -23.70
C PHE J 110 31.60 -77.69 -24.55
N ARG J 111 30.40 -77.17 -24.81
CA ARG J 111 30.23 -75.88 -25.51
C ARG J 111 30.49 -74.67 -24.61
N GLU J 112 30.56 -74.92 -23.31
CA GLU J 112 30.80 -73.88 -22.30
C GLU J 112 32.26 -73.82 -21.85
N ASN J 113 33.16 -74.27 -22.73
CA ASN J 113 34.61 -74.28 -22.46
C ASN J 113 34.97 -75.20 -21.26
N THR J 114 34.32 -76.35 -21.23
CA THR J 114 34.62 -77.37 -20.22
C THR J 114 35.38 -78.50 -20.90
N ARG J 115 36.44 -78.96 -20.26
CA ARG J 115 37.30 -80.01 -20.81
C ARG J 115 37.66 -81.03 -19.72
N VAL J 116 37.86 -82.26 -20.13
CA VAL J 116 38.26 -83.35 -19.23
C VAL J 116 39.24 -84.27 -19.94
N GLU J 117 40.25 -84.68 -19.20
CA GLU J 117 41.24 -85.66 -19.68
C GLU J 117 41.29 -86.86 -18.74
N MET J 118 41.55 -88.02 -19.31
CA MET J 118 41.69 -89.26 -18.54
C MET J 118 43.16 -89.66 -18.44
N LEU J 119 43.56 -90.03 -17.23
CA LEU J 119 44.92 -90.49 -16.95
C LEU J 119 44.88 -91.75 -16.10
N ASN J 120 45.08 -92.87 -16.77
CA ASN J 120 45.05 -94.19 -16.12
C ASN J 120 46.21 -94.35 -15.13
N ALA J 121 45.85 -94.45 -13.85
CA ALA J 121 46.83 -94.64 -12.76
C ALA J 121 46.17 -95.28 -11.55
N SER J 122 46.83 -96.29 -11.01
CA SER J 122 46.41 -96.96 -9.76
C SER J 122 47.04 -96.24 -8.56
N LYS J 123 46.44 -96.39 -7.38
CA LYS J 123 47.01 -95.75 -6.17
C LYS J 123 48.43 -96.24 -5.87
N GLU J 124 48.63 -97.54 -6.10
CA GLU J 124 49.92 -98.20 -5.85
C GLU J 124 51.03 -97.54 -6.68
N ASP J 125 50.75 -97.29 -7.95
CA ASP J 125 51.76 -96.70 -8.85
C ASP J 125 51.93 -95.19 -8.64
N LEU J 126 50.91 -94.56 -8.04
CA LEU J 126 51.01 -93.15 -7.64
C LEU J 126 52.08 -92.99 -6.57
N GLN J 127 52.04 -93.91 -5.62
CA GLN J 127 53.03 -94.00 -4.54
C GLN J 127 54.40 -94.40 -5.10
N LYS J 128 54.38 -95.34 -6.05
CA LYS J 128 55.60 -95.78 -6.74
C LYS J 128 56.35 -94.58 -7.35
N ASP J 129 55.60 -93.74 -8.05
CA ASP J 129 56.17 -92.58 -8.74
C ASP J 129 56.66 -91.49 -7.77
N PHE J 130 55.81 -91.21 -6.79
CA PHE J 130 56.12 -90.17 -5.83
C PHE J 130 57.27 -90.55 -4.87
N GLU J 131 57.37 -91.84 -4.57
CA GLU J 131 58.47 -92.37 -3.76
C GLU J 131 59.77 -92.49 -4.58
N ASP J 132 59.60 -92.85 -5.86
CA ASP J 132 60.73 -93.00 -6.79
C ASP J 132 61.42 -91.65 -7.03
N ALA J 133 60.62 -90.64 -7.33
CA ALA J 133 61.11 -89.28 -7.59
C ALA J 133 61.81 -88.71 -6.33
N PRO J 134 62.88 -87.95 -6.56
CA PRO J 134 63.62 -87.26 -5.48
C PRO J 134 62.79 -86.14 -4.84
N GLU J 135 61.94 -85.51 -5.66
CA GLU J 135 61.05 -84.43 -5.21
C GLU J 135 59.79 -84.40 -6.08
N VAL J 136 58.75 -83.80 -5.54
CA VAL J 136 57.44 -83.70 -6.22
C VAL J 136 57.54 -82.98 -7.58
N THR J 137 58.46 -82.02 -7.67
CA THR J 137 58.63 -81.24 -8.92
C THR J 137 59.12 -82.12 -10.10
N LYS J 138 59.59 -83.31 -9.76
CA LYS J 138 60.11 -84.27 -10.76
C LYS J 138 59.22 -85.51 -10.91
N SER J 139 58.07 -85.51 -10.23
CA SER J 139 57.09 -86.59 -10.37
C SER J 139 56.44 -86.53 -11.76
N GLY J 140 55.99 -87.69 -12.22
CA GLY J 140 55.32 -87.84 -13.53
C GLY J 140 54.00 -87.07 -13.58
N LEU J 141 53.26 -87.17 -12.47
CA LEU J 141 51.98 -86.47 -12.31
C LEU J 141 52.14 -84.95 -12.31
N TYR J 142 53.16 -84.48 -11.59
CA TYR J 142 53.51 -83.04 -11.58
C TYR J 142 53.81 -82.56 -13.00
N LYS J 143 54.49 -83.40 -13.77
CA LYS J 143 54.90 -83.05 -15.12
C LYS J 143 53.73 -82.66 -16.01
N LEU J 144 52.62 -83.38 -15.97
CA LEU J 144 51.52 -83.04 -16.91
C LEU J 144 50.25 -82.51 -16.21
N VAL J 145 50.40 -82.16 -14.94
CA VAL J 145 49.43 -81.32 -14.24
C VAL J 145 49.98 -79.88 -14.28
N TYR J 146 51.15 -79.70 -13.66
CA TYR J 146 51.78 -78.38 -13.57
C TYR J 146 52.58 -78.00 -14.83
N SER J 147 53.61 -78.80 -15.11
CA SER J 147 54.63 -78.44 -16.11
C SER J 147 54.07 -78.25 -17.52
N ASN J 148 53.23 -79.20 -17.94
CA ASN J 148 52.62 -79.15 -19.29
C ASN J 148 51.39 -78.24 -19.39
N GLU J 149 51.02 -77.64 -18.26
CA GLU J 149 49.82 -76.79 -18.20
C GLU J 149 50.07 -75.38 -17.63
N TYR J 150 49.88 -75.28 -16.31
CA TYR J 150 50.00 -74.01 -15.59
C TYR J 150 51.35 -73.30 -15.81
N GLY J 151 52.42 -74.11 -15.86
CA GLY J 151 53.79 -73.56 -16.00
C GLY J 151 54.30 -73.57 -17.45
N VAL J 152 53.39 -73.51 -18.42
CA VAL J 152 53.74 -73.48 -19.84
C VAL J 152 53.13 -72.27 -20.55
N PHE J 153 53.99 -71.43 -21.08
CA PHE J 153 53.59 -70.31 -21.94
C PHE J 153 52.85 -70.84 -23.17
N GLY J 154 51.59 -70.38 -23.30
CA GLY J 154 50.73 -70.80 -24.42
C GLY J 154 49.77 -71.93 -24.04
N GLY J 155 50.04 -72.56 -22.87
CA GLY J 155 49.23 -73.67 -22.38
C GLY J 155 48.01 -73.19 -21.60
N LYS J 156 47.52 -74.08 -20.76
CA LYS J 156 46.34 -73.84 -19.93
C LYS J 156 46.48 -74.60 -18.59
N PRO J 157 45.96 -74.06 -17.50
CA PRO J 157 46.03 -74.68 -16.17
C PRO J 157 44.87 -75.65 -15.91
N TYR J 158 45.19 -76.77 -15.28
CA TYR J 158 44.17 -77.75 -14.83
C TYR J 158 43.32 -77.14 -13.70
N GLY J 159 42.01 -77.18 -13.93
CA GLY J 159 41.03 -76.61 -13.00
C GLY J 159 41.02 -77.38 -11.68
N ILE J 160 40.85 -78.69 -11.79
CA ILE J 160 40.72 -79.61 -10.63
C ILE J 160 41.10 -81.04 -11.03
N ILE J 161 41.43 -81.85 -10.05
CA ILE J 161 41.77 -83.27 -10.26
C ILE J 161 40.76 -84.13 -9.47
N SER J 162 40.15 -85.05 -10.21
CA SER J 162 39.19 -86.01 -9.63
C SER J 162 39.81 -87.39 -9.64
N ALA J 163 40.04 -87.90 -8.44
CA ALA J 163 40.60 -89.24 -8.33
C ALA J 163 39.57 -90.24 -7.87
N ASN J 164 39.52 -91.25 -8.70
CA ASN J 164 38.57 -92.34 -8.48
C ASN J 164 39.15 -93.39 -7.53
N TYR J 165 39.27 -92.98 -6.27
CA TYR J 165 39.88 -93.82 -5.22
C TYR J 165 39.08 -93.73 -3.93
N ASP J 166 39.20 -94.79 -3.15
CA ASP J 166 38.74 -94.82 -1.76
C ASP J 166 39.95 -94.80 -0.83
N PHE J 167 39.91 -94.00 0.18
CA PHE J 167 41.05 -93.89 1.12
C PHE J 167 40.69 -94.45 2.49
N ASN J 168 41.64 -95.15 3.05
CA ASN J 168 41.54 -95.65 4.44
C ASN J 168 42.48 -94.79 5.33
N VAL J 169 42.64 -95.21 6.57
CA VAL J 169 43.60 -94.58 7.52
C VAL J 169 45.03 -95.14 7.37
N GLY J 170 45.16 -96.11 6.50
CA GLY J 170 46.43 -96.77 6.18
C GLY J 170 47.50 -95.74 5.87
N PRO J 171 48.72 -96.03 6.30
CA PRO J 171 49.87 -95.15 6.10
C PRO J 171 50.18 -94.83 4.63
N GLN J 172 50.01 -95.78 3.77
CA GLN J 172 50.18 -95.59 2.32
C GLN J 172 49.17 -94.56 1.77
N ASP J 173 47.91 -94.69 2.22
CA ASP J 173 46.84 -93.77 1.79
C ASP J 173 47.05 -92.36 2.29
N MET J 174 47.57 -92.28 3.50
CA MET J 174 47.86 -90.97 4.09
C MET J 174 49.01 -90.25 3.41
N GLU J 175 50.03 -91.04 3.04
CA GLU J 175 51.20 -90.51 2.31
C GLU J 175 50.78 -90.02 0.90
N LEU J 176 49.88 -90.77 0.29
CA LEU J 176 49.36 -90.43 -1.05
C LEU J 176 48.61 -89.09 -1.04
N LEU J 177 47.83 -88.92 0.01
CA LEU J 177 47.10 -87.66 0.25
C LEU J 177 48.05 -86.48 0.49
N ARG J 178 49.15 -86.77 1.15
CA ARG J 178 50.17 -85.73 1.43
C ARG J 178 50.78 -85.18 0.13
N LYS J 179 51.07 -86.11 -0.78
CA LYS J 179 51.65 -85.75 -2.08
C LYS J 179 50.66 -85.04 -3.00
N CYS J 180 49.42 -85.47 -2.94
CA CYS J 180 48.34 -84.85 -3.73
C CYS J 180 48.00 -83.45 -3.22
N ALA J 181 48.18 -83.25 -1.91
CA ALA J 181 47.99 -81.94 -1.28
C ALA J 181 49.07 -80.96 -1.76
N SER J 182 50.31 -81.46 -1.83
CA SER J 182 51.47 -80.67 -2.30
C SER J 182 51.32 -80.27 -3.76
N VAL J 183 50.91 -81.22 -4.59
CA VAL J 183 50.69 -80.99 -6.04
C VAL J 183 49.62 -79.93 -6.29
N ALA J 184 48.50 -80.12 -5.61
CA ALA J 184 47.33 -79.26 -5.71
C ALA J 184 47.65 -77.83 -5.27
N ALA J 185 48.49 -77.72 -4.23
CA ALA J 185 48.94 -76.43 -3.71
C ALA J 185 49.81 -75.67 -4.72
N MET J 186 50.72 -76.41 -5.34
CA MET J 186 51.66 -75.84 -6.32
C MET J 186 50.97 -75.38 -7.59
N ALA J 187 49.92 -76.11 -7.97
CA ALA J 187 49.26 -75.57 -9.15
C ALA J 187 47.84 -75.06 -9.03
N HIS J 188 47.54 -74.85 -7.77
CA HIS J 188 46.36 -74.12 -7.33
C HIS J 188 45.12 -74.88 -7.80
N ALA J 189 45.12 -76.20 -7.69
CA ALA J 189 43.90 -76.93 -8.02
C ALA J 189 43.64 -78.04 -7.01
N PRO J 190 42.40 -78.13 -6.54
CA PRO J 190 42.00 -79.08 -5.51
C PRO J 190 41.99 -80.53 -6.02
N PHE J 191 42.27 -81.44 -5.11
CA PHE J 191 42.22 -82.88 -5.35
C PHE J 191 41.03 -83.48 -4.59
N ILE J 192 40.10 -84.02 -5.35
CA ILE J 192 38.87 -84.60 -4.78
C ILE J 192 38.87 -86.11 -4.98
N GLY J 193 38.43 -86.80 -3.94
CA GLY J 193 38.29 -88.26 -3.94
C GLY J 193 37.24 -88.68 -2.92
N ASN J 194 37.26 -89.96 -2.59
CA ASN J 194 36.30 -90.52 -1.62
C ASN J 194 36.97 -91.27 -0.47
N ALA J 195 36.23 -91.44 0.60
CA ALA J 195 36.64 -92.23 1.77
C ALA J 195 35.94 -93.61 1.77
N ALA J 196 36.71 -94.59 2.21
CA ALA J 196 36.19 -95.97 2.29
C ALA J 196 35.40 -96.16 3.61
N PRO J 197 34.42 -97.09 3.67
CA PRO J 197 33.61 -97.35 4.86
C PRO J 197 34.38 -97.62 6.20
N GLU J 198 35.50 -98.44 5.97
CA GLU J 198 36.41 -98.85 7.03
C GLU J 198 37.15 -97.69 7.69
N VAL J 199 37.16 -96.52 7.03
CA VAL J 199 37.75 -95.31 7.61
C VAL J 199 37.08 -94.96 8.97
N PHE J 200 35.81 -95.30 9.07
CA PHE J 200 35.01 -95.04 10.28
C PHE J 200 34.90 -96.29 11.17
N GLY J 201 35.72 -97.31 10.82
CA GLY J 201 35.78 -98.58 11.54
C GLY J 201 34.48 -99.38 11.42
N GLU J 202 33.80 -99.23 10.29
CA GLU J 202 32.58 -99.98 9.99
C GLU J 202 32.74 -100.78 8.70
N GLU J 203 32.03 -101.88 8.62
CA GLU J 203 32.10 -102.80 7.47
C GLU J 203 31.63 -102.10 6.18
N SER J 204 30.52 -101.36 6.25
CA SER J 204 30.01 -100.58 5.11
C SER J 204 29.41 -99.29 5.66
N PHE J 205 29.04 -98.38 4.75
CA PHE J 205 28.38 -97.12 5.13
C PHE J 205 26.99 -97.31 5.76
N LEU J 206 26.44 -98.51 5.63
CA LEU J 206 25.11 -98.84 6.18
C LEU J 206 25.10 -98.87 7.73
N LYS J 207 26.26 -98.78 8.35
CA LYS J 207 26.34 -98.72 9.82
C LYS J 207 26.70 -97.33 10.35
N LEU J 208 26.62 -96.31 9.50
CA LEU J 208 26.83 -94.92 9.95
C LEU J 208 25.84 -94.47 11.05
N PRO J 209 24.56 -94.88 10.96
CA PRO J 209 23.55 -94.62 11.99
C PRO J 209 23.94 -95.17 13.37
N ASP J 210 24.74 -96.22 13.40
CA ASP J 210 25.18 -96.85 14.67
C ASP J 210 26.32 -96.11 15.37
N LEU J 211 27.03 -95.27 14.63
CA LEU J 211 28.13 -94.49 15.21
C LEU J 211 27.57 -93.37 16.10
N LYS J 212 27.88 -93.50 17.38
CA LYS J 212 27.40 -92.58 18.42
C LYS J 212 28.08 -91.20 18.41
N ASP J 213 29.37 -91.18 18.05
CA ASP J 213 30.16 -89.94 18.06
C ASP J 213 31.46 -90.09 17.24
N LEU J 214 31.45 -89.47 16.08
CA LEU J 214 32.62 -89.44 15.17
C LEU J 214 33.82 -88.71 15.74
N LYS J 215 33.53 -87.56 16.38
CA LYS J 215 34.57 -86.72 16.99
C LYS J 215 35.43 -87.52 17.99
N SER J 216 34.76 -88.31 18.82
CA SER J 216 35.44 -89.16 19.82
C SER J 216 36.15 -90.35 19.16
N LEU J 217 35.55 -90.86 18.10
CA LEU J 217 36.11 -91.99 17.33
C LEU J 217 37.50 -91.63 16.76
N PHE J 218 37.65 -90.39 16.31
CA PHE J 218 38.90 -89.91 15.70
C PHE J 218 39.99 -89.53 16.71
N GLU J 219 39.74 -89.81 17.98
CA GLU J 219 40.73 -89.55 19.04
C GLU J 219 41.72 -90.71 19.18
N GLY J 220 41.27 -91.85 18.65
CA GLY J 220 42.13 -93.02 18.78
C GLY J 220 43.49 -92.82 18.05
N PRO J 221 44.49 -93.53 18.55
CA PRO J 221 45.87 -93.54 18.00
C PRO J 221 45.91 -93.94 16.53
N GLN J 222 44.96 -94.72 16.09
CA GLN J 222 44.78 -95.18 14.70
C GLN J 222 44.75 -94.02 13.68
N TYR J 223 44.28 -92.85 14.13
CA TYR J 223 44.14 -91.68 13.23
C TYR J 223 45.19 -90.60 13.50
N ALA J 224 46.33 -91.01 14.06
CA ALA J 224 47.42 -90.07 14.39
C ALA J 224 47.90 -89.28 13.16
N ARG J 225 48.13 -90.01 12.07
CA ARG J 225 48.62 -89.40 10.82
C ARG J 225 47.55 -88.53 10.15
N TRP J 226 46.30 -88.98 10.20
CA TRP J 226 45.19 -88.23 9.61
C TRP J 226 44.98 -86.89 10.33
N HIS J 227 45.18 -86.92 11.65
CA HIS J 227 45.07 -85.72 12.48
C HIS J 227 46.15 -84.69 12.15
N SER J 228 47.36 -85.18 11.88
CA SER J 228 48.48 -84.30 11.51
C SER J 228 48.27 -83.71 10.11
N PHE J 229 47.65 -84.52 9.24
CA PHE J 229 47.36 -84.14 7.86
C PHE J 229 46.39 -82.96 7.80
N ARG J 230 45.40 -82.98 8.68
CA ARG J 230 44.39 -81.90 8.77
C ARG J 230 44.97 -80.56 9.24
N GLU J 231 46.14 -80.62 9.87
CA GLU J 231 46.82 -79.42 10.38
C GLU J 231 47.80 -78.79 9.37
N SER J 232 48.15 -79.53 8.34
CA SER J 232 49.04 -79.00 7.29
C SER J 232 48.34 -77.87 6.52
N GLU J 233 49.15 -76.91 6.10
CA GLU J 233 48.71 -75.79 5.24
C GLU J 233 48.32 -76.23 3.82
N ASP J 234 48.75 -77.44 3.46
CA ASP J 234 48.42 -78.04 2.15
C ASP J 234 47.05 -78.73 2.12
N ALA J 235 46.51 -78.97 3.32
CA ALA J 235 45.21 -79.65 3.49
C ALA J 235 44.05 -78.89 2.81
N ARG J 236 44.23 -77.59 2.57
CA ARG J 236 43.22 -76.79 1.86
C ARG J 236 42.88 -77.30 0.44
N TYR J 237 43.79 -78.09 -0.13
CA TYR J 237 43.61 -78.58 -1.50
C TYR J 237 43.23 -80.06 -1.57
N VAL J 238 42.78 -80.58 -0.44
CA VAL J 238 42.21 -81.94 -0.38
C VAL J 238 40.74 -81.86 0.04
N GLY J 239 39.97 -82.72 -0.60
CA GLY J 239 38.53 -82.86 -0.33
C GLY J 239 38.08 -84.30 -0.57
N LEU J 240 37.60 -84.92 0.48
CA LEU J 240 37.12 -86.30 0.43
C LEU J 240 35.61 -86.36 0.68
N ALA J 241 34.95 -87.21 -0.08
CA ALA J 241 33.49 -87.40 0.02
C ALA J 241 33.17 -88.68 0.82
N LEU J 242 31.97 -88.75 1.33
CA LEU J 242 31.54 -89.89 2.19
C LEU J 242 30.89 -91.01 1.36
N PRO J 243 29.43 -91.16 1.49
CA PRO J 243 28.90 -92.43 1.04
C PRO J 243 28.86 -92.42 -0.49
N ARG J 244 28.94 -93.60 -1.06
CA ARG J 244 28.80 -93.77 -2.52
C ARG J 244 27.34 -93.54 -2.95
N PHE J 245 27.03 -93.92 -4.16
CA PHE J 245 25.65 -93.82 -4.70
C PHE J 245 25.49 -94.76 -5.88
N LEU J 246 24.27 -95.23 -6.07
CA LEU J 246 23.92 -96.16 -7.15
C LEU J 246 24.20 -95.58 -8.55
N LEU J 247 24.69 -96.44 -9.40
CA LEU J 247 24.91 -96.10 -10.82
C LEU J 247 23.90 -96.80 -11.73
N ARG J 248 23.52 -98.01 -11.33
CA ARG J 248 22.64 -98.85 -12.13
C ARG J 248 21.53 -99.49 -11.31
N LEU J 249 20.35 -99.46 -11.89
CA LEU J 249 19.20 -100.19 -11.36
C LEU J 249 19.33 -101.66 -11.80
N PRO J 250 19.18 -102.59 -10.84
CA PRO J 250 19.33 -104.05 -11.07
C PRO J 250 18.46 -104.48 -12.24
N TYR J 251 18.97 -105.45 -13.02
CA TYR J 251 18.28 -105.97 -14.22
C TYR J 251 16.94 -106.62 -13.89
N GLY J 252 15.92 -106.28 -14.69
CA GLY J 252 14.55 -106.74 -14.45
C GLY J 252 13.76 -106.70 -15.75
N GLU J 253 12.94 -107.72 -15.92
CA GLU J 253 12.09 -107.90 -17.12
C GLU J 253 11.26 -106.65 -17.46
N LYS J 254 10.91 -105.88 -16.42
CA LYS J 254 10.11 -104.67 -16.57
C LYS J 254 10.94 -103.38 -16.48
N THR J 255 11.65 -103.22 -15.37
CA THR J 255 12.40 -101.98 -15.08
C THR J 255 13.68 -101.81 -15.92
N VAL J 256 14.37 -102.91 -16.17
CA VAL J 256 15.65 -102.90 -16.95
C VAL J 256 15.87 -104.22 -17.69
N PRO J 257 15.11 -104.41 -18.74
CA PRO J 257 15.10 -105.64 -19.54
C PRO J 257 16.33 -105.74 -20.43
N VAL J 258 16.67 -106.98 -20.74
CA VAL J 258 17.74 -107.33 -21.70
C VAL J 258 17.12 -108.13 -22.85
N LYS J 259 17.87 -108.26 -23.94
CA LYS J 259 17.40 -108.98 -25.14
C LYS J 259 17.51 -110.50 -24.95
N ALA J 260 16.60 -111.20 -25.63
CA ALA J 260 16.55 -112.69 -25.67
C ALA J 260 16.41 -113.32 -24.28
N PHE J 261 17.54 -113.49 -23.60
CA PHE J 261 17.65 -114.07 -22.27
C PHE J 261 16.77 -113.30 -21.27
N ASN J 262 15.88 -114.06 -20.63
CA ASN J 262 14.98 -113.48 -19.61
C ASN J 262 15.71 -113.39 -18.27
N PHE J 263 16.57 -112.39 -18.18
CA PHE J 263 17.42 -112.17 -17.01
C PHE J 263 16.74 -111.27 -15.98
N THR J 264 16.69 -111.77 -14.77
CA THR J 264 16.23 -111.03 -13.57
C THR J 264 17.33 -111.03 -12.52
N GLU J 265 18.07 -109.93 -12.44
CA GLU J 265 19.18 -109.85 -11.48
C GLU J 265 18.66 -110.03 -10.04
N ASP J 266 19.38 -110.85 -9.30
CA ASP J 266 19.02 -111.14 -7.91
C ASP J 266 20.06 -110.58 -6.94
N VAL J 267 19.78 -109.39 -6.44
CA VAL J 267 20.58 -108.78 -5.36
C VAL J 267 20.31 -109.54 -4.05
N VAL J 268 21.35 -110.14 -3.50
CA VAL J 268 21.26 -110.87 -2.20
C VAL J 268 21.08 -109.88 -1.03
N GLY J 269 21.41 -110.41 0.18
CA GLY J 269 21.49 -109.67 1.44
C GLY J 269 22.61 -108.61 1.40
N HIS J 270 23.69 -108.93 0.68
CA HIS J 270 24.82 -107.99 0.51
C HIS J 270 24.46 -106.92 -0.51
N HIS J 271 24.36 -105.70 -0.01
CA HIS J 271 24.13 -104.51 -0.87
C HIS J 271 25.32 -104.20 -1.79
N GLU J 272 26.47 -104.86 -1.52
CA GLU J 272 27.65 -104.73 -2.38
C GLU J 272 27.43 -105.29 -3.79
N ARG J 273 26.34 -106.06 -3.91
CA ARG J 273 25.85 -106.53 -5.21
C ARG J 273 25.40 -105.38 -6.11
N TYR J 274 24.89 -104.31 -5.50
CA TYR J 274 24.56 -103.07 -6.22
C TYR J 274 25.83 -102.42 -6.79
N LEU J 275 25.68 -101.89 -7.99
CA LEU J 275 26.76 -101.15 -8.67
C LEU J 275 26.90 -99.74 -8.08
N TRP J 276 27.62 -99.66 -6.97
CA TRP J 276 27.91 -98.37 -6.31
C TRP J 276 28.97 -97.59 -7.11
N GLY J 277 28.82 -96.28 -7.07
CA GLY J 277 29.69 -95.33 -7.80
C GLY J 277 30.36 -94.34 -6.88
N HIS J 278 31.51 -93.86 -7.31
CA HIS J 278 32.32 -92.89 -6.54
C HIS J 278 31.63 -91.52 -6.55
N ALA J 279 31.21 -91.07 -5.38
CA ALA J 279 30.52 -89.77 -5.21
C ALA J 279 31.33 -88.56 -5.71
N SER J 280 32.66 -88.72 -5.77
CA SER J 280 33.57 -87.65 -6.25
C SER J 280 33.17 -87.10 -7.62
N VAL J 281 32.62 -87.99 -8.46
CA VAL J 281 32.11 -87.62 -9.78
C VAL J 281 30.89 -86.68 -9.70
N ALA J 282 30.01 -86.97 -8.74
CA ALA J 282 28.80 -86.17 -8.51
C ALA J 282 29.19 -84.75 -8.09
N LEU J 283 30.20 -84.68 -7.22
CA LEU J 283 30.76 -83.39 -6.79
C LEU J 283 31.42 -82.67 -7.98
N THR J 284 32.05 -83.43 -8.85
CA THR J 284 32.71 -82.87 -10.07
C THR J 284 31.64 -82.30 -10.99
N SER J 285 30.48 -82.84 -11.08
CA SER J 285 29.41 -82.29 -11.95
C SER J 285 28.88 -80.95 -11.39
N ARG J 286 28.98 -80.82 -10.07
CA ARG J 286 28.59 -79.59 -9.36
C ARG J 286 29.49 -78.42 -9.76
N VAL J 287 30.79 -78.73 -9.81
CA VAL J 287 31.81 -77.75 -10.23
C VAL J 287 31.58 -77.30 -11.69
N ALA J 288 31.23 -78.30 -12.53
CA ALA J 288 31.02 -78.09 -13.96
C ALA J 288 29.82 -77.18 -14.24
N ASP J 289 28.72 -77.42 -13.51
CA ASP J 289 27.49 -76.63 -13.69
C ASP J 289 27.67 -75.16 -13.31
N SER J 290 28.31 -74.95 -12.17
CA SER J 290 28.61 -73.59 -11.68
C SER J 290 29.45 -72.81 -12.69
N PHE J 291 30.45 -73.49 -13.24
CA PHE J 291 31.34 -72.91 -14.27
C PHE J 291 30.60 -72.68 -15.59
N ALA J 292 29.77 -73.65 -15.99
CA ALA J 292 29.01 -73.57 -17.26
C ALA J 292 28.10 -72.33 -17.28
N LYS J 293 27.54 -72.02 -16.11
CA LYS J 293 26.63 -70.87 -15.96
C LYS J 293 27.33 -69.53 -15.75
N PHE J 294 28.41 -69.54 -14.96
CA PHE J 294 29.04 -68.30 -14.48
C PHE J 294 30.51 -68.14 -14.79
N ARG J 295 31.18 -69.22 -15.13
CA ARG J 295 32.65 -69.29 -15.33
C ARG J 295 33.39 -69.18 -13.99
N TRP J 296 32.66 -69.46 -12.91
CA TRP J 296 33.20 -69.52 -11.54
C TRP J 296 32.59 -70.74 -10.86
N SER J 297 33.33 -71.30 -9.90
CA SER J 297 32.85 -72.48 -9.16
C SER J 297 32.67 -72.26 -7.63
N PRO J 298 31.74 -71.40 -7.24
CA PRO J 298 31.34 -71.29 -5.82
C PRO J 298 29.95 -71.87 -5.53
N ASN J 299 29.13 -72.06 -6.57
CA ASN J 299 27.72 -72.48 -6.39
C ASN J 299 27.58 -74.00 -6.43
N ILE J 300 27.99 -74.61 -5.34
CA ILE J 300 28.08 -76.09 -5.26
C ILE J 300 27.67 -76.67 -3.89
N ILE J 301 26.98 -75.87 -3.08
CA ILE J 301 26.74 -76.25 -1.67
C ILE J 301 25.29 -76.02 -1.19
N GLY J 302 24.33 -76.45 -1.99
CA GLY J 302 22.94 -76.18 -1.61
C GLY J 302 21.91 -76.86 -2.50
N PRO J 303 20.77 -77.21 -1.89
CA PRO J 303 19.61 -77.79 -2.58
C PRO J 303 19.10 -76.86 -3.71
N GLN J 304 19.24 -75.56 -3.47
CA GLN J 304 18.82 -74.52 -4.44
C GLN J 304 19.99 -73.79 -5.07
N SER J 305 21.12 -73.73 -4.34
CA SER J 305 22.30 -72.98 -4.81
C SER J 305 22.99 -73.63 -6.02
N GLY J 306 22.94 -74.97 -6.04
CA GLY J 306 23.48 -75.76 -7.17
C GLY J 306 24.41 -76.90 -6.72
N GLY J 307 24.23 -77.29 -5.45
CA GLY J 307 24.89 -78.49 -4.89
C GLY J 307 23.93 -79.68 -4.83
N ALA J 308 22.79 -79.55 -5.51
CA ALA J 308 21.77 -80.60 -5.60
C ALA J 308 22.11 -81.55 -6.74
N VAL J 309 22.03 -82.82 -6.44
CA VAL J 309 22.25 -83.93 -7.39
C VAL J 309 20.86 -84.51 -7.70
N GLU J 310 20.44 -84.29 -8.93
CA GLU J 310 19.09 -84.69 -9.36
C GLU J 310 19.14 -85.93 -10.23
N ASN J 311 18.05 -86.68 -10.18
CA ASN J 311 17.82 -87.88 -11.03
C ASN J 311 18.70 -89.08 -10.61
N LEU J 312 18.49 -89.49 -9.37
CA LEU J 312 19.17 -90.69 -8.85
C LEU J 312 18.36 -91.95 -9.16
N PRO J 313 19.05 -93.06 -9.41
CA PRO J 313 18.44 -94.38 -9.63
C PRO J 313 17.61 -94.77 -8.41
N LEU J 314 16.48 -95.41 -8.67
CA LEU J 314 15.58 -95.90 -7.61
C LEU J 314 15.37 -97.41 -7.81
N HIS J 315 15.04 -98.12 -6.73
CA HIS J 315 14.79 -99.57 -6.79
C HIS J 315 13.80 -100.04 -5.72
N GLN J 316 12.53 -100.08 -6.08
CA GLN J 316 11.47 -100.60 -5.19
C GLN J 316 11.51 -102.13 -5.16
N TYR J 317 11.48 -102.67 -3.96
CA TYR J 317 11.49 -104.13 -3.73
C TYR J 317 10.73 -104.44 -2.45
N GLU J 318 10.35 -105.71 -2.31
CA GLU J 318 9.55 -106.14 -1.15
C GLU J 318 10.35 -106.01 0.14
N ALA J 319 9.65 -105.54 1.15
CA ALA J 319 10.21 -105.42 2.49
C ALA J 319 9.63 -106.52 3.38
N MET J 320 9.06 -106.19 4.53
CA MET J 320 8.41 -107.13 5.45
C MET J 320 6.92 -107.34 5.11
N GLY J 321 6.66 -107.46 3.80
CA GLY J 321 5.26 -107.54 3.29
C GLY J 321 4.84 -106.24 2.60
N GLU J 322 5.63 -105.21 2.79
CA GLU J 322 5.42 -103.88 2.19
C GLU J 322 6.43 -103.69 1.06
N ILE J 323 6.53 -102.47 0.59
CA ILE J 323 7.50 -102.09 -0.46
C ILE J 323 8.37 -100.93 0.05
N GLN J 324 9.61 -100.96 -0.36
CA GLN J 324 10.57 -99.88 -0.07
C GLN J 324 11.59 -99.80 -1.22
N THR J 325 12.19 -98.64 -1.34
CA THR J 325 13.23 -98.41 -2.36
C THR J 325 14.60 -98.41 -1.71
N LYS J 326 15.53 -99.06 -2.38
CA LYS J 326 16.94 -98.97 -1.98
C LYS J 326 17.39 -97.52 -2.09
N ILE J 327 17.83 -96.98 -0.98
CA ILE J 327 18.31 -95.59 -0.92
C ILE J 327 19.49 -95.44 -1.90
N PRO J 328 19.43 -94.41 -2.74
CA PRO J 328 20.47 -94.08 -3.74
C PRO J 328 21.85 -93.98 -3.12
N THR J 329 21.91 -93.50 -1.89
CA THR J 329 23.13 -93.54 -1.07
C THR J 329 22.93 -94.65 -0.04
N GLU J 330 23.98 -95.27 0.42
CA GLU J 330 23.94 -96.41 1.37
C GLU J 330 22.99 -96.13 2.54
N VAL J 331 23.05 -94.89 3.03
CA VAL J 331 22.22 -94.46 4.17
C VAL J 331 21.43 -93.16 3.90
N MET J 332 20.47 -92.93 4.77
CA MET J 332 19.72 -91.67 4.83
C MET J 332 20.29 -90.82 5.95
N LEU J 333 21.26 -90.02 5.58
CA LEU J 333 21.98 -89.19 6.54
C LEU J 333 21.04 -88.10 7.14
N THR J 334 21.00 -88.08 8.50
CA THR J 334 20.31 -87.05 9.30
C THR J 334 21.10 -85.73 9.31
N GLU J 335 20.43 -84.64 9.65
CA GLU J 335 21.08 -83.33 9.70
C GLU J 335 22.23 -83.29 10.72
N ARG J 336 22.01 -83.96 11.86
CA ARG J 336 23.02 -84.02 12.93
C ARG J 336 24.26 -84.80 12.49
N ARG J 337 24.01 -85.92 11.81
CA ARG J 337 25.13 -86.75 11.35
C ARG J 337 25.92 -86.10 10.21
N GLU J 338 25.22 -85.37 9.34
CA GLU J 338 25.85 -84.58 8.27
C GLU J 338 26.76 -83.52 8.88
N PHE J 339 26.23 -82.85 9.89
CA PHE J 339 26.97 -81.77 10.56
C PHE J 339 28.23 -82.30 11.25
N GLU J 340 28.12 -83.51 11.80
CA GLU J 340 29.24 -84.20 12.45
C GLU J 340 30.36 -84.48 11.43
N LEU J 341 29.94 -85.00 10.29
CA LEU J 341 30.86 -85.26 9.16
C LEU J 341 31.53 -84.00 8.61
N SER J 342 30.75 -82.92 8.60
CA SER J 342 31.24 -81.60 8.16
C SER J 342 32.33 -81.07 9.10
N GLU J 343 32.14 -81.33 10.40
CA GLU J 343 33.10 -80.96 11.45
C GLU J 343 34.42 -81.74 11.32
N GLU J 344 34.31 -82.95 10.79
CA GLU J 344 35.47 -83.82 10.56
C GLU J 344 36.04 -83.74 9.13
N GLY J 345 35.62 -82.67 8.43
CA GLY J 345 36.15 -82.30 7.10
C GLY J 345 35.81 -83.32 6.00
N PHE J 346 34.63 -83.92 6.10
CA PHE J 346 34.11 -84.80 5.04
C PHE J 346 33.01 -84.09 4.26
N ILE J 347 32.90 -84.46 3.00
CA ILE J 347 31.87 -83.94 2.08
C ILE J 347 30.80 -85.03 1.92
N GLY J 348 29.78 -84.94 2.75
CA GLY J 348 28.69 -85.93 2.79
C GLY J 348 27.55 -85.54 1.84
N LEU J 349 27.35 -86.40 0.84
CA LEU J 349 26.20 -86.29 -0.07
C LEU J 349 24.96 -86.89 0.62
N VAL J 350 24.12 -86.02 1.15
CA VAL J 350 22.91 -86.47 1.86
C VAL J 350 21.79 -86.77 0.85
N PHE J 351 20.97 -87.73 1.21
CA PHE J 351 19.80 -88.12 0.41
C PHE J 351 18.54 -87.44 0.94
N ARG J 352 17.80 -86.84 0.02
CA ARG J 352 16.51 -86.21 0.32
C ARG J 352 15.46 -87.32 0.46
N LYS J 353 15.00 -87.51 1.69
CA LYS J 353 14.08 -88.62 2.02
C LYS J 353 12.88 -88.65 1.08
N ASP J 354 12.59 -89.86 0.59
CA ASP J 354 11.42 -90.15 -0.27
C ASP J 354 11.51 -89.53 -1.67
N SER J 355 12.70 -89.19 -2.13
CA SER J 355 12.87 -88.64 -3.49
C SER J 355 13.99 -89.36 -4.23
N ASP J 356 14.45 -88.79 -5.33
CA ASP J 356 15.62 -89.25 -6.09
C ASP J 356 16.67 -88.13 -6.16
N ASN J 357 16.64 -87.25 -5.17
CA ASN J 357 17.53 -86.08 -5.09
C ASN J 357 18.41 -86.15 -3.85
N ALA J 358 19.65 -85.79 -4.03
CA ALA J 358 20.64 -85.66 -2.96
C ALA J 358 21.28 -84.26 -3.03
N ALA J 359 21.87 -83.81 -1.94
CA ALA J 359 22.52 -82.49 -1.90
C ALA J 359 23.82 -82.46 -1.08
N PHE J 360 24.72 -81.60 -1.50
CA PHE J 360 25.96 -81.29 -0.77
C PHE J 360 25.73 -80.00 0.02
N PHE J 361 25.43 -80.15 1.31
CA PHE J 361 25.20 -78.99 2.18
C PHE J 361 26.42 -78.09 2.38
N SER J 362 27.61 -78.66 2.27
CA SER J 362 28.87 -77.90 2.35
C SER J 362 30.04 -78.69 1.78
N ALA J 363 31.06 -77.97 1.37
CA ALA J 363 32.30 -78.54 0.80
C ALA J 363 33.54 -78.06 1.58
N ASN J 364 33.57 -78.40 2.87
CA ASN J 364 34.76 -78.13 3.68
C ASN J 364 35.92 -79.00 3.21
N SER J 365 37.11 -78.44 3.21
CA SER J 365 38.31 -79.21 2.86
C SER J 365 38.71 -80.08 4.06
N THR J 366 39.78 -80.84 3.89
CA THR J 366 40.33 -81.65 5.00
C THR J 366 40.84 -80.76 6.15
N GLN J 367 41.38 -79.59 5.80
CA GLN J 367 42.01 -78.71 6.80
C GLN J 367 41.07 -78.38 7.96
N LYS J 368 41.65 -78.50 9.15
CA LYS J 368 40.97 -78.18 10.41
C LYS J 368 41.20 -76.69 10.74
N PRO J 369 40.12 -75.95 11.03
CA PRO J 369 40.19 -74.53 11.42
C PRO J 369 41.02 -74.34 12.69
N ARG J 370 41.74 -73.24 12.74
CA ARG J 370 42.55 -72.84 13.91
C ARG J 370 41.73 -71.91 14.81
N PHE J 371 41.95 -72.04 16.11
CA PHE J 371 41.30 -71.17 17.10
C PHE J 371 42.27 -70.08 17.56
N PHE J 372 41.74 -68.88 17.67
CA PHE J 372 42.50 -67.70 18.10
C PHE J 372 41.85 -67.06 19.33
N GLY J 373 42.63 -66.20 20.00
CA GLY J 373 42.15 -65.47 21.19
C GLY J 373 40.88 -64.69 20.86
N ASN J 374 39.95 -64.69 21.80
CA ASN J 374 38.64 -64.02 21.62
C ASN J 374 38.74 -62.50 21.76
N THR J 375 39.40 -61.91 20.80
CA THR J 375 39.57 -60.45 20.72
C THR J 375 39.14 -59.99 19.33
N PRO J 376 39.04 -58.68 19.08
CA PRO J 376 38.65 -58.14 17.75
C PRO J 376 39.57 -58.66 16.64
N GLU J 377 40.87 -58.62 16.91
CA GLU J 377 41.90 -59.11 15.97
C GLU J 377 41.90 -60.63 15.85
N GLY J 378 41.71 -61.30 17.01
CA GLY J 378 41.73 -62.77 17.10
C GLY J 378 40.57 -63.41 16.32
N LYS J 379 39.40 -62.78 16.40
CA LYS J 379 38.20 -63.26 15.71
C LYS J 379 38.26 -63.00 14.21
N ALA J 380 38.94 -61.89 13.85
CA ALA J 380 39.21 -61.56 12.44
C ALA J 380 40.16 -62.61 11.82
N ALA J 381 41.11 -63.07 12.63
CA ALA J 381 42.07 -64.12 12.22
C ALA J 381 41.36 -65.45 11.96
N GLU J 382 40.40 -65.74 12.83
CA GLU J 382 39.58 -66.94 12.72
C GLU J 382 38.69 -66.90 11.45
N THR J 383 38.07 -65.74 11.21
CA THR J 383 37.23 -65.50 10.02
C THR J 383 38.04 -65.77 8.75
N ASN J 384 39.24 -65.18 8.70
CA ASN J 384 40.12 -65.29 7.52
C ASN J 384 40.59 -66.72 7.29
N TYR J 385 40.92 -67.41 8.37
CA TYR J 385 41.44 -68.79 8.30
C TYR J 385 40.35 -69.77 7.86
N ARG J 386 39.13 -69.55 8.37
CA ARG J 386 37.97 -70.40 8.02
C ARG J 386 37.57 -70.29 6.55
N LEU J 387 37.71 -69.07 6.00
CA LEU J 387 37.45 -68.86 4.56
C LEU J 387 38.38 -69.71 3.69
N GLY J 388 39.63 -69.81 4.19
CA GLY J 388 40.68 -70.63 3.56
C GLY J 388 40.35 -72.12 3.59
N THR J 389 39.69 -72.56 4.65
CA THR J 389 39.38 -73.99 4.88
C THR J 389 38.24 -74.53 4.01
N GLN J 390 37.49 -73.62 3.38
CA GLN J 390 36.31 -74.03 2.59
C GLN J 390 36.56 -73.88 1.09
N LEU J 391 36.27 -74.97 0.39
CA LEU J 391 36.43 -75.08 -1.07
C LEU J 391 35.63 -74.05 -1.90
N PRO J 392 34.39 -73.71 -1.52
CA PRO J 392 33.59 -72.69 -2.23
C PRO J 392 34.30 -71.34 -2.40
N TYR J 393 35.25 -71.05 -1.51
CA TYR J 393 36.02 -69.79 -1.55
C TYR J 393 37.41 -69.98 -2.17
N MET J 394 38.00 -71.15 -1.93
CA MET J 394 39.31 -71.52 -2.53
C MET J 394 39.21 -71.61 -4.05
N PHE J 395 38.06 -71.94 -4.57
CA PHE J 395 37.86 -72.03 -6.03
C PHE J 395 37.97 -70.66 -6.68
N ILE J 396 37.56 -69.65 -5.93
CA ILE J 396 37.68 -68.25 -6.35
C ILE J 396 39.16 -67.87 -6.47
N MET J 397 39.91 -68.16 -5.42
CA MET J 397 41.35 -67.84 -5.41
C MET J 397 42.13 -68.62 -6.48
N THR J 398 41.69 -69.86 -6.73
CA THR J 398 42.33 -70.74 -7.72
C THR J 398 42.21 -70.13 -9.12
N ARG J 399 41.01 -69.67 -9.45
CA ARG J 399 40.75 -69.06 -10.78
C ARG J 399 41.50 -67.72 -10.92
N LEU J 400 41.56 -66.99 -9.82
CA LEU J 400 42.31 -65.73 -9.76
C LEU J 400 43.80 -65.94 -10.00
N ALA J 401 44.32 -67.01 -9.39
CA ALA J 401 45.72 -67.43 -9.55
C ALA J 401 46.03 -67.82 -11.01
N HIS J 402 45.06 -68.48 -11.64
CA HIS J 402 45.21 -68.89 -13.04
C HIS J 402 45.18 -67.72 -14.02
N TYR J 403 44.33 -66.75 -13.72
CA TYR J 403 44.21 -65.53 -14.56
C TYR J 403 45.45 -64.64 -14.45
N ILE J 404 45.98 -64.55 -13.24
CA ILE J 404 47.17 -63.71 -12.96
C ILE J 404 48.40 -64.26 -13.69
N LYS J 405 48.58 -65.59 -13.60
CA LYS J 405 49.72 -66.28 -14.21
C LYS J 405 49.75 -66.05 -15.72
N VAL J 406 48.60 -66.27 -16.35
CA VAL J 406 48.45 -66.12 -17.81
C VAL J 406 48.63 -64.66 -18.23
N LEU J 407 47.75 -63.80 -17.74
CA LEU J 407 47.68 -62.40 -18.15
C LEU J 407 48.96 -61.60 -17.86
N GLN J 408 49.64 -61.97 -16.78
CA GLN J 408 50.89 -61.31 -16.38
C GLN J 408 52.08 -61.65 -17.28
N ARG J 409 52.11 -62.88 -17.78
CA ARG J 409 53.16 -63.30 -18.71
C ARG J 409 53.13 -62.50 -20.02
N GLU J 410 51.92 -62.12 -20.41
CA GLU J 410 51.69 -61.26 -21.58
C GLU J 410 52.27 -59.85 -21.41
N GLN J 411 52.34 -59.42 -20.15
CA GLN J 411 52.81 -58.07 -19.79
C GLN J 411 54.32 -57.99 -19.60
N ILE J 412 55.01 -59.12 -19.43
CA ILE J 412 56.46 -59.12 -19.25
C ILE J 412 57.13 -58.42 -20.44
N GLY J 413 58.03 -57.48 -20.08
CA GLY J 413 58.78 -56.71 -21.10
C GLY J 413 58.23 -55.29 -21.28
N SER J 414 56.99 -55.07 -20.82
CA SER J 414 56.35 -53.74 -20.89
C SER J 414 56.98 -52.76 -19.90
N TRP J 415 56.89 -51.48 -20.24
CA TRP J 415 57.41 -50.38 -19.40
C TRP J 415 56.50 -50.16 -18.19
N LYS J 416 56.72 -50.93 -17.13
CA LYS J 416 55.90 -50.82 -15.92
C LYS J 416 56.72 -50.38 -14.72
N GLU J 417 56.33 -49.25 -14.18
CA GLU J 417 56.83 -48.73 -12.89
C GLU J 417 55.92 -49.27 -11.78
N LYS J 418 56.33 -49.13 -10.53
CA LYS J 418 55.56 -49.68 -9.39
C LYS J 418 54.07 -49.31 -9.39
N SER J 419 53.80 -48.00 -9.49
CA SER J 419 52.43 -47.46 -9.50
C SER J 419 51.65 -47.83 -10.76
N ASP J 420 52.37 -48.20 -11.82
CA ASP J 420 51.73 -48.69 -13.06
C ASP J 420 51.01 -50.03 -12.83
N LEU J 421 51.65 -50.88 -12.05
CA LEU J 421 51.07 -52.17 -11.64
C LEU J 421 49.86 -52.01 -10.74
N GLU J 422 49.94 -51.06 -9.81
CA GLU J 422 48.82 -50.80 -8.89
C GLU J 422 47.59 -50.28 -9.65
N ARG J 423 47.85 -49.40 -10.62
CA ARG J 423 46.78 -48.83 -11.44
C ARG J 423 46.08 -49.90 -12.29
N GLU J 424 46.89 -50.67 -13.01
CA GLU J 424 46.36 -51.70 -13.93
C GLU J 424 45.73 -52.89 -13.20
N LEU J 425 46.42 -53.37 -12.17
CA LEU J 425 45.91 -54.47 -11.33
C LEU J 425 44.59 -54.13 -10.64
N ASN J 426 44.44 -52.87 -10.25
CA ASN J 426 43.18 -52.38 -9.64
C ASN J 426 42.03 -52.39 -10.65
N HIS J 427 42.33 -51.88 -11.85
CA HIS J 427 41.33 -51.83 -12.93
C HIS J 427 40.91 -53.25 -13.38
N TRP J 428 41.86 -54.17 -13.28
CA TRP J 428 41.62 -55.57 -13.66
C TRP J 428 40.70 -56.27 -12.66
N LEU J 429 41.05 -56.18 -11.38
CA LEU J 429 40.33 -56.93 -10.36
C LEU J 429 38.86 -56.46 -10.25
N SER J 430 38.64 -55.18 -10.48
CA SER J 430 37.29 -54.59 -10.49
C SER J 430 36.32 -55.34 -11.41
N GLN J 431 36.89 -56.00 -12.41
CA GLN J 431 36.12 -56.80 -13.37
C GLN J 431 35.22 -57.87 -12.69
N TYR J 432 35.69 -58.39 -11.55
CA TYR J 432 34.97 -59.46 -10.83
C TYR J 432 34.39 -59.00 -9.50
N ILE J 433 34.18 -57.70 -9.35
CA ILE J 433 33.66 -57.13 -8.10
C ILE J 433 32.22 -56.64 -8.29
N SER J 434 31.40 -56.99 -7.33
CA SER J 434 30.00 -56.52 -7.25
C SER J 434 29.79 -55.86 -5.89
N ASP J 435 30.09 -54.60 -5.84
CA ASP J 435 30.09 -53.79 -4.60
C ASP J 435 28.84 -52.91 -4.49
N MET J 436 27.71 -53.44 -4.93
CA MET J 436 26.45 -52.71 -4.85
C MET J 436 25.77 -52.96 -3.51
N ASP J 437 24.82 -52.10 -3.19
CA ASP J 437 24.04 -52.20 -1.94
C ASP J 437 23.39 -53.58 -1.75
N ASP J 438 22.88 -54.12 -2.86
CA ASP J 438 22.16 -55.40 -2.89
C ASP J 438 22.08 -55.93 -4.32
N PRO J 439 23.10 -56.61 -4.75
CA PRO J 439 23.17 -57.30 -6.06
C PRO J 439 22.15 -58.41 -6.06
N ALA J 440 21.59 -58.65 -7.26
CA ALA J 440 20.61 -59.72 -7.38
C ALA J 440 21.20 -61.04 -6.85
N PRO J 441 20.45 -61.72 -5.99
CA PRO J 441 20.89 -62.94 -5.30
C PRO J 441 21.26 -63.99 -6.35
N ALA J 442 22.39 -64.65 -6.14
CA ALA J 442 22.95 -65.64 -7.10
C ALA J 442 23.34 -64.97 -8.43
N VAL J 443 23.70 -63.70 -8.36
CA VAL J 443 24.15 -62.91 -9.54
C VAL J 443 25.54 -62.33 -9.26
N ARG J 444 25.68 -61.89 -8.00
CA ARG J 444 26.86 -62.15 -7.14
C ARG J 444 27.66 -63.39 -7.55
N SER J 445 26.96 -64.36 -8.15
CA SER J 445 27.58 -65.56 -8.67
C SER J 445 28.64 -65.32 -9.75
N ARG J 446 28.30 -64.56 -10.81
CA ARG J 446 29.28 -64.22 -11.86
C ARG J 446 30.38 -63.25 -11.36
N ARG J 447 30.03 -62.45 -10.35
CA ARG J 447 30.99 -61.54 -9.69
C ARG J 447 31.12 -61.91 -8.20
N PRO J 448 31.96 -62.91 -7.93
CA PRO J 448 32.09 -63.52 -6.59
C PRO J 448 32.63 -62.58 -5.50
N LEU J 449 33.40 -61.58 -5.90
CA LEU J 449 34.04 -60.65 -4.96
C LEU J 449 33.18 -59.43 -4.65
N ARG J 450 33.32 -58.98 -3.42
CA ARG J 450 32.62 -57.76 -2.93
C ARG J 450 33.62 -56.59 -2.83
N ALA J 451 34.79 -56.88 -2.28
CA ALA J 451 35.88 -55.91 -2.17
C ALA J 451 37.22 -56.57 -2.44
N ALA J 452 38.19 -55.75 -2.78
CA ALA J 452 39.57 -56.21 -2.95
C ALA J 452 40.58 -55.07 -2.89
N ARG J 453 41.73 -55.44 -2.38
CA ARG J 453 42.83 -54.49 -2.15
C ARG J 453 44.13 -55.02 -2.75
N VAL J 454 44.83 -54.13 -3.43
CA VAL J 454 46.14 -54.43 -4.04
C VAL J 454 47.18 -53.41 -3.59
N VAL J 455 48.30 -53.93 -3.15
CA VAL J 455 49.51 -53.14 -2.87
C VAL J 455 50.70 -53.71 -3.66
N VAL J 456 51.51 -52.83 -4.19
CA VAL J 456 52.71 -53.24 -4.94
C VAL J 456 53.93 -52.51 -4.37
N GLU J 457 54.95 -53.27 -4.08
CA GLU J 457 56.24 -52.72 -3.63
C GLU J 457 57.34 -53.18 -4.58
N ASP J 458 58.53 -52.66 -4.36
CA ASP J 458 59.69 -52.98 -5.21
C ASP J 458 60.60 -53.98 -4.51
N VAL J 459 61.08 -54.92 -5.29
CA VAL J 459 62.14 -55.85 -4.84
C VAL J 459 63.46 -55.07 -4.88
N GLU J 460 63.86 -54.59 -3.71
CA GLU J 460 65.06 -53.72 -3.59
C GLU J 460 66.31 -54.49 -4.07
N GLY J 461 67.09 -53.75 -4.87
CA GLY J 461 68.31 -54.29 -5.50
C GLY J 461 68.01 -55.27 -6.65
N GLN J 462 66.80 -55.18 -7.20
CA GLN J 462 66.39 -55.96 -8.37
C GLN J 462 65.36 -55.16 -9.18
N PRO J 463 65.87 -54.25 -10.03
CA PRO J 463 65.04 -53.34 -10.83
C PRO J 463 64.22 -54.13 -11.87
N GLY J 464 62.92 -53.84 -11.89
CA GLY J 464 62.00 -54.52 -12.82
C GLY J 464 61.13 -55.59 -12.13
N TRP J 465 61.52 -55.95 -10.91
CA TRP J 465 60.81 -56.95 -10.11
C TRP J 465 60.02 -56.27 -8.99
N TYR J 466 58.83 -56.82 -8.76
CA TYR J 466 57.88 -56.26 -7.79
C TYR J 466 57.32 -57.33 -6.87
N ARG J 467 56.86 -56.86 -5.72
CA ARG J 467 56.18 -57.71 -4.71
C ARG J 467 54.73 -57.22 -4.55
N CYS J 468 53.82 -58.08 -4.97
CA CYS J 468 52.39 -57.71 -5.01
C CYS J 468 51.58 -58.49 -3.96
N SER J 469 50.70 -57.77 -3.30
CA SER J 469 49.76 -58.36 -2.33
C SER J 469 48.33 -58.10 -2.77
N LEU J 470 47.61 -59.20 -2.89
CA LEU J 470 46.20 -59.21 -3.29
C LEU J 470 45.32 -59.86 -2.21
N GLN J 471 44.45 -59.06 -1.63
CA GLN J 471 43.50 -59.51 -0.61
C GLN J 471 42.06 -59.23 -1.07
N VAL J 472 41.20 -60.21 -0.91
CA VAL J 472 39.82 -60.13 -1.40
C VAL J 472 38.79 -60.52 -0.34
N ARG J 473 37.63 -59.90 -0.44
CA ARG J 473 36.48 -60.15 0.44
C ARG J 473 35.33 -60.69 -0.43
N PRO J 474 35.17 -62.00 -0.48
CA PRO J 474 34.11 -62.68 -1.27
C PRO J 474 32.76 -62.49 -0.60
N HIS J 475 31.69 -62.60 -1.38
CA HIS J 475 30.33 -62.65 -0.81
C HIS J 475 30.18 -63.94 0.02
N PHE J 476 29.41 -63.85 1.09
CA PHE J 476 29.28 -64.99 2.02
C PHE J 476 28.11 -65.91 1.69
N LYS J 477 28.41 -67.19 1.79
CA LYS J 477 27.40 -68.25 1.68
C LYS J 477 26.65 -68.39 3.01
N TYR J 478 25.35 -68.59 2.89
CA TYR J 478 24.47 -68.88 4.05
C TYR J 478 24.67 -70.35 4.46
N MET J 479 25.27 -70.56 5.62
CA MET J 479 25.68 -71.91 6.03
C MET J 479 25.26 -72.32 7.45
N GLY J 480 24.15 -71.74 7.92
CA GLY J 480 23.62 -72.07 9.27
C GLY J 480 23.26 -70.83 10.07
N ALA J 481 22.42 -71.05 11.05
CA ALA J 481 21.84 -69.98 11.90
C ALA J 481 21.09 -70.58 13.09
N SER J 482 21.08 -69.81 14.17
CA SER J 482 20.34 -70.17 15.40
C SER J 482 19.15 -69.22 15.55
N PHE J 483 18.02 -69.80 15.93
CA PHE J 483 16.76 -69.04 16.10
C PHE J 483 16.27 -69.10 17.55
N THR J 484 15.84 -67.95 18.01
CA THR J 484 15.22 -67.79 19.35
C THR J 484 13.77 -67.32 19.20
N LEU J 485 12.85 -68.22 19.47
CA LEU J 485 11.42 -67.90 19.38
C LEU J 485 10.90 -67.42 20.73
N SER J 486 9.97 -66.48 20.68
CA SER J 486 9.41 -65.90 21.91
C SER J 486 8.05 -65.25 21.66
N LEU J 487 7.09 -65.70 22.45
CA LEU J 487 5.78 -65.04 22.57
C LEU J 487 5.97 -63.77 23.40
N VAL J 488 5.20 -62.74 23.08
CA VAL J 488 5.34 -61.43 23.74
C VAL J 488 4.05 -60.63 23.61
N GLY J 489 3.73 -59.95 24.71
CA GLY J 489 2.64 -58.97 24.73
C GLY J 489 3.24 -57.58 24.66
N LYS J 490 2.52 -56.63 24.17
CA LYS J 490 2.90 -55.18 24.03
C LYS J 490 4.14 -54.99 23.12
N LEU J 491 4.35 -55.93 22.20
CA LEU J 491 5.42 -55.81 21.21
C LEU J 491 5.11 -54.60 20.33
N ASP J 492 6.15 -53.85 19.97
CA ASP J 492 5.96 -52.75 18.99
C ASP J 492 5.43 -53.33 17.69
N LYS J 493 4.37 -52.72 17.18
CA LYS J 493 3.65 -53.26 15.99
C LYS J 493 4.52 -53.27 14.70
N LEU K 30 4.56 -64.67 49.89
CA LEU K 30 4.66 -65.21 51.25
C LEU K 30 3.30 -65.17 51.94
N PRO K 31 2.82 -66.36 52.34
CA PRO K 31 1.57 -66.50 53.12
C PRO K 31 1.69 -65.71 54.42
N LEU K 32 0.54 -65.43 55.01
CA LEU K 32 0.47 -64.85 56.36
C LEU K 32 0.11 -65.97 57.34
N LYS K 33 1.13 -66.48 58.01
CA LYS K 33 0.92 -67.58 58.96
C LYS K 33 1.02 -67.05 60.39
N VAL K 34 0.01 -67.41 61.15
CA VAL K 34 -0.09 -67.07 62.59
C VAL K 34 0.08 -68.36 63.39
N LEU K 35 0.62 -68.17 64.59
CA LEU K 35 0.81 -69.25 65.55
C LEU K 35 0.01 -68.97 66.83
N MET K 36 -1.02 -69.78 67.02
CA MET K 36 -1.89 -69.68 68.21
C MET K 36 -1.37 -70.63 69.30
N LEU K 37 -0.83 -70.03 70.34
CA LEU K 37 -0.25 -70.78 71.45
C LEU K 37 -1.16 -70.57 72.67
N GLY K 38 -1.51 -71.69 73.31
CA GLY K 38 -2.43 -71.67 74.45
C GLY K 38 -2.70 -73.07 74.99
N ASP K 39 -3.39 -73.08 76.12
CA ASP K 39 -3.74 -74.32 76.83
C ASP K 39 -5.06 -74.90 76.28
N PHE K 40 -4.93 -75.63 75.19
CA PHE K 40 -6.08 -76.26 74.51
C PHE K 40 -6.57 -77.57 75.14
N THR K 41 -5.80 -78.09 76.09
CA THR K 41 -6.15 -79.34 76.78
C THR K 41 -6.35 -79.08 78.28
N GLY K 42 -6.96 -80.07 78.94
CA GLY K 42 -7.22 -80.01 80.39
C GLY K 42 -5.99 -80.26 81.26
N GLN K 43 -4.86 -80.58 80.63
CA GLN K 43 -3.62 -80.94 81.33
C GLN K 43 -2.37 -80.60 80.50
N GLU K 44 -1.27 -80.38 81.20
CA GLU K 44 0.05 -80.22 80.59
C GLU K 44 0.51 -81.56 79.98
N ASP K 45 1.33 -81.46 78.93
CA ASP K 45 1.92 -82.65 78.31
C ASP K 45 3.31 -82.93 78.91
N ALA K 46 3.62 -84.22 79.02
CA ALA K 46 4.95 -84.74 79.39
C ALA K 46 6.02 -84.43 78.33
N ARG K 47 5.59 -84.43 77.07
CA ARG K 47 6.48 -84.16 75.93
C ARG K 47 7.07 -82.73 76.03
N PRO K 48 8.39 -82.61 75.85
CA PRO K 48 9.09 -81.31 75.83
C PRO K 48 8.49 -80.41 74.75
N LEU K 49 8.57 -79.10 75.00
CA LEU K 49 8.04 -78.09 74.07
C LEU K 49 8.63 -78.19 72.66
N GLU K 50 9.94 -78.43 72.61
CA GLU K 50 10.65 -78.60 71.33
C GLU K 50 10.24 -79.86 70.56
N GLN K 51 9.69 -80.83 71.29
CA GLN K 51 9.32 -82.13 70.72
C GLN K 51 7.87 -82.15 70.23
N ARG K 52 6.95 -81.62 71.05
CA ARG K 52 5.53 -81.51 70.64
C ARG K 52 5.44 -80.67 69.37
N ALA K 53 4.54 -81.10 68.49
CA ALA K 53 4.43 -80.50 67.16
C ALA K 53 3.22 -79.59 67.02
N PRO K 54 3.33 -78.58 66.14
CA PRO K 54 2.23 -77.69 65.77
C PRO K 54 1.24 -78.41 64.84
N ILE K 55 -0.01 -77.97 64.88
CA ILE K 55 -1.09 -78.53 64.06
C ILE K 55 -1.65 -77.44 63.12
N ASN K 56 -1.67 -77.76 61.82
CA ASN K 56 -2.25 -76.84 60.83
C ASN K 56 -3.78 -76.98 60.85
N VAL K 57 -4.44 -75.84 61.02
CA VAL K 57 -5.92 -75.79 61.11
C VAL K 57 -6.47 -74.91 59.99
N ASP K 58 -7.61 -75.35 59.46
CA ASP K 58 -8.40 -74.59 58.48
C ASP K 58 -9.88 -74.97 58.59
N LYS K 59 -10.72 -74.25 57.84
CA LYS K 59 -12.18 -74.46 57.82
C LYS K 59 -12.63 -75.88 57.47
N ALA K 60 -11.83 -76.59 56.67
CA ALA K 60 -12.18 -77.93 56.15
C ALA K 60 -11.67 -79.10 57.00
N ASN K 61 -11.18 -78.82 58.20
CA ASN K 61 -10.65 -79.86 59.10
C ASN K 61 -10.63 -79.45 60.58
N PHE K 62 -11.29 -78.35 60.90
CA PHE K 62 -11.30 -77.82 62.28
C PHE K 62 -11.79 -78.88 63.28
N ASN K 63 -12.94 -79.47 62.96
CA ASN K 63 -13.54 -80.53 63.79
C ASN K 63 -12.63 -81.77 63.90
N GLU K 64 -11.97 -82.10 62.79
CA GLU K 64 -11.09 -83.26 62.67
C GLU K 64 -9.91 -83.08 63.62
N VAL K 65 -9.45 -81.83 63.71
CA VAL K 65 -8.36 -81.44 64.62
C VAL K 65 -8.77 -81.65 66.09
N MET K 66 -9.99 -81.27 66.43
CA MET K 66 -10.48 -81.45 67.81
C MET K 66 -10.58 -82.94 68.18
N ALA K 67 -11.10 -83.71 67.24
CA ALA K 67 -11.25 -85.17 67.39
C ALA K 67 -9.90 -85.85 67.62
N GLN K 68 -8.91 -85.45 66.82
CA GLN K 68 -7.54 -85.99 66.91
C GLN K 68 -6.80 -85.51 68.17
N GLN K 69 -7.09 -84.27 68.59
CA GLN K 69 -6.46 -83.68 69.78
C GLN K 69 -6.88 -84.43 71.05
N ASN K 70 -8.12 -84.91 71.05
CA ASN K 70 -8.70 -85.68 72.17
C ASN K 70 -8.74 -84.82 73.44
N LEU K 71 -9.94 -84.30 73.69
CA LEU K 71 -10.16 -83.43 74.86
C LEU K 71 -10.87 -84.21 75.97
N LYS K 72 -10.48 -83.90 77.20
CA LYS K 72 -11.06 -84.55 78.39
C LYS K 72 -10.96 -83.61 79.60
N VAL K 73 -12.05 -83.60 80.35
CA VAL K 73 -12.15 -82.83 81.61
C VAL K 73 -12.60 -83.74 82.77
N THR K 74 -11.69 -83.84 83.73
CA THR K 74 -11.98 -84.51 85.00
C THR K 74 -12.06 -83.41 86.06
N LEU K 75 -13.28 -83.16 86.51
CA LEU K 75 -13.56 -82.06 87.43
C LEU K 75 -14.74 -82.40 88.33
N THR K 76 -14.73 -81.74 89.48
CA THR K 76 -15.79 -81.88 90.49
C THR K 76 -16.56 -80.57 90.65
N ALA K 77 -17.88 -80.70 90.62
CA ALA K 77 -18.82 -79.59 90.84
C ALA K 77 -19.73 -79.91 92.03
N ALA K 78 -20.28 -78.86 92.64
CA ALA K 78 -21.28 -79.00 93.71
C ALA K 78 -22.48 -79.82 93.20
N ASP K 79 -22.81 -80.86 93.97
CA ASP K 79 -23.96 -81.72 93.66
C ASP K 79 -25.23 -81.02 94.15
N LYS K 80 -25.96 -80.45 93.21
CA LYS K 80 -27.22 -79.75 93.54
C LYS K 80 -28.47 -80.57 93.20
N LEU K 81 -28.27 -81.88 93.08
CA LEU K 81 -29.38 -82.83 92.88
C LEU K 81 -30.00 -83.29 94.21
N SER K 82 -29.35 -82.87 95.30
CA SER K 82 -29.80 -83.13 96.66
C SER K 82 -29.75 -81.82 97.48
N ALA K 83 -29.89 -81.97 98.79
CA ALA K 83 -29.85 -80.86 99.77
C ALA K 83 -28.71 -81.04 100.80
N ASP K 84 -27.55 -81.50 100.30
CA ASP K 84 -26.38 -81.71 101.16
C ASP K 84 -25.18 -80.88 100.65
N PRO K 85 -24.66 -79.98 101.50
CA PRO K 85 -23.46 -79.17 101.20
C PRO K 85 -22.18 -80.00 100.99
N ASN K 86 -22.13 -81.17 101.62
CA ASN K 86 -21.00 -82.12 101.49
C ASN K 86 -21.07 -83.01 100.23
N ALA K 87 -22.23 -82.98 99.56
CA ALA K 87 -22.43 -83.73 98.31
C ALA K 87 -21.71 -83.04 97.14
N THR K 88 -20.84 -83.81 96.53
CA THR K 88 -20.06 -83.35 95.37
C THR K 88 -20.20 -84.33 94.21
N MET K 89 -20.13 -83.80 92.98
CA MET K 89 -20.23 -84.63 91.77
C MET K 89 -18.98 -84.48 90.92
N ASN K 90 -18.36 -85.62 90.65
CA ASN K 90 -17.19 -85.69 89.77
C ASN K 90 -17.60 -86.27 88.41
N VAL K 91 -17.23 -85.52 87.37
CA VAL K 91 -17.57 -85.85 85.98
C VAL K 91 -16.29 -86.03 85.15
N SER K 92 -16.42 -86.84 84.10
CA SER K 92 -15.32 -87.08 83.14
C SER K 92 -15.83 -86.83 81.72
N LEU K 93 -15.82 -85.57 81.32
CA LEU K 93 -16.33 -85.19 79.98
C LEU K 93 -15.24 -85.36 78.91
N GLN K 94 -15.70 -85.74 77.73
CA GLN K 94 -14.86 -85.97 76.54
C GLN K 94 -15.46 -85.21 75.37
N PHE K 95 -14.57 -84.59 74.60
CA PHE K 95 -15.00 -83.78 73.45
C PHE K 95 -14.26 -84.22 72.18
N LYS K 96 -15.03 -84.25 71.10
CA LYS K 96 -14.54 -84.57 69.75
C LYS K 96 -14.72 -83.37 68.82
N ASN K 97 -15.80 -82.62 69.05
CA ASN K 97 -16.13 -81.39 68.32
C ASN K 97 -16.78 -80.38 69.27
N LEU K 98 -17.01 -79.17 68.75
CA LEU K 98 -17.66 -78.09 69.51
C LEU K 98 -19.09 -78.39 69.95
N ASN K 99 -19.76 -79.24 69.16
CA ASN K 99 -21.12 -79.70 69.49
C ASN K 99 -21.16 -80.45 70.84
N ASP K 100 -20.02 -81.03 71.22
CA ASP K 100 -19.89 -81.76 72.49
C ASP K 100 -19.81 -80.87 73.73
N PHE K 101 -19.85 -79.56 73.55
CA PHE K 101 -19.93 -78.61 74.67
C PHE K 101 -21.37 -78.17 74.97
N SER K 102 -22.29 -78.62 74.13
CA SER K 102 -23.72 -78.33 74.32
C SER K 102 -24.26 -79.09 75.55
N PRO K 103 -25.22 -78.51 76.26
CA PRO K 103 -25.85 -79.15 77.44
C PRO K 103 -26.38 -80.56 77.15
N GLU K 104 -26.80 -80.77 75.90
CA GLU K 104 -27.28 -82.08 75.42
C GLU K 104 -26.19 -83.18 75.52
N SER K 105 -24.95 -82.82 75.19
CA SER K 105 -23.83 -83.77 75.27
C SER K 105 -23.32 -83.90 76.71
N VAL K 106 -23.40 -82.81 77.47
CA VAL K 106 -23.01 -82.78 78.89
C VAL K 106 -23.87 -83.78 79.69
N VAL K 107 -25.18 -83.73 79.45
CA VAL K 107 -26.14 -84.65 80.08
C VAL K 107 -25.84 -86.11 79.72
N ASN K 108 -25.55 -86.34 78.44
CA ASN K 108 -25.30 -87.69 77.91
C ASN K 108 -24.04 -88.33 78.52
N GLN K 109 -23.10 -87.49 78.93
CA GLN K 109 -21.84 -87.98 79.53
C GLN K 109 -21.85 -87.93 81.06
N VAL K 110 -22.98 -87.53 81.63
CA VAL K 110 -23.16 -87.45 83.09
C VAL K 110 -24.36 -88.31 83.47
N PRO K 111 -24.12 -89.57 83.89
CA PRO K 111 -25.17 -90.54 84.27
C PRO K 111 -26.20 -90.00 85.27
N GLU K 112 -25.73 -89.18 86.18
CA GLU K 112 -26.53 -88.52 87.24
C GLU K 112 -27.57 -87.55 86.66
N LEU K 113 -27.31 -87.08 85.44
CA LEU K 113 -28.23 -86.23 84.68
C LEU K 113 -28.91 -87.00 83.53
N LYS K 114 -28.18 -87.92 82.92
CA LYS K 114 -28.68 -88.75 81.81
C LYS K 114 -29.90 -89.56 82.23
N LYS K 115 -29.84 -90.14 83.43
CA LYS K 115 -30.97 -90.90 84.01
C LYS K 115 -32.19 -90.01 84.28
N LEU K 116 -31.92 -88.77 84.67
CA LEU K 116 -32.97 -87.75 84.88
C LEU K 116 -33.64 -87.31 83.58
N LEU K 117 -32.86 -87.29 82.52
CA LEU K 117 -33.37 -86.98 81.17
C LEU K 117 -34.22 -88.16 80.65
N GLU K 118 -33.77 -89.38 80.95
CA GLU K 118 -34.53 -90.60 80.61
C GLU K 118 -35.85 -90.63 81.38
N LEU K 119 -35.79 -90.20 82.64
CA LEU K 119 -36.97 -90.03 83.49
C LEU K 119 -37.93 -89.00 82.91
N ARG K 120 -37.37 -87.86 82.48
CA ARG K 120 -38.13 -86.78 81.86
C ARG K 120 -38.94 -87.34 80.68
N SER K 121 -38.25 -88.07 79.80
CA SER K 121 -38.87 -88.67 78.60
C SER K 121 -39.96 -89.70 78.95
N ALA K 122 -39.73 -90.44 80.02
CA ALA K 122 -40.71 -91.41 80.56
C ALA K 122 -41.98 -90.71 81.09
N LEU K 123 -41.79 -89.62 81.71
CA LEU K 123 -42.95 -88.94 82.31
C LEU K 123 -43.74 -88.17 81.24
N ASN K 124 -43.06 -87.57 80.25
CA ASN K 124 -43.75 -86.86 79.19
C ASN K 124 -44.54 -87.85 78.34
N ALA K 125 -43.97 -89.03 78.07
CA ALA K 125 -44.62 -90.13 77.31
C ALA K 125 -45.88 -90.57 78.03
N LEU K 126 -45.75 -90.83 79.34
CA LEU K 126 -46.88 -91.22 80.18
C LEU K 126 -47.98 -90.13 80.19
N LYS K 127 -47.59 -88.87 80.49
CA LYS K 127 -48.55 -87.76 80.55
C LYS K 127 -49.23 -87.46 79.23
N GLY K 128 -48.55 -87.71 78.08
CA GLY K 128 -49.15 -87.52 76.75
C GLY K 128 -49.87 -88.79 76.29
N PRO K 129 -49.97 -89.81 77.17
CA PRO K 129 -50.63 -91.10 76.94
C PRO K 129 -50.01 -91.92 75.79
N LEU K 130 -48.69 -91.75 75.53
CA LEU K 130 -48.00 -92.45 74.45
C LEU K 130 -47.61 -93.87 74.80
N GLY K 131 -47.64 -94.23 76.10
CA GLY K 131 -47.41 -95.60 76.52
C GLY K 131 -48.33 -95.96 77.66
N ASN K 132 -48.63 -97.25 77.82
CA ASN K 132 -49.51 -97.69 78.90
C ASN K 132 -48.70 -97.87 80.20
N LEU K 133 -49.40 -98.07 81.33
CA LEU K 133 -48.82 -98.23 82.66
C LEU K 133 -47.81 -99.37 82.76
N PRO K 134 -48.08 -100.51 82.12
CA PRO K 134 -47.17 -101.67 82.17
C PRO K 134 -45.79 -101.33 81.55
N ALA K 135 -45.78 -100.64 80.38
CA ALA K 135 -44.53 -100.23 79.71
C ALA K 135 -43.83 -99.19 80.58
N PHE K 136 -44.58 -98.19 81.06
CA PHE K 136 -44.06 -97.15 81.94
C PHE K 136 -43.29 -97.78 83.10
N ARG K 137 -43.92 -98.74 83.85
CA ARG K 137 -43.26 -99.36 85.03
C ARG K 137 -42.01 -100.16 84.64
N LYS K 138 -42.03 -100.83 83.47
CA LYS K 138 -40.90 -101.61 82.96
C LYS K 138 -39.71 -100.68 82.64
N LYS K 139 -40.01 -99.55 81.96
CA LYS K 139 -38.98 -98.57 81.63
C LYS K 139 -38.46 -97.84 82.86
N LEU K 140 -39.30 -97.62 83.84
CA LEU K 140 -38.90 -96.94 85.02
C LEU K 140 -37.88 -97.74 85.74
N GLN K 141 -38.11 -99.02 85.89
CA GLN K 141 -37.18 -99.87 86.58
C GLN K 141 -35.83 -99.93 85.87
N ALA K 142 -35.81 -99.91 84.56
CA ALA K 142 -34.59 -99.84 83.78
C ALA K 142 -33.76 -98.56 84.04
N LEU K 143 -34.42 -97.42 84.02
CA LEU K 143 -33.80 -96.18 84.36
C LEU K 143 -33.16 -96.23 85.76
N LEU K 144 -33.89 -96.68 86.76
CA LEU K 144 -33.43 -96.58 88.13
C LEU K 144 -32.49 -97.70 88.58
N ALA K 145 -32.33 -98.67 87.71
CA ALA K 145 -31.45 -99.82 87.91
C ALA K 145 -29.95 -99.41 87.87
N ASP K 146 -29.59 -98.28 87.19
CA ASP K 146 -28.18 -97.83 87.08
C ASP K 146 -27.46 -97.84 88.44
N GLU K 147 -26.44 -98.70 88.62
CA GLU K 147 -25.79 -98.79 89.94
C GLU K 147 -24.96 -97.56 90.34
N ASP K 148 -24.67 -96.67 89.39
CA ASP K 148 -23.89 -95.46 89.63
C ASP K 148 -24.76 -94.35 90.27
N GLY K 149 -26.11 -94.55 90.31
CA GLY K 149 -27.02 -93.56 90.91
C GLY K 149 -27.02 -93.62 92.39
N ARG K 150 -27.28 -92.48 93.05
CA ARG K 150 -27.41 -92.50 94.51
C ARG K 150 -28.87 -92.91 94.82
N LYS K 151 -29.12 -93.51 95.99
CA LYS K 151 -30.48 -93.89 96.36
C LYS K 151 -31.30 -92.61 96.61
N ALA K 152 -30.63 -91.52 97.06
CA ALA K 152 -31.28 -90.22 97.29
C ALA K 152 -31.85 -89.73 95.96
N LEU K 153 -31.05 -89.79 94.87
CA LEU K 153 -31.56 -89.39 93.55
C LEU K 153 -32.71 -90.30 93.08
N ILE K 154 -32.58 -91.64 93.25
CA ILE K 154 -33.64 -92.58 92.85
C ILE K 154 -34.97 -92.21 93.49
N LYS K 155 -34.97 -91.86 94.81
CA LYS K 155 -36.12 -91.44 95.61
C LYS K 155 -36.78 -90.17 95.07
N GLU K 156 -35.99 -89.15 94.70
CA GLU K 156 -36.44 -87.89 94.10
C GLU K 156 -37.05 -88.17 92.71
N LEU K 157 -36.47 -89.13 91.96
CA LEU K 157 -37.01 -89.53 90.65
C LEU K 157 -38.36 -90.25 90.77
N GLY K 158 -38.45 -91.21 91.72
CA GLY K 158 -39.69 -91.96 92.01
C GLY K 158 -40.80 -91.05 92.56
N LEU K 159 -40.43 -89.95 93.26
CA LEU K 159 -41.38 -88.98 93.81
C LEU K 159 -42.08 -88.16 92.72
N THR K 160 -41.56 -88.18 91.49
CA THR K 160 -42.13 -87.47 90.36
C THR K 160 -43.20 -88.32 89.65
N GLU K 161 -43.28 -89.62 89.98
CA GLU K 161 -44.25 -90.51 89.35
C GLU K 161 -45.69 -90.24 89.81
N GLU K 162 -46.66 -89.95 88.90
CA GLU K 162 -48.07 -89.77 89.36
C GLU K 162 -48.56 -91.05 90.03
N THR K 163 -49.36 -90.91 91.10
CA THR K 163 -49.89 -92.04 91.86
C THR K 163 -50.59 -93.12 91.03
N LYS K 164 -51.35 -92.71 90.01
CA LYS K 164 -52.09 -93.63 89.13
C LYS K 164 -51.19 -94.48 88.22
N ASP L 63 -55.39 -84.51 85.49
CA ASP L 63 -54.28 -85.38 85.97
C ASP L 63 -52.92 -85.05 85.35
N LYS L 64 -52.94 -84.81 84.04
CA LYS L 64 -51.76 -84.51 83.22
C LYS L 64 -51.08 -83.22 83.71
N ALA L 65 -51.91 -82.30 84.22
CA ALA L 65 -51.41 -81.02 84.78
C ALA L 65 -50.40 -81.24 85.91
N LEU L 66 -50.70 -82.25 86.75
CA LEU L 66 -49.79 -82.66 87.84
C LEU L 66 -48.50 -83.31 87.30
N VAL L 67 -48.66 -84.11 86.25
CA VAL L 67 -47.52 -84.74 85.56
C VAL L 67 -46.60 -83.66 84.94
N ASP L 68 -47.21 -82.63 84.38
CA ASP L 68 -46.46 -81.50 83.80
C ASP L 68 -45.69 -80.74 84.88
N ALA L 69 -46.31 -80.60 86.05
CA ALA L 69 -45.68 -79.98 87.22
C ALA L 69 -44.46 -80.77 87.69
N MET L 70 -44.57 -82.10 87.58
CA MET L 70 -43.46 -83.02 87.90
C MET L 70 -42.29 -82.79 86.93
N ILE L 71 -42.65 -82.58 85.65
CA ILE L 71 -41.67 -82.25 84.60
C ILE L 71 -41.00 -80.89 84.84
N ALA L 72 -41.77 -79.96 85.33
CA ALA L 72 -41.27 -78.61 85.62
C ALA L 72 -40.21 -78.65 86.74
N GLU L 73 -40.53 -79.40 87.78
CA GLU L 73 -39.64 -79.57 88.94
C GLU L 73 -38.42 -80.43 88.62
N ILE L 74 -38.62 -81.44 87.78
CA ILE L 74 -37.52 -82.31 87.33
C ILE L 74 -36.46 -81.51 86.55
N ASP L 75 -36.94 -80.71 85.60
CA ASP L 75 -36.08 -79.88 84.75
C ASP L 75 -35.43 -78.75 85.55
N LYS L 76 -36.19 -78.26 86.54
CA LYS L 76 -35.69 -77.25 87.48
C LYS L 76 -34.45 -77.77 88.21
N ARG L 77 -34.54 -79.00 88.70
CA ARG L 77 -33.42 -79.64 89.42
C ARG L 77 -32.26 -79.97 88.48
N LEU L 78 -32.60 -80.49 87.31
CA LEU L 78 -31.59 -80.87 86.29
C LEU L 78 -30.83 -79.62 85.83
N SER L 79 -31.54 -78.53 85.62
CA SER L 79 -30.97 -77.23 85.23
C SER L 79 -30.07 -76.60 86.29
N SER L 80 -30.41 -76.85 87.53
CA SER L 80 -29.61 -76.37 88.66
C SER L 80 -28.23 -77.03 88.67
N GLN L 81 -28.22 -78.31 88.31
CA GLN L 81 -26.97 -79.09 88.22
C GLN L 81 -26.19 -78.74 86.95
N VAL L 82 -26.86 -78.63 85.87
CA VAL L 82 -26.22 -78.32 84.56
C VAL L 82 -25.52 -76.93 84.59
N ASN L 83 -26.09 -76.00 85.35
CA ASN L 83 -25.48 -74.68 85.55
C ASN L 83 -24.08 -74.80 86.18
N GLU L 84 -23.94 -75.77 87.10
CA GLU L 84 -22.67 -76.01 87.79
C GLU L 84 -21.54 -76.47 86.86
N ILE L 85 -21.88 -77.33 85.90
CA ILE L 85 -20.90 -77.82 84.90
C ILE L 85 -20.58 -76.70 83.90
N LEU L 86 -21.63 -76.06 83.40
CA LEU L 86 -21.50 -75.00 82.39
C LEU L 86 -20.78 -73.76 82.91
N HIS L 87 -20.88 -73.55 84.22
CA HIS L 87 -20.23 -72.41 84.88
C HIS L 87 -18.97 -72.82 85.64
N ALA L 88 -18.50 -74.04 85.40
CA ALA L 88 -17.24 -74.52 85.96
C ALA L 88 -16.09 -73.82 85.22
N LYS L 89 -15.16 -73.31 86.02
CA LYS L 89 -13.99 -72.57 85.48
C LYS L 89 -13.09 -73.44 84.57
N GLU L 90 -12.94 -74.71 84.95
CA GLU L 90 -12.18 -75.70 84.17
C GLU L 90 -12.90 -75.97 82.84
N PHE L 91 -14.21 -76.09 82.92
CA PHE L 91 -15.02 -76.36 81.72
C PHE L 91 -14.98 -75.19 80.73
N GLN L 92 -15.16 -73.98 81.28
CA GLN L 92 -15.15 -72.76 80.47
C GLN L 92 -13.79 -72.47 79.87
N LYS L 93 -12.71 -72.81 80.59
CA LYS L 93 -11.35 -72.61 80.07
C LYS L 93 -11.15 -73.44 78.79
N LEU L 94 -11.64 -74.68 78.83
CA LEU L 94 -11.56 -75.59 77.68
C LEU L 94 -12.44 -75.08 76.54
N GLU L 95 -13.71 -74.80 76.85
CA GLU L 95 -14.67 -74.38 75.82
C GLU L 95 -14.25 -73.07 75.15
N SER L 96 -14.04 -72.04 75.96
CA SER L 96 -13.66 -70.70 75.48
C SER L 96 -12.40 -70.76 74.61
N SER L 97 -11.48 -71.69 74.90
CA SER L 97 -10.24 -71.86 74.11
C SER L 97 -10.55 -72.30 72.68
N TRP L 98 -11.35 -73.37 72.57
CA TRP L 98 -11.71 -73.93 71.25
C TRP L 98 -12.77 -73.12 70.50
N ARG L 99 -13.75 -72.60 71.23
CA ARG L 99 -14.81 -71.77 70.65
C ARG L 99 -14.23 -70.46 70.10
N SER L 100 -13.38 -69.82 70.89
CA SER L 100 -12.67 -68.60 70.47
C SER L 100 -11.74 -68.88 69.29
N LEU L 101 -11.18 -70.09 69.25
CA LEU L 101 -10.30 -70.52 68.15
C LEU L 101 -11.06 -70.59 66.84
N LYS L 102 -12.24 -71.23 66.86
CA LYS L 102 -13.07 -71.35 65.65
C LYS L 102 -13.58 -69.98 65.21
N PHE L 103 -13.97 -69.17 66.21
CA PHE L 103 -14.43 -67.79 65.97
C PHE L 103 -13.38 -67.01 65.14
N MET L 104 -12.10 -67.28 65.45
CA MET L 104 -10.97 -66.77 64.66
C MET L 104 -10.94 -67.41 63.27
N VAL L 105 -10.82 -68.73 63.28
CA VAL L 105 -10.59 -69.55 62.08
C VAL L 105 -11.64 -69.27 60.99
N ASP L 106 -12.91 -69.31 61.35
CA ASP L 106 -13.99 -69.21 60.35
C ASP L 106 -14.24 -67.79 59.82
N ARG L 107 -13.52 -66.82 60.39
CA ARG L 107 -13.59 -65.42 59.91
C ARG L 107 -12.37 -65.04 59.07
N THR L 108 -11.52 -66.04 58.81
CA THR L 108 -10.36 -65.88 57.92
C THR L 108 -10.74 -66.48 56.55
N ASP L 109 -9.83 -66.31 55.61
CA ASP L 109 -10.01 -66.88 54.27
C ASP L 109 -8.72 -67.58 53.84
N PHE L 110 -8.75 -68.90 53.94
CA PHE L 110 -7.59 -69.76 53.60
C PHE L 110 -7.22 -69.77 52.12
N ARG L 111 -8.12 -69.27 51.29
CA ARG L 111 -7.87 -69.13 49.83
C ARG L 111 -6.99 -67.91 49.51
N GLU L 112 -6.82 -67.03 50.51
CA GLU L 112 -6.02 -65.81 50.36
C GLU L 112 -4.61 -65.96 50.94
N ASN L 113 -4.12 -67.21 50.97
CA ASN L 113 -2.78 -67.55 51.49
C ASN L 113 -2.64 -67.19 52.98
N THR L 114 -3.68 -67.51 53.73
CA THR L 114 -3.67 -67.33 55.19
C THR L 114 -3.56 -68.71 55.82
N ARG L 115 -2.68 -68.83 56.82
CA ARG L 115 -2.44 -70.11 57.49
C ARG L 115 -2.35 -69.89 59.01
N VAL L 116 -2.73 -70.90 59.75
CA VAL L 116 -2.68 -70.89 61.22
C VAL L 116 -2.28 -72.28 61.73
N GLU L 117 -1.42 -72.27 62.73
CA GLU L 117 -1.01 -73.51 63.42
C GLU L 117 -1.30 -73.38 64.91
N MET L 118 -1.63 -74.51 65.52
CA MET L 118 -1.89 -74.58 66.97
C MET L 118 -0.71 -75.24 67.68
N LEU L 119 -0.32 -74.63 68.77
CA LEU L 119 0.78 -75.13 69.62
C LEU L 119 0.36 -75.08 71.08
N ASN L 120 -0.02 -76.25 71.59
CA ASN L 120 -0.48 -76.40 72.98
C ASN L 120 0.65 -76.13 73.98
N ALA L 121 0.50 -75.04 74.73
CA ALA L 121 1.47 -74.64 75.76
C ALA L 121 0.82 -73.76 76.83
N SER L 122 1.09 -74.09 78.07
CA SER L 122 0.64 -73.29 79.23
C SER L 122 1.70 -72.22 79.55
N LYS L 123 1.28 -71.15 80.23
CA LYS L 123 2.24 -70.09 80.60
C LYS L 123 3.37 -70.63 81.50
N GLU L 124 2.98 -71.53 82.41
CA GLU L 124 3.91 -72.14 83.36
C GLU L 124 5.05 -72.87 82.63
N ASP L 125 4.69 -73.64 81.61
CA ASP L 125 5.70 -74.42 80.86
C ASP L 125 6.51 -73.56 79.87
N LEU L 126 5.94 -72.40 79.51
CA LEU L 126 6.66 -71.42 78.69
C LEU L 126 7.86 -70.89 79.46
N GLN L 127 7.60 -70.59 80.74
CA GLN L 127 8.64 -70.16 81.68
C GLN L 127 9.61 -71.30 81.98
N LYS L 128 9.06 -72.50 82.12
CA LYS L 128 9.87 -73.71 82.33
C LYS L 128 10.93 -73.87 81.23
N ASP L 129 10.48 -73.72 79.99
CA ASP L 129 11.36 -73.89 78.82
C ASP L 129 12.39 -72.77 78.70
N PHE L 130 11.90 -71.55 78.87
CA PHE L 130 12.77 -70.39 78.72
C PHE L 130 13.80 -70.24 79.86
N GLU L 131 13.42 -70.69 81.05
CA GLU L 131 14.32 -70.73 82.22
C GLU L 131 15.30 -71.91 82.12
N ASP L 132 14.79 -73.03 81.58
CA ASP L 132 15.60 -74.25 81.41
C ASP L 132 16.74 -74.01 80.40
N ALA L 133 16.37 -73.45 79.25
CA ALA L 133 17.32 -73.16 78.17
C ALA L 133 18.39 -72.15 78.67
N PRO L 134 19.63 -72.33 78.20
CA PRO L 134 20.75 -71.42 78.50
C PRO L 134 20.56 -70.04 77.83
N GLU L 135 19.92 -70.05 76.66
CA GLU L 135 19.63 -68.84 75.89
C GLU L 135 18.38 -69.05 75.04
N VAL L 136 17.77 -67.94 74.66
CA VAL L 136 16.52 -67.94 73.86
C VAL L 136 16.69 -68.67 72.52
N THR L 137 17.89 -68.61 71.95
CA THR L 137 18.16 -69.26 70.65
C THR L 137 18.05 -70.80 70.73
N LYS L 138 18.04 -71.31 71.95
CA LYS L 138 17.95 -72.76 72.20
C LYS L 138 16.62 -73.17 72.85
N SER L 139 15.71 -72.22 72.98
CA SER L 139 14.36 -72.50 73.49
C SER L 139 13.58 -73.32 72.46
N GLY L 140 12.63 -74.10 72.97
CA GLY L 140 11.75 -74.96 72.13
C GLY L 140 10.87 -74.13 71.21
N LEU L 141 10.35 -73.03 71.76
CA LEU L 141 9.50 -72.08 71.03
C LEU L 141 10.27 -71.38 69.90
N TYR L 142 11.50 -70.95 70.21
CA TYR L 142 12.39 -70.36 69.21
C TYR L 142 12.63 -71.33 68.06
N LYS L 143 12.77 -72.61 68.41
CA LYS L 143 13.07 -73.65 67.42
C LYS L 143 12.03 -73.72 66.31
N LEU L 144 10.74 -73.64 66.61
CA LEU L 144 9.75 -73.79 65.53
C LEU L 144 8.94 -72.52 65.24
N VAL L 145 9.41 -71.42 65.77
CA VAL L 145 8.99 -70.08 65.32
C VAL L 145 10.07 -69.60 64.33
N TYR L 146 11.29 -69.45 64.84
CA TYR L 146 12.41 -68.94 64.04
C TYR L 146 13.09 -70.03 63.18
N SER L 147 13.65 -71.03 63.87
CA SER L 147 14.54 -72.02 63.25
C SER L 147 13.89 -72.83 62.11
N ASN L 148 12.69 -73.31 62.38
CA ASN L 148 11.94 -74.12 61.40
C ASN L 148 11.18 -73.29 60.35
N GLU L 149 11.27 -71.97 60.47
CA GLU L 149 10.55 -71.06 59.58
C GLU L 149 11.45 -70.00 58.92
N TYR L 150 11.53 -68.84 59.57
CA TYR L 150 12.27 -67.68 59.07
C TYR L 150 13.74 -68.00 58.70
N GLY L 151 14.36 -68.83 59.55
CA GLY L 151 15.79 -69.18 59.38
C GLY L 151 16.01 -70.50 58.63
N VAL L 152 15.06 -70.89 57.80
CA VAL L 152 15.16 -72.13 57.00
C VAL L 152 14.99 -71.84 55.51
N PHE L 153 16.03 -72.16 54.76
CA PHE L 153 15.98 -72.12 53.29
C PHE L 153 14.90 -73.07 52.78
N GLY L 154 13.94 -72.49 52.04
CA GLY L 154 12.80 -73.27 51.49
C GLY L 154 11.54 -73.17 52.37
N GLY L 155 11.72 -72.69 53.60
CA GLY L 155 10.61 -72.55 54.56
C GLY L 155 9.84 -71.25 54.36
N LYS L 156 9.18 -70.85 55.43
CA LYS L 156 8.35 -69.64 55.46
C LYS L 156 8.39 -69.04 56.87
N PRO L 157 8.31 -67.71 56.99
CA PRO L 157 8.34 -67.02 58.29
C PRO L 157 6.94 -66.87 58.90
N TYR L 158 6.88 -67.05 60.21
CA TYR L 158 5.63 -66.82 60.99
C TYR L 158 5.30 -65.31 61.00
N GLY L 159 4.07 -65.04 60.58
CA GLY L 159 3.56 -63.66 60.47
C GLY L 159 3.46 -63.00 61.84
N ILE L 160 2.75 -63.69 62.75
CA ILE L 160 2.45 -63.19 64.10
C ILE L 160 2.14 -64.36 65.05
N ILE L 161 2.26 -64.12 66.33
CA ILE L 161 1.96 -65.11 67.38
C ILE L 161 0.82 -64.57 68.26
N SER L 162 -0.21 -65.38 68.38
CA SER L 162 -1.37 -65.05 69.22
C SER L 162 -1.37 -65.98 70.43
N ALA L 163 -1.20 -65.37 71.59
CA ALA L 163 -1.22 -66.17 72.81
C ALA L 163 -2.47 -65.93 73.61
N ASN L 164 -3.06 -67.07 73.88
CA ASN L 164 -4.33 -67.10 74.60
C ASN L 164 -4.07 -67.08 76.12
N TYR L 165 -3.60 -65.95 76.59
CA TYR L 165 -3.23 -65.77 78.01
C TYR L 165 -3.70 -64.42 78.53
N ASP L 166 -3.89 -64.38 79.83
CA ASP L 166 -4.10 -63.13 80.57
C ASP L 166 -2.85 -62.84 81.41
N PHE L 167 -2.39 -61.63 81.40
CA PHE L 167 -1.17 -61.26 82.14
C PHE L 167 -1.50 -60.33 83.30
N ASN L 168 -0.84 -60.59 84.41
CA ASN L 168 -0.91 -59.73 85.59
C ASN L 168 0.42 -58.95 85.70
N VAL L 169 0.60 -58.24 86.80
CA VAL L 169 1.88 -57.54 87.11
C VAL L 169 2.90 -58.46 87.80
N GLY L 170 2.49 -59.67 88.05
CA GLY L 170 3.30 -60.72 88.67
C GLY L 170 4.64 -60.84 87.94
N PRO L 171 5.68 -61.10 88.71
CA PRO L 171 7.04 -61.23 88.19
C PRO L 171 7.22 -62.34 87.14
N GLN L 172 6.55 -63.43 87.31
CA GLN L 172 6.53 -64.53 86.33
C GLN L 172 5.96 -64.07 84.98
N ASP L 173 4.84 -63.33 85.05
CA ASP L 173 4.18 -62.81 83.84
C ASP L 173 5.03 -61.78 83.11
N MET L 174 5.73 -60.98 83.90
CA MET L 174 6.61 -59.97 83.32
C MET L 174 7.83 -60.58 82.63
N GLU L 175 8.37 -61.63 83.25
CA GLU L 175 9.52 -62.37 82.69
C GLU L 175 9.12 -63.07 81.39
N LEU L 176 7.89 -63.59 81.37
CA LEU L 176 7.36 -64.29 80.18
C LEU L 176 7.23 -63.34 78.99
N LEU L 177 6.77 -62.12 79.29
CA LEU L 177 6.67 -61.05 78.31
C LEU L 177 8.03 -60.62 77.77
N ARG L 178 9.02 -60.65 78.65
CA ARG L 178 10.39 -60.29 78.28
C ARG L 178 10.95 -61.25 77.21
N LYS L 179 10.70 -62.53 77.45
CA LYS L 179 11.15 -63.59 76.53
C LYS L 179 10.41 -63.59 75.20
N CYS L 180 9.11 -63.30 75.27
CA CYS L 180 8.28 -63.22 74.07
C CYS L 180 8.63 -61.98 73.22
N ALA L 181 9.07 -60.93 73.90
CA ALA L 181 9.55 -59.72 73.22
C ALA L 181 10.84 -59.99 72.45
N SER L 182 11.73 -60.76 73.08
CA SER L 182 13.02 -61.15 72.48
C SER L 182 12.82 -62.04 71.26
N VAL L 183 11.91 -63.02 71.39
CA VAL L 183 11.59 -63.95 70.30
C VAL L 183 11.02 -63.22 69.08
N ALA L 184 10.04 -62.37 69.38
CA ALA L 184 9.32 -61.59 68.37
C ALA L 184 10.27 -60.65 67.61
N ALA L 185 11.24 -60.10 68.36
CA ALA L 185 12.26 -59.20 67.79
C ALA L 185 13.18 -59.92 66.81
N MET L 186 13.60 -61.13 67.21
CA MET L 186 14.52 -61.96 66.42
C MET L 186 13.88 -62.46 65.15
N ALA L 187 12.57 -62.73 65.23
CA ALA L 187 12.01 -63.13 63.94
C ALA L 187 10.96 -62.28 63.29
N HIS L 188 10.99 -61.07 63.81
CA HIS L 188 10.29 -59.93 63.24
C HIS L 188 8.79 -60.24 63.24
N ALA L 189 8.27 -60.80 64.32
CA ALA L 189 6.82 -60.97 64.39
C ALA L 189 6.30 -60.65 65.78
N PRO L 190 5.21 -59.87 65.83
CA PRO L 190 4.63 -59.39 67.09
C PRO L 190 3.96 -60.51 67.88
N PHE L 191 3.99 -60.35 69.18
CA PHE L 191 3.31 -61.25 70.13
C PHE L 191 2.13 -60.51 70.76
N ILE L 192 0.95 -61.03 70.50
CA ILE L 192 -0.30 -60.42 70.99
C ILE L 192 -0.94 -61.34 72.02
N GLY L 193 -1.45 -60.71 73.06
CA GLY L 193 -2.17 -61.39 74.15
C GLY L 193 -3.13 -60.42 74.83
N ASN L 194 -3.57 -60.80 76.01
CA ASN L 194 -4.52 -59.97 76.79
C ASN L 194 -4.03 -59.70 78.22
N ALA L 195 -4.59 -58.68 78.82
CA ALA L 195 -4.36 -58.29 80.21
C ALA L 195 -5.54 -58.73 81.10
N ALA L 196 -5.19 -59.17 82.30
CA ALA L 196 -6.19 -59.59 83.28
C ALA L 196 -6.78 -58.37 84.03
N PRO L 197 -8.03 -58.43 84.53
CA PRO L 197 -8.67 -57.33 85.26
C PRO L 197 -7.88 -56.69 86.45
N GLU L 198 -7.23 -57.71 87.20
CA GLU L 198 -6.41 -57.40 88.37
C GLU L 198 -5.17 -56.59 88.06
N VAL L 199 -4.78 -56.52 86.76
CA VAL L 199 -3.67 -55.67 86.34
C VAL L 199 -3.90 -54.19 86.72
N PHE L 200 -5.18 -53.81 86.74
CA PHE L 200 -5.59 -52.43 87.08
C PHE L 200 -6.05 -52.33 88.55
N GLY L 201 -5.79 -53.41 89.30
CA GLY L 201 -6.14 -53.51 90.73
C GLY L 201 -7.66 -53.52 90.96
N GLU L 202 -8.37 -54.09 89.99
CA GLU L 202 -9.84 -54.25 90.10
C GLU L 202 -10.23 -55.72 89.97
N GLU L 203 -11.33 -56.07 90.60
CA GLU L 203 -11.82 -57.46 90.63
C GLU L 203 -12.17 -57.94 89.20
N SER L 204 -12.85 -57.11 88.42
CA SER L 204 -13.19 -57.42 87.01
C SER L 204 -13.11 -56.13 86.21
N PHE L 205 -13.21 -56.25 84.89
CA PHE L 205 -13.23 -55.08 84.00
C PHE L 205 -14.45 -54.16 84.19
N LEU L 206 -15.47 -54.67 84.91
CA LEU L 206 -16.70 -53.91 85.17
C LEU L 206 -16.48 -52.71 86.11
N LYS L 207 -15.29 -52.62 86.69
CA LYS L 207 -14.96 -51.46 87.54
C LYS L 207 -13.98 -50.47 86.89
N LEU L 208 -13.77 -50.60 85.58
CA LEU L 208 -12.95 -49.63 84.83
C LEU L 208 -13.47 -48.18 84.92
N PRO L 209 -14.81 -47.99 84.87
CA PRO L 209 -15.44 -46.67 85.06
C PRO L 209 -15.09 -46.01 86.40
N ASP L 210 -14.80 -46.81 87.41
CA ASP L 210 -14.46 -46.30 88.76
C ASP L 210 -13.01 -45.79 88.88
N LEU L 211 -12.15 -46.21 87.96
CA LEU L 211 -10.76 -45.77 87.97
C LEU L 211 -10.66 -44.31 87.52
N LYS L 212 -10.22 -43.49 88.47
CA LYS L 212 -10.11 -42.03 88.27
C LYS L 212 -8.94 -41.59 87.38
N ASP L 213 -7.83 -42.35 87.45
CA ASP L 213 -6.62 -42.00 86.70
C ASP L 213 -5.64 -43.19 86.63
N LEU L 214 -5.59 -43.79 85.45
CA LEU L 214 -4.67 -44.93 85.17
C LEU L 214 -3.20 -44.55 85.23
N LYS L 215 -2.89 -43.38 84.68
CA LYS L 215 -1.51 -42.85 84.65
C LYS L 215 -0.90 -42.79 86.07
N SER L 216 -1.70 -42.29 87.01
CA SER L 216 -1.26 -42.18 88.42
C SER L 216 -1.21 -43.55 89.10
N LEU L 217 -2.15 -44.42 88.71
CA LEU L 217 -2.22 -45.79 89.24
C LEU L 217 -0.92 -46.57 88.96
N PHE L 218 -0.36 -46.36 87.78
CA PHE L 218 0.87 -47.06 87.35
C PHE L 218 2.17 -46.47 87.91
N GLU L 219 2.03 -45.52 88.83
CA GLU L 219 3.20 -44.94 89.51
C GLU L 219 3.64 -45.76 90.71
N GLY L 220 2.69 -46.60 91.17
CA GLY L 220 3.00 -47.40 92.33
C GLY L 220 4.18 -48.36 92.07
N PRO L 221 4.88 -48.69 93.15
CA PRO L 221 6.03 -49.63 93.16
C PRO L 221 5.67 -51.01 92.58
N GLN L 222 4.42 -51.39 92.69
CA GLN L 222 3.85 -52.65 92.17
C GLN L 222 4.13 -52.85 90.67
N TYR L 223 4.25 -51.75 89.92
CA TYR L 223 4.46 -51.81 88.47
C TYR L 223 5.89 -51.44 88.05
N ALA L 224 6.84 -51.62 88.96
CA ALA L 224 8.26 -51.30 88.71
C ALA L 224 8.81 -52.04 87.49
N ARG L 225 8.54 -53.36 87.45
CA ARG L 225 9.03 -54.20 86.34
C ARG L 225 8.32 -53.89 85.01
N TRP L 226 7.02 -53.62 85.10
CA TRP L 226 6.22 -53.30 83.91
C TRP L 226 6.70 -51.99 83.26
N HIS L 227 7.07 -51.04 84.12
CA HIS L 227 7.59 -49.74 83.68
C HIS L 227 8.94 -49.89 82.96
N SER L 228 9.79 -50.78 83.46
CA SER L 228 11.09 -51.04 82.83
C SER L 228 10.91 -51.77 81.48
N PHE L 229 9.89 -52.63 81.44
CA PHE L 229 9.56 -53.42 80.24
C PHE L 229 9.16 -52.52 79.07
N ARG L 230 8.41 -51.47 79.38
CA ARG L 230 7.95 -50.49 78.39
C ARG L 230 9.09 -49.66 77.77
N GLU L 231 10.21 -49.63 78.47
CA GLU L 231 11.40 -48.89 78.02
C GLU L 231 12.38 -49.71 77.17
N SER L 232 12.22 -51.02 77.20
CA SER L 232 13.07 -51.90 76.38
C SER L 232 12.78 -51.70 74.88
N GLU L 233 13.83 -51.83 74.09
CA GLU L 233 13.75 -51.78 72.62
C GLU L 233 12.99 -52.97 72.01
N ASP L 234 12.83 -54.02 72.82
CA ASP L 234 12.07 -55.22 72.41
C ASP L 234 10.56 -55.09 72.60
N ALA L 235 10.17 -54.07 73.37
CA ALA L 235 8.75 -53.80 73.68
C ALA L 235 7.90 -53.53 72.42
N ARG L 236 8.56 -53.13 71.32
CA ARG L 236 7.85 -52.92 70.04
C ARG L 236 7.11 -54.16 69.51
N TYR L 237 7.53 -55.33 69.98
CA TYR L 237 6.95 -56.59 69.49
C TYR L 237 5.97 -57.24 70.49
N VAL L 238 5.54 -56.46 71.45
CA VAL L 238 4.49 -56.87 72.39
C VAL L 238 3.27 -55.96 72.24
N GLY L 239 2.13 -56.61 72.32
CA GLY L 239 0.82 -55.93 72.25
C GLY L 239 -0.21 -56.69 73.09
N LEU L 240 -0.72 -56.00 74.09
CA LEU L 240 -1.73 -56.55 75.00
C LEU L 240 -3.07 -55.83 74.83
N ALA L 241 -4.13 -56.60 74.87
CA ALA L 241 -5.50 -56.09 74.73
C ALA L 241 -6.18 -55.99 76.11
N LEU L 242 -7.21 -55.19 76.17
CA LEU L 242 -7.92 -54.92 77.46
C LEU L 242 -9.09 -55.89 77.66
N PRO L 243 -10.45 -55.34 77.51
CA PRO L 243 -11.50 -56.12 78.08
C PRO L 243 -11.79 -57.30 77.15
N ARG L 244 -12.30 -58.37 77.73
CA ARG L 244 -12.72 -59.54 76.95
C ARG L 244 -14.01 -59.22 76.17
N PHE L 245 -14.64 -60.26 75.65
CA PHE L 245 -15.92 -60.12 74.93
C PHE L 245 -16.64 -61.46 74.90
N LEU L 246 -17.96 -61.39 74.85
CA LEU L 246 -18.83 -62.58 74.82
C LEU L 246 -18.57 -63.48 73.62
N LEU L 247 -18.62 -64.77 73.87
CA LEU L 247 -18.51 -65.79 72.83
C LEU L 247 -19.85 -66.48 72.56
N ARG L 248 -20.62 -66.62 73.64
CA ARG L 248 -21.88 -67.36 73.59
C ARG L 248 -23.00 -66.62 74.31
N LEU L 249 -24.16 -66.62 73.66
CA LEU L 249 -25.41 -66.15 74.26
C LEU L 249 -25.96 -67.28 75.16
N PRO L 250 -26.31 -66.95 76.40
CA PRO L 250 -26.81 -67.90 77.41
C PRO L 250 -27.95 -68.72 76.83
N TYR L 251 -28.01 -70.01 77.22
CA TYR L 251 -29.04 -70.95 76.73
C TYR L 251 -30.46 -70.52 77.10
N GLY L 252 -31.36 -70.62 76.12
CA GLY L 252 -32.74 -70.15 76.29
C GLY L 252 -33.64 -70.86 75.30
N GLU L 253 -34.83 -71.20 75.78
CA GLU L 253 -35.86 -71.91 75.00
C GLU L 253 -36.15 -71.25 73.64
N LYS L 254 -35.98 -69.93 73.60
CA LYS L 254 -36.23 -69.13 72.38
C LYS L 254 -34.95 -68.73 71.66
N THR L 255 -34.07 -68.04 72.37
CA THR L 255 -32.84 -67.47 71.77
C THR L 255 -31.75 -68.51 71.44
N VAL L 256 -31.62 -69.51 72.30
CA VAL L 256 -30.60 -70.58 72.12
C VAL L 256 -31.05 -71.92 72.75
N PRO L 257 -31.98 -72.54 72.08
CA PRO L 257 -32.62 -73.79 72.53
C PRO L 257 -31.70 -74.99 72.37
N VAL L 258 -31.95 -75.97 73.20
CA VAL L 258 -31.29 -77.30 73.15
C VAL L 258 -32.36 -78.37 72.93
N LYS L 259 -31.91 -79.56 72.56
CA LYS L 259 -32.81 -80.69 72.27
C LYS L 259 -33.32 -81.34 73.56
N ALA L 260 -34.52 -81.90 73.49
CA ALA L 260 -35.18 -82.66 74.59
C ALA L 260 -35.34 -81.82 75.87
N PHE L 261 -34.28 -81.80 76.67
CA PHE L 261 -34.21 -81.08 77.94
C PHE L 261 -34.53 -79.59 77.74
N ASN L 262 -35.53 -79.14 78.49
CA ASN L 262 -35.93 -77.73 78.44
C ASN L 262 -35.03 -76.90 79.35
N PHE L 263 -33.83 -76.65 78.85
CA PHE L 263 -32.79 -75.93 79.60
C PHE L 263 -32.86 -74.41 79.36
N THR L 264 -32.92 -73.70 80.46
CA THR L 264 -32.84 -72.22 80.50
C THR L 264 -31.67 -71.80 81.39
N GLU L 265 -30.56 -71.47 80.78
CA GLU L 265 -29.37 -71.08 81.56
C GLU L 265 -29.68 -69.86 82.42
N ASP L 266 -29.24 -69.95 83.68
CA ASP L 266 -29.47 -68.87 84.65
C ASP L 266 -28.14 -68.21 85.05
N VAL L 267 -27.84 -67.12 84.38
CA VAL L 267 -26.68 -66.27 84.75
C VAL L 267 -27.03 -65.52 86.04
N VAL L 268 -26.25 -65.77 87.08
CA VAL L 268 -26.41 -65.10 88.40
C VAL L 268 -25.98 -63.61 88.30
N GLY L 269 -25.71 -63.05 89.52
CA GLY L 269 -25.14 -61.73 89.72
C GLY L 269 -23.70 -61.63 89.16
N HIS L 270 -22.97 -62.75 89.22
CA HIS L 270 -21.61 -62.83 88.68
C HIS L 270 -21.64 -62.96 87.16
N HIS L 271 -21.17 -61.93 86.49
CA HIS L 271 -21.03 -61.92 85.03
C HIS L 271 -19.98 -62.92 84.53
N GLU L 272 -19.18 -63.46 85.45
CA GLU L 272 -18.19 -64.50 85.12
C GLU L 272 -18.85 -65.81 84.66
N ARG L 273 -20.16 -65.89 84.91
CA ARG L 273 -21.01 -66.97 84.38
C ARG L 273 -21.09 -66.92 82.85
N TYR L 274 -21.01 -65.72 82.28
CA TYR L 274 -20.92 -65.55 80.82
C TYR L 274 -19.60 -66.13 80.28
N LEU L 275 -19.72 -66.75 79.12
CA LEU L 275 -18.55 -67.30 78.41
C LEU L 275 -17.76 -66.19 77.72
N TRP L 276 -16.90 -65.54 78.49
CA TRP L 276 -16.01 -64.50 77.97
C TRP L 276 -14.87 -65.11 77.15
N GLY L 277 -14.46 -64.38 76.13
CA GLY L 277 -13.41 -64.80 75.19
C GLY L 277 -12.25 -63.81 75.15
N HIS L 278 -11.09 -64.34 74.79
CA HIS L 278 -9.85 -63.55 74.70
C HIS L 278 -9.91 -62.61 73.49
N ALA L 279 -9.92 -61.32 73.75
CA ALA L 279 -9.97 -60.29 72.69
C ALA L 279 -8.84 -60.37 71.66
N SER L 280 -7.72 -60.99 72.06
CA SER L 280 -6.54 -61.15 71.17
C SER L 280 -6.90 -61.81 69.84
N VAL L 281 -7.89 -62.71 69.88
CA VAL L 281 -8.42 -63.37 68.69
C VAL L 281 -9.12 -62.39 67.72
N ALA L 282 -9.87 -61.46 68.31
CA ALA L 282 -10.60 -60.43 67.56
C ALA L 282 -9.59 -59.53 66.81
N LEU L 283 -8.52 -59.18 67.52
CA LEU L 283 -7.42 -58.41 66.93
C LEU L 283 -6.72 -59.23 65.82
N THR L 284 -6.61 -60.53 66.03
CA THR L 284 -5.99 -61.44 65.03
C THR L 284 -6.86 -61.48 63.79
N SER L 285 -8.15 -61.40 63.87
CA SER L 285 -9.02 -61.40 62.67
C SER L 285 -8.86 -60.11 61.85
N ARG L 286 -8.51 -59.03 62.59
CA ARG L 286 -8.24 -57.72 61.96
C ARG L 286 -7.01 -57.79 61.05
N VAL L 287 -5.98 -58.45 61.55
CA VAL L 287 -4.73 -58.67 60.81
C VAL L 287 -5.00 -59.51 59.53
N ALA L 288 -5.86 -60.53 59.71
CA ALA L 288 -6.19 -61.47 58.63
C ALA L 288 -6.94 -60.78 57.49
N ASP L 289 -7.91 -59.94 57.85
CA ASP L 289 -8.72 -59.23 56.84
C ASP L 289 -7.90 -58.26 55.99
N SER L 290 -7.05 -57.50 56.67
CA SER L 290 -6.15 -56.54 56.00
C SER L 290 -5.24 -57.25 55.00
N PHE L 291 -4.71 -58.40 55.42
CA PHE L 291 -3.84 -59.23 54.58
C PHE L 291 -4.63 -59.89 53.42
N ALA L 292 -5.83 -60.38 53.72
CA ALA L 292 -6.68 -61.04 52.73
C ALA L 292 -7.01 -60.11 51.56
N LYS L 293 -7.19 -58.82 51.88
CA LYS L 293 -7.52 -57.80 50.87
C LYS L 293 -6.30 -57.23 50.15
N PHE L 294 -5.22 -57.01 50.89
CA PHE L 294 -4.06 -56.24 50.38
C PHE L 294 -2.72 -56.95 50.42
N ARG L 295 -2.62 -58.00 51.21
CA ARG L 295 -1.36 -58.73 51.49
C ARG L 295 -0.43 -57.90 52.37
N TRP L 296 -1.02 -56.93 53.06
CA TRP L 296 -0.35 -56.08 54.06
C TRP L 296 -1.28 -55.94 55.27
N SER L 297 -0.69 -55.74 56.44
CA SER L 297 -1.48 -55.57 57.68
C SER L 297 -1.30 -54.20 58.38
N PRO L 298 -1.73 -53.11 57.73
CA PRO L 298 -1.81 -51.80 58.41
C PRO L 298 -3.26 -51.36 58.70
N ASN L 299 -4.24 -51.95 58.01
CA ASN L 299 -5.65 -51.51 58.11
C ASN L 299 -6.39 -52.26 59.21
N ILE L 300 -6.10 -51.86 60.45
CA ILE L 300 -6.61 -52.58 61.63
C ILE L 300 -6.99 -51.64 62.79
N ILE L 301 -7.15 -50.35 62.52
CA ILE L 301 -7.31 -49.34 63.58
C ILE L 301 -8.43 -48.31 63.36
N GLY L 302 -9.61 -48.81 62.98
CA GLY L 302 -10.69 -47.87 62.66
C GLY L 302 -12.04 -48.52 62.41
N PRO L 303 -13.10 -47.80 62.77
CA PRO L 303 -14.49 -48.21 62.52
C PRO L 303 -14.74 -48.44 61.02
N GLN L 304 -14.05 -47.64 60.20
CA GLN L 304 -14.17 -47.74 58.73
C GLN L 304 -12.90 -48.29 58.06
N SER L 305 -11.76 -48.11 58.72
CA SER L 305 -10.46 -48.52 58.16
C SER L 305 -10.30 -50.06 58.09
N GLY L 306 -10.91 -50.73 59.09
CA GLY L 306 -10.92 -52.20 59.14
C GLY L 306 -10.48 -52.77 60.50
N GLY L 307 -10.60 -51.90 61.52
CA GLY L 307 -10.39 -52.31 62.93
C GLY L 307 -11.73 -52.51 63.65
N ALA L 308 -12.81 -52.54 62.87
CA ALA L 308 -14.17 -52.78 63.37
C ALA L 308 -14.44 -54.28 63.49
N VAL L 309 -14.98 -54.64 64.63
CA VAL L 309 -15.39 -56.02 64.95
C VAL L 309 -16.92 -56.04 64.87
N GLU L 310 -17.41 -56.74 63.87
CA GLU L 310 -18.87 -56.78 63.60
C GLU L 310 -19.46 -58.11 64.04
N ASN L 311 -20.74 -58.04 64.38
CA ASN L 311 -21.57 -59.22 64.73
C ASN L 311 -21.20 -59.81 66.10
N LEU L 312 -21.35 -58.98 67.11
CA LEU L 312 -21.15 -59.42 68.50
C LEU L 312 -22.44 -60.00 69.09
N PRO L 313 -22.31 -61.01 69.94
CA PRO L 313 -23.44 -61.62 70.68
C PRO L 313 -24.15 -60.54 71.52
N LEU L 314 -25.46 -60.66 71.58
CA LEU L 314 -26.30 -59.74 72.37
C LEU L 314 -27.13 -60.58 73.36
N HIS L 315 -27.54 -59.96 74.47
CA HIS L 315 -28.37 -60.64 75.48
C HIS L 315 -29.28 -59.68 76.24
N GLN L 316 -30.50 -59.51 75.75
CA GLN L 316 -31.51 -58.68 76.43
C GLN L 316 -32.10 -59.43 77.63
N TYR L 317 -32.15 -58.76 78.75
CA TYR L 317 -32.70 -59.31 80.00
C TYR L 317 -33.31 -58.19 80.84
N GLU L 318 -34.14 -58.57 81.79
CA GLU L 318 -34.85 -57.59 82.63
C GLU L 318 -33.86 -56.80 83.49
N ALA L 319 -34.14 -55.53 83.56
CA ALA L 319 -33.36 -54.62 84.42
C ALA L 319 -34.20 -54.26 85.66
N MET L 320 -34.39 -52.98 85.95
CA MET L 320 -35.21 -52.50 87.07
C MET L 320 -36.68 -52.31 86.68
N GLY L 321 -37.19 -53.31 85.93
CA GLY L 321 -38.55 -53.24 85.34
C GLY L 321 -38.52 -52.97 83.84
N GLU L 322 -37.36 -52.59 83.34
CA GLU L 322 -37.10 -52.31 81.92
C GLU L 322 -36.29 -53.49 81.34
N ILE L 323 -35.78 -53.28 80.15
CA ILE L 323 -34.92 -54.26 79.48
C ILE L 323 -33.60 -53.61 79.09
N GLN L 324 -32.55 -54.40 79.16
CA GLN L 324 -31.20 -53.99 78.74
C GLN L 324 -30.44 -55.21 78.23
N THR L 325 -29.45 -54.96 77.41
CA THR L 325 -28.58 -56.02 76.87
C THR L 325 -27.25 -56.01 77.59
N LYS L 326 -26.78 -57.20 77.91
CA LYS L 326 -25.42 -57.37 78.42
C LYS L 326 -24.44 -56.90 77.34
N ILE L 327 -23.64 -55.91 77.70
CA ILE L 327 -22.63 -55.35 76.80
C ILE L 327 -21.67 -56.48 76.38
N PRO L 328 -21.44 -56.60 75.07
CA PRO L 328 -20.53 -57.59 74.48
C PRO L 328 -19.14 -57.57 75.10
N THR L 329 -18.71 -56.38 75.48
CA THR L 329 -17.49 -56.20 76.30
C THR L 329 -17.96 -55.88 77.72
N GLU L 330 -17.19 -56.21 78.71
CA GLU L 330 -17.54 -56.04 80.14
C GLU L 330 -18.09 -54.62 80.40
N VAL L 331 -17.45 -53.64 79.77
CA VAL L 331 -17.85 -52.23 79.92
C VAL L 331 -18.05 -51.50 78.58
N MET L 332 -18.69 -50.35 78.70
CA MET L 332 -18.85 -49.40 77.59
C MET L 332 -17.81 -48.30 77.76
N LEU L 333 -16.66 -48.55 77.15
CA LEU L 333 -15.53 -47.64 77.26
C LEU L 333 -15.83 -46.27 76.56
N THR L 334 -15.63 -45.19 77.35
CA THR L 334 -15.70 -43.80 76.89
C THR L 334 -14.45 -43.42 76.08
N GLU L 335 -14.57 -42.36 75.29
CA GLU L 335 -13.43 -41.90 74.46
C GLU L 335 -12.22 -41.51 75.33
N ARG L 336 -12.50 -40.88 76.47
CA ARG L 336 -11.45 -40.43 77.40
C ARG L 336 -10.73 -41.62 78.03
N ARG L 337 -11.52 -42.62 78.41
CA ARG L 337 -10.93 -43.81 79.04
C ARG L 337 -10.12 -44.67 78.04
N GLU L 338 -10.60 -44.73 76.80
CA GLU L 338 -9.89 -45.41 75.71
C GLU L 338 -8.54 -44.74 75.48
N PHE L 339 -8.57 -43.41 75.44
CA PHE L 339 -7.37 -42.61 75.20
C PHE L 339 -6.33 -42.81 76.32
N GLU L 340 -6.84 -42.93 77.55
CA GLU L 340 -6.00 -43.19 78.72
C GLU L 340 -5.29 -44.53 78.60
N LEU L 341 -6.05 -45.54 78.21
CA LEU L 341 -5.52 -46.89 77.96
C LEU L 341 -4.49 -46.94 76.82
N SER L 342 -4.76 -46.11 75.81
CA SER L 342 -3.84 -45.98 74.65
C SER L 342 -2.50 -45.38 75.07
N GLU L 343 -2.58 -44.42 75.99
CA GLU L 343 -1.39 -43.77 76.58
C GLU L 343 -0.53 -44.74 77.40
N GLU L 344 -1.21 -45.73 77.98
CA GLU L 344 -0.56 -46.77 78.79
C GLU L 344 -0.25 -48.06 78.00
N GLY L 345 -0.30 -47.91 76.67
CA GLY L 345 0.10 -48.97 75.72
C GLY L 345 -0.79 -50.21 75.75
N PHE L 346 -2.08 -50.00 75.99
CA PHE L 346 -3.08 -51.09 75.91
C PHE L 346 -3.91 -50.94 74.63
N ILE L 347 -4.36 -52.07 74.13
CA ILE L 347 -5.22 -52.14 72.93
C ILE L 347 -6.65 -52.43 73.41
N GLY L 348 -7.39 -51.34 73.60
CA GLY L 348 -8.77 -51.42 74.12
C GLY L 348 -9.79 -51.55 72.98
N LEU L 349 -10.48 -52.68 72.99
CA LEU L 349 -11.62 -52.92 72.09
C LEU L 349 -12.85 -52.22 72.67
N VAL L 350 -13.17 -51.08 72.12
CA VAL L 350 -14.34 -50.29 72.60
C VAL L 350 -15.63 -50.81 71.95
N PHE L 351 -16.70 -50.71 72.72
CA PHE L 351 -18.04 -51.10 72.25
C PHE L 351 -18.81 -49.88 71.74
N ARG L 352 -19.37 -50.04 70.56
CA ARG L 352 -20.24 -49.01 69.95
C ARG L 352 -21.61 -49.08 70.64
N LYS L 353 -21.91 -48.04 71.40
CA LYS L 353 -23.12 -47.99 72.23
C LYS L 353 -24.37 -48.30 71.41
N ASP L 354 -25.19 -49.19 71.97
CA ASP L 354 -26.50 -49.57 71.40
C ASP L 354 -26.41 -50.40 70.10
N SER L 355 -25.26 -51.02 69.85
CA SER L 355 -25.11 -51.87 68.66
C SER L 355 -24.51 -53.22 69.03
N ASP L 356 -24.05 -53.97 68.05
CA ASP L 356 -23.30 -55.23 68.23
C ASP L 356 -21.92 -55.11 67.56
N ASN L 357 -21.43 -53.87 67.48
CA ASN L 357 -20.14 -53.57 66.85
C ASN L 357 -19.18 -52.95 67.86
N ALA L 358 -17.94 -53.37 67.76
CA ALA L 358 -16.82 -52.83 68.54
C ALA L 358 -15.70 -52.41 67.59
N ALA L 359 -14.80 -51.55 68.05
CA ALA L 359 -13.67 -51.09 67.21
C ALA L 359 -12.36 -50.92 68.00
N PHE L 360 -11.27 -51.15 67.30
CA PHE L 360 -9.91 -50.88 67.79
C PHE L 360 -9.46 -49.53 67.22
N PHE L 361 -9.59 -48.50 68.04
CA PHE L 361 -9.18 -47.13 67.63
C PHE L 361 -7.69 -46.98 67.34
N SER L 362 -6.87 -47.79 68.00
CA SER L 362 -5.41 -47.81 67.76
C SER L 362 -4.78 -49.09 68.32
N ALA L 363 -3.61 -49.40 67.76
CA ALA L 363 -2.84 -50.60 68.14
C ALA L 363 -1.41 -50.20 68.54
N ASN L 364 -1.31 -49.39 69.58
CA ASN L 364 0.00 -49.04 70.15
C ASN L 364 0.62 -50.27 70.81
N SER L 365 1.91 -50.42 70.67
CA SER L 365 2.62 -51.54 71.33
C SER L 365 2.83 -51.17 72.81
N THR L 366 3.45 -52.08 73.53
CA THR L 366 3.79 -51.82 74.95
C THR L 366 4.80 -50.67 75.09
N GLN L 367 5.70 -50.54 74.11
CA GLN L 367 6.80 -49.56 74.19
C GLN L 367 6.26 -48.14 74.41
N LYS L 368 6.93 -47.48 75.35
CA LYS L 368 6.65 -46.08 75.71
C LYS L 368 7.53 -45.17 74.82
N PRO L 369 6.89 -44.17 74.17
CA PRO L 369 7.61 -43.19 73.33
C PRO L 369 8.64 -42.40 74.16
N ARG L 370 9.75 -42.07 73.51
CA ARG L 370 10.81 -41.24 74.10
C ARG L 370 10.60 -39.78 73.74
N PHE L 371 10.95 -38.90 74.67
CA PHE L 371 10.88 -37.45 74.44
C PHE L 371 12.28 -36.91 74.11
N PHE L 372 12.31 -36.02 73.14
CA PHE L 372 13.55 -35.37 72.68
C PHE L 372 13.41 -33.85 72.79
N GLY L 373 14.57 -33.18 72.72
CA GLY L 373 14.64 -31.70 72.76
C GLY L 373 13.75 -31.11 71.66
N ASN L 374 13.08 -30.03 71.99
CA ASN L 374 12.14 -29.35 71.07
C ASN L 374 12.87 -28.51 70.01
N THR L 375 13.56 -29.22 69.14
CA THR L 375 14.29 -28.61 68.02
C THR L 375 13.87 -29.31 66.72
N PRO L 376 14.27 -28.82 65.56
CA PRO L 376 13.91 -29.44 64.26
C PRO L 376 14.35 -30.91 64.20
N GLU L 377 15.58 -31.16 64.64
CA GLU L 377 16.16 -32.51 64.69
C GLU L 377 15.52 -33.38 65.79
N GLY L 378 15.27 -32.73 66.95
CA GLY L 378 14.70 -33.41 68.13
C GLY L 378 13.27 -33.91 67.88
N LYS L 379 12.50 -33.10 67.16
CA LYS L 379 11.10 -33.43 66.83
C LYS L 379 11.02 -34.50 65.74
N ALA L 380 12.02 -34.48 64.84
CA ALA L 380 12.18 -35.52 63.82
C ALA L 380 12.50 -36.88 64.46
N ALA L 381 13.30 -36.83 65.53
CA ALA L 381 13.67 -38.02 66.31
C ALA L 381 12.44 -38.63 67.00
N GLU L 382 11.60 -37.75 67.53
CA GLU L 382 10.36 -38.14 68.18
C GLU L 382 9.37 -38.77 67.17
N THR L 383 9.25 -38.16 66.00
CA THR L 383 8.39 -38.66 64.90
C THR L 383 8.81 -40.10 64.53
N ASN L 384 10.11 -40.27 64.34
CA ASN L 384 10.67 -41.58 63.93
C ASN L 384 10.48 -42.66 64.99
N TYR L 385 10.67 -42.26 66.24
CA TYR L 385 10.56 -43.21 67.37
C TYR L 385 9.11 -43.64 67.61
N ARG L 386 8.19 -42.69 67.45
CA ARG L 386 6.75 -42.94 67.61
C ARG L 386 6.20 -43.89 66.55
N LEU L 387 6.72 -43.77 65.32
CA LEU L 387 6.34 -44.70 64.24
C LEU L 387 6.69 -46.15 64.59
N GLY L 388 7.85 -46.27 65.25
CA GLY L 388 8.36 -47.56 65.75
C GLY L 388 7.46 -48.17 66.85
N THR L 389 6.86 -47.31 67.65
CA THR L 389 6.04 -47.73 68.80
C THR L 389 4.65 -48.27 68.42
N GLN L 390 4.25 -48.03 67.17
CA GLN L 390 2.90 -48.42 66.73
C GLN L 390 2.95 -49.61 65.78
N LEU L 391 2.13 -50.59 66.12
CA LEU L 391 1.98 -51.85 65.36
C LEU L 391 1.56 -51.70 63.89
N PRO L 392 0.63 -50.77 63.56
CA PRO L 392 0.21 -50.53 62.17
C PRO L 392 1.38 -50.24 61.20
N TYR L 393 2.50 -49.75 61.74
CA TYR L 393 3.69 -49.43 60.94
C TYR L 393 4.76 -50.52 61.04
N MET L 394 4.86 -51.14 62.22
CA MET L 394 5.78 -52.26 62.46
C MET L 394 5.41 -53.47 61.58
N PHE L 395 4.16 -53.62 61.26
CA PHE L 395 3.70 -54.74 60.41
C PHE L 395 4.26 -54.60 58.99
N ILE L 396 4.42 -53.35 58.58
CA ILE L 396 5.03 -53.03 57.27
C ILE L 396 6.50 -53.48 57.28
N MET L 397 7.22 -53.07 58.31
CA MET L 397 8.65 -53.43 58.40
C MET L 397 8.85 -54.95 58.55
N THR L 398 7.93 -55.60 59.24
CA THR L 398 7.98 -57.05 59.47
C THR L 398 7.89 -57.81 58.13
N ARG L 399 6.95 -57.40 57.29
CA ARG L 399 6.76 -58.03 55.98
C ARG L 399 7.94 -57.75 55.04
N LEU L 400 8.48 -56.53 55.16
CA LEU L 400 9.68 -56.14 54.41
C LEU L 400 10.89 -56.99 54.79
N ALA L 401 11.02 -57.23 56.08
CA ALA L 401 12.08 -58.09 56.64
C ALA L 401 11.96 -59.53 56.14
N HIS L 402 10.72 -60.00 56.04
CA HIS L 402 10.46 -61.36 55.54
C HIS L 402 10.76 -61.53 54.06
N TYR L 403 10.44 -60.50 53.29
CA TYR L 403 10.69 -60.49 51.83
C TYR L 403 12.18 -60.42 51.51
N ILE L 404 12.90 -59.62 52.29
CA ILE L 404 14.35 -59.42 52.11
C ILE L 404 15.11 -60.72 52.40
N LYS L 405 14.74 -61.38 53.50
CA LYS L 405 15.39 -62.63 53.93
C LYS L 405 15.27 -63.71 52.85
N VAL L 406 14.04 -63.89 52.37
CA VAL L 406 13.73 -64.89 51.34
C VAL L 406 14.43 -64.57 50.01
N LEU L 407 14.05 -63.42 49.45
CA LEU L 407 14.51 -63.02 48.11
C LEU L 407 16.02 -62.86 47.98
N GLN L 408 16.66 -62.45 49.07
CA GLN L 408 18.12 -62.27 49.10
C GLN L 408 18.90 -63.57 49.11
N ARG L 409 18.34 -64.60 49.76
CA ARG L 409 18.97 -65.93 49.77
C ARG L 409 19.06 -66.55 48.37
N GLU L 410 18.06 -66.21 47.55
CA GLU L 410 18.03 -66.61 46.13
C GLU L 410 19.15 -65.99 45.31
N GLN L 411 19.58 -64.82 45.75
CA GLN L 411 20.61 -64.02 45.05
C GLN L 411 22.04 -64.38 45.45
N ILE L 412 22.21 -65.07 46.58
CA ILE L 412 23.56 -65.48 47.04
C ILE L 412 24.26 -66.30 45.94
N GLY L 413 25.50 -65.88 45.66
CA GLY L 413 26.32 -66.56 44.64
C GLY L 413 26.37 -65.78 43.32
N SER L 414 25.43 -64.87 43.12
CA SER L 414 25.37 -64.02 41.92
C SER L 414 26.51 -62.98 41.91
N TRP L 415 26.89 -62.57 40.71
CA TRP L 415 27.94 -61.55 40.50
C TRP L 415 27.41 -60.16 40.85
N LYS L 416 27.46 -59.81 42.12
CA LYS L 416 26.97 -58.49 42.57
C LYS L 416 28.08 -57.64 43.14
N GLU L 417 28.28 -56.50 42.51
CA GLU L 417 29.15 -55.42 43.02
C GLU L 417 28.29 -54.49 43.87
N LYS L 418 28.91 -53.58 44.61
CA LYS L 418 28.19 -52.67 45.54
C LYS L 418 26.99 -51.95 44.90
N SER L 419 27.27 -51.28 43.78
CA SER L 419 26.25 -50.51 43.03
C SER L 419 25.20 -51.39 42.36
N ASP L 420 25.52 -52.67 42.18
CA ASP L 420 24.55 -53.65 41.66
C ASP L 420 23.40 -53.88 42.65
N LEU L 421 23.75 -53.93 43.94
CA LEU L 421 22.76 -54.05 45.01
C LEU L 421 21.89 -52.81 45.15
N GLU L 422 22.51 -51.64 45.00
CA GLU L 422 21.75 -50.37 45.09
C GLU L 422 20.74 -50.26 43.94
N ARG L 423 21.16 -50.68 42.75
CA ARG L 423 20.29 -50.63 41.56
C ARG L 423 19.10 -51.58 41.70
N GLU L 424 19.39 -52.82 42.05
CA GLU L 424 18.35 -53.87 42.15
C GLU L 424 17.43 -53.66 43.35
N LEU L 425 18.01 -53.34 44.50
CA LEU L 425 17.25 -53.05 45.73
C LEU L 425 16.30 -51.86 45.57
N ASN L 426 16.75 -50.86 44.81
CA ASN L 426 15.91 -49.69 44.50
C ASN L 426 14.72 -50.05 43.63
N HIS L 427 14.99 -50.85 42.59
CA HIS L 427 13.95 -51.30 41.66
C HIS L 427 12.92 -52.19 42.38
N TRP L 428 13.41 -52.95 43.36
CA TRP L 428 12.56 -53.86 44.15
C TRP L 428 11.61 -53.08 45.07
N LEU L 429 12.17 -52.16 45.84
CA LEU L 429 11.38 -51.47 46.86
C LEU L 429 10.28 -50.61 46.22
N SER L 430 10.56 -50.07 45.04
CA SER L 430 9.59 -49.28 44.27
C SER L 430 8.26 -50.02 44.06
N GLN L 431 8.34 -51.35 44.10
CA GLN L 431 7.15 -52.22 43.95
C GLN L 431 6.03 -51.89 44.96
N TYR L 432 6.42 -51.44 46.15
CA TYR L 432 5.45 -51.14 47.22
C TYR L 432 5.34 -49.64 47.54
N ILE L 433 5.70 -48.81 46.59
CA ILE L 433 5.67 -47.35 46.78
C ILE L 433 4.55 -46.73 45.95
N SER L 434 3.82 -45.84 46.59
CA SER L 434 2.77 -45.04 45.95
C SER L 434 3.07 -43.57 46.21
N ASP L 435 3.86 -43.00 45.34
CA ASP L 435 4.39 -41.61 45.49
C ASP L 435 3.64 -40.63 44.57
N MET L 436 2.35 -40.83 44.45
CA MET L 436 1.52 -39.94 43.63
C MET L 436 1.02 -38.77 44.47
N ASP L 437 0.57 -37.73 43.77
CA ASP L 437 0.03 -36.50 44.42
C ASP L 437 -1.09 -36.82 45.43
N ASP L 438 -1.94 -37.77 45.06
CA ASP L 438 -3.12 -38.16 45.84
C ASP L 438 -3.64 -39.53 45.38
N PRO L 439 -3.06 -40.58 45.88
CA PRO L 439 -3.50 -41.97 45.63
C PRO L 439 -4.87 -42.16 46.24
N ALA L 440 -5.66 -43.01 45.56
CA ALA L 440 -7.00 -43.28 46.08
C ALA L 440 -6.92 -43.74 47.55
N PRO L 441 -7.73 -43.13 48.40
CA PRO L 441 -7.72 -43.38 49.85
C PRO L 441 -7.99 -44.86 50.11
N ALA L 442 -7.20 -45.43 51.02
CA ALA L 442 -7.26 -46.88 51.32
C ALA L 442 -6.86 -47.74 50.11
N VAL L 443 -6.00 -47.19 49.26
CA VAL L 443 -5.47 -47.86 48.06
C VAL L 443 -3.94 -47.87 48.12
N ARG L 444 -3.43 -46.72 48.58
CA ARG L 444 -2.34 -46.61 49.56
C ARG L 444 -2.18 -47.85 50.46
N SER L 445 -3.30 -48.54 50.68
CA SER L 445 -3.33 -49.79 51.42
C SER L 445 -2.44 -50.90 50.83
N ARG L 446 -2.61 -51.22 49.55
CA ARG L 446 -1.76 -52.23 48.89
C ARG L 446 -0.30 -51.76 48.71
N ARG L 447 -0.12 -50.44 48.63
CA ARG L 447 1.22 -49.82 48.56
C ARG L 447 1.42 -48.88 49.76
N PRO L 448 1.81 -49.48 50.89
CA PRO L 448 1.90 -48.80 52.20
C PRO L 448 2.94 -47.67 52.26
N LEU L 449 3.97 -47.76 51.43
CA LEU L 449 5.09 -46.80 51.44
C LEU L 449 4.86 -45.62 50.50
N ARG L 450 5.37 -44.48 50.92
CA ARG L 450 5.32 -43.24 50.13
C ARG L 450 6.70 -42.93 49.53
N ALA L 451 7.73 -43.08 50.35
CA ALA L 451 9.12 -42.90 49.94
C ALA L 451 10.00 -43.95 50.60
N ALA L 452 11.17 -44.15 50.01
CA ALA L 452 12.19 -45.03 50.57
C ALA L 452 13.57 -44.78 49.98
N ARG L 453 14.54 -44.99 50.84
CA ARG L 453 15.95 -44.74 50.51
C ARG L 453 16.81 -45.95 50.88
N VAL L 454 17.69 -46.29 49.96
CA VAL L 454 18.64 -47.41 50.14
C VAL L 454 20.07 -46.92 49.86
N VAL L 455 20.94 -47.26 50.80
CA VAL L 455 22.40 -47.08 50.64
C VAL L 455 23.10 -48.42 50.90
N VAL L 456 24.11 -48.70 50.10
CA VAL L 456 24.89 -49.93 50.24
C VAL L 456 26.37 -49.57 50.32
N GLU L 457 27.03 -50.10 51.32
CA GLU L 457 28.49 -49.95 51.47
C GLU L 457 29.14 -51.33 51.51
N ASP L 458 30.46 -51.33 51.53
CA ASP L 458 31.23 -52.58 51.55
C ASP L 458 31.75 -52.87 52.94
N VAL L 459 31.67 -54.13 53.31
CA VAL L 459 32.31 -54.63 54.54
C VAL L 459 33.81 -54.75 54.25
N GLU L 460 34.56 -53.74 54.67
CA GLU L 460 36.00 -53.67 54.37
C GLU L 460 36.74 -54.88 54.95
N GLY L 461 37.61 -55.43 54.10
CA GLY L 461 38.39 -56.64 54.41
C GLY L 461 37.55 -57.92 54.41
N GLN L 462 36.40 -57.85 53.73
CA GLN L 462 35.52 -59.01 53.52
C GLN L 462 34.79 -58.87 52.17
N PRO L 463 35.47 -59.27 51.10
CA PRO L 463 34.97 -59.14 49.72
C PRO L 463 33.75 -60.04 49.51
N GLY L 464 32.70 -59.44 48.96
CA GLY L 464 31.44 -60.17 48.71
C GLY L 464 30.35 -59.84 49.73
N TRP L 465 30.74 -59.21 50.83
CA TRP L 465 29.82 -58.82 51.90
C TRP L 465 29.56 -57.31 51.87
N TYR L 466 28.32 -56.97 52.14
CA TYR L 466 27.84 -55.58 52.06
C TYR L 466 27.04 -55.18 53.30
N ARG L 467 27.02 -53.89 53.54
CA ARG L 467 26.22 -53.27 54.62
C ARG L 467 25.14 -52.37 53.99
N CYS L 468 23.91 -52.79 54.18
CA CYS L 468 22.77 -52.10 53.53
C CYS L 468 21.90 -51.39 54.57
N SER L 469 21.50 -50.18 54.21
CA SER L 469 20.57 -49.37 55.01
C SER L 469 19.31 -49.05 54.22
N LEU L 470 18.21 -49.44 54.81
CA LEU L 470 16.87 -49.22 54.24
C LEU L 470 15.99 -48.40 55.17
N GLN L 471 15.62 -47.22 54.70
CA GLN L 471 14.76 -46.29 55.44
C GLN L 471 13.51 -45.98 54.60
N VAL L 472 12.36 -46.03 55.24
CA VAL L 472 11.06 -45.88 54.56
C VAL L 472 10.15 -44.85 55.25
N ARG L 473 9.34 -44.20 54.44
CA ARG L 473 8.35 -43.21 54.89
C ARG L 473 6.96 -43.73 54.50
N PRO L 474 6.28 -44.38 55.43
CA PRO L 474 4.93 -44.95 55.23
C PRO L 474 3.88 -43.82 55.16
N HIS L 475 2.75 -44.10 54.52
CA HIS L 475 1.60 -43.18 54.58
C HIS L 475 1.08 -43.12 56.02
N PHE L 476 0.61 -41.96 56.41
CA PHE L 476 0.16 -41.74 57.81
C PHE L 476 -1.31 -42.04 58.04
N LYS L 477 -1.55 -42.70 59.15
CA LYS L 477 -2.91 -42.96 59.64
C LYS L 477 -3.43 -41.72 60.37
N TYR L 478 -4.70 -41.42 60.15
CA TYR L 478 -5.41 -40.35 60.85
C TYR L 478 -5.77 -40.83 62.27
N MET L 479 -5.13 -40.25 63.27
CA MET L 479 -5.25 -40.75 64.65
C MET L 479 -5.56 -39.69 65.71
N GLY L 480 -6.24 -38.62 65.29
CA GLY L 480 -6.63 -37.54 66.22
C GLY L 480 -6.32 -36.15 65.66
N ALA L 481 -7.01 -35.18 66.22
CA ALA L 481 -6.97 -33.78 65.77
C ALA L 481 -7.68 -32.86 66.77
N SER L 482 -7.21 -31.63 66.83
CA SER L 482 -7.81 -30.58 67.66
C SER L 482 -8.47 -29.53 66.76
N PHE L 483 -9.66 -29.11 67.14
CA PHE L 483 -10.45 -28.14 66.37
C PHE L 483 -10.69 -26.86 67.17
N THR L 484 -10.54 -25.75 66.47
CA THR L 484 -10.81 -24.41 67.00
C THR L 484 -11.95 -23.76 66.20
N LEU L 485 -13.09 -23.65 66.84
CA LEU L 485 -14.26 -23.04 66.20
C LEU L 485 -14.32 -21.54 66.52
N SER L 486 -14.78 -20.77 65.55
CA SER L 486 -14.85 -19.31 65.71
C SER L 486 -15.85 -18.68 64.74
N LEU L 487 -16.77 -17.94 65.33
CA LEU L 487 -17.65 -17.03 64.58
C LEU L 487 -16.84 -15.81 64.16
N VAL L 488 -17.16 -15.26 63.01
CA VAL L 488 -16.39 -14.15 62.42
C VAL L 488 -17.24 -13.36 61.43
N GLY L 489 -17.08 -12.05 61.49
CA GLY L 489 -17.66 -11.13 60.50
C GLY L 489 -16.56 -10.72 59.54
N LYS L 490 -16.91 -10.36 58.34
CA LYS L 490 -15.99 -9.89 57.25
C LYS L 490 -14.95 -10.96 56.85
N LEU L 491 -15.29 -12.22 57.07
CA LEU L 491 -14.44 -13.34 56.63
C LEU L 491 -14.36 -13.31 55.10
N ASP L 492 -13.19 -13.60 54.56
CA ASP L 492 -13.06 -13.74 53.10
C ASP L 492 -13.99 -14.86 52.64
N LYS L 493 -14.77 -14.57 51.61
CA LYS L 493 -15.83 -15.49 51.13
C LYS L 493 -15.26 -16.83 50.58
N LEU M 30 -29.95 41.77 59.14
CA LEU M 30 -29.66 42.97 59.94
C LEU M 30 -30.49 44.15 59.46
N PRO M 31 -31.32 44.70 60.37
CA PRO M 31 -32.10 45.92 60.10
C PRO M 31 -31.16 47.07 59.74
N LEU M 32 -31.75 48.09 59.12
CA LEU M 32 -31.04 49.35 58.86
C LEU M 32 -31.53 50.38 59.89
N LYS M 33 -30.73 50.56 60.92
CA LYS M 33 -31.11 51.50 62.00
C LYS M 33 -30.26 52.77 61.88
N VAL M 34 -30.99 53.88 61.90
CA VAL M 34 -30.39 55.23 61.87
C VAL M 34 -30.59 55.89 63.24
N LEU M 35 -29.65 56.75 63.56
CA LEU M 35 -29.69 57.54 64.80
C LEU M 35 -29.76 59.03 64.45
N MET M 36 -30.90 59.62 64.75
CA MET M 36 -31.13 61.06 64.54
C MET M 36 -30.79 61.83 65.82
N LEU M 37 -29.71 62.55 65.75
CA LEU M 37 -29.22 63.33 66.89
C LEU M 37 -29.41 64.82 66.57
N GLY M 38 -30.01 65.53 67.53
CA GLY M 38 -30.35 66.95 67.34
C GLY M 38 -31.05 67.53 68.57
N ASP M 39 -31.21 68.84 68.51
CA ASP M 39 -31.85 69.62 69.58
C ASP M 39 -33.37 69.66 69.39
N PHE M 40 -34.01 68.59 69.87
CA PHE M 40 -35.47 68.43 69.77
C PHE M 40 -36.29 69.19 70.83
N THR M 41 -35.60 69.72 71.82
CA THR M 41 -36.23 70.48 72.91
C THR M 41 -35.74 71.93 72.91
N GLY M 42 -36.48 72.77 73.63
CA GLY M 42 -36.16 74.21 73.78
C GLY M 42 -34.98 74.50 74.72
N GLN M 43 -34.46 73.45 75.37
CA GLN M 43 -33.39 73.59 76.37
C GLN M 43 -32.52 72.31 76.44
N GLU M 44 -31.28 72.52 76.89
CA GLU M 44 -30.37 71.41 77.20
C GLU M 44 -30.85 70.65 78.44
N ASP M 45 -30.53 69.36 78.50
CA ASP M 45 -30.86 68.53 79.67
C ASP M 45 -29.67 68.52 80.65
N ALA M 46 -30.01 68.46 81.93
CA ALA M 46 -29.06 68.26 83.04
C ALA M 46 -28.43 66.85 83.02
N ARG M 47 -29.22 65.88 82.57
CA ARG M 47 -28.76 64.48 82.48
C ARG M 47 -27.57 64.35 81.51
N PRO M 48 -26.52 63.65 81.95
CA PRO M 48 -25.33 63.36 81.12
C PRO M 48 -25.75 62.63 79.84
N LEU M 49 -24.97 62.86 78.78
CA LEU M 49 -25.22 62.24 77.47
C LEU M 49 -25.29 60.70 77.54
N GLU M 50 -24.38 60.12 78.30
CA GLU M 50 -24.33 58.66 78.49
C GLU M 50 -25.55 58.11 79.25
N GLN M 51 -26.20 58.98 80.01
CA GLN M 51 -27.34 58.59 80.86
C GLN M 51 -28.68 58.75 80.13
N ARG M 52 -28.88 59.87 79.44
CA ARG M 52 -30.10 60.08 78.64
C ARG M 52 -30.21 58.97 77.60
N ALA M 53 -31.44 58.54 77.39
CA ALA M 53 -31.71 57.36 76.56
C ALA M 53 -32.28 57.76 75.18
N PRO M 54 -32.00 56.91 74.17
CA PRO M 54 -32.60 57.04 72.82
C PRO M 54 -34.06 56.58 72.83
N ILE M 55 -34.82 57.14 71.90
CA ILE M 55 -36.26 56.81 71.74
C ILE M 55 -36.51 56.20 70.36
N ASN M 56 -37.13 55.03 70.35
CA ASN M 56 -37.50 54.37 69.08
C ASN M 56 -38.77 55.01 68.53
N VAL M 57 -38.68 55.45 67.29
CA VAL M 57 -39.81 56.14 66.61
C VAL M 57 -40.23 55.36 65.36
N ASP M 58 -41.53 55.33 65.14
CA ASP M 58 -42.14 54.77 63.92
C ASP M 58 -43.48 55.47 63.62
N LYS M 59 -44.05 55.13 62.47
CA LYS M 59 -45.33 55.71 62.01
C LYS M 59 -46.51 55.56 62.98
N ALA M 60 -46.49 54.50 63.78
CA ALA M 60 -47.61 54.14 64.68
C ALA M 60 -47.48 54.69 66.12
N ASN M 61 -46.52 55.58 66.34
CA ASN M 61 -46.29 56.18 67.68
C ASN M 61 -45.55 57.53 67.63
N PHE M 62 -45.43 58.11 66.44
CA PHE M 62 -44.69 59.38 66.27
C PHE M 62 -45.26 60.47 67.19
N ASN M 63 -46.58 60.64 67.13
CA ASN M 63 -47.28 61.63 67.97
C ASN M 63 -47.12 61.34 69.48
N GLU M 64 -47.14 60.06 69.82
CA GLU M 64 -47.05 59.57 71.19
C GLU M 64 -45.68 59.96 71.75
N VAL M 65 -44.67 59.87 70.88
CA VAL M 65 -43.29 60.26 71.21
C VAL M 65 -43.20 61.77 71.53
N MET M 66 -43.88 62.59 70.72
CA MET M 66 -43.87 64.04 70.96
C MET M 66 -44.54 64.40 72.29
N ALA M 67 -45.67 63.75 72.54
CA ALA M 67 -46.45 63.92 73.79
C ALA M 67 -45.62 63.55 75.02
N GLN M 68 -44.90 62.43 74.93
CA GLN M 68 -44.04 61.95 76.02
C GLN M 68 -42.78 62.80 76.20
N GLN M 69 -42.26 63.33 75.08
CA GLN M 69 -41.05 64.17 75.09
C GLN M 69 -41.30 65.48 75.82
N ASN M 70 -42.54 65.99 75.70
CA ASN M 70 -42.98 67.23 76.36
C ASN M 70 -42.15 68.42 75.85
N LEU M 71 -42.76 69.14 74.92
CA LEU M 71 -42.11 70.31 74.31
C LEU M 71 -42.66 71.60 74.92
N LYS M 72 -41.77 72.57 75.07
CA LYS M 72 -42.12 73.88 75.64
C LYS M 72 -41.17 74.96 75.12
N VAL M 73 -41.78 76.10 74.79
CA VAL M 73 -41.05 77.29 74.34
C VAL M 73 -41.44 78.52 75.18
N THR M 74 -40.42 79.03 75.86
CA THR M 74 -40.53 80.30 76.59
C THR M 74 -39.69 81.31 75.81
N LEU M 75 -40.39 82.22 75.16
CA LEU M 75 -39.74 83.19 74.26
C LEU M 75 -40.55 84.49 74.23
N THR M 76 -39.82 85.54 73.90
CA THR M 76 -40.37 86.89 73.77
C THR M 76 -40.30 87.38 72.31
N ALA M 77 -41.43 87.90 71.85
CA ALA M 77 -41.57 88.49 70.50
C ALA M 77 -42.03 89.95 70.65
N ALA M 78 -41.76 90.73 69.61
CA ALA M 78 -42.24 92.13 69.53
C ALA M 78 -43.78 92.14 69.60
N ASP M 79 -44.28 92.95 70.53
CA ASP M 79 -45.72 93.14 70.71
C ASP M 79 -46.23 94.11 69.65
N LYS M 80 -46.88 93.56 68.63
CA LYS M 80 -47.41 94.38 67.53
C LYS M 80 -48.94 94.57 67.63
N LEU M 81 -49.46 94.35 68.83
CA LEU M 81 -50.87 94.61 69.14
C LEU M 81 -51.13 96.07 69.55
N SER M 82 -50.03 96.81 69.68
CA SER M 82 -50.03 98.24 70.01
C SER M 82 -49.07 98.99 69.06
N ALA M 83 -48.78 100.24 69.41
CA ALA M 83 -47.88 101.12 68.66
C ALA M 83 -46.68 101.60 69.53
N ASP M 84 -46.17 100.67 70.33
CA ASP M 84 -45.02 100.97 71.22
C ASP M 84 -43.84 100.02 70.91
N PRO M 85 -42.69 100.60 70.54
CA PRO M 85 -41.44 99.85 70.29
C PRO M 85 -40.89 99.12 71.53
N ASN M 86 -41.20 99.66 72.71
CA ASN M 86 -40.81 99.06 74.01
C ASN M 86 -41.74 97.93 74.48
N ALA M 87 -42.88 97.79 73.82
CA ALA M 87 -43.85 96.72 74.12
C ALA M 87 -43.35 95.37 73.58
N THR M 88 -43.24 94.44 74.51
CA THR M 88 -42.80 93.08 74.21
C THR M 88 -43.80 92.05 74.76
N MET M 89 -43.91 90.92 74.07
CA MET M 89 -44.83 89.84 74.49
C MET M 89 -44.04 88.55 74.74
N ASN M 90 -44.20 88.05 75.95
CA ASN M 90 -43.61 86.76 76.33
C ASN M 90 -44.69 85.67 76.37
N VAL M 91 -44.39 84.60 75.66
CA VAL M 91 -45.31 83.45 75.51
C VAL M 91 -44.67 82.17 76.05
N SER M 92 -45.54 81.25 76.49
CA SER M 92 -45.10 79.93 76.97
C SER M 92 -45.89 78.84 76.25
N LEU M 93 -45.41 78.49 75.05
CA LEU M 93 -46.10 77.47 74.22
C LEU M 93 -45.69 76.06 74.62
N GLN M 94 -46.66 75.17 74.50
CA GLN M 94 -46.51 73.73 74.82
C GLN M 94 -47.03 72.91 73.64
N PHE M 95 -46.29 71.85 73.33
CA PHE M 95 -46.64 70.99 72.20
C PHE M 95 -46.71 69.53 72.64
N LYS M 96 -47.72 68.86 72.11
CA LYS M 96 -47.96 67.42 72.32
C LYS M 96 -47.84 66.66 70.99
N ASN M 97 -48.26 67.32 69.91
CA ASN M 97 -48.19 66.81 68.54
C ASN M 97 -47.88 67.96 67.57
N LEU M 98 -47.66 67.60 66.31
CA LEU M 98 -47.38 68.57 65.23
C LEU M 98 -48.53 69.55 64.96
N ASN M 99 -49.74 69.10 65.23
CA ASN M 99 -50.95 69.94 65.11
C ASN M 99 -50.86 71.17 66.04
N ASP M 100 -50.11 71.06 67.12
CA ASP M 100 -49.91 72.15 68.09
C ASP M 100 -48.98 73.27 67.61
N PHE M 101 -48.44 73.13 66.40
CA PHE M 101 -47.65 74.20 65.77
C PHE M 101 -48.48 75.07 64.82
N SER M 102 -49.74 74.67 64.63
CA SER M 102 -50.66 75.43 63.79
C SER M 102 -51.04 76.76 64.48
N PRO M 103 -51.26 77.82 63.69
CA PRO M 103 -51.68 79.15 64.22
C PRO M 103 -52.89 79.07 65.16
N GLU M 104 -53.77 78.10 64.90
CA GLU M 104 -54.96 77.85 65.73
C GLU M 104 -54.59 77.46 67.18
N SER M 105 -53.54 76.67 67.35
CA SER M 105 -53.06 76.26 68.70
C SER M 105 -52.22 77.37 69.33
N VAL M 106 -51.48 78.11 68.51
CA VAL M 106 -50.65 79.25 68.96
C VAL M 106 -51.54 80.32 69.61
N VAL M 107 -52.66 80.63 68.94
CA VAL M 107 -53.65 81.59 69.46
C VAL M 107 -54.26 81.12 70.79
N ASN M 108 -54.58 79.82 70.85
CA ASN M 108 -55.22 79.22 72.03
C ASN M 108 -54.32 79.25 73.26
N GLN M 109 -53.01 79.26 73.04
CA GLN M 109 -52.03 79.28 74.14
C GLN M 109 -51.47 80.69 74.41
N VAL M 110 -51.98 81.67 73.69
CA VAL M 110 -51.58 83.08 73.86
C VAL M 110 -52.83 83.90 74.15
N PRO M 111 -53.10 84.17 75.44
CA PRO M 111 -54.28 84.93 75.91
C PRO M 111 -54.49 86.27 75.20
N GLU M 112 -53.39 86.92 74.88
CA GLU M 112 -53.35 88.22 74.17
C GLU M 112 -53.90 88.14 72.75
N LEU M 113 -53.89 86.92 72.20
CA LEU M 113 -54.49 86.62 70.89
C LEU M 113 -55.81 85.84 71.01
N LYS M 114 -55.88 84.97 72.01
CA LYS M 114 -57.07 84.15 72.29
C LYS M 114 -58.31 85.02 72.55
N LYS M 115 -58.12 86.08 73.33
CA LYS M 115 -59.19 87.05 73.62
C LYS M 115 -59.62 87.81 72.36
N LEU M 116 -58.68 88.07 71.48
CA LEU M 116 -58.95 88.72 70.18
C LEU M 116 -59.72 87.81 69.23
N LEU M 117 -59.46 86.51 69.32
CA LEU M 117 -60.19 85.50 68.56
C LEU M 117 -61.63 85.36 69.09
N GLU M 118 -61.76 85.43 70.42
CA GLU M 118 -63.08 85.41 71.08
C GLU M 118 -63.88 86.66 70.70
N LEU M 119 -63.17 87.78 70.61
CA LEU M 119 -63.74 89.05 70.13
C LEU M 119 -64.22 88.92 68.68
N ARG M 120 -63.37 88.32 67.85
CA ARG M 120 -63.66 88.07 66.43
C ARG M 120 -65.00 87.32 66.32
N SER M 121 -65.11 86.23 67.07
CA SER M 121 -66.33 85.38 67.07
C SER M 121 -67.57 86.13 67.55
N ALA M 122 -67.37 87.01 68.53
CA ALA M 122 -68.44 87.89 69.06
C ALA M 122 -68.92 88.89 68.00
N LEU M 123 -68.02 89.39 67.27
CA LEU M 123 -68.41 90.43 66.29
C LEU M 123 -69.05 89.78 65.05
N ASN M 124 -68.56 88.62 64.62
CA ASN M 124 -69.13 87.93 63.46
C ASN M 124 -70.56 87.47 63.81
N ALA M 125 -70.76 86.96 65.04
CA ALA M 125 -72.07 86.53 65.54
C ALA M 125 -73.04 87.70 65.52
N LEU M 126 -72.62 88.85 66.09
CA LEU M 126 -73.41 90.07 66.11
C LEU M 126 -73.76 90.53 64.67
N LYS M 127 -72.73 90.66 63.81
CA LYS M 127 -72.94 91.13 62.43
C LYS M 127 -73.80 90.20 61.59
N GLY M 128 -73.77 88.87 61.88
CA GLY M 128 -74.64 87.91 61.16
C GLY M 128 -75.99 87.76 61.86
N PRO M 129 -76.25 88.60 62.89
CA PRO M 129 -77.49 88.63 63.67
C PRO M 129 -77.80 87.31 64.43
N LEU M 130 -76.76 86.55 64.80
CA LEU M 130 -76.92 85.26 65.48
C LEU M 130 -77.17 85.41 66.98
N GLY M 131 -76.91 86.60 67.54
CA GLY M 131 -77.25 86.87 68.94
C GLY M 131 -77.76 88.28 69.08
N ASN M 132 -78.57 88.54 70.11
CA ASN M 132 -79.11 89.88 70.35
C ASN M 132 -78.11 90.73 71.12
N LEU M 133 -78.37 92.04 71.23
CA LEU M 133 -77.51 93.01 71.90
C LEU M 133 -77.22 92.69 73.36
N PRO M 134 -78.22 92.18 74.11
CA PRO M 134 -78.04 91.85 75.53
C PRO M 134 -76.98 90.72 75.71
N ALA M 135 -77.05 89.65 74.87
CA ALA M 135 -76.09 88.54 74.91
C ALA M 135 -74.72 89.06 74.49
N PHE M 136 -74.66 89.82 73.39
CA PHE M 136 -73.43 90.43 72.90
C PHE M 136 -72.71 91.17 74.03
N ARG M 137 -73.42 92.09 74.75
CA ARG M 137 -72.78 92.88 75.82
C ARG M 137 -72.31 92.01 77.00
N LYS M 138 -73.06 90.94 77.32
CA LYS M 138 -72.72 90.00 78.40
C LYS M 138 -71.42 89.25 78.04
N LYS M 139 -71.34 88.76 76.78
CA LYS M 139 -70.16 88.05 76.30
C LYS M 139 -68.97 88.98 76.15
N LEU M 140 -69.18 90.21 75.81
CA LEU M 140 -68.12 91.14 75.63
C LEU M 140 -67.43 91.36 76.94
N GLN M 141 -68.20 91.58 77.98
CA GLN M 141 -67.62 91.81 79.28
C GLN M 141 -66.81 90.61 79.77
N ALA M 142 -67.25 89.40 79.48
CA ALA M 142 -66.51 88.19 79.80
C ALA M 142 -65.14 88.12 79.09
N LEU M 143 -65.12 88.39 77.81
CA LEU M 143 -63.90 88.46 77.07
C LEU M 143 -62.92 89.48 77.69
N LEU M 144 -63.37 90.68 77.97
CA LEU M 144 -62.47 91.75 78.36
C LEU M 144 -62.11 91.76 79.86
N ALA M 145 -62.76 90.88 80.59
CA ALA M 145 -62.54 90.68 82.02
C ALA M 145 -61.16 90.04 82.31
N ASP M 146 -60.55 89.29 81.35
CA ASP M 146 -59.25 88.63 81.54
C ASP M 146 -58.20 89.58 82.16
N GLU M 147 -57.74 89.30 83.39
CA GLU M 147 -56.80 90.24 84.03
C GLU M 147 -55.40 90.28 83.41
N ASP M 148 -55.06 89.31 82.56
CA ASP M 148 -53.76 89.24 81.89
C ASP M 148 -53.70 90.18 80.68
N GLY M 149 -54.86 90.77 80.27
CA GLY M 149 -54.90 91.70 79.13
C GLY M 149 -54.41 93.06 79.50
N ARG M 150 -53.83 93.78 78.53
CA ARG M 150 -53.44 95.16 78.79
C ARG M 150 -54.70 96.03 78.58
N LYS M 151 -54.77 97.20 79.23
CA LYS M 151 -55.91 98.09 79.04
C LYS M 151 -55.86 98.67 77.62
N ALA M 152 -54.64 98.81 77.05
CA ALA M 152 -54.45 99.31 75.69
C ALA M 152 -55.13 98.33 74.72
N LEU M 153 -54.90 97.02 74.90
CA LEU M 153 -55.58 96.04 74.05
C LEU M 153 -57.10 96.05 74.25
N ILE M 154 -57.59 96.14 75.51
CA ILE M 154 -59.04 96.20 75.77
C ILE M 154 -59.70 97.33 75.00
N LYS M 155 -59.07 98.53 74.98
CA LYS M 155 -59.49 99.73 74.26
C LYS M 155 -59.60 99.54 72.75
N GLU M 156 -58.60 98.89 72.13
CA GLU M 156 -58.57 98.55 70.71
C GLU M 156 -59.67 97.52 70.40
N LEU M 157 -59.94 96.59 71.34
CA LEU M 157 -61.02 95.60 71.18
C LEU M 157 -62.41 96.26 71.24
N GLY M 158 -62.63 97.15 72.23
CA GLY M 158 -63.88 97.91 72.40
C GLY M 158 -64.13 98.87 71.23
N LEU M 159 -63.05 99.38 70.59
CA LEU M 159 -63.15 100.28 69.44
C LEU M 159 -63.69 99.58 68.18
N THR M 160 -63.70 98.25 68.18
CA THR M 160 -64.22 97.46 67.06
C THR M 160 -65.74 97.25 67.19
N GLU M 161 -66.31 97.55 68.35
CA GLU M 161 -67.76 97.36 68.57
C GLU M 161 -68.61 98.38 67.80
N GLU M 162 -69.57 97.94 66.93
CA GLU M 162 -70.44 98.94 66.25
C GLU M 162 -71.23 99.73 67.30
N THR M 163 -71.42 101.03 67.05
CA THR M 163 -72.13 101.95 67.96
C THR M 163 -73.50 101.44 68.42
N LYS M 164 -74.28 100.83 67.51
CA LYS M 164 -75.62 100.32 67.82
C LYS M 164 -75.64 99.11 68.76
N ASP N 63 -75.09 98.47 57.63
CA ASP N 63 -74.47 98.46 58.97
C ASP N 63 -73.43 97.33 59.15
N LYS N 64 -73.80 96.14 58.67
CA LYS N 64 -72.99 94.93 58.75
C LYS N 64 -71.64 95.11 58.02
N ALA N 65 -71.68 95.92 56.96
CA ALA N 65 -70.47 96.25 56.17
C ALA N 65 -69.37 96.87 57.06
N LEU N 66 -69.80 97.74 57.98
CA LEU N 66 -68.89 98.36 58.97
C LEU N 66 -68.37 97.33 59.98
N VAL N 67 -69.24 96.43 60.39
CA VAL N 67 -68.90 95.32 61.30
C VAL N 67 -67.84 94.40 60.64
N ASP N 68 -68.03 94.14 59.35
CA ASP N 68 -67.09 93.33 58.56
C ASP N 68 -65.71 94.00 58.46
N ALA N 69 -65.74 95.33 58.32
CA ALA N 69 -64.52 96.16 58.29
C ALA N 69 -63.77 96.08 59.63
N MET N 70 -64.53 96.00 60.71
CA MET N 70 -63.99 95.82 62.07
C MET N 70 -63.28 94.46 62.18
N ILE N 71 -63.91 93.44 61.57
CA ILE N 71 -63.33 92.08 61.50
C ILE N 71 -62.04 92.06 60.65
N ALA N 72 -62.04 92.82 59.60
CA ALA N 72 -60.88 92.91 58.70
C ALA N 72 -59.66 93.50 59.43
N GLU N 73 -59.91 94.57 60.17
CA GLU N 73 -58.88 95.27 60.96
C GLU N 73 -58.43 94.45 62.18
N ILE N 74 -59.38 93.76 62.78
CA ILE N 74 -59.09 92.89 63.94
C ILE N 74 -58.13 91.76 63.54
N ASP N 75 -58.45 91.09 62.43
CA ASP N 75 -57.65 89.98 61.90
C ASP N 75 -56.31 90.46 61.38
N LYS N 76 -56.33 91.68 60.82
CA LYS N 76 -55.11 92.35 60.35
C LYS N 76 -54.10 92.50 61.51
N ARG N 77 -54.60 92.98 62.65
CA ARG N 77 -53.77 93.15 63.85
C ARG N 77 -53.33 91.82 64.45
N LEU N 78 -54.27 90.88 64.51
CA LEU N 78 -54.00 89.55 65.06
C LEU N 78 -52.94 88.82 64.21
N SER N 79 -53.05 88.94 62.90
CA SER N 79 -52.11 88.37 61.93
C SER N 79 -50.71 88.98 62.00
N SER N 80 -50.67 90.24 62.34
CA SER N 80 -49.39 90.95 62.50
C SER N 80 -48.61 90.39 63.70
N GLN N 81 -49.35 90.03 64.74
CA GLN N 81 -48.76 89.44 65.95
C GLN N 81 -48.41 87.97 65.72
N VAL N 82 -49.27 87.25 65.11
CA VAL N 82 -49.06 85.79 64.83
C VAL N 82 -47.84 85.55 63.94
N ASN N 83 -47.56 86.51 63.03
CA ASN N 83 -46.36 86.45 62.18
C ASN N 83 -45.08 86.45 63.04
N GLU N 84 -45.11 87.22 64.14
CA GLU N 84 -43.97 87.33 65.06
C GLU N 84 -43.62 86.00 65.75
N ILE N 85 -44.64 85.26 66.16
CA ILE N 85 -44.45 83.95 66.80
C ILE N 85 -44.00 82.91 65.76
N LEU N 86 -44.71 82.89 64.64
CA LEU N 86 -44.43 81.93 63.55
C LEU N 86 -43.07 82.13 62.90
N HIS N 87 -42.60 83.37 62.95
CA HIS N 87 -41.28 83.73 62.37
C HIS N 87 -40.21 83.90 63.43
N ALA N 88 -40.53 83.47 64.65
CA ALA N 88 -39.55 83.46 65.75
C ALA N 88 -38.54 82.33 65.49
N LYS N 89 -37.27 82.67 65.63
CA LYS N 89 -36.16 81.72 65.38
C LYS N 89 -36.19 80.51 66.33
N GLU N 90 -36.55 80.79 67.60
CA GLU N 90 -36.70 79.74 68.63
C GLU N 90 -37.87 78.82 68.27
N PHE N 91 -38.96 79.42 67.81
CA PHE N 91 -40.16 78.66 67.44
C PHE N 91 -39.89 77.75 66.23
N GLN N 92 -39.26 78.34 65.22
CA GLN N 92 -38.94 77.63 63.97
C GLN N 92 -37.92 76.52 64.20
N LYS N 93 -36.97 76.73 65.12
CA LYS N 93 -35.97 75.70 65.43
C LYS N 93 -36.66 74.44 65.98
N LEU N 94 -37.65 74.67 66.86
CA LEU N 94 -38.42 73.57 67.45
C LEU N 94 -39.28 72.89 66.37
N GLU N 95 -40.05 73.70 65.64
CA GLU N 95 -40.98 73.16 64.62
C GLU N 95 -40.23 72.40 63.53
N SER N 96 -39.28 73.07 62.89
CA SER N 96 -38.49 72.49 61.80
C SER N 96 -37.82 71.18 62.20
N SER N 97 -37.44 71.06 63.49
CA SER N 97 -36.80 69.83 64.01
C SER N 97 -37.76 68.63 63.96
N TRP N 98 -38.96 68.84 64.51
CA TRP N 98 -39.99 67.79 64.58
C TRP N 98 -40.71 67.55 63.25
N ARG N 99 -40.98 68.62 62.51
CA ARG N 99 -41.64 68.52 61.20
C ARG N 99 -40.72 67.81 60.20
N SER N 100 -39.46 68.20 60.18
CA SER N 100 -38.44 67.54 59.33
C SER N 100 -38.25 66.07 59.74
N LEU N 101 -38.40 65.80 61.03
CA LEU N 101 -38.29 64.43 61.56
C LEU N 101 -39.40 63.53 61.02
N LYS N 102 -40.63 64.03 61.07
CA LYS N 102 -41.79 63.27 60.55
C LYS N 102 -41.68 63.11 59.02
N PHE N 103 -41.25 64.18 58.36
CA PHE N 103 -41.03 64.16 56.91
C PHE N 103 -40.10 62.99 56.51
N MET N 104 -39.11 62.75 57.38
CA MET N 104 -38.22 61.57 57.25
C MET N 104 -38.99 60.28 57.54
N VAL N 105 -39.54 60.23 58.75
CA VAL N 105 -40.18 59.01 59.31
C VAL N 105 -41.27 58.46 58.37
N ASP N 106 -42.17 59.30 57.94
CA ASP N 106 -43.34 58.83 57.16
C ASP N 106 -43.03 58.48 55.70
N ARG N 107 -41.79 58.71 55.28
CA ARG N 107 -41.33 58.33 53.93
C ARG N 107 -40.47 57.07 53.96
N THR N 108 -40.36 56.47 55.15
CA THR N 108 -39.67 55.19 55.33
C THR N 108 -40.75 54.09 55.41
N ASP N 109 -40.27 52.85 55.46
CA ASP N 109 -41.16 51.70 55.60
C ASP N 109 -40.61 50.77 56.68
N PHE N 110 -41.25 50.84 57.84
CA PHE N 110 -40.85 50.05 59.02
C PHE N 110 -41.08 48.55 58.90
N ARG N 111 -41.85 48.16 57.89
CA ARG N 111 -42.09 46.74 57.56
C ARG N 111 -40.90 46.10 56.83
N GLU N 112 -40.00 46.96 56.34
CA GLU N 112 -38.82 46.51 55.59
C GLU N 112 -37.56 46.47 56.46
N ASN N 113 -37.77 46.28 57.78
CA ASN N 113 -36.67 46.19 58.76
C ASN N 113 -35.86 47.50 58.84
N THR N 114 -36.59 48.61 58.81
CA THR N 114 -35.98 49.94 58.96
C THR N 114 -36.33 50.45 60.36
N ARG N 115 -35.35 50.99 61.04
CA ARG N 115 -35.54 51.50 62.42
C ARG N 115 -34.83 52.84 62.58
N VAL N 116 -35.37 53.66 63.45
CA VAL N 116 -34.80 54.98 63.78
C VAL N 116 -34.98 55.27 65.28
N GLU N 117 -33.94 55.83 65.85
CA GLU N 117 -33.97 56.28 67.26
C GLU N 117 -33.62 57.76 67.33
N MET N 118 -34.22 58.43 68.30
CA MET N 118 -33.95 59.86 68.55
C MET N 118 -33.08 60.01 69.80
N LEU N 119 -32.08 60.86 69.66
CA LEU N 119 -31.16 61.18 70.76
C LEU N 119 -30.95 62.68 70.85
N ASN N 120 -31.65 63.29 71.80
CA ASN N 120 -31.60 64.74 72.01
C ASN N 120 -30.21 65.19 72.49
N ALA N 121 -29.54 65.95 71.64
CA ALA N 121 -28.20 66.50 71.93
C ALA N 121 -27.94 67.76 71.11
N SER N 122 -27.44 68.78 71.78
CA SER N 122 -27.00 70.03 71.12
C SER N 122 -25.52 69.91 70.71
N LYS N 123 -25.09 70.71 69.73
CA LYS N 123 -23.67 70.68 69.32
C LYS N 123 -22.72 71.03 70.47
N GLU N 124 -23.15 72.00 71.28
CA GLU N 124 -22.38 72.48 72.42
C GLU N 124 -22.07 71.33 73.40
N ASP N 125 -23.09 70.54 73.71
CA ASP N 125 -22.93 69.43 74.67
C ASP N 125 -22.22 68.22 74.06
N LEU N 126 -22.23 68.13 72.72
CA LEU N 126 -21.46 67.10 72.01
C LEU N 126 -19.96 67.32 72.24
N GLN N 127 -19.59 68.60 72.13
CA GLN N 127 -18.22 69.05 72.41
C GLN N 127 -17.89 68.90 73.89
N LYS N 128 -18.87 69.24 74.74
CA LYS N 128 -18.72 69.08 76.20
C LYS N 128 -18.35 67.64 76.56
N ASP N 129 -19.07 66.70 75.97
CA ASP N 129 -18.86 65.27 76.26
C ASP N 129 -17.53 64.76 75.71
N PHE N 130 -17.26 65.12 74.47
CA PHE N 130 -16.06 64.66 73.80
C PHE N 130 -14.77 65.27 74.36
N GLU N 131 -14.87 66.51 74.84
CA GLU N 131 -13.76 67.20 75.52
C GLU N 131 -13.59 66.70 76.95
N ASP N 132 -14.72 66.40 77.59
CA ASP N 132 -14.73 65.89 78.98
C ASP N 132 -14.07 64.51 79.06
N ALA N 133 -14.49 63.62 78.17
CA ALA N 133 -13.94 62.26 78.10
C ALA N 133 -12.44 62.28 77.79
N PRO N 134 -11.70 61.35 78.40
CA PRO N 134 -10.25 61.17 78.15
C PRO N 134 -9.97 60.67 76.73
N GLU N 135 -10.89 59.86 76.22
CA GLU N 135 -10.80 59.29 74.86
C GLU N 135 -12.21 59.02 74.31
N VAL N 136 -12.29 58.95 73.00
CA VAL N 136 -13.56 58.72 72.29
C VAL N 136 -14.27 57.42 72.72
N THR N 137 -13.47 56.41 73.07
CA THR N 137 -14.03 55.11 73.48
C THR N 137 -14.83 55.19 74.80
N LYS N 138 -14.66 56.31 75.50
CA LYS N 138 -15.35 56.56 76.78
C LYS N 138 -16.39 57.68 76.69
N SER N 139 -16.61 58.19 75.48
CA SER N 139 -17.64 59.20 75.24
C SER N 139 -19.03 58.56 75.39
N GLY N 140 -20.00 59.41 75.77
CA GLY N 140 -21.40 58.98 75.97
C GLY N 140 -22.03 58.52 74.64
N LEU N 141 -21.71 59.26 73.58
CA LEU N 141 -22.20 58.94 72.23
C LEU N 141 -21.63 57.61 71.71
N TYR N 142 -20.34 57.40 71.95
CA TYR N 142 -19.68 56.12 71.62
C TYR N 142 -20.38 54.96 72.32
N LYS N 143 -20.75 55.20 73.58
CA LYS N 143 -21.36 54.17 74.41
C LYS N 143 -22.62 53.58 73.78
N LEU N 144 -23.51 54.39 73.21
CA LEU N 144 -24.76 53.81 72.68
C LEU N 144 -24.89 53.88 71.14
N VAL N 145 -23.78 54.19 70.50
CA VAL N 145 -23.63 53.97 69.06
C VAL N 145 -22.87 52.63 68.89
N TYR N 146 -21.65 52.60 69.42
CA TYR N 146 -20.79 51.42 69.30
C TYR N 146 -21.08 50.35 70.36
N SER N 147 -20.88 50.73 71.62
CA SER N 147 -20.86 49.77 72.75
C SER N 147 -22.17 49.00 72.92
N ASN N 148 -23.28 49.74 72.88
CA ASN N 148 -24.62 49.13 73.06
C ASN N 148 -25.18 48.49 71.78
N GLU N 149 -24.42 48.59 70.69
CA GLU N 149 -24.88 48.08 69.39
C GLU N 149 -23.88 47.12 68.72
N TYR N 150 -23.01 47.71 67.88
CA TYR N 150 -22.03 46.95 67.08
C TYR N 150 -21.15 46.02 67.93
N GLY N 151 -20.75 46.53 69.12
CA GLY N 151 -19.83 45.78 70.00
C GLY N 151 -20.57 45.00 71.10
N VAL N 152 -21.81 44.61 70.85
CA VAL N 152 -22.61 43.84 71.81
C VAL N 152 -23.14 42.54 71.16
N PHE N 153 -22.72 41.43 71.74
CA PHE N 153 -23.25 40.11 71.38
C PHE N 153 -24.77 40.07 71.63
N GLY N 154 -25.51 39.80 70.54
CA GLY N 154 -26.98 39.75 70.61
C GLY N 154 -27.64 41.05 70.16
N GLY N 155 -26.82 42.11 70.07
CA GLY N 155 -27.31 43.45 69.67
C GLY N 155 -27.35 43.60 68.14
N LYS N 156 -27.33 44.86 67.74
CA LYS N 156 -27.39 45.25 66.32
C LYS N 156 -26.58 46.53 66.10
N PRO N 157 -25.95 46.68 64.93
CA PRO N 157 -25.13 47.86 64.62
C PRO N 157 -25.96 49.00 64.00
N TYR N 158 -25.65 50.22 64.41
CA TYR N 158 -26.25 51.43 63.82
C TYR N 158 -25.78 51.60 62.37
N GLY N 159 -26.78 51.72 61.49
CA GLY N 159 -26.55 51.85 60.04
C GLY N 159 -25.84 53.16 59.71
N ILE N 160 -26.41 54.26 60.19
CA ILE N 160 -25.93 55.63 59.91
C ILE N 160 -26.44 56.61 61.00
N ILE N 161 -25.75 57.73 61.10
CA ILE N 161 -26.13 58.79 62.06
C ILE N 161 -26.45 60.07 61.27
N SER N 162 -27.64 60.58 61.54
CA SER N 162 -28.11 61.83 60.93
C SER N 162 -28.14 62.92 61.99
N ALA N 163 -27.29 63.92 61.79
CA ALA N 163 -27.27 65.04 62.74
C ALA N 163 -27.87 66.28 62.14
N ASN N 164 -28.81 66.75 62.93
CA ASN N 164 -29.58 67.93 62.55
C ASN N 164 -28.84 69.21 62.98
N TYR N 165 -27.74 69.46 62.28
CA TYR N 165 -26.87 70.60 62.59
C TYR N 165 -26.39 71.29 61.32
N ASP N 166 -26.08 72.56 61.47
CA ASP N 166 -25.38 73.34 60.44
C ASP N 166 -23.94 73.60 60.91
N PHE N 167 -22.99 73.42 60.05
CA PHE N 167 -21.58 73.60 60.42
C PHE N 167 -20.98 74.80 59.71
N ASN N 168 -20.19 75.54 60.46
CA ASN N 168 -19.40 76.67 59.92
C ASN N 168 -17.93 76.23 59.85
N VAL N 169 -17.06 77.17 59.54
CA VAL N 169 -15.58 76.94 59.56
C VAL N 169 -14.97 77.13 60.95
N GLY N 170 -15.81 77.51 61.89
CA GLY N 170 -15.45 77.74 63.29
C GLY N 170 -14.69 76.52 63.83
N PRO N 171 -13.71 76.81 64.67
CA PRO N 171 -12.87 75.77 65.28
C PRO N 171 -13.63 74.72 66.10
N GLN N 172 -14.64 75.13 66.80
CA GLN N 172 -15.54 74.23 67.55
C GLN N 172 -16.25 73.23 66.60
N ASP N 173 -16.75 73.76 65.48
CA ASP N 173 -17.45 72.94 64.49
C ASP N 173 -16.53 71.95 63.80
N MET N 174 -15.30 72.39 63.58
CA MET N 174 -14.31 71.52 62.96
C MET N 174 -13.87 70.38 63.89
N GLU N 175 -13.72 70.71 65.17
CA GLU N 175 -13.37 69.72 66.20
C GLU N 175 -14.49 68.68 66.36
N LEU N 176 -15.73 69.15 66.28
CA LEU N 176 -16.90 68.28 66.40
C LEU N 176 -16.96 67.26 65.26
N LEU N 177 -16.65 67.75 64.07
CA LEU N 177 -16.54 66.90 62.87
C LEU N 177 -15.43 65.86 62.98
N ARG N 178 -14.34 66.26 63.63
CA ARG N 178 -13.21 65.36 63.85
C ARG N 178 -13.59 64.16 64.71
N LYS N 179 -14.35 64.45 65.75
CA LYS N 179 -14.81 63.41 66.69
C LYS N 179 -15.87 62.50 66.09
N CYS N 180 -16.74 63.10 65.28
CA CYS N 180 -17.80 62.34 64.59
C CYS N 180 -17.21 61.44 63.48
N ALA N 181 -16.11 61.89 62.91
CA ALA N 181 -15.37 61.10 61.90
C ALA N 181 -14.74 59.86 62.55
N SER N 182 -14.18 60.07 63.74
CA SER N 182 -13.55 58.98 64.53
C SER N 182 -14.58 57.94 64.96
N VAL N 183 -15.72 58.41 65.44
CA VAL N 183 -16.83 57.54 65.90
C VAL N 183 -17.35 56.67 64.74
N ALA N 184 -17.62 57.35 63.63
CA ALA N 184 -18.16 56.74 62.42
C ALA N 184 -17.22 55.68 61.86
N ALA N 185 -15.91 55.97 61.95
CA ALA N 185 -14.86 55.05 61.50
C ALA N 185 -14.81 53.77 62.34
N MET N 186 -14.93 53.95 63.65
CA MET N 186 -14.87 52.83 64.61
C MET N 186 -16.08 51.92 64.51
N ALA N 187 -17.22 52.52 64.20
CA ALA N 187 -18.33 51.58 64.03
C ALA N 187 -18.97 51.42 62.69
N HIS N 188 -18.18 51.91 61.75
CA HIS N 188 -18.39 51.69 60.32
C HIS N 188 -19.73 52.30 59.93
N ALA N 189 -20.04 53.48 60.43
CA ALA N 189 -21.26 54.14 59.95
C ALA N 189 -21.03 55.63 59.74
N PRO N 190 -21.50 56.12 58.58
CA PRO N 190 -21.30 57.52 58.17
C PRO N 190 -22.09 58.50 59.03
N PHE N 191 -21.54 59.68 59.17
CA PHE N 191 -22.19 60.81 59.86
C PHE N 191 -22.55 61.87 58.83
N ILE N 192 -23.84 62.11 58.71
CA ILE N 192 -24.38 63.07 57.73
C ILE N 192 -24.98 64.26 58.47
N GLY N 193 -24.71 65.44 57.91
CA GLY N 193 -25.24 66.72 58.41
C GLY N 193 -25.29 67.75 57.29
N ASN N 194 -25.42 68.99 57.67
CA ASN N 194 -25.50 70.11 56.71
C ASN N 194 -24.48 71.21 56.98
N ALA N 195 -24.22 71.99 55.96
CA ALA N 195 -23.35 73.18 56.04
C ALA N 195 -24.20 74.47 56.08
N ALA N 196 -23.71 75.41 56.87
CA ALA N 196 -24.38 76.71 56.99
C ALA N 196 -24.00 77.65 55.83
N PRO N 197 -24.84 78.62 55.44
CA PRO N 197 -24.57 79.56 54.35
C PRO N 197 -23.20 80.34 54.40
N GLU N 198 -22.92 80.75 55.73
CA GLU N 198 -21.71 81.48 56.07
C GLU N 198 -20.42 80.69 55.83
N VAL N 199 -20.54 79.36 55.67
CA VAL N 199 -19.38 78.53 55.33
C VAL N 199 -18.72 78.99 54.01
N PHE N 200 -19.55 79.54 53.12
CA PHE N 200 -19.09 80.04 51.81
C PHE N 200 -18.89 81.56 51.83
N GLY N 201 -18.92 82.13 53.05
CA GLY N 201 -18.76 83.57 53.28
C GLY N 201 -19.91 84.40 52.67
N GLU N 202 -21.09 83.81 52.65
CA GLU N 202 -22.30 84.51 52.16
C GLU N 202 -23.38 84.52 53.26
N GLU N 203 -24.20 85.55 53.22
CA GLU N 203 -25.28 85.75 54.21
C GLU N 203 -26.29 84.58 54.18
N SER N 204 -26.70 84.17 52.99
CA SER N 204 -27.61 83.01 52.83
C SER N 204 -27.19 82.27 51.56
N PHE N 205 -27.81 81.10 51.34
CA PHE N 205 -27.56 80.31 50.12
C PHE N 205 -28.03 80.99 48.83
N LEU N 206 -28.84 82.06 48.98
CA LEU N 206 -29.36 82.82 47.82
C LEU N 206 -28.27 83.59 47.07
N LYS N 207 -27.07 83.65 47.62
CA LYS N 207 -25.94 84.31 46.94
C LYS N 207 -24.91 83.32 46.37
N LEU N 208 -25.26 82.04 46.30
CA LEU N 208 -24.40 81.03 45.65
C LEU N 208 -24.08 81.35 44.18
N PRO N 209 -25.07 81.85 43.42
CA PRO N 209 -24.88 82.30 42.03
C PRO N 209 -23.80 83.39 41.87
N ASP N 210 -23.59 84.18 42.93
CA ASP N 210 -22.61 85.28 42.91
C ASP N 210 -21.15 84.80 43.13
N LEU N 211 -20.99 83.62 43.68
CA LEU N 211 -19.67 83.06 43.91
C LEU N 211 -19.02 82.63 42.59
N LYS N 212 -17.95 83.32 42.25
CA LYS N 212 -17.22 83.12 40.98
C LYS N 212 -16.38 81.83 40.94
N ASP N 213 -15.84 81.43 42.09
CA ASP N 213 -14.96 80.26 42.17
C ASP N 213 -14.79 79.78 43.63
N LEU N 214 -15.44 78.67 43.92
CA LEU N 214 -15.37 78.03 45.26
C LEU N 214 -13.98 77.49 45.58
N LYS N 215 -13.35 76.87 44.58
CA LYS N 215 -12.01 76.29 44.72
C LYS N 215 -11.00 77.34 45.23
N SER N 216 -11.05 78.53 44.65
CA SER N 216 -10.16 79.64 45.03
C SER N 216 -10.55 80.22 46.40
N LEU N 217 -11.85 80.23 46.67
CA LEU N 217 -12.40 80.73 47.94
C LEU N 217 -11.84 79.93 49.13
N PHE N 218 -11.70 78.63 48.95
CA PHE N 218 -11.21 77.72 50.01
C PHE N 218 -9.68 77.71 50.18
N GLU N 219 -9.00 78.62 49.49
CA GLU N 219 -7.54 78.76 49.64
C GLU N 219 -7.17 79.67 50.81
N GLY N 220 -8.18 80.47 51.20
CA GLY N 220 -7.91 81.40 52.29
C GLY N 220 -7.54 80.65 53.59
N PRO N 221 -6.75 81.36 54.42
CA PRO N 221 -6.29 80.87 55.75
C PRO N 221 -7.45 80.48 56.67
N GLN N 222 -8.60 81.08 56.48
CA GLN N 222 -9.85 80.81 57.21
C GLN N 222 -10.25 79.33 57.20
N TYR N 223 -9.87 78.62 56.13
CA TYR N 223 -10.25 77.21 55.97
C TYR N 223 -9.07 76.25 56.19
N ALA N 224 -8.07 76.69 56.95
CA ALA N 224 -6.88 75.89 57.24
C ALA N 224 -7.23 74.53 57.89
N ARG N 225 -8.09 74.58 58.90
CA ARG N 225 -8.50 73.36 59.62
C ARG N 225 -9.39 72.45 58.76
N TRP N 226 -10.27 73.06 57.97
CA TRP N 226 -11.17 72.30 57.08
C TRP N 226 -10.37 71.53 56.01
N HIS N 227 -9.31 72.18 55.54
CA HIS N 227 -8.41 71.58 54.54
C HIS N 227 -7.66 70.37 55.10
N SER N 228 -7.25 70.48 56.36
CA SER N 228 -6.55 69.36 57.03
C SER N 228 -7.52 68.20 57.30
N PHE N 229 -8.77 68.56 57.60
CA PHE N 229 -9.84 67.60 57.89
C PHE N 229 -10.13 66.71 56.67
N ARG N 230 -10.11 67.32 55.50
CA ARG N 230 -10.35 66.60 54.22
C ARG N 230 -9.25 65.59 53.89
N GLU N 231 -8.08 65.77 54.50
CA GLU N 231 -6.93 64.88 54.27
C GLU N 231 -6.85 63.69 55.25
N SER N 232 -7.61 63.76 56.33
CA SER N 232 -7.64 62.66 57.30
C SER N 232 -8.30 61.41 56.67
N GLU N 233 -7.80 60.26 57.09
CA GLU N 233 -8.36 58.95 56.70
C GLU N 233 -9.76 58.69 57.28
N ASP N 234 -10.12 59.48 58.29
CA ASP N 234 -11.45 59.40 58.93
C ASP N 234 -12.53 60.18 58.18
N ALA N 235 -12.07 61.07 57.28
CA ALA N 235 -12.98 61.92 56.49
C ALA N 235 -13.96 61.13 55.62
N ARG N 236 -13.63 59.86 55.32
CA ARG N 236 -14.53 58.99 54.57
C ARG N 236 -15.91 58.78 55.20
N TYR N 237 -15.99 59.04 56.51
CA TYR N 237 -17.24 58.81 57.25
C TYR N 237 -17.98 60.10 57.60
N VAL N 238 -17.61 61.18 56.94
CA VAL N 238 -18.33 62.46 57.03
C VAL N 238 -18.91 62.82 55.66
N GLY N 239 -20.12 63.36 55.75
CA GLY N 239 -20.85 63.83 54.57
C GLY N 239 -21.75 65.02 54.95
N LEU N 240 -21.47 66.14 54.33
CA LEU N 240 -22.23 67.37 54.57
C LEU N 240 -23.00 67.78 53.31
N ALA N 241 -24.22 68.24 53.53
CA ALA N 241 -25.12 68.69 52.45
C ALA N 241 -25.13 70.22 52.35
N LEU N 242 -25.54 70.71 51.21
CA LEU N 242 -25.53 72.18 50.94
C LEU N 242 -26.87 72.83 51.32
N PRO N 243 -27.73 73.25 50.20
CA PRO N 243 -28.77 74.19 50.54
C PRO N 243 -29.89 73.44 51.25
N ARG N 244 -30.62 74.16 52.09
CA ARG N 244 -31.80 73.60 52.76
C ARG N 244 -32.95 73.43 51.75
N PHE N 245 -34.14 73.20 52.27
CA PHE N 245 -35.35 73.06 51.44
C PHE N 245 -36.60 73.32 52.28
N LEU N 246 -37.63 73.80 51.63
CA LEU N 246 -38.92 74.12 52.28
C LEU N 246 -39.56 72.90 52.93
N LEU N 247 -40.14 73.14 54.09
CA LEU N 247 -40.91 72.12 54.81
C LEU N 247 -42.42 72.42 54.77
N ARG N 248 -42.73 73.71 54.78
CA ARG N 248 -44.11 74.18 54.86
C ARG N 248 -44.40 75.30 53.86
N LEU N 249 -45.55 75.17 53.24
CA LEU N 249 -46.10 76.23 52.40
C LEU N 249 -46.78 77.26 53.33
N PRO N 250 -46.47 78.54 53.14
CA PRO N 250 -46.97 79.66 53.98
C PRO N 250 -48.49 79.59 54.07
N TYR N 251 -49.03 79.95 55.24
CA TYR N 251 -50.48 79.91 55.52
C TYR N 251 -51.28 80.83 54.59
N GLY N 252 -52.39 80.31 54.08
CA GLY N 252 -53.21 81.04 53.09
C GLY N 252 -54.63 80.49 53.12
N GLU N 253 -55.58 81.41 52.99
CA GLU N 253 -57.02 81.10 52.99
C GLU N 253 -57.40 79.99 52.00
N LYS N 254 -56.63 79.90 50.91
CA LYS N 254 -56.88 78.91 49.86
C LYS N 254 -55.91 77.72 49.92
N THR N 255 -54.62 78.02 49.84
CA THR N 255 -53.57 76.99 49.76
C THR N 255 -53.31 76.22 51.07
N VAL N 256 -53.40 76.94 52.19
CA VAL N 256 -53.17 76.35 53.54
C VAL N 256 -53.96 77.08 54.63
N PRO N 257 -55.24 76.85 54.63
CA PRO N 257 -56.21 77.50 55.53
C PRO N 257 -56.11 76.95 56.96
N VAL N 258 -56.50 77.81 57.88
CA VAL N 258 -56.62 77.48 59.32
C VAL N 258 -58.09 77.69 59.74
N LYS N 259 -58.44 77.15 60.90
CA LYS N 259 -59.81 77.25 61.42
C LYS N 259 -60.07 78.62 62.05
N ALA N 260 -61.34 79.04 61.99
CA ALA N 260 -61.85 80.28 62.59
C ALA N 260 -61.12 81.54 62.06
N PHE N 261 -59.97 81.85 62.67
CA PHE N 261 -59.13 82.98 62.35
C PHE N 261 -58.73 82.95 60.87
N ASN N 262 -59.05 84.04 60.18
CA ASN N 262 -58.70 84.20 58.76
C ASN N 262 -57.24 84.67 58.63
N PHE N 263 -56.35 83.73 58.83
CA PHE N 263 -54.91 83.99 58.82
C PHE N 263 -54.31 83.82 57.41
N THR N 264 -53.61 84.86 57.00
CA THR N 264 -52.83 84.88 55.75
C THR N 264 -51.38 85.22 56.08
N GLU N 265 -50.53 84.23 56.15
CA GLU N 265 -49.12 84.45 56.50
C GLU N 265 -48.46 85.39 55.47
N ASP N 266 -47.72 86.35 56.01
CA ASP N 266 -47.04 87.34 55.17
C ASP N 266 -45.52 87.17 55.27
N VAL N 267 -44.97 86.45 54.31
CA VAL N 267 -43.52 86.33 54.15
C VAL N 267 -42.97 87.66 53.61
N VAL N 268 -42.10 88.29 54.40
CA VAL N 268 -41.45 89.57 54.00
C VAL N 268 -40.41 89.33 52.88
N GLY N 269 -39.50 90.33 52.76
CA GLY N 269 -38.32 90.30 51.90
C GLY N 269 -37.32 89.20 52.33
N HIS N 270 -37.27 88.95 53.64
CA HIS N 270 -36.40 87.90 54.20
C HIS N 270 -37.03 86.52 53.98
N HIS N 271 -36.37 85.74 53.14
CA HIS N 271 -36.77 84.34 52.89
C HIS N 271 -36.60 83.44 54.12
N GLU N 272 -35.90 83.95 55.14
CA GLU N 272 -35.72 83.23 56.41
C GLU N 272 -37.05 83.05 57.16
N ARG N 273 -38.06 83.82 56.72
CA ARG N 273 -39.44 83.66 57.17
C ARG N 273 -40.02 82.30 56.78
N TYR N 274 -39.57 81.77 55.64
CA TYR N 274 -39.92 80.40 55.22
C TYR N 274 -39.34 79.36 56.18
N LEU N 275 -40.15 78.34 56.45
CA LEU N 275 -39.74 77.20 57.29
C LEU N 275 -38.80 76.27 56.52
N TRP N 276 -37.53 76.63 56.49
CA TRP N 276 -36.48 75.81 55.86
C TRP N 276 -36.17 74.58 56.73
N GLY N 277 -35.83 73.50 56.05
CA GLY N 277 -35.53 72.20 56.68
C GLY N 277 -34.13 71.70 56.32
N HIS N 278 -33.59 70.90 57.22
CA HIS N 278 -32.25 70.32 57.05
C HIS N 278 -32.26 69.25 55.95
N ALA N 279 -31.54 69.52 54.86
CA ALA N 279 -31.46 68.59 53.72
C ALA N 279 -30.95 67.18 54.07
N SER N 280 -30.21 67.08 55.19
CA SER N 280 -29.66 65.80 55.66
C SER N 280 -30.75 64.70 55.80
N VAL N 281 -31.96 65.14 56.16
CA VAL N 281 -33.12 64.25 56.26
C VAL N 281 -33.54 63.67 54.89
N ALA N 282 -33.48 64.53 53.87
CA ALA N 282 -33.82 64.15 52.49
C ALA N 282 -32.85 63.08 51.99
N LEU N 283 -31.57 63.29 52.31
CA LEU N 283 -30.53 62.31 52.00
C LEU N 283 -30.74 60.99 52.78
N THR N 284 -31.22 61.13 54.00
CA THR N 284 -31.51 59.95 54.87
C THR N 284 -32.67 59.17 54.26
N SER N 285 -33.63 59.77 53.64
CA SER N 285 -34.75 59.04 53.01
C SER N 285 -34.28 58.25 51.78
N ARG N 286 -33.22 58.78 51.15
CA ARG N 286 -32.58 58.12 49.99
C ARG N 286 -31.96 56.79 50.40
N VAL N 287 -31.28 56.82 51.53
CA VAL N 287 -30.64 55.62 52.11
C VAL N 287 -31.71 54.56 52.46
N ALA N 288 -32.84 55.05 53.01
CA ALA N 288 -33.92 54.19 53.47
C ALA N 288 -34.60 53.47 52.29
N ASP N 289 -34.83 54.20 51.21
CA ASP N 289 -35.50 53.63 50.02
C ASP N 289 -34.67 52.53 49.35
N SER N 290 -33.38 52.81 49.20
CA SER N 290 -32.43 51.85 48.62
C SER N 290 -32.40 50.54 49.43
N PHE N 291 -32.38 50.71 50.75
CA PHE N 291 -32.40 49.57 51.69
C PHE N 291 -33.74 48.83 51.67
N ALA N 292 -34.83 49.58 51.63
CA ALA N 292 -36.18 49.01 51.63
C ALA N 292 -36.40 48.08 50.42
N LYS N 293 -35.82 48.48 49.29
CA LYS N 293 -35.93 47.72 48.04
C LYS N 293 -34.93 46.56 47.93
N PHE N 294 -33.70 46.79 48.37
CA PHE N 294 -32.58 45.87 48.10
C PHE N 294 -31.84 45.34 49.31
N ARG N 295 -31.99 46.01 50.44
CA ARG N 295 -31.24 45.74 51.68
C ARG N 295 -29.78 46.18 51.56
N TRP N 296 -29.55 47.06 50.59
CA TRP N 296 -28.24 47.71 50.37
C TRP N 296 -28.49 49.19 50.09
N SER N 297 -27.51 50.02 50.41
CA SER N 297 -27.63 51.48 50.18
C SER N 297 -26.58 52.07 49.21
N PRO N 298 -26.61 51.67 47.93
CA PRO N 298 -25.80 52.34 46.89
C PRO N 298 -26.64 53.20 45.93
N ASN N 299 -27.96 52.97 45.88
CA ASN N 299 -28.83 53.63 44.90
C ASN N 299 -29.42 54.94 45.44
N ILE N 300 -28.55 55.94 45.48
CA ILE N 300 -28.89 57.23 46.14
C ILE N 300 -28.34 58.47 45.40
N ILE N 301 -27.94 58.28 44.14
CA ILE N 301 -27.19 59.34 43.42
C ILE N 301 -27.66 59.61 41.98
N GLY N 302 -28.98 59.74 41.81
CA GLY N 302 -29.51 59.91 40.46
C GLY N 302 -30.99 60.21 40.38
N PRO N 303 -31.36 60.98 39.37
CA PRO N 303 -32.76 61.32 39.05
C PRO N 303 -33.60 60.05 38.82
N GLN N 304 -32.96 59.03 38.26
CA GLN N 304 -33.59 57.73 37.98
C GLN N 304 -33.10 56.60 38.89
N SER N 305 -31.85 56.74 39.36
CA SER N 305 -31.23 55.68 40.18
C SER N 305 -31.87 55.54 41.58
N GLY N 306 -32.32 56.69 42.11
CA GLY N 306 -33.04 56.73 43.40
C GLY N 306 -32.47 57.77 44.38
N GLY N 307 -31.79 58.77 43.78
CA GLY N 307 -31.33 59.96 44.52
C GLY N 307 -32.25 61.16 44.25
N ALA N 308 -33.40 60.89 43.66
CA ALA N 308 -34.42 61.89 43.36
C ALA N 308 -35.33 62.10 44.57
N VAL N 309 -35.55 63.35 44.90
CA VAL N 309 -36.43 63.80 45.99
C VAL N 309 -37.69 64.35 45.33
N GLU N 310 -38.77 63.62 45.51
CA GLU N 310 -40.05 63.96 44.85
C GLU N 310 -41.02 64.59 45.84
N ASN N 311 -41.90 65.43 45.29
CA ASN N 311 -43.00 66.06 46.02
C ASN N 311 -42.51 67.16 46.99
N LEU N 312 -41.88 68.16 46.41
CA LEU N 312 -41.44 69.34 47.17
C LEU N 312 -42.55 70.39 47.24
N PRO N 313 -42.64 71.11 48.35
CA PRO N 313 -43.58 72.22 48.55
C PRO N 313 -43.33 73.29 47.48
N LEU N 314 -44.42 73.89 47.01
CA LEU N 314 -44.36 74.97 46.00
C LEU N 314 -45.09 76.20 46.58
N HIS N 315 -44.74 77.38 46.09
CA HIS N 315 -45.38 78.64 46.54
C HIS N 315 -45.36 79.72 45.46
N GLN N 316 -46.43 79.77 44.68
CA GLN N 316 -46.60 80.83 43.65
C GLN N 316 -47.02 82.14 44.30
N TYR N 317 -46.34 83.19 43.93
CA TYR N 317 -46.60 84.55 44.44
C TYR N 317 -46.25 85.58 43.36
N GLU N 318 -46.76 86.79 43.52
CA GLU N 318 -46.57 87.85 42.54
C GLU N 318 -45.08 88.25 42.46
N ALA N 319 -44.66 88.45 41.23
CA ALA N 319 -43.31 88.93 40.96
C ALA N 319 -43.36 90.41 40.55
N MET N 320 -42.79 90.76 39.41
CA MET N 320 -42.82 92.13 38.86
C MET N 320 -44.05 92.38 37.96
N GLY N 321 -45.20 91.88 38.47
CA GLY N 321 -46.45 91.91 37.68
C GLY N 321 -46.83 90.52 37.13
N GLU N 322 -45.89 89.60 37.21
CA GLU N 322 -46.04 88.20 36.79
C GLU N 322 -46.17 87.33 38.04
N ILE N 323 -46.08 86.03 37.83
CA ILE N 323 -46.12 85.05 38.93
C ILE N 323 -44.87 84.16 38.86
N GLN N 324 -44.39 83.79 40.02
CA GLN N 324 -43.26 82.87 40.17
C GLN N 324 -43.42 82.08 41.47
N THR N 325 -42.78 80.92 41.51
CA THR N 325 -42.81 80.07 42.71
C THR N 325 -41.48 80.17 43.43
N LYS N 326 -41.57 80.26 44.74
CA LYS N 326 -40.38 80.16 45.60
C LYS N 326 -39.76 78.79 45.38
N ILE N 327 -38.50 78.81 44.95
CA ILE N 327 -37.74 77.57 44.71
C ILE N 327 -37.66 76.79 46.04
N PRO N 328 -38.01 75.49 45.97
CA PRO N 328 -37.96 74.56 47.10
C PRO N 328 -36.63 74.56 47.82
N THR N 329 -35.56 74.76 47.06
CA THR N 329 -34.22 75.01 47.61
C THR N 329 -33.94 76.50 47.42
N GLU N 330 -33.14 77.08 48.26
CA GLU N 330 -32.83 78.53 48.25
C GLU N 330 -32.50 79.02 46.84
N VAL N 331 -31.72 78.19 46.13
CA VAL N 331 -31.29 78.51 44.74
C VAL N 331 -31.58 77.38 43.75
N MET N 332 -31.49 77.77 42.48
CA MET N 332 -31.55 76.83 41.35
C MET N 332 -30.11 76.58 40.88
N LEU N 333 -29.53 75.55 41.47
CA LEU N 333 -28.15 75.20 41.19
C LEU N 333 -27.97 74.72 39.72
N THR N 334 -27.01 75.37 39.03
CA THR N 334 -26.54 74.99 37.69
C THR N 334 -25.64 73.75 37.73
N GLU N 335 -25.50 73.09 36.60
CA GLU N 335 -24.66 71.88 36.51
C GLU N 335 -23.19 72.18 36.89
N ARG N 336 -22.71 73.35 36.45
CA ARG N 336 -21.32 73.76 36.71
C ARG N 336 -21.11 74.03 38.20
N ARG N 337 -22.09 74.68 38.82
CA ARG N 337 -21.97 75.01 40.25
C ARG N 337 -22.10 73.75 41.14
N GLU N 338 -22.95 72.82 40.71
CA GLU N 338 -23.09 71.51 41.39
C GLU N 338 -21.77 70.77 41.36
N PHE N 339 -21.15 70.76 40.18
CA PHE N 339 -19.89 70.06 39.95
C PHE N 339 -18.77 70.65 40.81
N GLU N 340 -18.80 71.98 40.96
CA GLU N 340 -17.85 72.72 41.80
C GLU N 340 -17.96 72.28 43.26
N LEU N 341 -19.21 72.23 43.73
CA LEU N 341 -19.52 71.76 45.09
C LEU N 341 -19.12 70.31 45.33
N SER N 342 -19.29 69.50 44.29
CA SER N 342 -18.91 68.08 44.33
C SER N 342 -17.39 67.92 44.48
N GLU N 343 -16.65 68.80 43.81
CA GLU N 343 -15.18 68.86 43.89
C GLU N 343 -14.68 69.25 45.28
N GLU N 344 -15.51 70.05 45.97
CA GLU N 344 -15.21 70.50 47.33
C GLU N 344 -15.86 69.63 48.43
N GLY N 345 -16.31 68.43 47.99
CA GLY N 345 -16.82 67.39 48.90
C GLY N 345 -18.13 67.77 49.60
N PHE N 346 -18.98 68.51 48.90
CA PHE N 346 -20.33 68.83 49.39
C PHE N 346 -21.37 68.01 48.63
N ILE N 347 -22.46 67.73 49.31
CA ILE N 347 -23.60 66.98 48.74
C ILE N 347 -24.72 68.00 48.48
N GLY N 348 -24.72 68.49 47.23
CA GLY N 348 -25.68 69.52 46.80
C GLY N 348 -26.96 68.90 46.24
N LEU N 349 -28.06 69.17 46.91
CA LEU N 349 -29.40 68.82 46.43
C LEU N 349 -29.85 69.86 45.41
N VAL N 350 -29.74 69.50 44.15
CA VAL N 350 -30.11 70.42 43.06
C VAL N 350 -31.63 70.36 42.81
N PHE N 351 -32.17 71.49 42.41
CA PHE N 351 -33.59 71.60 42.07
C PHE N 351 -33.79 71.48 40.56
N ARG N 352 -34.74 70.63 40.19
CA ARG N 352 -35.15 70.44 38.79
C ARG N 352 -36.03 71.62 38.39
N LYS N 353 -35.50 72.45 37.52
CA LYS N 353 -36.15 73.71 37.12
C LYS N 353 -37.59 73.46 36.66
N ASP N 354 -38.49 74.30 37.19
CA ASP N 354 -39.93 74.31 36.84
C ASP N 354 -40.71 73.08 37.32
N SER N 355 -40.18 72.37 38.32
CA SER N 355 -40.88 71.20 38.88
C SER N 355 -40.94 71.29 40.40
N ASP N 356 -41.27 70.19 41.05
CA ASP N 356 -41.22 70.03 42.51
C ASP N 356 -40.29 68.85 42.88
N ASN N 357 -39.32 68.61 42.00
CA ASN N 357 -38.37 67.50 42.15
C ASN N 357 -36.95 68.04 42.25
N ALA N 358 -36.20 67.44 43.14
CA ALA N 358 -34.76 67.71 43.33
C ALA N 358 -33.99 66.38 43.26
N ALA N 359 -32.69 66.44 43.00
CA ALA N 359 -31.86 65.23 42.92
C ALA N 359 -30.46 65.41 43.50
N PHE N 360 -29.95 64.33 44.04
CA PHE N 360 -28.55 64.22 44.50
C PHE N 360 -27.73 63.54 43.40
N PHE N 361 -27.04 64.35 42.61
CA PHE N 361 -26.20 63.83 41.51
C PHE N 361 -25.03 62.96 41.98
N SER N 362 -24.53 63.21 43.19
CA SER N 362 -23.46 62.40 43.79
C SER N 362 -23.38 62.63 45.31
N ALA N 363 -22.81 61.64 45.97
CA ALA N 363 -22.63 61.66 47.43
C ALA N 363 -21.15 61.44 47.81
N ASN N 364 -20.31 62.36 47.35
CA ASN N 364 -18.89 62.36 47.75
C ASN N 364 -18.78 62.69 49.23
N SER N 365 -17.85 62.02 49.91
CA SER N 365 -17.59 62.32 51.32
C SER N 365 -16.74 63.59 51.41
N THR N 366 -16.42 63.99 52.64
CA THR N 366 -15.54 65.15 52.84
C THR N 366 -14.11 64.87 52.32
N GLN N 367 -13.67 63.62 52.40
CA GLN N 367 -12.30 63.26 52.04
C GLN N 367 -11.94 63.69 50.61
N LYS N 368 -10.76 64.29 50.52
CA LYS N 368 -10.18 64.74 49.25
C LYS N 368 -9.35 63.59 48.64
N PRO N 369 -9.60 63.27 47.36
CA PRO N 369 -8.84 62.23 46.64
C PRO N 369 -7.35 62.58 46.58
N ARG N 370 -6.53 61.54 46.65
CA ARG N 370 -5.06 61.66 46.51
C ARG N 370 -4.64 61.43 45.07
N PHE N 371 -3.61 62.14 44.65
CA PHE N 371 -3.04 61.98 43.30
C PHE N 371 -1.77 61.12 43.37
N PHE N 372 -1.66 60.24 42.41
CA PHE N 372 -0.51 59.32 42.28
C PHE N 372 0.16 59.49 40.92
N GLY N 373 1.39 58.96 40.83
CA GLY N 373 2.17 59.00 39.58
C GLY N 373 1.36 58.36 38.44
N ASN N 374 1.47 58.96 37.26
CA ASN N 374 0.72 58.51 36.08
C ASN N 374 1.35 57.26 35.44
N THR N 375 1.25 56.17 36.16
CA THR N 375 1.74 54.86 35.72
C THR N 375 0.60 53.84 35.87
N PRO N 376 0.75 52.62 35.38
CA PRO N 376 -0.28 51.58 35.50
C PRO N 376 -0.67 51.33 36.96
N GLU N 377 0.35 51.22 37.81
CA GLU N 377 0.16 51.01 39.26
C GLU N 377 -0.38 52.25 39.96
N GLY N 378 0.14 53.42 39.53
CA GLY N 378 -0.23 54.73 40.12
C GLY N 378 -1.71 55.07 39.88
N LYS N 379 -2.18 54.75 38.69
CA LYS N 379 -3.58 55.01 38.29
C LYS N 379 -4.54 54.03 38.96
N ALA N 380 -4.05 52.82 39.19
CA ALA N 380 -4.79 51.78 39.95
C ALA N 380 -4.97 52.22 41.42
N ALA N 381 -3.93 52.87 41.95
CA ALA N 381 -3.94 53.42 43.31
C ALA N 381 -4.98 54.54 43.45
N GLU N 382 -5.04 55.37 42.43
CA GLU N 382 -5.99 56.47 42.35
C GLU N 382 -7.44 55.95 42.27
N THR N 383 -7.65 54.93 41.43
CA THR N 383 -8.96 54.28 41.27
C THR N 383 -9.47 53.75 42.62
N ASN N 384 -8.57 53.04 43.31
CA ASN N 384 -8.91 52.42 44.60
C ASN N 384 -9.22 53.45 45.68
N TYR N 385 -8.42 54.53 45.69
CA TYR N 385 -8.57 55.58 46.70
C TYR N 385 -9.86 56.38 46.49
N ARG N 386 -10.20 56.63 45.23
CA ARG N 386 -11.43 57.37 44.85
C ARG N 386 -12.69 56.60 45.22
N LEU N 387 -12.65 55.28 45.08
CA LEU N 387 -13.78 54.43 45.49
C LEU N 387 -14.08 54.58 46.99
N GLY N 388 -12.97 54.72 47.75
CA GLY N 388 -13.02 54.95 49.20
C GLY N 388 -13.65 56.30 49.56
N THR N 389 -13.44 57.29 48.72
CA THR N 389 -13.89 58.67 48.97
C THR N 389 -15.40 58.88 48.74
N GLN N 390 -16.05 57.91 48.10
CA GLN N 390 -17.47 58.05 47.76
C GLN N 390 -18.35 57.16 48.62
N LEU N 391 -19.36 57.78 49.19
CA LEU N 391 -20.35 57.13 50.06
C LEU N 391 -21.14 55.96 49.43
N PRO N 392 -21.54 56.06 48.15
CA PRO N 392 -22.25 54.96 47.45
C PRO N 392 -21.51 53.60 47.51
N TYR N 393 -20.19 53.65 47.69
CA TYR N 393 -19.36 52.43 47.77
C TYR N 393 -18.99 52.08 49.21
N MET N 394 -18.81 53.10 50.05
CA MET N 394 -18.53 52.92 51.48
C MET N 394 -19.72 52.27 52.19
N PHE N 395 -20.91 52.48 51.70
CA PHE N 395 -22.11 51.87 52.30
C PHE N 395 -22.10 50.35 52.14
N ILE N 396 -21.51 49.92 51.02
CA ILE N 396 -21.32 48.48 50.73
C ILE N 396 -20.36 47.88 51.77
N MET N 397 -19.22 48.53 51.95
CA MET N 397 -18.23 48.03 52.91
C MET N 397 -18.75 48.06 54.36
N THR N 398 -19.57 49.06 54.67
CA THR N 398 -20.16 49.23 56.00
C THR N 398 -21.06 48.04 56.34
N ARG N 399 -21.91 47.66 55.39
CA ARG N 399 -22.83 46.53 55.59
C ARG N 399 -22.08 45.20 55.66
N LEU N 400 -21.02 45.10 54.87
CA LEU N 400 -20.13 43.92 54.88
C LEU N 400 -19.43 43.77 56.24
N ALA N 401 -19.00 44.90 56.78
CA ALA N 401 -18.36 44.96 58.11
C ALA N 401 -19.34 44.53 59.22
N HIS N 402 -20.60 44.93 59.06
CA HIS N 402 -21.64 44.58 60.03
C HIS N 402 -22.02 43.09 59.99
N TYR N 403 -22.03 42.53 58.79
CA TYR N 403 -22.33 41.10 58.60
C TYR N 403 -21.22 40.21 59.12
N ILE N 404 -19.99 40.64 58.90
CA ILE N 404 -18.79 39.87 59.32
C ILE N 404 -18.71 39.81 60.85
N LYS N 405 -18.94 40.96 61.50
CA LYS N 405 -18.88 41.07 62.97
C LYS N 405 -19.89 40.11 63.63
N VAL N 406 -21.12 40.17 63.14
CA VAL N 406 -22.22 39.35 63.67
C VAL N 406 -21.97 37.86 63.41
N LEU N 407 -21.92 37.52 62.13
CA LEU N 407 -21.82 36.11 61.68
C LEU N 407 -20.57 35.38 62.20
N GLN N 408 -19.48 36.12 62.34
CA GLN N 408 -18.22 35.55 62.83
C GLN N 408 -18.22 35.22 64.33
N ARG N 409 -18.94 36.03 65.11
CA ARG N 409 -19.08 35.77 66.55
C ARG N 409 -19.80 34.43 66.83
N GLU N 410 -20.72 34.10 65.92
CA GLU N 410 -21.44 32.82 65.96
C GLU N 410 -20.53 31.61 65.74
N GLN N 411 -19.46 31.85 65.00
CA GLN N 411 -18.49 30.81 64.61
C GLN N 411 -17.38 30.59 65.63
N ILE N 412 -17.18 31.53 66.55
CA ILE N 412 -16.14 31.41 67.59
C ILE N 412 -16.38 30.10 68.39
N GLY N 413 -15.27 29.34 68.51
CA GLY N 413 -15.31 28.06 69.25
C GLY N 413 -15.34 26.86 68.32
N SER N 414 -15.72 27.07 67.06
CA SER N 414 -15.78 26.01 66.04
C SER N 414 -14.36 25.55 65.63
N TRP N 415 -14.28 24.31 65.18
CA TRP N 415 -13.02 23.69 64.72
C TRP N 415 -12.65 24.25 63.34
N LYS N 416 -11.99 25.40 63.32
CA LYS N 416 -11.59 26.03 62.05
C LYS N 416 -10.07 26.11 61.92
N GLU N 417 -9.58 25.47 60.87
CA GLU N 417 -8.19 25.59 60.42
C GLU N 417 -8.12 26.73 59.39
N LYS N 418 -6.93 27.17 59.04
CA LYS N 418 -6.74 28.32 58.13
C LYS N 418 -7.56 28.23 56.83
N SER N 419 -7.41 27.11 56.13
CA SER N 419 -8.11 26.86 54.85
C SER N 419 -9.62 26.67 55.03
N ASP N 420 -10.04 26.35 56.25
CA ASP N 420 -11.49 26.26 56.56
C ASP N 420 -12.16 27.62 56.46
N LEU N 421 -11.46 28.65 56.93
CA LEU N 421 -11.93 30.04 56.83
C LEU N 421 -11.98 30.54 55.39
N GLU N 422 -10.96 30.17 54.61
CA GLU N 422 -10.93 30.57 53.19
C GLU N 422 -12.08 29.94 52.40
N ARG N 423 -12.36 28.67 52.71
CA ARG N 423 -13.45 27.94 52.03
C ARG N 423 -14.82 28.55 52.37
N GLU N 424 -15.07 28.73 53.67
CA GLU N 424 -16.37 29.23 54.14
C GLU N 424 -16.59 30.71 53.80
N LEU N 425 -15.57 31.52 54.02
CA LEU N 425 -15.61 32.96 53.69
C LEU N 425 -15.84 33.22 52.20
N ASN N 426 -15.26 32.35 51.37
CA ASN N 426 -15.47 32.44 49.91
C ASN N 426 -16.91 32.11 49.52
N HIS N 427 -17.44 31.04 50.11
CA HIS N 427 -18.82 30.62 49.85
C HIS N 427 -19.82 31.68 50.34
N TRP N 428 -19.46 32.37 51.41
CA TRP N 428 -20.30 33.42 52.01
C TRP N 428 -20.36 34.66 51.10
N LEU N 429 -19.19 35.15 50.71
CA LEU N 429 -19.14 36.41 49.97
C LEU N 429 -19.83 36.29 48.60
N SER N 430 -19.74 35.11 48.01
CA SER N 430 -20.41 34.81 46.73
C SER N 430 -21.91 35.15 46.75
N GLN N 431 -22.49 35.14 47.94
CA GLN N 431 -23.90 35.48 48.15
C GLN N 431 -24.28 36.86 47.58
N TYR N 432 -23.33 37.79 47.62
CA TYR N 432 -23.59 39.18 47.16
C TYR N 432 -22.84 39.53 45.87
N ILE N 433 -22.49 38.52 45.09
CA ILE N 433 -21.74 38.73 43.85
C ILE N 433 -22.61 38.44 42.64
N SER N 434 -22.54 39.34 41.69
CA SER N 434 -23.22 39.19 40.37
C SER N 434 -22.17 39.33 39.28
N ASP N 435 -21.56 38.23 38.95
CA ASP N 435 -20.42 38.16 38.01
C ASP N 435 -20.86 37.64 36.62
N MET N 436 -22.04 38.06 36.20
CA MET N 436 -22.54 37.65 34.89
C MET N 436 -22.08 38.65 33.81
N ASP N 437 -22.19 38.22 32.57
CA ASP N 437 -21.79 39.03 31.41
C ASP N 437 -22.48 40.40 31.39
N ASP N 438 -23.76 40.41 31.77
CA ASP N 438 -24.61 41.60 31.77
C ASP N 438 -25.87 41.36 32.63
N PRO N 439 -25.74 41.56 33.91
CA PRO N 439 -26.85 41.50 34.88
C PRO N 439 -27.82 42.61 34.57
N ALA N 440 -29.11 42.31 34.83
CA ALA N 440 -30.13 43.32 34.59
C ALA N 440 -29.78 44.63 35.33
N PRO N 441 -29.83 45.74 34.62
CA PRO N 441 -29.42 47.06 35.14
C PRO N 441 -30.27 47.39 36.37
N ALA N 442 -29.61 47.89 37.41
CA ALA N 442 -30.25 48.17 38.72
C ALA N 442 -30.78 46.88 39.39
N VAL N 443 -30.12 45.77 39.10
CA VAL N 443 -30.44 44.44 39.68
C VAL N 443 -29.20 43.87 40.36
N ARG N 444 -28.07 44.09 39.68
CA ARG N 444 -26.79 44.56 40.27
C ARG N 444 -26.96 45.29 41.61
N SER N 445 -28.12 45.94 41.76
CA SER N 445 -28.49 46.61 43.00
C SER N 445 -28.52 45.70 44.24
N ARG N 446 -29.27 44.59 44.17
CA ARG N 446 -29.31 43.62 45.30
C ARG N 446 -27.98 42.87 45.49
N ARG N 447 -27.21 42.73 44.40
CA ARG N 447 -25.88 42.14 44.42
C ARG N 447 -24.83 43.17 43.95
N PRO N 448 -24.41 44.03 44.87
CA PRO N 448 -23.55 45.19 44.59
C PRO N 448 -22.14 44.84 44.08
N LEU N 449 -21.65 43.66 44.43
CA LEU N 449 -20.30 43.23 44.09
C LEU N 449 -20.23 42.48 42.76
N ARG N 450 -19.12 42.67 42.08
CA ARG N 450 -18.84 41.98 40.81
C ARG N 450 -17.79 40.88 41.01
N ALA N 451 -16.75 41.21 41.78
CA ALA N 451 -15.69 40.26 42.14
C ALA N 451 -15.26 40.49 43.58
N ALA N 452 -14.65 39.47 44.14
CA ALA N 452 -14.06 39.56 45.48
C ALA N 452 -13.03 38.47 45.74
N ARG N 453 -12.06 38.84 46.53
CA ARG N 453 -10.93 37.98 46.87
C ARG N 453 -10.70 37.94 48.38
N VAL N 454 -10.48 36.73 48.87
CA VAL N 454 -10.20 36.49 50.30
C VAL N 454 -8.92 35.67 50.44
N VAL N 455 -8.05 36.16 51.31
CA VAL N 455 -6.86 35.43 51.77
C VAL N 455 -6.86 35.36 53.30
N VAL N 456 -6.47 34.21 53.82
CA VAL N 456 -6.39 34.00 55.27
C VAL N 456 -5.00 33.47 55.63
N GLU N 457 -4.38 34.11 56.58
CA GLU N 457 -3.09 33.66 57.12
C GLU N 457 -3.23 33.41 58.61
N ASP N 458 -2.17 32.90 59.20
CA ASP N 458 -2.15 32.56 60.64
C ASP N 458 -1.39 33.62 61.42
N VAL N 459 -1.94 33.98 62.56
CA VAL N 459 -1.23 34.83 63.54
C VAL N 459 -0.19 33.94 64.25
N GLU N 460 1.05 34.04 63.77
CA GLU N 460 2.13 33.18 64.27
C GLU N 460 2.34 33.40 65.78
N GLY N 461 2.46 32.24 66.46
CA GLY N 461 2.61 32.20 67.93
C GLY N 461 1.31 32.52 68.68
N GLN N 462 0.19 32.36 67.98
CA GLN N 462 -1.16 32.53 68.56
C GLN N 462 -2.14 31.59 67.83
N PRO N 463 -2.17 30.33 68.25
CA PRO N 463 -2.99 29.28 67.63
C PRO N 463 -4.48 29.56 67.83
N GLY N 464 -5.22 29.50 66.72
CA GLY N 464 -6.68 29.78 66.77
C GLY N 464 -7.03 31.16 66.21
N TRP N 465 -6.02 32.02 66.07
CA TRP N 465 -6.19 33.37 65.55
C TRP N 465 -5.68 33.47 64.11
N TYR N 466 -6.40 34.23 63.32
CA TYR N 466 -6.14 34.39 61.88
C TYR N 466 -6.15 35.84 61.45
N ARG N 467 -5.45 36.08 60.35
CA ARG N 467 -5.41 37.40 59.69
C ARG N 467 -6.06 37.29 58.30
N CYS N 468 -7.19 37.96 58.15
CA CYS N 468 -7.99 37.85 56.93
C CYS N 468 -7.98 39.15 56.13
N SER N 469 -7.83 39.00 54.83
CA SER N 469 -7.90 40.13 53.89
C SER N 469 -9.03 39.92 52.88
N LEU N 470 -9.89 40.91 52.86
CA LEU N 470 -11.07 40.94 51.98
C LEU N 470 -11.03 42.16 51.06
N GLN N 471 -10.92 41.89 49.77
CA GLN N 471 -10.91 42.94 48.73
C GLN N 471 -12.05 42.69 47.74
N VAL N 472 -12.77 43.75 47.41
CA VAL N 472 -13.98 43.64 46.56
C VAL N 472 -13.96 44.66 45.41
N ARG N 473 -14.57 44.27 44.32
CA ARG N 473 -14.73 45.09 43.11
C ARG N 473 -16.23 45.30 42.88
N PRO N 474 -16.77 46.42 43.34
CA PRO N 474 -18.19 46.78 43.20
C PRO N 474 -18.51 47.16 41.75
N HIS N 475 -19.77 47.03 41.35
CA HIS N 475 -20.22 47.57 40.06
C HIS N 475 -20.10 49.09 40.08
N PHE N 476 -19.78 49.68 38.94
CA PHE N 476 -19.54 51.12 38.85
C PHE N 476 -20.78 51.93 38.51
N LYS N 477 -20.91 53.03 39.22
CA LYS N 477 -21.94 54.04 38.94
C LYS N 477 -21.50 54.94 37.79
N TYR N 478 -22.45 55.25 36.92
CA TYR N 478 -22.25 56.20 35.82
C TYR N 478 -22.28 57.63 36.38
N MET N 479 -21.13 58.29 36.36
CA MET N 479 -20.98 59.59 37.04
C MET N 479 -20.34 60.70 36.20
N GLY N 480 -20.52 60.61 34.88
CA GLY N 480 -19.98 61.64 33.96
C GLY N 480 -19.26 61.02 32.77
N ALA N 481 -19.14 61.83 31.73
CA ALA N 481 -18.57 61.42 30.44
C ALA N 481 -18.34 62.64 29.53
N SER N 482 -17.35 62.51 28.67
CA SER N 482 -17.04 63.54 27.66
C SER N 482 -17.38 62.99 26.27
N PHE N 483 -17.98 63.84 25.47
CA PHE N 483 -18.42 63.47 24.10
C PHE N 483 -17.70 64.31 23.05
N THR N 484 -17.28 63.63 22.00
CA THR N 484 -16.65 64.25 20.82
C THR N 484 -17.53 64.00 19.59
N LEU N 485 -18.17 65.05 19.12
CA LEU N 485 -19.05 64.95 17.93
C LEU N 485 -18.25 65.27 16.68
N SER N 486 -18.58 64.59 15.59
CA SER N 486 -17.87 64.79 14.33
C SER N 486 -18.70 64.32 13.13
N LEU N 487 -18.87 65.25 12.20
CA LEU N 487 -19.40 64.94 10.86
C LEU N 487 -18.29 64.23 10.06
N VAL N 488 -18.69 63.32 9.20
CA VAL N 488 -17.74 62.49 8.45
C VAL N 488 -18.39 61.94 7.18
N GLY N 489 -17.60 61.96 6.11
CA GLY N 489 -17.96 61.30 4.85
C GLY N 489 -17.22 59.97 4.77
N LYS N 490 -17.74 59.03 4.05
CA LYS N 490 -17.16 57.67 3.81
C LYS N 490 -16.98 56.87 5.12
N LEU N 491 -17.80 57.19 6.13
CA LEU N 491 -17.81 56.43 7.38
C LEU N 491 -18.28 54.99 7.06
N ASP N 492 -17.66 54.02 7.72
CA ASP N 492 -18.14 52.63 7.60
C ASP N 492 -19.60 52.57 8.07
N LYS N 493 -20.44 51.95 7.25
CA LYS N 493 -21.90 51.94 7.49
C LYS N 493 -22.30 51.18 8.79
N LEU O 30 -0.35 78.28 -3.54
CA LEU O 30 0.52 79.38 -3.90
C LEU O 30 0.19 79.92 -5.30
N PRO O 31 -0.18 81.20 -5.35
CA PRO O 31 -0.44 81.90 -6.63
C PRO O 31 0.82 81.85 -7.51
N LEU O 32 0.60 82.08 -8.79
CA LEU O 32 1.72 82.25 -9.74
C LEU O 32 1.85 83.75 -10.04
N LYS O 33 2.82 84.36 -9.36
CA LYS O 33 3.04 85.81 -9.52
C LYS O 33 4.30 86.04 -10.36
N VAL O 34 4.10 86.88 -11.37
CA VAL O 34 5.17 87.31 -12.28
C VAL O 34 5.48 88.79 -12.01
N LEU O 35 6.74 89.13 -12.25
CA LEU O 35 7.22 90.50 -12.12
C LEU O 35 7.72 91.01 -13.48
N MET O 36 6.97 91.96 -14.02
CA MET O 36 7.32 92.60 -15.31
C MET O 36 8.14 93.87 -15.04
N LEU O 37 9.41 93.77 -15.39
CA LEU O 37 10.35 94.88 -15.17
C LEU O 37 10.72 95.44 -16.54
N GLY O 38 10.63 96.77 -16.65
CA GLY O 38 10.87 97.46 -17.93
C GLY O 38 10.68 98.96 -17.81
N ASP O 39 11.07 99.65 -18.88
CA ASP O 39 10.98 101.10 -18.98
C ASP O 39 9.60 101.53 -19.48
N PHE O 40 8.66 101.61 -18.54
CA PHE O 40 7.27 101.98 -18.83
C PHE O 40 7.02 103.50 -18.96
N THR O 41 8.02 104.29 -18.62
CA THR O 41 7.93 105.75 -18.69
C THR O 41 8.97 106.30 -19.68
N GLY O 42 8.76 107.56 -20.05
CA GLY O 42 9.65 108.28 -21.00
C GLY O 42 10.98 108.73 -20.36
N GLN O 43 11.13 108.51 -19.07
CA GLN O 43 12.31 108.97 -18.31
C GLN O 43 12.58 108.07 -17.08
N GLU O 44 13.84 108.07 -16.68
CA GLU O 44 14.27 107.42 -15.42
C GLU O 44 13.73 108.20 -14.22
N ASP O 45 13.50 107.48 -13.13
CA ASP O 45 13.06 108.09 -11.86
C ASP O 45 14.27 108.41 -10.98
N ALA O 46 14.14 109.52 -10.25
CA ALA O 46 15.10 109.94 -9.21
C ALA O 46 15.10 109.00 -8.00
N ARG O 47 13.92 108.43 -7.70
CA ARG O 47 13.74 107.49 -6.58
C ARG O 47 14.60 106.24 -6.78
N PRO O 48 15.33 105.84 -5.73
CA PRO O 48 16.15 104.61 -5.73
C PRO O 48 15.27 103.39 -6.04
N LEU O 49 15.89 102.40 -6.66
CA LEU O 49 15.20 101.14 -7.03
C LEU O 49 14.52 100.45 -5.84
N GLU O 50 15.23 100.43 -4.72
CA GLU O 50 14.70 99.83 -3.48
C GLU O 50 13.51 100.60 -2.89
N GLN O 51 13.40 101.87 -3.26
CA GLN O 51 12.36 102.75 -2.73
C GLN O 51 11.10 102.75 -3.60
N ARG O 52 11.27 102.85 -4.92
CA ARG O 52 10.13 102.78 -5.84
C ARG O 52 9.41 101.45 -5.65
N ALA O 53 8.09 101.52 -5.73
CA ALA O 53 7.25 100.37 -5.40
C ALA O 53 6.66 99.70 -6.66
N PRO O 54 6.40 98.39 -6.56
CA PRO O 54 5.71 97.62 -7.61
C PRO O 54 4.20 97.93 -7.61
N ILE O 55 3.59 97.76 -8.78
CA ILE O 55 2.15 98.01 -8.96
C ILE O 55 1.45 96.70 -9.38
N ASN O 56 0.42 96.33 -8.63
CA ASN O 56 -0.39 95.15 -8.98
C ASN O 56 -1.37 95.51 -10.11
N VAL O 57 -1.31 94.72 -11.18
CA VAL O 57 -2.15 94.95 -12.37
C VAL O 57 -3.04 93.73 -12.62
N ASP O 58 -4.27 94.03 -13.06
CA ASP O 58 -5.23 93.01 -13.50
C ASP O 58 -6.20 93.62 -14.53
N LYS O 59 -7.04 92.76 -15.10
CA LYS O 59 -8.03 93.17 -16.12
C LYS O 59 -8.99 94.29 -15.70
N ALA O 60 -9.27 94.37 -14.40
CA ALA O 60 -10.27 95.30 -13.86
C ALA O 60 -9.72 96.66 -13.39
N ASN O 61 -8.45 96.92 -13.72
CA ASN O 61 -7.78 98.18 -13.31
C ASN O 61 -6.59 98.57 -14.19
N PHE O 62 -6.42 97.87 -15.32
CA PHE O 62 -5.28 98.10 -16.21
C PHE O 62 -5.19 99.58 -16.63
N ASN O 63 -6.31 100.11 -17.11
CA ASN O 63 -6.40 101.52 -17.53
C ASN O 63 -6.14 102.50 -16.36
N GLU O 64 -6.62 102.12 -15.18
CA GLU O 64 -6.52 102.93 -13.96
C GLU O 64 -5.04 103.05 -13.60
N VAL O 65 -4.31 101.96 -13.82
CA VAL O 65 -2.85 101.90 -13.59
C VAL O 65 -2.11 102.87 -14.52
N MET O 66 -2.52 102.89 -15.79
CA MET O 66 -1.88 103.81 -16.76
C MET O 66 -2.11 105.28 -16.40
N ALA O 67 -3.36 105.56 -16.01
CA ALA O 67 -3.78 106.91 -15.59
C ALA O 67 -2.99 107.39 -14.37
N GLN O 68 -2.83 106.49 -13.40
CA GLN O 68 -2.07 106.80 -12.17
C GLN O 68 -0.55 106.89 -12.41
N GLN O 69 -0.06 106.09 -13.36
CA GLN O 69 1.38 106.06 -13.70
C GLN O 69 1.80 107.40 -14.33
N ASN O 70 0.88 108.02 -15.08
CA ASN O 70 1.09 109.31 -15.74
C ASN O 70 2.24 109.20 -16.75
N LEU O 71 1.84 109.07 -18.01
CA LEU O 71 2.80 108.93 -19.12
C LEU O 71 2.92 110.26 -19.87
N LYS O 72 4.15 110.53 -20.30
CA LYS O 72 4.46 111.77 -21.05
C LYS O 72 5.67 111.54 -21.96
N VAL O 73 5.54 112.08 -23.16
CA VAL O 73 6.60 112.06 -24.18
C VAL O 73 6.90 113.47 -24.71
N THR O 74 8.12 113.89 -24.44
CA THR O 74 8.66 115.14 -25.01
C THR O 74 9.70 114.72 -26.04
N LEU O 75 9.33 114.93 -27.30
CA LEU O 75 10.17 114.47 -28.42
C LEU O 75 9.97 115.39 -29.62
N THR O 76 11.00 115.39 -30.45
CA THR O 76 11.03 116.18 -31.69
C THR O 76 11.06 115.25 -32.92
N ALA O 77 10.18 115.56 -33.86
CA ALA O 77 10.08 114.85 -35.15
C ALA O 77 10.29 115.86 -36.30
N ALA O 78 10.69 115.34 -37.45
CA ALA O 78 10.79 116.16 -38.68
C ALA O 78 9.43 116.79 -39.01
N ASP O 79 9.47 118.11 -39.20
CA ASP O 79 8.27 118.87 -39.57
C ASP O 79 8.04 118.71 -41.07
N LYS O 80 7.07 117.87 -41.42
CA LYS O 80 6.74 117.62 -42.84
C LYS O 80 5.47 118.36 -43.28
N LEU O 81 5.11 119.38 -42.52
CA LEU O 81 3.99 120.27 -42.87
C LEU O 81 4.43 121.42 -43.80
N SER O 82 5.73 121.49 -44.01
CA SER O 82 6.37 122.47 -44.92
C SER O 82 7.38 121.74 -45.83
N ALA O 83 8.20 122.53 -46.51
CA ALA O 83 9.26 122.06 -47.41
C ALA O 83 10.66 122.54 -46.96
N ASP O 84 10.88 122.51 -45.64
CA ASP O 84 12.17 122.93 -45.08
C ASP O 84 12.80 121.79 -44.27
N PRO O 85 14.01 121.36 -44.66
CA PRO O 85 14.78 120.33 -43.93
C PRO O 85 15.19 120.74 -42.50
N ASN O 86 15.32 122.04 -42.26
CA ASN O 86 15.63 122.62 -40.95
C ASN O 86 14.42 122.77 -40.02
N ALA O 87 13.22 122.60 -40.58
CA ALA O 87 11.96 122.65 -39.82
C ALA O 87 11.78 121.37 -38.99
N THR O 88 11.65 121.59 -37.70
CA THR O 88 11.44 120.51 -36.73
C THR O 88 10.22 120.79 -35.86
N MET O 89 9.54 119.73 -35.43
CA MET O 89 8.35 119.85 -34.57
C MET O 89 8.56 119.11 -33.25
N ASN O 90 8.41 119.87 -32.17
CA ASN O 90 8.49 119.30 -30.81
C ASN O 90 7.08 119.19 -30.23
N VAL O 91 6.78 117.99 -29.76
CA VAL O 91 5.47 117.63 -29.20
C VAL O 91 5.61 117.18 -27.73
N SER O 92 4.54 117.38 -26.98
CA SER O 92 4.45 116.93 -25.58
C SER O 92 3.19 116.10 -25.37
N LEU O 93 3.28 114.83 -25.71
CA LEU O 93 2.12 113.92 -25.59
C LEU O 93 1.98 113.38 -24.17
N GLN O 94 0.72 113.18 -23.79
CA GLN O 94 0.32 112.66 -22.47
C GLN O 94 -0.66 111.52 -22.68
N PHE O 95 -0.48 110.48 -21.88
CA PHE O 95 -1.33 109.28 -21.98
C PHE O 95 -1.92 108.93 -20.62
N LYS O 96 -3.19 108.54 -20.67
CA LYS O 96 -3.95 108.07 -19.50
C LYS O 96 -4.38 106.60 -19.69
N ASN O 97 -4.66 106.25 -20.95
CA ASN O 97 -5.02 104.89 -21.37
C ASN O 97 -4.44 104.60 -22.75
N LEU O 98 -4.58 103.34 -23.18
CA LEU O 98 -4.11 102.89 -24.49
C LEU O 98 -4.79 103.58 -25.68
N ASN O 99 -6.02 104.02 -25.47
CA ASN O 99 -6.78 104.79 -26.46
C ASN O 99 -6.06 106.10 -26.83
N ASP O 100 -5.24 106.60 -25.91
CA ASP O 100 -4.47 107.84 -26.12
C ASP O 100 -3.25 107.68 -27.04
N PHE O 101 -3.02 106.47 -27.52
CA PHE O 101 -1.96 106.23 -28.53
C PHE O 101 -2.52 106.22 -29.96
N SER O 102 -3.84 106.34 -30.08
CA SER O 102 -4.49 106.40 -31.39
C SER O 102 -4.19 107.74 -32.08
N PRO O 103 -4.09 107.74 -33.41
CA PRO O 103 -3.83 108.97 -34.19
C PRO O 103 -4.80 110.11 -33.87
N GLU O 104 -6.03 109.74 -33.49
CA GLU O 104 -7.07 110.71 -33.07
C GLU O 104 -6.66 111.52 -31.83
N SER O 105 -6.00 110.86 -30.87
CA SER O 105 -5.53 111.54 -29.65
C SER O 105 -4.22 112.29 -29.90
N VAL O 106 -3.38 111.73 -30.79
CA VAL O 106 -2.10 112.35 -31.20
C VAL O 106 -2.37 113.73 -31.83
N VAL O 107 -3.34 113.77 -32.73
CA VAL O 107 -3.76 115.02 -33.39
C VAL O 107 -4.29 116.06 -32.37
N ASN O 108 -5.09 115.57 -31.43
CA ASN O 108 -5.72 116.42 -30.42
C ASN O 108 -4.70 117.09 -29.48
N GLN O 109 -3.55 116.42 -29.31
CA GLN O 109 -2.49 116.93 -28.45
C GLN O 109 -1.36 117.65 -29.21
N VAL O 110 -1.55 117.76 -30.52
CA VAL O 110 -0.58 118.44 -31.40
C VAL O 110 -1.33 119.56 -32.15
N PRO O 111 -1.25 120.80 -31.64
CA PRO O 111 -1.92 121.98 -32.22
C PRO O 111 -1.68 122.17 -33.73
N GLU O 112 -0.47 121.84 -34.16
CA GLU O 112 -0.02 121.93 -35.56
C GLU O 112 -0.80 120.97 -36.48
N LEU O 113 -1.37 119.93 -35.88
CA LEU O 113 -2.23 118.97 -36.57
C LEU O 113 -3.71 119.17 -36.22
N LYS O 114 -3.98 119.54 -34.97
CA LYS O 114 -5.34 119.78 -34.46
C LYS O 114 -6.05 120.87 -35.26
N LYS O 115 -5.32 121.94 -35.55
CA LYS O 115 -5.84 123.05 -36.38
C LYS O 115 -6.13 122.62 -37.82
N LEU O 116 -5.31 121.71 -38.32
CA LEU O 116 -5.49 121.11 -39.66
C LEU O 116 -6.73 120.19 -39.73
N LEU O 117 -7.00 119.52 -38.62
CA LEU O 117 -8.20 118.68 -38.48
C LEU O 117 -9.45 119.56 -38.40
N GLU O 118 -9.33 120.68 -37.69
CA GLU O 118 -10.41 121.68 -37.59
C GLU O 118 -10.70 122.30 -38.95
N LEU O 119 -9.62 122.53 -39.70
CA LEU O 119 -9.68 122.99 -41.10
C LEU O 119 -10.40 121.97 -41.98
N ARG O 120 -10.01 120.71 -41.81
CA ARG O 120 -10.60 119.59 -42.55
C ARG O 120 -12.13 119.61 -42.35
N SER O 121 -12.56 119.69 -41.10
CA SER O 121 -14.00 119.71 -40.74
C SER O 121 -14.73 120.92 -41.32
N ALA O 122 -14.04 122.06 -41.35
CA ALA O 122 -14.55 123.31 -41.96
C ALA O 122 -14.75 123.17 -43.47
N LEU O 123 -13.85 122.51 -44.09
CA LEU O 123 -13.93 122.40 -45.56
C LEU O 123 -14.97 121.34 -45.97
N ASN O 124 -15.07 120.24 -45.22
CA ASN O 124 -16.06 119.20 -45.52
C ASN O 124 -17.47 119.76 -45.31
N ALA O 125 -17.67 120.55 -44.22
CA ALA O 125 -18.95 121.21 -43.90
C ALA O 125 -19.33 122.14 -45.04
N LEU O 126 -18.40 122.99 -45.48
CA LEU O 126 -18.61 123.92 -46.59
C LEU O 126 -18.96 123.16 -47.87
N LYS O 127 -18.12 122.16 -48.25
CA LYS O 127 -18.34 121.39 -49.49
C LYS O 127 -19.64 120.58 -49.48
N GLY O 128 -20.11 120.12 -48.29
CA GLY O 128 -21.39 119.41 -48.19
C GLY O 128 -22.56 120.38 -47.99
N PRO O 129 -22.28 121.71 -48.07
CA PRO O 129 -23.26 122.79 -47.92
C PRO O 129 -23.95 122.84 -46.53
N LEU O 130 -23.26 122.36 -45.48
CA LEU O 130 -23.81 122.32 -44.13
C LEU O 130 -23.76 123.65 -43.40
N GLY O 131 -22.94 124.59 -43.91
CA GLY O 131 -22.91 125.94 -43.36
C GLY O 131 -22.77 126.96 -44.47
N ASN O 132 -23.23 128.19 -44.24
CA ASN O 132 -23.13 129.23 -45.25
C ASN O 132 -21.75 129.90 -45.20
N LEU O 133 -21.43 130.75 -46.20
CA LEU O 133 -20.16 131.44 -46.33
C LEU O 133 -19.79 132.30 -45.14
N PRO O 134 -20.77 133.01 -44.54
CA PRO O 134 -20.51 133.89 -43.38
C PRO O 134 -20.00 133.08 -42.17
N ALA O 135 -20.63 131.91 -41.89
CA ALA O 135 -20.23 131.04 -40.77
C ALA O 135 -18.84 130.46 -41.10
N PHE O 136 -18.66 129.96 -42.32
CA PHE O 136 -17.38 129.42 -42.79
C PHE O 136 -16.25 130.42 -42.50
N ARG O 137 -16.39 131.71 -42.94
CA ARG O 137 -15.32 132.71 -42.75
C ARG O 137 -15.07 133.02 -41.28
N LYS O 138 -16.13 133.01 -40.44
CA LYS O 138 -16.02 133.25 -38.99
C LYS O 138 -15.23 132.12 -38.33
N LYS O 139 -15.55 130.86 -38.69
CA LYS O 139 -14.87 129.69 -38.16
C LYS O 139 -13.44 129.60 -38.66
N LEU O 140 -13.19 130.03 -39.87
CA LEU O 140 -11.88 129.96 -40.42
C LEU O 140 -10.96 130.84 -39.65
N GLN O 141 -11.38 132.05 -39.37
CA GLN O 141 -10.56 132.98 -38.63
C GLN O 141 -10.25 132.46 -37.23
N ALA O 142 -11.17 131.79 -36.58
CA ALA O 142 -10.95 131.16 -35.30
C ALA O 142 -9.86 130.07 -35.34
N LEU O 143 -9.95 129.20 -36.30
CA LEU O 143 -8.95 128.20 -36.52
C LEU O 143 -7.54 128.83 -36.68
N LEU O 144 -7.42 129.81 -37.54
CA LEU O 144 -6.11 130.33 -37.90
C LEU O 144 -5.55 131.38 -36.92
N ALA O 145 -6.36 131.75 -35.98
CA ALA O 145 -6.02 132.68 -34.91
C ALA O 145 -4.98 132.09 -33.92
N ASP O 146 -4.91 130.74 -33.78
CA ASP O 146 -3.98 130.07 -32.84
C ASP O 146 -2.55 130.64 -32.96
N GLU O 147 -2.05 131.31 -31.89
CA GLU O 147 -0.71 131.93 -32.00
C GLU O 147 0.46 130.96 -32.08
N ASP O 148 0.23 129.67 -31.77
CA ASP O 148 1.26 128.64 -31.79
C ASP O 148 1.51 128.14 -33.23
N GLY O 149 0.64 128.53 -34.20
CA GLY O 149 0.79 128.11 -35.60
C GLY O 149 1.85 128.91 -36.31
N ARG O 150 2.51 128.31 -37.30
CA ARG O 150 3.47 129.05 -38.11
C ARG O 150 2.66 129.79 -39.19
N LYS O 151 3.17 130.92 -39.71
CA LYS O 151 2.48 131.63 -40.77
C LYS O 151 2.53 130.79 -42.07
N ALA O 152 3.59 129.96 -42.22
CA ALA O 152 3.75 129.07 -43.38
C ALA O 152 2.58 128.08 -43.36
N LEU O 153 2.27 127.47 -42.20
CA LEU O 153 1.14 126.57 -42.12
C LEU O 153 -0.20 127.29 -42.39
N ILE O 154 -0.40 128.51 -41.81
CA ILE O 154 -1.64 129.27 -42.04
C ILE O 154 -1.89 129.48 -43.53
N LYS O 155 -0.83 129.83 -44.31
CA LYS O 155 -0.84 130.03 -45.75
C LYS O 155 -1.27 128.79 -46.53
N GLU O 156 -0.73 127.60 -46.17
CA GLU O 156 -1.07 126.31 -46.76
C GLU O 156 -2.53 125.96 -46.43
N LEU O 157 -3.00 126.32 -45.22
CA LEU O 157 -4.40 126.10 -44.82
C LEU O 157 -5.37 126.99 -45.61
N GLY O 158 -5.04 128.29 -45.75
CA GLY O 158 -5.83 129.27 -46.52
C GLY O 158 -5.85 128.93 -48.02
N LEU O 159 -4.78 128.28 -48.53
CA LEU O 159 -4.69 127.86 -49.94
C LEU O 159 -5.66 126.73 -50.30
N THR O 160 -6.22 126.07 -49.28
CA THR O 160 -7.19 124.99 -49.47
C THR O 160 -8.61 125.54 -49.59
N GLU O 161 -8.82 126.82 -49.26
CA GLU O 161 -10.15 127.42 -49.33
C GLU O 161 -10.64 127.63 -50.77
N GLU O 162 -11.82 127.10 -51.19
CA GLU O 162 -12.30 127.38 -52.56
C GLU O 162 -12.52 128.88 -52.74
N THR O 163 -12.20 129.41 -53.92
CA THR O 163 -12.32 130.85 -54.23
C THR O 163 -13.68 131.46 -53.91
N LYS O 164 -14.77 130.73 -54.16
CA LYS O 164 -16.14 131.20 -53.91
C LYS O 164 -16.50 131.34 -52.43
N ASP P 63 -18.07 122.10 -58.49
CA ASP P 63 -17.29 122.92 -57.52
C ASP P 63 -16.79 122.11 -56.31
N LYS P 64 -17.68 121.27 -55.79
CA LYS P 64 -17.44 120.43 -54.61
C LYS P 64 -16.27 119.46 -54.87
N ALA P 65 -16.15 119.04 -56.13
CA ALA P 65 -15.05 118.16 -56.57
C ALA P 65 -13.67 118.75 -56.26
N LEU P 66 -13.55 120.06 -56.46
CA LEU P 66 -12.32 120.81 -56.11
C LEU P 66 -12.10 120.91 -54.61
N VAL P 67 -13.20 121.09 -53.88
CA VAL P 67 -13.18 121.11 -52.40
C VAL P 67 -12.73 119.75 -51.85
N ASP P 68 -13.20 118.69 -52.47
CA ASP P 68 -12.81 117.31 -52.10
C ASP P 68 -11.32 117.06 -52.35
N ALA P 69 -10.83 117.64 -53.45
CA ALA P 69 -9.40 117.57 -53.80
C ALA P 69 -8.54 118.31 -52.76
N MET P 70 -9.08 119.40 -52.24
CA MET P 70 -8.44 120.17 -51.16
C MET P 70 -8.35 119.32 -49.88
N ILE P 71 -9.42 118.56 -49.62
CA ILE P 71 -9.47 117.61 -48.49
C ILE P 71 -8.46 116.46 -48.67
N ALA P 72 -8.32 116.01 -49.88
CA ALA P 72 -7.39 114.93 -50.22
C ALA P 72 -5.93 115.34 -49.93
N GLU P 73 -5.60 116.56 -50.37
CA GLU P 73 -4.26 117.14 -50.18
C GLU P 73 -3.99 117.52 -48.73
N ILE P 74 -5.03 118.00 -48.06
CA ILE P 74 -4.94 118.37 -46.62
C ILE P 74 -4.60 117.13 -45.77
N ASP P 75 -5.35 116.04 -46.01
CA ASP P 75 -5.16 114.77 -45.28
C ASP P 75 -3.84 114.11 -45.65
N LYS P 76 -3.45 114.30 -46.92
CA LYS P 76 -2.16 113.82 -47.42
C LYS P 76 -1.00 114.42 -46.59
N ARG P 77 -1.08 115.74 -46.39
CA ARG P 77 -0.06 116.46 -45.62
C ARG P 77 -0.11 116.10 -44.13
N LEU P 78 -1.33 116.02 -43.61
CA LEU P 78 -1.54 115.70 -42.19
C LEU P 78 -1.03 114.28 -41.90
N SER P 79 -1.28 113.36 -42.79
CA SER P 79 -0.83 111.95 -42.72
C SER P 79 0.69 111.81 -42.81
N SER P 80 1.30 112.68 -43.55
CA SER P 80 2.76 112.70 -43.70
C SER P 80 3.43 113.06 -42.37
N GLN P 81 2.79 113.97 -41.64
CA GLN P 81 3.26 114.41 -40.32
C GLN P 81 2.94 113.36 -39.26
N VAL P 82 1.78 112.83 -39.28
CA VAL P 82 1.33 111.82 -38.29
C VAL P 82 2.19 110.55 -38.35
N ASN P 83 2.68 110.22 -39.55
CA ASN P 83 3.60 109.09 -39.73
C ASN P 83 4.89 109.28 -38.92
N GLU P 84 5.35 110.53 -38.85
CA GLU P 84 6.56 110.90 -38.11
C GLU P 84 6.46 110.64 -36.61
N ILE P 85 5.30 110.96 -36.04
CA ILE P 85 5.04 110.74 -34.60
C ILE P 85 4.85 109.24 -34.32
N LEU P 86 4.03 108.61 -35.16
CA LEU P 86 3.70 107.18 -35.00
C LEU P 86 4.91 106.27 -35.23
N HIS P 87 5.84 106.75 -36.03
CA HIS P 87 7.07 106.00 -36.33
C HIS P 87 8.29 106.53 -35.57
N ALA P 88 8.03 107.38 -34.59
CA ALA P 88 9.08 107.87 -33.69
C ALA P 88 9.48 106.73 -32.74
N LYS P 89 10.78 106.54 -32.61
CA LYS P 89 11.36 105.46 -31.77
C LYS P 89 11.00 105.62 -30.28
N GLU P 90 10.98 106.87 -29.82
CA GLU P 90 10.60 107.21 -28.44
C GLU P 90 9.10 106.90 -28.23
N PHE P 91 8.29 107.25 -29.22
CA PHE P 91 6.85 107.01 -29.14
C PHE P 91 6.53 105.51 -29.13
N GLN P 92 7.17 104.78 -30.03
CA GLN P 92 6.96 103.33 -30.15
C GLN P 92 7.47 102.58 -28.93
N LYS P 93 8.55 103.06 -28.32
CA LYS P 93 9.09 102.42 -27.10
C LYS P 93 8.04 102.46 -25.97
N LEU P 94 7.38 103.63 -25.85
CA LEU P 94 6.33 103.83 -24.85
C LEU P 94 5.12 102.96 -25.19
N GLU P 95 4.63 103.08 -26.41
CA GLU P 95 3.42 102.35 -26.84
C GLU P 95 3.60 100.84 -26.74
N SER P 96 4.62 100.32 -27.40
CA SER P 96 4.91 98.88 -27.44
C SER P 96 5.05 98.31 -26.03
N SER P 97 5.55 99.10 -25.07
CA SER P 97 5.71 98.66 -23.67
C SER P 97 4.35 98.39 -23.02
N TRP P 98 3.45 99.36 -23.13
CA TRP P 98 2.11 99.25 -22.53
C TRP P 98 1.14 98.36 -23.32
N ARG P 99 1.22 98.43 -24.64
CA ARG P 99 0.38 97.59 -25.51
C ARG P 99 0.74 96.11 -25.35
N SER P 100 2.05 95.83 -25.36
CA SER P 100 2.55 94.46 -25.11
C SER P 100 2.20 93.97 -23.71
N LEU P 101 2.15 94.90 -22.76
CA LEU P 101 1.78 94.59 -21.37
C LEU P 101 0.32 94.12 -21.29
N LYS P 102 -0.57 94.86 -21.92
CA LYS P 102 -2.00 94.50 -21.92
C LYS P 102 -2.22 93.19 -22.69
N PHE P 103 -1.50 93.04 -23.80
CA PHE P 103 -1.53 91.82 -24.61
C PHE P 103 -1.25 90.59 -23.73
N MET P 104 -0.31 90.76 -22.80
CA MET P 104 -0.03 89.76 -21.75
C MET P 104 -1.19 89.62 -20.78
N VAL P 105 -1.51 90.74 -20.14
CA VAL P 105 -2.49 90.81 -19.04
C VAL P 105 -3.84 90.19 -19.43
N ASP P 106 -4.39 90.61 -20.56
CA ASP P 106 -5.75 90.19 -20.93
C ASP P 106 -5.85 88.76 -21.47
N ARG P 107 -4.70 88.09 -21.60
CA ARG P 107 -4.67 86.68 -22.01
C ARG P 107 -4.40 85.75 -20.82
N THR P 108 -4.37 86.34 -19.64
CA THR P 108 -4.23 85.58 -18.38
C THR P 108 -5.64 85.49 -17.74
N ASP P 109 -5.70 84.73 -16.66
CA ASP P 109 -6.95 84.59 -15.92
C ASP P 109 -6.67 84.78 -14.42
N PHE P 110 -7.01 85.95 -13.94
CA PHE P 110 -6.79 86.35 -12.52
C PHE P 110 -7.63 85.57 -11.50
N ARG P 111 -8.64 84.88 -12.00
CA ARG P 111 -9.49 84.00 -11.17
C ARG P 111 -8.80 82.65 -10.85
N GLU P 112 -7.72 82.37 -11.56
CA GLU P 112 -6.96 81.13 -11.40
C GLU P 112 -5.70 81.33 -10.53
N ASN P 113 -5.75 82.34 -9.66
CA ASN P 113 -4.64 82.67 -8.74
C ASN P 113 -3.37 83.08 -9.50
N THR P 114 -3.58 83.88 -10.54
CA THR P 114 -2.47 84.45 -11.32
C THR P 114 -2.36 85.93 -10.95
N ARG P 115 -1.13 86.38 -10.72
CA ARG P 115 -0.88 87.77 -10.33
C ARG P 115 0.34 88.31 -11.09
N VAL P 116 0.32 89.61 -11.31
CA VAL P 116 1.42 90.31 -12.00
C VAL P 116 1.62 91.68 -11.35
N GLU P 117 2.88 92.04 -11.19
CA GLU P 117 3.25 93.38 -10.70
C GLU P 117 4.20 94.05 -11.70
N MET P 118 4.08 95.36 -11.77
CA MET P 118 4.94 96.18 -12.64
C MET P 118 6.00 96.92 -11.81
N LEU P 119 7.21 96.87 -12.30
CA LEU P 119 8.35 97.55 -11.66
C LEU P 119 9.16 98.30 -12.71
N ASN P 120 8.94 99.60 -12.76
CA ASN P 120 9.61 100.48 -13.74
C ASN P 120 11.12 100.56 -13.47
N ALA P 121 11.89 100.03 -14.41
CA ALA P 121 13.36 100.04 -14.33
C ALA P 121 13.99 99.92 -15.72
N SER P 122 14.95 100.78 -15.98
CA SER P 122 15.75 100.74 -17.22
C SER P 122 16.97 99.81 -17.02
N LYS P 123 17.52 99.29 -18.12
CA LYS P 123 18.72 98.42 -18.00
C LYS P 123 19.90 99.15 -17.36
N GLU P 124 20.03 100.43 -17.71
CA GLU P 124 21.12 101.27 -17.21
C GLU P 124 21.08 101.37 -15.67
N ASP P 125 19.88 101.57 -15.12
CA ASP P 125 19.73 101.72 -13.66
C ASP P 125 19.79 100.36 -12.93
N LEU P 126 19.52 99.28 -13.66
CA LEU P 126 19.68 97.92 -13.13
C LEU P 126 21.15 97.66 -12.81
N GLN P 127 21.99 98.08 -13.75
CA GLN P 127 23.45 98.02 -13.61
C GLN P 127 23.93 98.99 -12.53
N LYS P 128 23.32 100.18 -12.51
CA LYS P 128 23.63 101.19 -11.49
C LYS P 128 23.44 100.61 -10.07
N ASP P 129 22.31 99.93 -9.87
CA ASP P 129 21.96 99.38 -8.56
C ASP P 129 22.86 98.20 -8.19
N PHE P 130 23.04 97.31 -9.15
CA PHE P 130 23.83 96.12 -8.90
C PHE P 130 25.33 96.38 -8.73
N GLU P 131 25.82 97.43 -9.41
CA GLU P 131 27.21 97.89 -9.26
C GLU P 131 27.39 98.70 -7.98
N ASP P 132 26.35 99.47 -7.63
CA ASP P 132 26.37 100.30 -6.42
C ASP P 132 26.41 99.42 -5.16
N ALA P 133 25.52 98.43 -5.12
CA ALA P 133 25.44 97.51 -3.99
C ALA P 133 26.76 96.73 -3.83
N PRO P 134 27.14 96.46 -2.58
CA PRO P 134 28.33 95.64 -2.24
C PRO P 134 28.15 94.18 -2.64
N GLU P 135 26.91 93.70 -2.55
CA GLU P 135 26.53 92.32 -2.92
C GLU P 135 25.08 92.28 -3.38
N VAL P 136 24.76 91.24 -4.12
CA VAL P 136 23.41 91.03 -4.68
C VAL P 136 22.32 90.98 -3.59
N THR P 137 22.68 90.46 -2.42
CA THR P 137 21.72 90.33 -1.31
C THR P 137 21.23 91.70 -0.79
N LYS P 138 21.96 92.75 -1.18
CA LYS P 138 21.64 94.12 -0.76
C LYS P 138 21.16 95.00 -1.93
N SER P 139 20.97 94.39 -3.09
CA SER P 139 20.41 95.10 -4.25
C SER P 139 18.93 95.41 -4.00
N GLY P 140 18.47 96.47 -4.65
CA GLY P 140 17.07 96.94 -4.55
C GLY P 140 16.09 95.90 -5.13
N LEU P 141 16.51 95.32 -6.26
CA LEU P 141 15.73 94.28 -6.94
C LEU P 141 15.61 93.00 -6.11
N TYR P 142 16.73 92.60 -5.49
CA TYR P 142 16.74 91.46 -4.56
C TYR P 142 15.76 91.69 -3.42
N LYS P 143 15.72 92.93 -2.94
CA LYS P 143 14.88 93.29 -1.80
C LYS P 143 13.42 92.95 -2.02
N LEU P 144 12.86 93.25 -3.19
CA LEU P 144 11.41 92.99 -3.36
C LEU P 144 11.07 91.89 -4.38
N VAL P 145 12.09 91.12 -4.73
CA VAL P 145 11.91 89.84 -5.39
C VAL P 145 12.01 88.75 -4.29
N TYR P 146 13.18 88.70 -3.66
CA TYR P 146 13.46 87.69 -2.62
C TYR P 146 12.93 88.10 -1.24
N SER P 147 13.47 89.20 -0.73
CA SER P 147 13.29 89.60 0.69
C SER P 147 11.82 89.84 1.08
N ASN P 148 11.11 90.58 0.22
CA ASN P 148 9.69 90.90 0.47
C ASN P 148 8.72 89.79 0.05
N GLU P 149 9.27 88.70 -0.49
CA GLU P 149 8.44 87.59 -0.99
C GLU P 149 8.84 86.22 -0.43
N TYR P 150 9.72 85.54 -1.16
CA TYR P 150 10.17 84.19 -0.84
C TYR P 150 10.72 84.06 0.60
N GLY P 151 11.48 85.08 1.01
CA GLY P 151 12.14 85.07 2.33
C GLY P 151 11.34 85.81 3.42
N VAL P 152 10.03 85.87 3.27
CA VAL P 152 9.14 86.52 4.25
C VAL P 152 8.04 85.58 4.72
N PHE P 153 8.05 85.32 6.01
CA PHE P 153 6.97 84.56 6.68
C PHE P 153 5.63 85.29 6.49
N GLY P 154 4.68 84.57 5.88
CA GLY P 154 3.35 85.15 5.60
C GLY P 154 3.22 85.69 4.17
N GLY P 155 4.37 85.86 3.50
CA GLY P 155 4.41 86.39 2.13
C GLY P 155 4.19 85.29 1.09
N LYS P 156 4.65 85.59 -0.10
CA LYS P 156 4.53 84.70 -1.26
C LYS P 156 5.75 84.87 -2.18
N PRO P 157 6.19 83.80 -2.85
CA PRO P 157 7.35 83.84 -3.76
C PRO P 157 6.97 84.23 -5.19
N TYR P 158 7.81 85.05 -5.80
CA TYR P 158 7.67 85.43 -7.22
C TYR P 158 7.93 84.19 -8.11
N GLY P 159 6.93 83.94 -8.97
CA GLY P 159 6.96 82.78 -9.88
C GLY P 159 8.09 82.91 -10.90
N ILE P 160 8.09 84.06 -11.60
CA ILE P 160 9.03 84.35 -12.70
C ILE P 160 9.16 85.87 -12.91
N ILE P 161 10.24 86.27 -13.55
CA ILE P 161 10.50 87.68 -13.87
C ILE P 161 10.60 87.82 -15.40
N SER P 162 9.79 88.73 -15.91
CA SER P 162 9.78 89.05 -17.34
C SER P 162 10.36 90.44 -17.54
N ALA P 163 11.50 90.46 -18.22
CA ALA P 163 12.12 91.75 -18.50
C ALA P 163 11.99 92.14 -19.95
N ASN P 164 11.47 93.33 -20.06
CA ASN P 164 11.19 93.91 -21.37
C ASN P 164 12.45 94.61 -21.92
N TYR P 165 13.43 93.80 -22.27
CA TYR P 165 14.73 94.29 -22.74
C TYR P 165 15.23 93.45 -23.92
N ASP P 166 16.05 94.10 -24.72
CA ASP P 166 16.83 93.42 -25.77
C ASP P 166 18.31 93.40 -25.33
N PHE P 167 18.95 92.28 -25.49
CA PHE P 167 20.36 92.14 -25.07
C PHE P 167 21.26 91.97 -26.27
N ASN P 168 22.40 92.63 -26.20
CA ASN P 168 23.47 92.50 -27.20
C ASN P 168 24.61 91.67 -26.56
N VAL P 169 25.74 91.58 -27.25
CA VAL P 169 26.96 90.93 -26.72
C VAL P 169 27.82 91.90 -25.88
N GLY P 170 27.38 93.14 -25.81
CA GLY P 170 28.01 94.21 -25.05
C GLY P 170 28.29 93.74 -23.62
N PRO P 171 29.42 94.18 -23.10
CA PRO P 171 29.85 93.83 -21.74
C PRO P 171 28.86 94.24 -20.63
N GLN P 172 28.24 95.35 -20.77
CA GLN P 172 27.19 95.82 -19.84
C GLN P 172 26.00 94.85 -19.81
N ASP P 173 25.58 94.41 -21.01
CA ASP P 173 24.45 93.48 -21.15
C ASP P 173 24.76 92.10 -20.57
N MET P 174 26.01 91.70 -20.76
CA MET P 174 26.45 90.42 -20.22
C MET P 174 26.53 90.41 -18.70
N GLU P 175 27.01 91.53 -18.15
CA GLU P 175 27.09 91.71 -16.69
C GLU P 175 25.68 91.72 -16.07
N LEU P 176 24.74 92.35 -16.77
CA LEU P 176 23.35 92.44 -16.32
C LEU P 176 22.70 91.07 -16.23
N LEU P 177 22.99 90.25 -17.24
CA LEU P 177 22.54 88.86 -17.29
C LEU P 177 23.14 88.01 -16.16
N ARG P 178 24.39 88.32 -15.83
CA ARG P 178 25.08 87.61 -14.73
C ARG P 178 24.37 87.83 -13.39
N LYS P 179 23.98 89.08 -13.16
CA LYS P 179 23.30 89.46 -11.92
C LYS P 179 21.87 88.92 -11.84
N CYS P 180 21.20 88.91 -12.99
CA CYS P 180 19.83 88.38 -13.08
C CYS P 180 19.82 86.85 -12.91
N ALA P 181 20.91 86.21 -13.33
CA ALA P 181 21.08 84.76 -13.16
C ALA P 181 21.25 84.42 -11.68
N SER P 182 22.03 85.24 -10.99
CA SER P 182 22.28 85.09 -9.54
C SER P 182 21.00 85.28 -8.72
N VAL P 183 20.24 86.32 -9.07
CA VAL P 183 18.97 86.64 -8.40
C VAL P 183 17.95 85.49 -8.55
N ALA P 184 17.80 85.06 -9.79
CA ALA P 184 16.88 84.01 -10.18
C ALA P 184 17.21 82.69 -9.49
N ALA P 185 18.51 82.42 -9.34
CA ALA P 185 19.01 81.22 -8.66
C ALA P 185 18.66 81.22 -7.17
N MET P 186 18.85 82.38 -6.55
CA MET P 186 18.59 82.55 -5.10
C MET P 186 17.12 82.46 -4.76
N ALA P 187 16.29 82.93 -5.69
CA ALA P 187 14.89 82.74 -5.33
C ALA P 187 14.02 81.84 -6.16
N HIS P 188 14.78 81.06 -6.90
CA HIS P 188 14.28 79.91 -7.65
C HIS P 188 13.25 80.40 -8.67
N ALA P 189 13.53 81.50 -9.34
CA ALA P 189 12.64 81.91 -10.42
C ALA P 189 13.41 82.40 -11.64
N PRO P 190 13.00 81.92 -12.81
CA PRO P 190 13.69 82.22 -14.08
C PRO P 190 13.50 83.68 -14.50
N PHE P 191 14.51 84.18 -15.18
CA PHE P 191 14.49 85.52 -15.79
C PHE P 191 14.44 85.38 -17.31
N ILE P 192 13.36 85.89 -17.87
CA ILE P 192 13.11 85.79 -19.32
C ILE P 192 13.18 87.19 -19.93
N GLY P 193 13.80 87.24 -21.09
CA GLY P 193 13.93 88.47 -21.89
C GLY P 193 14.12 88.13 -23.37
N ASN P 194 14.58 89.10 -24.12
CA ASN P 194 14.80 88.93 -25.57
C ASN P 194 16.22 89.31 -26.00
N ALA P 195 16.60 88.82 -27.16
CA ALA P 195 17.88 89.16 -27.82
C ALA P 195 17.65 90.14 -28.98
N ALA P 196 18.60 91.05 -29.11
CA ALA P 196 18.55 92.05 -30.17
C ALA P 196 19.09 91.47 -31.49
N PRO P 197 18.66 91.96 -32.68
CA PRO P 197 19.11 91.48 -33.98
C PRO P 197 20.67 91.40 -34.22
N GLU P 198 21.30 92.54 -33.66
CA GLU P 198 22.75 92.72 -33.74
C GLU P 198 23.54 91.68 -32.97
N VAL P 199 22.87 90.92 -32.08
CA VAL P 199 23.51 89.81 -31.37
C VAL P 199 24.09 88.77 -32.36
N PHE P 200 23.42 88.66 -33.51
CA PHE P 200 23.83 87.71 -34.56
C PHE P 200 24.62 88.41 -35.68
N GLY P 201 25.01 89.67 -35.38
CA GLY P 201 25.79 90.51 -36.31
C GLY P 201 25.00 90.87 -37.58
N GLU P 202 23.69 90.99 -37.42
CA GLU P 202 22.80 91.40 -38.53
C GLU P 202 22.03 92.66 -38.15
N GLU P 203 21.69 93.44 -39.15
CA GLU P 203 20.97 94.73 -38.96
C GLU P 203 19.59 94.49 -38.32
N SER P 204 18.85 93.50 -38.82
CA SER P 204 17.54 93.12 -38.26
C SER P 204 17.40 91.61 -38.35
N PHE P 205 16.34 91.08 -37.73
CA PHE P 205 16.05 89.64 -37.81
C PHE P 205 15.69 89.14 -39.22
N LEU P 206 15.43 90.08 -40.13
CA LEU P 206 15.07 89.75 -41.52
C LEU P 206 16.26 89.15 -42.31
N LYS P 207 17.45 89.17 -41.73
CA LYS P 207 18.62 88.55 -42.38
C LYS P 207 19.05 87.24 -41.72
N LEU P 208 18.20 86.67 -40.88
CA LEU P 208 18.46 85.33 -40.28
C LEU P 208 18.64 84.23 -41.34
N PRO P 209 17.83 84.24 -42.41
CA PRO P 209 17.97 83.30 -43.54
C PRO P 209 19.35 83.33 -44.22
N ASP P 210 20.03 84.49 -44.13
CA ASP P 210 21.36 84.65 -44.74
C ASP P 210 22.50 84.05 -43.92
N LEU P 211 22.25 83.83 -42.63
CA LEU P 211 23.27 83.25 -41.75
C LEU P 211 23.44 81.75 -42.06
N LYS P 212 24.64 81.44 -42.54
CA LYS P 212 25.01 80.09 -42.97
C LYS P 212 25.23 79.10 -41.82
N ASP P 213 25.74 79.60 -40.69
CA ASP P 213 26.06 78.75 -39.54
C ASP P 213 26.27 79.59 -38.25
N LEU P 214 25.26 79.51 -37.39
CA LEU P 214 25.29 80.19 -36.08
C LEU P 214 26.38 79.67 -35.14
N LYS P 215 26.52 78.35 -35.13
CA LYS P 215 27.52 77.68 -34.27
C LYS P 215 28.93 78.23 -34.52
N SER P 216 29.28 78.38 -35.79
CA SER P 216 30.59 78.91 -36.21
C SER P 216 30.70 80.41 -35.92
N LEU P 217 29.58 81.12 -36.08
CA LEU P 217 29.50 82.56 -35.83
C LEU P 217 29.86 82.88 -34.36
N PHE P 218 29.44 82.04 -33.44
CA PHE P 218 29.68 82.23 -32.00
C PHE P 218 31.07 81.81 -31.53
N GLU P 219 31.93 81.48 -32.48
CA GLU P 219 33.33 81.13 -32.14
C GLU P 219 34.22 82.35 -32.05
N GLY P 220 33.71 83.44 -32.66
CA GLY P 220 34.50 84.65 -32.66
C GLY P 220 34.75 85.17 -31.21
N PRO P 221 35.87 85.87 -31.07
CA PRO P 221 36.29 86.50 -29.79
C PRO P 221 35.24 87.45 -29.22
N GLN P 222 34.43 88.03 -30.06
CA GLN P 222 33.32 88.93 -29.73
C GLN P 222 32.35 88.32 -28.69
N TYR P 223 32.22 87.00 -28.70
CA TYR P 223 31.28 86.29 -27.80
C TYR P 223 31.98 85.55 -26.66
N ALA P 224 33.19 86.01 -26.31
CA ALA P 224 33.98 85.38 -25.23
C ALA P 224 33.22 85.34 -23.89
N ARG P 225 32.63 86.48 -23.53
CA ARG P 225 31.88 86.58 -22.27
C ARG P 225 30.57 85.78 -22.29
N TRP P 226 29.90 85.80 -23.45
CA TRP P 226 28.64 85.05 -23.61
C TRP P 226 28.88 83.54 -23.47
N HIS P 227 30.01 83.09 -24.00
CA HIS P 227 30.42 81.69 -23.93
C HIS P 227 30.69 81.24 -22.48
N SER P 228 31.31 82.12 -21.71
CA SER P 228 31.58 81.83 -20.29
C SER P 228 30.28 81.82 -19.47
N PHE P 229 29.36 82.69 -19.87
CA PHE P 229 28.04 82.83 -19.21
C PHE P 229 27.23 81.54 -19.33
N ARG P 230 27.30 80.91 -20.49
CA ARG P 230 26.59 79.65 -20.77
C ARG P 230 27.12 78.47 -19.94
N GLU P 231 28.33 78.62 -19.43
CA GLU P 231 28.97 77.57 -18.62
C GLU P 231 28.71 77.70 -17.11
N SER P 232 28.24 78.87 -16.70
CA SER P 232 27.91 79.09 -15.28
C SER P 232 26.72 78.22 -14.86
N GLU P 233 26.76 77.78 -13.61
CA GLU P 233 25.66 77.02 -12.98
C GLU P 233 24.39 77.86 -12.76
N ASP P 234 24.56 79.19 -12.84
CA ASP P 234 23.43 80.13 -12.71
C ASP P 234 22.66 80.34 -14.02
N ALA P 235 23.28 79.91 -15.13
CA ALA P 235 22.70 80.05 -16.48
C ALA P 235 21.34 79.33 -16.62
N ARG P 236 21.09 78.34 -15.76
CA ARG P 236 19.79 77.64 -15.76
C ARG P 236 18.56 78.55 -15.55
N TYR P 237 18.81 79.73 -14.97
CA TYR P 237 17.71 80.65 -14.65
C TYR P 237 17.63 81.84 -15.61
N VAL P 238 18.30 81.72 -16.73
CA VAL P 238 18.19 82.71 -17.82
C VAL P 238 17.59 82.04 -19.07
N GLY P 239 16.74 82.82 -19.72
CA GLY P 239 16.07 82.40 -20.96
C GLY P 239 15.82 83.62 -21.84
N LEU P 240 16.42 83.59 -23.01
CA LEU P 240 16.28 84.69 -23.99
C LEU P 240 15.55 84.18 -25.24
N ALA P 241 14.67 85.04 -25.75
CA ALA P 241 13.87 84.74 -26.94
C ALA P 241 14.48 85.44 -28.18
N LEU P 242 14.13 84.94 -29.34
CA LEU P 242 14.70 85.46 -30.62
C LEU P 242 13.81 86.58 -31.21
N PRO P 243 13.02 86.22 -32.41
CA PRO P 243 12.53 87.34 -33.17
C PRO P 243 11.34 87.94 -32.43
N ARG P 244 11.11 89.22 -32.65
CA ARG P 244 9.93 89.90 -32.11
C ARG P 244 8.66 89.45 -32.86
N PHE P 245 7.58 90.17 -32.65
CA PHE P 245 6.30 89.90 -33.34
C PHE P 245 5.43 91.15 -33.32
N LEU P 246 4.59 91.26 -34.32
CA LEU P 246 3.67 92.41 -34.48
C LEU P 246 2.68 92.54 -33.32
N LEU P 247 2.46 93.78 -32.95
CA LEU P 247 1.46 94.12 -31.92
C LEU P 247 0.22 94.79 -32.53
N ARG P 248 0.48 95.56 -33.58
CA ARG P 248 -0.57 96.37 -34.22
C ARG P 248 -0.53 96.25 -35.74
N LEU P 249 -1.71 96.12 -36.30
CA LEU P 249 -1.91 96.21 -37.75
C LEU P 249 -1.96 97.69 -38.13
N PRO P 250 -1.18 98.08 -39.15
CA PRO P 250 -1.04 99.48 -39.62
C PRO P 250 -2.43 100.07 -39.87
N TYR P 251 -2.57 101.37 -39.57
CA TYR P 251 -3.85 102.10 -39.73
C TYR P 251 -4.34 102.13 -41.18
N GLY P 252 -5.64 101.87 -41.35
CA GLY P 252 -6.24 101.77 -42.69
C GLY P 252 -7.73 102.03 -42.59
N GLU P 253 -8.22 102.73 -43.59
CA GLU P 253 -9.65 103.12 -43.70
C GLU P 253 -10.60 101.92 -43.54
N LYS P 254 -10.13 100.75 -43.95
CA LYS P 254 -10.93 99.51 -43.87
C LYS P 254 -10.53 98.61 -42.70
N THR P 255 -9.25 98.23 -42.68
CA THR P 255 -8.74 97.27 -41.68
C THR P 255 -8.62 97.82 -40.25
N VAL P 256 -8.23 99.08 -40.14
CA VAL P 256 -8.04 99.74 -38.83
C VAL P 256 -8.27 101.27 -38.92
N PRO P 257 -9.52 101.63 -39.05
CA PRO P 257 -9.97 103.01 -39.23
C PRO P 257 -9.88 103.82 -37.95
N VAL P 258 -9.73 105.11 -38.14
CA VAL P 258 -9.74 106.11 -37.05
C VAL P 258 -10.91 107.09 -37.30
N LYS P 259 -11.25 107.85 -36.29
CA LYS P 259 -12.37 108.82 -36.36
C LYS P 259 -11.94 110.09 -37.11
N ALA P 260 -12.92 110.72 -37.76
CA ALA P 260 -12.76 112.01 -38.47
C ALA P 260 -11.70 111.95 -39.57
N PHE P 261 -10.44 112.17 -39.16
CA PHE P 261 -9.27 112.17 -40.03
C PHE P 261 -9.16 110.84 -40.80
N ASN P 262 -9.11 110.98 -42.12
CA ASN P 262 -8.96 109.81 -43.00
C ASN P 262 -7.48 109.41 -43.09
N PHE P 263 -7.03 108.76 -42.04
CA PHE P 263 -5.62 108.35 -41.91
C PHE P 263 -5.40 106.95 -42.49
N THR P 264 -4.41 106.89 -43.35
CA THR P 264 -3.90 105.63 -43.94
C THR P 264 -2.40 105.53 -43.66
N GLU P 265 -2.03 104.77 -42.65
CA GLU P 265 -0.61 104.64 -42.27
C GLU P 265 0.18 104.06 -43.45
N ASP P 266 1.33 104.69 -43.69
CA ASP P 266 2.22 104.29 -44.78
C ASP P 266 3.53 103.72 -44.24
N VAL P 267 3.57 102.40 -44.13
CA VAL P 267 4.82 101.68 -43.78
C VAL P 267 5.76 101.72 -45.00
N VAL P 268 6.91 102.33 -44.80
CA VAL P 268 7.96 102.42 -45.85
C VAL P 268 8.61 101.05 -46.09
N GLY P 269 9.82 101.11 -46.71
CA GLY P 269 10.73 99.99 -46.93
C GLY P 269 11.24 99.42 -45.60
N HIS P 270 11.41 100.29 -44.60
CA HIS P 270 11.84 99.88 -43.26
C HIS P 270 10.69 99.26 -42.49
N HIS P 271 10.83 97.96 -42.24
CA HIS P 271 9.85 97.21 -41.42
C HIS P 271 9.85 97.66 -39.95
N GLU P 272 10.85 98.45 -39.56
CA GLU P 272 10.91 99.03 -38.20
C GLU P 272 9.76 100.02 -37.94
N ARG P 273 9.11 100.42 -39.03
CA ARG P 273 7.87 101.21 -38.96
C ARG P 273 6.72 100.43 -38.29
N TYR P 274 6.73 99.11 -38.47
CA TYR P 274 5.79 98.22 -37.77
C TYR P 274 6.05 98.25 -36.25
N LEU P 275 4.95 98.23 -35.51
CA LEU P 275 4.99 98.18 -34.04
C LEU P 275 5.33 96.75 -33.56
N TRP P 276 6.62 96.45 -33.55
CA TRP P 276 7.12 95.16 -33.05
C TRP P 276 7.04 95.11 -31.52
N GLY P 277 6.80 93.91 -31.02
CA GLY P 277 6.64 93.64 -29.58
C GLY P 277 7.63 92.60 -29.08
N HIS P 278 7.93 92.70 -27.80
CA HIS P 278 8.89 91.78 -27.14
C HIS P 278 8.25 90.38 -26.98
N ALA P 279 8.83 89.42 -27.66
CA ALA P 279 8.35 88.02 -27.62
C ALA P 279 8.29 87.40 -26.22
N SER P 280 9.09 87.95 -25.29
CA SER P 280 9.13 87.48 -23.89
C SER P 280 7.74 87.44 -23.24
N VAL P 281 6.89 88.38 -23.64
CA VAL P 281 5.49 88.45 -23.18
C VAL P 281 4.66 87.24 -23.66
N ALA P 282 4.90 86.84 -24.91
CA ALA P 282 4.22 85.71 -25.54
C ALA P 282 4.57 84.42 -24.78
N LEU P 283 5.86 84.30 -24.45
CA LEU P 283 6.34 83.18 -23.64
C LEU P 283 5.74 83.21 -22.22
N THR P 284 5.56 84.42 -21.70
CA THR P 284 4.96 84.60 -20.35
C THR P 284 3.51 84.17 -20.40
N SER P 285 2.79 84.34 -21.45
CA SER P 285 1.38 83.88 -21.54
C SER P 285 1.29 82.35 -21.57
N ARG P 286 2.35 81.75 -22.10
CA ARG P 286 2.47 80.27 -22.13
C ARG P 286 2.56 79.68 -20.73
N VAL P 287 3.36 80.34 -19.91
CA VAL P 287 3.53 79.96 -18.49
C VAL P 287 2.20 80.10 -17.73
N ALA P 288 1.49 81.18 -18.04
CA ALA P 288 0.22 81.51 -17.37
C ALA P 288 -0.87 80.48 -17.68
N ASP P 289 -0.96 80.08 -18.95
CA ASP P 289 -1.97 79.10 -19.39
C ASP P 289 -1.79 77.73 -18.75
N SER P 290 -0.53 77.29 -18.75
CA SER P 290 -0.17 75.99 -18.13
C SER P 290 -0.54 75.97 -16.64
N PHE P 291 -0.25 77.08 -15.97
CA PHE P 291 -0.57 77.24 -14.54
C PHE P 291 -2.08 77.35 -14.31
N ALA P 292 -2.76 78.10 -15.17
CA ALA P 292 -4.22 78.32 -15.06
C ALA P 292 -4.98 76.99 -15.13
N LYS P 293 -4.48 76.07 -15.97
CA LYS P 293 -5.10 74.75 -16.15
C LYS P 293 -4.68 73.72 -15.11
N PHE P 294 -3.41 73.73 -14.73
CA PHE P 294 -2.83 72.64 -13.91
C PHE P 294 -2.18 73.05 -12.61
N ARG P 295 -1.86 74.33 -12.47
CA ARG P 295 -1.10 74.90 -11.34
C ARG P 295 0.38 74.48 -11.41
N TRP P 296 0.79 74.08 -12.61
CA TRP P 296 2.20 73.74 -12.93
C TRP P 296 2.52 74.37 -14.29
N SER P 297 3.79 74.67 -14.49
CA SER P 297 4.25 75.26 -15.77
C SER P 297 5.28 74.41 -16.56
N PRO P 298 4.87 73.23 -17.02
CA PRO P 298 5.70 72.45 -17.97
C PRO P 298 5.15 72.43 -19.40
N ASN P 299 3.87 72.76 -19.57
CA ASN P 299 3.19 72.64 -20.88
C ASN P 299 3.28 73.94 -21.68
N ILE P 300 4.47 74.17 -22.22
CA ILE P 300 4.79 75.44 -22.89
C ILE P 300 5.68 75.28 -24.14
N ILE P 301 5.77 74.06 -24.66
CA ILE P 301 6.76 73.74 -25.73
C ILE P 301 6.20 72.93 -26.91
N GLY P 302 5.05 73.34 -27.42
CA GLY P 302 4.43 72.56 -28.49
C GLY P 302 3.20 73.19 -29.12
N PRO P 303 3.02 72.92 -30.41
CA PRO P 303 1.85 73.36 -31.19
C PRO P 303 0.54 72.86 -30.56
N GLN P 304 0.61 71.67 -29.95
CA GLN P 304 -0.54 71.03 -29.29
C GLN P 304 -0.41 71.00 -27.77
N SER P 305 0.84 70.98 -27.28
CA SER P 305 1.11 70.86 -25.84
C SER P 305 0.71 72.11 -25.05
N GLY P 306 0.85 73.28 -25.71
CA GLY P 306 0.43 74.58 -25.14
C GLY P 306 1.52 75.65 -25.22
N GLY P 307 2.45 75.43 -26.17
CA GLY P 307 3.46 76.45 -26.53
C GLY P 307 3.08 77.17 -27.82
N ALA P 308 1.83 76.99 -28.25
CA ALA P 308 1.28 77.64 -29.44
C ALA P 308 0.75 79.03 -29.08
N VAL P 309 1.12 79.98 -29.89
CA VAL P 309 0.67 81.39 -29.80
C VAL P 309 -0.35 81.61 -30.91
N GLU P 310 -1.59 81.79 -30.51
CA GLU P 310 -2.69 81.92 -31.46
C GLU P 310 -3.15 83.36 -31.59
N ASN P 311 -3.68 83.67 -32.76
CA ASN P 311 -4.30 84.98 -33.07
C ASN P 311 -3.26 86.10 -33.20
N LEU P 312 -2.37 85.91 -34.17
CA LEU P 312 -1.37 86.93 -34.51
C LEU P 312 -1.94 87.93 -35.53
N PRO P 313 -1.54 89.19 -35.43
CA PRO P 313 -1.90 90.24 -36.40
C PRO P 313 -1.42 89.85 -37.80
N LEU P 314 -2.23 90.19 -38.79
CA LEU P 314 -1.90 89.92 -40.20
C LEU P 314 -1.97 91.25 -40.96
N HIS P 315 -1.23 91.34 -42.08
CA HIS P 315 -1.22 92.54 -42.92
C HIS P 315 -0.95 92.23 -44.40
N GLN P 316 -2.02 92.05 -45.16
CA GLN P 316 -1.91 91.83 -46.62
C GLN P 316 -1.64 93.15 -47.33
N TYR P 317 -0.66 93.14 -48.20
CA TYR P 317 -0.26 94.31 -48.99
C TYR P 317 0.30 93.85 -50.34
N GLU P 318 0.35 94.78 -51.28
CA GLU P 318 0.81 94.46 -52.64
C GLU P 318 2.30 94.06 -52.64
N ALA P 319 2.55 93.05 -53.43
CA ALA P 319 3.92 92.57 -53.64
C ALA P 319 4.41 93.00 -55.02
N MET P 320 4.89 92.09 -55.84
CA MET P 320 5.33 92.35 -57.23
C MET P 320 4.18 92.22 -58.24
N GLY P 321 3.03 92.78 -57.84
CA GLY P 321 1.78 92.64 -58.63
C GLY P 321 0.79 91.66 -57.99
N GLU P 322 1.27 90.93 -57.01
CA GLU P 322 0.49 89.94 -56.23
C GLU P 322 0.23 90.53 -54.84
N ILE P 323 -0.26 89.69 -53.96
CA ILE P 323 -0.51 90.07 -52.56
C ILE P 323 0.25 89.12 -51.63
N GLN P 324 0.70 89.66 -50.54
CA GLN P 324 1.37 88.90 -49.47
C GLN P 324 1.11 89.57 -48.13
N THR P 325 1.22 88.80 -47.08
CA THR P 325 1.05 89.32 -45.70
C THR P 325 2.40 89.45 -45.03
N LYS P 326 2.57 90.56 -44.34
CA LYS P 326 3.73 90.74 -43.47
C LYS P 326 3.70 89.65 -42.39
N ILE P 327 4.76 88.86 -42.36
CA ILE P 327 4.90 87.77 -41.39
C ILE P 327 4.87 88.39 -39.97
N PRO P 328 4.02 87.81 -39.11
CA PRO P 328 3.86 88.22 -37.71
C PRO P 328 5.18 88.29 -36.96
N THR P 329 6.10 87.40 -37.30
CA THR P 329 7.49 87.47 -36.85
C THR P 329 8.32 87.96 -38.03
N GLU P 330 9.42 88.62 -37.79
CA GLU P 330 10.28 89.22 -38.83
C GLU P 330 10.55 88.23 -39.97
N VAL P 331 10.80 86.97 -39.58
CA VAL P 331 11.09 85.90 -40.55
C VAL P 331 10.21 84.66 -40.36
N MET P 332 10.24 83.82 -41.39
CA MET P 332 9.63 82.49 -41.36
C MET P 332 10.74 81.47 -41.11
N LEU P 333 10.94 81.19 -39.84
CA LEU P 333 11.99 80.30 -39.40
C LEU P 333 11.72 78.84 -39.87
N THR P 334 12.73 78.27 -40.55
CA THR P 334 12.78 76.85 -40.97
C THR P 334 13.09 75.94 -39.77
N GLU P 335 12.77 74.67 -39.92
CA GLU P 335 13.02 73.69 -38.84
C GLU P 335 14.52 73.59 -38.50
N ARG P 336 15.36 73.65 -39.53
CA ARG P 336 16.82 73.56 -39.37
C ARG P 336 17.36 74.79 -38.63
N ARG P 337 16.85 75.96 -39.00
CA ARG P 337 17.31 77.19 -38.35
C ARG P 337 16.84 77.30 -36.89
N GLU P 338 15.62 76.81 -36.63
CA GLU P 338 15.07 76.75 -35.26
C GLU P 338 15.95 75.86 -34.40
N PHE P 339 16.31 74.71 -34.96
CA PHE P 339 17.12 73.72 -34.25
C PHE P 339 18.52 74.27 -33.93
N GLU P 340 19.04 75.06 -34.86
CA GLU P 340 20.34 75.74 -34.69
C GLU P 340 20.30 76.71 -33.51
N LEU P 341 19.22 77.51 -33.49
CA LEU P 341 18.97 78.46 -32.39
C LEU P 341 18.78 77.77 -31.04
N SER P 342 18.14 76.61 -31.08
CA SER P 342 17.90 75.79 -29.88
C SER P 342 19.23 75.27 -29.31
N GLU P 343 20.14 74.91 -30.21
CA GLU P 343 21.50 74.47 -29.86
C GLU P 343 22.33 75.56 -29.20
N GLU P 344 22.03 76.81 -29.59
CA GLU P 344 22.70 78.00 -29.05
C GLU P 344 21.94 78.66 -27.88
N GLY P 345 20.98 77.88 -27.33
CA GLY P 345 20.23 78.25 -26.11
C GLY P 345 19.32 79.48 -26.30
N PHE P 346 18.75 79.61 -27.49
CA PHE P 346 17.75 80.65 -27.76
C PHE P 346 16.36 80.03 -27.84
N ILE P 347 15.38 80.82 -27.46
CA ILE P 347 13.95 80.42 -27.51
C ILE P 347 13.32 81.13 -28.72
N GLY P 348 13.31 80.41 -29.83
CA GLY P 348 12.80 80.94 -31.11
C GLY P 348 11.31 80.65 -31.28
N LEU P 349 10.54 81.73 -31.34
CA LEU P 349 9.12 81.67 -31.68
C LEU P 349 8.97 81.55 -33.19
N VAL P 350 8.72 80.34 -33.66
CA VAL P 350 8.58 80.09 -35.11
C VAL P 350 7.15 80.42 -35.56
N PHE P 351 7.07 80.87 -36.80
CA PHE P 351 5.78 81.19 -37.43
C PHE P 351 5.29 80.01 -38.29
N ARG P 352 4.04 79.65 -38.08
CA ARG P 352 3.38 78.60 -38.87
C ARG P 352 2.99 79.21 -40.22
N LYS P 353 3.68 78.75 -41.26
CA LYS P 353 3.54 79.30 -42.62
C LYS P 353 2.07 79.36 -43.05
N ASP P 354 1.69 80.51 -43.58
CA ASP P 354 0.34 80.77 -44.15
C ASP P 354 -0.78 80.82 -43.08
N SER P 355 -0.44 81.06 -41.83
CA SER P 355 -1.46 81.16 -40.77
C SER P 355 -1.23 82.43 -39.93
N ASP P 356 -1.87 82.51 -38.79
CA ASP P 356 -1.66 83.55 -37.78
C ASP P 356 -1.24 82.91 -36.44
N ASN P 357 -0.61 81.74 -36.54
CA ASN P 357 -0.17 80.95 -35.38
C ASN P 357 1.33 80.78 -35.39
N ALA P 358 1.91 80.90 -34.23
CA ALA P 358 3.34 80.66 -33.97
C ALA P 358 3.48 79.65 -32.82
N ALA P 359 4.63 79.00 -32.72
CA ALA P 359 4.87 78.02 -31.64
C ALA P 359 6.29 78.05 -31.09
N PHE P 360 6.41 77.75 -29.81
CA PHE P 360 7.70 77.53 -29.13
C PHE P 360 7.97 76.04 -29.07
N PHE P 361 8.80 75.57 -30.00
CA PHE P 361 9.17 74.13 -30.06
C PHE P 361 9.94 73.63 -28.83
N SER P 362 10.68 74.53 -28.19
CA SER P 362 11.41 74.20 -26.96
C SER P 362 11.82 75.46 -26.20
N ALA P 363 12.04 75.28 -24.90
CA ALA P 363 12.45 76.37 -24.00
C ALA P 363 13.74 76.02 -23.26
N ASN P 364 14.80 75.81 -24.03
CA ASN P 364 16.14 75.58 -23.45
C ASN P 364 16.62 76.88 -22.79
N SER P 365 17.28 76.74 -21.66
CA SER P 365 17.87 77.90 -20.97
C SER P 365 19.17 78.29 -21.69
N THR P 366 19.81 79.33 -21.19
CA THR P 366 21.12 79.75 -21.72
C THR P 366 22.19 78.67 -21.50
N GLN P 367 22.09 77.95 -20.38
CA GLN P 367 23.13 76.97 -20.00
C GLN P 367 23.38 75.94 -21.11
N LYS P 368 24.68 75.74 -21.33
CA LYS P 368 25.18 74.76 -22.30
C LYS P 368 25.36 73.40 -21.59
N PRO P 369 24.81 72.33 -22.17
CA PRO P 369 24.94 70.97 -21.64
C PRO P 369 26.42 70.54 -21.58
N ARG P 370 26.74 69.77 -20.55
CA ARG P 370 28.08 69.19 -20.36
C ARG P 370 28.14 67.79 -20.96
N PHE P 371 29.28 67.44 -21.51
CA PHE P 371 29.51 66.09 -22.06
C PHE P 371 30.31 65.25 -21.06
N PHE P 372 29.90 64.01 -20.95
CA PHE P 372 30.53 63.03 -20.03
C PHE P 372 30.99 61.81 -20.83
N GLY P 373 31.86 61.01 -20.19
CA GLY P 373 32.38 59.76 -20.78
C GLY P 373 31.21 58.85 -21.16
N ASN P 374 31.37 58.18 -22.30
CA ASN P 374 30.32 57.31 -22.85
C ASN P 374 30.26 55.95 -22.13
N THR P 375 29.85 56.01 -20.89
CA THR P 375 29.69 54.83 -20.04
C THR P 375 28.27 54.85 -19.43
N PRO P 376 27.83 53.79 -18.76
CA PRO P 376 26.49 53.74 -18.14
C PRO P 376 26.28 54.92 -17.16
N GLU P 377 27.29 55.14 -16.32
CA GLU P 377 27.27 56.25 -15.34
C GLU P 377 27.41 57.62 -16.00
N GLY P 378 28.28 57.68 -17.04
CA GLY P 378 28.57 58.93 -17.76
C GLY P 378 27.34 59.46 -18.52
N LYS P 379 26.59 58.54 -19.11
CA LYS P 379 25.38 58.87 -19.87
C LYS P 379 24.22 59.26 -18.96
N ALA P 380 24.21 58.65 -17.77
CA ALA P 380 23.25 59.00 -16.71
C ALA P 380 23.50 60.43 -16.21
N ALA P 381 24.79 60.80 -16.13
CA ALA P 381 25.23 62.15 -15.73
C ALA P 381 24.77 63.20 -16.76
N GLU P 382 24.89 62.83 -18.01
CA GLU P 382 24.46 63.68 -19.13
C GLU P 382 22.93 63.88 -19.12
N THR P 383 22.20 62.79 -18.91
CA THR P 383 20.72 62.81 -18.82
C THR P 383 20.28 63.80 -17.71
N ASN P 384 20.90 63.65 -16.55
CA ASN P 384 20.56 64.47 -15.38
C ASN P 384 20.88 65.96 -15.59
N TYR P 385 22.02 66.21 -16.22
CA TYR P 385 22.49 67.59 -16.45
C TYR P 385 21.61 68.30 -17.50
N ARG P 386 21.21 67.55 -18.53
CA ARG P 386 20.35 68.08 -19.61
C ARG P 386 18.95 68.45 -19.11
N LEU P 387 18.44 67.67 -18.16
CA LEU P 387 17.15 67.98 -17.54
C LEU P 387 17.17 69.34 -16.83
N GLY P 388 18.34 69.59 -16.21
CA GLY P 388 18.63 70.86 -15.53
C GLY P 388 18.66 72.06 -16.49
N THR P 389 19.14 71.81 -17.70
CA THR P 389 19.33 72.87 -18.72
C THR P 389 18.02 73.35 -19.37
N GLN P 390 16.95 72.60 -19.18
CA GLN P 390 15.67 72.92 -19.83
C GLN P 390 14.65 73.48 -18.83
N LEU P 391 14.09 74.60 -19.21
CA LEU P 391 13.07 75.33 -18.42
C LEU P 391 11.79 74.53 -18.10
N PRO P 392 11.26 73.73 -19.04
CA PRO P 392 10.07 72.89 -18.78
C PRO P 392 10.18 71.99 -17.54
N TYR P 393 11.41 71.66 -17.15
CA TYR P 393 11.68 70.81 -15.98
C TYR P 393 12.09 71.63 -14.75
N MET P 394 12.81 72.73 -14.99
CA MET P 394 13.22 73.65 -13.92
C MET P 394 12.00 74.33 -13.28
N PHE P 395 10.94 74.49 -14.02
CA PHE P 395 9.70 75.09 -13.48
C PHE P 395 9.07 74.19 -12.42
N ILE P 396 9.25 72.89 -12.62
CA ILE P 396 8.78 71.87 -11.65
C ILE P 396 9.57 72.04 -10.34
N MET P 397 10.88 72.08 -10.47
CA MET P 397 11.73 72.22 -9.26
C MET P 397 11.51 73.55 -8.54
N THR P 398 11.22 74.61 -9.32
CA THR P 398 10.98 75.95 -8.78
C THR P 398 9.74 75.96 -7.88
N ARG P 399 8.67 75.33 -8.37
CA ARG P 399 7.42 75.25 -7.60
C ARG P 399 7.56 74.37 -6.36
N LEU P 400 8.35 73.30 -6.52
CA LEU P 400 8.67 72.41 -5.39
C LEU P 400 9.45 73.14 -4.30
N ALA P 401 10.39 73.97 -4.73
CA ALA P 401 11.19 74.80 -3.83
C ALA P 401 10.33 75.82 -3.06
N HIS P 402 9.33 76.35 -3.78
CA HIS P 402 8.41 77.32 -3.16
C HIS P 402 7.46 76.69 -2.14
N TYR P 403 7.02 75.46 -2.44
CA TYR P 403 6.14 74.72 -1.54
C TYR P 403 6.86 74.26 -0.27
N ILE P 404 8.10 73.85 -0.44
CA ILE P 404 8.95 73.36 0.68
C ILE P 404 9.24 74.50 1.67
N LYS P 405 9.60 75.67 1.12
CA LYS P 405 9.93 76.85 1.93
C LYS P 405 8.75 77.25 2.82
N VAL P 406 7.59 77.36 2.19
CA VAL P 406 6.34 77.77 2.87
C VAL P 406 5.93 76.72 3.92
N LEU P 407 5.63 75.52 3.42
CA LEU P 407 5.07 74.44 4.25
C LEU P 407 5.97 74.02 5.41
N GLN P 408 7.27 74.10 5.19
CA GLN P 408 8.27 73.74 6.22
C GLN P 408 8.36 74.74 7.37
N ARG P 409 8.17 76.02 7.06
CA ARG P 409 8.17 77.06 8.09
C ARG P 409 7.02 76.89 9.10
N GLU P 410 5.91 76.36 8.59
CA GLU P 410 4.75 76.01 9.41
C GLU P 410 5.04 74.89 10.43
N GLN P 411 5.99 74.03 10.06
CA GLN P 411 6.37 72.85 10.85
C GLN P 411 7.45 73.14 11.90
N ILE P 412 8.15 74.25 11.77
CA ILE P 412 9.21 74.62 12.74
C ILE P 412 8.59 74.68 14.15
N GLY P 413 9.30 73.98 15.06
CA GLY P 413 8.87 73.94 16.48
C GLY P 413 8.19 72.61 16.84
N SER P 414 7.74 71.88 15.83
CA SER P 414 7.08 70.57 16.02
C SER P 414 8.10 69.50 16.45
N TRP P 415 7.60 68.49 17.16
CA TRP P 415 8.41 67.36 17.64
C TRP P 415 8.74 66.41 16.49
N LYS P 416 9.80 66.74 15.75
CA LYS P 416 10.21 65.91 14.60
C LYS P 416 11.59 65.29 14.82
N GLU P 417 11.60 63.97 14.81
CA GLU P 417 12.83 63.16 14.78
C GLU P 417 13.19 62.91 13.30
N LYS P 418 14.38 62.42 13.04
CA LYS P 418 14.87 62.21 11.66
C LYS P 418 13.88 61.45 10.74
N SER P 419 13.45 60.28 11.22
CA SER P 419 12.52 59.40 10.48
C SER P 419 11.11 60.00 10.37
N ASP P 420 10.80 60.95 11.25
CA ASP P 420 9.51 61.69 11.17
C ASP P 420 9.44 62.55 9.90
N LEU P 421 10.57 63.17 9.56
CA LEU P 421 10.70 63.95 8.33
C LEU P 421 10.63 63.10 7.08
N GLU P 422 11.26 61.93 7.13
CA GLU P 422 11.23 61.01 5.98
C GLU P 422 9.80 60.50 5.71
N ARG P 423 9.08 60.20 6.79
CA ARG P 423 7.71 59.71 6.69
C ARG P 423 6.77 60.79 6.09
N GLU P 424 6.83 61.98 6.68
CA GLU P 424 5.94 63.08 6.27
C GLU P 424 6.29 63.63 4.89
N LEU P 425 7.58 63.84 4.64
CA LEU P 425 8.08 64.31 3.34
C LEU P 425 7.73 63.36 2.19
N ASN P 426 7.76 62.07 2.49
CA ASN P 426 7.37 61.04 1.51
C ASN P 426 5.88 61.11 1.16
N HIS P 427 5.07 61.22 2.22
CA HIS P 427 3.62 61.32 2.06
C HIS P 427 3.22 62.60 1.29
N TRP P 428 4.00 63.66 1.51
CA TRP P 428 3.77 64.94 0.86
C TRP P 428 4.07 64.89 -0.64
N LEU P 429 5.26 64.40 -0.98
CA LEU P 429 5.70 64.42 -2.38
C LEU P 429 4.82 63.55 -3.27
N SER P 430 4.31 62.46 -2.70
CA SER P 430 3.38 61.56 -3.39
C SER P 430 2.18 62.29 -4.00
N GLN P 431 1.86 63.43 -3.41
CA GLN P 431 0.75 64.29 -3.87
C GLN P 431 0.88 64.68 -5.36
N TYR P 432 2.11 64.82 -5.83
CA TYR P 432 2.37 65.24 -7.23
C TYR P 432 2.98 64.14 -8.10
N ILE P 433 2.77 62.89 -7.71
CA ILE P 433 3.33 61.75 -8.43
C ILE P 433 2.22 60.98 -9.15
N SER P 434 2.50 60.66 -10.39
CA SER P 434 1.62 59.80 -11.22
C SER P 434 2.45 58.63 -11.74
N ASP P 435 2.48 57.59 -10.95
CA ASP P 435 3.33 56.40 -11.19
C ASP P 435 2.50 55.22 -11.74
N MET P 436 1.54 55.53 -12.58
CA MET P 436 0.71 54.49 -13.18
C MET P 436 1.36 53.97 -14.47
N ASP P 437 0.89 52.82 -14.91
CA ASP P 437 1.39 52.17 -16.15
C ASP P 437 1.32 53.10 -17.37
N ASP P 438 0.24 53.88 -17.44
CA ASP P 438 -0.04 54.78 -18.56
C ASP P 438 -1.12 55.80 -18.15
N PRO P 439 -0.73 56.85 -17.52
CA PRO P 439 -1.59 57.99 -17.15
C PRO P 439 -2.06 58.66 -18.42
N ALA P 440 -3.30 59.19 -18.34
CA ALA P 440 -3.84 59.88 -19.51
C ALA P 440 -2.88 60.99 -19.97
N PRO P 441 -2.59 61.01 -21.26
CA PRO P 441 -1.60 61.93 -21.86
C PRO P 441 -2.03 63.37 -21.56
N ALA P 442 -1.06 64.19 -21.17
CA ALA P 442 -1.31 65.59 -20.75
C ALA P 442 -2.20 65.66 -19.48
N VAL P 443 -2.10 64.64 -18.66
CA VAL P 443 -2.84 64.55 -17.37
C VAL P 443 -1.85 64.35 -16.23
N ARG P 444 -0.86 63.50 -16.54
CA ARG P 444 0.57 63.72 -16.23
C ARG P 444 0.93 65.20 -16.03
N SER P 445 0.19 66.07 -16.71
CA SER P 445 0.34 67.52 -16.57
C SER P 445 0.13 68.04 -15.13
N ARG P 446 -1.00 67.71 -14.51
CA ARG P 446 -1.25 68.12 -13.10
C ARG P 446 -0.33 67.41 -12.10
N ARG P 447 0.12 66.20 -12.48
CA ARG P 447 1.10 65.43 -11.68
C ARG P 447 2.37 65.19 -12.50
N PRO P 448 3.24 66.19 -12.50
CA PRO P 448 4.45 66.24 -13.36
C PRO P 448 5.49 65.13 -13.06
N LEU P 449 5.50 64.65 -11.83
CA LEU P 449 6.49 63.66 -11.39
C LEU P 449 6.03 62.22 -11.59
N ARG P 450 7.00 61.37 -11.88
CA ARG P 450 6.76 59.93 -12.06
C ARG P 450 7.29 59.15 -10.83
N ALA P 451 8.48 59.54 -10.38
CA ALA P 451 9.11 58.96 -9.18
C ALA P 451 9.82 60.04 -8.40
N ALA P 452 10.05 59.75 -7.13
CA ALA P 452 10.83 60.62 -6.26
C ALA P 452 11.34 59.90 -5.02
N ARG P 453 12.50 60.35 -4.61
CA ARG P 453 13.23 59.76 -3.47
C ARG P 453 13.65 60.85 -2.49
N VAL P 454 13.44 60.54 -1.21
CA VAL P 454 13.82 61.44 -0.11
C VAL P 454 14.67 60.67 0.92
N VAL P 455 15.78 61.27 1.27
CA VAL P 455 16.63 60.83 2.39
C VAL P 455 16.85 61.99 3.36
N VAL P 456 16.82 61.68 4.63
CA VAL P 456 17.04 62.68 5.69
C VAL P 456 18.13 62.18 6.64
N GLU P 457 19.10 63.03 6.87
CA GLU P 457 20.16 62.74 7.84
C GLU P 457 20.18 63.84 8.90
N ASP P 458 21.01 63.66 9.91
CA ASP P 458 21.12 64.60 11.02
C ASP P 458 22.37 65.46 10.86
N VAL P 459 22.22 66.75 11.15
CA VAL P 459 23.35 67.67 11.25
C VAL P 459 24.03 67.40 12.60
N GLU P 460 25.11 66.63 12.54
CA GLU P 460 25.82 66.19 13.75
C GLU P 460 26.33 67.40 14.54
N GLY P 461 26.09 67.32 15.86
CA GLY P 461 26.44 68.39 16.81
C GLY P 461 25.53 69.62 16.70
N GLN P 462 24.34 69.40 16.12
CA GLN P 462 23.29 70.43 16.04
C GLN P 462 21.91 69.76 16.08
N PRO P 463 21.43 69.46 17.29
CA PRO P 463 20.17 68.74 17.52
C PRO P 463 18.99 69.60 17.07
N GLY P 464 18.11 68.97 16.28
CA GLY P 464 16.92 69.68 15.75
C GLY P 464 17.08 70.07 14.27
N TRP P 465 18.31 70.02 13.77
CA TRP P 465 18.62 70.34 12.38
C TRP P 465 18.90 69.08 11.58
N TYR P 466 18.42 69.12 10.34
CA TYR P 466 18.49 67.96 9.43
C TYR P 466 19.00 68.35 8.05
N ARG P 467 19.55 67.36 7.37
CA ARG P 467 20.01 67.49 5.97
C ARG P 467 19.16 66.59 5.08
N CYS P 468 18.40 67.22 4.21
CA CYS P 468 17.43 66.49 3.37
C CYS P 468 17.85 66.53 1.90
N SER P 469 17.71 65.37 1.26
CA SER P 469 17.96 65.22 -0.18
C SER P 469 16.70 64.75 -0.89
N LEU P 470 16.31 65.55 -1.87
CA LEU P 470 15.13 65.30 -2.70
C LEU P 470 15.50 65.18 -4.18
N GLN P 471 15.29 63.99 -4.72
CA GLN P 471 15.56 63.70 -6.13
C GLN P 471 14.27 63.22 -6.82
N VAL P 472 14.00 63.75 -7.99
CA VAL P 472 12.74 63.48 -8.71
C VAL P 472 12.99 63.08 -10.17
N ARG P 473 12.10 62.26 -10.67
CA ARG P 473 12.10 61.78 -12.06
C ARG P 473 10.79 62.26 -12.72
N PRO P 474 10.84 63.37 -13.43
CA PRO P 474 9.69 63.97 -14.13
C PRO P 474 9.32 63.14 -15.36
N HIS P 475 8.07 63.22 -15.80
CA HIS P 475 7.68 62.65 -17.09
C HIS P 475 8.41 63.39 -18.22
N PHE P 476 8.75 62.66 -19.27
CA PHE P 476 9.55 63.24 -20.38
C PHE P 476 8.70 63.83 -21.49
N LYS P 477 9.15 64.98 -21.94
CA LYS P 477 8.59 65.65 -23.11
C LYS P 477 9.16 65.03 -24.39
N TYR P 478 8.30 64.86 -25.37
CA TYR P 478 8.68 64.40 -26.71
C TYR P 478 9.33 65.56 -27.48
N MET P 479 10.63 65.46 -27.71
CA MET P 479 11.41 66.60 -28.26
C MET P 479 12.29 66.26 -29.47
N GLY P 480 11.88 65.24 -30.24
CA GLY P 480 12.63 64.83 -31.44
C GLY P 480 12.85 63.33 -31.51
N ALA P 481 13.11 62.87 -32.73
CA ALA P 481 13.25 61.44 -33.05
C ALA P 481 13.80 61.26 -34.47
N SER P 482 14.50 60.16 -34.65
CA SER P 482 15.04 59.77 -35.97
C SER P 482 14.29 58.53 -36.46
N PHE P 483 13.95 58.54 -37.75
CA PHE P 483 13.19 57.45 -38.39
C PHE P 483 14.01 56.79 -39.49
N THR P 484 13.95 55.47 -39.49
CA THR P 484 14.57 54.63 -40.53
C THR P 484 13.47 53.86 -41.28
N LEU P 485 13.25 54.25 -42.52
CA LEU P 485 12.24 53.59 -43.36
C LEU P 485 12.89 52.48 -44.18
N SER P 486 12.14 51.41 -44.38
CA SER P 486 12.65 50.25 -45.13
C SER P 486 11.51 49.39 -45.69
N LEU P 487 11.59 49.19 -47.00
CA LEU P 487 10.78 48.17 -47.68
C LEU P 487 11.35 46.79 -47.36
N VAL P 488 10.49 45.81 -47.28
CA VAL P 488 10.88 44.45 -46.87
C VAL P 488 9.87 43.42 -47.37
N GLY P 489 10.42 42.30 -47.82
CA GLY P 489 9.61 41.12 -48.18
C GLY P 489 9.73 40.12 -47.04
N LYS P 490 8.77 39.27 -46.87
CA LYS P 490 8.69 38.20 -45.83
C LYS P 490 8.73 38.74 -44.39
N LEU P 491 8.28 39.99 -44.23
CA LEU P 491 8.17 40.59 -42.90
C LEU P 491 7.12 39.80 -42.11
N ASP P 492 7.38 39.61 -40.82
CA ASP P 492 6.36 38.99 -39.95
C ASP P 492 5.11 39.87 -39.97
N LYS P 493 3.97 39.22 -40.19
CA LYS P 493 2.69 39.95 -40.38
C LYS P 493 2.24 40.73 -39.12
N LEU Q 30 31.00 36.57 -61.98
CA LEU Q 30 32.20 36.52 -62.84
C LEU Q 30 31.87 35.82 -64.15
N PRO Q 31 32.06 36.55 -65.26
CA PRO Q 31 31.90 35.99 -66.62
C PRO Q 31 32.87 34.82 -66.81
N LEU Q 32 32.56 34.00 -67.81
CA LEU Q 32 33.48 32.94 -68.25
C LEU Q 32 34.17 33.41 -69.54
N LYS Q 33 35.39 33.89 -69.36
CA LYS Q 33 36.15 34.40 -70.51
C LYS Q 33 37.24 33.40 -70.90
N VAL Q 34 37.25 33.11 -72.19
CA VAL Q 34 38.24 32.22 -72.81
C VAL Q 34 39.16 33.06 -73.70
N LEU Q 35 40.39 32.57 -73.81
CA LEU Q 35 41.41 33.18 -74.66
C LEU Q 35 41.84 32.19 -75.74
N MET Q 36 41.47 32.52 -76.98
CA MET Q 36 41.83 31.71 -78.14
C MET Q 36 43.13 32.25 -78.76
N LEU Q 37 44.18 31.46 -78.60
CA LEU Q 37 45.51 31.85 -79.10
C LEU Q 37 45.85 30.91 -80.25
N GLY Q 38 46.30 31.52 -81.35
CA GLY Q 38 46.59 30.78 -82.58
C GLY Q 38 47.05 31.71 -83.72
N ASP Q 39 47.49 31.06 -84.77
CA ASP Q 39 47.99 31.74 -85.98
C ASP Q 39 46.84 32.07 -86.94
N PHE Q 40 46.19 33.19 -86.64
CA PHE Q 40 45.04 33.67 -87.44
C PHE Q 40 45.41 34.41 -88.73
N THR Q 41 46.69 34.71 -88.89
CA THR Q 41 47.19 35.42 -90.08
C THR Q 41 48.18 34.54 -90.85
N GLY Q 42 48.45 34.95 -92.09
CA GLY Q 42 49.40 34.24 -92.99
C GLY Q 42 50.87 34.47 -92.63
N GLN Q 43 51.14 35.33 -91.65
CA GLN Q 43 52.50 35.73 -91.26
C GLN Q 43 52.58 36.13 -89.78
N GLU Q 44 53.77 35.98 -89.23
CA GLU Q 44 54.10 36.48 -87.89
C GLU Q 44 54.12 38.02 -87.88
N ASP Q 45 53.80 38.59 -86.73
CA ASP Q 45 53.86 40.05 -86.55
C ASP Q 45 55.22 40.46 -85.97
N ALA Q 46 55.68 41.63 -86.41
CA ALA Q 46 56.88 42.31 -85.88
C ALA Q 46 56.68 42.78 -84.43
N ARG Q 47 55.44 43.17 -84.10
CA ARG Q 47 55.08 43.63 -82.76
C ARG Q 47 55.32 42.53 -81.71
N PRO Q 48 55.98 42.89 -80.60
CA PRO Q 48 56.21 41.98 -79.47
C PRO Q 48 54.88 41.44 -78.93
N LEU Q 49 54.93 40.24 -78.40
CA LEU Q 49 53.73 39.56 -77.83
C LEU Q 49 53.04 40.40 -76.75
N GLU Q 50 53.85 41.01 -75.88
CA GLU Q 50 53.33 41.88 -74.81
C GLU Q 50 52.66 43.16 -75.33
N GLN Q 51 53.02 43.56 -76.55
CA GLN Q 51 52.54 44.80 -77.15
C GLN Q 51 51.26 44.57 -77.97
N ARG Q 52 51.24 43.53 -78.80
CA ARG Q 52 50.03 43.19 -79.58
C ARG Q 52 48.88 42.94 -78.61
N ALA Q 53 47.71 43.39 -79.03
CA ALA Q 53 46.53 43.38 -78.17
C ALA Q 53 45.53 42.27 -78.54
N PRO Q 54 44.77 41.80 -77.54
CA PRO Q 54 43.67 40.85 -77.74
C PRO Q 54 42.45 41.56 -78.34
N ILE Q 55 41.64 40.78 -79.06
CA ILE Q 55 40.41 41.29 -79.69
C ILE Q 55 39.19 40.56 -79.12
N ASN Q 56 38.23 41.34 -78.64
CA ASN Q 56 36.97 40.78 -78.14
C ASN Q 56 36.05 40.43 -79.33
N VAL Q 57 35.60 39.18 -79.35
CA VAL Q 57 34.76 38.67 -80.44
C VAL Q 57 33.41 38.19 -79.87
N ASP Q 58 32.36 38.45 -80.65
CA ASP Q 58 31.01 37.95 -80.36
C ASP Q 58 30.23 37.79 -81.68
N LYS Q 59 29.03 37.24 -81.57
CA LYS Q 59 28.14 37.00 -82.72
C LYS Q 59 27.80 38.25 -83.56
N ALA Q 60 27.78 39.41 -82.91
CA ALA Q 60 27.35 40.67 -83.53
C ALA Q 60 28.49 41.51 -84.16
N ASN Q 61 29.68 40.92 -84.25
CA ASN Q 61 30.85 41.63 -84.81
C ASN Q 61 31.94 40.69 -85.35
N PHE Q 62 31.63 39.40 -85.45
CA PHE Q 62 32.60 38.39 -85.90
C PHE Q 62 33.22 38.77 -87.25
N ASN Q 63 32.34 39.07 -88.21
CA ASN Q 63 32.77 39.49 -89.57
C ASN Q 63 33.59 40.79 -89.55
N GLU Q 64 33.20 41.70 -88.67
CA GLU Q 64 33.82 43.02 -88.53
C GLU Q 64 35.26 42.83 -88.04
N VAL Q 65 35.43 41.84 -87.17
CA VAL Q 65 36.75 41.46 -86.64
C VAL Q 65 37.66 40.94 -87.77
N MET Q 66 37.11 40.10 -88.64
CA MET Q 66 37.90 39.57 -89.77
C MET Q 66 38.35 40.68 -90.73
N ALA Q 67 37.40 41.58 -91.01
CA ALA Q 67 37.63 42.75 -91.89
C ALA Q 67 38.75 43.65 -91.34
N GLN Q 68 38.69 43.90 -90.03
CA GLN Q 68 39.69 44.73 -89.34
C GLN Q 68 41.05 44.03 -89.19
N GLN Q 69 41.02 42.71 -89.04
CA GLN Q 69 42.24 41.89 -88.89
C GLN Q 69 43.06 41.91 -90.18
N ASN Q 70 42.36 41.97 -91.31
CA ASN Q 70 42.97 42.03 -92.65
C ASN Q 70 43.79 40.75 -92.91
N LEU Q 71 43.18 39.85 -93.66
CA LEU Q 71 43.80 38.56 -93.98
C LEU Q 71 44.34 38.59 -95.41
N LYS Q 72 45.49 37.94 -95.59
CA LYS Q 72 46.14 37.87 -96.91
C LYS Q 72 46.99 36.60 -97.01
N VAL Q 73 46.90 35.96 -98.17
CA VAL Q 73 47.69 34.77 -98.50
C VAL Q 73 48.44 34.96 -99.83
N THR Q 74 49.75 34.92 -99.70
CA THR Q 74 50.66 34.91 -100.86
C THR Q 74 51.25 33.51 -100.92
N LEU Q 75 50.81 32.76 -101.91
CA LEU Q 75 51.18 31.35 -102.04
C LEU Q 75 51.19 30.94 -103.52
N THR Q 76 51.98 29.91 -103.76
CA THR Q 76 52.12 29.33 -105.10
C THR Q 76 51.58 27.89 -105.12
N ALA Q 77 50.76 27.62 -106.13
CA ALA Q 77 50.18 26.30 -106.39
C ALA Q 77 50.59 25.83 -107.80
N ALA Q 78 50.54 24.52 -108.01
CA ALA Q 78 50.78 23.92 -109.33
C ALA Q 78 49.76 24.49 -110.34
N ASP Q 79 50.30 24.98 -111.45
CA ASP Q 79 49.47 25.51 -112.54
C ASP Q 79 48.95 24.34 -113.39
N LYS Q 80 47.69 24.01 -113.18
CA LYS Q 80 47.07 22.90 -113.91
C LYS Q 80 46.14 23.38 -115.04
N LEU Q 81 46.36 24.62 -115.46
CA LEU Q 81 45.66 25.20 -116.61
C LEU Q 81 46.36 24.89 -117.95
N SER Q 82 47.54 24.28 -117.82
CA SER Q 82 48.36 23.82 -118.95
C SER Q 82 48.83 22.38 -118.70
N ALA Q 83 49.78 21.94 -119.52
CA ALA Q 83 50.40 20.60 -119.45
C ALA Q 83 51.92 20.68 -119.22
N ASP Q 84 52.32 21.62 -118.34
CA ASP Q 84 53.74 21.80 -118.02
C ASP Q 84 53.96 21.63 -116.51
N PRO Q 85 54.82 20.66 -116.12
CA PRO Q 85 55.22 20.43 -114.72
C PRO Q 85 55.98 21.61 -114.08
N ASN Q 86 56.66 22.40 -114.91
CA ASN Q 86 57.39 23.60 -114.48
C ASN Q 86 56.51 24.85 -114.32
N ALA Q 87 55.28 24.76 -114.81
CA ALA Q 87 54.29 25.85 -114.70
C ALA Q 87 53.73 25.92 -113.26
N THR Q 88 53.92 27.10 -112.69
CA THR Q 88 53.44 27.39 -111.34
C THR Q 88 52.60 28.67 -111.32
N MET Q 89 51.63 28.72 -110.41
CA MET Q 89 50.75 29.89 -110.28
C MET Q 89 50.85 30.47 -108.87
N ASN Q 90 51.20 31.76 -108.83
CA ASN Q 90 51.25 32.50 -107.57
C ASN Q 90 50.04 33.42 -107.46
N VAL Q 91 49.36 33.30 -106.34
CA VAL Q 91 48.13 34.05 -106.03
C VAL Q 91 48.31 34.92 -104.78
N SER Q 92 47.54 36.00 -104.74
CA SER Q 92 47.52 36.91 -103.58
C SER Q 92 46.07 37.12 -103.12
N LEU Q 93 45.58 36.18 -102.32
CA LEU Q 93 44.18 36.25 -101.85
C LEU Q 93 44.06 37.14 -100.60
N GLN Q 94 42.92 37.80 -100.53
CA GLN Q 94 42.56 38.72 -99.43
C GLN Q 94 41.17 38.35 -98.92
N PHE Q 95 41.03 38.39 -97.60
CA PHE Q 95 39.77 38.02 -96.95
C PHE Q 95 39.32 39.12 -96.00
N LYS Q 96 38.02 39.35 -96.04
CA LYS Q 96 37.33 40.32 -95.16
C LYS Q 96 36.31 39.59 -94.26
N ASN Q 97 35.72 38.53 -94.81
CA ASN Q 97 34.78 37.66 -94.10
C ASN Q 97 34.95 36.21 -94.57
N LEU Q 98 34.24 35.30 -93.91
CA LEU Q 98 34.26 33.87 -94.25
C LEU Q 98 33.75 33.54 -95.65
N ASN Q 99 32.85 34.39 -96.14
CA ASN Q 99 32.33 34.26 -97.51
C ASN Q 99 33.45 34.36 -98.56
N ASP Q 100 34.53 35.04 -98.20
CA ASP Q 100 35.70 35.21 -99.08
C ASP Q 100 36.58 33.96 -99.22
N PHE Q 101 36.22 32.89 -98.53
CA PHE Q 101 36.90 31.59 -98.71
C PHE Q 101 36.17 30.67 -99.69
N SER Q 102 35.01 31.12 -100.16
CA SER Q 102 34.23 30.37 -101.15
C SER Q 102 34.95 30.39 -102.51
N PRO Q 103 34.82 29.31 -103.30
CA PRO Q 103 35.43 29.21 -104.64
C PRO Q 103 35.08 30.40 -105.55
N GLU Q 104 33.88 30.96 -105.33
CA GLU Q 104 33.41 32.15 -106.07
C GLU Q 104 34.31 33.39 -105.84
N SER Q 105 34.78 33.57 -104.61
CA SER Q 105 35.69 34.69 -104.28
C SER Q 105 37.13 34.38 -104.69
N VAL Q 106 37.50 33.10 -104.61
CA VAL Q 106 38.85 32.62 -105.01
C VAL Q 106 39.07 32.92 -106.51
N VAL Q 107 38.06 32.58 -107.32
CA VAL Q 107 38.09 32.85 -108.77
C VAL Q 107 38.21 34.36 -109.06
N ASN Q 108 37.43 35.14 -108.32
CA ASN Q 108 37.38 36.60 -108.52
C ASN Q 108 38.71 37.29 -108.22
N GLN Q 109 39.49 36.67 -107.34
CA GLN Q 109 40.81 37.22 -106.95
C GLN Q 109 41.98 36.56 -107.68
N VAL Q 110 41.66 35.67 -108.61
CA VAL Q 110 42.66 34.96 -109.42
C VAL Q 110 42.33 35.20 -110.90
N PRO Q 111 42.99 36.19 -111.53
CA PRO Q 111 42.76 36.58 -112.94
C PRO Q 111 42.81 35.40 -113.94
N GLU Q 112 43.69 34.46 -113.65
CA GLU Q 112 43.91 33.24 -114.44
C GLU Q 112 42.68 32.32 -114.45
N LEU Q 113 41.83 32.47 -113.43
CA LEU Q 113 40.56 31.77 -113.32
C LEU Q 113 39.35 32.69 -113.62
N LYS Q 114 39.48 33.95 -113.21
CA LYS Q 114 38.43 34.98 -113.41
C LYS Q 114 38.11 35.15 -114.90
N LYS Q 115 39.15 35.19 -115.72
CA LYS Q 115 39.01 35.29 -117.19
C LYS Q 115 38.33 34.05 -117.79
N LEU Q 116 38.63 32.90 -117.20
CA LEU Q 116 37.99 31.63 -117.59
C LEU Q 116 36.51 31.56 -117.22
N LEU Q 117 36.17 32.20 -116.11
CA LEU Q 117 34.76 32.33 -115.67
C LEU Q 117 34.01 33.30 -116.59
N GLU Q 118 34.69 34.37 -116.99
CA GLU Q 118 34.14 35.35 -117.94
C GLU Q 118 33.92 34.69 -119.31
N LEU Q 119 34.86 33.82 -119.68
CA LEU Q 119 34.76 32.99 -120.89
C LEU Q 119 33.57 32.05 -120.80
N ARG Q 120 33.43 31.40 -119.64
CA ARG Q 120 32.32 30.48 -119.37
C ARG Q 120 30.98 31.21 -119.64
N SER Q 121 30.83 32.39 -119.06
CA SER Q 121 29.61 33.20 -119.19
C SER Q 121 29.35 33.63 -120.64
N ALA Q 122 30.44 33.92 -121.37
CA ALA Q 122 30.38 34.26 -122.80
C ALA Q 122 29.90 33.07 -123.65
N LEU Q 123 30.33 31.93 -123.30
CA LEU Q 123 29.98 30.76 -124.13
C LEU Q 123 28.55 30.28 -123.81
N ASN Q 124 28.13 30.37 -122.54
CA ASN Q 124 26.77 29.97 -122.17
C ASN Q 124 25.77 30.93 -122.80
N ALA Q 125 26.09 32.25 -122.80
CA ALA Q 125 25.25 33.29 -123.41
C ALA Q 125 25.11 33.03 -124.90
N LEU Q 126 26.22 32.77 -125.59
CA LEU Q 126 26.23 32.44 -127.01
C LEU Q 126 25.40 31.17 -127.30
N LYS Q 127 25.68 30.07 -126.56
CA LYS Q 127 24.97 28.79 -126.77
C LYS Q 127 23.48 28.87 -126.45
N GLY Q 128 23.07 29.74 -125.51
CA GLY Q 128 21.64 29.93 -125.20
C GLY Q 128 21.02 31.01 -126.09
N PRO Q 129 21.78 31.51 -127.09
CA PRO Q 129 21.39 32.54 -128.06
C PRO Q 129 21.00 33.90 -127.43
N LEU Q 130 21.59 34.22 -126.26
CA LEU Q 130 21.30 35.47 -125.55
C LEU Q 130 22.01 36.69 -126.13
N GLY Q 131 23.05 36.46 -126.96
CA GLY Q 131 23.71 37.56 -127.65
C GLY Q 131 24.07 37.14 -129.05
N ASN Q 132 24.20 38.11 -129.97
CA ASN Q 132 24.55 37.81 -131.35
C ASN Q 132 26.07 37.67 -131.50
N LEU Q 133 26.54 37.19 -132.66
CA LEU Q 133 27.95 36.97 -132.97
C LEU Q 133 28.82 38.20 -132.83
N PRO Q 134 28.33 39.38 -133.25
CA PRO Q 134 29.10 40.64 -133.17
C PRO Q 134 29.42 41.00 -131.69
N ALA Q 135 28.43 40.87 -130.78
CA ALA Q 135 28.63 41.15 -129.34
C ALA Q 135 29.58 40.09 -128.76
N PHE Q 136 29.34 38.82 -129.08
CA PHE Q 136 30.19 37.71 -128.64
C PHE Q 136 31.66 38.02 -128.96
N ARG Q 137 31.99 38.37 -130.25
CA ARG Q 137 33.39 38.63 -130.64
C ARG Q 137 33.97 39.85 -129.93
N LYS Q 138 33.16 40.89 -129.68
CA LYS Q 138 33.59 42.11 -128.97
C LYS Q 138 33.94 41.77 -127.51
N LYS Q 139 33.08 40.97 -126.84
CA LYS Q 139 33.31 40.55 -125.47
C LYS Q 139 34.48 39.58 -125.36
N LEU Q 140 34.68 38.76 -126.36
CA LEU Q 140 35.74 37.81 -126.33
C LEU Q 140 37.05 38.52 -126.32
N GLN Q 141 37.20 39.50 -127.17
CA GLN Q 141 38.43 40.24 -127.24
C GLN Q 141 38.74 40.97 -125.93
N ALA Q 142 37.74 41.48 -125.25
CA ALA Q 142 37.88 42.09 -123.95
C ALA Q 142 38.42 41.11 -122.87
N LEU Q 143 37.83 39.94 -122.80
CA LEU Q 143 38.29 38.91 -121.93
C LEU Q 143 39.78 38.58 -122.18
N LEU Q 144 40.15 38.35 -123.42
CA LEU Q 144 41.48 37.85 -123.73
C LEU Q 144 42.57 38.93 -123.80
N ALA Q 145 42.15 40.16 -123.70
CA ALA Q 145 43.01 41.34 -123.71
C ALA Q 145 43.85 41.43 -122.41
N ASP Q 146 43.40 40.84 -121.27
CA ASP Q 146 44.11 40.90 -119.99
C ASP Q 146 45.61 40.57 -120.15
N GLU Q 147 46.51 41.55 -119.88
CA GLU Q 147 47.94 41.29 -120.11
C GLU Q 147 48.59 40.32 -119.13
N ASP Q 148 47.90 40.00 -118.02
CA ASP Q 148 48.41 39.07 -117.00
C ASP Q 148 48.19 37.61 -117.42
N GLY Q 149 47.41 37.36 -118.52
CA GLY Q 149 47.16 36.00 -119.01
C GLY Q 149 48.32 35.46 -119.79
N ARG Q 150 48.51 34.13 -119.76
CA ARG Q 150 49.54 33.52 -120.59
C ARG Q 150 48.94 33.34 -121.99
N LYS Q 151 49.77 33.31 -123.04
CA LYS Q 151 49.27 33.09 -124.39
C LYS Q 151 48.76 31.64 -124.51
N ALA Q 152 49.36 30.72 -123.72
CA ALA Q 152 48.95 29.30 -123.69
C ALA Q 152 47.50 29.25 -123.22
N LEU Q 153 47.16 29.96 -122.13
CA LEU Q 153 45.78 30.00 -121.65
C LEU Q 153 44.84 30.64 -122.69
N ILE Q 154 45.24 31.77 -123.31
CA ILE Q 154 44.40 32.44 -124.32
C ILE Q 154 44.01 31.46 -125.43
N LYS Q 155 44.99 30.64 -125.92
CA LYS Q 155 44.83 29.61 -126.95
C LYS Q 155 43.81 28.53 -126.57
N GLU Q 156 43.88 28.02 -125.32
CA GLU Q 156 42.94 27.04 -124.76
C GLU Q 156 41.54 27.67 -124.64
N LEU Q 157 41.46 28.96 -124.31
CA LEU Q 157 40.18 29.68 -124.23
C LEU Q 157 39.54 29.86 -125.62
N GLY Q 158 40.34 30.29 -126.62
CA GLY Q 158 39.90 30.46 -128.01
C GLY Q 158 39.52 29.13 -128.65
N LEU Q 159 40.13 28.00 -128.22
CA LEU Q 159 39.82 26.66 -128.72
C LEU Q 159 38.42 26.18 -128.30
N THR Q 160 37.81 26.84 -127.32
CA THR Q 160 36.47 26.51 -126.84
C THR Q 160 35.39 27.22 -127.67
N GLU Q 161 35.78 28.18 -128.50
CA GLU Q 161 34.81 28.93 -129.33
C GLU Q 161 34.24 28.07 -130.47
N GLU Q 162 32.89 27.92 -130.58
CA GLU Q 162 32.34 27.17 -131.74
C GLU Q 162 32.74 27.87 -133.04
N THR Q 163 33.05 27.08 -134.08
CA THR Q 163 33.47 27.60 -135.40
C THR Q 163 32.55 28.66 -135.99
N LYS Q 164 31.23 28.49 -135.85
CA LYS Q 164 30.24 29.42 -136.38
C LYS Q 164 30.20 30.80 -135.69
N ASP R 63 24.06 22.00 -132.64
CA ASP R 63 25.25 22.88 -132.50
C ASP R 63 25.56 23.24 -131.04
N LYS R 64 24.50 23.55 -130.28
CA LYS R 64 24.57 23.96 -128.89
C LYS R 64 25.17 22.85 -128.03
N ALA R 65 24.92 21.61 -128.44
CA ALA R 65 25.47 20.42 -127.76
C ALA R 65 27.00 20.45 -127.69
N LEU R 66 27.62 20.90 -128.79
CA LEU R 66 29.07 21.09 -128.86
C LEU R 66 29.55 22.24 -127.97
N VAL R 67 28.76 23.31 -127.95
CA VAL R 67 29.03 24.47 -127.07
C VAL R 67 28.98 24.05 -125.59
N ASP R 68 28.01 23.21 -125.26
CA ASP R 68 27.86 22.68 -123.90
C ASP R 68 29.07 21.80 -123.50
N ALA R 69 29.56 21.04 -124.48
CA ALA R 69 30.76 20.21 -124.31
C ALA R 69 32.00 21.07 -124.04
N MET R 70 32.04 22.24 -124.68
CA MET R 70 33.10 23.23 -124.47
C MET R 70 33.05 23.77 -123.03
N ILE R 71 31.82 23.99 -122.55
CA ILE R 71 31.57 24.42 -121.16
C ILE R 71 31.97 23.32 -120.15
N ALA R 72 31.73 22.10 -120.51
CA ALA R 72 32.07 20.96 -119.66
C ALA R 72 33.60 20.85 -119.46
N GLU R 73 34.31 20.99 -120.56
CA GLU R 73 35.78 20.94 -120.58
C GLU R 73 36.42 22.17 -119.93
N ILE R 74 35.79 23.32 -120.14
CA ILE R 74 36.25 24.59 -119.53
C ILE R 74 36.20 24.51 -118.00
N ASP R 75 35.04 24.06 -117.48
CA ASP R 75 34.81 23.93 -116.05
C ASP R 75 35.66 22.82 -115.45
N LYS R 76 35.88 21.78 -116.25
CA LYS R 76 36.77 20.66 -115.88
C LYS R 76 38.19 21.19 -115.58
N ARG R 77 38.69 22.03 -116.48
CA ARG R 77 40.03 22.63 -116.32
C ARG R 77 40.07 23.63 -115.17
N LEU R 78 39.03 24.46 -115.08
CA LEU R 78 38.93 25.48 -114.03
C LEU R 78 38.87 24.81 -112.65
N SER R 79 38.12 23.73 -112.55
CA SER R 79 37.96 22.93 -111.31
C SER R 79 39.26 22.23 -110.90
N SER R 80 40.03 21.85 -111.88
CA SER R 80 41.34 21.20 -111.62
C SER R 80 42.30 22.18 -110.94
N GLN R 81 42.21 23.45 -111.36
CA GLN R 81 43.03 24.53 -110.77
C GLN R 81 42.50 24.95 -109.42
N VAL R 82 41.23 25.10 -109.31
CA VAL R 82 40.57 25.53 -108.04
C VAL R 82 40.81 24.53 -106.90
N ASN R 83 40.92 23.24 -107.25
CA ASN R 83 41.26 22.20 -106.28
C ASN R 83 42.63 22.46 -105.63
N GLU R 84 43.56 22.98 -106.44
CA GLU R 84 44.93 23.29 -105.99
C GLU R 84 44.97 24.38 -104.91
N ILE R 85 44.14 25.41 -105.10
CA ILE R 85 44.06 26.52 -104.11
C ILE R 85 43.32 26.06 -102.86
N LEU R 86 42.19 25.39 -103.07
CA LEU R 86 41.34 24.91 -101.97
C LEU R 86 42.01 23.83 -101.12
N HIS R 87 42.92 23.10 -101.74
CA HIS R 87 43.68 22.04 -101.05
C HIS R 87 45.11 22.45 -100.71
N ALA R 88 45.38 23.75 -100.83
CA ALA R 88 46.66 24.31 -100.42
C ALA R 88 46.73 24.34 -98.89
N LYS R 89 47.83 23.86 -98.36
CA LYS R 89 48.03 23.77 -96.90
C LYS R 89 48.01 25.14 -96.20
N GLU R 90 48.59 26.14 -96.89
CA GLU R 90 48.61 27.53 -96.41
C GLU R 90 47.16 28.09 -96.41
N PHE R 91 46.43 27.78 -97.45
CA PHE R 91 45.05 28.26 -97.57
C PHE R 91 44.14 27.64 -96.49
N GLN R 92 44.28 26.34 -96.32
CA GLN R 92 43.48 25.59 -95.34
C GLN R 92 43.83 25.98 -93.91
N LYS R 93 45.10 26.30 -93.65
CA LYS R 93 45.51 26.73 -92.31
C LYS R 93 44.77 28.02 -91.91
N LEU R 94 44.68 28.95 -92.88
CA LEU R 94 43.98 30.23 -92.69
C LEU R 94 42.48 29.97 -92.52
N GLU R 95 41.89 29.23 -93.45
CA GLU R 95 40.43 28.99 -93.45
C GLU R 95 40.00 28.24 -92.19
N SER R 96 40.60 27.10 -91.95
CA SER R 96 40.27 26.24 -90.80
C SER R 96 40.38 27.00 -89.48
N SER R 97 41.32 27.96 -89.40
CA SER R 97 41.50 28.79 -88.18
C SER R 97 40.27 29.66 -87.91
N TRP R 98 39.85 30.39 -88.92
CA TRP R 98 38.69 31.30 -88.81
C TRP R 98 37.33 30.59 -88.83
N ARG R 99 37.22 29.56 -89.65
CA ARG R 99 35.98 28.76 -89.73
C ARG R 99 35.73 28.01 -88.42
N SER R 100 36.79 27.39 -87.90
CA SER R 100 36.71 26.71 -86.59
C SER R 100 36.42 27.69 -85.46
N LEU R 101 36.92 28.92 -85.62
CA LEU R 101 36.69 29.99 -84.63
C LEU R 101 35.20 30.36 -84.56
N LYS R 102 34.59 30.56 -85.73
CA LYS R 102 33.17 30.90 -85.79
C LYS R 102 32.31 29.73 -85.30
N PHE R 103 32.71 28.52 -85.69
CA PHE R 103 32.05 27.28 -85.24
C PHE R 103 31.94 27.25 -83.71
N MET R 104 33.01 27.73 -83.06
CA MET R 104 33.03 27.93 -81.61
C MET R 104 32.09 29.06 -81.19
N VAL R 105 32.35 30.24 -81.74
CA VAL R 105 31.69 31.49 -81.35
C VAL R 105 30.16 31.37 -81.45
N ASP R 106 29.66 30.90 -82.57
CA ASP R 106 28.19 30.90 -82.80
C ASP R 106 27.43 29.79 -82.05
N ARG R 107 28.17 28.94 -81.35
CA ARG R 107 27.56 27.89 -80.51
C ARG R 107 27.62 28.27 -79.02
N THR R 108 28.08 29.48 -78.75
CA THR R 108 28.09 30.04 -77.39
C THR R 108 26.90 30.99 -77.27
N ASP R 109 26.70 31.50 -76.06
CA ASP R 109 25.64 32.47 -75.79
C ASP R 109 26.21 33.63 -74.97
N PHE R 110 26.47 34.73 -75.67
CA PHE R 110 27.05 35.94 -75.06
C PHE R 110 26.15 36.66 -74.06
N ARG R 111 24.87 36.30 -74.07
CA ARG R 111 23.89 36.82 -73.10
C ARG R 111 24.00 36.15 -71.71
N GLU R 112 24.75 35.05 -71.68
CA GLU R 112 24.96 34.27 -70.44
C GLU R 112 26.30 34.59 -69.78
N ASN R 113 26.81 35.81 -70.03
CA ASN R 113 28.09 36.27 -69.47
C ASN R 113 29.28 35.42 -69.94
N THR R 114 29.25 35.09 -71.22
CA THR R 114 30.36 34.35 -71.86
C THR R 114 31.12 35.33 -72.74
N ARG R 115 32.44 35.29 -72.66
CA ARG R 115 33.30 36.21 -73.43
C ARG R 115 34.49 35.44 -74.01
N VAL R 116 34.97 35.91 -75.14
CA VAL R 116 36.14 35.32 -75.82
C VAL R 116 36.98 36.44 -76.44
N GLU R 117 38.28 36.29 -76.31
CA GLU R 117 39.24 37.20 -76.95
C GLU R 117 40.20 36.41 -77.84
N MET R 118 40.62 37.05 -78.91
CA MET R 118 41.58 36.46 -79.86
C MET R 118 42.96 37.10 -79.66
N LEU R 119 43.96 36.24 -79.63
CA LEU R 119 45.36 36.66 -79.50
C LEU R 119 46.23 35.92 -80.50
N ASN R 120 46.55 36.61 -81.59
CA ASN R 120 47.36 36.04 -82.68
C ASN R 120 48.78 35.74 -82.22
N ALA R 121 49.11 34.45 -82.19
CA ALA R 121 50.45 33.98 -81.80
C ALA R 121 50.74 32.60 -82.40
N SER R 122 51.92 32.47 -82.97
CA SER R 122 52.42 31.18 -83.50
C SER R 122 53.16 30.42 -82.39
N LYS R 123 53.28 29.10 -82.52
CA LYS R 123 54.01 28.33 -81.50
C LYS R 123 55.48 28.76 -81.38
N GLU R 124 56.05 29.06 -82.54
CA GLU R 124 57.47 29.49 -82.62
C GLU R 124 57.72 30.74 -81.78
N ASP R 125 56.81 31.71 -81.89
CA ASP R 125 56.97 32.99 -81.16
C ASP R 125 56.59 32.87 -79.68
N LEU R 126 55.79 31.84 -79.36
CA LEU R 126 55.46 31.53 -77.96
C LEU R 126 56.73 31.12 -77.22
N GLN R 127 57.50 30.27 -77.91
CA GLN R 127 58.82 29.83 -77.42
C GLN R 127 59.82 30.97 -77.40
N LYS R 128 59.76 31.81 -78.45
CA LYS R 128 60.61 33.00 -78.53
C LYS R 128 60.44 33.90 -77.29
N ASP R 129 59.17 34.13 -76.92
CA ASP R 129 58.84 35.00 -75.79
C ASP R 129 59.23 34.38 -74.45
N PHE R 130 58.88 33.11 -74.31
CA PHE R 130 59.14 32.41 -73.05
C PHE R 130 60.63 32.13 -72.80
N GLU R 131 61.38 31.94 -73.89
CA GLU R 131 62.84 31.77 -73.82
C GLU R 131 63.54 33.12 -73.63
N ASP R 132 62.99 34.15 -74.25
CA ASP R 132 63.53 35.52 -74.16
C ASP R 132 63.42 36.05 -72.72
N ALA R 133 62.22 35.92 -72.15
CA ALA R 133 61.96 36.37 -70.78
C ALA R 133 62.84 35.61 -69.77
N PRO R 134 63.28 36.32 -68.73
CA PRO R 134 64.07 35.73 -67.62
C PRO R 134 63.24 34.75 -66.79
N GLU R 135 61.95 35.04 -66.67
CA GLU R 135 61.00 34.21 -65.92
C GLU R 135 59.59 34.36 -66.51
N VAL R 136 58.76 33.37 -66.24
CA VAL R 136 57.37 33.33 -66.74
C VAL R 136 56.55 34.55 -66.31
N THR R 137 56.85 35.07 -65.12
CA THR R 137 56.10 36.23 -64.59
C THR R 137 56.32 37.51 -65.44
N LYS R 138 57.34 37.47 -66.29
CA LYS R 138 57.68 38.60 -67.17
C LYS R 138 57.41 38.31 -68.65
N SER R 139 56.80 37.16 -68.93
CA SER R 139 56.40 36.81 -70.30
C SER R 139 55.24 37.69 -70.74
N GLY R 140 55.15 37.90 -72.06
CA GLY R 140 54.10 38.72 -72.68
C GLY R 140 52.70 38.10 -72.47
N LEU R 141 52.66 36.77 -72.61
CA LEU R 141 51.43 36.00 -72.40
C LEU R 141 50.94 36.07 -70.95
N TYR R 142 51.88 35.93 -70.02
CA TYR R 142 51.57 36.08 -68.59
C TYR R 142 50.97 37.46 -68.30
N LYS R 143 51.52 38.47 -68.98
CA LYS R 143 51.10 39.85 -68.77
C LYS R 143 49.60 40.05 -69.00
N LEU R 144 49.03 39.48 -70.06
CA LEU R 144 47.60 39.77 -70.31
C LEU R 144 46.69 38.53 -70.15
N VAL R 145 47.23 37.50 -69.53
CA VAL R 145 46.43 36.40 -68.99
C VAL R 145 46.26 36.69 -67.48
N TYR R 146 47.39 36.73 -66.78
CA TYR R 146 47.39 36.92 -65.33
C TYR R 146 47.32 38.41 -64.93
N SER R 147 48.34 39.16 -65.34
CA SER R 147 48.56 40.54 -64.84
C SER R 147 47.40 41.50 -65.14
N ASN R 148 46.93 41.46 -66.38
CA ASN R 148 45.82 42.34 -66.82
C ASN R 148 44.42 41.81 -66.45
N GLU R 149 44.38 40.64 -65.82
CA GLU R 149 43.11 40.00 -65.47
C GLU R 149 43.01 39.61 -63.99
N TYR R 150 43.40 38.36 -63.70
CA TYR R 150 43.30 37.78 -62.35
C TYR R 150 43.98 38.63 -61.27
N GLY R 151 45.14 39.20 -61.63
CA GLY R 151 45.95 39.98 -60.66
C GLY R 151 45.70 41.50 -60.77
N VAL R 152 44.52 41.89 -61.22
CA VAL R 152 44.16 43.32 -61.35
C VAL R 152 42.85 43.61 -60.60
N PHE R 153 42.97 44.49 -59.62
CA PHE R 153 41.80 45.03 -58.90
C PHE R 153 40.86 45.75 -59.89
N GLY R 154 39.63 45.25 -59.94
CA GLY R 154 38.61 45.81 -60.85
C GLY R 154 38.48 45.02 -62.16
N GLY R 155 39.48 44.14 -62.41
CA GLY R 155 39.51 43.32 -63.63
C GLY R 155 38.69 42.04 -63.47
N LYS R 156 39.03 41.09 -64.31
CA LYS R 156 38.37 39.78 -64.35
C LYS R 156 39.39 38.69 -64.74
N PRO R 157 39.24 37.47 -64.23
CA PRO R 157 40.16 36.35 -64.53
C PRO R 157 39.74 35.57 -65.77
N TYR R 158 40.73 35.19 -66.56
CA TYR R 158 40.53 34.32 -67.73
C TYR R 158 40.11 32.91 -67.27
N GLY R 159 38.98 32.48 -67.82
CA GLY R 159 38.39 31.17 -67.48
C GLY R 159 39.29 30.03 -67.93
N ILE R 160 39.65 30.04 -69.21
CA ILE R 160 40.43 28.99 -69.87
C ILE R 160 41.13 29.54 -71.13
N ILE R 161 42.16 28.85 -71.56
CA ILE R 161 42.93 29.20 -72.77
C ILE R 161 42.82 28.03 -73.77
N SER R 162 42.38 28.39 -74.97
CA SER R 162 42.26 27.43 -76.08
C SER R 162 43.33 27.76 -77.12
N ALA R 163 44.24 26.81 -77.27
CA ALA R 163 45.28 27.02 -78.28
C ALA R 163 45.09 26.12 -79.48
N ASN R 164 45.09 26.83 -80.57
CA ASN R 164 44.87 26.19 -81.87
C ASN R 164 46.19 25.65 -82.43
N TYR R 165 46.69 24.61 -81.79
CA TYR R 165 47.98 24.00 -82.14
C TYR R 165 47.90 22.48 -82.09
N ASP R 166 48.77 21.86 -82.87
CA ASP R 166 49.04 20.43 -82.79
C ASP R 166 50.41 20.21 -82.17
N PHE R 167 50.51 19.29 -81.24
CA PHE R 167 51.78 19.03 -80.57
C PHE R 167 52.34 17.67 -80.93
N ASN R 168 53.64 17.64 -81.13
CA ASN R 168 54.39 16.40 -81.35
C ASN R 168 55.18 16.06 -80.07
N VAL R 169 56.04 15.06 -80.15
CA VAL R 169 56.97 14.70 -79.05
C VAL R 169 58.26 15.53 -79.08
N GLY R 170 58.38 16.38 -80.08
CA GLY R 170 59.51 17.27 -80.30
C GLY R 170 59.80 18.05 -79.01
N PRO R 171 61.08 18.27 -78.76
CA PRO R 171 61.55 19.00 -77.58
C PRO R 171 61.00 20.43 -77.45
N GLN R 172 60.88 21.11 -78.55
CA GLN R 172 60.28 22.46 -78.59
C GLN R 172 58.81 22.43 -78.12
N ASP R 173 58.07 21.43 -78.61
CA ASP R 173 56.65 21.27 -78.24
C ASP R 173 56.46 20.92 -76.77
N MET R 174 57.39 20.11 -76.28
CA MET R 174 57.35 19.73 -74.87
C MET R 174 57.66 20.89 -73.93
N GLU R 175 58.63 21.70 -74.35
CA GLU R 175 59.01 22.91 -73.58
C GLU R 175 57.86 23.93 -73.56
N LEU R 176 57.16 24.03 -74.69
CA LEU R 176 56.02 24.94 -74.81
C LEU R 176 54.88 24.56 -73.86
N LEU R 177 54.65 23.24 -73.78
CA LEU R 177 53.68 22.68 -72.86
C LEU R 177 54.04 22.91 -71.39
N ARG R 178 55.34 22.88 -71.13
CA ARG R 178 55.86 23.13 -69.76
C ARG R 178 55.53 24.54 -69.29
N LYS R 179 55.72 25.49 -70.20
CA LYS R 179 55.46 26.91 -69.92
C LYS R 179 53.97 27.23 -69.79
N CYS R 180 53.19 26.57 -70.63
CA CYS R 180 51.72 26.73 -70.60
C CYS R 180 51.11 26.10 -69.35
N ALA R 181 51.76 25.04 -68.85
CA ALA R 181 51.35 24.39 -67.60
C ALA R 181 51.61 25.32 -66.40
N SER R 182 52.76 25.99 -66.43
CA SER R 182 53.15 26.96 -65.38
C SER R 182 52.21 28.16 -65.35
N VAL R 183 51.89 28.69 -66.53
CA VAL R 183 50.99 29.85 -66.67
C VAL R 183 49.59 29.53 -66.14
N ALA R 184 49.08 28.39 -66.59
CA ALA R 184 47.75 27.90 -66.24
C ALA R 184 47.62 27.66 -64.73
N ALA R 185 48.72 27.17 -64.14
CA ALA R 185 48.77 26.91 -62.68
C ALA R 185 48.71 28.20 -61.88
N MET R 186 49.44 29.22 -62.35
CA MET R 186 49.52 30.52 -61.66
C MET R 186 48.22 31.28 -61.74
N ALA R 187 47.51 31.11 -62.85
CA ALA R 187 46.23 31.81 -62.83
C ALA R 187 44.95 31.02 -62.86
N HIS R 188 45.20 29.76 -62.52
CA HIS R 188 44.15 28.80 -62.21
C HIS R 188 43.27 28.61 -63.44
N ALA R 189 43.86 28.53 -64.62
CA ALA R 189 43.04 28.22 -65.79
C ALA R 189 43.74 27.24 -66.71
N PRO R 190 42.99 26.22 -67.14
CA PRO R 190 43.52 25.12 -67.97
C PRO R 190 43.89 25.59 -69.38
N PHE R 191 44.88 24.94 -69.93
CA PHE R 191 45.32 25.14 -71.32
C PHE R 191 44.97 23.91 -72.14
N ILE R 192 44.11 24.12 -73.12
CA ILE R 192 43.61 23.02 -73.98
C ILE R 192 44.14 23.22 -75.40
N GLY R 193 44.54 22.10 -75.98
CA GLY R 193 45.03 22.05 -77.37
C GLY R 193 44.82 20.65 -77.96
N ASN R 194 45.51 20.37 -79.04
CA ASN R 194 45.40 19.08 -79.72
C ASN R 194 46.77 18.41 -79.93
N ALA R 195 46.72 17.12 -80.17
CA ALA R 195 47.90 16.30 -80.51
C ALA R 195 47.90 15.97 -82.01
N ALA R 196 49.11 15.98 -82.56
CA ALA R 196 49.30 15.66 -83.98
C ALA R 196 49.33 14.14 -84.20
N PRO R 197 48.96 13.61 -85.39
CA PRO R 197 48.95 12.17 -85.69
C PRO R 197 50.29 11.38 -85.41
N GLU R 198 51.41 12.14 -85.79
CA GLU R 198 52.78 11.66 -85.62
C GLU R 198 53.18 11.43 -84.18
N VAL R 199 52.41 12.00 -83.24
CA VAL R 199 52.65 11.77 -81.80
C VAL R 199 52.59 10.26 -81.46
N PHE R 200 51.76 9.55 -82.23
CA PHE R 200 51.56 8.10 -82.04
C PHE R 200 52.39 7.29 -83.05
N GLY R 201 53.31 8.00 -83.74
CA GLY R 201 54.19 7.42 -84.76
C GLY R 201 53.43 6.89 -85.98
N GLU R 202 52.32 7.56 -86.29
CA GLU R 202 51.52 7.22 -87.48
C GLU R 202 51.39 8.43 -88.40
N GLU R 203 51.25 8.16 -89.68
CA GLU R 203 51.15 9.22 -90.71
C GLU R 203 49.91 10.11 -90.49
N SER R 204 48.77 9.49 -90.20
CA SER R 204 47.52 10.23 -89.89
C SER R 204 46.77 9.45 -88.82
N PHE R 205 45.70 10.06 -88.30
CA PHE R 205 44.83 9.39 -87.31
C PHE R 205 44.09 8.16 -87.86
N LEU R 206 44.08 8.02 -89.19
CA LEU R 206 43.41 6.89 -89.86
C LEU R 206 44.10 5.54 -89.60
N LYS R 207 45.26 5.56 -88.98
CA LYS R 207 45.97 4.31 -88.61
C LYS R 207 45.92 4.02 -87.11
N LEU R 208 45.07 4.70 -86.37
CA LEU R 208 44.86 4.40 -84.94
C LEU R 208 44.39 2.95 -84.68
N PRO R 209 43.50 2.42 -85.53
CA PRO R 209 43.04 1.02 -85.46
C PRO R 209 44.20 0.00 -85.56
N ASP R 210 45.29 0.38 -86.23
CA ASP R 210 46.46 -0.50 -86.40
C ASP R 210 47.38 -0.57 -85.18
N LEU R 211 47.26 0.41 -84.30
CA LEU R 211 48.08 0.44 -83.08
C LEU R 211 47.59 -0.62 -82.09
N LYS R 212 48.46 -1.59 -81.86
CA LYS R 212 48.16 -2.74 -80.98
C LYS R 212 48.15 -2.42 -79.49
N ASP R 213 48.99 -1.47 -79.07
CA ASP R 213 49.13 -1.11 -77.65
C ASP R 213 49.85 0.24 -77.47
N LEU R 214 49.06 1.25 -77.13
CA LEU R 214 49.57 2.61 -76.86
C LEU R 214 50.48 2.68 -75.64
N LYS R 215 50.08 1.98 -74.59
CA LYS R 215 50.84 1.94 -73.32
C LYS R 215 52.30 1.50 -73.55
N SER R 216 52.46 0.46 -74.36
CA SER R 216 53.80 -0.08 -74.70
C SER R 216 54.55 0.85 -75.65
N LEU R 217 53.81 1.50 -76.55
CA LEU R 217 54.37 2.45 -77.52
C LEU R 217 55.06 3.62 -76.80
N PHE R 218 54.48 4.07 -75.70
CA PHE R 218 55.01 5.21 -74.92
C PHE R 218 56.17 4.86 -73.98
N GLU R 219 56.66 3.63 -74.10
CA GLU R 219 57.82 3.20 -73.29
C GLU R 219 59.13 3.56 -73.97
N GLY R 220 59.01 3.82 -75.28
CA GLY R 220 60.22 4.13 -76.02
C GLY R 220 60.88 5.43 -75.49
N PRO R 221 62.20 5.49 -75.66
CA PRO R 221 63.06 6.65 -75.29
C PRO R 221 62.59 7.96 -75.92
N GLN R 222 61.95 7.88 -77.06
CA GLN R 222 61.38 9.01 -77.80
C GLN R 222 60.42 9.87 -76.95
N TYR R 223 59.77 9.25 -75.97
CA TYR R 223 58.79 9.94 -75.12
C TYR R 223 59.30 10.21 -73.71
N ALA R 224 60.62 10.28 -73.55
CA ALA R 224 61.26 10.52 -72.24
C ALA R 224 60.77 11.82 -71.59
N ARG R 225 60.76 12.89 -72.38
CA ARG R 225 60.33 14.20 -71.88
C ARG R 225 58.83 14.26 -71.60
N TRP R 226 58.04 13.62 -72.46
CA TRP R 226 56.58 13.57 -72.29
C TRP R 226 56.19 12.84 -71.00
N HIS R 227 56.96 11.78 -70.70
CA HIS R 227 56.75 10.98 -69.48
C HIS R 227 57.05 11.80 -68.22
N SER R 228 58.09 12.62 -68.29
CA SER R 228 58.45 13.48 -67.14
C SER R 228 57.41 14.60 -66.95
N PHE R 229 56.87 15.06 -68.07
CA PHE R 229 55.85 16.13 -68.10
C PHE R 229 54.57 15.69 -67.38
N ARG R 230 54.20 14.44 -67.59
CA ARG R 230 53.00 13.85 -66.95
C ARG R 230 53.12 13.72 -65.43
N GLU R 231 54.36 13.73 -64.95
CA GLU R 231 54.64 13.62 -63.51
C GLU R 231 54.70 14.97 -62.76
N SER R 232 54.82 16.04 -63.52
CA SER R 232 54.84 17.38 -62.91
C SER R 232 53.48 17.71 -62.28
N GLU R 233 53.54 18.46 -61.18
CA GLU R 233 52.35 18.98 -60.49
C GLU R 233 51.58 20.04 -61.30
N ASP R 234 52.26 20.57 -62.32
CA ASP R 234 51.65 21.57 -63.24
C ASP R 234 50.83 20.93 -64.36
N ALA R 235 51.04 19.63 -64.55
CA ALA R 235 50.35 18.85 -65.60
C ALA R 235 48.82 18.87 -65.46
N ARG R 236 48.32 19.15 -64.26
CA ARG R 236 46.87 19.27 -64.03
C ARG R 236 46.18 20.34 -64.88
N TYR R 237 46.97 21.29 -65.38
CA TYR R 237 46.41 22.42 -66.15
C TYR R 237 46.67 22.29 -67.66
N VAL R 238 47.04 21.10 -68.08
CA VAL R 238 47.17 20.77 -69.51
C VAL R 238 46.15 19.69 -69.89
N GLY R 239 45.60 19.89 -71.08
CA GLY R 239 44.64 18.94 -71.67
C GLY R 239 44.76 18.97 -73.19
N LEU R 240 45.10 17.81 -73.73
CA LEU R 240 45.26 17.64 -75.18
C LEU R 240 44.20 16.68 -75.72
N ALA R 241 43.68 17.03 -76.88
CA ALA R 241 42.64 16.24 -77.57
C ALA R 241 43.26 15.40 -78.70
N LEU R 242 42.56 14.37 -79.10
CA LEU R 242 43.07 13.42 -80.13
C LEU R 242 42.64 13.84 -81.54
N PRO R 243 41.60 13.02 -82.19
CA PRO R 243 41.50 13.17 -83.61
C PRO R 243 40.77 14.48 -83.91
N ARG R 244 41.05 15.03 -85.07
CA ARG R 244 40.36 16.24 -85.55
C ARG R 244 38.92 15.89 -85.95
N PHE R 245 38.28 16.80 -86.65
CA PHE R 245 36.91 16.61 -87.15
C PHE R 245 36.62 17.56 -88.30
N LEU R 246 35.76 17.14 -89.20
CA LEU R 246 35.38 17.92 -90.38
C LEU R 246 34.73 19.27 -90.01
N LEU R 247 35.09 20.27 -90.80
CA LEU R 247 34.50 21.61 -90.68
C LEU R 247 33.57 21.92 -91.84
N ARG R 248 33.94 21.39 -93.01
CA ARG R 248 33.22 21.68 -94.25
C ARG R 248 32.97 20.42 -95.07
N LEU R 249 31.76 20.35 -95.59
CA LEU R 249 31.37 19.32 -96.57
C LEU R 249 31.88 19.80 -97.95
N PRO R 250 32.57 18.90 -98.67
CA PRO R 250 33.18 19.18 -99.99
C PRO R 250 32.15 19.79 -100.92
N TYR R 251 32.59 20.73 -101.77
CA TYR R 251 31.71 21.45 -102.72
C TYR R 251 31.05 20.51 -103.73
N GLY R 252 29.75 20.71 -103.94
CA GLY R 252 28.96 19.84 -104.81
C GLY R 252 27.74 20.60 -105.31
N GLU R 253 27.42 20.34 -106.57
CA GLU R 253 26.28 20.98 -107.26
C GLU R 253 24.95 20.86 -106.49
N LYS R 254 24.84 19.77 -105.72
CA LYS R 254 23.63 19.51 -104.92
C LYS R 254 23.81 19.82 -103.43
N THR R 255 24.81 19.19 -102.82
CA THR R 255 25.03 19.29 -101.37
C THR R 255 25.60 20.65 -100.90
N VAL R 256 26.49 21.21 -101.71
CA VAL R 256 27.15 22.51 -101.38
C VAL R 256 27.53 23.28 -102.66
N PRO R 257 26.54 23.82 -103.30
CA PRO R 257 26.67 24.54 -104.58
C PRO R 257 27.29 25.92 -104.39
N VAL R 258 27.91 26.37 -105.46
CA VAL R 258 28.49 27.72 -105.58
C VAL R 258 27.80 28.44 -106.76
N LYS R 259 27.97 29.76 -106.81
CA LYS R 259 27.35 30.58 -107.86
C LYS R 259 28.13 30.49 -109.17
N ALA R 260 27.40 30.64 -110.28
CA ALA R 260 27.95 30.67 -111.66
C ALA R 260 28.70 29.38 -112.02
N PHE R 261 29.98 29.35 -111.64
CA PHE R 261 30.90 28.25 -111.88
C PHE R 261 30.34 26.94 -111.31
N ASN R 262 30.22 25.95 -112.19
CA ASN R 262 29.73 24.62 -111.79
C ASN R 262 30.88 23.80 -111.19
N PHE R 263 31.20 24.14 -109.95
CA PHE R 263 32.31 23.53 -109.23
C PHE R 263 31.86 22.28 -108.45
N THR R 264 32.57 21.21 -108.69
CA THR R 264 32.44 19.93 -107.96
C THR R 264 33.79 19.54 -107.35
N GLU R 265 33.96 19.82 -106.09
CA GLU R 265 35.25 19.53 -105.42
C GLU R 265 35.54 18.03 -105.50
N ASP R 266 36.79 17.74 -105.84
CA ASP R 266 37.24 16.35 -105.97
C ASP R 266 38.28 16.00 -104.90
N VAL R 267 37.80 15.42 -103.82
CA VAL R 267 38.67 14.87 -102.76
C VAL R 267 39.35 13.59 -103.31
N VAL R 268 40.67 13.63 -103.38
CA VAL R 268 41.48 12.46 -103.83
C VAL R 268 41.46 11.34 -102.76
N GLY R 269 42.48 10.45 -102.90
CA GLY R 269 42.81 9.38 -101.96
C GLY R 269 43.25 9.95 -100.60
N HIS R 270 43.91 11.10 -100.63
CA HIS R 270 44.36 11.79 -99.41
C HIS R 270 43.17 12.50 -98.74
N HIS R 271 42.82 12.01 -97.56
CA HIS R 271 41.77 12.62 -96.74
C HIS R 271 42.19 14.01 -96.21
N GLU R 272 43.47 14.34 -96.34
CA GLU R 272 43.98 15.66 -95.94
C GLU R 272 43.40 16.80 -96.81
N ARG R 273 42.80 16.38 -97.93
CA ARG R 273 42.02 17.28 -98.79
C ARG R 273 40.78 17.83 -98.07
N TYR R 274 40.22 17.04 -97.15
CA TYR R 274 39.12 17.49 -96.29
C TYR R 274 39.61 18.60 -95.34
N LEU R 275 38.73 19.58 -95.14
CA LEU R 275 38.99 20.69 -94.20
C LEU R 275 38.79 20.23 -92.74
N TRP R 276 39.82 19.61 -92.20
CA TRP R 276 39.83 19.16 -90.80
C TRP R 276 39.99 20.37 -89.86
N GLY R 277 39.36 20.25 -88.70
CA GLY R 277 39.34 21.31 -87.67
C GLY R 277 39.88 20.81 -86.34
N HIS R 278 40.41 21.74 -85.57
CA HIS R 278 40.99 21.46 -84.26
C HIS R 278 39.89 21.12 -83.25
N ALA R 279 39.89 19.87 -82.78
CA ALA R 279 38.90 19.39 -81.80
C ALA R 279 38.82 20.20 -80.49
N SER R 280 39.91 20.91 -80.17
CA SER R 280 39.99 21.75 -78.96
C SER R 280 38.82 22.75 -78.87
N VAL R 281 38.38 23.22 -80.03
CA VAL R 281 37.22 24.13 -80.14
C VAL R 281 35.91 23.45 -79.70
N ALA R 282 35.77 22.18 -80.10
CA ALA R 282 34.58 21.38 -79.77
C ALA R 282 34.50 21.20 -78.24
N LEU R 283 35.67 20.93 -77.65
CA LEU R 283 35.78 20.81 -76.19
C LEU R 283 35.48 22.17 -75.51
N THR R 284 35.89 23.24 -76.15
CA THR R 284 35.65 24.62 -75.63
C THR R 284 34.14 24.89 -75.68
N SER R 285 33.40 24.42 -76.61
CA SER R 285 31.94 24.64 -76.65
C SER R 285 31.22 23.88 -75.52
N ARG R 286 31.84 22.77 -75.12
CA ARG R 286 31.35 21.96 -73.99
C ARG R 286 31.41 22.74 -72.68
N VAL R 287 32.53 23.42 -72.49
CA VAL R 287 32.77 24.28 -71.31
C VAL R 287 31.75 25.42 -71.27
N ALA R 288 31.49 25.99 -72.46
CA ALA R 288 30.60 27.14 -72.62
C ALA R 288 29.15 26.79 -72.27
N ASP R 289 28.70 25.63 -72.75
CA ASP R 289 27.33 25.17 -72.51
C ASP R 289 27.04 24.92 -71.03
N SER R 290 27.98 24.23 -70.38
CA SER R 290 27.88 23.92 -68.95
C SER R 290 27.77 25.22 -68.12
N PHE R 291 28.60 26.20 -68.49
CA PHE R 291 28.60 27.51 -67.84
C PHE R 291 27.32 28.31 -68.15
N ALA R 292 26.88 28.26 -69.39
CA ALA R 292 25.68 29.00 -69.84
C ALA R 292 24.45 28.55 -69.05
N LYS R 293 24.39 27.26 -68.73
CA LYS R 293 23.27 26.67 -67.99
C LYS R 293 23.39 26.82 -66.47
N PHE R 294 24.60 26.65 -65.96
CA PHE R 294 24.80 26.53 -64.49
C PHE R 294 25.77 27.52 -63.87
N ARG R 295 26.59 28.15 -64.68
CA ARG R 295 27.69 29.04 -64.26
C ARG R 295 28.84 28.23 -63.63
N TRP R 296 28.86 26.95 -63.95
CA TRP R 296 29.92 26.01 -63.55
C TRP R 296 30.25 25.14 -64.76
N SER R 297 31.49 24.66 -64.81
CA SER R 297 31.93 23.78 -65.92
C SER R 297 32.39 22.37 -65.50
N PRO R 298 31.47 21.56 -64.97
CA PRO R 298 31.75 20.12 -64.74
C PRO R 298 31.01 19.20 -65.72
N ASN R 299 29.96 19.70 -66.39
CA ASN R 299 29.09 18.87 -67.24
C ASN R 299 29.58 18.86 -68.69
N ILE R 300 30.65 18.10 -68.89
CA ILE R 300 31.35 18.11 -70.20
C ILE R 300 31.87 16.71 -70.62
N ILE R 301 31.37 15.66 -69.98
CA ILE R 301 31.96 14.30 -70.14
C ILE R 301 30.94 13.18 -70.36
N GLY R 302 29.99 13.41 -71.26
CA GLY R 302 28.94 12.41 -71.45
C GLY R 302 28.00 12.68 -72.60
N PRO R 303 27.51 11.60 -73.21
CA PRO R 303 26.51 11.64 -74.29
C PRO R 303 25.23 12.37 -73.84
N GLN R 304 24.90 12.21 -72.56
CA GLN R 304 23.72 12.85 -71.96
C GLN R 304 24.07 13.96 -70.97
N SER R 305 25.27 13.88 -70.37
CA SER R 305 25.70 14.85 -69.35
C SER R 305 25.96 16.25 -69.93
N GLY R 306 26.46 16.26 -71.19
CA GLY R 306 26.70 17.51 -71.93
C GLY R 306 28.11 17.58 -72.53
N GLY R 307 28.71 16.39 -72.72
CA GLY R 307 29.97 16.25 -73.47
C GLY R 307 29.72 15.74 -74.89
N ALA R 308 28.45 15.76 -75.30
CA ALA R 308 28.03 15.36 -76.65
C ALA R 308 28.17 16.54 -77.62
N VAL R 309 28.76 16.24 -78.75
CA VAL R 309 28.95 17.19 -79.87
C VAL R 309 27.94 16.79 -80.95
N GLU R 310 26.97 17.65 -81.14
CA GLU R 310 25.87 17.38 -82.07
C GLU R 310 26.02 18.18 -83.36
N ASN R 311 25.48 17.61 -84.43
CA ASN R 311 25.41 18.25 -85.75
C ASN R 311 26.78 18.32 -86.45
N LEU R 312 27.35 17.15 -86.67
CA LEU R 312 28.61 17.03 -87.42
C LEU R 312 28.34 16.93 -88.93
N PRO R 313 29.23 17.49 -89.74
CA PRO R 313 29.17 17.40 -91.20
C PRO R 313 29.23 15.93 -91.63
N LEU R 314 28.48 15.62 -92.67
CA LEU R 314 28.43 14.25 -93.24
C LEU R 314 28.80 14.34 -94.73
N HIS R 315 29.31 13.24 -95.29
CA HIS R 315 29.66 13.20 -96.71
C HIS R 315 29.55 11.78 -97.29
N GLN R 316 28.39 11.47 -97.87
CA GLN R 316 28.17 10.19 -98.55
C GLN R 316 28.84 10.19 -99.93
N TYR R 317 29.57 9.14 -100.21
CA TYR R 317 30.28 8.96 -101.49
C TYR R 317 30.37 7.47 -101.81
N GLU R 318 30.65 7.17 -103.06
CA GLU R 318 30.71 5.78 -103.53
C GLU R 318 31.87 5.05 -102.87
N ALA R 319 31.58 3.82 -102.51
CA ALA R 319 32.57 2.92 -101.93
C ALA R 319 32.97 1.87 -102.98
N MET R 320 32.89 0.58 -102.66
CA MET R 320 33.17 -0.53 -103.59
C MET R 320 31.92 -0.95 -104.38
N GLY R 321 31.17 0.06 -104.84
CA GLY R 321 29.87 -0.17 -105.51
C GLY R 321 28.69 0.21 -104.61
N GLU R 322 28.97 0.42 -103.34
CA GLU R 322 28.01 0.83 -102.32
C GLU R 322 28.22 2.31 -102.00
N ILE R 323 27.59 2.76 -100.93
CA ILE R 323 27.74 4.14 -100.44
C ILE R 323 28.18 4.11 -98.98
N GLN R 324 29.00 5.07 -98.62
CA GLN R 324 29.47 5.29 -97.24
C GLN R 324 29.72 6.77 -97.02
N THR R 325 29.67 7.16 -95.76
CA THR R 325 29.94 8.55 -95.38
C THR R 325 31.32 8.65 -94.76
N LYS R 326 32.03 9.69 -95.14
CA LYS R 326 33.30 10.03 -94.49
C LYS R 326 33.00 10.34 -93.01
N ILE R 327 33.64 9.58 -92.15
CA ILE R 327 33.48 9.75 -90.69
C ILE R 327 33.93 11.17 -90.32
N PRO R 328 33.07 11.87 -89.57
CA PRO R 328 33.32 13.24 -89.08
C PRO R 328 34.66 13.37 -88.37
N THR R 329 35.06 12.32 -87.68
CA THR R 329 36.42 12.20 -87.12
C THR R 329 37.17 11.22 -88.01
N GLU R 330 38.46 11.33 -88.10
CA GLU R 330 39.32 10.50 -88.98
C GLU R 330 38.97 9.01 -88.83
N VAL R 331 38.75 8.59 -87.59
CA VAL R 331 38.41 7.19 -87.28
C VAL R 331 37.15 7.04 -86.43
N MET R 332 36.67 5.80 -86.40
CA MET R 332 35.58 5.38 -85.52
C MET R 332 36.20 4.65 -84.32
N LEU R 333 36.48 5.44 -83.31
CA LEU R 333 37.13 4.95 -82.10
C LEU R 333 36.22 3.95 -81.34
N THR R 334 36.78 2.76 -81.07
CA THR R 334 36.18 1.71 -80.23
C THR R 334 36.28 2.08 -78.73
N GLU R 335 35.45 1.44 -77.93
CA GLU R 335 35.45 1.70 -76.47
C GLU R 335 36.81 1.37 -75.84
N ARG R 336 37.43 0.27 -76.31
CA ARG R 336 38.73 -0.18 -75.79
C ARG R 336 39.83 0.82 -76.15
N ARG R 337 39.79 1.31 -77.38
CA ARG R 337 40.81 2.25 -77.83
C ARG R 337 40.67 3.63 -77.16
N GLU R 338 39.41 4.04 -76.91
CA GLU R 338 39.11 5.28 -76.17
C GLU R 338 39.69 5.19 -74.77
N PHE R 339 39.44 4.04 -74.14
CA PHE R 339 39.88 3.79 -72.77
C PHE R 339 41.42 3.83 -72.66
N GLU R 340 42.07 3.29 -73.70
CA GLU R 340 43.54 3.29 -73.80
C GLU R 340 44.08 4.72 -73.86
N LEU R 341 43.45 5.52 -74.70
CA LEU R 341 43.78 6.96 -74.82
C LEU R 341 43.55 7.74 -73.54
N SER R 342 42.50 7.36 -72.83
CA SER R 342 42.14 7.97 -71.54
C SER R 342 43.22 7.68 -70.49
N GLU R 343 43.74 6.46 -70.53
CA GLU R 343 44.84 6.01 -69.66
C GLU R 343 46.14 6.77 -69.91
N GLU R 344 46.31 7.20 -71.16
CA GLU R 344 47.48 7.97 -71.58
C GLU R 344 47.26 9.50 -71.57
N GLY R 345 46.18 9.88 -70.87
CA GLY R 345 45.85 11.30 -70.61
C GLY R 345 45.50 12.11 -71.86
N PHE R 346 44.85 11.45 -72.82
CA PHE R 346 44.33 12.14 -74.02
C PHE R 346 42.81 12.27 -73.91
N ILE R 347 42.30 13.32 -74.54
CA ILE R 347 40.86 13.61 -74.59
C ILE R 347 40.39 13.25 -76.02
N GLY R 348 39.91 12.02 -76.13
CA GLY R 348 39.46 11.47 -77.42
C GLY R 348 37.97 11.74 -77.66
N LEU R 349 37.71 12.51 -78.71
CA LEU R 349 36.34 12.75 -79.20
C LEU R 349 35.92 11.55 -80.05
N VAL R 350 35.13 10.67 -79.47
CA VAL R 350 34.67 9.47 -80.18
C VAL R 350 33.45 9.80 -81.05
N PHE R 351 33.35 9.09 -82.15
CA PHE R 351 32.22 9.23 -83.08
C PHE R 351 31.17 8.14 -82.81
N ARG R 352 29.93 8.58 -82.71
CA ARG R 352 28.78 7.68 -82.54
C ARG R 352 28.46 7.07 -83.92
N LYS R 353 28.72 5.77 -84.02
CA LYS R 353 28.60 5.04 -85.29
C LYS R 353 27.23 5.27 -85.93
N ASP R 354 27.28 5.58 -87.23
CA ASP R 354 26.09 5.76 -88.08
C ASP R 354 25.26 7.03 -87.76
N SER R 355 25.87 8.00 -87.10
CA SER R 355 25.17 9.26 -86.80
C SER R 355 26.02 10.46 -87.20
N ASP R 356 25.66 11.63 -86.72
CA ASP R 356 26.45 12.88 -86.86
C ASP R 356 26.78 13.44 -85.47
N ASN R 357 26.85 12.54 -84.50
CA ASN R 357 27.10 12.90 -83.09
C ASN R 357 28.39 12.25 -82.59
N ALA R 358 29.15 13.02 -81.86
CA ALA R 358 30.37 12.57 -81.17
C ALA R 358 30.28 12.91 -79.69
N ALA R 359 31.06 12.25 -78.85
CA ALA R 359 31.06 12.51 -77.40
C ALA R 359 32.44 12.43 -76.76
N PHE R 360 32.62 13.23 -75.73
CA PHE R 360 33.80 13.19 -74.86
C PHE R 360 33.45 12.39 -73.60
N PHE R 361 33.85 11.12 -73.61
CA PHE R 361 33.59 10.22 -72.47
C PHE R 361 34.27 10.64 -71.16
N SER R 362 35.41 11.31 -71.28
CA SER R 362 36.13 11.86 -70.12
C SER R 362 37.14 12.93 -70.53
N ALA R 363 37.47 13.78 -69.56
CA ALA R 363 38.43 14.88 -69.76
C ALA R 363 39.56 14.81 -68.73
N ASN R 364 40.30 13.70 -68.78
CA ASN R 364 41.51 13.55 -67.95
C ASN R 364 42.58 14.55 -68.42
N SER R 365 43.30 15.11 -67.47
CA SER R 365 44.41 16.02 -67.81
C SER R 365 45.62 15.18 -68.23
N THR R 366 46.71 15.86 -68.57
CA THR R 366 47.96 15.17 -68.91
C THR R 366 48.53 14.41 -67.69
N GLN R 367 48.32 14.95 -66.50
CA GLN R 367 48.92 14.39 -65.27
C GLN R 367 48.55 12.91 -65.08
N LYS R 368 49.59 12.15 -64.76
CA LYS R 368 49.49 10.71 -64.47
C LYS R 368 49.22 10.53 -62.96
N PRO R 369 48.19 9.75 -62.63
CA PRO R 369 47.84 9.44 -61.23
C PRO R 369 49.00 8.72 -60.52
N ARG R 370 49.13 9.02 -59.24
CA ARG R 370 50.14 8.38 -58.37
C ARG R 370 49.52 7.19 -57.64
N PHE R 371 50.32 6.16 -57.43
CA PHE R 371 49.89 4.97 -56.68
C PHE R 371 50.42 5.04 -55.25
N PHE R 372 49.57 4.66 -54.32
CA PHE R 372 49.89 4.65 -52.88
C PHE R 372 49.67 3.25 -52.31
N GLY R 373 50.24 3.03 -51.11
CA GLY R 373 50.09 1.75 -50.39
C GLY R 373 48.61 1.41 -50.20
N ASN R 374 48.30 0.14 -50.34
CA ASN R 374 46.90 -0.35 -50.25
C ASN R 374 46.41 -0.45 -48.80
N THR R 375 46.28 0.72 -48.19
CA THR R 375 45.78 0.85 -46.82
C THR R 375 44.62 1.85 -46.81
N PRO R 376 43.90 2.01 -45.71
CA PRO R 376 42.78 2.97 -45.62
C PRO R 376 43.21 4.40 -45.97
N GLU R 377 44.36 4.80 -45.41
CA GLU R 377 44.95 6.13 -45.67
C GLU R 377 45.52 6.25 -47.07
N GLY R 378 46.17 5.15 -47.53
CA GLY R 378 46.82 5.11 -48.85
C GLY R 378 45.81 5.22 -50.01
N LYS R 379 44.66 4.57 -49.83
CA LYS R 379 43.58 4.59 -50.83
C LYS R 379 42.85 5.93 -50.86
N ALA R 380 42.78 6.56 -49.68
CA ALA R 380 42.24 7.92 -49.54
C ALA R 380 43.12 8.93 -50.27
N ALA R 381 44.44 8.70 -50.20
CA ALA R 381 45.45 9.53 -50.89
C ALA R 381 45.30 9.43 -52.41
N GLU R 382 45.05 8.20 -52.86
CA GLU R 382 44.84 7.91 -54.27
C GLU R 382 43.55 8.59 -54.79
N THR R 383 42.48 8.48 -54.01
CA THR R 383 41.18 9.11 -54.32
C THR R 383 41.35 10.62 -54.51
N ASN R 384 42.04 11.23 -53.56
CA ASN R 384 42.26 12.69 -53.56
C ASN R 384 43.12 13.14 -54.74
N TYR R 385 44.15 12.35 -55.04
CA TYR R 385 45.08 12.70 -56.12
C TYR R 385 44.42 12.55 -57.50
N ARG R 386 43.60 11.52 -57.64
CA ARG R 386 42.86 11.26 -58.90
C ARG R 386 41.84 12.35 -59.22
N LEU R 387 41.21 12.89 -58.18
CA LEU R 387 40.27 14.01 -58.35
C LEU R 387 40.97 15.23 -58.96
N GLY R 388 42.22 15.42 -58.50
CA GLY R 388 43.10 16.49 -58.99
C GLY R 388 43.47 16.31 -60.47
N THR R 389 43.60 15.06 -60.89
CA THR R 389 44.04 14.73 -62.28
C THR R 389 42.95 14.93 -63.34
N GLN R 390 41.70 15.12 -62.90
CA GLN R 390 40.58 15.23 -63.84
C GLN R 390 40.05 16.67 -63.92
N LEU R 391 39.95 17.14 -65.14
CA LEU R 391 39.47 18.50 -65.47
C LEU R 391 38.04 18.83 -64.97
N PRO R 392 37.07 17.88 -65.03
CA PRO R 392 35.71 18.10 -64.53
C PRO R 392 35.65 18.58 -63.08
N TYR R 393 36.68 18.26 -62.30
CA TYR R 393 36.77 18.67 -60.87
C TYR R 393 37.67 19.88 -60.67
N MET R 394 38.72 19.97 -61.47
CA MET R 394 39.64 21.13 -61.45
C MET R 394 38.92 22.41 -61.87
N PHE R 395 37.92 22.31 -62.68
CA PHE R 395 37.14 23.49 -63.12
C PHE R 395 36.38 24.10 -61.94
N ILE R 396 35.97 23.23 -61.03
CA ILE R 396 35.30 23.65 -59.79
C ILE R 396 36.27 24.47 -58.93
N MET R 397 37.46 23.92 -58.72
CA MET R 397 38.47 24.61 -57.90
C MET R 397 38.93 25.92 -58.56
N THR R 398 38.98 25.95 -59.88
CA THR R 398 39.39 27.13 -60.64
C THR R 398 38.43 28.29 -60.40
N ARG R 399 37.14 27.99 -60.47
CA ARG R 399 36.09 29.01 -60.26
C ARG R 399 36.07 29.49 -58.80
N LEU R 400 36.32 28.55 -57.89
CA LEU R 400 36.42 28.86 -56.45
C LEU R 400 37.59 29.80 -56.17
N ALA R 401 38.71 29.53 -56.84
CA ALA R 401 39.92 30.36 -56.75
C ALA R 401 39.68 31.78 -57.27
N HIS R 402 38.89 31.86 -58.34
CA HIS R 402 38.55 33.17 -58.93
C HIS R 402 37.61 33.99 -58.06
N TYR R 403 36.66 33.31 -57.42
CA TYR R 403 35.70 33.97 -56.51
C TYR R 403 36.38 34.47 -55.23
N ILE R 404 37.30 33.67 -54.72
CA ILE R 404 38.03 34.00 -53.48
C ILE R 404 38.92 35.24 -53.69
N LYS R 405 39.64 35.25 -54.81
CA LYS R 405 40.55 36.36 -55.15
C LYS R 405 39.80 37.69 -55.21
N VAL R 406 38.69 37.68 -55.95
CA VAL R 406 37.85 38.88 -56.15
C VAL R 406 37.22 39.33 -54.82
N LEU R 407 36.38 38.45 -54.27
CA LEU R 407 35.57 38.76 -53.08
C LEU R 407 36.40 39.13 -51.85
N GLN R 408 37.57 38.51 -51.73
CA GLN R 408 38.47 38.78 -50.60
C GLN R 408 39.16 40.14 -50.65
N ARG R 409 39.45 40.60 -51.87
CA ARG R 409 40.05 41.95 -52.04
C ARG R 409 39.11 43.06 -51.58
N GLU R 410 37.81 42.80 -51.73
CA GLU R 410 36.76 43.71 -51.25
C GLU R 410 36.73 43.83 -49.72
N GLN R 411 37.17 42.76 -49.06
CA GLN R 411 37.15 42.65 -47.60
C GLN R 411 38.41 43.22 -46.93
N ILE R 412 39.49 43.41 -47.69
CA ILE R 412 40.74 43.97 -47.14
C ILE R 412 40.44 45.34 -46.48
N GLY R 413 40.94 45.45 -45.23
CA GLY R 413 40.75 46.69 -44.45
C GLY R 413 39.66 46.56 -43.39
N SER R 414 38.80 45.56 -43.54
CA SER R 414 37.70 45.30 -42.58
C SER R 414 38.25 44.73 -41.26
N TRP R 415 37.51 44.96 -40.19
CA TRP R 415 37.85 44.48 -38.84
C TRP R 415 37.58 42.97 -38.74
N LYS R 416 38.54 42.17 -39.16
CA LYS R 416 38.39 40.70 -39.13
C LYS R 416 39.40 40.05 -38.20
N GLU R 417 38.88 39.38 -37.20
CA GLU R 417 39.65 38.49 -36.30
C GLU R 417 39.64 37.09 -36.92
N LYS R 418 40.46 36.19 -36.40
CA LYS R 418 40.60 34.83 -36.95
C LYS R 418 39.25 34.09 -37.16
N SER R 419 38.46 34.04 -36.09
CA SER R 419 37.16 33.37 -36.09
C SER R 419 36.11 34.10 -36.95
N ASP R 420 36.36 35.38 -37.21
CA ASP R 420 35.49 36.15 -38.14
C ASP R 420 35.56 35.61 -39.57
N LEU R 421 36.78 35.25 -39.97
CA LEU R 421 37.02 34.63 -41.28
C LEU R 421 36.40 33.24 -41.41
N GLU R 422 36.50 32.47 -40.33
CA GLU R 422 35.91 31.11 -40.32
C GLU R 422 34.39 31.17 -40.43
N ARG R 423 33.79 32.14 -39.73
CA ARG R 423 32.34 32.32 -39.75
C ARG R 423 31.84 32.73 -41.14
N GLU R 424 32.47 33.76 -41.69
CA GLU R 424 32.05 34.33 -42.98
C GLU R 424 32.38 33.40 -44.16
N LEU R 425 33.58 32.83 -44.15
CA LEU R 425 33.99 31.87 -45.18
C LEU R 425 33.12 30.62 -45.22
N ASN R 426 32.66 30.19 -44.04
CA ASN R 426 31.74 29.05 -43.95
C ASN R 426 30.37 29.36 -44.56
N HIS R 427 29.85 30.55 -44.21
CA HIS R 427 28.57 31.00 -44.72
C HIS R 427 28.61 31.20 -46.25
N TRP R 428 29.78 31.60 -46.74
CA TRP R 428 29.99 31.82 -48.18
C TRP R 428 29.99 30.50 -48.96
N LEU R 429 30.81 29.56 -48.51
CA LEU R 429 30.99 28.32 -49.26
C LEU R 429 29.69 27.51 -49.34
N SER R 430 28.89 27.59 -48.29
CA SER R 430 27.57 26.93 -48.24
C SER R 430 26.69 27.27 -49.44
N GLN R 431 26.96 28.43 -50.04
CA GLN R 431 26.25 28.89 -51.24
C GLN R 431 26.27 27.87 -52.40
N TYR R 432 27.37 27.12 -52.50
CA TYR R 432 27.54 26.15 -53.60
C TYR R 432 27.50 24.69 -53.12
N ILE R 433 26.88 24.46 -51.99
CA ILE R 433 26.79 23.10 -51.42
C ILE R 433 25.36 22.56 -51.53
N SER R 434 25.28 21.33 -51.95
CA SER R 434 24.01 20.58 -52.01
C SER R 434 24.19 19.28 -51.23
N ASP R 435 23.92 19.36 -49.96
CA ASP R 435 24.16 18.26 -48.98
C ASP R 435 22.86 17.55 -48.61
N MET R 436 21.99 17.39 -49.59
CA MET R 436 20.71 16.71 -49.34
C MET R 436 20.87 15.20 -49.58
N ASP R 437 19.91 14.45 -49.07
CA ASP R 437 19.90 12.98 -49.19
C ASP R 437 20.02 12.52 -50.66
N ASP R 438 19.34 13.23 -51.55
CA ASP R 438 19.28 12.92 -52.97
C ASP R 438 18.79 14.15 -53.77
N PRO R 439 19.68 15.03 -54.10
CA PRO R 439 19.43 16.21 -54.96
C PRO R 439 19.07 15.71 -56.34
N ALA R 440 18.18 16.50 -56.99
CA ALA R 440 17.79 16.14 -58.35
C ALA R 440 19.04 15.97 -59.23
N PRO R 441 19.10 14.86 -59.96
CA PRO R 441 20.27 14.49 -60.79
C PRO R 441 20.51 15.60 -61.82
N ALA R 442 21.78 15.97 -61.96
CA ALA R 442 22.19 17.09 -62.85
C ALA R 442 21.62 18.44 -62.36
N VAL R 443 21.42 18.54 -61.05
CA VAL R 443 20.93 19.78 -60.38
C VAL R 443 21.93 20.20 -59.31
N ARG R 444 22.43 19.18 -58.61
CA ARG R 444 23.85 18.99 -58.26
C ARG R 444 24.82 19.77 -59.18
N SER R 445 24.39 19.94 -60.44
CA SER R 445 25.13 20.72 -61.42
C SER R 445 25.39 22.19 -61.01
N ARG R 446 24.34 22.92 -60.64
CA ARG R 446 24.50 24.32 -60.17
C ARG R 446 25.21 24.42 -58.80
N ARG R 447 25.07 23.35 -58.01
CA ARG R 447 25.75 23.23 -56.70
C ARG R 447 26.68 22.00 -56.71
N PRO R 448 27.86 22.18 -57.27
CA PRO R 448 28.82 21.08 -57.53
C PRO R 448 29.36 20.38 -56.27
N LEU R 449 29.38 21.10 -55.15
CA LEU R 449 29.93 20.59 -53.89
C LEU R 449 28.90 19.87 -53.03
N ARG R 450 29.37 18.87 -52.33
CA ARG R 450 28.55 18.10 -51.38
C ARG R 450 28.91 18.46 -49.94
N ALA R 451 30.20 18.57 -49.67
CA ALA R 451 30.72 18.99 -48.36
C ALA R 451 31.93 19.89 -48.55
N ALA R 452 32.22 20.65 -47.51
CA ALA R 452 33.42 21.49 -47.46
C ALA R 452 33.79 21.90 -46.05
N ARG R 453 35.08 22.03 -45.87
CA ARG R 453 35.67 22.35 -44.57
C ARG R 453 36.66 23.51 -44.70
N VAL R 454 36.55 24.44 -43.76
CA VAL R 454 37.44 25.61 -43.68
C VAL R 454 38.04 25.71 -42.28
N VAL R 455 39.36 25.88 -42.26
CA VAL R 455 40.12 26.23 -41.05
C VAL R 455 40.94 27.49 -41.30
N VAL R 456 40.99 28.35 -40.30
CA VAL R 456 41.78 29.59 -40.38
C VAL R 456 42.70 29.68 -39.18
N GLU R 457 43.96 29.93 -39.46
CA GLU R 457 44.95 30.15 -38.39
C GLU R 457 45.58 31.53 -38.60
N ASP R 458 46.42 31.91 -37.65
CA ASP R 458 47.09 33.22 -37.69
C ASP R 458 48.53 33.07 -38.15
N VAL R 459 48.96 34.00 -38.98
CA VAL R 459 50.38 34.13 -39.36
C VAL R 459 51.10 34.80 -38.18
N GLU R 460 51.73 33.96 -37.37
CA GLU R 460 52.39 34.43 -36.14
C GLU R 460 53.48 35.47 -36.47
N GLY R 461 53.43 36.55 -35.67
CA GLY R 461 54.34 37.70 -35.83
C GLY R 461 54.00 38.57 -37.06
N GLN R 462 52.76 38.45 -37.52
CA GLN R 462 52.22 39.28 -38.60
C GLN R 462 50.71 39.48 -38.39
N PRO R 463 50.36 40.45 -37.55
CA PRO R 463 48.97 40.75 -37.16
C PRO R 463 48.17 41.26 -38.37
N GLY R 464 47.01 40.64 -38.58
CA GLY R 464 46.14 41.01 -39.72
C GLY R 464 46.20 40.00 -40.87
N TRP R 465 47.21 39.13 -40.83
CA TRP R 465 47.40 38.09 -41.84
C TRP R 465 47.00 36.72 -41.30
N TYR R 466 46.39 35.95 -42.18
CA TYR R 466 45.83 34.63 -41.83
C TYR R 466 46.23 33.55 -42.83
N ARG R 467 46.21 32.33 -42.35
CA ARG R 467 46.45 31.13 -43.17
C ARG R 467 45.17 30.28 -43.23
N CYS R 468 44.60 30.20 -44.41
CA CYS R 468 43.31 29.54 -44.60
C CYS R 468 43.45 28.25 -45.40
N SER R 469 42.75 27.23 -44.94
CA SER R 469 42.69 25.93 -45.63
C SER R 469 41.24 25.60 -46.00
N LEU R 470 41.06 25.37 -47.28
CA LEU R 470 39.77 25.03 -47.87
C LEU R 470 39.82 23.68 -48.59
N GLN R 471 39.05 22.73 -48.05
CA GLN R 471 38.95 21.38 -48.62
C GLN R 471 37.49 21.08 -48.96
N VAL R 472 37.27 20.54 -50.14
CA VAL R 472 35.91 20.29 -50.66
C VAL R 472 35.73 18.86 -51.18
N ARG R 473 34.51 18.38 -51.06
CA ARG R 473 34.10 17.05 -51.53
C ARG R 473 33.02 17.25 -52.61
N PRO R 474 33.40 17.25 -53.87
CA PRO R 474 32.49 17.41 -55.01
C PRO R 474 31.62 16.16 -55.21
N HIS R 475 30.47 16.33 -55.84
CA HIS R 475 29.66 15.17 -56.27
C HIS R 475 30.44 14.39 -57.33
N PHE R 476 30.28 13.07 -57.33
CA PHE R 476 31.05 12.21 -58.24
C PHE R 476 30.35 11.95 -59.56
N LYS R 477 31.15 12.01 -60.60
CA LYS R 477 30.73 11.62 -61.96
C LYS R 477 30.79 10.10 -62.11
N TYR R 478 29.79 9.57 -62.78
CA TYR R 478 29.73 8.14 -63.14
C TYR R 478 30.66 7.89 -64.33
N MET R 479 31.75 7.17 -64.08
CA MET R 479 32.82 7.02 -65.10
C MET R 479 33.29 5.58 -65.36
N GLY R 480 32.37 4.62 -65.14
CA GLY R 480 32.69 3.20 -65.36
C GLY R 480 32.25 2.32 -64.20
N ALA R 481 32.11 1.04 -64.52
CA ALA R 481 31.60 0.02 -63.60
C ALA R 481 31.80 -1.39 -64.19
N SER R 482 31.95 -2.34 -63.28
CA SER R 482 32.06 -3.76 -63.64
C SER R 482 30.80 -4.50 -63.18
N PHE R 483 30.30 -5.37 -64.04
CA PHE R 483 29.08 -6.14 -63.76
C PHE R 483 29.36 -7.64 -63.72
N THR R 484 28.76 -8.28 -62.74
CA THR R 484 28.80 -9.75 -62.57
C THR R 484 27.39 -10.32 -62.69
N LEU R 485 27.15 -11.01 -63.78
CA LEU R 485 25.83 -11.62 -64.04
C LEU R 485 25.83 -13.06 -63.52
N SER R 486 24.68 -13.47 -63.00
CA SER R 486 24.55 -14.83 -62.44
C SER R 486 23.10 -15.28 -62.39
N LEU R 487 22.87 -16.44 -63.01
CA LEU R 487 21.61 -17.19 -62.84
C LEU R 487 21.61 -17.84 -61.45
N VAL R 488 20.45 -17.94 -60.85
CA VAL R 488 20.31 -18.45 -59.48
C VAL R 488 18.90 -18.99 -59.23
N GLY R 489 18.87 -20.10 -58.52
CA GLY R 489 17.61 -20.68 -58.02
C GLY R 489 17.49 -20.33 -56.54
N LYS R 490 16.30 -20.27 -56.03
CA LYS R 490 15.97 -19.97 -54.60
C LYS R 490 16.45 -18.58 -54.15
N LEU R 491 16.60 -17.66 -55.11
CA LEU R 491 16.96 -16.27 -54.80
C LEU R 491 15.82 -15.66 -53.97
N ASP R 492 16.17 -14.85 -52.99
CA ASP R 492 15.15 -14.10 -52.23
C ASP R 492 14.37 -13.22 -53.21
N LYS R 493 13.06 -13.30 -53.13
CA LYS R 493 12.16 -12.61 -54.10
C LYS R 493 12.28 -11.06 -54.05
N LEU S 30 32.75 -41.63 -57.73
CA LEU S 30 33.66 -42.77 -57.93
C LEU S 30 32.88 -44.03 -58.25
N PRO S 31 33.16 -44.61 -59.44
CA PRO S 31 32.58 -45.89 -59.87
C PRO S 31 32.94 -46.98 -58.85
N LEU S 32 32.17 -48.06 -58.90
CA LEU S 32 32.49 -49.27 -58.14
C LEU S 32 33.09 -50.30 -59.11
N LYS S 33 34.41 -50.38 -59.08
CA LYS S 33 35.12 -51.30 -59.98
C LYS S 33 35.63 -52.51 -59.18
N VAL S 34 35.30 -53.66 -59.73
CA VAL S 34 35.74 -54.96 -59.19
C VAL S 34 36.77 -55.58 -60.15
N LEU S 35 37.65 -56.35 -59.55
CA LEU S 35 38.68 -57.10 -60.28
C LEU S 35 38.48 -58.59 -60.08
N MET S 36 38.09 -59.26 -61.15
CA MET S 36 37.90 -60.72 -61.15
C MET S 36 39.18 -61.41 -61.62
N LEU S 37 39.83 -62.05 -60.67
CA LEU S 37 41.10 -62.75 -60.94
C LEU S 37 40.84 -64.25 -60.84
N GLY S 38 41.31 -64.97 -61.87
CA GLY S 38 41.07 -66.41 -61.97
C GLY S 38 41.68 -67.00 -63.24
N ASP S 39 41.65 -68.33 -63.28
CA ASP S 39 42.19 -69.10 -64.41
C ASP S 39 41.12 -69.27 -65.51
N PHE S 40 41.04 -68.24 -66.34
CA PHE S 40 40.07 -68.21 -67.46
C PHE S 40 40.50 -68.98 -68.72
N THR S 41 41.75 -69.42 -68.74
CA THR S 41 42.30 -70.18 -69.87
C THR S 41 42.71 -71.59 -69.41
N GLY S 42 42.91 -72.45 -70.42
CA GLY S 42 43.33 -73.85 -70.19
C GLY S 42 44.81 -74.01 -69.79
N GLN S 43 45.55 -72.91 -69.81
CA GLN S 43 47.00 -72.90 -69.54
C GLN S 43 47.48 -71.57 -68.95
N GLU S 44 48.58 -71.66 -68.21
CA GLU S 44 49.29 -70.47 -67.72
C GLU S 44 49.94 -69.71 -68.88
N ASP S 45 50.07 -68.40 -68.71
CA ASP S 45 50.74 -67.55 -69.70
C ASP S 45 52.23 -67.39 -69.34
N ALA S 46 53.04 -67.32 -70.38
CA ALA S 46 54.49 -67.00 -70.29
C ALA S 46 54.74 -65.55 -69.83
N ARG S 47 53.83 -64.65 -70.23
CA ARG S 47 53.92 -63.23 -69.87
C ARG S 47 53.85 -63.05 -68.34
N PRO S 48 54.77 -62.25 -67.80
CA PRO S 48 54.79 -61.90 -66.36
C PRO S 48 53.46 -61.27 -65.95
N LEU S 49 53.10 -61.46 -64.69
CA LEU S 49 51.85 -60.92 -64.12
C LEU S 49 51.73 -59.39 -64.28
N GLU S 50 52.84 -58.71 -64.03
CA GLU S 50 52.91 -57.24 -64.17
C GLU S 50 52.75 -56.76 -65.63
N GLN S 51 53.04 -57.65 -66.56
CA GLN S 51 53.00 -57.32 -67.99
C GLN S 51 51.64 -57.61 -68.63
N ARG S 52 51.07 -58.78 -68.32
CA ARG S 52 49.71 -59.11 -68.81
C ARG S 52 48.73 -58.04 -68.32
N ALA S 53 47.80 -57.72 -69.21
CA ALA S 53 46.87 -56.61 -68.95
C ALA S 53 45.46 -57.09 -68.57
N PRO S 54 44.74 -56.28 -67.79
CA PRO S 54 43.34 -56.51 -67.45
C PRO S 54 42.43 -56.17 -68.64
N ILE S 55 41.28 -56.82 -68.67
CA ILE S 55 40.27 -56.61 -69.73
C ILE S 55 38.97 -56.07 -69.12
N ASN S 56 38.51 -54.95 -69.66
CA ASN S 56 37.22 -54.38 -69.23
C ASN S 56 36.06 -55.14 -69.89
N VAL S 57 35.15 -55.63 -69.06
CA VAL S 57 34.00 -56.43 -69.52
C VAL S 57 32.69 -55.72 -69.13
N ASP S 58 31.73 -55.82 -70.05
CA ASP S 58 30.35 -55.36 -69.83
C ASP S 58 29.37 -56.18 -70.69
N LYS S 59 28.08 -55.93 -70.48
CA LYS S 59 26.99 -56.62 -71.20
C LYS S 59 27.07 -56.52 -72.73
N ALA S 60 27.63 -55.43 -73.23
CA ALA S 60 27.66 -55.13 -74.67
C ALA S 60 28.92 -55.61 -75.42
N ASN S 61 29.74 -56.42 -74.75
CA ASN S 61 30.99 -56.94 -75.34
C ASN S 61 31.50 -58.23 -74.68
N PHE S 62 30.67 -58.83 -73.84
CA PHE S 62 31.06 -60.06 -73.10
C PHE S 62 31.55 -61.14 -74.06
N ASN S 63 30.74 -61.43 -75.07
CA ASN S 63 31.07 -62.44 -76.10
C ASN S 63 32.35 -62.08 -76.89
N GLU S 64 32.51 -60.78 -77.15
CA GLU S 64 33.63 -60.24 -77.92
C GLU S 64 34.92 -60.50 -77.14
N VAL S 65 34.82 -60.36 -75.83
CA VAL S 65 35.93 -60.62 -74.90
C VAL S 65 36.35 -62.10 -74.96
N MET S 66 35.38 -63.00 -74.98
CA MET S 66 35.68 -64.44 -75.06
C MET S 66 36.38 -64.80 -76.38
N ALA S 67 35.86 -64.23 -77.47
CA ALA S 67 36.40 -64.41 -78.82
C ALA S 67 37.86 -63.94 -78.92
N GLN S 68 38.11 -62.77 -78.34
CA GLN S 68 39.46 -62.17 -78.32
C GLN S 68 40.42 -62.91 -77.38
N GLN S 69 39.88 -63.44 -76.27
CA GLN S 69 40.68 -64.18 -75.28
C GLN S 69 41.21 -65.49 -75.87
N ASN S 70 40.42 -66.09 -76.76
CA ASN S 70 40.78 -67.34 -77.46
C ASN S 70 40.96 -68.47 -76.44
N LEU S 71 39.91 -69.28 -76.35
CA LEU S 71 39.90 -70.42 -75.42
C LEU S 71 40.16 -71.72 -76.17
N LYS S 72 40.89 -72.61 -75.51
CA LYS S 72 41.24 -73.92 -76.08
C LYS S 72 41.48 -74.95 -74.97
N VAL S 73 40.95 -76.14 -75.20
CA VAL S 73 41.11 -77.29 -74.30
C VAL S 73 41.65 -78.51 -75.07
N THR S 74 42.84 -78.91 -74.65
CA THR S 74 43.46 -80.16 -75.12
C THR S 74 43.42 -81.13 -73.95
N LEU S 75 42.55 -82.11 -74.08
CA LEU S 75 42.29 -83.06 -72.99
C LEU S 75 41.89 -84.42 -73.56
N THR S 76 42.15 -85.42 -72.73
CA THR S 76 41.82 -86.82 -73.06
C THR S 76 40.74 -87.36 -72.10
N ALA S 77 39.74 -87.97 -72.70
CA ALA S 77 38.62 -88.63 -71.98
C ALA S 77 38.57 -90.12 -72.37
N ALA S 78 37.97 -90.93 -71.50
CA ALA S 78 37.72 -92.35 -71.79
C ALA S 78 36.87 -92.48 -73.07
N ASP S 79 37.38 -93.30 -73.99
CA ASP S 79 36.68 -93.59 -75.24
C ASP S 79 35.60 -94.63 -74.97
N LYS S 80 34.37 -94.18 -74.90
CA LYS S 80 33.23 -95.09 -74.64
C LYS S 80 32.42 -95.39 -75.91
N LEU S 81 33.05 -95.17 -77.05
CA LEU S 81 32.47 -95.52 -78.36
C LEU S 81 32.76 -96.98 -78.75
N SER S 82 33.59 -97.62 -77.92
CA SER S 82 33.95 -99.04 -78.06
C SER S 82 33.83 -99.74 -76.69
N ALA S 83 34.37 -100.95 -76.63
CA ALA S 83 34.39 -101.80 -75.42
C ALA S 83 35.84 -102.13 -74.98
N ASP S 84 36.71 -101.13 -75.08
CA ASP S 84 38.12 -101.31 -74.68
C ASP S 84 38.50 -100.29 -73.58
N PRO S 85 38.93 -100.78 -72.42
CA PRO S 85 39.42 -99.95 -71.30
C PRO S 85 40.68 -99.13 -71.63
N ASN S 86 41.49 -99.64 -72.56
CA ASN S 86 42.71 -98.97 -73.06
C ASN S 86 42.45 -97.89 -74.13
N ALA S 87 41.22 -97.87 -74.65
CA ALA S 87 40.80 -96.87 -75.64
C ALA S 87 40.56 -95.51 -74.98
N THR S 88 41.30 -94.54 -75.49
CA THR S 88 41.21 -93.15 -75.01
C THR S 88 40.98 -92.19 -76.17
N MET S 89 40.27 -91.10 -75.90
CA MET S 89 39.98 -90.08 -76.92
C MET S 89 40.53 -88.73 -76.50
N ASN S 90 41.37 -88.18 -77.37
CA ASN S 90 41.94 -86.84 -77.17
C ASN S 90 41.22 -85.84 -78.11
N VAL S 91 40.76 -84.78 -77.49
CA VAL S 91 40.00 -83.72 -78.17
C VAL S 91 40.71 -82.36 -78.04
N SER S 92 40.47 -81.50 -79.03
CA SER S 92 41.01 -80.13 -79.03
C SER S 92 39.87 -79.13 -79.26
N LEU S 93 39.17 -78.81 -78.18
CA LEU S 93 38.02 -77.88 -78.27
C LEU S 93 38.47 -76.41 -78.24
N GLN S 94 37.73 -75.60 -78.98
CA GLN S 94 37.97 -74.16 -79.10
C GLN S 94 36.65 -73.43 -78.85
N PHE S 95 36.75 -72.33 -78.11
CA PHE S 95 35.57 -71.54 -77.75
C PHE S 95 35.77 -70.07 -78.12
N LYS S 96 34.69 -69.51 -78.63
CA LYS S 96 34.60 -68.08 -79.01
C LYS S 96 33.55 -67.36 -78.16
N ASN S 97 32.49 -68.11 -77.81
CA ASN S 97 31.39 -67.64 -76.96
C ASN S 97 30.89 -68.80 -76.08
N LEU S 98 29.99 -68.47 -75.16
CA LEU S 98 29.37 -69.46 -74.26
C LEU S 98 28.54 -70.55 -74.97
N ASN S 99 28.01 -70.18 -76.12
CA ASN S 99 27.26 -71.11 -76.98
C ASN S 99 28.14 -72.30 -77.42
N ASP S 100 29.45 -72.07 -77.47
CA ASP S 100 30.42 -73.11 -77.84
C ASP S 100 30.68 -74.17 -76.77
N PHE S 101 30.04 -74.04 -75.62
CA PHE S 101 30.10 -75.08 -74.57
C PHE S 101 28.90 -76.03 -74.63
N SER S 102 27.97 -75.75 -75.54
CA SER S 102 26.80 -76.62 -75.74
C SER S 102 27.23 -77.94 -76.40
N PRO S 103 26.56 -79.04 -76.08
CA PRO S 103 26.84 -80.37 -76.67
C PRO S 103 26.86 -80.36 -78.20
N GLU S 104 26.06 -79.47 -78.79
CA GLU S 104 25.99 -79.28 -80.25
C GLU S 104 27.35 -78.82 -80.84
N SER S 105 28.04 -77.93 -80.13
CA SER S 105 29.36 -77.44 -80.57
C SER S 105 30.46 -78.45 -80.24
N VAL S 106 30.30 -79.16 -79.12
CA VAL S 106 31.24 -80.22 -78.68
C VAL S 106 31.31 -81.32 -79.75
N VAL S 107 30.15 -81.75 -80.22
CA VAL S 107 30.05 -82.76 -81.29
C VAL S 107 30.72 -82.28 -82.59
N ASN S 108 30.46 -81.02 -82.94
CA ASN S 108 30.97 -80.42 -84.17
C ASN S 108 32.50 -80.33 -84.20
N GLN S 109 33.10 -80.25 -83.02
CA GLN S 109 34.57 -80.15 -82.89
C GLN S 109 35.23 -81.49 -82.55
N VAL S 110 34.43 -82.55 -82.49
CA VAL S 110 34.91 -83.90 -82.21
C VAL S 110 34.46 -84.81 -83.35
N PRO S 111 35.36 -85.05 -84.33
CA PRO S 111 35.09 -85.88 -85.53
C PRO S 111 34.51 -87.27 -85.21
N GLU S 112 34.96 -87.84 -84.11
CA GLU S 112 34.52 -89.15 -83.61
C GLU S 112 33.04 -89.17 -83.20
N LEU S 113 32.51 -87.98 -82.92
CA LEU S 113 31.08 -87.78 -82.61
C LEU S 113 30.34 -87.10 -83.78
N LYS S 114 31.03 -86.20 -84.47
CA LYS S 114 30.48 -85.46 -85.61
C LYS S 114 30.02 -86.42 -86.72
N LYS S 115 30.84 -87.43 -87.00
CA LYS S 115 30.51 -88.47 -87.99
C LYS S 115 29.30 -89.32 -87.57
N LEU S 116 29.18 -89.54 -86.26
CA LEU S 116 28.04 -90.25 -85.67
C LEU S 116 26.73 -89.45 -85.76
N LEU S 117 26.87 -88.13 -85.66
CA LEU S 117 25.73 -87.21 -85.82
C LEU S 117 25.31 -87.16 -87.29
N GLU S 118 26.28 -87.19 -88.19
CA GLU S 118 26.03 -87.25 -89.65
C GLU S 118 25.35 -88.57 -90.02
N LEU S 119 25.78 -89.64 -89.35
CA LEU S 119 25.16 -90.96 -89.46
C LEU S 119 23.70 -90.93 -88.98
N ARG S 120 23.50 -90.29 -87.82
CA ARG S 120 22.17 -90.13 -87.22
C ARG S 120 21.23 -89.49 -88.25
N SER S 121 21.68 -88.38 -88.84
CA SER S 121 20.89 -87.63 -89.84
C SER S 121 20.60 -88.45 -91.09
N ALA S 122 21.57 -89.28 -91.49
CA ALA S 122 21.42 -90.21 -92.62
C ALA S 122 20.38 -91.30 -92.35
N LEU S 123 20.36 -91.76 -91.16
CA LEU S 123 19.42 -92.86 -90.84
C LEU S 123 18.01 -92.31 -90.63
N ASN S 124 17.86 -91.13 -90.02
CA ASN S 124 16.53 -90.54 -89.82
C ASN S 124 15.93 -90.19 -91.18
N ALA S 125 16.75 -89.64 -92.11
CA ALA S 125 16.33 -89.29 -93.47
C ALA S 125 15.85 -90.54 -94.20
N LEU S 126 16.63 -91.62 -94.15
CA LEU S 126 16.27 -92.89 -94.75
C LEU S 126 14.95 -93.45 -94.15
N LYS S 127 14.88 -93.52 -92.80
CA LYS S 127 13.70 -94.07 -92.11
C LYS S 127 12.44 -93.24 -92.35
N GLY S 128 12.57 -91.90 -92.54
CA GLY S 128 11.42 -91.04 -92.84
C GLY S 128 11.16 -90.98 -94.35
N PRO S 129 11.89 -91.79 -95.15
CA PRO S 129 11.79 -91.88 -96.61
C PRO S 129 12.10 -90.57 -97.36
N LEU S 130 12.96 -89.71 -96.77
CA LEU S 130 13.31 -88.42 -97.36
C LEU S 130 14.35 -88.53 -98.46
N GLY S 131 15.06 -89.67 -98.55
CA GLY S 131 16.00 -89.91 -99.63
C GLY S 131 15.92 -91.34 -100.08
N ASN S 132 16.28 -91.62 -101.34
CA ASN S 132 16.24 -92.99 -101.85
C ASN S 132 17.54 -93.73 -101.48
N LEU S 133 17.57 -95.05 -101.71
CA LEU S 133 18.70 -95.92 -101.37
C LEU S 133 20.01 -95.52 -102.03
N PRO S 134 19.97 -95.07 -103.30
CA PRO S 134 21.19 -94.67 -104.02
C PRO S 134 21.88 -93.45 -103.32
N ALA S 135 21.07 -92.44 -102.92
CA ALA S 135 21.59 -91.24 -102.23
C ALA S 135 22.12 -91.67 -100.85
N PHE S 136 21.33 -92.47 -100.12
CA PHE S 136 21.72 -92.99 -98.81
C PHE S 136 23.12 -93.63 -98.89
N ARG S 137 23.34 -94.58 -99.84
CA ARG S 137 24.64 -95.27 -99.95
C ARG S 137 25.78 -94.31 -100.31
N LYS S 138 25.51 -93.30 -101.15
CA LYS S 138 26.51 -92.30 -101.56
C LYS S 138 26.92 -91.45 -100.34
N LYS S 139 25.93 -91.02 -99.53
CA LYS S 139 26.19 -90.23 -98.34
C LYS S 139 26.86 -91.05 -97.25
N LEU S 140 26.56 -92.32 -97.17
CA LEU S 140 27.12 -93.17 -96.18
C LEU S 140 28.59 -93.29 -96.39
N GLN S 141 28.99 -93.51 -97.63
CA GLN S 141 30.38 -93.66 -97.94
C GLN S 141 31.17 -92.38 -97.63
N ALA S 142 30.59 -91.22 -97.86
CA ALA S 142 31.18 -89.95 -97.50
C ALA S 142 31.44 -89.79 -95.98
N LEU S 143 30.44 -90.10 -95.20
CA LEU S 143 30.57 -90.11 -93.77
C LEU S 143 31.74 -91.02 -93.31
N LEU S 144 31.78 -92.24 -93.79
CA LEU S 144 32.72 -93.22 -93.28
C LEU S 144 34.13 -93.14 -93.88
N ALA S 145 34.26 -92.29 -94.86
CA ALA S 145 35.52 -92.02 -95.56
C ALA S 145 36.52 -91.27 -94.66
N ASP S 146 36.06 -90.50 -93.63
CA ASP S 146 36.93 -89.73 -92.73
C ASP S 146 38.11 -90.57 -92.22
N GLU S 147 39.36 -90.21 -92.60
CA GLU S 147 40.50 -91.05 -92.20
C GLU S 147 40.85 -91.00 -90.70
N ASP S 148 40.28 -90.05 -89.97
CA ASP S 148 40.53 -89.89 -88.53
C ASP S 148 39.67 -90.88 -87.72
N GLY S 149 38.69 -91.57 -88.37
CA GLY S 149 37.83 -92.54 -87.69
C GLY S 149 38.52 -93.85 -87.46
N ARG S 150 38.16 -94.56 -86.38
CA ARG S 150 38.71 -95.90 -86.17
C ARG S 150 37.86 -96.87 -87.02
N LYS S 151 38.43 -98.02 -87.43
CA LYS S 151 37.67 -98.99 -88.18
C LYS S 151 36.60 -99.63 -87.26
N ALA S 152 36.89 -99.70 -85.96
CA ALA S 152 35.95 -100.23 -84.96
C ALA S 152 34.70 -99.34 -84.97
N LEU S 153 34.87 -98.01 -84.94
CA LEU S 153 33.72 -97.12 -85.01
C LEU S 153 32.96 -97.25 -86.35
N ILE S 154 33.69 -97.32 -87.49
CA ILE S 154 33.05 -97.47 -88.80
C ILE S 154 32.11 -98.69 -88.82
N LYS S 155 32.57 -99.85 -88.26
CA LYS S 155 31.84 -101.11 -88.12
C LYS S 155 30.56 -100.97 -87.31
N GLU S 156 30.61 -100.27 -86.16
CA GLU S 156 29.46 -99.99 -85.30
C GLU S 156 28.47 -99.06 -86.03
N LEU S 157 28.99 -98.12 -86.84
CA LEU S 157 28.14 -97.23 -87.66
C LEU S 157 27.42 -97.99 -88.78
N GLY S 158 28.15 -98.86 -89.51
CA GLY S 158 27.60 -99.70 -90.59
C GLY S 158 26.59 -100.73 -90.04
N LEU S 159 26.76 -101.18 -88.77
CA LEU S 159 25.85 -102.13 -88.13
C LEU S 159 24.47 -101.53 -87.84
N THR S 160 24.35 -100.20 -87.89
CA THR S 160 23.10 -99.49 -87.68
C THR S 160 22.27 -99.39 -88.97
N GLU S 161 22.89 -99.71 -90.12
CA GLU S 161 22.19 -99.62 -91.42
C GLU S 161 21.14 -100.73 -91.59
N GLU S 162 19.84 -100.41 -91.85
CA GLU S 162 18.86 -101.49 -92.11
C GLU S 162 19.29 -102.31 -93.33
N THR S 163 19.08 -103.63 -93.28
CA THR S 163 19.45 -104.56 -94.36
C THR S 163 18.96 -104.16 -95.75
N LYS S 164 17.73 -103.64 -95.85
CA LYS S 164 17.14 -103.22 -97.12
C LYS S 164 17.78 -101.97 -97.76
N ASP T 63 9.16 -101.73 -90.68
CA ASP T 63 10.61 -101.63 -90.98
C ASP T 63 11.27 -100.41 -90.31
N LYS T 64 10.58 -99.27 -90.35
CA LYS T 64 11.02 -98.00 -89.80
C LYS T 64 11.26 -98.11 -88.28
N ALA T 65 10.45 -98.96 -87.65
CA ALA T 65 10.58 -99.22 -86.20
C ALA T 65 11.98 -99.72 -85.82
N LEU T 66 12.53 -100.58 -86.68
CA LEU T 66 13.92 -101.08 -86.52
C LEU T 66 14.95 -99.99 -86.76
N VAL T 67 14.68 -99.13 -87.74
CA VAL T 67 15.53 -97.96 -88.05
C VAL T 67 15.55 -97.00 -86.84
N ASP T 68 14.39 -96.81 -86.22
CA ASP T 68 14.27 -95.95 -85.04
C ASP T 68 15.06 -96.52 -83.85
N ALA T 69 15.02 -97.84 -83.73
CA ALA T 69 15.80 -98.57 -82.71
C ALA T 69 17.31 -98.38 -82.92
N MET T 70 17.72 -98.33 -84.18
CA MET T 70 19.11 -98.04 -84.56
C MET T 70 19.51 -96.63 -84.12
N ILE T 71 18.57 -95.69 -84.30
CA ILE T 71 18.75 -94.29 -83.84
C ILE T 71 18.83 -94.20 -82.31
N ALA T 72 18.05 -95.00 -81.65
CA ALA T 72 18.03 -95.03 -80.17
C ALA T 72 19.39 -95.49 -79.62
N GLU T 73 19.91 -96.56 -80.22
CA GLU T 73 21.22 -97.13 -79.83
C GLU T 73 22.39 -96.24 -80.24
N ILE T 74 22.26 -95.60 -81.38
CA ILE T 74 23.30 -94.66 -81.89
C ILE T 74 23.46 -93.47 -80.92
N ASP T 75 22.32 -92.88 -80.54
CA ASP T 75 22.29 -91.73 -79.63
C ASP T 75 22.70 -92.13 -78.21
N LYS T 76 22.34 -93.36 -77.85
CA LYS T 76 22.75 -93.95 -76.56
C LYS T 76 24.29 -93.97 -76.46
N ARG T 77 24.93 -94.44 -77.52
CA ARG T 77 26.40 -94.51 -77.56
C ARG T 77 27.04 -93.12 -77.62
N LEU T 78 26.45 -92.26 -78.45
CA LEU T 78 26.95 -90.88 -78.62
C LEU T 78 26.85 -90.11 -77.29
N SER T 79 25.75 -90.30 -76.59
CA SER T 79 25.49 -89.68 -75.28
C SER T 79 26.42 -90.18 -74.18
N SER T 80 26.82 -91.41 -74.29
CA SER T 80 27.76 -92.02 -73.34
C SER T 80 29.14 -91.36 -73.45
N GLN T 81 29.50 -91.02 -74.69
CA GLN T 81 30.77 -90.33 -74.96
C GLN T 81 30.68 -88.85 -74.61
N VAL T 82 29.62 -88.22 -74.95
CA VAL T 82 29.41 -86.77 -74.68
C VAL T 82 29.41 -86.47 -73.17
N ASN T 83 28.93 -87.43 -72.38
CA ASN T 83 28.96 -87.32 -70.91
C ASN T 83 30.40 -87.18 -70.40
N GLU T 84 31.31 -87.90 -71.05
CA GLU T 84 32.75 -87.88 -70.69
C GLU T 84 33.40 -86.51 -70.87
N ILE T 85 33.05 -85.84 -71.96
CA ILE T 85 33.59 -84.49 -72.24
C ILE T 85 32.93 -83.46 -71.30
N LEU T 86 31.62 -83.55 -71.19
CA LEU T 86 30.84 -82.61 -70.37
C LEU T 86 31.14 -82.73 -68.88
N HIS T 87 31.55 -83.91 -68.48
CA HIS T 87 31.91 -84.19 -67.08
C HIS T 87 33.42 -84.24 -66.84
N ALA T 88 34.17 -83.78 -67.84
CA ALA T 88 35.62 -83.65 -67.71
C ALA T 88 35.93 -82.47 -66.80
N LYS T 89 36.83 -82.69 -65.85
CA LYS T 89 37.21 -81.68 -64.85
C LYS T 89 37.86 -80.42 -65.50
N GLU T 90 38.68 -80.68 -66.54
CA GLU T 90 39.33 -79.61 -67.31
C GLU T 90 38.26 -78.80 -68.07
N PHE T 91 37.31 -79.50 -68.64
CA PHE T 91 36.24 -78.85 -69.41
C PHE T 91 35.35 -77.98 -68.50
N GLN T 92 34.96 -78.55 -67.37
CA GLN T 92 34.11 -77.87 -66.39
C GLN T 92 34.81 -76.67 -65.75
N LYS T 93 36.12 -76.77 -65.55
CA LYS T 93 36.88 -75.67 -64.97
C LYS T 93 36.82 -74.44 -65.90
N LEU T 94 36.94 -74.70 -67.21
CA LEU T 94 36.87 -73.65 -68.23
C LEU T 94 35.44 -73.09 -68.29
N GLU T 95 34.46 -73.97 -68.43
CA GLU T 95 33.06 -73.55 -68.59
C GLU T 95 32.57 -72.78 -67.37
N SER T 96 32.68 -73.40 -66.21
CA SER T 96 32.22 -72.80 -64.94
C SER T 96 32.85 -71.43 -64.71
N SER T 97 34.09 -71.22 -65.16
CA SER T 97 34.79 -69.93 -65.02
C SER T 97 34.08 -68.82 -65.81
N TRP T 98 33.83 -69.09 -67.09
CA TRP T 98 33.18 -68.12 -67.99
C TRP T 98 31.67 -68.00 -67.78
N ARG T 99 31.00 -69.11 -67.51
CA ARG T 99 29.56 -69.12 -67.25
C ARG T 99 29.25 -68.38 -65.95
N SER T 100 30.02 -68.67 -64.90
CA SER T 100 29.89 -67.96 -63.61
C SER T 100 30.21 -66.47 -63.76
N LEU T 101 31.14 -66.16 -64.68
CA LEU T 101 31.52 -64.78 -64.95
C LEU T 101 30.35 -63.98 -65.55
N LYS T 102 29.69 -64.57 -66.55
CA LYS T 102 28.54 -63.93 -67.18
C LYS T 102 27.38 -63.82 -66.20
N PHE T 103 27.18 -64.87 -65.42
CA PHE T 103 26.15 -64.90 -64.36
C PHE T 103 26.30 -63.67 -63.44
N MET T 104 27.55 -63.32 -63.17
CA MET T 104 27.89 -62.09 -62.44
C MET T 104 27.56 -60.85 -63.28
N VAL T 105 28.19 -60.79 -64.44
CA VAL T 105 28.17 -59.61 -65.33
C VAL T 105 26.73 -59.18 -65.65
N ASP T 106 25.91 -60.11 -66.09
CA ASP T 106 24.56 -59.76 -66.58
C ASP T 106 23.55 -59.45 -65.46
N ARG T 107 23.97 -59.60 -64.22
CA ARG T 107 23.13 -59.23 -63.06
C ARG T 107 23.57 -57.91 -62.43
N THR T 108 24.53 -57.25 -63.08
CA THR T 108 24.98 -55.91 -62.70
C THR T 108 24.33 -54.90 -63.64
N ASP T 109 24.55 -53.63 -63.34
CA ASP T 109 24.03 -52.54 -64.18
C ASP T 109 25.16 -51.53 -64.43
N PHE T 110 25.71 -51.61 -65.63
CA PHE T 110 26.84 -50.76 -66.05
C PHE T 110 26.47 -49.27 -66.22
N ARG T 111 25.17 -48.99 -66.25
CA ARG T 111 24.66 -47.60 -66.30
C ARG T 111 24.72 -46.90 -64.93
N GLU T 112 24.94 -47.70 -63.89
CA GLU T 112 25.01 -47.19 -62.50
C GLU T 112 26.46 -47.02 -62.03
N ASN T 113 27.37 -46.79 -62.98
CA ASN T 113 28.80 -46.58 -62.70
C ASN T 113 29.45 -47.82 -62.05
N THR T 114 29.08 -48.98 -62.57
CA THR T 114 29.67 -50.25 -62.12
C THR T 114 30.62 -50.74 -63.22
N ARG T 115 31.80 -51.17 -62.83
CA ARG T 115 32.83 -51.64 -63.78
C ARG T 115 33.47 -52.91 -63.26
N VAL T 116 33.92 -53.73 -64.18
CA VAL T 116 34.62 -54.99 -63.87
C VAL T 116 35.73 -55.22 -64.89
N GLU T 117 36.86 -55.68 -64.39
CA GLU T 117 37.99 -56.08 -65.23
C GLU T 117 38.39 -57.52 -64.94
N MET T 118 38.86 -58.20 -65.97
CA MET T 118 39.33 -59.59 -65.85
C MET T 118 40.86 -59.63 -65.91
N LEU T 119 41.42 -60.39 -64.99
CA LEU T 119 42.87 -60.59 -64.90
C LEU T 119 43.18 -62.08 -64.72
N ASN T 120 43.58 -62.69 -65.83
CA ASN T 120 43.89 -64.13 -65.86
C ASN T 120 45.13 -64.46 -65.01
N ALA T 121 44.91 -65.19 -63.94
CA ALA T 121 45.98 -65.62 -63.02
C ALA T 121 45.58 -66.89 -62.26
N SER T 122 46.49 -67.84 -62.22
CA SER T 122 46.33 -69.08 -61.44
C SER T 122 46.87 -68.85 -60.01
N LYS T 123 46.42 -69.65 -59.06
CA LYS T 123 46.92 -69.53 -57.67
C LYS T 123 48.43 -69.75 -57.58
N GLU T 124 48.90 -70.73 -58.37
CA GLU T 124 50.32 -71.10 -58.41
C GLU T 124 51.19 -69.89 -58.82
N ASP T 125 50.76 -69.16 -59.83
CA ASP T 125 51.54 -68.01 -60.34
C ASP T 125 51.38 -66.77 -59.44
N LEU T 126 50.30 -66.74 -58.66
CA LEU T 126 50.11 -65.69 -57.65
C LEU T 126 51.19 -65.78 -56.59
N GLN T 127 51.44 -67.01 -56.17
CA GLN T 127 52.51 -67.35 -55.22
C GLN T 127 53.88 -67.12 -55.85
N LYS T 128 54.00 -67.50 -57.13
CA LYS T 128 55.24 -67.28 -57.90
C LYS T 128 55.64 -65.80 -57.87
N ASP T 129 54.66 -64.93 -58.12
CA ASP T 129 54.91 -63.49 -58.19
C ASP T 129 55.22 -62.88 -56.82
N PHE T 130 54.41 -63.29 -55.85
CA PHE T 130 54.56 -62.75 -54.51
C PHE T 130 55.82 -63.24 -53.78
N GLU T 131 56.25 -64.46 -54.11
CA GLU T 131 57.50 -65.04 -53.60
C GLU T 131 58.71 -64.46 -54.34
N ASP T 132 58.53 -64.23 -55.64
CA ASP T 132 59.59 -63.67 -56.50
C ASP T 132 59.94 -62.23 -56.07
N ALA T 133 58.90 -61.42 -55.91
CA ALA T 133 59.07 -60.02 -55.49
C ALA T 133 59.72 -59.93 -54.10
N PRO T 134 60.57 -58.93 -53.91
CA PRO T 134 61.22 -58.65 -52.61
C PRO T 134 60.22 -58.18 -51.55
N GLU T 135 59.19 -57.46 -52.02
CA GLU T 135 58.11 -56.94 -51.15
C GLU T 135 56.82 -56.82 -51.96
N VAL T 136 55.71 -56.79 -51.24
CA VAL T 136 54.37 -56.69 -51.84
C VAL T 136 54.20 -55.43 -52.71
N THR T 137 54.86 -54.36 -52.33
CA THR T 137 54.76 -53.08 -53.07
C THR T 137 55.33 -53.18 -54.50
N LYS T 138 56.09 -54.26 -54.74
CA LYS T 138 56.72 -54.51 -56.05
C LYS T 138 56.12 -55.71 -56.78
N SER T 139 55.06 -56.29 -56.20
CA SER T 139 54.34 -57.38 -56.86
C SER T 139 53.58 -56.85 -58.08
N GLY T 140 53.38 -57.75 -59.04
CA GLY T 140 52.66 -57.44 -60.30
C GLY T 140 51.19 -57.07 -60.03
N LEU T 141 50.59 -57.83 -59.11
CA LEU T 141 49.20 -57.60 -58.69
C LEU T 141 49.01 -56.25 -58.00
N TYR T 142 49.96 -55.93 -57.11
CA TYR T 142 49.97 -54.62 -56.43
C TYR T 142 50.04 -53.50 -57.46
N LYS T 143 50.84 -53.72 -58.50
CA LYS T 143 51.06 -52.70 -59.53
C LYS T 143 49.76 -52.24 -60.17
N LEU T 144 48.83 -53.14 -60.52
CA LEU T 144 47.62 -52.67 -61.21
C LEU T 144 46.33 -52.82 -60.41
N VAL T 145 46.50 -53.06 -59.12
CA VAL T 145 45.42 -52.89 -58.14
C VAL T 145 45.63 -51.50 -57.49
N TYR T 146 46.77 -51.35 -56.83
CA TYR T 146 47.10 -50.11 -56.11
C TYR T 146 47.69 -49.03 -57.03
N SER T 147 48.85 -49.34 -57.60
CA SER T 147 49.69 -48.35 -58.30
C SER T 147 48.98 -47.68 -59.49
N ASN T 148 48.35 -48.49 -60.32
CA ASN T 148 47.64 -47.99 -61.51
C ASN T 148 46.23 -47.45 -61.23
N GLU T 149 45.82 -47.53 -59.96
CA GLU T 149 44.47 -47.11 -59.57
C GLU T 149 44.45 -46.10 -58.40
N TYR T 150 44.35 -46.65 -57.18
CA TYR T 150 44.24 -45.86 -55.96
C TYR T 150 45.37 -44.83 -55.79
N GLY T 151 46.59 -45.25 -56.16
CA GLY T 151 47.79 -44.39 -56.00
C GLY T 151 48.17 -43.63 -57.26
N VAL T 152 47.19 -43.36 -58.13
CA VAL T 152 47.42 -42.61 -59.37
C VAL T 152 46.49 -41.38 -59.46
N PHE T 153 47.11 -40.22 -59.52
CA PHE T 153 46.40 -38.96 -59.77
C PHE T 153 45.69 -39.02 -61.14
N GLY T 154 44.37 -38.86 -61.09
CA GLY T 154 43.54 -38.92 -62.31
C GLY T 154 42.88 -40.30 -62.51
N GLY T 155 43.39 -41.30 -61.77
CA GLY T 155 42.88 -42.68 -61.86
C GLY T 155 41.65 -42.89 -60.98
N LYS T 156 41.43 -44.15 -60.67
CA LYS T 156 40.30 -44.60 -59.85
C LYS T 156 40.71 -45.82 -59.02
N PRO T 157 40.16 -45.98 -57.81
CA PRO T 157 40.49 -47.10 -56.92
C PRO T 157 39.59 -48.33 -57.16
N TYR T 158 40.20 -49.50 -57.12
CA TYR T 158 39.47 -50.78 -57.20
C TYR T 158 38.60 -50.97 -55.95
N GLY T 159 37.31 -51.20 -56.22
CA GLY T 159 36.30 -51.37 -55.16
C GLY T 159 36.58 -52.63 -54.34
N ILE T 160 36.69 -53.75 -55.04
CA ILE T 160 36.86 -55.09 -54.44
C ILE T 160 37.51 -56.06 -55.45
N ILE T 161 38.09 -57.12 -54.93
CA ILE T 161 38.72 -58.17 -55.75
C ILE T 161 37.99 -59.49 -55.48
N SER T 162 37.55 -60.10 -56.57
CA SER T 162 36.87 -61.41 -56.53
C SER T 162 37.79 -62.45 -57.16
N ALA T 163 38.21 -63.38 -56.31
CA ALA T 163 39.06 -64.45 -56.82
C ALA T 163 38.33 -65.76 -56.90
N ASN T 164 38.44 -66.27 -58.10
CA ASN T 164 37.77 -67.52 -58.45
C ASN T 164 38.65 -68.72 -58.06
N TYR T 165 38.77 -68.91 -56.76
CA TYR T 165 39.63 -69.97 -56.19
C TYR T 165 38.94 -70.67 -55.02
N ASP T 166 39.35 -71.90 -54.82
CA ASP T 166 39.02 -72.66 -53.60
C ASP T 166 40.27 -72.78 -52.74
N PHE T 167 40.13 -72.56 -51.46
CA PHE T 167 41.29 -72.63 -50.54
C PHE T 167 41.16 -73.80 -49.60
N ASN T 168 42.29 -74.45 -49.38
CA ASN T 168 42.42 -75.53 -48.39
C ASN T 168 43.21 -74.98 -47.18
N VAL T 169 43.56 -75.86 -46.26
CA VAL T 169 44.42 -75.52 -45.10
C VAL T 169 45.92 -75.60 -45.43
N GLY T 170 46.21 -76.00 -46.66
CA GLY T 170 47.56 -76.14 -47.20
C GLY T 170 48.34 -74.86 -46.96
N PRO T 171 49.62 -75.02 -46.67
CA PRO T 171 50.53 -73.90 -46.41
C PRO T 171 50.64 -72.89 -47.55
N GLN T 172 50.64 -73.35 -48.76
CA GLN T 172 50.63 -72.49 -49.96
C GLN T 172 49.38 -71.59 -50.01
N ASP T 173 48.22 -72.21 -49.71
CA ASP T 173 46.94 -71.48 -49.71
C ASP T 173 46.86 -70.44 -48.60
N MET T 174 47.44 -70.80 -47.47
CA MET T 174 47.48 -69.87 -46.34
C MET T 174 48.40 -68.66 -46.58
N GLU T 175 49.53 -68.94 -47.23
CA GLU T 175 50.49 -67.88 -47.60
C GLU T 175 49.87 -66.93 -48.63
N LEU T 176 49.10 -67.51 -49.56
CA LEU T 176 48.43 -66.72 -50.60
C LEU T 176 47.40 -65.75 -50.01
N LEU T 177 46.67 -66.26 -49.02
CA LEU T 177 45.71 -65.45 -48.26
C LEU T 177 46.38 -64.33 -47.47
N ARG T 178 47.58 -64.61 -46.97
CA ARG T 178 48.35 -63.62 -46.22
C ARG T 178 48.72 -62.41 -47.10
N LYS T 179 49.13 -62.72 -48.32
CA LYS T 179 49.52 -61.69 -49.29
C LYS T 179 48.33 -60.89 -49.82
N CYS T 180 47.21 -61.58 -50.01
CA CYS T 180 45.97 -60.95 -50.47
C CYS T 180 45.37 -60.05 -49.37
N ALA T 181 45.60 -60.43 -48.12
CA ALA T 181 45.18 -59.63 -46.97
C ALA T 181 45.98 -58.32 -46.90
N SER T 182 47.28 -58.42 -47.16
CA SER T 182 48.20 -57.26 -47.17
C SER T 182 47.84 -56.29 -48.29
N VAL T 183 47.58 -56.84 -49.47
CA VAL T 183 47.22 -56.04 -50.67
C VAL T 183 45.92 -55.26 -50.43
N ALA T 184 44.92 -56.00 -49.95
CA ALA T 184 43.59 -55.49 -49.68
C ALA T 184 43.62 -54.37 -48.63
N ALA T 185 44.49 -54.55 -47.64
CA ALA T 185 44.68 -53.57 -46.56
C ALA T 185 45.28 -52.26 -47.07
N MET T 186 46.27 -52.40 -47.95
CA MET T 186 46.99 -51.24 -48.51
C MET T 186 46.11 -50.44 -49.46
N ALA T 187 45.23 -51.14 -50.16
CA ALA T 187 44.36 -50.29 -50.98
C ALA T 187 42.89 -50.24 -50.69
N HIS T 188 42.65 -50.69 -49.49
CA HIS T 188 41.37 -50.55 -48.81
C HIS T 188 40.30 -51.28 -49.62
N ALA T 189 40.61 -52.46 -50.12
CA ALA T 189 39.56 -53.23 -50.78
C ALA T 189 39.63 -54.71 -50.42
N PRO T 190 38.48 -55.29 -50.07
CA PRO T 190 38.38 -56.67 -49.62
C PRO T 190 38.66 -57.68 -50.72
N PHE T 191 39.21 -58.81 -50.32
CA PHE T 191 39.46 -59.95 -51.21
C PHE T 191 38.50 -61.08 -50.83
N ILE T 192 37.65 -61.42 -51.79
CA ILE T 192 36.64 -62.46 -51.59
C ILE T 192 36.95 -63.68 -52.47
N GLY T 193 36.76 -64.83 -51.87
CA GLY T 193 36.96 -66.13 -52.55
C GLY T 193 36.11 -67.21 -51.88
N ASN T 194 36.44 -68.46 -52.16
CA ASN T 194 35.70 -69.60 -51.59
C ASN T 194 36.62 -70.60 -50.90
N ALA T 195 36.02 -71.41 -50.05
CA ALA T 195 36.68 -72.53 -49.36
C ALA T 195 36.32 -73.87 -50.00
N ALA T 196 37.32 -74.74 -50.05
CA ALA T 196 37.12 -76.08 -50.61
C ALA T 196 36.50 -77.03 -49.57
N PRO T 197 35.76 -78.08 -49.97
CA PRO T 197 35.12 -79.04 -49.07
C PRO T 197 36.04 -79.71 -47.97
N GLU T 198 37.30 -80.04 -48.52
CA GLU T 198 38.35 -80.65 -47.72
C GLU T 198 38.86 -79.77 -46.59
N VAL T 199 38.56 -78.47 -46.63
CA VAL T 199 38.91 -77.55 -45.54
C VAL T 199 38.29 -78.02 -44.20
N PHE T 200 37.13 -78.67 -44.31
CA PHE T 200 36.39 -79.18 -43.14
C PHE T 200 36.64 -80.68 -42.93
N GLY T 201 37.63 -81.20 -43.67
CA GLY T 201 38.04 -82.62 -43.62
C GLY T 201 36.94 -83.56 -44.14
N GLU T 202 36.17 -83.07 -45.10
CA GLU T 202 35.11 -83.87 -45.75
C GLU T 202 35.35 -83.93 -47.25
N GLU T 203 34.90 -85.01 -47.85
CA GLU T 203 35.07 -85.26 -49.30
C GLU T 203 34.35 -84.18 -50.14
N SER T 204 33.13 -83.84 -49.77
CA SER T 204 32.36 -82.77 -50.45
C SER T 204 31.54 -82.05 -49.38
N PHE T 205 30.90 -80.94 -49.78
CA PHE T 205 30.02 -80.19 -48.89
C PHE T 205 28.75 -80.96 -48.47
N LEU T 206 28.48 -82.07 -49.16
CA LEU T 206 27.30 -82.92 -48.85
C LEU T 206 27.41 -83.63 -47.50
N LYS T 207 28.58 -83.57 -46.87
CA LYS T 207 28.76 -84.17 -45.53
C LYS T 207 28.84 -83.12 -44.40
N LEU T 208 28.47 -81.89 -44.70
CA LEU T 208 28.39 -80.83 -43.65
C LEU T 208 27.42 -81.18 -42.50
N PRO T 209 26.26 -81.79 -42.82
CA PRO T 209 25.30 -82.28 -41.81
C PRO T 209 25.91 -83.28 -40.82
N ASP T 210 26.94 -84.02 -41.25
CA ASP T 210 27.59 -85.03 -40.41
C ASP T 210 28.59 -84.44 -39.40
N LEU T 211 29.03 -83.22 -39.64
CA LEU T 211 29.98 -82.56 -38.75
C LEU T 211 29.26 -82.12 -37.46
N LYS T 212 29.69 -82.74 -36.38
CA LYS T 212 29.09 -82.54 -35.04
C LYS T 212 29.45 -81.20 -34.39
N ASP T 213 30.66 -80.70 -34.66
CA ASP T 213 31.16 -79.46 -34.06
C ASP T 213 32.39 -78.91 -34.80
N LEU T 214 32.14 -77.84 -35.56
CA LEU T 214 33.20 -77.14 -36.32
C LEU T 214 34.25 -76.48 -35.42
N LYS T 215 33.77 -75.86 -34.35
CA LYS T 215 34.64 -75.17 -33.38
C LYS T 215 35.73 -76.11 -32.84
N SER T 216 35.33 -77.33 -32.48
CA SER T 216 36.26 -78.35 -31.95
C SER T 216 37.16 -78.91 -33.07
N LEU T 217 36.60 -79.01 -34.27
CA LEU T 217 37.34 -79.50 -35.45
C LEU T 217 38.56 -78.61 -35.74
N PHE T 218 38.39 -77.30 -35.56
CA PHE T 218 39.46 -76.32 -35.85
C PHE T 218 40.51 -76.19 -34.74
N GLU T 219 40.43 -77.07 -33.74
CA GLU T 219 41.42 -77.09 -32.67
C GLU T 219 42.65 -77.92 -33.03
N GLY T 220 42.44 -78.77 -34.04
CA GLY T 220 43.52 -79.63 -34.44
C GLY T 220 44.75 -78.81 -34.94
N PRO T 221 45.92 -79.41 -34.79
CA PRO T 221 47.22 -78.84 -35.24
C PRO T 221 47.24 -78.51 -36.73
N GLN T 222 46.44 -79.21 -37.51
CA GLN T 222 46.27 -79.02 -38.96
C GLN T 222 45.91 -77.56 -39.33
N TYR T 223 45.22 -76.87 -38.42
CA TYR T 223 44.75 -75.49 -38.68
C TYR T 223 45.55 -74.44 -37.90
N ALA T 224 46.79 -74.78 -37.56
CA ALA T 224 47.67 -73.86 -36.79
C ALA T 224 47.87 -72.52 -37.52
N ARG T 225 48.17 -72.60 -38.81
CA ARG T 225 48.40 -71.40 -39.62
C ARG T 225 47.12 -70.58 -39.84
N TRP T 226 46.02 -71.29 -40.06
CA TRP T 226 44.71 -70.64 -40.27
C TRP T 226 44.27 -69.85 -39.03
N HIS T 227 44.57 -70.43 -37.86
CA HIS T 227 44.26 -69.81 -36.58
C HIS T 227 45.06 -68.52 -36.36
N SER T 228 46.32 -68.54 -36.78
CA SER T 228 47.18 -67.35 -36.67
C SER T 228 46.74 -66.25 -37.65
N PHE T 229 46.25 -66.70 -38.81
CA PHE T 229 45.77 -65.81 -39.88
C PHE T 229 44.56 -65.00 -39.42
N ARG T 230 43.68 -65.66 -38.68
CA ARG T 230 42.46 -65.01 -38.14
C ARG T 230 42.76 -63.93 -37.09
N GLU T 231 43.96 -63.99 -36.52
CA GLU T 231 44.40 -63.03 -35.49
C GLU T 231 45.13 -61.79 -36.06
N SER T 232 45.54 -61.89 -37.31
CA SER T 232 46.21 -60.75 -37.97
C SER T 232 45.23 -59.59 -38.16
N GLU T 233 45.75 -58.38 -38.05
CA GLU T 233 45.02 -57.13 -38.33
C GLU T 233 44.62 -56.96 -39.81
N ASP T 234 45.29 -57.74 -40.67
CA ASP T 234 44.99 -57.73 -42.11
C ASP T 234 43.81 -58.63 -42.50
N ALA T 235 43.44 -59.51 -41.56
CA ALA T 235 42.34 -60.47 -41.77
C ALA T 235 40.99 -59.79 -42.07
N ARG T 236 40.85 -58.52 -41.67
CA ARG T 236 39.63 -57.74 -41.98
C ARG T 236 39.31 -57.62 -43.48
N TYR T 237 40.33 -57.83 -44.31
CA TYR T 237 40.16 -57.67 -45.77
C TYR T 237 40.10 -59.01 -46.51
N VAL T 238 39.88 -60.07 -45.77
CA VAL T 238 39.63 -61.40 -46.36
C VAL T 238 38.21 -61.87 -45.99
N GLY T 239 37.61 -62.49 -46.98
CA GLY T 239 36.27 -63.07 -46.85
C GLY T 239 36.13 -64.30 -47.74
N LEU T 240 35.88 -65.42 -47.11
CA LEU T 240 35.72 -66.71 -47.81
C LEU T 240 34.29 -67.22 -47.66
N ALA T 241 33.77 -67.77 -48.74
CA ALA T 241 32.42 -68.33 -48.80
C ALA T 241 32.45 -69.85 -48.69
N LEU T 242 31.33 -70.43 -48.31
CA LEU T 242 31.24 -71.90 -48.08
C LEU T 242 30.80 -72.64 -49.35
N PRO T 243 29.42 -73.17 -49.36
CA PRO T 243 29.15 -74.16 -50.35
C PRO T 243 28.99 -73.48 -51.70
N ARG T 244 29.28 -74.22 -52.76
CA ARG T 244 29.07 -73.73 -54.13
C ARG T 244 27.57 -73.69 -54.45
N PHE T 245 27.25 -73.55 -55.72
CA PHE T 245 25.86 -73.53 -56.20
C PHE T 245 25.81 -73.85 -57.68
N LEU T 246 24.71 -74.44 -58.11
CA LEU T 246 24.50 -74.83 -59.50
C LEU T 246 24.53 -73.64 -60.46
N LEU T 247 25.13 -73.88 -61.61
CA LEU T 247 25.17 -72.90 -62.71
C LEU T 247 24.26 -73.32 -63.87
N ARG T 248 24.19 -74.63 -64.07
CA ARG T 248 23.46 -75.20 -65.21
C ARG T 248 22.60 -76.38 -64.80
N LEU T 249 21.39 -76.37 -65.34
CA LEU T 249 20.48 -77.51 -65.25
C LEU T 249 20.90 -78.54 -66.30
N PRO T 250 21.04 -79.81 -65.89
CA PRO T 250 21.49 -80.92 -66.74
C PRO T 250 20.66 -80.97 -68.02
N TYR T 251 21.30 -81.33 -69.15
CA TYR T 251 20.65 -81.39 -70.46
C TYR T 251 19.51 -82.41 -70.52
N GLY T 252 18.39 -82.00 -71.11
CA GLY T 252 17.18 -82.83 -71.15
C GLY T 252 16.32 -82.39 -72.32
N GLU T 253 15.73 -83.38 -72.97
CA GLU T 253 14.84 -83.19 -74.13
C GLU T 253 13.73 -82.15 -73.89
N LYS T 254 13.31 -82.05 -72.63
CA LYS T 254 12.24 -81.11 -72.23
C LYS T 254 12.77 -79.85 -71.54
N THR T 255 13.50 -80.06 -70.45
CA THR T 255 13.98 -78.95 -69.61
C THR T 255 15.12 -78.11 -70.22
N VAL T 256 16.02 -78.80 -70.93
CA VAL T 256 17.19 -78.13 -71.58
C VAL T 256 17.65 -78.88 -72.83
N PRO T 257 16.87 -78.75 -73.87
CA PRO T 257 17.07 -79.44 -75.15
C PRO T 257 18.22 -78.83 -75.95
N VAL T 258 18.79 -79.67 -76.78
CA VAL T 258 19.85 -79.30 -77.75
C VAL T 258 19.33 -79.61 -79.17
N LYS T 259 20.01 -79.05 -80.16
CA LYS T 259 19.62 -79.24 -81.58
C LYS T 259 20.06 -80.60 -82.11
N ALA T 260 19.29 -81.12 -83.06
CA ALA T 260 19.58 -82.38 -83.78
C ALA T 260 19.68 -83.59 -82.83
N PHE T 261 20.87 -83.78 -82.27
CA PHE T 261 21.21 -84.86 -81.35
C PHE T 261 20.26 -84.86 -80.14
N ASN T 262 19.61 -86.00 -79.95
CA ASN T 262 18.70 -86.18 -78.81
C ASN T 262 19.49 -86.54 -77.55
N PHE T 263 20.11 -85.51 -76.99
CA PHE T 263 20.98 -85.67 -75.82
C PHE T 263 20.19 -85.51 -74.52
N THR T 264 20.36 -86.51 -73.67
CA THR T 264 19.84 -86.52 -72.29
C THR T 264 20.99 -86.74 -71.31
N GLU T 265 21.47 -85.66 -70.72
CA GLU T 265 22.61 -85.76 -69.79
C GLU T 265 22.25 -86.68 -68.61
N ASP T 266 23.20 -87.56 -68.30
CA ASP T 266 23.01 -88.53 -67.21
C ASP T 266 23.98 -88.24 -66.06
N VAL T 267 23.49 -87.52 -65.08
CA VAL T 267 24.22 -87.28 -63.81
C VAL T 267 24.22 -88.60 -63.00
N VAL T 268 25.41 -89.12 -62.77
CA VAL T 268 25.58 -90.35 -61.95
C VAL T 268 25.28 -90.07 -60.46
N GLY T 269 25.82 -91.01 -59.62
CA GLY T 269 25.82 -90.93 -58.16
C GLY T 269 26.67 -89.73 -57.67
N HIS T 270 27.74 -89.42 -58.41
CA HIS T 270 28.61 -88.28 -58.10
C HIS T 270 27.95 -86.97 -58.52
N HIS T 271 27.62 -86.17 -57.53
CA HIS T 271 27.07 -84.82 -57.76
C HIS T 271 28.08 -83.86 -58.38
N GLU T 272 29.35 -84.27 -58.41
CA GLU T 272 30.42 -83.49 -59.07
C GLU T 272 30.22 -83.39 -60.58
N ARG T 273 29.32 -84.26 -61.09
CA ARG T 273 28.84 -84.18 -62.49
C ARG T 273 28.07 -82.89 -62.76
N TYR T 274 27.40 -82.37 -61.74
CA TYR T 274 26.74 -81.05 -61.83
C TYR T 274 27.78 -79.93 -61.99
N LEU T 275 27.42 -78.98 -62.82
CA LEU T 275 28.25 -77.78 -63.04
C LEU T 275 28.13 -76.80 -61.87
N TRP T 276 28.89 -77.06 -60.82
CA TRP T 276 28.93 -76.18 -59.64
C TRP T 276 29.73 -74.90 -59.96
N GLY T 277 29.30 -73.82 -59.32
CA GLY T 277 29.88 -72.48 -59.51
C GLY T 277 30.38 -71.89 -58.21
N HIS T 278 31.35 -71.01 -58.34
CA HIS T 278 31.98 -70.34 -57.18
C HIS T 278 31.01 -69.31 -56.58
N ALA T 279 30.58 -69.56 -55.35
CA ALA T 279 29.65 -68.67 -54.62
C ALA T 279 30.12 -67.22 -54.48
N SER T 280 31.44 -67.01 -54.58
CA SER T 280 32.05 -65.67 -54.47
C SER T 280 31.43 -64.67 -55.46
N VAL T 281 31.03 -65.18 -56.62
CA VAL T 281 30.34 -64.39 -57.65
C VAL T 281 28.95 -63.90 -57.19
N ALA T 282 28.24 -64.79 -56.49
CA ALA T 282 26.91 -64.50 -55.96
C ALA T 282 27.00 -63.37 -54.93
N LEU T 283 28.03 -63.46 -54.08
CA LEU T 283 28.32 -62.42 -53.09
C LEU T 283 28.72 -61.10 -53.80
N THR T 284 29.43 -61.22 -54.90
CA THR T 284 29.86 -60.03 -55.70
C THR T 284 28.60 -59.37 -56.29
N SER T 285 27.59 -60.07 -56.67
CA SER T 285 26.36 -59.45 -57.21
C SER T 285 25.59 -58.67 -56.12
N ARG T 286 25.77 -59.15 -54.89
CA ARG T 286 25.17 -58.49 -53.70
C ARG T 286 25.76 -57.10 -53.50
N VAL T 287 27.08 -57.03 -53.64
CA VAL T 287 27.82 -55.76 -53.52
C VAL T 287 27.38 -54.76 -54.63
N ALA T 288 27.19 -55.33 -55.84
CA ALA T 288 26.83 -54.54 -57.02
C ALA T 288 25.44 -53.92 -56.89
N ASP T 289 24.48 -54.71 -56.39
CA ASP T 289 23.10 -54.24 -56.22
C ASP T 289 22.97 -53.11 -55.21
N SER T 290 23.64 -53.29 -54.08
CA SER T 290 23.66 -52.28 -53.01
C SER T 290 24.24 -50.94 -53.52
N PHE T 291 25.31 -51.05 -54.30
CA PHE T 291 25.97 -49.89 -54.91
C PHE T 291 25.09 -49.25 -56.00
N ALA T 292 24.47 -50.10 -56.82
CA ALA T 292 23.61 -49.63 -57.93
C ALA T 292 22.44 -48.78 -57.42
N LYS T 293 21.92 -49.17 -56.26
CA LYS T 293 20.79 -48.46 -55.63
C LYS T 293 21.20 -47.24 -54.81
N PHE T 294 22.31 -47.36 -54.08
CA PHE T 294 22.68 -46.36 -53.06
C PHE T 294 24.06 -45.73 -53.21
N ARG T 295 24.91 -46.35 -53.98
CA ARG T 295 26.34 -45.97 -54.14
C ARG T 295 27.15 -46.31 -52.88
N TRP T 296 26.58 -47.21 -52.08
CA TRP T 296 27.23 -47.76 -50.87
C TRP T 296 26.97 -49.27 -50.84
N SER T 297 27.88 -50.00 -50.22
CA SER T 297 27.74 -51.48 -50.12
C SER T 297 27.64 -52.02 -48.67
N PRO T 298 26.57 -51.67 -47.96
CA PRO T 298 26.28 -52.32 -46.67
C PRO T 298 25.07 -53.28 -46.72
N ASN T 299 24.23 -53.15 -47.74
CA ASN T 299 22.97 -53.93 -47.83
C ASN T 299 23.17 -55.25 -48.57
N ILE T 300 23.79 -56.18 -47.87
CA ILE T 300 24.21 -57.46 -48.48
C ILE T 300 24.05 -58.67 -47.54
N ILE T 301 23.27 -58.51 -46.48
CA ILE T 301 23.22 -59.54 -45.40
C ILE T 301 21.81 -59.90 -44.92
N GLY T 302 20.91 -60.14 -45.87
CA GLY T 302 19.52 -60.40 -45.46
C GLY T 302 18.60 -60.82 -46.60
N PRO T 303 17.63 -61.67 -46.24
CA PRO T 303 16.57 -62.12 -47.16
C PRO T 303 15.79 -60.94 -47.75
N GLN T 304 15.65 -59.89 -46.94
CA GLN T 304 14.93 -58.66 -47.34
C GLN T 304 15.86 -57.45 -47.53
N SER T 305 16.99 -57.47 -46.81
CA SER T 305 17.94 -56.34 -46.84
C SER T 305 18.66 -56.19 -48.19
N GLY T 306 18.91 -57.35 -48.83
CA GLY T 306 19.52 -57.39 -50.18
C GLY T 306 20.71 -58.35 -50.26
N GLY T 307 20.73 -59.32 -49.32
CA GLY T 307 21.68 -60.44 -49.36
C GLY T 307 21.02 -61.71 -49.88
N ALA T 308 19.83 -61.56 -50.45
CA ALA T 308 19.07 -62.66 -51.05
C ALA T 308 19.51 -62.88 -52.50
N VAL T 309 19.75 -64.14 -52.81
CA VAL T 309 20.12 -64.61 -54.16
C VAL T 309 18.88 -65.28 -54.75
N GLU T 310 18.32 -64.64 -55.75
CA GLU T 310 17.07 -65.10 -56.36
C GLU T 310 17.34 -65.76 -57.71
N ASN T 311 16.44 -66.69 -58.04
CA ASN T 311 16.42 -67.39 -59.35
C ASN T 311 17.57 -68.39 -59.50
N LEU T 312 17.57 -69.37 -58.60
CA LEU T 312 18.52 -70.48 -58.66
C LEU T 312 18.00 -71.61 -59.55
N PRO T 313 18.90 -72.29 -60.26
CA PRO T 313 18.57 -73.47 -61.08
C PRO T 313 17.96 -74.55 -60.19
N LEU T 314 16.98 -75.25 -60.76
CA LEU T 314 16.30 -76.36 -60.07
C LEU T 314 16.42 -77.61 -60.95
N HIS T 315 16.34 -78.80 -60.33
CA HIS T 315 16.42 -80.07 -61.05
C HIS T 315 15.63 -81.19 -60.35
N GLN T 316 14.39 -81.37 -60.74
CA GLN T 316 13.55 -82.46 -60.21
C GLN T 316 13.92 -83.78 -60.89
N TYR T 317 14.11 -84.80 -60.09
CA TYR T 317 14.48 -86.15 -60.54
C TYR T 317 13.90 -87.18 -59.57
N GLU T 318 13.82 -88.42 -60.03
CA GLU T 318 13.24 -89.50 -59.24
C GLU T 318 14.09 -89.78 -58.00
N ALA T 319 13.38 -90.00 -56.92
CA ALA T 319 14.01 -90.38 -55.65
C ALA T 319 13.76 -91.87 -55.39
N MET T 320 13.21 -92.23 -54.23
CA MET T 320 12.87 -93.62 -53.87
C MET T 320 11.43 -93.99 -54.32
N GLY T 321 11.11 -93.57 -55.54
CA GLY T 321 9.73 -93.73 -56.07
C GLY T 321 8.97 -92.40 -56.11
N GLU T 322 9.52 -91.40 -55.44
CA GLU T 322 8.98 -90.04 -55.36
C GLU T 322 9.83 -89.13 -56.25
N ILE T 323 9.61 -87.84 -56.11
CA ILE T 323 10.39 -86.82 -56.83
C ILE T 323 11.02 -85.85 -55.82
N GLN T 324 12.20 -85.40 -56.15
CA GLN T 324 12.93 -84.37 -55.38
C GLN T 324 13.80 -83.54 -56.32
N THR T 325 14.11 -82.34 -55.88
CA THR T 325 14.99 -81.44 -56.64
C THR T 325 16.36 -81.42 -56.01
N LYS T 326 17.37 -81.46 -56.87
CA LYS T 326 18.75 -81.24 -56.44
C LYS T 326 18.85 -79.83 -55.86
N ILE T 327 19.25 -79.76 -54.60
CA ILE T 327 19.41 -78.48 -53.90
C ILE T 327 20.45 -77.64 -54.66
N PRO T 328 20.09 -76.38 -54.94
CA PRO T 328 20.95 -75.41 -55.63
C PRO T 328 22.33 -75.27 -54.99
N THR T 329 22.37 -75.41 -53.67
CA THR T 329 23.63 -75.53 -52.93
C THR T 329 23.75 -77.00 -52.53
N GLU T 330 24.96 -77.49 -52.36
CA GLU T 330 25.24 -78.90 -52.05
C GLU T 330 24.35 -79.42 -50.92
N VAL T 331 24.17 -78.57 -49.91
CA VAL T 331 23.35 -78.91 -48.73
C VAL T 331 22.29 -77.85 -48.40
N MET T 332 21.37 -78.27 -47.55
CA MET T 332 20.35 -77.38 -46.96
C MET T 332 20.81 -77.04 -45.54
N LEU T 333 21.55 -75.95 -45.46
CA LEU T 333 22.12 -75.50 -44.21
C LEU T 333 21.03 -75.06 -43.20
N THR T 334 21.08 -75.66 -42.00
CA THR T 334 20.25 -75.30 -40.84
C THR T 334 20.74 -73.98 -40.20
N GLU T 335 19.86 -73.36 -39.42
CA GLU T 335 20.20 -72.10 -38.75
C GLU T 335 21.39 -72.27 -37.79
N ARG T 336 21.43 -73.42 -37.09
CA ARG T 336 22.49 -73.71 -36.13
C ARG T 336 23.84 -73.90 -36.84
N ARG T 337 23.79 -74.60 -37.96
CA ARG T 337 25.03 -74.85 -38.71
C ARG T 337 25.57 -73.59 -39.40
N GLU T 338 24.65 -72.73 -39.86
CA GLU T 338 25.00 -71.41 -40.43
C GLU T 338 25.70 -70.57 -39.39
N PHE T 339 25.12 -70.57 -38.19
CA PHE T 339 25.64 -69.78 -37.07
C PHE T 339 27.04 -70.24 -36.67
N GLU T 340 27.25 -71.56 -36.72
CA GLU T 340 28.55 -72.18 -36.43
C GLU T 340 29.62 -71.71 -37.43
N LEU T 341 29.24 -71.73 -38.70
CA LEU T 341 30.10 -71.23 -39.79
C LEU T 341 30.42 -69.75 -39.68
N SER T 342 29.42 -68.99 -39.22
CA SER T 342 29.58 -67.55 -38.99
C SER T 342 30.59 -67.27 -37.87
N GLU T 343 30.56 -68.12 -36.84
CA GLU T 343 31.50 -68.05 -35.71
C GLU T 343 32.94 -68.35 -36.14
N GLU T 344 33.06 -69.18 -37.18
CA GLU T 344 34.36 -69.55 -37.73
C GLU T 344 34.78 -68.69 -38.94
N GLY T 345 34.07 -67.55 -39.08
CA GLY T 345 34.41 -66.52 -40.08
C GLY T 345 34.22 -66.97 -41.53
N PHE T 346 33.21 -67.82 -41.76
CA PHE T 346 32.83 -68.21 -43.13
C PHE T 346 31.53 -67.51 -43.53
N ILE T 347 31.41 -67.28 -44.82
CA ILE T 347 30.22 -66.65 -45.42
C ILE T 347 29.42 -67.77 -46.12
N GLY T 348 28.47 -68.30 -45.36
CA GLY T 348 27.63 -69.43 -45.83
C GLY T 348 26.37 -68.92 -46.53
N LEU T 349 26.28 -69.26 -47.81
CA LEU T 349 25.07 -69.03 -48.61
C LEU T 349 24.06 -70.15 -48.31
N VAL T 350 23.09 -69.83 -47.48
CA VAL T 350 22.07 -70.83 -47.09
C VAL T 350 20.95 -70.89 -48.16
N PHE T 351 20.41 -72.08 -48.30
CA PHE T 351 19.30 -72.32 -49.23
C PHE T 351 17.97 -72.26 -48.50
N ARG T 352 17.03 -71.50 -49.07
CA ARG T 352 15.66 -71.40 -48.55
C ARG T 352 14.90 -72.66 -48.98
N LYS T 353 14.59 -73.49 -47.99
CA LYS T 353 13.98 -74.82 -48.23
C LYS T 353 12.74 -74.69 -49.12
N ASP T 354 12.70 -75.58 -50.12
CA ASP T 354 11.56 -75.72 -51.05
C ASP T 354 11.39 -74.53 -52.02
N SER T 355 12.44 -73.74 -52.22
CA SER T 355 12.37 -72.62 -53.17
C SER T 355 13.56 -72.64 -54.12
N ASP T 356 13.79 -71.55 -54.82
CA ASP T 356 14.98 -71.33 -55.66
C ASP T 356 15.74 -70.07 -55.19
N ASN T 357 15.60 -69.78 -53.90
CA ASN T 357 16.20 -68.60 -53.26
C ASN T 357 17.17 -69.02 -52.16
N ALA T 358 18.28 -68.33 -52.13
CA ALA T 358 19.30 -68.47 -51.07
C ALA T 358 19.60 -67.10 -50.47
N ALA T 359 20.17 -67.06 -49.28
CA ALA T 359 20.51 -65.79 -48.61
C ALA T 359 21.82 -65.84 -47.84
N PHE T 360 22.48 -64.70 -47.79
CA PHE T 360 23.67 -64.47 -46.95
C PHE T 360 23.22 -63.76 -45.66
N PHE T 361 23.06 -64.55 -44.60
CA PHE T 361 22.64 -64.01 -43.30
C PHE T 361 23.65 -63.03 -42.67
N SER T 362 24.92 -63.20 -42.99
CA SER T 362 25.98 -62.28 -42.53
C SER T 362 27.26 -62.43 -43.36
N ALA T 363 28.05 -61.38 -43.34
CA ALA T 363 29.34 -61.32 -44.08
C ALA T 363 30.50 -60.98 -43.13
N ASN T 364 30.70 -61.85 -42.15
CA ASN T 364 31.86 -61.71 -41.25
C ASN T 364 33.14 -61.97 -42.03
N SER T 365 34.17 -61.21 -41.72
CA SER T 365 35.49 -61.44 -42.36
C SER T 365 36.17 -62.63 -41.68
N THR T 366 37.37 -62.95 -42.14
CA THR T 366 38.16 -64.03 -41.51
C THR T 366 38.55 -63.66 -40.07
N GLN T 367 38.78 -62.38 -39.82
CA GLN T 367 39.28 -61.91 -38.51
C GLN T 367 38.38 -62.38 -37.35
N LYS T 368 39.06 -62.88 -36.34
CA LYS T 368 38.44 -63.34 -35.10
C LYS T 368 38.35 -62.16 -34.11
N PRO T 369 37.16 -61.90 -33.54
CA PRO T 369 36.95 -60.84 -32.55
C PRO T 369 37.82 -61.07 -31.31
N ARG T 370 38.27 -59.96 -30.73
CA ARG T 370 39.05 -59.97 -29.48
C ARG T 370 38.12 -59.77 -28.28
N PHE T 371 38.47 -60.42 -27.18
CA PHE T 371 37.71 -60.27 -25.92
C PHE T 371 38.45 -59.31 -25.00
N PHE T 372 37.68 -58.45 -24.35
CA PHE T 372 38.19 -57.45 -23.40
C PHE T 372 37.51 -57.62 -22.04
N GLY T 373 38.13 -57.00 -21.02
CA GLY T 373 37.60 -57.02 -19.64
C GLY T 373 36.16 -56.50 -19.63
N ASN T 374 35.33 -57.14 -18.82
CA ASN T 374 33.90 -56.79 -18.72
C ASN T 374 33.66 -55.52 -17.89
N THR T 375 34.10 -54.42 -18.45
CA THR T 375 33.93 -53.10 -17.85
C THR T 375 33.30 -52.16 -18.88
N PRO T 376 32.90 -50.95 -18.51
CA PRO T 376 32.29 -49.98 -19.46
C PRO T 376 33.21 -49.70 -20.66
N GLU T 377 34.49 -49.49 -20.35
CA GLU T 377 35.52 -49.24 -21.37
C GLU T 377 35.86 -50.49 -22.17
N GLY T 378 35.91 -51.63 -21.46
CA GLY T 378 36.26 -52.94 -22.06
C GLY T 378 35.22 -53.41 -23.08
N LYS T 379 33.96 -53.18 -22.76
CA LYS T 379 32.83 -53.56 -23.63
C LYS T 379 32.72 -52.63 -24.84
N ALA T 380 33.10 -51.37 -24.63
CA ALA T 380 33.18 -50.38 -25.72
C ALA T 380 34.29 -50.77 -26.73
N ALA T 381 35.38 -51.31 -26.19
CA ALA T 381 36.51 -51.81 -26.99
C ALA T 381 36.10 -53.00 -27.87
N GLU T 382 35.31 -53.88 -27.26
CA GLU T 382 34.76 -55.05 -27.94
C GLU T 382 33.79 -54.65 -29.06
N THR T 383 32.91 -53.69 -28.77
CA THR T 383 31.95 -53.14 -29.75
C THR T 383 32.69 -52.60 -30.98
N ASN T 384 33.72 -51.79 -30.71
CA ASN T 384 34.50 -51.15 -31.77
C ASN T 384 35.27 -52.16 -32.63
N TYR T 385 35.82 -53.17 -31.96
CA TYR T 385 36.63 -54.19 -32.64
C TYR T 385 35.76 -55.10 -33.52
N ARG T 386 34.57 -55.42 -33.02
CA ARG T 386 33.60 -56.27 -33.73
C ARG T 386 33.06 -55.59 -35.01
N LEU T 387 32.88 -54.27 -34.94
CA LEU T 387 32.48 -53.51 -36.12
C LEU T 387 33.50 -53.63 -37.26
N GLY T 388 34.78 -53.64 -36.82
CA GLY T 388 35.93 -53.81 -37.73
C GLY T 388 35.95 -55.19 -38.40
N THR T 389 35.49 -56.20 -37.67
CA THR T 389 35.52 -57.61 -38.13
C THR T 389 34.46 -57.94 -39.19
N GLN T 390 33.48 -57.06 -39.36
CA GLN T 390 32.38 -57.31 -40.29
C GLN T 390 32.47 -56.46 -41.54
N LEU T 391 32.37 -57.14 -42.67
CA LEU T 391 32.43 -56.54 -44.01
C LEU T 391 31.36 -55.46 -44.30
N PRO T 392 30.10 -55.63 -43.85
CA PRO T 392 29.04 -54.62 -44.04
C PRO T 392 29.42 -53.22 -43.55
N TYR T 393 30.35 -53.15 -42.60
CA TYR T 393 30.82 -51.87 -42.03
C TYR T 393 32.15 -51.42 -42.62
N MET T 394 33.01 -52.40 -42.92
CA MET T 394 34.31 -52.14 -43.58
C MET T 394 34.12 -51.56 -44.98
N PHE T 395 33.04 -51.88 -45.63
CA PHE T 395 32.75 -51.34 -46.97
C PHE T 395 32.50 -49.83 -46.92
N ILE T 396 31.94 -49.40 -45.80
CA ILE T 396 31.70 -47.97 -45.53
C ILE T 396 33.06 -47.25 -45.41
N MET T 397 33.93 -47.81 -44.58
CA MET T 397 35.25 -47.19 -44.38
C MET T 397 36.10 -47.20 -45.66
N THR T 398 35.93 -48.25 -46.47
CA THR T 398 36.66 -48.41 -47.73
C THR T 398 36.31 -47.28 -48.70
N ARG T 399 35.01 -47.01 -48.82
CA ARG T 399 34.53 -45.95 -49.72
C ARG T 399 34.93 -44.56 -49.21
N LEU T 400 34.93 -44.41 -47.89
CA LEU T 400 35.38 -43.17 -47.24
C LEU T 400 36.86 -42.90 -47.51
N ALA T 401 37.65 -43.98 -47.44
CA ALA T 401 39.08 -43.94 -47.73
C ALA T 401 39.35 -43.54 -49.19
N HIS T 402 38.51 -44.05 -50.08
CA HIS T 402 38.64 -43.73 -51.51
C HIS T 402 38.28 -42.29 -51.84
N TYR T 403 37.25 -41.78 -51.16
CA TYR T 403 36.80 -40.39 -51.35
C TYR T 403 37.81 -39.38 -50.81
N ILE T 404 38.41 -39.72 -49.67
CA ILE T 404 39.40 -38.85 -48.99
C ILE T 404 40.67 -38.72 -49.85
N LYS T 405 41.13 -39.86 -50.38
CA LYS T 405 42.35 -39.91 -51.20
C LYS T 405 42.21 -39.01 -52.44
N VAL T 406 41.09 -39.19 -53.14
CA VAL T 406 40.80 -38.43 -54.36
C VAL T 406 40.62 -36.94 -54.07
N LEU T 407 39.59 -36.64 -53.26
CA LEU T 407 39.19 -35.25 -52.98
C LEU T 407 40.28 -34.41 -52.32
N GLN T 408 41.11 -35.05 -51.51
CA GLN T 408 42.21 -34.37 -50.81
C GLN T 408 43.36 -33.98 -51.72
N ARG T 409 43.63 -34.80 -52.73
CA ARG T 409 44.68 -34.49 -53.72
C ARG T 409 44.37 -33.21 -54.52
N GLU T 410 43.07 -33.00 -54.73
CA GLU T 410 42.57 -31.77 -55.38
C GLU T 410 42.83 -30.51 -54.56
N GLN T 411 42.90 -30.69 -53.24
CA GLN T 411 43.08 -29.59 -52.29
C GLN T 411 44.55 -29.24 -52.02
N ILE T 412 45.47 -30.13 -52.37
CA ILE T 412 46.91 -29.89 -52.17
C ILE T 412 47.31 -28.57 -52.88
N GLY T 413 48.00 -27.72 -52.10
CA GLY T 413 48.48 -26.43 -52.62
C GLY T 413 47.61 -25.25 -52.15
N SER T 414 46.40 -25.55 -51.68
CA SER T 414 45.47 -24.54 -51.17
C SER T 414 45.94 -23.99 -49.81
N TRP T 415 45.53 -22.75 -49.53
CA TRP T 415 45.87 -22.07 -48.25
C TRP T 415 45.02 -22.65 -47.11
N LYS T 416 45.50 -23.73 -46.53
CA LYS T 416 44.77 -24.39 -45.42
C LYS T 416 45.57 -24.35 -44.13
N GLU T 417 44.98 -23.71 -43.13
CA GLU T 417 45.45 -23.74 -41.74
C GLU T 417 44.78 -24.91 -41.03
N LYS T 418 45.23 -25.27 -39.85
CA LYS T 418 44.71 -26.44 -39.10
C LYS T 418 43.17 -26.47 -38.99
N SER T 419 42.61 -25.36 -38.49
CA SER T 419 41.16 -25.21 -38.29
C SER T 419 40.39 -25.15 -39.61
N ASP T 420 41.07 -24.80 -40.70
CA ASP T 420 40.47 -24.82 -42.04
C ASP T 420 40.08 -26.24 -42.48
N LEU T 421 40.96 -27.18 -42.14
CA LEU T 421 40.72 -28.61 -42.41
C LEU T 421 39.57 -29.18 -41.56
N GLU T 422 39.52 -28.76 -40.30
CA GLU T 422 38.44 -29.21 -39.41
C GLU T 422 37.08 -28.70 -39.88
N ARG T 423 37.05 -27.45 -40.34
CA ARG T 423 35.81 -26.84 -40.83
C ARG T 423 35.31 -27.54 -42.11
N GLU T 424 36.21 -27.69 -43.07
CA GLU T 424 35.85 -28.27 -44.37
C GLU T 424 35.57 -29.77 -44.29
N LEU T 425 36.42 -30.49 -43.57
CA LEU T 425 36.24 -31.94 -43.35
C LEU T 425 34.93 -32.27 -42.63
N ASN T 426 34.54 -31.40 -41.70
CA ASN T 426 33.26 -31.55 -41.00
C ASN T 426 32.06 -31.36 -41.92
N HIS T 427 32.13 -30.31 -42.74
CA HIS T 427 31.08 -30.01 -43.71
C HIS T 427 30.96 -31.13 -44.77
N TRP T 428 32.08 -31.74 -45.09
CA TRP T 428 32.13 -32.83 -46.07
C TRP T 428 31.48 -34.11 -45.53
N LEU T 429 31.89 -34.52 -44.34
CA LEU T 429 31.44 -35.80 -43.80
C LEU T 429 29.92 -35.79 -43.55
N SER T 430 29.41 -34.63 -43.16
CA SER T 430 27.97 -34.44 -42.95
C SER T 430 27.11 -34.89 -44.14
N GLN T 431 27.73 -34.88 -45.32
CA GLN T 431 27.09 -35.32 -46.56
C GLN T 431 26.51 -36.75 -46.48
N TYR T 432 27.17 -37.61 -45.70
CA TYR T 432 26.75 -39.02 -45.57
C TYR T 432 26.20 -39.37 -44.18
N ILE T 433 25.72 -38.36 -43.47
CA ILE T 433 25.19 -38.56 -42.12
C ILE T 433 23.66 -38.39 -42.12
N SER T 434 23.02 -39.32 -41.45
CA SER T 434 21.56 -39.27 -41.21
C SER T 434 21.32 -39.37 -39.70
N ASP T 435 21.32 -38.24 -39.07
CA ASP T 435 21.24 -38.11 -37.59
C ASP T 435 19.84 -37.69 -37.13
N MET T 436 18.84 -38.22 -37.81
CA MET T 436 17.45 -37.90 -37.44
C MET T 436 16.94 -38.90 -36.39
N ASP T 437 15.86 -38.52 -35.75
CA ASP T 437 15.22 -39.36 -34.70
C ASP T 437 14.91 -40.78 -35.18
N ASP T 438 14.45 -40.88 -36.44
CA ASP T 438 14.04 -42.13 -37.07
C ASP T 438 13.96 -41.95 -38.60
N PRO T 439 15.07 -42.10 -39.26
CA PRO T 439 15.18 -42.09 -40.73
C PRO T 439 14.44 -43.28 -41.27
N ALA T 440 13.86 -43.07 -42.47
CA ALA T 440 13.14 -44.16 -43.10
C ALA T 440 14.05 -45.41 -43.21
N PRO T 441 13.53 -46.56 -42.79
CA PRO T 441 14.30 -47.81 -42.73
C PRO T 441 14.80 -48.16 -44.12
N ALA T 442 16.06 -48.55 -44.20
CA ALA T 442 16.75 -48.84 -45.48
C ALA T 442 16.87 -47.57 -46.35
N VAL T 443 16.95 -46.41 -45.69
CA VAL T 443 17.11 -45.10 -46.35
C VAL T 443 18.36 -44.41 -45.80
N ARG T 444 18.50 -44.56 -44.47
CA ARG T 444 19.76 -44.90 -43.79
C ARG T 444 20.80 -45.59 -44.70
N SER T 445 20.28 -46.32 -45.69
CA SER T 445 21.11 -46.98 -46.70
C SER T 445 22.00 -46.02 -47.51
N ARG T 446 21.42 -44.97 -48.11
CA ARG T 446 22.21 -43.98 -48.85
C ARG T 446 23.11 -43.11 -47.93
N ARG T 447 22.67 -42.96 -46.67
CA ARG T 447 23.45 -42.26 -45.64
C ARG T 447 23.77 -43.22 -44.48
N PRO T 448 24.83 -44.00 -44.66
CA PRO T 448 25.21 -45.11 -43.75
C PRO T 448 25.60 -44.66 -42.34
N LEU T 449 26.08 -43.44 -42.21
CA LEU T 449 26.59 -42.93 -40.93
C LEU T 449 25.50 -42.21 -40.12
N ARG T 450 25.63 -42.35 -38.82
CA ARG T 450 24.74 -41.69 -37.85
C ARG T 450 25.44 -40.50 -37.19
N ALA T 451 26.69 -40.72 -36.80
CA ALA T 451 27.53 -39.68 -36.21
C ALA T 451 28.97 -39.81 -36.72
N ALA T 452 29.70 -38.73 -36.60
CA ALA T 452 31.12 -38.71 -36.92
C ALA T 452 31.86 -37.53 -36.31
N ARG T 453 33.10 -37.81 -35.99
CA ARG T 453 33.97 -36.84 -35.32
C ARG T 453 35.31 -36.72 -36.05
N VAL T 454 35.74 -35.48 -36.21
CA VAL T 454 37.03 -35.16 -36.86
C VAL T 454 37.85 -34.24 -35.95
N VAL T 455 39.09 -34.62 -35.76
CA VAL T 455 40.11 -33.78 -35.11
C VAL T 455 41.33 -33.64 -36.02
N VAL T 456 41.88 -32.45 -36.07
CA VAL T 456 43.08 -32.18 -36.88
C VAL T 456 44.14 -31.53 -36.00
N GLU T 457 45.33 -32.08 -36.06
CA GLU T 457 46.48 -31.51 -35.36
C GLU T 457 47.59 -31.21 -36.39
N ASP T 458 48.65 -30.59 -35.91
CA ASP T 458 49.77 -30.20 -36.77
C ASP T 458 50.94 -31.17 -36.59
N VAL T 459 51.56 -31.52 -37.70
CA VAL T 459 52.83 -32.27 -37.68
C VAL T 459 53.94 -31.28 -37.31
N GLU T 460 54.30 -31.29 -36.03
CA GLU T 460 55.28 -30.33 -35.50
C GLU T 460 56.63 -30.47 -36.23
N GLY T 461 57.16 -29.29 -36.59
CA GLY T 461 58.42 -29.18 -37.34
C GLY T 461 58.26 -29.57 -38.82
N GLN T 462 57.03 -29.54 -39.31
CA GLN T 462 56.70 -29.77 -40.72
C GLN T 462 55.46 -28.95 -41.11
N PRO T 463 55.68 -27.68 -41.43
CA PRO T 463 54.61 -26.72 -41.76
C PRO T 463 53.91 -27.12 -43.06
N GLY T 464 52.58 -27.16 -43.00
CA GLY T 464 51.77 -27.54 -44.17
C GLY T 464 51.22 -28.97 -44.06
N TRP T 465 51.78 -29.75 -43.14
CA TRP T 465 51.36 -31.14 -42.90
C TRP T 465 50.54 -31.25 -41.63
N TYR T 466 49.53 -32.10 -41.71
CA TYR T 466 48.55 -32.28 -40.63
C TYR T 466 48.31 -33.75 -40.32
N ARG T 467 47.85 -33.98 -39.09
CA ARG T 467 47.46 -35.31 -38.62
C ARG T 467 45.96 -35.31 -38.31
N CYS T 468 45.22 -36.07 -39.09
CA CYS T 468 43.76 -36.07 -39.01
C CYS T 468 43.23 -37.41 -38.47
N SER T 469 42.27 -37.29 -37.57
CA SER T 469 41.55 -38.46 -37.01
C SER T 469 40.06 -38.38 -37.33
N LEU T 470 39.61 -39.43 -37.97
CA LEU T 470 38.22 -39.59 -38.38
C LEU T 470 37.59 -40.85 -37.75
N GLN T 471 36.60 -40.62 -36.89
CA GLN T 471 35.86 -41.70 -36.22
C GLN T 471 34.38 -41.58 -36.55
N VAL T 472 33.76 -42.70 -36.89
CA VAL T 472 32.36 -42.74 -37.34
C VAL T 472 31.53 -43.79 -36.60
N ARG T 473 30.26 -43.49 -36.46
CA ARG T 473 29.27 -44.37 -35.82
C ARG T 473 28.21 -44.71 -36.88
N PRO T 474 28.34 -45.85 -37.54
CA PRO T 474 27.41 -46.32 -38.58
C PRO T 474 26.09 -46.79 -37.94
N HIS T 475 25.02 -46.77 -38.72
CA HIS T 475 23.75 -47.39 -38.29
C HIS T 475 23.96 -48.90 -38.15
N PHE T 476 23.28 -49.50 -37.18
CA PHE T 476 23.47 -50.93 -36.88
C PHE T 476 22.53 -51.84 -37.64
N LYS T 477 23.10 -52.92 -38.12
CA LYS T 477 22.35 -54.02 -38.74
C LYS T 477 21.76 -54.93 -37.66
N TYR T 478 20.53 -55.35 -37.89
CA TYR T 478 19.84 -56.32 -37.03
C TYR T 478 20.38 -57.73 -37.33
N MET T 479 21.10 -58.30 -36.37
CA MET T 479 21.85 -59.55 -36.62
C MET T 479 21.63 -60.64 -35.56
N GLY T 480 20.46 -60.62 -34.91
CA GLY T 480 20.13 -61.63 -33.89
C GLY T 480 19.56 -61.00 -32.62
N ALA T 481 18.87 -61.84 -31.87
CA ALA T 481 18.13 -61.44 -30.65
C ALA T 481 17.64 -62.67 -29.88
N SER T 482 17.53 -62.51 -28.58
CA SER T 482 16.99 -63.54 -27.68
C SER T 482 15.64 -63.07 -27.14
N PHE T 483 14.70 -64.00 -27.11
CA PHE T 483 13.33 -63.73 -26.66
C PHE T 483 12.98 -64.55 -25.42
N THR T 484 12.34 -63.87 -24.48
CA THR T 484 11.80 -64.49 -23.25
C THR T 484 10.28 -64.35 -23.22
N LEU T 485 9.61 -65.47 -23.42
CA LEU T 485 8.13 -65.49 -23.40
C LEU T 485 7.63 -65.80 -22.00
N SER T 486 6.51 -65.19 -21.64
CA SER T 486 5.93 -65.38 -20.31
C SER T 486 4.45 -65.02 -20.27
N LEU T 487 3.68 -66.00 -19.81
CA LEU T 487 2.27 -65.79 -19.44
C LEU T 487 2.23 -65.03 -18.11
N VAL T 488 1.24 -64.18 -17.95
CA VAL T 488 1.14 -63.31 -16.77
C VAL T 488 -0.32 -62.87 -16.55
N GLY T 489 -0.69 -62.85 -15.28
CA GLY T 489 -1.97 -62.29 -14.84
C GLY T 489 -1.69 -60.91 -14.24
N LYS T 490 -2.65 -60.04 -14.27
CA LYS T 490 -2.61 -58.65 -13.72
C LYS T 490 -1.52 -57.78 -14.39
N LEU T 491 -1.18 -58.12 -15.63
CA LEU T 491 -0.24 -57.31 -16.42
C LEU T 491 -0.89 -55.95 -16.66
N ASP T 492 -0.08 -54.90 -16.61
CA ASP T 492 -0.57 -53.55 -16.97
C ASP T 492 -1.06 -53.59 -18.42
N LYS T 493 -2.26 -53.08 -18.63
CA LYS T 493 -2.94 -53.16 -19.94
C LYS T 493 -2.20 -52.40 -21.06
N LEU U 30 3.15 -78.13 4.94
CA LEU U 30 3.47 -79.18 5.90
C LEU U 30 2.20 -79.79 6.49
N PRO U 31 2.03 -81.11 6.29
CA PRO U 31 0.91 -81.87 6.87
C PRO U 31 0.96 -81.76 8.40
N LEU U 32 -0.18 -82.06 9.01
CA LEU U 32 -0.27 -82.19 10.47
C LEU U 32 -0.30 -83.68 10.82
N LYS U 33 0.86 -84.18 11.21
CA LYS U 33 0.98 -85.61 11.54
C LYS U 33 1.07 -85.77 13.05
N VAL U 34 0.22 -86.67 13.54
CA VAL U 34 0.16 -87.05 14.96
C VAL U 34 0.68 -88.48 15.10
N LEU U 35 1.26 -88.74 16.26
CA LEU U 35 1.76 -90.06 16.63
C LEU U 35 1.01 -90.57 17.85
N MET U 36 0.21 -91.60 17.62
CA MET U 36 -0.55 -92.26 18.69
C MET U 36 0.25 -93.45 19.24
N LEU U 37 0.71 -93.27 20.46
CA LEU U 37 1.54 -94.30 21.12
C LEU U 37 0.70 -94.88 22.27
N GLY U 38 0.67 -96.21 22.32
CA GLY U 38 -0.16 -96.93 23.30
C GLY U 38 -0.06 -98.44 23.13
N ASP U 39 -0.64 -99.12 24.11
CA ASP U 39 -0.64 -100.59 24.16
C ASP U 39 -1.84 -101.16 23.38
N PHE U 40 -1.64 -101.26 22.06
CA PHE U 40 -2.66 -101.76 21.14
C PHE U 40 -2.80 -103.28 21.08
N THR U 41 -1.87 -103.98 21.70
CA THR U 41 -1.86 -105.46 21.73
C THR U 41 -2.00 -105.95 23.17
N GLY U 42 -2.32 -107.24 23.29
CA GLY U 42 -2.49 -107.93 24.59
C GLY U 42 -1.15 -108.24 25.29
N GLN U 43 -0.04 -107.96 24.62
CA GLN U 43 1.31 -108.30 25.13
C GLN U 43 2.37 -107.33 24.58
N GLU U 44 3.45 -107.20 25.35
CA GLU U 44 4.66 -106.48 24.91
C GLU U 44 5.36 -107.26 23.78
N ASP U 45 6.04 -106.51 22.92
CA ASP U 45 6.83 -107.11 21.83
C ASP U 45 8.29 -107.29 22.28
N ALA U 46 8.89 -108.38 21.80
CA ALA U 46 10.32 -108.68 21.95
C ALA U 46 11.21 -107.68 21.18
N ARG U 47 10.70 -107.21 20.05
CA ARG U 47 11.41 -106.25 19.19
C ARG U 47 11.68 -104.93 19.95
N PRO U 48 12.91 -104.44 19.89
CA PRO U 48 13.31 -103.15 20.49
C PRO U 48 12.44 -102.03 19.93
N LEU U 49 12.24 -101.00 20.75
CA LEU U 49 11.42 -99.82 20.38
C LEU U 49 11.91 -99.15 19.09
N GLU U 50 13.23 -99.02 18.99
CA GLU U 50 13.87 -98.42 17.80
C GLU U 50 13.69 -99.25 16.52
N GLN U 51 13.42 -100.54 16.70
CA GLN U 51 13.30 -101.49 15.59
C GLN U 51 11.85 -101.62 15.10
N ARG U 52 10.91 -101.75 16.04
CA ARG U 52 9.48 -101.80 15.67
C ARG U 52 9.11 -100.53 14.92
N ALA U 53 8.26 -100.71 13.93
CA ALA U 53 7.92 -99.62 13.01
C ALA U 53 6.52 -99.05 13.27
N PRO U 54 6.34 -97.75 12.96
CA PRO U 54 5.03 -97.08 12.99
C PRO U 54 4.17 -97.52 11.80
N ILE U 55 2.86 -97.44 12.00
CA ILE U 55 1.86 -97.81 10.97
C ILE U 55 1.01 -96.57 10.61
N ASN U 56 0.96 -96.26 9.33
CA ASN U 56 0.11 -95.16 8.84
C ASN U 56 -1.34 -95.65 8.74
N VAL U 57 -2.23 -94.90 9.40
CA VAL U 57 -3.66 -95.24 9.45
C VAL U 57 -4.49 -94.10 8.84
N ASP U 58 -5.54 -94.51 8.13
CA ASP U 58 -6.55 -93.60 7.59
C ASP U 58 -7.91 -94.33 7.46
N LYS U 59 -8.93 -93.56 7.09
CA LYS U 59 -10.31 -94.08 6.93
C LYS U 59 -10.46 -95.25 5.95
N ALA U 60 -9.57 -95.31 4.95
CA ALA U 60 -9.67 -96.29 3.86
C ALA U 60 -8.84 -97.57 4.09
N ASN U 61 -8.33 -97.76 5.30
CA ASN U 61 -7.51 -98.94 5.64
C ASN U 61 -7.47 -99.25 7.14
N PHE U 62 -8.33 -98.60 7.92
CA PHE U 62 -8.36 -98.78 9.38
C PHE U 62 -8.51 -100.26 9.76
N ASN U 63 -9.52 -100.89 9.17
CA ASN U 63 -9.79 -102.32 9.40
C ASN U 63 -8.64 -103.23 8.96
N GLU U 64 -8.01 -102.84 7.85
CA GLU U 64 -6.90 -103.59 7.23
C GLU U 64 -5.72 -103.58 8.21
N VAL U 65 -5.55 -102.45 8.87
CA VAL U 65 -4.51 -102.26 9.90
C VAL U 65 -4.74 -103.21 11.09
N MET U 66 -5.98 -103.32 11.53
CA MET U 66 -6.31 -104.22 12.66
C MET U 66 -6.04 -105.69 12.30
N ALA U 67 -6.45 -106.05 11.09
CA ALA U 67 -6.27 -107.41 10.55
C ALA U 67 -4.77 -107.78 10.48
N GLN U 68 -3.97 -106.84 9.99
CA GLN U 68 -2.51 -107.02 9.87
C GLN U 68 -1.79 -107.00 11.23
N GLN U 69 -2.33 -106.21 12.16
CA GLN U 69 -1.75 -106.08 13.51
C GLN U 69 -1.90 -107.40 14.29
N ASN U 70 -3.00 -108.12 14.02
CA ASN U 70 -3.29 -109.41 14.64
C ASN U 70 -3.43 -109.25 16.16
N LEU U 71 -4.69 -109.21 16.58
CA LEU U 71 -5.01 -109.04 18.01
C LEU U 71 -5.43 -110.38 18.61
N LYS U 72 -5.02 -110.57 19.86
CA LYS U 72 -5.34 -111.80 20.60
C LYS U 72 -5.37 -111.53 22.11
N VAL U 73 -6.37 -112.12 22.75
CA VAL U 73 -6.54 -112.06 24.21
C VAL U 73 -6.68 -113.47 24.82
N THR U 74 -5.71 -113.77 25.65
CA THR U 74 -5.73 -115.00 26.47
C THR U 74 -5.97 -114.54 27.90
N LEU U 75 -7.18 -114.82 28.37
CA LEU U 75 -7.62 -114.35 29.69
C LEU U 75 -8.63 -115.33 30.30
N THR U 76 -8.67 -115.29 31.62
CA THR U 76 -9.59 -116.10 32.41
C THR U 76 -10.62 -115.23 33.13
N ALA U 77 -11.88 -115.64 33.01
CA ALA U 77 -13.02 -115.00 33.68
C ALA U 77 -13.73 -116.03 34.56
N ALA U 78 -14.46 -115.53 35.55
CA ALA U 78 -15.31 -116.39 36.41
C ALA U 78 -16.33 -117.14 35.55
N ASP U 79 -16.37 -118.45 35.74
CA ASP U 79 -17.32 -119.32 35.03
C ASP U 79 -18.67 -119.24 35.74
N LYS U 80 -19.58 -118.50 35.14
CA LYS U 80 -20.93 -118.32 35.72
C LYS U 80 -21.99 -119.17 35.00
N LEU U 81 -21.51 -120.20 34.29
CA LEU U 81 -22.39 -121.19 33.64
C LEU U 81 -22.79 -122.33 34.59
N SER U 82 -22.17 -122.31 35.77
CA SER U 82 -22.44 -123.26 36.86
C SER U 82 -22.62 -122.50 38.18
N ALA U 83 -22.61 -123.25 39.29
CA ALA U 83 -22.74 -122.73 40.66
C ALA U 83 -21.52 -123.08 41.52
N ASP U 84 -20.34 -122.98 40.91
CA ASP U 84 -19.07 -123.28 41.61
C ASP U 84 -18.15 -122.05 41.59
N PRO U 85 -17.77 -121.54 42.77
CA PRO U 85 -16.81 -120.43 42.91
C PRO U 85 -15.39 -120.75 42.40
N ASN U 86 -15.03 -122.03 42.41
CA ASN U 86 -13.74 -122.53 41.90
C ASN U 86 -13.70 -122.73 40.37
N ALA U 87 -14.88 -122.67 39.75
CA ALA U 87 -15.02 -122.79 38.28
C ALA U 87 -14.57 -121.51 37.60
N THR U 88 -13.59 -121.69 36.72
CA THR U 88 -13.03 -120.59 35.93
C THR U 88 -13.04 -120.94 34.44
N MET U 89 -13.19 -119.91 33.60
CA MET U 89 -13.19 -120.09 32.14
C MET U 89 -12.08 -119.29 31.49
N ASN U 90 -11.24 -120.01 30.76
CA ASN U 90 -10.16 -119.38 29.98
C ASN U 90 -10.54 -119.36 28.50
N VAL U 91 -10.42 -118.16 27.93
CA VAL U 91 -10.79 -117.90 26.53
C VAL U 91 -9.57 -117.37 25.75
N SER U 92 -9.59 -117.63 24.44
CA SER U 92 -8.55 -117.14 23.52
C SER U 92 -9.21 -116.40 22.35
N LEU U 93 -9.53 -115.13 22.58
CA LEU U 93 -10.19 -114.32 21.54
C LEU U 93 -9.19 -113.73 20.55
N GLN U 94 -9.65 -113.62 19.32
CA GLN U 94 -8.87 -113.08 18.20
C GLN U 94 -9.71 -112.03 17.47
N PHE U 95 -9.05 -110.95 17.10
CA PHE U 95 -9.74 -109.83 16.44
C PHE U 95 -9.02 -109.47 15.14
N LYS U 96 -9.85 -109.18 14.13
CA LYS U 96 -9.40 -108.73 12.80
C LYS U 96 -9.93 -107.31 12.52
N ASN U 97 -11.12 -107.03 13.04
CA ASN U 97 -11.77 -105.72 12.95
C ASN U 97 -12.56 -105.44 14.23
N LEU U 98 -13.08 -104.22 14.32
CA LEU U 98 -13.90 -103.78 15.47
C LEU U 98 -15.19 -104.58 15.67
N ASN U 99 -15.71 -105.11 14.57
CA ASN U 99 -16.91 -105.97 14.60
C ASN U 99 -16.67 -107.22 15.44
N ASP U 100 -15.41 -107.63 15.56
CA ASP U 100 -15.01 -108.80 16.35
C ASP U 100 -15.04 -108.59 17.87
N PHE U 101 -15.39 -107.39 18.30
CA PHE U 101 -15.59 -107.10 19.74
C PHE U 101 -17.06 -107.19 20.15
N SER U 102 -17.93 -107.41 19.17
CA SER U 102 -19.37 -107.58 19.43
C SER U 102 -19.62 -108.92 20.14
N PRO U 103 -20.63 -108.97 21.02
CA PRO U 103 -21.00 -110.19 21.75
C PRO U 103 -21.23 -111.40 20.83
N GLU U 104 -21.69 -111.12 19.60
CA GLU U 104 -21.90 -112.14 18.56
C GLU U 104 -20.59 -112.87 18.17
N SER U 105 -19.49 -112.13 18.09
CA SER U 105 -18.18 -112.71 17.77
C SER U 105 -17.55 -113.36 19.00
N VAL U 106 -17.80 -112.78 20.18
CA VAL U 106 -17.31 -113.32 21.46
C VAL U 106 -17.86 -114.73 21.69
N VAL U 107 -19.17 -114.88 21.45
CA VAL U 107 -19.84 -116.20 21.56
C VAL U 107 -19.26 -117.22 20.58
N ASN U 108 -19.02 -116.76 19.35
CA ASN U 108 -18.53 -117.62 18.26
C ASN U 108 -17.11 -118.16 18.55
N GLN U 109 -16.35 -117.41 19.34
CA GLN U 109 -14.98 -117.80 19.69
C GLN U 109 -14.86 -118.45 21.07
N VAL U 110 -16.02 -118.64 21.72
CA VAL U 110 -16.09 -119.27 23.05
C VAL U 110 -17.05 -120.47 22.94
N PRO U 111 -16.50 -121.68 22.75
CA PRO U 111 -17.27 -122.94 22.60
C PRO U 111 -18.31 -123.16 23.71
N GLU U 112 -17.95 -122.76 24.92
CA GLU U 112 -18.81 -122.86 26.12
C GLU U 112 -20.08 -122.00 26.02
N LEU U 113 -20.02 -120.99 25.16
CA LEU U 113 -21.16 -120.13 24.84
C LEU U 113 -21.75 -120.43 23.46
N LYS U 114 -20.87 -120.77 22.51
CA LYS U 114 -21.26 -121.10 21.13
C LYS U 114 -22.24 -122.28 21.09
N LYS U 115 -21.96 -123.30 21.88
CA LYS U 115 -22.84 -124.48 22.01
C LYS U 115 -24.20 -124.12 22.63
N LEU U 116 -24.18 -123.16 23.55
CA LEU U 116 -25.41 -122.64 24.17
C LEU U 116 -26.27 -121.82 23.20
N LEU U 117 -25.59 -121.15 22.28
CA LEU U 117 -26.27 -120.39 21.21
C LEU U 117 -26.87 -121.35 20.19
N GLU U 118 -26.14 -122.44 19.90
CA GLU U 118 -26.62 -123.51 19.02
C GLU U 118 -27.85 -124.21 19.63
N LEU U 119 -27.78 -124.39 20.96
CA LEU U 119 -28.90 -124.91 21.76
C LEU U 119 -30.11 -123.98 21.68
N ARG U 120 -29.85 -122.68 21.83
CA ARG U 120 -30.88 -121.64 21.75
C ARG U 120 -31.63 -121.79 20.43
N SER U 121 -30.88 -121.85 19.33
CA SER U 121 -31.44 -121.96 17.96
C SER U 121 -32.25 -123.25 17.77
N ALA U 122 -31.77 -124.33 18.40
CA ALA U 122 -32.46 -125.64 18.39
C ALA U 122 -33.81 -125.57 19.15
N LEU U 123 -33.81 -124.87 20.20
CA LEU U 123 -35.05 -124.82 21.01
C LEU U 123 -36.07 -123.87 20.38
N ASN U 124 -35.62 -122.75 19.80
CA ASN U 124 -36.54 -121.81 19.16
C ASN U 124 -37.16 -122.47 17.93
N ALA U 125 -36.34 -123.22 17.15
CA ALA U 125 -36.81 -123.97 15.97
C ALA U 125 -37.87 -124.98 16.37
N LEU U 126 -37.59 -125.77 17.41
CA LEU U 126 -38.53 -126.75 17.94
C LEU U 126 -39.84 -126.07 18.41
N LYS U 127 -39.72 -125.03 19.26
CA LYS U 127 -40.89 -124.33 19.80
C LYS U 127 -41.72 -123.63 18.74
N GLY U 128 -41.09 -123.16 17.63
CA GLY U 128 -41.83 -122.54 16.51
C GLY U 128 -42.28 -123.59 15.50
N PRO U 129 -42.07 -124.89 15.81
CA PRO U 129 -42.44 -126.05 14.98
C PRO U 129 -41.76 -126.10 13.61
N LEU U 130 -40.53 -125.52 13.51
CA LEU U 130 -39.79 -125.47 12.24
C LEU U 130 -39.07 -126.76 11.92
N GLY U 131 -38.91 -127.66 12.90
CA GLY U 131 -38.35 -128.98 12.66
C GLY U 131 -39.07 -130.02 13.47
N ASN U 132 -39.07 -131.28 13.02
CA ASN U 132 -39.73 -132.35 13.74
C ASN U 132 -38.82 -132.90 14.84
N LEU U 133 -39.36 -133.76 15.73
CA LEU U 133 -38.65 -134.35 16.86
C LEU U 133 -37.41 -135.14 16.47
N PRO U 134 -37.47 -135.89 15.35
CA PRO U 134 -36.32 -136.71 14.90
C PRO U 134 -35.10 -135.81 14.55
N ALA U 135 -35.34 -134.69 13.83
CA ALA U 135 -34.27 -133.74 13.45
C ALA U 135 -33.76 -133.07 14.74
N PHE U 136 -34.67 -132.60 15.59
CA PHE U 136 -34.33 -131.98 16.87
C PHE U 136 -33.35 -132.87 17.64
N ARG U 137 -33.68 -134.19 17.85
CA ARG U 137 -32.82 -135.09 18.63
C ARG U 137 -31.46 -135.32 17.95
N LYS U 138 -31.42 -135.37 16.62
CA LYS U 138 -30.18 -135.55 15.84
C LYS U 138 -29.27 -134.32 16.02
N LYS U 139 -29.85 -133.11 15.94
CA LYS U 139 -29.11 -131.87 16.12
C LYS U 139 -28.66 -131.69 17.56
N LEU U 140 -29.44 -132.14 18.51
CA LEU U 140 -29.12 -131.99 19.87
C LEU U 140 -27.89 -132.77 20.19
N GLN U 141 -27.82 -134.00 19.72
CA GLN U 141 -26.67 -134.82 19.97
C GLN U 141 -25.40 -134.23 19.37
N ALA U 142 -25.49 -133.61 18.20
CA ALA U 142 -24.37 -132.92 17.58
C ALA U 142 -23.84 -131.74 18.44
N LEU U 143 -24.73 -130.91 18.91
CA LEU U 143 -24.39 -129.85 19.81
C LEU U 143 -23.64 -130.37 21.05
N LEU U 144 -24.17 -131.38 21.71
CA LEU U 144 -23.64 -131.81 22.99
C LEU U 144 -22.44 -132.76 22.90
N ALA U 145 -22.13 -133.16 21.69
CA ALA U 145 -21.00 -134.02 21.37
C ALA U 145 -19.64 -133.30 21.58
N ASP U 146 -19.59 -131.95 21.50
CA ASP U 146 -18.35 -131.18 21.66
C ASP U 146 -17.54 -131.65 22.89
N GLU U 147 -16.33 -132.21 22.68
CA GLU U 147 -15.59 -132.74 23.84
C GLU U 147 -15.01 -131.68 24.78
N ASP U 148 -15.01 -130.40 24.35
CA ASP U 148 -14.50 -129.30 25.16
C ASP U 148 -15.54 -128.84 26.20
N GLY U 149 -16.80 -129.34 26.10
CA GLY U 149 -17.86 -128.96 27.04
C GLY U 149 -17.74 -129.71 28.34
N ARG U 150 -18.19 -129.08 29.45
CA ARG U 150 -18.20 -129.79 30.73
C ARG U 150 -19.49 -130.63 30.75
N LYS U 151 -19.52 -131.73 31.52
CA LYS U 151 -20.73 -132.54 31.63
C LYS U 151 -21.79 -131.75 32.42
N ALA U 152 -21.35 -130.85 33.33
CA ALA U 152 -22.25 -129.98 34.10
C ALA U 152 -23.02 -129.10 33.13
N LEU U 153 -22.31 -128.46 32.16
CA LEU U 153 -22.99 -127.65 31.17
C LEU U 153 -23.95 -128.49 30.29
N ILE U 154 -23.50 -129.68 29.83
CA ILE U 154 -24.36 -130.56 29.00
C ILE U 154 -25.70 -130.84 29.70
N LYS U 155 -25.66 -131.15 31.03
CA LYS U 155 -26.81 -131.40 31.89
C LYS U 155 -27.78 -130.23 31.97
N GLU U 156 -27.26 -129.00 32.14
CA GLU U 156 -28.03 -127.75 32.17
C GLU U 156 -28.67 -127.50 30.79
N LEU U 157 -27.95 -127.86 29.71
CA LEU U 157 -28.48 -127.73 28.34
C LEU U 157 -29.63 -128.73 28.07
N GLY U 158 -29.43 -130.00 28.47
CA GLY U 158 -30.44 -131.06 28.34
C GLY U 158 -31.68 -130.79 29.21
N LEU U 159 -31.51 -130.08 30.34
CA LEU U 159 -32.61 -129.71 31.25
C LEU U 159 -33.55 -128.68 30.64
N THR U 160 -33.14 -128.02 29.56
CA THR U 160 -33.95 -127.03 28.85
C THR U 160 -34.85 -127.68 27.80
N GLU U 161 -34.61 -128.96 27.49
CA GLU U 161 -35.42 -129.68 26.49
C GLU U 161 -36.84 -129.98 26.98
N GLU U 162 -37.91 -129.55 26.27
CA GLU U 162 -39.28 -129.93 26.70
C GLU U 162 -39.42 -131.46 26.71
N THR U 163 -40.15 -132.00 27.68
CA THR U 163 -40.35 -133.46 27.84
C THR U 163 -40.86 -134.16 26.58
N LYS U 164 -41.77 -133.52 25.83
CA LYS U 164 -42.34 -134.10 24.61
C LYS U 164 -41.36 -134.20 23.43
N ASP V 63 -47.87 -125.37 25.44
CA ASP V 63 -46.57 -126.09 25.52
C ASP V 63 -45.37 -125.19 25.15
N LYS V 64 -45.53 -124.40 24.10
CA LYS V 64 -44.53 -123.50 23.56
C LYS V 64 -44.12 -122.45 24.61
N ALA V 65 -45.09 -122.08 25.45
CA ALA V 65 -44.85 -121.12 26.54
C ALA V 65 -43.73 -121.59 27.48
N LEU V 66 -43.72 -122.90 27.76
CA LEU V 66 -42.65 -123.54 28.56
C LEU V 66 -41.31 -123.55 27.84
N VAL V 67 -41.36 -123.79 26.53
CA VAL V 67 -40.17 -123.75 25.66
C VAL V 67 -39.57 -122.34 25.64
N ASP V 68 -40.43 -121.34 25.59
CA ASP V 68 -40.01 -119.93 25.63
C ASP V 68 -39.34 -119.58 26.96
N ALA V 69 -39.88 -120.14 28.04
CA ALA V 69 -39.31 -119.99 29.39
C ALA V 69 -37.92 -120.60 29.49
N MET V 70 -37.73 -121.72 28.77
CA MET V 70 -36.43 -122.39 28.66
C MET V 70 -35.42 -121.48 27.94
N ILE V 71 -35.92 -120.81 26.90
CA ILE V 71 -35.11 -119.81 26.15
C ILE V 71 -34.75 -118.60 27.02
N ALA V 72 -35.67 -118.20 27.85
CA ALA V 72 -35.47 -117.05 28.74
C ALA V 72 -34.34 -117.34 29.75
N GLU V 73 -34.39 -118.54 30.33
CA GLU V 73 -33.40 -119.01 31.31
C GLU V 73 -32.04 -119.31 30.67
N ILE V 74 -32.08 -119.84 29.45
CA ILE V 74 -30.85 -120.14 28.68
C ILE V 74 -30.07 -118.84 28.39
N ASP V 75 -30.79 -117.83 27.90
CA ASP V 75 -30.20 -116.53 27.56
C ASP V 75 -29.77 -115.78 28.80
N LYS V 76 -30.53 -115.98 29.88
CA LYS V 76 -30.20 -115.42 31.20
C LYS V 76 -28.81 -115.90 31.66
N ARG V 77 -28.59 -117.21 31.53
CA ARG V 77 -27.30 -117.82 31.90
C ARG V 77 -26.17 -117.40 30.96
N LEU V 78 -26.48 -117.40 29.67
CA LEU V 78 -25.51 -117.03 28.63
C LEU V 78 -25.07 -115.58 28.82
N SER V 79 -26.02 -114.71 29.11
CA SER V 79 -25.79 -113.27 29.37
C SER V 79 -24.97 -113.01 30.63
N SER V 80 -25.14 -113.86 31.61
CA SER V 80 -24.39 -113.77 32.86
C SER V 80 -22.90 -114.02 32.62
N GLN V 81 -22.64 -114.96 31.70
CA GLN V 81 -21.25 -115.29 31.31
C GLN V 81 -20.67 -114.24 30.37
N VAL V 82 -21.43 -113.81 29.43
CA VAL V 82 -20.99 -112.79 28.44
C VAL V 82 -20.61 -111.46 29.11
N ASN V 83 -21.31 -111.14 30.21
CA ASN V 83 -21.00 -109.95 31.01
C ASN V 83 -19.56 -110.00 31.56
N GLU V 84 -19.14 -111.22 31.93
CA GLU V 84 -17.80 -111.46 32.48
C GLU V 84 -16.67 -111.15 31.48
N ILE V 85 -16.89 -111.54 30.23
CA ILE V 85 -15.90 -111.28 29.15
C ILE V 85 -15.91 -109.79 28.78
N LEU V 86 -17.12 -109.26 28.59
CA LEU V 86 -17.30 -107.86 28.18
C LEU V 86 -16.85 -106.85 29.25
N HIS V 87 -16.89 -107.30 30.49
CA HIS V 87 -16.46 -106.46 31.63
C HIS V 87 -15.08 -106.86 32.17
N ALA V 88 -14.38 -107.70 31.40
CA ALA V 88 -13.00 -108.07 31.72
C ALA V 88 -12.10 -106.87 31.43
N LYS V 89 -11.23 -106.56 32.39
CA LYS V 89 -10.31 -105.41 32.30
C LYS V 89 -9.32 -105.53 31.12
N GLU V 90 -8.85 -106.77 30.88
CA GLU V 90 -7.96 -107.08 29.76
C GLU V 90 -8.70 -106.88 28.43
N PHE V 91 -9.95 -107.33 28.40
CA PHE V 91 -10.76 -107.20 27.18
C PHE V 91 -11.06 -105.74 26.85
N GLN V 92 -11.46 -105.00 27.87
CA GLN V 92 -11.80 -103.57 27.73
C GLN V 92 -10.58 -102.73 27.37
N LYS V 93 -9.40 -103.10 27.89
CA LYS V 93 -8.17 -102.37 27.57
C LYS V 93 -7.88 -102.46 26.06
N LEU V 94 -8.08 -103.66 25.50
CA LEU V 94 -7.89 -103.91 24.07
C LEU V 94 -8.94 -103.15 23.26
N GLU V 95 -10.22 -103.35 23.62
CA GLU V 95 -11.33 -102.75 22.86
C GLU V 95 -11.26 -101.21 22.89
N SER V 96 -11.22 -100.65 24.09
CA SER V 96 -11.19 -99.20 24.29
C SER V 96 -10.03 -98.55 23.53
N SER V 97 -8.91 -99.27 23.40
CA SER V 97 -7.73 -98.76 22.65
C SER V 97 -8.04 -98.57 21.16
N TRP V 98 -8.58 -99.61 20.55
CA TRP V 98 -8.92 -99.60 19.12
C TRP V 98 -10.19 -98.81 18.79
N ARG V 99 -11.19 -98.92 19.64
CA ARG V 99 -12.46 -98.19 19.46
C ARG V 99 -12.22 -96.67 19.60
N SER V 100 -11.48 -96.30 20.62
CA SER V 100 -11.10 -94.88 20.83
C SER V 100 -10.22 -94.36 19.69
N LEU V 101 -9.41 -95.27 19.12
CA LEU V 101 -8.55 -94.93 17.99
C LEU V 101 -9.37 -94.57 16.74
N LYS V 102 -10.36 -95.40 16.44
CA LYS V 102 -11.25 -95.16 15.29
C LYS V 102 -12.09 -93.90 15.52
N PHE V 103 -12.57 -93.74 16.74
CA PHE V 103 -13.33 -92.55 17.15
C PHE V 103 -12.56 -91.27 16.81
N MET V 104 -11.23 -91.33 17.01
CA MET V 104 -10.31 -90.27 16.58
C MET V 104 -10.24 -90.20 15.05
N VAL V 105 -9.84 -91.31 14.45
CA VAL V 105 -9.52 -91.41 13.02
C VAL V 105 -10.69 -90.91 12.15
N ASP V 106 -11.89 -91.42 12.41
CA ASP V 106 -13.03 -91.13 11.52
C ASP V 106 -13.64 -89.72 11.72
N ARG V 107 -13.11 -88.98 12.67
CA ARG V 107 -13.53 -87.58 12.90
C ARG V 107 -12.49 -86.59 12.35
N THR V 108 -11.48 -87.12 11.70
CA THR V 108 -10.45 -86.31 11.01
C THR V 108 -10.78 -86.30 9.52
N ASP V 109 -10.02 -85.51 8.78
CA ASP V 109 -10.18 -85.44 7.33
C ASP V 109 -8.80 -85.54 6.66
N PHE V 110 -8.53 -86.72 6.15
CA PHE V 110 -7.23 -87.04 5.51
C PHE V 110 -6.98 -86.30 4.19
N ARG V 111 -8.03 -85.70 3.64
CA ARG V 111 -7.93 -84.86 2.43
C ARG V 111 -7.38 -83.46 2.73
N GLU V 112 -7.33 -83.12 4.02
CA GLU V 112 -6.84 -81.81 4.49
C GLU V 112 -5.39 -81.88 4.97
N ASN V 113 -4.64 -82.86 4.45
CA ASN V 113 -3.22 -83.05 4.80
C ASN V 113 -3.03 -83.40 6.29
N THR V 114 -3.93 -84.25 6.78
CA THR V 114 -3.84 -84.76 8.16
C THR V 114 -3.36 -86.21 8.09
N ARG V 115 -2.42 -86.55 8.95
CA ARG V 115 -1.84 -87.90 8.97
C ARG V 115 -1.68 -88.38 10.41
N VAL V 116 -1.77 -89.67 10.59
CA VAL V 116 -1.60 -90.32 11.91
C VAL V 116 -0.87 -91.65 11.73
N GLU V 117 0.04 -91.90 12.66
CA GLU V 117 0.77 -93.18 12.72
C GLU V 117 0.58 -93.81 14.10
N MET V 118 0.56 -95.13 14.10
CA MET V 118 0.43 -95.91 15.34
C MET V 118 1.78 -96.53 15.70
N LEU V 119 2.12 -96.41 16.98
CA LEU V 119 3.36 -96.96 17.53
C LEU V 119 3.06 -97.69 18.84
N ASN V 120 2.99 -99.01 18.74
CA ASN V 120 2.68 -99.87 19.90
C ASN V 120 3.81 -99.83 20.95
N ALA V 121 3.47 -99.27 22.11
CA ALA V 121 4.40 -99.16 23.24
C ALA V 121 3.66 -99.05 24.57
N SER V 122 4.10 -99.83 25.52
CA SER V 122 3.57 -99.78 26.90
C SER V 122 4.38 -98.75 27.72
N LYS V 123 3.80 -98.24 28.80
CA LYS V 123 4.54 -97.27 29.65
C LYS V 123 5.81 -97.87 30.24
N GLU V 124 5.70 -99.15 30.61
CA GLU V 124 6.82 -99.89 31.21
C GLU V 124 8.03 -99.92 30.27
N ASP V 125 7.78 -100.20 28.99
CA ASP V 125 8.87 -100.29 28.00
C ASP V 125 9.38 -98.92 27.54
N LEU V 126 8.54 -97.90 27.73
CA LEU V 126 8.95 -96.50 27.49
C LEU V 126 10.07 -96.12 28.45
N GLN V 127 9.85 -96.50 29.72
CA GLN V 127 10.84 -96.31 30.79
C GLN V 127 12.06 -97.21 30.57
N LYS V 128 11.80 -98.43 30.12
CA LYS V 128 12.88 -99.38 29.79
C LYS V 128 13.85 -98.77 28.76
N ASP V 129 13.28 -98.18 27.72
CA ASP V 129 14.09 -97.59 26.63
C ASP V 129 14.83 -96.33 27.07
N PHE V 130 14.10 -95.47 27.77
CA PHE V 130 14.67 -94.21 28.20
C PHE V 130 15.73 -94.35 29.30
N GLU V 131 15.55 -95.37 30.14
CA GLU V 131 16.52 -95.72 31.19
C GLU V 131 17.73 -96.46 30.59
N ASP V 132 17.45 -97.30 29.59
CA ASP V 132 18.49 -98.08 28.90
C ASP V 132 19.47 -97.15 28.15
N ALA V 133 18.89 -96.23 27.37
CA ALA V 133 19.67 -95.27 26.59
C ALA V 133 20.52 -94.38 27.53
N PRO V 134 21.72 -94.03 27.07
CA PRO V 134 22.64 -93.12 27.78
C PRO V 134 22.09 -91.68 27.83
N GLU V 135 21.38 -91.30 26.75
CA GLU V 135 20.77 -89.98 26.62
C GLU V 135 19.53 -90.07 25.74
N VAL V 136 18.66 -89.09 25.89
CA VAL V 136 17.39 -89.02 25.13
C VAL V 136 17.60 -89.01 23.61
N THR V 137 18.72 -88.41 23.17
CA THR V 137 19.02 -88.32 21.72
C THR V 137 19.26 -89.69 21.08
N LYS V 138 19.47 -90.70 21.94
CA LYS V 138 19.72 -92.07 21.49
C LYS V 138 18.57 -93.04 21.83
N SER V 139 17.48 -92.48 22.37
CA SER V 139 16.27 -93.29 22.64
C SER V 139 15.62 -93.69 21.31
N GLY V 140 14.91 -94.83 21.38
CA GLY V 140 14.19 -95.38 20.22
C GLY V 140 13.06 -94.45 19.75
N LEU V 141 12.36 -93.89 20.73
CA LEU V 141 11.27 -92.94 20.47
C LEU V 141 11.77 -91.64 19.82
N TYR V 142 12.88 -91.14 20.34
CA TYR V 142 13.55 -89.95 19.74
C TYR V 142 13.90 -90.22 18.28
N LYS V 143 14.35 -91.44 18.01
CA LYS V 143 14.80 -91.81 16.67
C LYS V 143 13.72 -91.61 15.63
N LEU V 144 12.47 -91.99 15.88
CA LEU V 144 11.46 -91.87 14.82
C LEU V 144 10.36 -90.82 15.12
N VAL V 145 10.62 -90.00 16.12
CA VAL V 145 9.88 -88.76 16.32
C VAL V 145 10.74 -87.63 15.69
N TYR V 146 11.93 -87.45 16.25
CA TYR V 146 12.85 -86.38 15.80
C TYR V 146 13.68 -86.78 14.57
N SER V 147 14.50 -87.82 14.74
CA SER V 147 15.54 -88.18 13.75
C SER V 147 14.99 -88.51 12.37
N ASN V 148 13.96 -89.33 12.34
CA ASN V 148 13.33 -89.75 11.07
C ASN V 148 12.33 -88.75 10.50
N GLU V 149 12.14 -87.65 11.22
CA GLU V 149 11.16 -86.62 10.81
C GLU V 149 11.74 -85.20 10.74
N TYR V 150 11.61 -84.49 11.86
CA TYR V 150 12.04 -83.08 11.96
C TYR V 150 13.50 -82.85 11.54
N GLY V 151 14.37 -83.81 11.94
CA GLY V 151 15.81 -83.69 11.68
C GLY V 151 16.27 -84.44 10.42
N VAL V 152 15.37 -84.61 9.46
CA VAL V 152 15.68 -85.29 8.19
C VAL V 152 15.33 -84.42 6.99
N PHE V 153 16.34 -84.11 6.21
CA PHE V 153 16.18 -83.42 4.93
C PHE V 153 15.29 -84.26 3.99
N GLY V 154 14.18 -83.65 3.58
CA GLY V 154 13.21 -84.33 2.69
C GLY V 154 12.02 -84.93 3.46
N GLY V 155 12.19 -85.04 4.80
CA GLY V 155 11.16 -85.62 5.68
C GLY V 155 10.11 -84.58 6.07
N LYS V 156 9.46 -84.89 7.17
CA LYS V 156 8.38 -84.06 7.74
C LYS V 156 8.38 -84.17 9.27
N PRO V 157 8.03 -83.10 9.98
CA PRO V 157 8.01 -83.08 11.46
C PRO V 157 6.66 -83.56 12.02
N TYR V 158 6.74 -84.33 13.09
CA TYR V 158 5.55 -84.76 13.85
C TYR V 158 4.88 -83.56 14.53
N GLY V 159 3.59 -83.42 14.25
CA GLY V 159 2.79 -82.30 14.77
C GLY V 159 2.65 -82.39 16.28
N ILE V 160 2.19 -83.55 16.75
CA ILE V 160 1.89 -83.80 18.18
C ILE V 160 1.92 -85.32 18.46
N ILE V 161 2.09 -85.66 19.72
CA ILE V 161 2.10 -87.06 20.18
C ILE V 161 0.95 -87.24 21.18
N SER V 162 0.12 -88.24 20.88
CA SER V 162 -1.01 -88.61 21.74
C SER V 162 -0.71 -89.96 22.39
N ALA V 163 -0.57 -89.93 23.70
CA ALA V 163 -0.33 -91.17 24.41
C ALA V 163 -1.53 -91.62 25.19
N ASN V 164 -1.83 -92.86 24.89
CA ASN V 164 -3.00 -93.51 25.48
C ASN V 164 -2.63 -94.13 26.84
N TYR V 165 -2.39 -93.25 27.79
CA TYR V 165 -1.96 -93.65 29.15
C TYR V 165 -2.68 -92.84 30.21
N ASP V 166 -2.78 -93.43 31.37
CA ASP V 166 -3.20 -92.75 32.61
C ASP V 166 -1.98 -92.59 33.52
N PHE V 167 -1.80 -91.43 34.08
CA PHE V 167 -0.65 -91.17 34.95
C PHE V 167 -1.08 -90.98 36.40
N ASN V 168 -0.29 -91.54 37.28
CA ASN V 168 -0.46 -91.35 38.73
C ASN V 168 0.67 -90.42 39.23
N VAL V 169 0.77 -90.27 40.54
CA VAL V 169 1.87 -89.50 41.18
C VAL V 169 3.13 -90.37 41.39
N GLY V 170 3.02 -91.63 41.05
CA GLY V 170 4.10 -92.61 41.14
C GLY V 170 5.37 -92.08 40.49
N PRO V 171 6.49 -92.40 41.09
CA PRO V 171 7.81 -91.97 40.61
C PRO V 171 8.14 -92.40 39.18
N GLN V 172 7.74 -93.57 38.80
CA GLN V 172 7.90 -94.08 37.42
C GLN V 172 7.13 -93.20 36.42
N ASP V 173 5.89 -92.86 36.79
CA ASP V 173 5.04 -92.02 35.93
C ASP V 173 5.58 -90.60 35.78
N MET V 174 6.14 -90.11 36.87
CA MET V 174 6.73 -88.77 36.85
C MET V 174 7.99 -88.70 36.00
N GLU V 175 8.80 -89.76 36.09
CA GLU V 175 10.03 -89.87 35.29
C GLU V 175 9.70 -89.97 33.80
N LEU V 176 8.63 -90.70 33.50
CA LEU V 176 8.17 -90.88 32.11
C LEU V 176 7.73 -89.55 31.49
N LEU V 177 7.04 -88.76 32.29
CA LEU V 177 6.62 -87.41 31.91
C LEU V 177 7.81 -86.47 31.68
N ARG V 178 8.85 -86.67 32.48
CA ARG V 178 10.08 -85.87 32.35
C ARG V 178 10.75 -86.09 30.99
N LYS V 179 10.80 -87.35 30.59
CA LYS V 179 11.41 -87.75 29.31
C LYS V 179 10.59 -87.32 28.11
N CYS V 180 9.27 -87.41 28.26
CA CYS V 180 8.34 -86.98 27.19
C CYS V 180 8.34 -85.46 27.02
N ALA V 181 8.60 -84.75 28.13
CA ALA V 181 8.73 -83.28 28.10
C ALA V 181 9.98 -82.87 27.34
N SER V 182 11.07 -83.61 27.57
CA SER V 182 12.36 -83.37 26.90
C SER V 182 12.27 -83.63 25.40
N VAL V 183 11.62 -84.74 25.04
CA VAL V 183 11.43 -85.13 23.63
C VAL V 183 10.61 -84.08 22.86
N ALA V 184 9.50 -83.71 23.48
CA ALA V 184 8.54 -82.75 22.93
C ALA V 184 9.20 -81.38 22.71
N ALA V 185 10.07 -81.01 23.67
CA ALA V 185 10.82 -79.75 23.61
C ALA V 185 11.80 -79.71 22.44
N MET V 186 12.50 -80.83 22.26
CA MET V 186 13.52 -80.96 21.20
C MET V 186 12.92 -80.97 19.81
N ALA V 187 11.71 -81.55 19.71
CA ALA V 187 11.15 -81.45 18.38
C ALA V 187 9.90 -80.66 18.14
N HIS V 188 9.69 -79.85 19.17
CA HIS V 188 8.71 -78.77 19.16
C HIS V 188 7.31 -79.38 18.98
N ALA V 189 7.03 -80.48 19.65
CA ALA V 189 5.67 -81.00 19.59
C ALA V 189 5.19 -81.48 20.96
N PRO V 190 3.97 -81.08 21.33
CA PRO V 190 3.39 -81.37 22.64
C PRO V 190 3.06 -82.86 22.81
N PHE V 191 3.16 -83.30 24.04
CA PHE V 191 2.77 -84.66 24.44
C PHE V 191 1.51 -84.59 25.30
N ILE V 192 0.45 -85.20 24.79
CA ILE V 192 -0.86 -85.19 25.46
C ILE V 192 -1.21 -86.60 25.93
N GLY V 193 -1.75 -86.65 27.14
CA GLY V 193 -2.22 -87.89 27.76
C GLY V 193 -3.31 -87.60 28.79
N ASN V 194 -3.57 -88.55 29.64
CA ASN V 194 -4.60 -88.42 30.69
C ASN V 194 -4.07 -88.71 32.08
N ALA V 195 -4.80 -88.23 33.07
CA ALA V 195 -4.55 -88.49 34.49
C ALA V 195 -5.53 -89.54 35.04
N ALA V 196 -5.00 -90.38 35.92
CA ALA V 196 -5.81 -91.42 36.56
C ALA V 196 -6.58 -90.85 37.76
N PRO V 197 -7.75 -91.43 38.14
CA PRO V 197 -8.56 -90.96 39.27
C PRO V 197 -7.83 -90.77 40.65
N GLU V 198 -6.92 -91.82 40.87
CA GLU V 198 -6.10 -91.89 42.08
C GLU V 198 -5.10 -90.76 42.21
N VAL V 199 -4.85 -90.03 41.11
CA VAL V 199 -3.98 -88.85 41.16
C VAL V 199 -4.51 -87.80 42.17
N PHE V 200 -5.84 -87.79 42.32
CA PHE V 200 -6.51 -86.86 43.24
C PHE V 200 -6.87 -87.53 44.57
N GLY V 201 -6.30 -88.74 44.76
CA GLY V 201 -6.52 -89.55 45.97
C GLY V 201 -7.97 -90.03 46.10
N GLU V 202 -8.62 -90.25 44.97
CA GLU V 202 -10.00 -90.77 44.95
C GLU V 202 -10.06 -92.07 44.14
N GLU V 203 -10.99 -92.92 44.51
CA GLU V 203 -11.17 -94.24 43.87
C GLU V 203 -11.52 -94.09 42.38
N SER V 204 -12.42 -93.18 42.04
CA SER V 204 -12.79 -92.89 40.64
C SER V 204 -13.06 -91.40 40.52
N PHE V 205 -13.24 -90.93 39.29
CA PHE V 205 -13.59 -89.52 39.03
C PHE V 205 -14.96 -89.11 39.58
N LEU V 206 -15.78 -90.10 39.95
CA LEU V 206 -17.13 -89.85 40.50
C LEU V 206 -17.11 -89.19 41.89
N LYS V 207 -15.93 -89.10 42.50
CA LYS V 207 -15.80 -88.40 43.79
C LYS V 207 -15.12 -87.04 43.69
N LEU V 208 -15.00 -86.51 42.48
CA LEU V 208 -14.46 -85.13 42.29
C LEU V 208 -15.30 -84.06 43.01
N PRO V 209 -16.63 -84.17 43.01
CA PRO V 209 -17.53 -83.28 43.76
C PRO V 209 -17.24 -83.23 45.26
N ASP V 210 -16.69 -84.32 45.80
CA ASP V 210 -16.36 -84.40 47.25
C ASP V 210 -15.07 -83.69 47.64
N LEU V 211 -14.22 -83.43 46.66
CA LEU V 211 -12.96 -82.74 46.92
C LEU V 211 -13.21 -81.24 47.19
N LYS V 212 -12.90 -80.87 48.42
CA LYS V 212 -13.14 -79.50 48.92
C LYS V 212 -12.17 -78.45 48.37
N ASP V 213 -10.92 -78.86 48.12
CA ASP V 213 -9.86 -77.95 47.65
C ASP V 213 -8.66 -78.71 47.08
N LEU V 214 -8.56 -78.68 45.75
CA LEU V 214 -7.45 -79.31 45.02
C LEU V 214 -6.10 -78.67 45.30
N LYS V 215 -6.10 -77.34 45.35
CA LYS V 215 -4.88 -76.55 45.62
C LYS V 215 -4.19 -77.00 46.92
N SER V 216 -4.99 -77.18 47.97
CA SER V 216 -4.50 -77.63 49.28
C SER V 216 -4.09 -79.10 49.26
N LEU V 217 -4.82 -79.90 48.48
CA LEU V 217 -4.55 -81.33 48.32
C LEU V 217 -3.14 -81.56 47.76
N PHE V 218 -2.73 -80.71 46.83
CA PHE V 218 -1.42 -80.83 46.16
C PHE V 218 -0.24 -80.28 46.98
N GLU V 219 -0.51 -79.92 48.22
CA GLU V 219 0.56 -79.44 49.12
C GLU V 219 1.25 -80.59 49.83
N GLY V 220 0.55 -81.74 49.83
CA GLY V 220 1.11 -82.88 50.50
C GLY V 220 2.46 -83.32 49.87
N PRO V 221 3.31 -83.93 50.70
CA PRO V 221 4.64 -84.47 50.30
C PRO V 221 4.53 -85.48 49.16
N GLN V 222 3.42 -86.15 49.03
CA GLN V 222 3.10 -87.13 47.97
C GLN V 222 3.30 -86.56 46.56
N TYR V 223 3.11 -85.24 46.41
CA TYR V 223 3.22 -84.58 45.09
C TYR V 223 4.50 -83.75 44.94
N ALA V 224 5.53 -84.09 45.70
CA ALA V 224 6.81 -83.37 45.67
C ALA V 224 7.43 -83.33 44.26
N ARG V 225 7.45 -84.50 43.61
CA ARG V 225 8.02 -84.60 42.26
C ARG V 225 7.16 -83.91 41.20
N TRP V 226 5.84 -84.03 41.36
CA TRP V 226 4.90 -83.38 40.42
C TRP V 226 5.03 -81.86 40.46
N HIS V 227 5.25 -81.34 41.67
CA HIS V 227 5.43 -79.90 41.90
C HIS V 227 6.72 -79.39 41.23
N SER V 228 7.77 -80.19 41.30
CA SER V 228 9.05 -79.82 40.66
C SER V 228 8.92 -79.88 39.13
N PHE V 229 8.13 -80.84 38.66
CA PHE V 229 7.88 -81.05 37.22
C PHE V 229 7.21 -79.84 36.59
N ARG V 230 6.26 -79.26 37.32
CA ARG V 230 5.51 -78.06 36.86
C ARG V 230 6.40 -76.81 36.73
N GLU V 231 7.54 -76.83 37.42
CA GLU V 231 8.50 -75.72 37.40
C GLU V 231 9.56 -75.81 36.28
N SER V 232 9.70 -76.99 35.71
CA SER V 232 10.66 -77.18 34.61
C SER V 232 10.21 -76.39 33.37
N GLU V 233 11.19 -75.89 32.64
CA GLU V 233 10.99 -75.21 31.34
C GLU V 233 10.47 -76.13 30.23
N ASP V 234 10.61 -77.44 30.47
CA ASP V 234 10.12 -78.46 29.53
C ASP V 234 8.63 -78.79 29.71
N ALA V 235 8.08 -78.36 30.84
CA ALA V 235 6.67 -78.60 31.19
C ALA V 235 5.69 -77.98 30.17
N ARG V 236 6.15 -77.00 29.41
CA ARG V 236 5.32 -76.40 28.34
C ARG V 236 4.84 -77.38 27.27
N TYR V 237 5.53 -78.52 27.17
CA TYR V 237 5.21 -79.52 26.13
C TYR V 237 4.49 -80.75 26.68
N VAL V 238 3.97 -80.62 27.90
CA VAL V 238 3.12 -81.65 28.50
C VAL V 238 1.71 -81.07 28.74
N GLY V 239 0.75 -81.95 28.48
CA GLY V 239 -0.67 -81.63 28.68
C GLY V 239 -1.44 -82.91 29.05
N LEU V 240 -2.01 -82.88 30.23
CA LEU V 240 -2.79 -84.01 30.75
C LEU V 240 -4.27 -83.63 30.90
N ALA V 241 -5.13 -84.56 30.54
CA ALA V 241 -6.59 -84.38 30.60
C ALA V 241 -7.16 -85.07 31.84
N LEU V 242 -8.34 -84.65 32.25
CA LEU V 242 -8.98 -85.18 33.48
C LEU V 242 -9.89 -86.38 33.18
N PRO V 243 -11.35 -86.15 33.25
CA PRO V 243 -12.15 -87.32 33.35
C PRO V 243 -12.23 -87.99 31.99
N ARG V 244 -12.44 -89.28 31.98
CA ARG V 244 -12.65 -90.04 30.74
C ARG V 244 -14.04 -89.71 30.16
N PHE V 245 -14.47 -90.51 29.20
CA PHE V 245 -15.79 -90.37 28.58
C PHE V 245 -16.20 -91.68 27.92
N LEU V 246 -17.50 -91.91 27.86
CA LEU V 246 -18.08 -93.12 27.26
C LEU V 246 -17.72 -93.28 25.79
N LEU V 247 -17.47 -94.52 25.42
CA LEU V 247 -17.21 -94.90 24.02
C LEU V 247 -18.38 -95.69 23.43
N ARG V 248 -19.02 -96.49 24.29
CA ARG V 248 -20.08 -97.39 23.87
C ARG V 248 -21.28 -97.34 24.81
N LEU V 249 -22.44 -97.32 24.19
CA LEU V 249 -23.72 -97.47 24.91
C LEU V 249 -23.93 -98.98 25.16
N PRO V 250 -24.25 -99.33 26.40
CA PRO V 250 -24.44 -100.74 26.85
C PRO V 250 -25.41 -101.45 25.92
N TYR V 251 -25.16 -102.74 25.67
CA TYR V 251 -25.98 -103.57 24.77
C TYR V 251 -27.43 -103.71 25.25
N GLY V 252 -28.36 -103.56 24.31
CA GLY V 252 -29.80 -103.55 24.63
C GLY V 252 -30.59 -103.92 23.38
N GLU V 253 -31.63 -104.72 23.62
CA GLU V 253 -32.53 -105.21 22.56
C GLU V 253 -33.07 -104.09 21.64
N LYS V 254 -33.20 -102.90 22.23
CA LYS V 254 -33.72 -101.73 21.50
C LYS V 254 -32.62 -100.75 21.07
N THR V 255 -31.86 -100.27 22.06
CA THR V 255 -30.84 -99.23 21.84
C THR V 255 -29.58 -99.71 21.10
N VAL V 256 -29.16 -100.93 21.41
CA VAL V 256 -27.94 -101.53 20.80
C VAL V 256 -28.04 -103.07 20.73
N PRO V 257 -28.86 -103.52 19.82
CA PRO V 257 -29.17 -104.95 19.63
C PRO V 257 -28.00 -105.69 18.95
N VAL V 258 -27.97 -106.98 19.24
CA VAL V 258 -27.03 -107.94 18.62
C VAL V 258 -27.85 -109.01 17.87
N LYS V 259 -27.18 -109.77 17.02
CA LYS V 259 -27.83 -110.82 16.22
C LYS V 259 -28.07 -112.07 17.04
N ALA V 260 -29.13 -112.80 16.69
CA ALA V 260 -29.50 -114.10 17.28
C ALA V 260 -29.75 -114.00 18.80
N PHE V 261 -28.66 -114.11 19.56
CA PHE V 261 -28.65 -114.04 21.03
C PHE V 261 -29.31 -112.75 21.52
N ASN V 262 -30.33 -112.93 22.35
CA ASN V 262 -31.04 -111.79 22.95
C ASN V 262 -30.27 -111.28 24.17
N PHE V 263 -29.20 -110.55 23.89
CA PHE V 263 -28.29 -110.03 24.91
C PHE V 263 -28.72 -108.64 25.38
N THR V 264 -28.85 -108.54 26.69
CA THR V 264 -29.10 -107.27 27.40
C THR V 264 -27.99 -107.04 28.43
N GLU V 265 -27.03 -106.21 28.08
CA GLU V 265 -25.89 -105.96 28.99
C GLU V 265 -26.40 -105.36 30.31
N ASP V 266 -25.86 -105.91 31.39
CA ASP V 266 -26.24 -105.47 32.74
C ASP V 266 -25.07 -104.78 33.45
N VAL V 267 -25.06 -103.46 33.36
CA VAL V 267 -24.10 -102.63 34.11
C VAL V 267 -24.51 -102.65 35.60
N VAL V 268 -23.62 -103.16 36.43
CA VAL V 268 -23.82 -103.22 37.91
C VAL V 268 -23.74 -101.80 38.52
N GLY V 269 -23.51 -101.79 39.86
CA GLY V 269 -23.23 -100.61 40.67
C GLY V 269 -21.90 -99.94 40.26
N HIS V 270 -20.94 -100.76 39.83
CA HIS V 270 -19.64 -100.27 39.36
C HIS V 270 -19.76 -99.70 37.94
N HIS V 271 -19.58 -98.40 37.85
CA HIS V 271 -19.57 -97.69 36.55
C HIS V 271 -18.35 -98.08 35.68
N GLU V 272 -17.38 -98.78 36.29
CA GLU V 272 -16.22 -99.29 35.54
C GLU V 272 -16.61 -100.36 34.51
N ARG V 273 -17.84 -100.86 34.65
CA ARG V 273 -18.47 -101.73 33.66
C ARG V 273 -18.68 -101.02 32.32
N TYR V 274 -18.91 -99.71 32.37
CA TYR V 274 -18.98 -98.88 31.15
C TYR V 274 -17.62 -98.82 30.45
N LEU V 275 -17.68 -98.86 29.12
CA LEU V 275 -16.48 -98.74 28.29
C LEU V 275 -16.01 -97.28 28.21
N TRP V 276 -15.26 -96.88 29.22
CA TRP V 276 -14.66 -95.54 29.27
C TRP V 276 -13.49 -95.43 28.28
N GLY V 277 -13.33 -94.24 27.74
CA GLY V 277 -12.29 -93.92 26.74
C GLY V 277 -11.39 -92.79 27.19
N HIS V 278 -10.17 -92.81 26.68
CA HIS V 278 -9.15 -91.80 27.00
C HIS V 278 -9.51 -90.45 26.35
N ALA V 279 -9.79 -89.46 27.19
CA ALA V 279 -10.15 -88.11 26.72
C ALA V 279 -9.12 -87.44 25.80
N SER V 280 -7.86 -87.89 25.91
CA SER V 280 -6.75 -87.36 25.08
C SER V 280 -7.06 -87.40 23.58
N VAL V 281 -7.82 -88.43 23.18
CA VAL V 281 -8.27 -88.58 21.79
C VAL V 281 -9.25 -87.47 21.36
N ALA V 282 -10.14 -87.11 22.29
CA ALA V 282 -11.13 -86.05 22.07
C ALA V 282 -10.42 -84.70 21.85
N LEU V 283 -9.40 -84.48 22.68
CA LEU V 283 -8.55 -83.28 22.54
C LEU V 283 -7.77 -83.32 21.21
N THR V 284 -7.36 -84.51 20.81
CA THR V 284 -6.63 -84.69 19.52
C THR V 284 -7.57 -84.37 18.36
N SER V 285 -8.82 -84.64 18.43
CA SER V 285 -9.76 -84.30 17.33
C SER V 285 -9.97 -82.78 17.22
N ARG V 286 -9.81 -82.11 18.36
CA ARG V 286 -9.88 -80.63 18.43
C ARG V 286 -8.76 -79.99 17.62
N VAL V 287 -7.56 -80.55 17.80
CA VAL V 287 -6.36 -80.10 17.07
C VAL V 287 -6.53 -80.30 15.55
N ALA V 288 -7.13 -81.46 15.22
CA ALA V 288 -7.31 -81.86 13.82
C ALA V 288 -8.29 -80.94 13.09
N ASP V 289 -9.39 -80.60 13.76
CA ASP V 289 -10.42 -79.72 13.17
C ASP V 289 -9.91 -78.31 12.89
N SER V 290 -9.19 -77.77 13.87
CA SER V 290 -8.59 -76.43 13.74
C SER V 290 -7.62 -76.37 12.55
N PHE V 291 -6.82 -77.43 12.42
CA PHE V 291 -5.86 -77.56 11.31
C PHE V 291 -6.56 -77.78 9.97
N ALA V 292 -7.60 -78.62 9.97
CA ALA V 292 -8.35 -78.94 8.76
C ALA V 292 -8.97 -77.68 8.13
N LYS V 293 -9.41 -76.76 9.00
CA LYS V 293 -10.04 -75.50 8.57
C LYS V 293 -9.03 -74.39 8.23
N PHE V 294 -7.98 -74.29 9.02
CA PHE V 294 -7.06 -73.13 8.96
C PHE V 294 -5.60 -73.44 8.71
N ARG V 295 -5.20 -74.68 8.93
CA ARG V 295 -3.80 -75.14 8.89
C ARG V 295 -3.01 -74.61 10.09
N TRP V 296 -3.75 -74.23 11.13
CA TRP V 296 -3.20 -73.79 12.42
C TRP V 296 -4.05 -74.43 13.53
N SER V 297 -3.43 -74.65 14.68
CA SER V 297 -4.13 -75.25 15.83
C SER V 297 -4.22 -74.35 17.09
N PRO V 298 -4.92 -73.23 17.00
CA PRO V 298 -5.24 -72.43 18.20
C PRO V 298 -6.72 -72.51 18.61
N ASN V 299 -7.60 -72.95 17.69
CA ASN V 299 -9.05 -72.93 17.95
C ASN V 299 -9.53 -74.25 18.55
N ILE V 300 -9.24 -74.40 19.84
CA ILE V 300 -9.48 -75.67 20.54
C ILE V 300 -9.97 -75.49 21.99
N ILE V 301 -10.43 -74.29 22.33
CA ILE V 301 -10.72 -73.94 23.75
C ILE V 301 -12.06 -73.22 23.97
N GLY V 302 -13.12 -73.74 23.37
CA GLY V 302 -14.41 -73.05 23.48
C GLY V 302 -15.59 -73.81 22.91
N PRO V 303 -16.75 -73.60 23.53
CA PRO V 303 -18.04 -74.16 23.07
C PRO V 303 -18.35 -73.74 21.63
N GLN V 304 -17.93 -72.53 21.28
CA GLN V 304 -18.13 -71.97 19.94
C GLN V 304 -16.84 -71.85 19.13
N SER V 305 -15.70 -71.72 19.84
CA SER V 305 -14.40 -71.52 19.18
C SER V 305 -13.90 -72.76 18.43
N GLY V 306 -14.26 -73.94 18.98
CA GLY V 306 -13.95 -75.24 18.36
C GLY V 306 -13.28 -76.23 19.32
N GLY V 307 -13.50 -75.98 20.63
CA GLY V 307 -13.11 -76.91 21.69
C GLY V 307 -14.31 -77.73 22.20
N ALA V 308 -15.41 -77.66 21.45
CA ALA V 308 -16.64 -78.41 21.74
C ALA V 308 -16.56 -79.81 21.16
N VAL V 309 -16.91 -80.76 21.98
CA VAL V 309 -16.98 -82.20 21.62
C VAL V 309 -18.46 -82.54 21.48
N GLU V 310 -18.87 -82.80 20.26
CA GLU V 310 -20.29 -83.05 19.95
C GLU V 310 -20.53 -84.53 19.71
N ASN V 311 -21.77 -84.93 20.00
CA ASN V 311 -22.29 -86.29 19.74
C ASN V 311 -21.68 -87.34 20.70
N LEU V 312 -21.93 -87.12 21.98
CA LEU V 312 -21.54 -88.07 23.02
C LEU V 312 -22.62 -89.15 23.23
N PRO V 313 -22.20 -90.37 23.54
CA PRO V 313 -23.10 -91.48 23.86
C PRO V 313 -23.96 -91.11 25.08
N LEU V 314 -25.21 -91.55 25.04
CA LEU V 314 -26.16 -91.31 26.14
C LEU V 314 -26.72 -92.67 26.60
N HIS V 315 -27.15 -92.74 27.85
CA HIS V 315 -27.73 -93.98 28.40
C HIS V 315 -28.77 -93.70 29.50
N GLN V 316 -30.02 -93.64 29.10
CA GLN V 316 -31.15 -93.47 30.05
C GLN V 316 -31.45 -94.79 30.75
N TYR V 317 -31.57 -94.73 32.05
CA TYR V 317 -31.87 -95.90 32.89
C TYR V 317 -32.65 -95.45 34.13
N GLU V 318 -33.30 -96.41 34.77
CA GLU V 318 -34.14 -96.11 35.94
C GLU V 318 -33.29 -95.60 37.10
N ALA V 319 -33.84 -94.60 37.75
CA ALA V 319 -33.23 -94.02 38.95
C ALA V 319 -34.02 -94.47 40.18
N MET V 320 -34.45 -93.55 41.02
CA MET V 320 -35.28 -93.83 42.21
C MET V 320 -36.79 -93.84 41.89
N GLY V 321 -37.11 -94.48 40.75
CA GLY V 321 -38.49 -94.47 40.23
C GLY V 321 -38.65 -93.54 39.01
N GLU V 322 -37.64 -92.73 38.79
CA GLU V 322 -37.56 -91.78 37.66
C GLU V 322 -36.56 -92.33 36.64
N ILE V 323 -36.21 -91.50 35.68
CA ILE V 323 -35.21 -91.84 34.66
C ILE V 323 -34.09 -90.79 34.67
N GLN V 324 -32.89 -91.26 34.40
CA GLN V 324 -31.70 -90.41 34.26
C GLN V 324 -30.73 -91.05 33.27
N THR V 325 -29.89 -90.22 32.71
CA THR V 325 -28.86 -90.69 31.76
C THR V 325 -27.50 -90.69 32.45
N LYS V 326 -26.77 -91.75 32.21
CA LYS V 326 -25.36 -91.81 32.63
C LYS V 326 -24.60 -90.68 31.91
N ILE V 327 -24.01 -89.82 32.72
CA ILE V 327 -23.23 -88.67 32.20
C ILE V 327 -22.08 -89.24 31.34
N PRO V 328 -21.93 -88.70 30.14
CA PRO V 328 -20.88 -89.06 29.18
C PRO V 328 -19.49 -89.01 29.79
N THR V 329 -19.29 -88.06 30.70
CA THR V 329 -18.09 -87.99 31.54
C THR V 329 -18.51 -88.47 32.92
N GLU V 330 -17.60 -89.02 33.68
CA GLU V 330 -17.86 -89.60 35.02
C GLU V 330 -18.69 -88.63 35.88
N VAL V 331 -18.35 -87.35 35.80
CA VAL V 331 -19.03 -86.29 36.56
C VAL V 331 -19.50 -85.12 35.70
N MET V 332 -20.37 -84.32 36.31
CA MET V 332 -20.82 -83.04 35.76
C MET V 332 -20.04 -81.92 36.45
N LEU V 333 -18.92 -81.60 35.84
CA LEU V 333 -18.01 -80.60 36.39
C LEU V 333 -18.67 -79.18 36.39
N THR V 334 -18.66 -78.56 37.59
CA THR V 334 -19.07 -77.17 37.81
C THR V 334 -18.00 -76.18 37.31
N GLU V 335 -18.41 -74.95 37.09
CA GLU V 335 -17.48 -73.91 36.61
C GLU V 335 -16.31 -73.68 37.60
N ARG V 336 -16.65 -73.72 38.89
CA ARG V 336 -15.64 -73.51 39.96
C ARG V 336 -14.64 -74.65 40.00
N ARG V 337 -15.14 -75.87 39.84
CA ARG V 337 -14.25 -77.03 39.88
C ARG V 337 -13.37 -77.14 38.63
N GLU V 338 -13.92 -76.73 37.48
CA GLU V 338 -13.15 -76.65 36.22
C GLU V 338 -12.01 -75.66 36.37
N PHE V 339 -12.34 -74.51 36.95
CA PHE V 339 -11.37 -73.43 37.14
C PHE V 339 -10.24 -73.86 38.08
N GLU V 340 -10.60 -74.65 39.10
CA GLU V 340 -9.63 -75.21 40.06
C GLU V 340 -8.65 -76.14 39.34
N LEU V 341 -9.19 -77.01 38.52
CA LEU V 341 -8.40 -77.92 37.68
C LEU V 341 -7.48 -77.21 36.70
N SER V 342 -7.99 -76.11 36.16
CA SER V 342 -7.24 -75.26 35.23
C SER V 342 -6.03 -74.61 35.92
N GLU V 343 -6.25 -74.23 37.18
CA GLU V 343 -5.19 -73.65 38.03
C GLU V 343 -4.07 -74.67 38.35
N GLU V 344 -4.48 -75.94 38.39
CA GLU V 344 -3.54 -77.05 38.65
C GLU V 344 -3.01 -77.72 37.36
N GLY V 345 -3.20 -77.00 36.24
CA GLY V 345 -2.65 -77.38 34.93
C GLY V 345 -3.23 -78.68 34.37
N PHE V 346 -4.52 -78.91 34.62
CA PHE V 346 -5.25 -80.03 34.02
C PHE V 346 -6.19 -79.53 32.93
N ILE V 347 -6.42 -80.38 31.95
CA ILE V 347 -7.33 -80.09 30.83
C ILE V 347 -8.62 -80.90 31.07
N GLY V 348 -9.57 -80.22 31.71
CA GLY V 348 -10.85 -80.85 32.09
C GLY V 348 -11.90 -80.68 30.98
N LEU V 349 -12.32 -81.81 30.45
CA LEU V 349 -13.45 -81.88 29.50
C LEU V 349 -14.75 -81.83 30.30
N VAL V 350 -15.37 -80.67 30.33
CA VAL V 350 -16.63 -80.49 31.07
C VAL V 350 -17.82 -80.95 30.22
N PHE V 351 -18.82 -81.46 30.90
CA PHE V 351 -20.06 -81.90 30.26
C PHE V 351 -21.13 -80.80 30.35
N ARG V 352 -21.75 -80.52 29.21
CA ARG V 352 -22.86 -79.57 29.11
C ARG V 352 -24.12 -80.26 29.64
N LYS V 353 -24.58 -79.79 30.79
CA LYS V 353 -25.71 -80.41 31.50
C LYS V 353 -26.92 -80.59 30.59
N ASP V 354 -27.47 -81.79 30.66
CA ASP V 354 -28.70 -82.18 29.93
C ASP V 354 -28.53 -82.27 28.40
N SER V 355 -27.29 -82.43 27.93
CA SER V 355 -27.05 -82.58 26.49
C SER V 355 -26.15 -83.78 26.22
N ASP V 356 -25.61 -83.87 25.02
CA ASP V 356 -24.59 -84.85 24.62
C ASP V 356 -23.31 -84.12 24.13
N ASN V 357 -23.12 -82.91 24.66
CA ASN V 357 -21.99 -82.06 24.27
C ASN V 357 -21.11 -81.76 25.48
N ALA V 358 -19.83 -81.78 25.24
CA ALA V 358 -18.80 -81.42 26.23
C ALA V 358 -17.87 -80.36 25.61
N ALA V 359 -17.15 -79.62 26.44
CA ALA V 359 -16.23 -78.58 25.94
C ALA V 359 -14.93 -78.48 26.76
N PHE V 360 -13.87 -78.11 26.07
CA PHE V 360 -12.58 -77.78 26.67
C PHE V 360 -12.48 -76.25 26.81
N PHE V 361 -12.78 -75.77 28.01
CA PHE V 361 -12.72 -74.31 28.27
C PHE V 361 -11.32 -73.70 28.15
N SER V 362 -10.29 -74.50 28.40
CA SER V 362 -8.89 -74.08 28.22
C SER V 362 -7.94 -75.27 28.15
N ALA V 363 -6.79 -75.02 27.54
CA ALA V 363 -5.74 -76.04 27.36
C ALA V 363 -4.41 -75.55 27.94
N ASN V 364 -4.42 -75.29 29.24
CA ASN V 364 -3.17 -74.95 29.96
C ASN V 364 -2.25 -76.17 29.99
N SER V 365 -0.97 -75.92 29.84
CA SER V 365 0.03 -77.01 29.94
C SER V 365 0.26 -77.33 31.43
N THR V 366 1.13 -78.29 31.67
CA THR V 366 1.51 -78.63 33.07
C THR V 366 2.25 -77.46 33.75
N GLN V 367 3.02 -76.70 32.97
CA GLN V 367 3.86 -75.64 33.52
C GLN V 367 3.05 -74.63 34.36
N LYS V 368 3.62 -74.34 35.51
CA LYS V 368 3.07 -73.37 36.46
C LYS V 368 3.64 -71.97 36.13
N PRO V 369 2.76 -70.96 35.98
CA PRO V 369 3.17 -69.57 35.72
C PRO V 369 4.05 -69.03 36.85
N ARG V 370 5.00 -68.19 36.46
CA ARG V 370 5.91 -67.50 37.39
C ARG V 370 5.35 -66.13 37.74
N PHE V 371 5.57 -65.71 38.98
CA PHE V 371 5.15 -64.38 39.44
C PHE V 371 6.37 -63.43 39.44
N PHE V 372 6.12 -62.22 38.99
CA PHE V 372 7.14 -61.16 38.92
C PHE V 372 6.68 -59.93 39.71
N GLY V 373 7.66 -59.05 39.99
CA GLY V 373 7.39 -57.79 40.71
C GLY V 373 6.31 -56.98 39.97
N ASN V 374 5.44 -56.36 40.75
CA ASN V 374 4.31 -55.59 40.21
C ASN V 374 4.74 -54.21 39.68
N THR V 375 5.50 -54.26 38.60
CA THR V 375 5.99 -53.06 37.92
C THR V 375 5.63 -53.18 36.43
N PRO V 376 5.82 -52.13 35.63
CA PRO V 376 5.52 -52.15 34.18
C PRO V 376 6.26 -53.30 33.46
N GLU V 377 7.55 -53.42 33.79
CA GLU V 377 8.42 -54.48 33.23
C GLU V 377 8.07 -55.86 33.80
N GLY V 378 7.77 -55.89 35.10
CA GLY V 378 7.46 -57.14 35.81
C GLY V 378 6.17 -57.80 35.32
N LYS V 379 5.19 -56.96 35.03
CA LYS V 379 3.87 -57.42 34.53
C LYS V 379 3.95 -57.86 33.08
N ALA V 380 4.84 -57.21 32.32
CA ALA V 380 5.15 -57.59 30.94
C ALA V 380 5.81 -58.98 30.89
N ALA V 381 6.66 -59.24 31.90
CA ALA V 381 7.35 -60.53 32.05
C ALA V 381 6.35 -61.66 32.35
N GLU V 382 5.37 -61.33 33.19
CA GLU V 382 4.30 -62.25 33.54
C GLU V 382 3.41 -62.57 32.33
N THR V 383 3.06 -61.54 31.57
CA THR V 383 2.26 -61.68 30.33
C THR V 383 2.95 -62.64 29.36
N ASN V 384 4.24 -62.40 29.15
CA ASN V 384 5.04 -63.21 28.20
C ASN V 384 5.18 -64.66 28.65
N TYR V 385 5.38 -64.85 29.95
CA TYR V 385 5.57 -66.20 30.51
C TYR V 385 4.28 -67.02 30.48
N ARG V 386 3.15 -66.35 30.74
CA ARG V 386 1.82 -66.98 30.73
C ARG V 386 1.42 -67.44 29.32
N LEU V 387 1.81 -66.66 28.31
CA LEU V 387 1.56 -67.05 26.91
C LEU V 387 2.24 -68.38 26.57
N GLY V 388 3.46 -68.51 27.14
CA GLY V 388 4.28 -69.73 27.00
C GLY V 388 3.63 -70.94 27.66
N THR V 389 2.91 -70.72 28.76
CA THR V 389 2.30 -71.81 29.56
C THR V 389 1.04 -72.41 28.93
N GLN V 390 0.50 -71.73 27.91
CA GLN V 390 -0.77 -72.18 27.30
C GLN V 390 -0.53 -72.77 25.91
N LEU V 391 -1.08 -73.96 25.73
CA LEU V 391 -0.99 -74.73 24.48
C LEU V 391 -1.56 -74.03 23.22
N PRO V 392 -2.69 -73.30 23.33
CA PRO V 392 -3.26 -72.55 22.19
C PRO V 392 -2.27 -71.60 21.50
N TYR V 393 -1.25 -71.16 22.24
CA TYR V 393 -0.23 -70.25 21.72
C TYR V 393 1.07 -70.98 21.34
N MET V 394 1.39 -72.02 22.11
CA MET V 394 2.56 -72.87 21.83
C MET V 394 2.40 -73.61 20.50
N PHE V 395 1.19 -73.88 20.10
CA PHE V 395 0.93 -74.56 18.81
C PHE V 395 1.34 -73.67 17.63
N ILE V 396 1.18 -72.38 17.84
CA ILE V 396 1.60 -71.36 16.85
C ILE V 396 3.13 -71.41 16.70
N MET V 397 3.82 -71.35 17.83
CA MET V 397 5.29 -71.37 17.79
C MET V 397 5.84 -72.70 17.24
N THR V 398 5.14 -73.79 17.51
CA THR V 398 5.53 -75.13 17.05
C THR V 398 5.50 -75.20 15.52
N ARG V 399 4.43 -74.68 14.93
CA ARG V 399 4.29 -74.67 13.46
C ARG V 399 5.29 -73.73 12.81
N LEU V 400 5.56 -72.61 13.48
CA LEU V 400 6.57 -71.64 13.04
C LEU V 400 7.97 -72.27 13.03
N ALA V 401 8.25 -73.05 14.07
CA ALA V 401 9.52 -73.77 14.21
C ALA V 401 9.68 -74.83 13.10
N HIS V 402 8.58 -75.47 12.75
CA HIS V 402 8.59 -76.48 11.67
C HIS V 402 8.79 -75.88 10.29
N TYR V 403 8.20 -74.71 10.07
CA TYR V 403 8.32 -74.00 8.79
C TYR V 403 9.74 -73.44 8.59
N ILE V 404 10.32 -72.94 9.67
CA ILE V 404 11.67 -72.34 9.65
C ILE V 404 12.72 -73.41 9.33
N LYS V 405 12.60 -74.56 10.00
CA LYS V 405 13.54 -75.69 9.83
C LYS V 405 13.58 -76.15 8.37
N VAL V 406 12.38 -76.37 7.82
CA VAL V 406 12.22 -76.85 6.43
C VAL V 406 12.73 -75.80 5.43
N LEU V 407 12.06 -74.65 5.43
CA LEU V 407 12.30 -73.58 4.45
C LEU V 407 13.73 -73.04 4.46
N GLN V 408 14.34 -73.03 5.64
CA GLN V 408 15.72 -72.54 5.80
C GLN V 408 16.78 -73.49 5.23
N ARG V 409 16.51 -74.79 5.32
CA ARG V 409 17.43 -75.80 4.74
C ARG V 409 17.54 -75.68 3.22
N GLU V 410 16.43 -75.25 2.61
CA GLU V 410 16.37 -74.96 1.17
C GLU V 410 17.26 -73.78 0.76
N GLN V 411 17.46 -72.86 1.70
CA GLN V 411 18.22 -71.63 1.48
C GLN V 411 19.73 -71.79 1.73
N ILE V 412 20.14 -72.85 2.41
CA ILE V 412 21.56 -73.09 2.68
C ILE V 412 22.34 -73.14 1.35
N GLY V 413 23.43 -72.37 1.33
CA GLY V 413 24.30 -72.29 0.15
C GLY V 413 24.08 -71.01 -0.67
N SER V 414 22.95 -70.36 -0.45
CA SER V 414 22.60 -69.10 -1.14
C SER V 414 23.47 -67.93 -0.64
N TRP V 415 23.65 -66.95 -1.50
CA TRP V 415 24.44 -65.73 -1.18
C TRP V 415 23.63 -64.81 -0.26
N LYS V 416 23.71 -65.07 1.04
CA LYS V 416 22.97 -64.27 2.03
C LYS V 416 23.91 -63.53 2.97
N GLU V 417 23.80 -62.22 2.93
CA GLU V 417 24.44 -61.32 3.90
C GLU V 417 23.46 -61.09 5.07
N LYS V 418 23.92 -60.52 6.16
CA LYS V 418 23.09 -60.32 7.37
C LYS V 418 21.72 -59.68 7.10
N SER V 419 21.75 -58.54 6.42
CA SER V 419 20.54 -57.77 6.08
C SER V 419 19.65 -58.48 5.05
N ASP V 420 20.25 -59.42 4.30
CA ASP V 420 19.46 -60.25 3.36
C ASP V 420 18.48 -61.17 4.09
N LEU V 421 18.93 -61.70 5.23
CA LEU V 421 18.09 -62.53 6.09
C LEU V 421 16.97 -61.74 6.76
N GLU V 422 17.29 -60.52 7.18
CA GLU V 422 16.29 -59.64 7.81
C GLU V 422 15.19 -59.26 6.81
N ARG V 423 15.60 -58.98 5.58
CA ARG V 423 14.66 -58.61 4.52
C ARG V 423 13.71 -59.77 4.18
N GLU V 424 14.31 -60.92 3.92
CA GLU V 424 13.54 -62.11 3.49
C GLU V 424 12.69 -62.69 4.62
N LEU V 425 13.28 -62.81 5.81
CA LEU V 425 12.56 -63.29 7.01
C LEU V 425 11.37 -62.41 7.38
N ASN V 426 11.52 -61.10 7.18
CA ASN V 426 10.41 -60.16 7.41
C ASN V 426 9.26 -60.35 6.43
N HIS V 427 9.63 -60.50 5.15
CA HIS V 427 8.65 -60.71 4.10
C HIS V 427 7.90 -62.05 4.28
N TRP V 428 8.62 -63.03 4.82
CA TRP V 428 8.06 -64.36 5.08
C TRP V 428 7.04 -64.34 6.21
N LEU V 429 7.44 -63.76 7.34
CA LEU V 429 6.60 -63.81 8.54
C LEU V 429 5.28 -63.05 8.33
N SER V 430 5.34 -61.98 7.54
CA SER V 430 4.16 -61.18 7.18
C SER V 430 3.03 -62.03 6.60
N GLN V 431 3.39 -63.17 6.04
CA GLN V 431 2.43 -64.13 5.48
C GLN V 431 1.35 -64.56 6.48
N TYR V 432 1.72 -64.63 7.76
CA TYR V 432 0.80 -65.09 8.81
C TYR V 432 0.38 -63.97 9.77
N ILE V 433 0.46 -62.74 9.32
CA ILE V 433 0.12 -61.58 10.17
C ILE V 433 -1.17 -60.93 9.68
N SER V 434 -2.02 -60.63 10.63
CA SER V 434 -3.27 -59.88 10.39
C SER V 434 -3.30 -58.67 11.31
N ASP V 435 -2.72 -57.61 10.83
CA ASP V 435 -2.51 -56.36 11.61
C ASP V 435 -3.52 -55.26 11.22
N MET V 436 -4.75 -55.69 10.98
CA MET V 436 -5.80 -54.74 10.63
C MET V 436 -6.50 -54.23 11.90
N ASP V 437 -7.22 -53.14 11.74
CA ASP V 437 -7.95 -52.50 12.86
C ASP V 437 -8.90 -53.48 13.58
N ASP V 438 -9.54 -54.33 12.78
CA ASP V 438 -10.53 -55.30 13.26
C ASP V 438 -10.78 -56.39 12.20
N PRO V 439 -9.94 -57.38 12.18
CA PRO V 439 -10.08 -58.58 11.30
C PRO V 439 -11.32 -59.33 11.71
N ALA V 440 -11.95 -59.95 10.70
CA ALA V 440 -13.15 -60.72 10.99
C ALA V 440 -12.85 -61.76 12.09
N PRO V 441 -13.71 -61.82 13.09
CA PRO V 441 -13.53 -62.69 14.27
C PRO V 441 -13.44 -64.13 13.81
N ALA V 442 -12.48 -64.86 14.38
CA ALA V 442 -12.18 -66.26 13.99
C ALA V 442 -11.71 -66.35 12.52
N VAL V 443 -11.06 -65.29 12.05
CA VAL V 443 -10.48 -65.21 10.69
C VAL V 443 -8.99 -64.88 10.80
N ARG V 444 -8.71 -63.98 11.74
CA ARG V 444 -7.60 -64.08 12.71
C ARG V 444 -7.11 -65.51 12.94
N SER V 445 -8.02 -66.46 12.78
CA SER V 445 -7.71 -67.88 12.87
C SER V 445 -6.64 -68.37 11.87
N ARG V 446 -6.84 -68.10 10.57
CA ARG V 446 -5.83 -68.47 9.55
C ARG V 446 -4.54 -67.64 9.65
N ARG V 447 -4.66 -66.43 10.19
CA ARG V 447 -3.51 -65.55 10.46
C ARG V 447 -3.43 -65.24 11.97
N PRO V 448 -2.83 -66.17 12.71
CA PRO V 448 -2.79 -66.15 14.19
C PRO V 448 -2.03 -64.97 14.80
N LEU V 449 -1.07 -64.43 14.05
CA LEU V 449 -0.21 -63.35 14.54
C LEU V 449 -0.76 -61.96 14.23
N ARG V 450 -0.49 -61.05 15.14
CA ARG V 450 -0.87 -59.63 15.01
C ARG V 450 0.35 -58.78 14.67
N ALA V 451 1.45 -59.04 15.36
CA ALA V 451 2.73 -58.37 15.13
C ALA V 451 3.88 -59.37 15.26
N ALA V 452 5.00 -59.00 14.68
CA ALA V 452 6.24 -59.77 14.81
C ALA V 452 7.47 -58.97 14.46
N ARG V 453 8.53 -59.30 15.15
CA ARG V 453 9.82 -58.61 15.03
C ARG V 453 10.95 -59.62 14.82
N VAL V 454 11.82 -59.29 13.87
CA VAL V 454 13.01 -60.10 13.55
C VAL V 454 14.26 -59.23 13.58
N VAL V 455 15.25 -59.73 14.29
CA VAL V 455 16.62 -59.18 14.28
C VAL V 455 17.61 -60.28 13.92
N VAL V 456 18.59 -59.92 13.11
CA VAL V 456 19.65 -60.87 12.70
C VAL V 456 21.02 -60.24 12.98
N GLU V 457 21.85 -61.00 13.65
CA GLU V 457 23.24 -60.58 13.91
C GLU V 457 24.18 -61.65 13.33
N ASP V 458 25.46 -61.35 13.39
CA ASP V 458 26.50 -62.25 12.85
C ASP V 458 27.17 -63.01 13.98
N VAL V 459 27.42 -64.28 13.73
CA VAL V 459 28.25 -65.12 14.61
C VAL V 459 29.71 -64.74 14.34
N GLU V 460 30.24 -63.88 15.20
CA GLU V 460 31.60 -63.34 15.02
C GLU V 460 32.63 -64.48 15.01
N GLY V 461 33.54 -64.37 14.03
CA GLY V 461 34.58 -65.37 13.79
C GLY V 461 34.06 -66.67 13.16
N GLN V 462 32.87 -66.57 12.55
CA GLN V 462 32.26 -67.67 11.80
C GLN V 462 31.41 -67.11 10.64
N PRO V 463 32.08 -66.80 9.53
CA PRO V 463 31.45 -66.18 8.35
C PRO V 463 30.45 -67.15 7.70
N GLY V 464 29.25 -66.62 7.45
CA GLY V 464 28.17 -67.44 6.85
C GLY V 464 27.12 -67.88 7.88
N TRP V 465 27.45 -67.75 9.16
CA TRP V 465 26.55 -68.11 10.26
C TRP V 465 25.96 -66.86 10.91
N TYR V 466 24.70 -66.98 11.27
CA TYR V 466 23.92 -65.86 11.83
C TYR V 466 23.15 -66.26 13.08
N ARG V 467 22.86 -65.26 13.88
CA ARG V 467 22.03 -65.41 15.09
C ARG V 467 20.73 -64.61 14.91
N CYS V 468 19.63 -65.33 14.85
CA CYS V 468 18.33 -64.72 14.56
C CYS V 468 17.40 -64.78 15.77
N SER V 469 16.73 -63.67 15.99
CA SER V 469 15.70 -63.56 17.05
C SER V 469 14.35 -63.21 16.44
N LEU V 470 13.40 -64.08 16.76
CA LEU V 470 12.02 -63.95 16.30
C LEU V 470 11.04 -63.86 17.48
N GLN V 471 10.39 -62.71 17.59
CA GLN V 471 9.39 -62.46 18.65
C GLN V 471 8.05 -62.11 18.00
N VAL V 472 6.99 -62.71 18.52
CA VAL V 472 5.65 -62.57 17.92
C VAL V 472 4.59 -62.21 18.99
N ARG V 473 3.59 -61.47 18.54
CA ARG V 473 2.44 -61.06 19.35
C ARG V 473 1.18 -61.67 18.72
N PRO V 474 0.73 -62.80 19.23
CA PRO V 474 -0.47 -63.51 18.75
C PRO V 474 -1.75 -62.76 19.17
N HIS V 475 -2.82 -62.97 18.43
CA HIS V 475 -4.15 -62.47 18.86
C HIS V 475 -4.55 -63.20 20.15
N PHE V 476 -5.25 -62.49 21.03
CA PHE V 476 -5.61 -63.04 22.35
C PHE V 476 -6.95 -63.75 22.36
N LYS V 477 -6.95 -64.87 23.03
CA LYS V 477 -8.18 -65.64 23.32
C LYS V 477 -8.90 -65.02 24.52
N TYR V 478 -10.23 -64.97 24.41
CA TYR V 478 -11.10 -64.53 25.50
C TYR V 478 -11.23 -65.66 26.52
N MET V 479 -10.66 -65.47 27.70
CA MET V 479 -10.55 -66.56 28.70
C MET V 479 -11.01 -66.20 30.12
N GLY V 480 -11.94 -65.25 30.21
CA GLY V 480 -12.49 -64.83 31.51
C GLY V 480 -12.55 -63.31 31.67
N ALA V 481 -13.39 -62.89 32.58
CA ALA V 481 -13.68 -61.46 32.84
C ALA V 481 -14.51 -61.30 34.12
N SER V 482 -14.32 -60.15 34.75
CA SER V 482 -15.08 -59.77 35.95
C SER V 482 -16.02 -58.62 35.59
N PHE V 483 -17.24 -58.72 36.10
CA PHE V 483 -18.29 -57.71 35.84
C PHE V 483 -18.74 -57.02 37.12
N THR V 484 -18.89 -55.72 37.02
CA THR V 484 -19.42 -54.86 38.10
C THR V 484 -20.73 -54.21 37.65
N LEU V 485 -21.82 -54.68 38.23
CA LEU V 485 -23.15 -54.13 37.90
C LEU V 485 -23.50 -53.01 38.86
N SER V 486 -24.19 -52.01 38.34
CA SER V 486 -24.58 -50.84 39.14
C SER V 486 -25.76 -50.09 38.54
N LEU V 487 -26.78 -49.94 39.38
CA LEU V 487 -27.90 -49.02 39.10
C LEU V 487 -27.41 -47.59 39.32
N VAL V 488 -27.94 -46.68 38.53
CA VAL V 488 -27.48 -45.27 38.55
C VAL V 488 -28.57 -44.34 38.00
N GLY V 489 -28.69 -43.20 38.66
CA GLY V 489 -29.55 -42.11 38.19
C GLY V 489 -28.65 -41.05 37.56
N LYS V 490 -29.15 -40.28 36.65
CA LYS V 490 -28.45 -39.17 35.92
C LYS V 490 -27.24 -39.66 35.12
N LEU V 491 -27.27 -40.93 34.72
CA LEU V 491 -26.23 -41.49 33.85
C LEU V 491 -26.28 -40.76 32.51
N ASP V 492 -25.11 -40.49 31.93
CA ASP V 492 -25.08 -39.91 30.57
C ASP V 492 -25.77 -40.89 29.62
N LYS V 493 -26.68 -40.35 28.81
CA LYS V 493 -27.53 -41.18 27.92
C LYS V 493 -26.73 -41.95 26.84
N LEU W 30 -28.20 -36.43 63.38
CA LEU W 30 -28.19 -36.32 64.84
C LEU W 30 -29.48 -35.70 65.35
N PRO W 31 -30.21 -36.45 66.18
CA PRO W 31 -31.42 -35.96 66.86
C PRO W 31 -31.09 -34.73 67.69
N LEU W 32 -32.14 -33.99 68.02
CA LEU W 32 -32.04 -32.88 68.97
C LEU W 32 -32.61 -33.33 70.31
N LYS W 33 -31.71 -33.71 71.20
CA LYS W 33 -32.14 -34.21 72.53
C LYS W 33 -31.87 -33.14 73.58
N VAL W 34 -32.92 -32.90 74.35
CA VAL W 34 -32.90 -31.96 75.48
C VAL W 34 -33.00 -32.75 76.78
N LEU W 35 -32.39 -32.17 77.81
CA LEU W 35 -32.41 -32.74 79.16
C LEU W 35 -33.11 -31.76 80.12
N MET W 36 -34.28 -32.16 80.57
CA MET W 36 -35.07 -31.38 81.54
C MET W 36 -34.74 -31.84 82.96
N LEU W 37 -34.05 -30.96 83.67
CA LEU W 37 -33.63 -31.25 85.05
C LEU W 37 -34.43 -30.34 85.98
N GLY W 38 -34.99 -30.96 87.01
CA GLY W 38 -35.86 -30.25 87.96
C GLY W 38 -36.41 -31.18 89.04
N ASP W 39 -37.06 -30.54 90.01
CA ASP W 39 -37.66 -31.23 91.16
C ASP W 39 -39.09 -31.68 90.82
N PHE W 40 -39.16 -32.84 90.17
CA PHE W 40 -40.44 -33.44 89.74
C PHE W 40 -41.20 -34.20 90.85
N THR W 41 -40.53 -34.41 91.98
CA THR W 41 -41.13 -35.13 93.11
C THR W 41 -41.22 -34.19 94.33
N GLY W 42 -42.02 -34.63 95.32
CA GLY W 42 -42.23 -33.89 96.57
C GLY W 42 -41.05 -33.99 97.55
N GLN W 43 -40.04 -34.79 97.21
CA GLN W 43 -38.89 -35.06 98.08
C GLN W 43 -37.63 -35.39 97.28
N GLU W 44 -36.48 -35.12 97.89
CA GLU W 44 -35.17 -35.55 97.37
C GLU W 44 -35.04 -37.08 97.45
N ASP W 45 -34.26 -37.63 96.52
CA ASP W 45 -33.97 -39.07 96.51
C ASP W 45 -32.67 -39.34 97.27
N ALA W 46 -32.65 -40.49 97.95
CA ALA W 46 -31.46 -41.05 98.62
C ALA W 46 -30.37 -41.48 97.61
N ARG W 47 -30.82 -41.94 96.44
CA ARG W 47 -29.93 -42.39 95.36
C ARG W 47 -29.04 -41.24 94.88
N PRO W 48 -27.73 -41.49 94.77
CA PRO W 48 -26.76 -40.52 94.23
C PRO W 48 -27.17 -40.08 92.82
N LEU W 49 -26.80 -38.84 92.49
CA LEU W 49 -27.11 -38.25 91.17
C LEU W 49 -26.60 -39.09 90.00
N GLU W 50 -25.38 -39.60 90.15
CA GLU W 50 -24.75 -40.46 89.13
C GLU W 50 -25.46 -41.81 88.95
N GLN W 51 -26.20 -42.22 90.00
CA GLN W 51 -26.87 -43.53 90.01
C GLN W 51 -28.30 -43.44 89.49
N ARG W 52 -29.05 -42.42 89.92
CA ARG W 52 -30.42 -42.21 89.41
C ARG W 52 -30.36 -42.02 87.88
N ALA W 53 -31.35 -42.58 87.22
CA ALA W 53 -31.37 -42.64 85.76
C ALA W 53 -32.35 -41.62 85.15
N PRO W 54 -32.04 -41.16 83.93
CA PRO W 54 -32.94 -40.31 83.13
C PRO W 54 -34.08 -41.14 82.54
N ILE W 55 -35.20 -40.47 82.29
CA ILE W 55 -36.40 -41.09 81.71
C ILE W 55 -36.73 -40.44 80.35
N ASN W 56 -36.85 -41.27 79.33
CA ASN W 56 -37.24 -40.80 78.00
C ASN W 56 -38.76 -40.57 77.96
N VAL W 57 -39.15 -39.36 77.57
CA VAL W 57 -40.57 -38.96 77.53
C VAL W 57 -40.95 -38.56 76.10
N ASP W 58 -42.18 -38.94 75.73
CA ASP W 58 -42.80 -38.54 74.46
C ASP W 58 -44.33 -38.50 74.62
N LYS W 59 -44.99 -38.03 73.57
CA LYS W 59 -46.47 -37.91 73.53
C LYS W 59 -47.24 -39.20 73.81
N ALA W 60 -46.64 -40.34 73.46
CA ALA W 60 -47.30 -41.66 73.54
C ALA W 60 -47.05 -42.43 74.85
N ASN W 61 -46.47 -41.75 75.84
CA ASN W 61 -46.15 -42.39 77.14
C ASN W 61 -46.00 -41.38 78.30
N PHE W 62 -46.38 -40.13 78.05
CA PHE W 62 -46.24 -39.06 79.07
C PHE W 62 -46.93 -39.45 80.39
N ASN W 63 -48.19 -39.86 80.27
CA ASN W 63 -48.98 -40.29 81.44
C ASN W 63 -48.37 -41.51 82.14
N GLU W 64 -47.83 -42.43 81.34
CA GLU W 64 -47.24 -43.69 81.80
C GLU W 64 -46.02 -43.36 82.66
N VAL W 65 -45.30 -42.33 82.23
CA VAL W 65 -44.12 -41.82 82.94
C VAL W 65 -44.52 -41.28 84.34
N MET W 66 -45.61 -40.53 84.39
CA MET W 66 -46.09 -39.97 85.66
C MET W 66 -46.50 -41.08 86.64
N ALA W 67 -47.21 -42.07 86.10
CA ALA W 67 -47.69 -43.24 86.85
C ALA W 67 -46.51 -44.03 87.45
N GLN W 68 -45.48 -44.24 86.62
CA GLN W 68 -44.26 -44.95 87.04
C GLN W 68 -43.40 -44.14 88.02
N GLN W 69 -43.40 -42.82 87.85
CA GLN W 69 -42.61 -41.92 88.69
C GLN W 69 -43.15 -41.92 90.13
N ASN W 70 -44.48 -42.07 90.25
CA ASN W 70 -45.18 -42.13 91.55
C ASN W 70 -44.99 -40.81 92.30
N LEU W 71 -46.02 -39.99 92.22
CA LEU W 71 -46.02 -38.67 92.87
C LEU W 71 -46.84 -38.72 94.16
N LYS W 72 -46.36 -37.99 95.15
CA LYS W 72 -47.03 -37.91 96.47
C LYS W 72 -46.69 -36.58 97.15
N VAL W 73 -47.73 -36.01 97.75
CA VAL W 73 -47.62 -34.77 98.54
C VAL W 73 -48.22 -34.95 99.94
N THR W 74 -47.33 -34.80 100.91
CA THR W 74 -47.73 -34.77 102.32
C THR W 74 -47.52 -33.32 102.79
N LEU W 75 -48.65 -32.65 102.99
CA LEU W 75 -48.63 -31.22 103.32
C LEU W 75 -49.84 -30.87 104.19
N THR W 76 -49.66 -29.79 104.93
CA THR W 76 -50.68 -29.25 105.82
C THR W 76 -51.14 -27.86 105.35
N ALA W 77 -52.46 -27.71 105.28
CA ALA W 77 -53.12 -26.44 104.92
C ALA W 77 -54.03 -25.99 106.07
N ALA W 78 -54.33 -24.70 106.11
CA ALA W 78 -55.30 -24.15 107.07
C ALA W 78 -56.67 -24.82 106.88
N ASP W 79 -57.19 -25.32 108.00
CA ASP W 79 -58.52 -25.96 108.01
C ASP W 79 -59.59 -24.87 108.06
N LYS W 80 -60.20 -24.63 106.91
CA LYS W 80 -61.25 -23.59 106.80
C LYS W 80 -62.66 -24.20 106.77
N LEU W 81 -62.76 -25.43 107.24
CA LEU W 81 -64.06 -26.12 107.40
C LEU W 81 -64.73 -25.80 108.75
N SER W 82 -63.98 -25.10 109.58
CA SER W 82 -64.44 -24.62 110.90
C SER W 82 -64.07 -23.14 111.07
N ALA W 83 -64.19 -22.65 112.30
CA ALA W 83 -63.87 -21.27 112.70
C ALA W 83 -62.77 -21.22 113.78
N ASP W 84 -61.77 -22.09 113.61
CA ASP W 84 -60.65 -22.14 114.56
C ASP W 84 -59.31 -21.89 113.83
N PRO W 85 -58.58 -20.84 114.24
CA PRO W 85 -57.24 -20.53 113.71
C PRO W 85 -56.18 -21.62 113.98
N ASN W 86 -56.37 -22.39 115.05
CA ASN W 86 -55.49 -23.51 115.42
C ASN W 86 -55.80 -24.81 114.68
N ALA W 87 -56.94 -24.85 113.98
CA ALA W 87 -57.34 -26.00 113.16
C ALA W 87 -56.53 -26.07 111.87
N THR W 88 -55.86 -27.19 111.72
CA THR W 88 -55.04 -27.47 110.54
C THR W 88 -55.42 -28.81 109.91
N MET W 89 -55.28 -28.90 108.58
CA MET W 89 -55.59 -30.13 107.84
C MET W 89 -54.37 -30.66 107.11
N ASN W 90 -54.02 -31.90 107.41
CA ASN W 90 -52.93 -32.59 106.73
C ASN W 90 -53.50 -33.59 105.74
N VAL W 91 -53.00 -33.48 104.51
CA VAL W 91 -53.44 -34.31 103.38
C VAL W 91 -52.26 -35.11 102.79
N SER W 92 -52.60 -36.25 102.20
CA SER W 92 -51.61 -37.11 101.53
C SER W 92 -52.09 -37.42 100.10
N LEU W 93 -51.82 -36.49 99.19
CA LEU W 93 -52.26 -36.64 97.79
C LEU W 93 -51.27 -37.49 96.99
N GLN W 94 -51.84 -38.24 96.06
CA GLN W 94 -51.10 -39.14 95.15
C GLN W 94 -51.55 -38.87 93.72
N PHE W 95 -50.58 -38.86 92.82
CA PHE W 95 -50.84 -38.57 91.40
C PHE W 95 -50.26 -39.66 90.52
N LYS W 96 -51.05 -40.00 89.52
CA LYS W 96 -50.68 -40.98 88.47
C LYS W 96 -50.62 -40.31 87.10
N ASN W 97 -51.49 -39.32 86.90
CA ASN W 97 -51.56 -38.50 85.69
C ASN W 97 -51.94 -37.05 86.06
N LEU W 98 -51.91 -36.18 85.05
CA LEU W 98 -52.28 -34.76 85.21
C LEU W 98 -53.72 -34.52 85.63
N ASN W 99 -54.59 -35.46 85.25
CA ASN W 99 -56.02 -35.44 85.64
C ASN W 99 -56.18 -35.49 87.17
N ASP W 100 -55.19 -36.06 87.85
CA ASP W 100 -55.19 -36.17 89.32
C ASP W 100 -54.88 -34.87 90.05
N PHE W 101 -54.62 -33.80 89.32
CA PHE W 101 -54.45 -32.46 89.91
C PHE W 101 -55.75 -31.64 89.88
N SER W 102 -56.78 -32.21 89.25
CA SER W 102 -58.09 -31.55 89.20
C SER W 102 -58.76 -31.57 90.58
N PRO W 103 -59.54 -30.53 90.91
CA PRO W 103 -60.26 -30.44 92.20
C PRO W 103 -61.11 -31.68 92.50
N GLU W 104 -61.60 -32.33 91.44
CA GLU W 104 -62.38 -33.58 91.55
C GLU W 104 -61.56 -34.73 92.19
N SER W 105 -60.28 -34.83 91.84
CA SER W 105 -59.39 -35.86 92.40
C SER W 105 -58.88 -35.45 93.79
N VAL W 106 -58.69 -34.15 93.99
CA VAL W 106 -58.26 -33.59 95.29
C VAL W 106 -59.30 -33.92 96.37
N VAL W 107 -60.57 -33.70 96.03
CA VAL W 107 -61.69 -34.02 96.94
C VAL W 107 -61.74 -35.53 97.27
N ASN W 108 -61.54 -36.34 96.23
CA ASN W 108 -61.62 -37.80 96.36
C ASN W 108 -60.53 -38.37 97.28
N GLN W 109 -59.41 -37.66 97.36
CA GLN W 109 -58.27 -38.08 98.19
C GLN W 109 -58.23 -37.37 99.55
N VAL W 110 -59.22 -36.53 99.81
CA VAL W 110 -59.33 -35.79 101.07
C VAL W 110 -60.69 -36.11 101.70
N PRO W 111 -60.72 -37.07 102.63
CA PRO W 111 -61.95 -37.53 103.33
C PRO W 111 -62.80 -36.40 103.91
N GLU W 112 -62.13 -35.37 104.41
CA GLU W 112 -62.74 -34.17 105.01
C GLU W 112 -63.55 -33.36 103.99
N LEU W 113 -63.22 -33.53 102.72
CA LEU W 113 -63.96 -32.93 101.59
C LEU W 113 -64.82 -33.96 100.85
N LYS W 114 -64.33 -35.18 100.75
CA LYS W 114 -65.03 -36.29 100.08
C LYS W 114 -66.40 -36.55 100.72
N LYS W 115 -66.44 -36.55 102.06
CA LYS W 115 -67.69 -36.72 102.82
C LYS W 115 -68.66 -35.56 102.59
N LEU W 116 -68.11 -34.36 102.42
CA LEU W 116 -68.90 -33.16 102.10
C LEU W 116 -69.50 -33.20 100.69
N LEU W 117 -68.76 -33.82 99.77
CA LEU W 117 -69.23 -34.04 98.40
C LEU W 117 -70.33 -35.10 98.38
N GLU W 118 -70.16 -36.12 99.21
CA GLU W 118 -71.18 -37.18 99.38
C GLU W 118 -72.46 -36.59 99.99
N LEU W 119 -72.26 -35.68 100.94
CA LEU W 119 -73.35 -34.90 101.55
C LEU W 119 -74.07 -34.05 100.50
N ARG W 120 -73.29 -33.37 99.67
CA ARG W 120 -73.80 -32.54 98.58
C ARG W 120 -74.75 -33.38 97.71
N SER W 121 -74.27 -34.55 97.29
CA SER W 121 -75.04 -35.46 96.42
C SER W 121 -76.33 -35.97 97.09
N ALA W 122 -76.24 -36.19 98.41
CA ALA W 122 -77.39 -36.59 99.24
C ALA W 122 -78.45 -35.48 99.32
N LEU W 123 -78.01 -34.29 99.42
CA LEU W 123 -78.96 -33.19 99.57
C LEU W 123 -79.59 -32.81 98.23
N ASN W 124 -78.83 -32.88 97.13
CA ASN W 124 -79.37 -32.58 95.81
C ASN W 124 -80.40 -33.65 95.42
N ALA W 125 -80.11 -34.92 95.73
CA ALA W 125 -81.01 -36.07 95.47
C ALA W 125 -82.31 -35.85 96.23
N LEU W 126 -82.22 -35.54 97.53
CA LEU W 126 -83.37 -35.27 98.38
C LEU W 126 -84.19 -34.09 97.83
N LYS W 127 -83.53 -32.94 97.57
CA LYS W 127 -84.21 -31.73 97.07
C LYS W 127 -84.85 -31.91 95.70
N GLY W 128 -84.26 -32.78 94.83
CA GLY W 128 -84.86 -33.07 93.51
C GLY W 128 -85.85 -34.23 93.60
N PRO W 129 -86.15 -34.70 94.83
CA PRO W 129 -87.09 -35.79 95.13
C PRO W 129 -86.70 -37.14 94.50
N LEU W 130 -85.39 -37.39 94.29
CA LEU W 130 -84.90 -38.63 93.67
C LEU W 130 -84.84 -39.80 94.63
N GLY W 131 -84.90 -39.53 95.95
CA GLY W 131 -84.97 -40.59 96.94
C GLY W 131 -85.92 -40.20 98.05
N ASN W 132 -86.50 -41.19 98.75
CA ASN W 132 -87.42 -40.92 99.84
C ASN W 132 -86.64 -40.67 101.14
N LEU W 133 -87.34 -40.21 102.20
CA LEU W 133 -86.76 -39.88 103.49
C LEU W 133 -86.03 -41.04 104.16
N PRO W 134 -86.56 -42.27 104.06
CA PRO W 134 -85.94 -43.45 104.67
C PRO W 134 -84.53 -43.72 104.07
N ALA W 135 -84.41 -43.64 102.72
CA ALA W 135 -83.13 -43.85 102.03
C ALA W 135 -82.17 -42.70 102.40
N PHE W 136 -82.67 -41.46 102.35
CA PHE W 136 -81.90 -40.27 102.73
C PHE W 136 -81.26 -40.48 104.10
N ARG W 137 -82.06 -40.85 105.15
CA ARG W 137 -81.52 -41.02 106.52
C ARG W 137 -80.51 -42.16 106.60
N LYS W 138 -80.71 -43.24 105.84
CA LYS W 138 -79.80 -44.40 105.82
C LYS W 138 -78.44 -43.98 105.21
N LYS W 139 -78.49 -43.22 104.09
CA LYS W 139 -77.28 -42.73 103.43
C LYS W 139 -76.57 -41.67 104.26
N LEU W 140 -77.31 -40.88 104.99
CA LEU W 140 -76.74 -39.84 105.78
C LEU W 140 -75.89 -40.44 106.85
N GLN W 141 -76.41 -41.44 107.53
CA GLN W 141 -75.67 -42.09 108.58
C GLN W 141 -74.39 -42.73 108.06
N ALA W 142 -74.40 -43.29 106.88
CA ALA W 142 -73.22 -43.85 106.24
C ALA W 142 -72.12 -42.78 105.98
N LEU W 143 -72.51 -41.67 105.41
CA LEU W 143 -71.62 -40.56 105.22
C LEU W 143 -70.95 -40.12 106.55
N LEU W 144 -71.75 -39.92 107.59
CA LEU W 144 -71.23 -39.33 108.81
C LEU W 144 -70.56 -40.31 109.77
N ALA W 145 -70.64 -41.57 109.42
CA ALA W 145 -70.04 -42.68 110.16
C ALA W 145 -68.49 -42.65 110.06
N ASP W 146 -67.89 -42.05 108.99
CA ASP W 146 -66.43 -42.00 108.80
C ASP W 146 -65.70 -41.57 110.07
N GLU W 147 -64.88 -42.47 110.68
CA GLU W 147 -64.24 -42.09 111.95
C GLU W 147 -63.14 -41.03 111.84
N ASP W 148 -62.68 -40.73 110.62
CA ASP W 148 -61.65 -39.73 110.38
C ASP W 148 -62.23 -38.30 110.40
N GLY W 149 -63.58 -38.16 110.42
CA GLY W 149 -64.23 -36.85 110.45
C GLY W 149 -64.21 -36.25 111.82
N ARG W 150 -64.17 -34.91 111.91
CA ARG W 150 -64.27 -34.26 113.20
C ARG W 150 -65.77 -34.17 113.56
N LYS W 151 -66.11 -34.12 114.85
CA LYS W 151 -67.52 -33.99 115.25
C LYS W 151 -68.02 -32.59 114.86
N ALA W 152 -67.12 -31.59 114.82
CA ALA W 152 -67.45 -30.22 114.42
C ALA W 152 -67.93 -30.25 112.98
N LEU W 153 -67.20 -30.96 112.08
CA LEU W 153 -67.64 -31.08 110.70
C LEU W 153 -68.98 -31.84 110.58
N ILE W 154 -69.15 -32.96 111.33
CA ILE W 154 -70.41 -33.73 111.29
C ILE W 154 -71.60 -32.83 111.61
N LYS W 155 -71.48 -31.96 112.65
CA LYS W 155 -72.48 -30.98 113.09
C LYS W 155 -72.86 -29.98 112.01
N GLU W 156 -71.86 -29.42 111.30
CA GLU W 156 -72.05 -28.48 110.17
C GLU W 156 -72.74 -29.21 109.00
N LEU W 157 -72.41 -30.49 108.80
CA LEU W 157 -73.07 -31.31 107.76
C LEU W 157 -74.53 -31.60 108.08
N GLY W 158 -74.83 -32.00 109.34
CA GLY W 158 -76.19 -32.26 109.83
C GLY W 158 -77.04 -30.99 109.85
N LEU W 159 -76.41 -29.80 110.03
CA LEU W 159 -77.11 -28.51 110.03
C LEU W 159 -77.64 -28.11 108.65
N THR W 160 -77.17 -28.79 107.59
CA THR W 160 -77.61 -28.55 106.22
C THR W 160 -78.86 -29.37 105.89
N GLU W 161 -79.21 -30.34 106.73
CA GLU W 161 -80.38 -31.19 106.48
C GLU W 161 -81.72 -30.43 106.67
N GLU W 162 -82.62 -30.38 105.67
CA GLU W 162 -83.93 -29.72 105.88
C GLU W 162 -84.69 -30.44 107.01
N THR W 163 -85.39 -29.68 107.85
CA THR W 163 -86.15 -30.21 109.00
C THR W 163 -87.09 -31.36 108.65
N LYS W 164 -87.77 -31.30 107.51
CA LYS W 164 -88.72 -32.32 107.07
C LYS W 164 -88.07 -33.66 106.69
N ASP X 63 -90.00 -25.27 99.60
CA ASP X 63 -89.10 -26.05 100.50
C ASP X 63 -87.72 -26.33 99.89
N LYS X 64 -87.72 -26.69 98.60
CA LYS X 64 -86.52 -27.03 97.83
C LYS X 64 -85.56 -25.84 97.76
N ALA X 65 -86.15 -24.64 97.75
CA ALA X 65 -85.37 -23.39 97.73
C ALA X 65 -84.40 -23.30 98.92
N LEU X 66 -84.88 -23.74 100.09
CA LEU X 66 -84.06 -23.82 101.31
C LEU X 66 -82.97 -24.89 101.21
N VAL X 67 -83.33 -26.02 100.60
CA VAL X 67 -82.38 -27.12 100.32
C VAL X 67 -81.27 -26.65 99.39
N ASP X 68 -81.65 -25.86 98.38
CA ASP X 68 -80.68 -25.29 97.43
C ASP X 68 -79.72 -24.32 98.11
N ALA X 69 -80.27 -23.56 99.06
CA ALA X 69 -79.48 -22.62 99.89
C ALA X 69 -78.46 -23.38 100.75
N MET X 70 -78.86 -24.56 101.22
CA MET X 70 -77.98 -25.46 101.97
C MET X 70 -76.83 -25.94 101.10
N ILE X 71 -77.15 -26.24 99.83
CA ILE X 71 -76.15 -26.63 98.81
C ILE X 71 -75.19 -25.47 98.50
N ALA X 72 -75.72 -24.28 98.47
CA ALA X 72 -74.93 -23.08 98.18
C ALA X 72 -73.87 -22.85 99.28
N GLU X 73 -74.31 -22.97 100.52
CA GLU X 73 -73.45 -22.80 101.70
C GLU X 73 -72.46 -23.96 101.88
N ILE X 74 -72.91 -25.16 101.54
CA ILE X 74 -72.05 -26.37 101.60
C ILE X 74 -70.86 -26.24 100.62
N ASP X 75 -71.18 -25.85 99.38
CA ASP X 75 -70.16 -25.68 98.32
C ASP X 75 -69.27 -24.49 98.60
N LYS X 76 -69.86 -23.46 99.22
CA LYS X 76 -69.12 -22.27 99.66
C LYS X 76 -68.00 -22.68 100.64
N ARG X 77 -68.36 -23.51 101.61
CA ARG X 77 -67.39 -23.99 102.62
C ARG X 77 -66.36 -24.94 102.00
N LEU X 78 -66.84 -25.84 101.14
CA LEU X 78 -65.98 -26.83 100.47
C LEU X 78 -64.96 -26.11 99.57
N SER X 79 -65.42 -25.09 98.86
CA SER X 79 -64.59 -24.25 97.97
C SER X 79 -63.54 -23.43 98.73
N SER X 80 -63.88 -23.04 99.92
CA SER X 80 -62.96 -22.28 100.80
C SER X 80 -61.76 -23.15 101.18
N GLN X 81 -62.06 -24.43 101.42
CA GLN X 81 -61.02 -25.42 101.77
C GLN X 81 -60.22 -25.84 100.53
N VAL X 82 -60.87 -26.08 99.46
CA VAL X 82 -60.22 -26.51 98.19
C VAL X 82 -59.24 -25.44 97.67
N ASN X 83 -59.56 -24.16 97.92
CA ASN X 83 -58.66 -23.06 97.56
C ASN X 83 -57.31 -23.20 98.28
N GLU X 84 -57.36 -23.66 99.53
CA GLU X 84 -56.16 -23.84 100.36
C GLU X 84 -55.19 -24.88 99.79
N ILE X 85 -55.73 -25.99 99.29
CA ILE X 85 -54.93 -27.05 98.67
C ILE X 85 -54.38 -26.60 97.30
N LEU X 86 -55.28 -26.04 96.51
CA LEU X 86 -54.94 -25.58 95.14
C LEU X 86 -53.94 -24.43 95.13
N HIS X 87 -53.96 -23.65 96.20
CA HIS X 87 -53.06 -22.51 96.36
C HIS X 87 -51.89 -22.79 97.31
N ALA X 88 -51.73 -24.06 97.65
CA ALA X 88 -50.59 -24.51 98.46
C ALA X 88 -49.33 -24.46 97.58
N LYS X 89 -48.28 -23.88 98.14
CA LYS X 89 -47.00 -23.71 97.42
C LYS X 89 -46.34 -25.06 97.04
N GLU X 90 -46.47 -26.03 97.95
CA GLU X 90 -45.98 -27.40 97.73
C GLU X 90 -46.78 -28.07 96.60
N PHE X 91 -48.08 -27.87 96.62
CA PHE X 91 -48.96 -28.45 95.60
C PHE X 91 -48.68 -27.86 94.22
N GLN X 92 -48.58 -26.54 94.17
CA GLN X 92 -48.32 -25.82 92.91
C GLN X 92 -46.94 -26.13 92.34
N LYS X 93 -45.95 -26.34 93.22
CA LYS X 93 -44.59 -26.69 92.77
C LYS X 93 -44.61 -28.02 91.99
N LEU X 94 -45.38 -28.98 92.54
CA LEU X 94 -45.53 -30.30 91.91
C LEU X 94 -46.31 -30.16 90.59
N GLU X 95 -47.47 -29.52 90.65
CA GLU X 95 -48.35 -29.39 89.48
C GLU X 95 -47.66 -28.63 88.34
N SER X 96 -47.21 -27.43 88.64
CA SER X 96 -46.55 -26.55 87.66
C SER X 96 -45.37 -27.25 86.99
N SER X 97 -44.67 -28.13 87.72
CA SER X 97 -43.52 -28.89 87.17
C SER X 97 -43.96 -29.84 86.05
N TRP X 98 -44.98 -30.64 86.36
CA TRP X 98 -45.50 -31.64 85.40
C TRP X 98 -46.38 -31.04 84.30
N ARG X 99 -47.19 -30.05 84.66
CA ARG X 99 -48.05 -29.37 83.69
C ARG X 99 -47.20 -28.58 82.67
N SER X 100 -46.22 -27.85 83.17
CA SER X 100 -45.26 -27.13 82.30
C SER X 100 -44.46 -28.09 81.44
N LEU X 101 -44.18 -29.28 81.97
CA LEU X 101 -43.45 -30.32 81.24
C LEU X 101 -44.25 -30.81 80.03
N LYS X 102 -45.53 -31.10 80.25
CA LYS X 102 -46.41 -31.56 79.15
C LYS X 102 -46.62 -30.44 78.13
N PHE X 103 -46.78 -29.22 78.64
CA PHE X 103 -46.92 -28.02 77.79
C PHE X 103 -45.76 -27.94 76.79
N MET X 104 -44.57 -28.31 77.27
CA MET X 104 -43.37 -28.45 76.42
C MET X 104 -43.52 -29.62 75.47
N VAL X 105 -43.70 -30.80 76.05
CA VAL X 105 -43.69 -32.09 75.33
C VAL X 105 -44.68 -32.09 74.16
N ASP X 106 -45.93 -31.71 74.42
CA ASP X 106 -46.98 -31.83 73.40
C ASP X 106 -46.92 -30.76 72.29
N ARG X 107 -45.99 -29.82 72.42
CA ARG X 107 -45.75 -28.80 71.39
C ARG X 107 -44.51 -29.10 70.56
N THR X 108 -43.92 -30.26 70.81
CA THR X 108 -42.78 -30.76 70.03
C THR X 108 -43.32 -31.81 69.04
N ASP X 109 -42.43 -32.27 68.17
CA ASP X 109 -42.77 -33.32 67.20
C ASP X 109 -41.68 -34.39 67.23
N PHE X 110 -42.00 -35.50 67.88
CA PHE X 110 -41.07 -36.63 68.04
C PHE X 110 -40.75 -37.39 66.74
N ARG X 111 -41.54 -37.13 65.71
CA ARG X 111 -41.31 -37.69 64.36
C ARG X 111 -40.19 -36.95 63.61
N GLU X 112 -39.80 -35.79 64.14
CA GLU X 112 -38.75 -34.96 63.53
C GLU X 112 -37.39 -35.14 64.22
N ASN X 113 -37.21 -36.31 64.83
CA ASN X 113 -35.96 -36.67 65.53
C ASN X 113 -35.69 -35.74 66.73
N THR X 114 -36.76 -35.46 67.47
CA THR X 114 -36.66 -34.66 68.70
C THR X 114 -36.84 -35.61 69.88
N ARG X 115 -35.99 -35.47 70.88
CA ARG X 115 -36.01 -36.34 72.06
C ARG X 115 -35.83 -35.50 73.33
N VAL X 116 -36.42 -35.98 74.41
CA VAL X 116 -36.32 -35.33 75.73
C VAL X 116 -36.22 -36.40 76.82
N GLU X 117 -35.36 -36.14 77.78
CA GLU X 117 -35.22 -37.00 78.97
C GLU X 117 -35.42 -36.17 80.23
N MET X 118 -35.98 -36.82 81.23
CA MET X 118 -36.21 -36.19 82.54
C MET X 118 -35.18 -36.71 83.56
N LEU X 119 -34.63 -35.78 84.30
CA LEU X 119 -33.66 -36.08 85.36
C LEU X 119 -34.00 -35.31 86.63
N ASN X 120 -34.62 -36.02 87.56
CA ASN X 120 -35.06 -35.43 88.84
C ASN X 120 -33.87 -34.99 89.70
N ALA X 121 -33.75 -33.69 89.89
CA ALA X 121 -32.68 -33.10 90.71
C ALA X 121 -33.10 -31.73 91.24
N SER X 122 -32.86 -31.52 92.53
CA SER X 122 -33.09 -30.22 93.19
C SER X 122 -31.81 -29.36 93.09
N LYS X 123 -31.96 -28.04 93.19
CA LYS X 123 -30.77 -27.17 93.15
C LYS X 123 -29.77 -27.48 94.27
N GLU X 124 -30.32 -27.79 95.44
CA GLU X 124 -29.53 -28.10 96.64
C GLU X 124 -28.60 -29.30 96.37
N ASP X 125 -29.15 -30.35 95.76
CA ASP X 125 -28.37 -31.58 95.50
C ASP X 125 -27.43 -31.42 94.30
N LEU X 126 -27.73 -30.46 93.43
CA LEU X 126 -26.82 -30.11 92.32
C LEU X 126 -25.51 -29.57 92.87
N GLN X 127 -25.67 -28.70 93.87
CA GLN X 127 -24.53 -28.12 94.60
C GLN X 127 -23.82 -29.18 95.44
N LYS X 128 -24.63 -30.07 96.05
CA LYS X 128 -24.10 -31.20 96.83
C LYS X 128 -23.15 -32.05 95.98
N ASP X 129 -23.58 -32.36 94.76
CA ASP X 129 -22.79 -33.22 93.85
C ASP X 129 -21.54 -32.51 93.34
N PHE X 130 -21.73 -31.26 92.92
CA PHE X 130 -20.64 -30.50 92.35
C PHE X 130 -19.57 -30.10 93.38
N GLU X 131 -20.01 -29.89 94.62
CA GLU X 131 -19.11 -29.60 95.75
C GLU X 131 -18.42 -30.88 96.24
N ASP X 132 -19.17 -31.99 96.21
CA ASP X 132 -18.67 -33.30 96.64
C ASP X 132 -17.54 -33.77 95.72
N ALA X 133 -17.81 -33.72 94.41
CA ALA X 133 -16.83 -34.13 93.39
C ALA X 133 -15.56 -33.28 93.47
N PRO X 134 -14.41 -33.89 93.22
CA PRO X 134 -13.10 -33.21 93.17
C PRO X 134 -13.00 -32.26 91.96
N GLU X 135 -13.66 -32.65 90.87
CA GLU X 135 -13.69 -31.86 89.63
C GLU X 135 -14.99 -32.15 88.87
N VAL X 136 -15.34 -31.22 88.01
CA VAL X 136 -16.57 -31.31 87.20
C VAL X 136 -16.63 -32.57 86.32
N THR X 137 -15.45 -33.02 85.87
CA THR X 137 -15.38 -34.22 85.01
C THR X 137 -15.82 -35.51 85.73
N LYS X 138 -15.91 -35.41 87.06
CA LYS X 138 -16.32 -36.55 87.90
C LYS X 138 -17.68 -36.34 88.56
N SER X 139 -18.35 -35.25 88.21
CA SER X 139 -19.72 -34.99 88.69
C SER X 139 -20.69 -35.99 88.06
N GLY X 140 -21.78 -36.24 88.78
CA GLY X 140 -22.84 -37.17 88.34
C GLY X 140 -23.55 -36.66 87.08
N LEU X 141 -23.79 -35.34 87.07
CA LEU X 141 -24.42 -34.67 85.94
C LEU X 141 -23.56 -34.72 84.68
N TYR X 142 -22.26 -34.47 84.87
CA TYR X 142 -21.28 -34.58 83.77
C TYR X 142 -21.31 -35.99 83.17
N LYS X 143 -21.44 -36.98 84.05
CA LYS X 143 -21.42 -38.38 83.64
C LYS X 143 -22.47 -38.70 82.60
N LEU X 144 -23.70 -38.23 82.75
CA LEU X 144 -24.74 -38.63 81.77
C LEU X 144 -25.25 -37.48 80.89
N VAL X 145 -24.52 -36.37 80.92
CA VAL X 145 -24.64 -35.32 79.91
C VAL X 145 -23.51 -35.57 78.88
N TYR X 146 -22.28 -35.47 79.37
CA TYR X 146 -21.10 -35.62 78.51
C TYR X 146 -20.71 -37.09 78.27
N SER X 147 -20.36 -37.78 79.36
CA SER X 147 -19.73 -39.11 79.29
C SER X 147 -20.59 -40.17 78.58
N ASN X 148 -21.86 -40.22 78.94
CA ASN X 148 -22.80 -41.20 78.35
C ASN X 148 -23.37 -40.77 77.00
N GLU X 149 -22.99 -39.58 76.54
CA GLU X 149 -23.51 -39.03 75.30
C GLU X 149 -22.43 -38.59 74.30
N TYR X 150 -22.06 -37.31 74.40
CA TYR X 150 -21.10 -36.68 73.49
C TYR X 150 -19.75 -37.43 73.41
N GLY X 151 -19.30 -37.92 74.58
CA GLY X 151 -18.00 -38.59 74.68
C GLY X 151 -18.09 -40.13 74.60
N VAL X 152 -19.13 -40.63 73.94
CA VAL X 152 -19.34 -42.09 73.78
C VAL X 152 -19.49 -42.45 72.31
N PHE X 153 -18.57 -43.29 71.85
CA PHE X 153 -18.65 -43.88 70.51
C PHE X 153 -19.94 -44.71 70.37
N GLY X 154 -20.75 -44.32 69.39
CA GLY X 154 -22.05 -44.99 69.15
C GLY X 154 -23.23 -44.26 69.80
N GLY X 155 -22.91 -43.33 70.71
CA GLY X 155 -23.93 -42.55 71.43
C GLY X 155 -24.39 -41.33 70.63
N LYS X 156 -24.93 -40.38 71.38
CA LYS X 156 -25.47 -39.13 70.81
C LYS X 156 -25.25 -37.99 71.82
N PRO X 157 -25.03 -36.77 71.35
CA PRO X 157 -24.80 -35.60 72.22
C PRO X 157 -26.12 -34.89 72.60
N TYR X 158 -26.18 -34.47 73.86
CA TYR X 158 -27.31 -33.66 74.36
C TYR X 158 -27.30 -32.28 73.69
N GLY X 159 -28.45 -31.95 73.10
CA GLY X 159 -28.64 -30.69 72.36
C GLY X 159 -28.55 -29.49 73.32
N ILE X 160 -29.36 -29.54 74.37
CA ILE X 160 -29.51 -28.44 75.35
C ILE X 160 -30.05 -28.99 76.68
N ILE X 161 -29.83 -28.23 77.74
CA ILE X 161 -30.33 -28.58 79.08
C ILE X 161 -31.28 -27.46 79.56
N SER X 162 -32.47 -27.90 79.94
CA SER X 162 -33.50 -27.00 80.47
C SER X 162 -33.67 -27.27 81.96
N ALA X 163 -33.32 -26.28 82.75
CA ALA X 163 -33.49 -26.43 84.20
C ALA X 163 -34.63 -25.61 84.71
N ASN X 164 -35.46 -26.35 85.40
CA ASN X 164 -36.68 -25.79 85.97
C ASN X 164 -36.39 -25.16 87.36
N TYR X 165 -35.65 -24.06 87.31
CA TYR X 165 -35.21 -23.37 88.53
C TYR X 165 -35.35 -21.86 88.38
N ASP X 166 -35.49 -21.21 89.51
CA ASP X 166 -35.39 -19.75 89.63
C ASP X 166 -34.08 -19.41 90.34
N PHE X 167 -33.37 -18.45 89.84
CA PHE X 167 -32.08 -18.06 90.44
C PHE X 167 -32.16 -16.67 91.05
N ASN X 168 -31.54 -16.55 92.21
CA ASN X 168 -31.37 -15.25 92.89
C ASN X 168 -29.91 -14.81 92.74
N VAL X 169 -29.53 -13.74 93.44
CA VAL X 169 -28.12 -13.28 93.50
C VAL X 169 -27.31 -13.99 94.59
N GLY X 170 -27.98 -14.87 95.32
CA GLY X 170 -27.41 -15.67 96.39
C GLY X 170 -26.14 -16.38 95.89
N PRO X 171 -25.17 -16.49 96.76
CA PRO X 171 -23.89 -17.13 96.45
C PRO X 171 -24.00 -18.59 96.00
N GLN X 172 -24.89 -19.33 96.59
CA GLN X 172 -25.18 -20.72 96.19
C GLN X 172 -25.67 -20.79 94.73
N ASP X 173 -26.59 -19.87 94.39
CA ASP X 173 -27.16 -19.81 93.02
C ASP X 173 -26.12 -19.41 91.98
N MET X 174 -25.23 -18.52 92.39
CA MET X 174 -24.16 -18.08 91.50
C MET X 174 -23.13 -19.18 91.24
N GLU X 175 -22.82 -19.93 92.29
CA GLU X 175 -21.89 -21.07 92.19
C GLU X 175 -22.48 -22.17 91.29
N LEU X 176 -23.80 -22.37 91.42
CA LEU X 176 -24.50 -23.38 90.61
C LEU X 176 -24.44 -23.04 89.12
N LEU X 177 -24.62 -21.76 88.83
CA LEU X 177 -24.50 -21.23 87.48
C LEU X 177 -23.09 -21.38 86.90
N ARG X 178 -22.11 -21.24 87.78
CA ARG X 178 -20.70 -21.38 87.38
C ARG X 178 -20.41 -22.80 86.89
N LYS X 179 -20.93 -23.77 87.63
CA LYS X 179 -20.75 -25.19 87.32
C LYS X 179 -21.51 -25.62 86.06
N CYS X 180 -22.71 -25.06 85.90
CA CYS X 180 -23.55 -25.34 84.73
C CYS X 180 -22.95 -24.70 83.46
N ALA X 181 -22.26 -23.59 83.64
CA ALA X 181 -21.55 -22.92 82.54
C ALA X 181 -20.37 -23.78 82.05
N SER X 182 -19.66 -24.35 83.02
CA SER X 182 -18.51 -25.25 82.75
C SER X 182 -18.94 -26.52 82.02
N VAL X 183 -20.03 -27.12 82.50
CA VAL X 183 -20.59 -28.35 81.91
C VAL X 183 -21.02 -28.11 80.45
N ALA X 184 -21.78 -27.04 80.27
CA ALA X 184 -22.33 -26.63 78.98
C ALA X 184 -21.22 -26.35 77.96
N ALA X 185 -20.13 -25.75 78.46
CA ALA X 185 -18.96 -25.43 77.64
C ALA X 185 -18.24 -26.70 77.14
N MET X 186 -18.11 -27.66 78.06
CA MET X 186 -17.41 -28.93 77.77
C MET X 186 -18.19 -29.80 76.79
N ALA X 187 -19.51 -29.72 76.89
CA ALA X 187 -20.19 -30.52 75.88
C ALA X 187 -21.04 -29.83 74.84
N HIS X 188 -20.73 -28.55 74.78
CA HIS X 188 -21.18 -27.65 73.72
C HIS X 188 -22.70 -27.59 73.75
N ALA X 189 -23.29 -27.50 74.92
CA ALA X 189 -24.75 -27.32 74.96
C ALA X 189 -25.14 -26.31 76.03
N PRO X 190 -26.02 -25.37 75.66
CA PRO X 190 -26.44 -24.28 76.53
C PRO X 190 -27.33 -24.76 77.68
N PHE X 191 -27.22 -24.06 78.78
CA PHE X 191 -28.06 -24.29 79.97
C PHE X 191 -29.02 -23.11 80.13
N ILE X 192 -30.30 -23.43 80.04
CA ILE X 192 -31.36 -22.42 80.12
C ILE X 192 -32.17 -22.62 81.40
N GLY X 193 -32.49 -21.51 82.03
CA GLY X 193 -33.32 -21.47 83.24
C GLY X 193 -34.01 -20.11 83.37
N ASN X 194 -34.49 -19.83 84.56
CA ASN X 194 -35.20 -18.57 84.84
C ASN X 194 -34.62 -17.81 86.03
N ALA X 195 -34.92 -16.53 86.07
CA ALA X 195 -34.57 -15.63 87.19
C ALA X 195 -35.79 -15.38 88.08
N ALA X 196 -35.51 -15.30 89.38
CA ALA X 196 -36.56 -15.03 90.36
C ALA X 196 -36.84 -13.51 90.47
N PRO X 197 -38.05 -13.06 90.85
CA PRO X 197 -38.40 -11.65 90.98
C PRO X 197 -37.45 -10.75 91.84
N GLU X 198 -37.03 -11.43 92.99
CA GLU X 198 -36.12 -10.83 93.97
C GLU X 198 -34.74 -10.52 93.43
N VAL X 199 -34.40 -11.11 92.26
CA VAL X 199 -33.12 -10.80 91.59
C VAL X 199 -33.02 -9.29 91.27
N PHE X 200 -34.18 -8.68 91.04
CA PHE X 200 -34.26 -7.25 90.71
C PHE X 200 -34.64 -6.41 91.95
N GLY X 201 -34.60 -7.07 93.12
CA GLY X 201 -34.92 -6.46 94.42
C GLY X 201 -36.39 -6.04 94.52
N GLU X 202 -37.26 -6.81 93.85
CA GLU X 202 -38.71 -6.59 93.90
C GLU X 202 -39.41 -7.85 94.40
N GLU X 203 -40.55 -7.64 95.04
CA GLU X 203 -41.35 -8.73 95.63
C GLU X 203 -41.83 -9.71 94.53
N SER X 204 -42.34 -9.17 93.42
CA SER X 204 -42.77 -9.99 92.27
C SER X 204 -42.42 -9.24 91.00
N PHE X 205 -42.60 -9.90 89.85
CA PHE X 205 -42.38 -9.26 88.54
C PHE X 205 -43.36 -8.12 88.23
N LEU X 206 -44.44 -8.03 89.01
CA LEU X 206 -45.46 -6.99 88.83
C LEU X 206 -44.94 -5.58 89.18
N LYS X 207 -43.76 -5.49 89.74
CA LYS X 207 -43.15 -4.18 90.02
C LYS X 207 -41.99 -3.82 89.08
N LEU X 208 -41.86 -4.54 87.98
CA LEU X 208 -40.86 -4.20 86.94
C LEU X 208 -41.05 -2.78 86.35
N PRO X 209 -42.30 -2.36 86.13
CA PRO X 209 -42.62 -0.99 85.67
C PRO X 209 -42.10 0.11 86.61
N ASP X 210 -41.95 -0.22 87.91
CA ASP X 210 -41.47 0.75 88.90
C ASP X 210 -39.93 0.94 88.90
N LEU X 211 -39.22 -0.01 88.32
CA LEU X 211 -37.77 0.08 88.25
C LEU X 211 -37.35 1.12 87.22
N LYS X 212 -36.72 2.17 87.74
CA LYS X 212 -36.29 3.33 86.93
C LYS X 212 -35.07 3.06 86.03
N ASP X 213 -34.17 2.21 86.50
CA ASP X 213 -32.93 1.91 85.76
C ASP X 213 -32.25 0.64 86.29
N LEU X 214 -32.36 -0.42 85.50
CA LEU X 214 -31.73 -1.73 85.80
C LEU X 214 -30.21 -1.68 85.80
N LYS X 215 -29.67 -0.97 84.82
CA LYS X 215 -28.21 -0.82 84.67
C LYS X 215 -27.55 -0.27 85.95
N SER X 216 -28.19 0.75 86.53
CA SER X 216 -27.71 1.37 87.78
C SER X 216 -27.95 0.47 88.99
N LEU X 217 -29.06 -0.27 88.95
CA LEU X 217 -29.42 -1.22 90.02
C LEU X 217 -28.33 -2.30 90.19
N PHE X 218 -27.77 -2.74 89.08
CA PHE X 218 -26.74 -3.81 89.09
C PHE X 218 -25.33 -3.34 89.45
N GLU X 219 -25.23 -2.08 89.85
CA GLU X 219 -23.93 -1.52 90.27
C GLU X 219 -23.66 -1.80 91.74
N GLY X 220 -24.76 -2.12 92.45
CA GLY X 220 -24.61 -2.37 93.86
C GLY X 220 -23.67 -3.59 94.14
N PRO X 221 -23.04 -3.55 95.30
CA PRO X 221 -22.13 -4.62 95.80
C PRO X 221 -22.81 -5.98 95.85
N GLN X 222 -24.11 -6.00 96.02
CA GLN X 222 -24.95 -7.21 96.06
C GLN X 222 -24.77 -8.10 94.82
N TYR X 223 -24.43 -7.49 93.68
CA TYR X 223 -24.28 -8.24 92.41
C TYR X 223 -22.82 -8.41 91.99
N ALA X 224 -21.90 -8.36 92.96
CA ALA X 224 -20.46 -8.49 92.69
C ALA X 224 -20.13 -9.80 91.96
N ARG X 225 -20.68 -10.91 92.46
CA ARG X 225 -20.43 -12.22 91.88
C ARG X 225 -21.10 -12.39 90.50
N TRP X 226 -22.30 -11.84 90.37
CA TRP X 226 -23.03 -11.91 89.10
C TRP X 226 -22.29 -11.16 87.98
N HIS X 227 -21.69 -10.03 88.38
CA HIS X 227 -20.90 -9.21 87.45
C HIS X 227 -19.65 -9.95 86.96
N SER X 228 -19.01 -10.69 87.87
CA SER X 228 -17.82 -11.47 87.50
C SER X 228 -18.20 -12.65 86.61
N PHE X 229 -19.39 -13.21 86.86
CA PHE X 229 -19.92 -14.34 86.11
C PHE X 229 -20.14 -13.99 84.63
N ARG X 230 -20.63 -12.78 84.40
CA ARG X 230 -20.89 -12.26 83.04
C ARG X 230 -19.61 -12.06 82.23
N GLU X 231 -18.48 -11.96 82.92
CA GLU X 231 -17.17 -11.75 82.28
C GLU X 231 -16.43 -13.07 81.95
N SER X 232 -16.88 -14.16 82.54
CA SER X 232 -16.27 -15.47 82.24
C SER X 232 -16.56 -15.88 80.79
N GLU X 233 -15.58 -16.58 80.21
CA GLU X 233 -15.70 -17.16 78.85
C GLU X 233 -16.72 -18.32 78.77
N ASP X 234 -17.10 -18.84 79.95
CA ASP X 234 -18.10 -19.90 80.05
C ASP X 234 -19.54 -19.38 80.04
N ALA X 235 -19.68 -18.07 80.27
CA ALA X 235 -20.99 -17.39 80.32
C ALA X 235 -21.79 -17.53 79.01
N ARG X 236 -21.10 -17.81 77.90
CA ARG X 236 -21.77 -18.03 76.61
C ARG X 236 -22.78 -19.18 76.61
N TYR X 237 -22.63 -20.09 77.58
CA TYR X 237 -23.49 -21.28 77.65
C TYR X 237 -24.55 -21.20 78.74
N VAL X 238 -24.77 -20.00 79.25
CA VAL X 238 -25.86 -19.72 80.19
C VAL X 238 -26.85 -18.73 79.57
N GLY X 239 -28.12 -19.03 79.84
CA GLY X 239 -29.24 -18.19 79.39
C GLY X 239 -30.38 -18.25 80.40
N LEU X 240 -30.69 -17.10 80.95
CA LEU X 240 -31.78 -16.97 81.94
C LEU X 240 -32.92 -16.13 81.38
N ALA X 241 -34.13 -16.55 81.67
CA ALA X 241 -35.35 -15.88 81.22
C ALA X 241 -35.95 -15.04 82.37
N LEU X 242 -36.77 -14.08 82.01
CA LEU X 242 -37.37 -13.14 82.99
C LEU X 242 -38.72 -13.65 83.51
N PRO X 243 -39.92 -12.93 83.03
CA PRO X 243 -41.11 -13.15 83.81
C PRO X 243 -41.67 -14.52 83.46
N ARG X 244 -42.39 -15.10 84.41
CA ARG X 244 -43.09 -16.37 84.18
C ARG X 244 -44.30 -16.16 83.25
N PHE X 245 -45.16 -17.14 83.20
CA PHE X 245 -46.40 -17.08 82.40
C PHE X 245 -47.41 -18.10 82.89
N LEU X 246 -48.67 -17.78 82.72
CA LEU X 246 -49.79 -18.64 83.15
C LEU X 246 -49.77 -20.01 82.48
N LEU X 247 -50.10 -21.01 83.28
CA LEU X 247 -50.25 -22.39 82.78
C LEU X 247 -51.72 -22.82 82.75
N ARG X 248 -52.47 -22.32 83.72
CA ARG X 248 -53.87 -22.70 83.91
C ARG X 248 -54.77 -21.50 84.15
N LEU X 249 -55.91 -21.55 83.48
CA LEU X 249 -57.01 -20.60 83.72
C LEU X 249 -57.76 -21.08 84.98
N PRO X 250 -58.00 -20.16 85.92
CA PRO X 250 -58.67 -20.45 87.21
C PRO X 250 -59.99 -21.17 86.96
N TYR X 251 -60.32 -22.10 87.87
CA TYR X 251 -61.55 -22.92 87.76
C TYR X 251 -62.83 -22.08 87.81
N GLY X 252 -63.76 -22.40 86.91
CA GLY X 252 -65.00 -21.63 86.75
C GLY X 252 -66.06 -22.49 86.11
N GLU X 253 -67.27 -22.32 86.60
CA GLU X 253 -68.46 -23.07 86.13
C GLU X 253 -68.64 -23.02 84.59
N LYS X 254 -68.18 -21.91 84.00
CA LYS X 254 -68.28 -21.72 82.55
C LYS X 254 -66.96 -21.96 81.80
N THR X 255 -65.92 -21.22 82.21
CA THR X 255 -64.62 -21.25 81.52
C THR X 255 -63.80 -22.54 81.76
N VAL X 256 -63.87 -23.07 82.98
CA VAL X 256 -63.12 -24.30 83.35
C VAL X 256 -63.85 -25.09 84.46
N PRO X 257 -64.92 -25.72 84.07
CA PRO X 257 -65.81 -26.48 84.97
C PRO X 257 -65.18 -27.80 85.41
N VAL X 258 -65.62 -28.23 86.57
CA VAL X 258 -65.27 -29.54 87.15
C VAL X 258 -66.56 -30.36 87.33
N LYS X 259 -66.39 -31.66 87.55
CA LYS X 259 -67.54 -32.57 87.72
C LYS X 259 -68.14 -32.47 89.12
N ALA X 260 -69.45 -32.73 89.21
CA ALA X 260 -70.21 -32.77 90.47
C ALA X 260 -70.16 -31.44 91.25
N PHE X 261 -69.09 -31.29 92.05
CA PHE X 261 -68.82 -30.13 92.87
C PHE X 261 -68.80 -28.85 92.03
N ASN X 262 -69.66 -27.90 92.42
CA ASN X 262 -69.74 -26.61 91.74
C ASN X 262 -68.63 -25.69 92.27
N PHE X 263 -67.43 -25.94 91.79
CA PHE X 263 -66.24 -25.20 92.22
C PHE X 263 -65.98 -23.97 91.34
N THR X 264 -65.83 -22.86 92.02
CA THR X 264 -65.43 -21.57 91.42
C THR X 264 -64.18 -21.05 92.13
N GLU X 265 -63.03 -21.26 91.52
CA GLU X 265 -61.76 -20.84 92.14
C GLU X 265 -61.76 -19.33 92.36
N ASP X 266 -61.32 -18.96 93.55
CA ASP X 266 -61.26 -17.53 93.93
C ASP X 266 -59.81 -17.07 94.11
N VAL X 267 -59.28 -16.48 93.05
CA VAL X 267 -57.97 -15.82 93.10
C VAL X 267 -58.10 -14.53 93.91
N VAL X 268 -57.37 -14.45 95.02
CA VAL X 268 -57.34 -13.24 95.88
C VAL X 268 -56.58 -12.09 95.19
N GLY X 269 -56.16 -11.13 96.05
CA GLY X 269 -55.30 -10.00 95.70
C GLY X 269 -53.90 -10.47 95.25
N HIS X 270 -53.44 -11.57 95.86
CA HIS X 270 -52.14 -12.18 95.50
C HIS X 270 -52.25 -12.95 94.20
N HIS X 271 -51.57 -12.45 93.18
CA HIS X 271 -51.49 -13.11 91.87
C HIS X 271 -50.69 -14.44 91.93
N GLU X 272 -50.01 -14.66 93.06
CA GLU X 272 -49.29 -15.92 93.29
C GLU X 272 -50.24 -17.13 93.38
N ARG X 273 -51.53 -16.82 93.56
CA ARG X 273 -52.60 -17.81 93.48
C ARG X 273 -52.72 -18.43 92.08
N TYR X 274 -52.39 -17.64 91.06
CA TYR X 274 -52.31 -18.15 89.67
C TYR X 274 -51.18 -19.18 89.54
N LEU X 275 -51.46 -20.20 88.76
CA LEU X 275 -50.47 -21.25 88.45
C LEU X 275 -49.46 -20.76 87.40
N TRP X 276 -48.47 -20.03 87.88
CA TRP X 276 -47.37 -19.54 87.02
C TRP X 276 -46.43 -20.69 86.63
N GLY X 277 -45.89 -20.57 85.44
CA GLY X 277 -44.99 -21.58 84.84
C GLY X 277 -43.65 -20.99 84.46
N HIS X 278 -42.65 -21.86 84.45
CA HIS X 278 -41.27 -21.46 84.11
C HIS X 278 -41.15 -21.17 82.62
N ALA X 279 -40.86 -19.92 82.29
CA ALA X 279 -40.71 -19.48 80.89
C ALA X 279 -39.65 -20.24 80.08
N SER X 280 -38.69 -20.85 80.79
CA SER X 280 -37.61 -21.63 80.15
C SER X 280 -38.14 -22.72 79.21
N VAL X 281 -39.31 -23.27 79.57
CA VAL X 281 -40.01 -24.26 78.74
C VAL X 281 -40.49 -23.68 77.40
N ALA X 282 -41.00 -22.45 77.48
CA ALA X 282 -41.50 -21.73 76.30
C ALA X 282 -40.35 -21.48 75.31
N LEU X 283 -39.20 -21.10 75.87
CA LEU X 283 -37.97 -20.92 75.09
C LEU X 283 -37.50 -22.27 74.49
N THR X 284 -37.68 -23.33 75.25
CA THR X 284 -37.31 -24.70 74.80
C THR X 284 -38.21 -25.09 73.64
N SER X 285 -39.44 -24.72 73.59
CA SER X 285 -40.32 -25.07 72.45
C SER X 285 -39.90 -24.32 71.17
N ARG X 286 -39.30 -23.15 71.38
CA ARG X 286 -38.75 -22.33 70.27
C ARG X 286 -37.61 -23.05 69.57
N VAL X 287 -36.74 -23.63 70.39
CA VAL X 287 -35.60 -24.41 69.89
C VAL X 287 -36.08 -25.64 69.10
N ALA X 288 -37.13 -26.27 69.64
CA ALA X 288 -37.70 -27.50 69.06
C ALA X 288 -38.31 -27.24 67.69
N ASP X 289 -39.05 -26.14 67.57
CA ASP X 289 -39.72 -25.78 66.29
C ASP X 289 -38.73 -25.49 65.17
N SER X 290 -37.70 -24.72 65.51
CA SER X 290 -36.64 -24.36 64.56
C SER X 290 -35.93 -25.62 64.03
N PHE X 291 -35.67 -26.55 64.95
CA PHE X 291 -35.04 -27.83 64.61
C PHE X 291 -35.98 -28.74 63.81
N ALA X 292 -37.25 -28.77 64.20
CA ALA X 292 -38.26 -29.62 63.54
C ALA X 292 -38.40 -29.24 62.06
N LYS X 293 -38.29 -27.94 61.78
CA LYS X 293 -38.41 -27.42 60.41
C LYS X 293 -37.11 -27.50 59.60
N PHE X 294 -35.99 -27.22 60.24
CA PHE X 294 -34.70 -27.03 59.53
C PHE X 294 -33.55 -27.91 59.97
N ARG X 295 -33.67 -28.50 61.15
CA ARG X 295 -32.60 -29.28 61.80
C ARG X 295 -31.48 -28.37 62.31
N TRP X 296 -31.82 -27.09 62.46
CA TRP X 296 -30.94 -26.06 63.04
C TRP X 296 -31.78 -25.21 63.99
N SER X 297 -31.12 -24.63 64.99
CA SER X 297 -31.82 -23.78 65.98
C SER X 297 -31.32 -22.31 66.03
N PRO X 298 -31.51 -21.56 64.95
CA PRO X 298 -31.28 -20.10 64.98
C PRO X 298 -32.58 -19.28 64.93
N ASN X 299 -33.68 -19.89 64.51
CA ASN X 299 -34.95 -19.15 64.30
C ASN X 299 -35.83 -19.16 65.56
N ILE X 300 -35.41 -18.34 66.51
CA ILE X 300 -36.03 -18.33 67.85
C ILE X 300 -36.16 -16.92 68.47
N ILE X 301 -36.03 -15.89 67.65
CA ILE X 301 -35.92 -14.50 68.16
C ILE X 301 -36.80 -13.46 67.43
N GLY X 302 -38.06 -13.81 67.21
CA GLY X 302 -38.91 -12.90 66.44
C GLY X 302 -40.38 -13.30 66.40
N PRO X 303 -41.24 -12.28 66.34
CA PRO X 303 -42.70 -12.45 66.18
C PRO X 303 -43.05 -13.25 64.92
N GLN X 304 -42.22 -13.07 63.89
CA GLN X 304 -42.39 -13.77 62.60
C GLN X 304 -41.31 -14.81 62.33
N SER X 305 -40.13 -14.61 62.93
CA SER X 305 -38.97 -15.51 62.69
C SER X 305 -39.17 -16.90 63.31
N GLY X 306 -39.88 -16.93 64.46
CA GLY X 306 -40.22 -18.18 65.15
C GLY X 306 -39.87 -18.17 66.65
N GLY X 307 -39.76 -16.94 67.18
CA GLY X 307 -39.62 -16.71 68.63
C GLY X 307 -40.95 -16.29 69.26
N ALA X 308 -42.02 -16.44 68.50
CA ALA X 308 -43.38 -16.12 68.95
C ALA X 308 -43.98 -17.32 69.69
N VAL X 309 -44.55 -17.03 70.83
CA VAL X 309 -45.26 -17.99 71.69
C VAL X 309 -46.76 -17.73 71.52
N GLU X 310 -47.42 -18.66 70.89
CA GLU X 310 -48.85 -18.51 70.56
C GLU X 310 -49.72 -19.35 71.48
N ASN X 311 -50.94 -18.87 71.67
CA ASN X 311 -51.99 -19.56 72.44
C ASN X 311 -51.73 -19.56 73.95
N LEU X 312 -51.67 -18.35 74.49
CA LEU X 312 -51.52 -18.17 75.94
C LEU X 312 -52.90 -18.14 76.63
N PRO X 313 -52.97 -18.67 77.84
CA PRO X 313 -54.18 -18.64 78.68
C PRO X 313 -54.61 -17.19 78.91
N LEU X 314 -55.91 -16.98 78.92
CA LEU X 314 -56.50 -15.65 79.18
C LEU X 314 -57.47 -15.77 80.36
N HIS X 315 -57.69 -14.66 81.06
CA HIS X 315 -58.62 -14.63 82.21
C HIS X 315 -59.27 -13.25 82.40
N GLN X 316 -60.43 -13.07 81.81
CA GLN X 316 -61.22 -11.82 81.99
C GLN X 316 -61.93 -11.83 83.34
N TYR X 317 -61.79 -10.74 84.05
CA TYR X 317 -62.41 -10.55 85.39
C TYR X 317 -62.72 -9.08 85.59
N GLU X 318 -63.60 -8.81 86.55
CA GLU X 318 -64.03 -7.44 86.83
C GLU X 318 -62.88 -6.58 87.33
N ALA X 319 -62.87 -5.37 86.83
CA ALA X 319 -61.88 -4.38 87.25
C ALA X 319 -62.57 -3.34 88.15
N MET X 320 -62.46 -2.05 87.85
CA MET X 320 -63.12 -0.96 88.59
C MET X 320 -64.53 -0.66 88.03
N GLY X 321 -65.26 -1.75 87.75
CA GLY X 321 -66.59 -1.65 87.10
C GLY X 321 -66.55 -2.08 85.64
N GLU X 322 -65.35 -2.22 85.11
CA GLU X 322 -65.07 -2.66 83.73
C GLU X 322 -64.56 -4.10 83.78
N ILE X 323 -64.06 -4.56 82.66
CA ILE X 323 -63.47 -5.90 82.54
C ILE X 323 -62.03 -5.78 82.01
N GLN X 324 -61.19 -6.66 82.49
CA GLN X 324 -59.80 -6.78 82.04
C GLN X 324 -59.34 -8.24 82.16
N THR X 325 -58.34 -8.59 81.40
CA THR X 325 -57.76 -9.94 81.44
C THR X 325 -56.43 -9.90 82.17
N LYS X 326 -56.24 -10.89 83.01
CA LYS X 326 -54.93 -11.10 83.65
C LYS X 326 -53.91 -11.38 82.54
N ILE X 327 -52.89 -10.53 82.49
CA ILE X 327 -51.81 -10.66 81.50
C ILE X 327 -51.14 -12.02 81.69
N PRO X 328 -50.98 -12.76 80.59
CA PRO X 328 -50.33 -14.09 80.55
C PRO X 328 -48.96 -14.08 81.20
N THR X 329 -48.25 -12.97 81.07
CA THR X 329 -47.01 -12.73 81.80
C THR X 329 -47.35 -11.72 82.90
N GLU X 330 -46.65 -11.74 84.00
CA GLU X 330 -46.90 -10.88 85.17
C GLU X 330 -47.12 -9.42 84.76
N VAL X 331 -46.29 -8.97 83.80
CA VAL X 331 -46.36 -7.58 83.31
C VAL X 331 -46.44 -7.50 81.78
N MET X 332 -46.79 -6.30 81.33
CA MET X 332 -46.77 -5.93 79.91
C MET X 332 -45.50 -5.11 79.66
N LEU X 333 -44.46 -5.84 79.30
CA LEU X 333 -43.15 -5.24 79.09
C LEU X 333 -43.16 -4.29 77.86
N THR X 334 -42.70 -3.05 78.10
CA THR X 334 -42.47 -2.02 77.08
C THR X 334 -41.19 -2.32 76.28
N GLU X 335 -41.09 -1.72 75.11
CA GLU X 335 -39.91 -1.92 74.25
C GLU X 335 -38.61 -1.46 74.94
N ARG X 336 -38.71 -0.34 75.66
CA ARG X 336 -37.55 0.23 76.37
C ARG X 336 -37.11 -0.69 77.52
N ARG X 337 -38.09 -1.22 78.23
CA ARG X 337 -37.76 -2.11 79.36
C ARG X 337 -37.20 -3.46 78.90
N GLU X 338 -37.71 -3.96 77.77
CA GLU X 338 -37.21 -5.19 77.13
C GLU X 338 -35.74 -5.00 76.74
N PHE X 339 -35.48 -3.84 76.13
CA PHE X 339 -34.13 -3.51 75.65
C PHE X 339 -33.14 -3.42 76.81
N GLU X 340 -33.62 -2.87 77.94
CA GLU X 340 -32.83 -2.75 79.17
C GLU X 340 -32.43 -4.13 79.69
N LEU X 341 -33.42 -5.03 79.73
CA LEU X 341 -33.21 -6.43 80.12
C LEU X 341 -32.25 -7.18 79.20
N SER X 342 -32.36 -6.86 77.91
CA SER X 342 -31.48 -7.45 76.89
C SER X 342 -30.02 -7.02 77.10
N GLU X 343 -29.84 -5.77 77.50
CA GLU X 343 -28.52 -5.20 77.82
C GLU X 343 -27.89 -5.87 79.05
N GLU X 344 -28.76 -6.32 79.95
CA GLU X 344 -28.32 -7.02 81.18
C GLU X 344 -28.34 -8.56 81.05
N GLY X 345 -28.40 -9.00 79.78
CA GLY X 345 -28.26 -10.43 79.42
C GLY X 345 -29.41 -11.31 79.93
N PHE X 346 -30.62 -10.75 79.96
CA PHE X 346 -31.83 -11.52 80.28
C PHE X 346 -32.64 -11.76 79.01
N ILE X 347 -33.35 -12.87 79.02
CA ILE X 347 -34.25 -13.28 77.91
C ILE X 347 -35.68 -13.01 78.37
N GLY X 348 -36.16 -11.83 78.01
CA GLY X 348 -37.50 -11.37 78.41
C GLY X 348 -38.56 -11.77 77.36
N LEU X 349 -39.49 -12.60 77.81
CA LEU X 349 -40.68 -12.96 77.03
C LEU X 349 -41.71 -11.84 77.15
N VAL X 350 -41.78 -11.00 76.13
CA VAL X 350 -42.72 -9.87 76.15
C VAL X 350 -44.11 -10.32 75.70
N PHE X 351 -45.11 -9.67 76.27
CA PHE X 351 -46.51 -9.94 75.91
C PHE X 351 -47.00 -8.93 74.87
N ARG X 352 -47.63 -9.46 73.84
CA ARG X 352 -48.26 -8.65 72.78
C ARG X 352 -49.59 -8.12 73.33
N LYS X 353 -49.63 -6.81 73.54
CA LYS X 353 -50.77 -6.14 74.18
C LYS X 353 -52.08 -6.51 73.48
N ASP X 354 -53.07 -6.86 74.31
CA ASP X 354 -54.44 -7.17 73.87
C ASP X 354 -54.58 -8.48 73.07
N SER X 355 -53.61 -9.38 73.21
CA SER X 355 -53.68 -10.67 72.51
C SER X 355 -53.40 -11.82 73.48
N ASP X 356 -53.14 -12.99 72.95
CA ASP X 356 -52.70 -14.18 73.71
C ASP X 356 -51.33 -14.66 73.17
N ASN X 357 -50.58 -13.73 72.60
CA ASN X 357 -49.28 -14.01 71.98
C ASN X 357 -48.17 -13.23 72.69
N ALA X 358 -47.07 -13.90 72.88
CA ALA X 358 -45.83 -13.33 73.43
C ALA X 358 -44.67 -13.63 72.47
N ALA X 359 -43.59 -12.87 72.58
CA ALA X 359 -42.41 -13.08 71.72
C ALA X 359 -41.08 -12.86 72.43
N PHE X 360 -40.08 -13.60 71.99
CA PHE X 360 -38.68 -13.44 72.40
C PHE X 360 -37.96 -12.60 71.35
N PHE X 361 -37.83 -11.32 71.62
CA PHE X 361 -37.14 -10.40 70.69
C PHE X 361 -35.66 -10.71 70.47
N SER X 362 -35.02 -11.30 71.48
CA SER X 362 -33.61 -11.73 71.38
C SER X 362 -33.26 -12.74 72.47
N ALA X 363 -32.23 -13.52 72.19
CA ALA X 363 -31.72 -14.55 73.11
C ALA X 363 -30.22 -14.34 73.41
N ASN X 364 -29.91 -13.19 73.99
CA ASN X 364 -28.54 -12.91 74.45
C ASN X 364 -28.21 -13.84 75.62
N SER X 365 -26.97 -14.31 75.65
CA SER X 365 -26.51 -15.14 76.78
C SER X 365 -26.20 -14.22 77.98
N THR X 366 -25.76 -14.83 79.07
CA THR X 366 -25.34 -14.04 80.24
C THR X 366 -24.09 -13.19 79.94
N GLN X 367 -23.21 -13.71 79.08
CA GLN X 367 -21.93 -13.05 78.79
C GLN X 367 -22.11 -11.60 78.34
N LYS X 368 -21.29 -10.75 78.95
CA LYS X 368 -21.24 -9.32 78.63
C LYS X 368 -20.21 -9.09 77.50
N PRO X 369 -20.62 -8.38 76.44
CA PRO X 369 -19.72 -8.04 75.31
C PRO X 369 -18.53 -7.21 75.79
N ARG X 370 -17.39 -7.44 75.15
CA ARG X 370 -16.16 -6.69 75.40
C ARG X 370 -16.04 -5.52 74.42
N PHE X 371 -15.47 -4.44 74.89
CA PHE X 371 -15.22 -3.26 74.05
C PHE X 371 -13.75 -3.22 73.63
N PHE X 372 -13.55 -2.88 72.37
CA PHE X 372 -12.21 -2.78 71.77
C PHE X 372 -12.00 -1.38 71.19
N GLY X 373 -10.72 -1.07 70.92
CA GLY X 373 -10.32 0.22 70.32
C GLY X 373 -11.08 0.44 69.01
N ASN X 374 -11.49 1.68 68.79
CA ASN X 374 -12.28 2.06 67.60
C ASN X 374 -11.42 2.18 66.34
N THR X 375 -10.93 1.04 65.92
CA THR X 375 -10.11 0.92 64.70
C THR X 375 -10.72 -0.17 63.81
N PRO X 376 -10.25 -0.35 62.58
CA PRO X 376 -10.77 -1.38 61.66
C PRO X 376 -10.68 -2.79 62.28
N GLU X 377 -9.52 -3.07 62.87
CA GLU X 377 -9.26 -4.36 63.54
C GLU X 377 -10.04 -4.49 64.86
N GLY X 378 -10.11 -3.36 65.60
CA GLY X 378 -10.79 -3.31 66.91
C GLY X 378 -12.30 -3.56 66.80
N LYS X 379 -12.89 -3.00 65.76
CA LYS X 379 -14.33 -3.14 65.49
C LYS X 379 -14.68 -4.53 64.97
N ALA X 380 -13.73 -5.12 64.24
CA ALA X 380 -13.84 -6.51 63.77
C ALA X 380 -13.81 -7.48 64.96
N ALA X 381 -12.99 -7.14 65.97
CA ALA X 381 -12.87 -7.91 67.21
C ALA X 381 -14.19 -7.89 68.00
N GLU X 382 -14.79 -6.71 68.03
CA GLU X 382 -16.08 -6.49 68.69
C GLU X 382 -17.20 -7.27 68.00
N THR X 383 -17.23 -7.23 66.67
CA THR X 383 -18.20 -7.97 65.84
C THR X 383 -18.12 -9.47 66.16
N ASN X 384 -16.91 -9.99 66.15
CA ASN X 384 -16.66 -11.42 66.39
C ASN X 384 -17.07 -11.86 67.80
N TYR X 385 -16.75 -11.00 68.78
CA TYR X 385 -17.03 -11.31 70.19
C TYR X 385 -18.53 -11.27 70.47
N ARG X 386 -19.22 -10.32 69.86
CA ARG X 386 -20.69 -10.16 70.02
C ARG X 386 -21.47 -11.34 69.43
N LEU X 387 -20.96 -11.88 68.32
CA LEU X 387 -21.57 -13.08 67.72
C LEU X 387 -21.55 -14.27 68.69
N GLY X 388 -20.42 -14.33 69.43
CA GLY X 388 -20.20 -15.35 70.47
C GLY X 388 -21.18 -15.21 71.64
N THR X 389 -21.55 -13.97 71.95
CA THR X 389 -22.41 -13.67 73.11
C THR X 389 -23.89 -14.00 72.90
N GLN X 390 -24.27 -14.25 71.64
CA GLN X 390 -25.68 -14.49 71.32
C GLN X 390 -25.94 -15.96 70.99
N LEU X 391 -26.94 -16.50 71.65
CA LEU X 391 -27.39 -17.89 71.52
C LEU X 391 -27.81 -18.32 70.10
N PRO X 392 -28.51 -17.46 69.32
CA PRO X 392 -28.90 -17.76 67.94
C PRO X 392 -27.74 -18.19 67.03
N TYR X 393 -26.53 -17.76 67.39
CA TYR X 393 -25.31 -18.10 66.62
C TYR X 393 -24.51 -19.23 67.27
N MET X 394 -24.52 -19.27 68.60
CA MET X 394 -23.86 -20.35 69.36
C MET X 394 -24.52 -21.70 69.08
N PHE X 395 -25.78 -21.71 68.76
CA PHE X 395 -26.50 -22.96 68.45
C PHE X 395 -25.97 -23.59 67.16
N ILE X 396 -25.54 -22.72 66.25
CA ILE X 396 -24.92 -23.14 64.99
C ILE X 396 -23.59 -23.84 65.28
N MET X 397 -22.76 -23.19 66.09
CA MET X 397 -21.45 -23.76 66.44
C MET X 397 -21.59 -25.06 67.25
N THR X 398 -22.62 -25.13 68.08
CA THR X 398 -22.89 -26.31 68.92
C THR X 398 -23.18 -27.54 68.04
N ARG X 399 -24.03 -27.35 67.04
CA ARG X 399 -24.40 -28.44 66.12
C ARG X 399 -23.21 -28.85 65.25
N LEU X 400 -22.41 -27.86 64.87
CA LEU X 400 -21.17 -28.10 64.10
C LEU X 400 -20.17 -28.94 64.90
N ALA X 401 -20.07 -28.60 66.19
CA ALA X 401 -19.21 -29.33 67.14
C ALA X 401 -19.66 -30.79 67.31
N HIS X 402 -20.98 -30.97 67.32
CA HIS X 402 -21.55 -32.33 67.45
C HIS X 402 -21.35 -33.19 66.20
N TYR X 403 -21.45 -32.55 65.04
CA TYR X 403 -21.24 -33.25 63.76
C TYR X 403 -19.77 -33.64 63.55
N ILE X 404 -18.88 -32.76 63.96
CA ILE X 404 -17.43 -32.98 63.81
C ILE X 404 -16.96 -34.14 64.68
N LYS X 405 -17.45 -34.15 65.94
CA LYS X 405 -17.08 -35.19 66.91
C LYS X 405 -17.47 -36.59 66.40
N VAL X 406 -18.72 -36.69 65.97
CA VAL X 406 -19.28 -37.95 65.45
C VAL X 406 -18.56 -38.40 64.17
N LEU X 407 -18.69 -37.57 63.13
CA LEU X 407 -18.19 -37.91 61.79
C LEU X 407 -16.69 -38.15 61.72
N GLN X 408 -15.95 -37.44 62.57
CA GLN X 408 -14.48 -37.59 62.62
C GLN X 408 -14.02 -38.89 63.26
N ARG X 409 -14.76 -39.38 64.24
CA ARG X 409 -14.45 -40.67 64.88
C ARG X 409 -14.55 -41.84 63.89
N GLU X 410 -15.48 -41.69 62.93
CA GLU X 410 -15.64 -42.66 61.83
C GLU X 410 -14.42 -42.72 60.91
N GLN X 411 -13.72 -41.60 60.82
CA GLN X 411 -12.57 -41.43 59.92
C GLN X 411 -11.24 -41.88 60.55
N ILE X 412 -11.20 -42.01 61.87
CA ILE X 412 -9.96 -42.45 62.56
C ILE X 412 -9.50 -43.80 61.99
N GLY X 413 -8.21 -43.83 61.64
CA GLY X 413 -7.59 -45.05 61.08
C GLY X 413 -7.40 -44.96 59.55
N SER X 414 -8.11 -44.04 58.92
CA SER X 414 -8.02 -43.83 57.46
C SER X 414 -6.68 -43.16 57.08
N TRP X 415 -6.25 -43.42 55.86
CA TRP X 415 -5.00 -42.85 55.31
C TRP X 415 -5.20 -41.37 54.97
N LYS X 416 -5.04 -40.50 55.96
CA LYS X 416 -5.22 -39.06 55.76
C LYS X 416 -3.91 -38.30 55.98
N GLU X 417 -3.48 -37.62 54.94
CA GLU X 417 -2.38 -36.65 54.99
C GLU X 417 -2.98 -35.27 55.28
N LYS X 418 -2.16 -34.29 55.60
CA LYS X 418 -2.63 -32.94 55.99
C LYS X 418 -3.64 -32.33 55.01
N SER X 419 -3.27 -32.29 53.73
CA SER X 419 -4.10 -31.73 52.65
C SER X 419 -5.34 -32.57 52.37
N ASP X 420 -5.32 -33.84 52.78
CA ASP X 420 -6.51 -34.72 52.66
C ASP X 420 -7.65 -34.23 53.57
N LEU X 421 -7.27 -33.79 54.76
CA LEU X 421 -8.24 -33.21 55.71
C LEU X 421 -8.81 -31.87 55.23
N GLU X 422 -7.95 -31.05 54.63
CA GLU X 422 -8.40 -29.75 54.10
C GLU X 422 -9.39 -29.93 52.95
N ARG X 423 -9.10 -30.92 52.10
CA ARG X 423 -9.98 -31.21 50.95
C ARG X 423 -11.35 -31.72 51.41
N GLU X 424 -11.33 -32.72 52.29
CA GLU X 424 -12.57 -33.37 52.75
C GLU X 424 -13.39 -32.45 53.67
N LEU X 425 -12.71 -31.80 54.61
CA LEU X 425 -13.36 -30.84 55.52
C LEU X 425 -14.03 -29.67 54.80
N ASN X 426 -13.38 -29.24 53.71
CA ASN X 426 -13.94 -28.16 52.86
C ASN X 426 -15.22 -28.61 52.15
N HIS X 427 -15.16 -29.81 51.57
CA HIS X 427 -16.30 -30.40 50.87
C HIS X 427 -17.48 -30.64 51.83
N TRP X 428 -17.14 -30.97 53.07
CA TRP X 428 -18.15 -31.24 54.11
C TRP X 428 -18.88 -29.96 54.53
N LEU X 429 -18.10 -28.93 54.87
CA LEU X 429 -18.69 -27.71 55.42
C LEU X 429 -19.59 -27.01 54.40
N SER X 430 -19.23 -27.12 53.12
CA SER X 430 -20.02 -26.56 52.01
C SER X 430 -21.49 -27.01 52.05
N GLN X 431 -21.71 -28.17 52.67
CA GLN X 431 -23.06 -28.74 52.83
C GLN X 431 -24.05 -27.76 53.51
N TYR X 432 -23.53 -26.93 54.42
CA TYR X 432 -24.39 -25.99 55.18
C TYR X 432 -24.14 -24.53 54.81
N ILE X 433 -23.64 -24.30 53.61
CA ILE X 433 -23.34 -22.92 53.15
C ILE X 433 -24.31 -22.51 52.06
N SER X 434 -24.80 -21.30 52.20
CA SER X 434 -25.67 -20.65 51.18
C SER X 434 -25.04 -19.32 50.80
N ASP X 435 -24.16 -19.37 49.83
CA ASP X 435 -23.34 -18.22 49.40
C ASP X 435 -23.87 -17.60 48.10
N MET X 436 -25.18 -17.55 47.98
CA MET X 436 -25.80 -16.96 46.79
C MET X 436 -26.01 -15.45 47.00
N ASP X 437 -26.24 -14.77 45.90
CA ASP X 437 -26.47 -13.30 45.90
C ASP X 437 -27.59 -12.88 46.87
N ASP X 438 -28.66 -13.70 46.88
CA ASP X 438 -29.85 -13.45 47.68
C ASP X 438 -30.69 -14.73 47.81
N PRO X 439 -30.35 -15.56 48.76
CA PRO X 439 -31.10 -16.78 49.11
C PRO X 439 -32.46 -16.38 49.64
N ALA X 440 -33.43 -17.26 49.35
CA ALA X 440 -34.78 -16.98 49.83
C ALA X 440 -34.77 -16.75 51.35
N PRO X 441 -35.39 -15.66 51.80
CA PRO X 441 -35.39 -15.25 53.20
C PRO X 441 -35.98 -16.36 54.06
N ALA X 442 -35.32 -16.64 55.18
CA ALA X 442 -35.69 -17.76 56.08
C ALA X 442 -35.53 -19.13 55.39
N VAL X 443 -34.59 -19.20 54.45
CA VAL X 443 -34.26 -20.44 53.71
C VAL X 443 -32.77 -20.73 53.88
N ARG X 444 -32.00 -19.65 53.82
CA ARG X 444 -30.88 -19.34 54.75
C ARG X 444 -30.98 -20.07 56.09
N SER X 445 -32.22 -20.33 56.51
CA SER X 445 -32.51 -21.09 57.72
C SER X 445 -31.91 -22.51 57.75
N ARG X 446 -32.19 -23.31 56.71
CA ARG X 446 -31.60 -24.68 56.62
C ARG X 446 -30.08 -24.66 56.36
N ARG X 447 -29.60 -23.58 55.73
CA ARG X 447 -28.17 -23.34 55.49
C ARG X 447 -27.73 -22.04 56.18
N PRO X 448 -27.44 -22.15 57.48
CA PRO X 448 -27.17 -21.00 58.36
C PRO X 448 -25.90 -20.21 58.00
N LEU X 449 -24.94 -20.88 57.38
CA LEU X 449 -23.65 -20.28 57.05
C LEU X 449 -23.62 -19.61 55.67
N ARG X 450 -22.86 -18.54 55.59
CA ARG X 450 -22.65 -17.79 54.34
C ARG X 450 -21.26 -18.08 53.76
N ALA X 451 -20.27 -18.08 54.64
CA ALA X 451 -18.88 -18.40 54.30
C ALA X 451 -18.24 -19.21 55.41
N ALA X 452 -17.17 -19.90 55.05
CA ALA X 452 -16.35 -20.64 56.01
C ALA X 452 -14.97 -20.96 55.48
N ARG X 453 -14.05 -20.98 56.40
CA ARG X 453 -12.63 -21.21 56.11
C ARG X 453 -12.06 -22.30 57.03
N VAL X 454 -11.30 -23.19 56.41
CA VAL X 454 -10.61 -24.28 57.13
C VAL X 454 -9.12 -24.28 56.78
N VAL X 455 -8.32 -24.35 57.82
CA VAL X 455 -6.87 -24.58 57.71
C VAL X 455 -6.48 -25.78 58.58
N VAL X 456 -5.58 -26.59 58.05
CA VAL X 456 -5.08 -27.78 58.77
C VAL X 456 -3.56 -27.74 58.79
N GLU X 457 -3.01 -27.90 59.98
CA GLU X 457 -1.56 -28.01 60.14
C GLU X 457 -1.23 -29.34 60.83
N ASP X 458 0.06 -29.61 60.94
CA ASP X 458 0.53 -30.87 61.56
C ASP X 458 1.01 -30.62 62.98
N VAL X 459 0.67 -31.53 63.85
CA VAL X 459 1.22 -31.57 65.23
C VAL X 459 2.65 -32.12 65.12
N GLU X 460 3.61 -31.22 65.11
CA GLU X 460 5.02 -31.59 64.91
C GLU X 460 5.49 -32.55 66.02
N GLY X 461 6.18 -33.59 65.55
CA GLY X 461 6.69 -34.67 66.42
C GLY X 461 5.57 -35.61 66.91
N GLN X 462 4.45 -35.61 66.19
CA GLN X 462 3.33 -36.52 66.44
C GLN X 462 2.61 -36.84 65.11
N PRO X 463 3.15 -37.80 64.38
CA PRO X 463 2.66 -38.19 63.04
C PRO X 463 1.25 -38.81 63.15
N GLY X 464 0.35 -38.29 62.32
CA GLY X 464 -1.04 -38.78 62.32
C GLY X 464 -2.01 -37.81 63.02
N TRP X 465 -1.45 -36.86 63.77
CA TRP X 465 -2.23 -35.85 64.49
C TRP X 465 -2.14 -34.50 63.79
N TYR X 466 -3.27 -33.82 63.79
CA TYR X 466 -3.43 -32.53 63.09
C TYR X 466 -4.07 -31.47 63.96
N ARG X 467 -3.80 -30.23 63.61
CA ARG X 467 -4.40 -29.04 64.25
C ARG X 467 -5.28 -28.31 63.23
N CYS X 468 -6.57 -28.32 63.48
CA CYS X 468 -7.54 -27.76 62.53
C CYS X 468 -8.20 -26.50 63.07
N SER X 469 -8.32 -25.52 62.20
CA SER X 469 -9.02 -24.26 62.50
C SER X 469 -10.20 -24.06 61.55
N LEU X 470 -11.35 -23.90 62.17
CA LEU X 470 -12.62 -23.69 61.48
C LEU X 470 -13.27 -22.36 61.88
N GLN X 471 -13.38 -21.46 60.92
CA GLN X 471 -14.00 -20.15 61.12
C GLN X 471 -15.16 -19.97 60.15
N VAL X 472 -16.27 -19.49 60.66
CA VAL X 472 -17.53 -19.37 59.88
C VAL X 472 -18.16 -17.99 59.99
N ARG X 473 -18.83 -17.60 58.92
CA ARG X 473 -19.56 -16.33 58.82
C ARG X 473 -21.04 -16.66 58.60
N PRO X 474 -21.82 -16.66 59.66
CA PRO X 474 -23.28 -16.96 59.64
C PRO X 474 -24.04 -15.79 59.01
N HIS X 475 -25.22 -16.07 58.47
CA HIS X 475 -26.13 -14.99 58.04
C HIS X 475 -26.58 -14.20 59.27
N PHE X 476 -26.78 -12.90 59.09
CA PHE X 476 -27.12 -12.01 60.21
C PHE X 476 -28.61 -11.86 60.44
N LYS X 477 -28.96 -11.90 61.71
CA LYS X 477 -30.33 -11.61 62.16
C LYS X 477 -30.53 -10.09 62.25
N TYR X 478 -31.71 -9.66 61.82
CA TYR X 478 -32.14 -8.26 61.93
C TYR X 478 -32.55 -7.98 63.38
N MET X 479 -31.78 -7.17 64.07
CA MET X 479 -31.96 -6.98 65.53
C MET X 479 -32.00 -5.52 66.00
N GLY X 480 -32.44 -4.63 65.10
CA GLY X 480 -32.55 -3.20 65.44
C GLY X 480 -31.95 -2.30 64.36
N ALA X 481 -32.39 -1.05 64.38
CA ALA X 481 -32.03 -0.03 63.38
C ALA X 481 -32.50 1.35 63.83
N SER X 482 -31.77 2.36 63.38
CA SER X 482 -32.10 3.77 63.62
C SER X 482 -32.54 4.42 62.30
N PHE X 483 -33.58 5.21 62.39
CA PHE X 483 -34.17 5.89 61.21
C PHE X 483 -34.08 7.41 61.36
N THR X 484 -33.70 8.03 60.26
CA THR X 484 -33.65 9.50 60.14
C THR X 484 -34.64 9.96 59.06
N LEU X 485 -35.71 10.58 59.50
CA LEU X 485 -36.74 11.08 58.57
C LEU X 485 -36.44 12.53 58.20
N SER X 486 -36.75 12.89 56.96
CA SER X 486 -36.49 14.25 56.46
C SER X 486 -37.34 14.58 55.25
N LEU X 487 -38.06 15.69 55.38
CA LEU X 487 -38.73 16.34 54.25
C LEU X 487 -37.67 17.05 53.40
N VAL X 488 -37.90 17.08 52.11
CA VAL X 488 -36.92 17.63 51.16
C VAL X 488 -37.61 18.07 49.86
N GLY X 489 -37.15 19.20 49.36
CA GLY X 489 -37.54 19.69 48.03
C GLY X 489 -36.41 19.39 47.07
N LYS X 490 -36.70 19.25 45.81
CA LYS X 490 -35.73 18.99 44.69
C LYS X 490 -34.96 17.66 44.87
N LEU X 491 -35.58 16.72 45.59
CA LEU X 491 -35.01 15.38 45.75
C LEU X 491 -34.97 14.72 44.37
N ASP X 492 -33.91 13.97 44.10
CA ASP X 492 -33.85 13.17 42.85
C ASP X 492 -35.03 12.19 42.85
N LYS X 493 -35.75 12.17 41.75
CA LYS X 493 -37.01 11.37 41.65
C LYS X 493 -36.77 9.85 41.77
N LEU Y 30 -37.70 67.87 22.92
CA LEU Y 30 -37.13 69.20 23.15
C LEU Y 30 -37.68 70.21 22.13
N PRO Y 31 -38.33 71.25 22.65
CA PRO Y 31 -38.83 72.37 21.83
C PRO Y 31 -37.66 73.02 21.08
N LEU Y 32 -38.03 73.75 20.03
CA LEU Y 32 -37.07 74.60 19.30
C LEU Y 32 -37.29 76.05 19.74
N LYS Y 33 -36.44 76.49 20.65
CA LYS Y 33 -36.55 77.85 21.18
C LYS Y 33 -35.46 78.73 20.57
N VAL Y 34 -35.91 79.87 20.07
CA VAL Y 34 -35.04 80.90 19.50
C VAL Y 34 -35.04 82.12 20.42
N LEU Y 35 -33.92 82.82 20.40
CA LEU Y 35 -33.74 84.05 21.16
C LEU Y 35 -33.48 85.22 20.21
N MET Y 36 -34.46 86.11 20.14
CA MET Y 36 -34.37 87.32 19.31
C MET Y 36 -33.83 88.48 20.15
N LEU Y 37 -32.61 88.86 19.84
CA LEU Y 37 -31.93 89.94 20.57
C LEU Y 37 -31.79 91.12 19.62
N GLY Y 38 -32.18 92.29 20.13
CA GLY Y 38 -32.21 93.52 19.33
C GLY Y 38 -32.72 94.73 20.12
N ASP Y 39 -32.58 95.87 19.48
CA ASP Y 39 -33.00 97.16 20.07
C ASP Y 39 -34.48 97.44 19.77
N PHE Y 40 -35.33 96.85 20.61
CA PHE Y 40 -36.78 96.98 20.48
C PHE Y 40 -37.38 98.29 21.04
N THR Y 41 -36.55 99.04 21.75
CA THR Y 41 -36.98 100.32 22.36
C THR Y 41 -36.17 101.47 21.76
N GLY Y 42 -36.68 102.69 21.99
CA GLY Y 42 -36.05 103.93 21.52
C GLY Y 42 -34.80 104.35 22.33
N GLN Y 43 -34.51 103.61 23.40
CA GLN Y 43 -33.41 103.94 24.32
C GLN Y 43 -32.85 102.68 25.00
N GLU Y 44 -31.58 102.77 25.39
CA GLU Y 44 -30.93 101.75 26.23
C GLU Y 44 -31.54 101.75 27.64
N ASP Y 45 -31.51 100.57 28.27
CA ASP Y 45 -31.98 100.44 29.66
C ASP Y 45 -30.81 100.59 30.64
N ALA Y 46 -31.11 101.19 31.78
CA ALA Y 46 -30.19 101.30 32.93
C ALA Y 46 -29.89 99.93 33.57
N ARG Y 47 -30.88 99.04 33.54
CA ARG Y 47 -30.77 97.68 34.09
C ARG Y 47 -29.66 96.89 33.38
N PRO Y 48 -28.78 96.25 34.14
CA PRO Y 48 -27.71 95.38 33.61
C PRO Y 48 -28.32 94.27 32.75
N LEU Y 49 -27.54 93.84 31.76
CA LEU Y 49 -27.97 92.77 30.83
C LEU Y 49 -28.38 91.47 31.55
N GLU Y 50 -27.60 91.11 32.56
CA GLU Y 50 -27.88 89.92 33.38
C GLU Y 50 -29.16 90.02 34.20
N GLN Y 51 -29.58 91.26 34.45
CA GLN Y 51 -30.74 91.54 35.30
C GLN Y 51 -32.04 91.64 34.49
N ARG Y 52 -31.99 92.36 33.36
CA ARG Y 52 -33.16 92.44 32.47
C ARG Y 52 -33.55 91.04 32.01
N ALA Y 53 -34.85 90.84 31.92
CA ALA Y 53 -35.40 89.50 31.66
C ALA Y 53 -35.91 89.36 30.21
N PRO Y 54 -35.86 88.12 29.69
CA PRO Y 54 -36.45 87.78 28.39
C PRO Y 54 -37.98 87.69 28.49
N ILE Y 55 -38.62 87.93 27.35
CA ILE Y 55 -40.10 87.88 27.25
C ILE Y 55 -40.52 86.79 26.25
N ASN Y 56 -41.38 85.89 26.71
CA ASN Y 56 -41.93 84.85 25.83
C ASN Y 56 -43.05 85.44 24.96
N VAL Y 57 -42.91 85.25 23.65
CA VAL Y 57 -43.86 85.80 22.68
C VAL Y 57 -44.48 84.65 21.86
N ASP Y 58 -45.76 84.82 21.58
CA ASP Y 58 -46.51 83.92 20.68
C ASP Y 58 -47.67 84.69 20.01
N LYS Y 59 -48.34 84.01 19.08
CA LYS Y 59 -49.47 84.58 18.33
C LYS Y 59 -50.63 85.13 19.18
N ALA Y 60 -50.82 84.55 20.37
CA ALA Y 60 -51.95 84.88 21.24
C ALA Y 60 -51.67 85.96 22.30
N ASN Y 61 -50.53 86.63 22.17
CA ASN Y 61 -50.13 87.68 23.13
C ASN Y 61 -49.12 88.69 22.56
N PHE Y 62 -48.90 88.65 21.26
CA PHE Y 62 -47.90 89.52 20.60
C PHE Y 62 -48.18 91.00 20.91
N ASN Y 63 -49.43 91.40 20.69
CA ASN Y 63 -49.87 92.79 20.97
C ASN Y 63 -49.73 93.16 22.46
N GLU Y 64 -50.03 92.19 23.31
CA GLU Y 64 -50.01 92.35 24.77
C GLU Y 64 -48.57 92.64 25.20
N VAL Y 65 -47.63 91.98 24.52
CA VAL Y 65 -46.19 92.16 24.76
C VAL Y 65 -45.77 93.59 24.40
N MET Y 66 -46.25 94.09 23.28
CA MET Y 66 -45.92 95.47 22.85
C MET Y 66 -46.45 96.52 23.84
N ALA Y 67 -47.69 96.29 24.27
CA ALA Y 67 -48.37 97.16 25.25
C ALA Y 67 -47.61 97.21 26.58
N GLN Y 68 -47.18 96.04 27.04
CA GLN Y 68 -46.40 95.91 28.29
C GLN Y 68 -44.97 96.45 28.16
N GLN Y 69 -44.39 96.31 26.98
CA GLN Y 69 -43.02 96.79 26.70
C GLN Y 69 -42.95 98.31 26.77
N ASN Y 70 -44.05 98.97 26.36
CA ASN Y 70 -44.18 100.43 26.37
C ASN Y 70 -43.11 101.06 25.46
N LEU Y 71 -43.58 101.43 24.27
CA LEU Y 71 -42.70 102.03 23.26
C LEU Y 71 -42.94 103.54 23.20
N LYS Y 72 -41.85 104.27 22.99
CA LYS Y 72 -41.87 105.73 22.90
C LYS Y 72 -40.72 106.25 22.03
N VAL Y 73 -41.06 107.22 21.21
CA VAL Y 73 -40.10 107.92 20.33
C VAL Y 73 -40.17 109.44 20.52
N THR Y 74 -39.06 109.96 20.98
CA THR Y 74 -38.85 111.42 21.08
C THR Y 74 -37.84 111.78 20.00
N LEU Y 75 -38.33 112.43 18.97
CA LEU Y 75 -37.51 112.75 17.79
C LEU Y 75 -38.00 114.04 17.15
N THR Y 76 -37.07 114.66 16.44
CA THR Y 76 -37.31 115.89 15.70
C THR Y 76 -37.17 115.66 14.19
N ALA Y 77 -38.16 116.15 13.46
CA ALA Y 77 -38.21 116.11 11.99
C ALA Y 77 -38.33 117.54 11.44
N ALA Y 78 -37.91 117.71 10.19
CA ALA Y 78 -38.08 118.99 9.48
C ALA Y 78 -39.57 119.37 9.43
N ASP Y 79 -39.84 120.59 9.87
CA ASP Y 79 -41.21 121.14 9.85
C ASP Y 79 -41.52 121.64 8.43
N LYS Y 80 -42.30 120.84 7.72
CA LYS Y 80 -42.67 121.19 6.33
C LYS Y 80 -44.10 121.72 6.23
N LEU Y 81 -44.63 122.17 7.36
CA LEU Y 81 -45.94 122.84 7.42
C LEU Y 81 -45.86 124.35 7.14
N SER Y 82 -44.61 124.81 7.02
CA SER Y 82 -44.29 126.21 6.68
C SER Y 82 -43.21 126.24 5.58
N ALA Y 83 -42.64 127.42 5.36
CA ALA Y 83 -41.57 127.66 4.38
C ALA Y 83 -40.29 128.20 5.05
N ASP Y 84 -39.97 127.64 6.21
CA ASP Y 84 -38.76 128.05 6.95
C ASP Y 84 -37.83 126.84 7.16
N PRO Y 85 -36.59 126.92 6.66
CA PRO Y 85 -35.55 125.90 6.87
C PRO Y 85 -35.14 125.69 8.33
N ASN Y 86 -35.29 126.74 9.14
CA ASN Y 86 -35.00 126.71 10.59
C ASN Y 86 -36.15 126.13 11.44
N ALA Y 87 -37.31 125.96 10.82
CA ALA Y 87 -38.48 125.36 11.48
C ALA Y 87 -38.31 123.85 11.62
N THR Y 88 -38.38 123.42 12.87
CA THR Y 88 -38.28 122.00 13.22
C THR Y 88 -39.46 121.57 14.09
N MET Y 89 -39.84 120.30 13.95
CA MET Y 89 -40.96 119.73 14.74
C MET Y 89 -40.49 118.55 15.58
N ASN Y 90 -40.72 118.67 16.88
CA ASN Y 90 -40.41 117.59 17.82
C ASN Y 90 -41.71 116.90 18.25
N VAL Y 91 -41.69 115.58 18.10
CA VAL Y 91 -42.84 114.71 18.40
C VAL Y 91 -42.49 113.70 19.50
N SER Y 92 -43.51 113.28 20.21
CA SER Y 92 -43.39 112.24 21.26
C SER Y 92 -44.42 111.13 21.02
N LEU Y 93 -44.06 110.21 20.13
CA LEU Y 93 -44.98 109.11 19.78
C LEU Y 93 -44.89 107.96 20.78
N GLN Y 94 -46.04 107.33 20.99
CA GLN Y 94 -46.20 106.19 21.90
C GLN Y 94 -46.93 105.07 21.17
N PHE Y 95 -46.46 103.86 21.41
CA PHE Y 95 -47.03 102.67 20.74
C PHE Y 95 -47.41 101.61 21.76
N LYS Y 96 -48.56 101.01 21.51
CA LYS Y 96 -49.10 99.89 22.30
C LYS Y 96 -49.20 98.61 21.44
N ASN Y 97 -49.49 98.82 20.16
CA ASN Y 97 -49.57 97.74 19.16
C ASN Y 97 -49.04 98.26 17.81
N LEU Y 98 -48.95 97.34 16.85
CA LEU Y 98 -48.49 97.65 15.48
C LEU Y 98 -49.39 98.64 14.72
N ASN Y 99 -50.68 98.62 15.09
CA ASN Y 99 -51.66 99.56 14.52
C ASN Y 99 -51.28 101.03 14.82
N ASP Y 100 -50.54 101.23 15.90
CA ASP Y 100 -50.07 102.57 16.30
C ASP Y 100 -48.92 103.13 15.45
N PHE Y 101 -48.46 102.38 14.47
CA PHE Y 101 -47.47 102.87 13.50
C PHE Y 101 -48.11 103.37 12.21
N SER Y 102 -49.44 103.22 12.12
CA SER Y 102 -50.19 103.72 10.96
C SER Y 102 -50.25 105.25 10.97
N PRO Y 103 -50.25 105.89 9.80
CA PRO Y 103 -50.34 107.35 9.67
C PRO Y 103 -51.51 107.96 10.45
N GLU Y 104 -52.59 107.18 10.58
CA GLU Y 104 -53.78 107.58 11.35
C GLU Y 104 -53.47 107.82 12.85
N SER Y 105 -52.61 106.97 13.42
CA SER Y 105 -52.20 107.11 14.82
C SER Y 105 -51.11 108.17 14.99
N VAL Y 106 -50.25 108.30 13.98
CA VAL Y 106 -49.18 109.31 13.94
C VAL Y 106 -49.79 110.72 14.00
N VAL Y 107 -50.82 110.93 13.19
CA VAL Y 107 -51.56 112.22 13.16
C VAL Y 107 -52.21 112.52 14.52
N ASN Y 108 -52.81 111.48 15.11
CA ASN Y 108 -53.54 111.61 16.38
C ASN Y 108 -52.62 112.00 17.54
N GLN Y 109 -51.35 111.61 17.43
CA GLN Y 109 -50.36 111.91 18.48
C GLN Y 109 -49.49 113.13 18.17
N VAL Y 110 -49.80 113.79 17.04
CA VAL Y 110 -49.07 115.00 16.61
C VAL Y 110 -50.10 116.12 16.43
N PRO Y 111 -50.27 116.98 17.45
CA PRO Y 111 -51.23 118.10 17.46
C PRO Y 111 -51.16 119.00 16.22
N GLU Y 112 -49.95 119.19 15.73
CA GLU Y 112 -49.64 120.00 14.54
C GLU Y 112 -50.24 119.43 13.25
N LEU Y 113 -50.51 118.12 13.28
CA LEU Y 113 -51.21 117.40 12.20
C LEU Y 113 -52.66 117.07 12.55
N LYS Y 114 -52.89 116.76 13.83
CA LYS Y 114 -54.24 116.42 14.35
C LYS Y 114 -55.23 117.56 14.10
N LYS Y 115 -54.78 118.78 14.37
CA LYS Y 115 -55.60 119.99 14.12
C LYS Y 115 -55.90 120.20 12.64
N LEU Y 116 -54.94 119.83 11.79
CA LEU Y 116 -55.09 119.88 10.33
C LEU Y 116 -56.08 118.84 9.81
N LEU Y 117 -56.12 117.70 10.48
CA LEU Y 117 -57.08 116.63 10.18
C LEU Y 117 -58.49 117.04 10.62
N GLU Y 118 -58.57 117.72 11.76
CA GLU Y 118 -59.83 118.28 12.27
C GLU Y 118 -60.36 119.37 11.34
N LEU Y 119 -59.41 120.15 10.81
CA LEU Y 119 -59.69 121.17 9.78
C LEU Y 119 -60.23 120.53 8.51
N ARG Y 120 -59.56 119.46 8.09
CA ARG Y 120 -59.95 118.68 6.89
C ARG Y 120 -61.42 118.26 7.03
N SER Y 121 -61.75 117.66 8.17
CA SER Y 121 -63.13 117.18 8.45
C SER Y 121 -64.15 118.31 8.47
N ALA Y 122 -63.74 119.47 8.98
CA ALA Y 122 -64.56 120.70 8.99
C ALA Y 122 -64.83 121.21 7.58
N LEU Y 123 -63.88 121.14 6.76
CA LEU Y 123 -64.05 121.69 5.40
C LEU Y 123 -64.85 120.72 4.53
N ASN Y 124 -64.64 119.40 4.68
CA ASN Y 124 -65.40 118.43 3.90
C ASN Y 124 -66.87 118.47 4.29
N ALA Y 125 -67.15 118.62 5.62
CA ALA Y 125 -68.52 118.74 6.16
C ALA Y 125 -69.20 119.97 5.57
N LEU Y 126 -68.51 121.12 5.60
CA LEU Y 126 -69.00 122.36 5.03
C LEU Y 126 -69.28 122.21 3.52
N LYS Y 127 -68.28 121.72 2.76
CA LYS Y 127 -68.42 121.57 1.30
C LYS Y 127 -69.49 120.58 0.90
N GLY Y 128 -69.75 119.53 1.72
CA GLY Y 128 -70.82 118.57 1.45
C GLY Y 128 -72.16 119.04 2.03
N PRO Y 129 -72.20 120.27 2.58
CA PRO Y 129 -73.37 120.91 3.18
C PRO Y 129 -73.95 120.16 4.40
N LEU Y 130 -73.09 119.43 5.14
CA LEU Y 130 -73.51 118.65 6.30
C LEU Y 130 -73.69 119.49 7.56
N GLY Y 131 -73.16 120.72 7.58
CA GLY Y 131 -73.38 121.64 8.69
C GLY Y 131 -73.56 123.05 8.16
N ASN Y 132 -74.26 123.90 8.92
CA ASN Y 132 -74.48 125.27 8.50
C ASN Y 132 -73.29 126.15 8.90
N LEU Y 133 -73.24 127.40 8.41
CA LEU Y 133 -72.17 128.35 8.66
C LEU Y 133 -71.92 128.65 10.13
N PRO Y 134 -72.98 128.76 10.95
CA PRO Y 134 -72.83 129.05 12.39
C PRO Y 134 -72.05 127.92 13.10
N ALA Y 135 -72.38 126.63 12.80
CA ALA Y 135 -71.70 125.48 13.41
C ALA Y 135 -70.26 125.45 12.90
N PHE Y 136 -70.06 125.62 11.58
CA PHE Y 136 -68.74 125.66 10.97
C PHE Y 136 -67.84 126.66 11.72
N ARG Y 137 -68.30 127.93 11.91
CA ARG Y 137 -67.47 128.96 12.59
C ARG Y 137 -67.18 128.61 14.04
N LYS Y 138 -68.14 127.98 14.74
CA LYS Y 138 -67.98 127.56 16.15
C LYS Y 138 -66.90 126.47 16.24
N LYS Y 139 -66.96 125.47 15.33
CA LYS Y 139 -65.99 124.39 15.29
C LYS Y 139 -64.62 124.87 14.85
N LEU Y 140 -64.57 125.85 13.98
CA LEU Y 140 -63.33 126.35 13.50
C LEU Y 140 -62.57 126.98 14.62
N GLN Y 141 -63.24 127.78 15.41
CA GLN Y 141 -62.58 128.43 16.52
C GLN Y 141 -62.05 127.43 17.54
N ALA Y 142 -62.75 126.35 17.77
CA ALA Y 142 -62.29 125.28 18.64
C ALA Y 142 -60.99 124.61 18.14
N LEU Y 143 -60.96 124.27 16.88
CA LEU Y 143 -59.78 123.75 16.26
C LEU Y 143 -58.57 124.69 16.45
N LEU Y 144 -58.73 125.96 16.15
CA LEU Y 144 -57.61 126.87 16.10
C LEU Y 144 -57.21 127.46 17.47
N ALA Y 145 -58.02 127.16 18.46
CA ALA Y 145 -57.80 127.56 19.85
C ALA Y 145 -56.59 126.84 20.48
N ASP Y 146 -56.20 125.63 19.99
CA ASP Y 146 -55.08 124.86 20.55
C ASP Y 146 -53.83 125.74 20.76
N GLU Y 147 -53.40 125.94 22.03
CA GLU Y 147 -52.25 126.84 22.25
C GLU Y 147 -50.90 126.31 21.78
N ASP Y 148 -50.82 125.01 21.46
CA ASP Y 148 -49.59 124.37 20.99
C ASP Y 148 -49.35 124.66 19.50
N GLY Y 149 -50.36 125.23 18.78
CA GLY Y 149 -50.22 125.55 17.36
C GLY Y 149 -49.43 126.80 17.14
N ARG Y 150 -48.73 126.88 16.00
CA ARG Y 150 -48.03 128.11 15.65
C ARG Y 150 -49.07 129.04 15.00
N LYS Y 151 -48.86 130.37 15.07
CA LYS Y 151 -49.78 131.31 14.43
C LYS Y 151 -49.64 131.18 12.90
N ALA Y 152 -48.44 130.79 12.42
CA ALA Y 152 -48.18 130.58 11.00
C ALA Y 152 -49.09 129.45 10.51
N LEU Y 153 -49.16 128.33 11.25
CA LEU Y 153 -50.06 127.24 10.87
C LEU Y 153 -51.54 127.67 10.93
N ILE Y 154 -51.96 128.41 11.98
CA ILE Y 154 -53.36 128.88 12.10
C ILE Y 154 -53.77 129.67 10.86
N LYS Y 155 -52.87 130.58 10.37
CA LYS Y 155 -53.05 131.41 9.17
C LYS Y 155 -53.23 130.59 7.89
N GLU Y 156 -52.42 129.54 7.69
CA GLU Y 156 -52.51 128.61 6.56
C GLU Y 156 -53.82 127.81 6.64
N LEU Y 157 -54.27 127.47 7.87
CA LEU Y 157 -55.55 126.77 8.08
C LEU Y 157 -56.75 127.66 7.74
N GLY Y 158 -56.72 128.92 8.23
CA GLY Y 158 -57.78 129.93 7.97
C GLY Y 158 -57.84 130.31 6.49
N LEU Y 159 -56.69 130.24 5.77
CA LEU Y 159 -56.62 130.54 4.33
C LEU Y 159 -57.34 129.50 3.47
N THR Y 160 -57.66 128.34 4.03
CA THR Y 160 -58.37 127.27 3.35
C THR Y 160 -59.88 127.46 3.45
N GLU Y 161 -60.34 128.36 4.31
CA GLU Y 161 -61.79 128.60 4.49
C GLU Y 161 -62.41 129.33 3.28
N GLU Y 162 -63.47 128.78 2.63
CA GLU Y 162 -64.12 129.53 1.52
C GLU Y 162 -64.68 130.85 2.06
N THR Y 163 -64.58 131.92 1.25
CA THR Y 163 -65.04 133.27 1.63
C THR Y 163 -66.47 133.33 2.15
N LYS Y 164 -67.39 132.55 1.55
CA LYS Y 164 -68.81 132.53 1.95
C LYS Y 164 -69.07 131.89 3.32
N ASP Z 63 -69.02 126.33 -6.35
CA ASP Z 63 -68.36 126.78 -5.09
C ASP Z 63 -67.60 125.65 -4.37
N LYS Z 64 -68.23 124.47 -4.32
CA LYS Z 64 -67.72 123.28 -3.66
C LYS Z 64 -66.39 122.83 -4.29
N ALA Z 65 -66.27 123.08 -5.59
CA ALA Z 65 -65.05 122.77 -6.36
C ALA Z 65 -63.81 123.46 -5.76
N LEU Z 66 -64.00 124.71 -5.34
CA LEU Z 66 -62.96 125.48 -4.65
C LEU Z 66 -62.64 124.93 -3.25
N VAL Z 67 -63.68 124.51 -2.56
CA VAL Z 67 -63.57 123.86 -1.23
C VAL Z 67 -62.77 122.54 -1.36
N ASP Z 68 -63.05 121.80 -2.42
CA ASP Z 68 -62.34 120.54 -2.70
C ASP Z 68 -60.84 120.79 -2.99
N ALA Z 69 -60.58 121.89 -3.69
CA ALA Z 69 -59.21 122.34 -3.97
C ALA Z 69 -58.45 122.70 -2.70
N MET Z 70 -59.18 123.28 -1.74
CA MET Z 70 -58.65 123.59 -0.41
C MET Z 70 -58.27 122.31 0.33
N ILE Z 71 -59.13 121.28 0.19
CA ILE Z 71 -58.86 119.93 0.75
C ILE Z 71 -57.64 119.27 0.10
N ALA Z 72 -57.50 119.48 -1.18
CA ALA Z 72 -56.38 118.91 -1.94
C ALA Z 72 -55.04 119.48 -1.45
N GLU Z 73 -55.02 120.80 -1.27
CA GLU Z 73 -53.84 121.52 -0.79
C GLU Z 73 -53.55 121.26 0.69
N ILE Z 74 -54.60 121.12 1.47
CA ILE Z 74 -54.48 120.80 2.91
C ILE Z 74 -53.81 119.44 3.11
N ASP Z 75 -54.31 118.44 2.38
CA ASP Z 75 -53.79 117.07 2.45
C ASP Z 75 -52.39 116.97 1.86
N LYS Z 76 -52.16 117.79 0.84
CA LYS Z 76 -50.83 117.91 0.21
C LYS Z 76 -49.79 118.33 1.26
N ARG Z 77 -50.14 119.35 2.03
CA ARG Z 77 -49.25 119.86 3.10
C ARG Z 77 -49.09 118.87 4.25
N LEU Z 78 -50.22 118.28 4.64
CA LEU Z 78 -50.25 117.30 5.74
C LEU Z 78 -49.40 116.07 5.36
N SER Z 79 -49.52 115.63 4.14
CA SER Z 79 -48.76 114.48 3.58
C SER Z 79 -47.26 114.76 3.47
N SER Z 80 -46.92 115.99 3.23
CA SER Z 80 -45.51 116.42 3.16
C SER Z 80 -44.84 116.27 4.53
N GLN Z 81 -45.61 116.58 5.56
CA GLN Z 81 -45.14 116.47 6.96
C GLN Z 81 -45.13 115.01 7.41
N VAL Z 82 -46.16 114.30 7.12
CA VAL Z 82 -46.29 112.87 7.51
C VAL Z 82 -45.17 112.00 6.91
N ASN Z 83 -44.71 112.38 5.70
CA ASN Z 83 -43.58 111.70 5.05
C ASN Z 83 -42.31 111.80 5.91
N GLU Z 84 -42.13 112.96 6.56
CA GLU Z 84 -40.98 113.22 7.43
C GLU Z 84 -40.91 112.30 8.64
N ILE Z 85 -42.06 112.04 9.26
CA ILE Z 85 -42.14 111.14 10.42
C ILE Z 85 -41.97 109.67 9.97
N LEU Z 86 -42.69 109.32 8.92
CA LEU Z 86 -42.68 107.95 8.38
C LEU Z 86 -41.32 107.54 7.80
N HIS Z 87 -40.58 108.54 7.35
CA HIS Z 87 -39.25 108.32 6.78
C HIS Z 87 -38.12 108.71 7.73
N ALA Z 88 -38.49 108.94 8.99
CA ALA Z 88 -37.50 109.20 10.05
C ALA Z 88 -36.79 107.89 10.38
N LYS Z 89 -35.47 107.97 10.45
CA LYS Z 89 -34.62 106.80 10.72
C LYS Z 89 -34.88 106.17 12.10
N GLU Z 90 -35.13 107.03 13.09
CA GLU Z 90 -35.48 106.61 14.45
C GLU Z 90 -36.85 105.89 14.45
N PHE Z 91 -37.77 106.46 13.70
CA PHE Z 91 -39.12 105.88 13.61
C PHE Z 91 -39.10 104.50 12.93
N GLN Z 92 -38.40 104.44 11.81
CA GLN Z 92 -38.28 103.20 11.04
C GLN Z 92 -37.53 102.11 11.78
N LYS Z 93 -36.53 102.50 12.59
CA LYS Z 93 -35.77 101.53 13.40
C LYS Z 93 -36.70 100.81 14.39
N LEU Z 94 -37.60 101.61 15.00
CA LEU Z 94 -38.58 101.07 15.95
C LEU Z 94 -39.59 100.19 15.21
N GLU Z 95 -40.19 100.74 14.15
CA GLU Z 95 -41.24 100.02 13.41
C GLU Z 95 -40.72 98.72 12.81
N SER Z 96 -39.66 98.82 12.02
CA SER Z 96 -39.06 97.66 11.33
C SER Z 96 -38.69 96.56 12.32
N SER Z 97 -38.30 96.93 13.56
CA SER Z 97 -37.95 95.95 14.60
C SER Z 97 -39.15 95.10 15.01
N TRP Z 98 -40.25 95.78 15.33
CA TRP Z 98 -41.49 95.10 15.77
C TRP Z 98 -42.29 94.46 14.63
N ARG Z 99 -42.33 95.15 13.48
CA ARG Z 99 -43.02 94.61 12.30
C ARG Z 99 -42.32 93.35 11.78
N SER Z 100 -41.00 93.42 11.68
CA SER Z 100 -40.18 92.25 11.29
C SER Z 100 -40.32 91.11 12.30
N LEU Z 101 -40.49 91.48 13.57
CA LEU Z 101 -40.66 90.49 14.64
C LEU Z 101 -41.97 89.71 14.46
N LYS Z 102 -43.06 90.42 14.20
CA LYS Z 102 -44.36 89.78 13.99
C LYS Z 102 -44.34 88.95 12.70
N PHE Z 103 -43.71 89.49 11.67
CA PHE Z 103 -43.53 88.79 10.39
C PHE Z 103 -42.91 87.40 10.62
N MET Z 104 -41.96 87.35 11.56
CA MET Z 104 -41.38 86.08 12.03
C MET Z 104 -42.41 85.25 12.80
N VAL Z 105 -42.92 85.85 13.87
CA VAL Z 105 -43.79 85.18 14.84
C VAL Z 105 -44.99 84.51 14.17
N ASP Z 106 -45.71 85.26 13.34
CA ASP Z 106 -46.98 84.75 12.77
C ASP Z 106 -46.79 83.74 11.63
N ARG Z 107 -45.54 83.49 11.24
CA ARG Z 107 -45.23 82.46 10.23
C ARG Z 107 -44.66 81.19 10.88
N THR Z 108 -44.66 81.17 12.19
CA THR Z 108 -44.27 79.98 12.98
C THR Z 108 -45.56 79.28 13.44
N ASP Z 109 -45.38 78.13 14.05
CA ASP Z 109 -46.49 77.36 14.61
C ASP Z 109 -46.14 76.92 16.03
N PHE Z 110 -46.71 77.64 16.99
CA PHE Z 110 -46.46 77.38 18.43
C PHE Z 110 -47.03 76.06 18.95
N ARG Z 111 -47.89 75.44 18.16
CA ARG Z 111 -48.45 74.11 18.47
C ARG Z 111 -47.46 72.97 18.16
N GLU Z 112 -46.41 73.30 17.43
CA GLU Z 112 -45.36 72.34 17.03
C GLU Z 112 -44.13 72.42 17.93
N ASN Z 113 -44.34 72.87 19.17
CA ASN Z 113 -43.26 73.00 20.17
C ASN Z 113 -42.18 74.00 19.73
N THR Z 114 -42.64 75.11 19.17
CA THR Z 114 -41.74 76.21 18.79
C THR Z 114 -41.94 77.35 19.78
N ARG Z 115 -40.83 77.92 20.24
CA ARG Z 115 -40.86 78.99 21.23
C ARG Z 115 -39.87 80.08 20.85
N VAL Z 116 -40.18 81.30 21.24
CA VAL Z 116 -39.32 82.47 21.00
C VAL Z 116 -39.39 83.41 22.21
N GLU Z 117 -38.24 83.94 22.55
CA GLU Z 117 -38.12 84.95 23.61
C GLU Z 117 -37.45 86.21 23.07
N MET Z 118 -37.85 87.33 23.60
CA MET Z 118 -37.27 88.64 23.22
C MET Z 118 -36.35 89.14 24.34
N LEU Z 119 -35.19 89.60 23.93
CA LEU Z 119 -34.18 90.16 24.84
C LEU Z 119 -33.64 91.48 24.28
N ASN Z 120 -34.16 92.57 24.82
CA ASN Z 120 -33.78 93.92 24.39
C ASN Z 120 -32.30 94.23 24.71
N ALA Z 121 -31.51 94.37 23.67
CA ALA Z 121 -30.07 94.70 23.79
C ALA Z 121 -29.56 95.37 22.51
N SER Z 122 -28.83 96.45 22.71
CA SER Z 122 -28.14 97.17 21.61
C SER Z 122 -26.74 96.56 21.41
N LYS Z 123 -26.18 96.74 20.22
CA LYS Z 123 -24.80 96.22 19.96
C LYS Z 123 -23.77 96.82 20.91
N GLU Z 124 -23.95 98.12 21.19
CA GLU Z 124 -23.04 98.87 22.06
C GLU Z 124 -22.98 98.25 23.46
N ASP Z 125 -24.14 97.90 24.00
CA ASP Z 125 -24.21 97.32 25.36
C ASP Z 125 -23.80 95.84 25.39
N LEU Z 126 -23.87 95.19 24.23
CA LEU Z 126 -23.37 93.81 24.09
C LEU Z 126 -21.86 93.79 24.30
N GLN Z 127 -21.21 94.77 23.69
CA GLN Z 127 -19.77 94.99 23.84
C GLN Z 127 -19.43 95.45 25.26
N LYS Z 128 -20.28 96.32 25.80
CA LYS Z 128 -20.14 96.80 27.19
C LYS Z 128 -20.08 95.62 28.17
N ASP Z 129 -21.01 94.68 27.99
CA ASP Z 129 -21.12 93.53 28.90
C ASP Z 129 -19.96 92.55 28.72
N PHE Z 130 -19.65 92.27 27.46
CA PHE Z 130 -18.61 91.31 27.15
C PHE Z 130 -17.18 91.82 27.49
N GLU Z 131 -17.01 93.12 27.37
CA GLU Z 131 -15.74 93.79 27.75
C GLU Z 131 -15.65 93.94 29.28
N ASP Z 132 -16.80 94.21 29.91
CA ASP Z 132 -16.88 94.38 31.36
C ASP Z 132 -16.54 93.06 32.09
N ALA Z 133 -17.18 91.98 31.64
CA ALA Z 133 -16.96 90.65 32.21
C ALA Z 133 -15.49 90.21 32.04
N PRO Z 134 -14.96 89.51 33.03
CA PRO Z 134 -13.60 88.94 33.00
C PRO Z 134 -13.49 87.80 31.97
N GLU Z 135 -14.58 87.08 31.78
CA GLU Z 135 -14.66 85.97 30.82
C GLU Z 135 -16.09 85.80 30.34
N VAL Z 136 -16.23 85.17 29.20
CA VAL Z 136 -17.56 84.93 28.56
C VAL Z 136 -18.51 84.13 29.47
N THR Z 137 -17.95 83.24 30.27
CA THR Z 137 -18.78 82.40 31.17
C THR Z 137 -19.51 83.23 32.25
N LYS Z 138 -19.06 84.48 32.41
CA LYS Z 138 -19.64 85.39 33.40
C LYS Z 138 -20.41 86.56 32.76
N SER Z 139 -20.54 86.52 31.43
CA SER Z 139 -21.34 87.53 30.71
C SER Z 139 -22.82 87.33 31.02
N GLY Z 140 -23.56 88.44 30.92
CA GLY Z 140 -25.01 88.46 31.17
C GLY Z 140 -25.77 87.60 30.14
N LEU Z 141 -25.34 87.72 28.89
CA LEU Z 141 -25.92 86.95 27.78
C LEU Z 141 -25.67 85.43 27.93
N TYR Z 142 -24.45 85.08 28.33
CA TYR Z 142 -24.11 83.67 28.64
C TYR Z 142 -25.03 83.12 29.73
N LYS Z 143 -25.31 83.97 30.72
CA LYS Z 143 -26.11 83.56 31.87
C LYS Z 143 -27.48 83.04 31.47
N LEU Z 144 -28.18 83.69 30.54
CA LEU Z 144 -29.55 83.21 30.23
C LEU Z 144 -29.70 82.63 28.81
N VAL Z 145 -28.57 82.38 28.17
CA VAL Z 145 -28.51 81.52 26.99
C VAL Z 145 -28.09 80.12 27.47
N TYR Z 146 -26.89 80.06 28.05
CA TYR Z 146 -26.31 78.79 28.52
C TYR Z 146 -26.81 78.39 29.92
N SER Z 147 -26.48 79.24 30.91
CA SER Z 147 -26.64 78.89 32.33
C SER Z 147 -28.09 78.58 32.72
N ASN Z 148 -29.01 79.43 32.29
CA ASN Z 148 -30.45 79.27 32.61
C ASN Z 148 -31.17 78.27 31.70
N GLU Z 149 -30.45 77.71 30.73
CA GLU Z 149 -31.03 76.80 29.76
C GLU Z 149 -30.29 75.45 29.63
N TYR Z 150 -29.35 75.40 28.69
CA TYR Z 150 -28.59 74.19 28.38
C TYR Z 150 -27.91 73.56 29.62
N GLY Z 151 -27.37 74.44 30.49
CA GLY Z 151 -26.62 73.98 31.67
C GLY Z 151 -27.48 73.93 32.95
N VAL Z 152 -28.78 73.76 32.80
CA VAL Z 152 -29.71 73.66 33.94
C VAL Z 152 -30.53 72.38 33.88
N PHE Z 153 -30.36 71.57 34.91
CA PHE Z 153 -31.18 70.37 35.12
C PHE Z 153 -32.66 70.76 35.26
N GLY Z 154 -33.47 70.20 34.35
CA GLY Z 154 -34.92 70.51 34.32
C GLY Z 154 -35.28 71.60 33.29
N GLY Z 155 -34.25 72.31 32.81
CA GLY Z 155 -34.43 73.39 31.84
C GLY Z 155 -34.49 72.86 30.41
N LYS Z 156 -34.20 73.78 29.49
CA LYS Z 156 -34.22 73.51 28.05
C LYS Z 156 -33.14 74.35 27.36
N PRO Z 157 -32.52 73.85 26.29
CA PRO Z 157 -31.47 74.56 25.55
C PRO Z 157 -32.05 75.46 24.44
N TYR Z 158 -31.46 76.63 24.30
CA TYR Z 158 -31.78 77.57 23.20
C TYR Z 158 -31.34 76.97 21.85
N GLY Z 159 -32.31 76.91 20.94
CA GLY Z 159 -32.10 76.34 19.60
C GLY Z 159 -31.12 77.18 18.80
N ILE Z 160 -31.42 78.48 18.70
CA ILE Z 160 -30.66 79.44 17.89
C ILE Z 160 -30.89 80.87 18.41
N ILE Z 161 -29.98 81.76 18.06
CA ILE Z 161 -30.07 83.19 18.43
C ILE Z 161 -30.12 84.01 17.15
N SER Z 162 -31.15 84.85 17.08
CA SER Z 162 -31.35 85.77 15.95
C SER Z 162 -31.11 87.20 16.42
N ALA Z 163 -30.06 87.78 15.87
CA ALA Z 163 -29.76 89.17 16.23
C ALA Z 163 -30.09 90.13 15.13
N ASN Z 164 -30.88 91.08 15.56
CA ASN Z 164 -31.38 92.11 14.65
C ASN Z 164 -30.36 93.25 14.53
N TYR Z 165 -29.25 92.94 13.88
CA TYR Z 165 -28.13 93.88 13.72
C TYR Z 165 -27.56 93.81 12.31
N ASP Z 166 -26.96 94.92 11.92
CA ASP Z 166 -26.13 95.00 10.72
C ASP Z 166 -24.66 95.13 11.14
N PHE Z 167 -23.80 94.39 10.50
CA PHE Z 167 -22.37 94.42 10.86
C PHE Z 167 -21.55 95.02 9.74
N ASN Z 168 -20.58 95.82 10.14
CA ASN Z 168 -19.58 96.40 9.23
C ASN Z 168 -18.24 95.67 9.46
N VAL Z 169 -17.18 96.18 8.84
CA VAL Z 169 -15.80 95.67 9.06
C VAL Z 169 -15.12 96.31 10.28
N GLY Z 170 -15.83 97.23 10.89
CA GLY Z 170 -15.39 97.96 12.08
C GLY Z 170 -14.90 96.98 13.14
N PRO Z 171 -13.86 97.39 13.86
CA PRO Z 171 -13.25 96.56 14.91
C PRO Z 171 -14.22 96.18 16.04
N GLN Z 172 -15.08 97.06 16.42
CA GLN Z 172 -16.13 96.80 17.42
C GLN Z 172 -17.07 95.67 16.96
N ASP Z 173 -17.48 95.75 15.68
CA ASP Z 173 -18.37 94.74 15.09
C ASP Z 173 -17.72 93.36 14.98
N MET Z 174 -16.44 93.40 14.68
CA MET Z 174 -15.68 92.15 14.58
C MET Z 174 -15.48 91.47 15.92
N GLU Z 175 -15.23 92.30 16.96
CA GLU Z 175 -15.08 91.81 18.33
C GLU Z 175 -16.40 91.21 18.84
N LEU Z 176 -17.50 91.86 18.48
CA LEU Z 176 -18.83 91.40 18.88
C LEU Z 176 -19.15 90.02 18.29
N LEU Z 177 -18.77 89.85 17.03
CA LEU Z 177 -18.90 88.56 16.33
C LEU Z 177 -18.04 87.46 16.97
N ARG Z 178 -16.87 87.86 17.46
CA ARG Z 178 -15.96 86.93 18.12
C ARG Z 178 -16.59 86.34 19.38
N LYS Z 179 -17.22 87.23 20.15
CA LYS Z 179 -17.88 86.83 21.41
C LYS Z 179 -19.14 86.00 21.18
N CYS Z 180 -19.88 86.35 20.13
CA CYS Z 180 -21.09 85.61 19.76
C CYS Z 180 -20.75 84.21 19.20
N ALA Z 181 -19.59 84.12 18.57
CA ALA Z 181 -19.08 82.83 18.07
C ALA Z 181 -18.72 81.90 19.24
N SER Z 182 -18.10 82.48 20.25
CA SER Z 182 -17.70 81.74 21.48
C SER Z 182 -18.93 81.24 22.25
N VAL Z 183 -19.92 82.12 22.39
CA VAL Z 183 -21.18 81.79 23.10
C VAL Z 183 -21.92 80.64 22.40
N ALA Z 184 -22.06 80.79 21.09
CA ALA Z 184 -22.76 79.85 20.23
C ALA Z 184 -22.09 78.47 20.25
N ALA Z 185 -20.76 78.48 20.31
CA ALA Z 185 -19.95 77.27 20.37
C ALA Z 185 -20.16 76.50 21.69
N MET Z 186 -20.20 77.26 22.78
CA MET Z 186 -20.36 76.70 24.13
C MET Z 186 -21.75 76.12 24.35
N ALA Z 187 -22.74 76.75 23.72
CA ALA Z 187 -24.03 76.09 23.90
C ALA Z 187 -24.73 75.49 22.71
N HIS Z 188 -23.89 75.34 21.72
CA HIS Z 188 -24.17 74.56 20.52
C HIS Z 188 -25.36 75.22 19.80
N ALA Z 189 -25.38 76.52 19.71
CA ALA Z 189 -26.43 77.16 18.91
C ALA Z 189 -25.89 78.31 18.08
N PRO Z 190 -26.26 78.34 16.80
CA PRO Z 190 -25.77 79.33 15.84
C PRO Z 190 -26.31 80.73 16.13
N PHE Z 191 -25.49 81.71 15.79
CA PHE Z 191 -25.85 83.13 15.87
C PHE Z 191 -25.99 83.69 14.45
N ILE Z 192 -27.21 84.12 14.15
CA ILE Z 192 -27.54 84.64 12.81
C ILE Z 192 -27.84 86.13 12.91
N GLY Z 193 -27.32 86.85 11.92
CA GLY Z 193 -27.54 88.30 11.79
C GLY Z 193 -27.39 88.72 10.32
N ASN Z 194 -27.23 90.02 10.11
CA ASN Z 194 -27.09 90.56 8.76
C ASN Z 194 -25.83 91.42 8.60
N ALA Z 195 -25.44 91.61 7.35
CA ALA Z 195 -24.32 92.50 6.97
C ALA Z 195 -24.86 93.81 6.38
N ALA Z 196 -24.15 94.89 6.72
CA ALA Z 196 -24.50 96.22 6.23
C ALA Z 196 -23.96 96.44 4.81
N PRO Z 197 -24.57 97.30 3.97
CA PRO Z 197 -24.14 97.59 2.60
C PRO Z 197 -22.62 97.99 2.41
N GLU Z 198 -22.22 98.86 3.44
CA GLU Z 198 -20.85 99.40 3.51
C GLU Z 198 -19.79 98.33 3.73
N VAL Z 199 -20.21 97.13 4.16
CA VAL Z 199 -19.28 95.99 4.30
C VAL Z 199 -18.56 95.68 2.96
N PHE Z 200 -19.27 95.95 1.87
CA PHE Z 200 -18.76 95.71 0.51
C PHE Z 200 -18.22 97.01 -0.12
N GLY Z 201 -18.09 98.04 0.72
CA GLY Z 201 -17.61 99.37 0.31
C GLY Z 201 -18.55 100.07 -0.67
N GLU Z 202 -19.84 99.80 -0.52
CA GLU Z 202 -20.87 100.44 -1.34
C GLU Z 202 -21.88 101.17 -0.46
N GLU Z 203 -22.47 102.22 -1.00
CA GLU Z 203 -23.43 103.07 -0.27
C GLU Z 203 -24.68 102.26 0.14
N SER Z 204 -25.21 101.46 -0.77
CA SER Z 204 -26.36 100.57 -0.49
C SER Z 204 -26.16 99.27 -1.27
N PHE Z 205 -27.02 98.29 -1.01
CA PHE Z 205 -26.99 97.02 -1.75
C PHE Z 205 -27.34 97.15 -3.23
N LEU Z 206 -27.88 98.31 -3.62
CA LEU Z 206 -28.26 98.57 -5.02
C LEU Z 206 -27.04 98.68 -5.96
N LYS Z 207 -25.85 98.72 -5.39
CA LYS Z 207 -24.61 98.76 -6.21
C LYS Z 207 -23.85 97.43 -6.22
N LEU Z 208 -24.48 96.36 -5.76
CA LEU Z 208 -23.88 95.00 -5.84
C LEU Z 208 -23.55 94.57 -7.28
N PRO Z 209 -24.43 94.88 -8.25
CA PRO Z 209 -24.18 94.62 -9.68
C PRO Z 209 -22.89 95.27 -10.21
N ASP Z 210 -22.48 96.39 -9.59
CA ASP Z 210 -21.27 97.11 -10.01
C ASP Z 210 -19.96 96.49 -9.51
N LEU Z 211 -20.05 95.66 -8.49
CA LEU Z 211 -18.87 95.00 -7.93
C LEU Z 211 -18.39 93.89 -8.89
N LYS Z 212 -17.19 94.13 -9.41
CA LYS Z 212 -16.57 93.24 -10.42
C LYS Z 212 -16.03 91.91 -9.84
N ASP Z 213 -15.56 91.95 -8.58
CA ASP Z 213 -14.97 90.78 -7.94
C ASP Z 213 -14.87 90.96 -6.42
N LEU Z 214 -15.75 90.27 -5.71
CA LEU Z 214 -15.77 90.28 -4.23
C LEU Z 214 -14.54 89.66 -3.60
N LYS Z 215 -14.09 88.54 -4.19
CA LYS Z 215 -12.91 87.81 -3.71
C LYS Z 215 -11.67 88.73 -3.63
N SER Z 216 -11.48 89.52 -4.69
CA SER Z 216 -10.35 90.47 -4.75
C SER Z 216 -10.56 91.66 -3.80
N LEU Z 217 -11.82 92.07 -3.66
CA LEU Z 217 -12.19 93.19 -2.77
C LEU Z 217 -11.79 92.88 -1.32
N PHE Z 218 -11.95 91.63 -0.90
CA PHE Z 218 -11.64 91.21 0.48
C PHE Z 218 -10.16 90.96 0.75
N GLU Z 219 -9.32 91.30 -0.22
CA GLU Z 219 -7.86 91.17 -0.05
C GLU Z 219 -7.27 92.39 0.63
N GLY Z 220 -8.05 93.49 0.58
CA GLY Z 220 -7.55 94.71 1.15
C GLY Z 220 -7.31 94.56 2.69
N PRO Z 221 -6.37 95.36 3.17
CA PRO Z 221 -5.99 95.43 4.62
C PRO Z 221 -7.18 95.74 5.52
N GLN Z 222 -8.17 96.43 5.01
CA GLN Z 222 -9.42 96.79 5.69
C GLN Z 222 -10.14 95.57 6.29
N TYR Z 223 -9.97 94.40 5.67
CA TYR Z 223 -10.66 93.17 6.11
C TYR Z 223 -9.73 92.18 6.82
N ALA Z 224 -8.63 92.70 7.39
CA ALA Z 224 -7.63 91.86 8.08
C ALA Z 224 -8.25 91.03 9.22
N ARG Z 225 -9.06 91.71 10.04
CA ARG Z 225 -9.71 91.06 11.19
C ARG Z 225 -10.80 90.06 10.75
N TRP Z 226 -11.55 90.45 9.71
CA TRP Z 226 -12.62 89.58 9.18
C TRP Z 226 -12.04 88.27 8.61
N HIS Z 227 -10.88 88.40 7.98
CA HIS Z 227 -10.17 87.25 7.41
C HIS Z 227 -9.69 86.28 8.50
N SER Z 228 -9.23 86.83 9.61
CA SER Z 228 -8.78 86.01 10.75
C SER Z 228 -9.98 85.32 11.42
N PHE Z 229 -11.11 86.04 11.44
CA PHE Z 229 -12.36 85.55 12.05
C PHE Z 229 -12.88 84.29 11.32
N ARG Z 230 -12.76 84.31 10.00
CA ARG Z 230 -13.18 83.17 9.15
C ARG Z 230 -12.35 81.91 9.37
N GLU Z 231 -11.15 82.08 9.92
CA GLU Z 231 -10.24 80.97 10.19
C GLU Z 231 -10.40 80.33 11.58
N SER Z 232 -11.09 81.04 12.47
CA SER Z 232 -11.34 80.51 13.82
C SER Z 232 -12.27 79.29 13.75
N GLU Z 233 -12.04 78.35 14.65
CA GLU Z 233 -12.89 77.17 14.84
C GLU Z 233 -14.30 77.48 15.37
N ASP Z 234 -14.43 78.70 15.91
CA ASP Z 234 -15.73 79.19 16.43
C ASP Z 234 -16.63 79.78 15.33
N ALA Z 235 -16.02 80.07 14.17
CA ALA Z 235 -16.72 80.66 13.02
C ALA Z 235 -17.88 79.79 12.52
N ARG Z 236 -17.85 78.49 12.82
CA ARG Z 236 -18.95 77.58 12.46
C ARG Z 236 -20.33 77.97 13.02
N TYR Z 237 -20.31 78.79 14.08
CA TYR Z 237 -21.55 79.18 14.75
C TYR Z 237 -21.97 80.62 14.45
N VAL Z 238 -21.39 81.18 13.41
CA VAL Z 238 -21.80 82.50 12.89
C VAL Z 238 -22.33 82.34 11.46
N GLY Z 239 -23.38 83.10 11.21
CA GLY Z 239 -24.03 83.17 9.89
C GLY Z 239 -24.62 84.55 9.66
N LEU Z 240 -24.12 85.20 8.63
CA LEU Z 240 -24.58 86.55 8.26
C LEU Z 240 -25.27 86.52 6.90
N ALA Z 241 -26.35 87.27 6.81
CA ALA Z 241 -27.16 87.37 5.58
C ALA Z 241 -26.83 88.67 4.83
N LEU Z 242 -27.15 88.69 3.56
CA LEU Z 242 -26.81 89.84 2.67
C LEU Z 242 -27.97 90.86 2.63
N PRO Z 243 -28.75 90.93 1.38
CA PRO Z 243 -29.54 92.11 1.21
C PRO Z 243 -30.77 92.02 2.09
N ARG Z 244 -31.29 93.16 2.47
CA ARG Z 244 -32.56 93.23 3.23
C ARG Z 244 -33.74 92.87 2.32
N PHE Z 245 -34.93 93.16 2.80
CA PHE Z 245 -36.17 92.94 2.03
C PHE Z 245 -37.30 93.80 2.58
N LEU Z 246 -38.21 94.16 1.71
CA LEU Z 246 -39.38 95.00 2.06
C LEU Z 246 -40.26 94.35 3.12
N LEU Z 247 -40.75 95.19 4.01
CA LEU Z 247 -41.71 94.79 5.05
C LEU Z 247 -43.10 95.35 4.77
N ARG Z 248 -43.12 96.55 4.20
CA ARG Z 248 -44.36 97.29 3.98
C ARG Z 248 -44.41 97.89 2.58
N LEU Z 249 -45.59 97.75 1.98
CA LEU Z 249 -45.91 98.44 0.73
C LEU Z 249 -46.31 99.88 1.06
N PRO Z 250 -45.73 100.86 0.36
CA PRO Z 250 -45.94 102.30 0.59
C PRO Z 250 -47.43 102.60 0.59
N TYR Z 251 -47.85 103.54 1.45
CA TYR Z 251 -49.26 103.95 1.61
C TYR Z 251 -49.85 104.51 0.32
N GLY Z 252 -51.07 104.07 0.00
CA GLY Z 252 -51.73 104.44 -1.25
C GLY Z 252 -53.24 104.28 -1.10
N GLU Z 253 -53.96 105.23 -1.68
CA GLU Z 253 -55.43 105.27 -1.65
C GLU Z 253 -56.09 103.94 -2.09
N LYS Z 254 -55.39 103.23 -2.97
CA LYS Z 254 -55.89 101.95 -3.51
C LYS Z 254 -55.21 100.73 -2.86
N THR Z 255 -53.88 100.69 -2.97
CA THR Z 255 -53.09 99.52 -2.51
C THR Z 255 -52.98 99.39 -0.98
N VAL Z 256 -52.87 100.52 -0.30
CA VAL Z 256 -52.73 100.54 1.18
C VAL Z 256 -53.31 101.83 1.78
N PRO Z 257 -54.61 101.90 1.80
CA PRO Z 257 -55.37 103.08 2.25
C PRO Z 257 -55.36 103.21 3.78
N VAL Z 258 -55.51 104.44 4.20
CA VAL Z 258 -55.67 104.81 5.63
C VAL Z 258 -57.03 105.49 5.81
N LYS Z 259 -57.47 105.60 7.07
CA LYS Z 259 -58.77 106.21 7.40
C LYS Z 259 -58.70 107.74 7.34
N ALA Z 260 -59.84 108.34 7.00
CA ALA Z 260 -60.03 109.82 6.97
C ALA Z 260 -59.07 110.51 6.00
N PHE Z 261 -57.86 110.81 6.51
CA PHE Z 261 -56.79 111.47 5.77
C PHE Z 261 -56.45 110.71 4.49
N ASN Z 262 -56.54 111.44 3.38
CA ASN Z 262 -56.21 110.86 2.06
C ASN Z 262 -54.69 110.91 1.85
N PHE Z 263 -54.02 109.98 2.50
CA PHE Z 263 -52.56 109.89 2.48
C PHE Z 263 -52.06 109.01 1.33
N THR Z 264 -51.16 109.58 0.56
CA THR Z 264 -50.42 108.88 -0.52
C THR Z 264 -48.92 109.02 -0.26
N GLU Z 265 -48.32 107.99 0.29
CA GLU Z 265 -46.89 108.04 0.61
C GLU Z 265 -46.07 108.26 -0.67
N ASP Z 266 -45.12 109.18 -0.54
CA ASP Z 266 -44.24 109.54 -1.67
C ASP Z 266 -42.80 109.11 -1.41
N VAL Z 267 -42.46 107.94 -1.92
CA VAL Z 267 -41.07 107.45 -1.90
C VAL Z 267 -40.25 108.27 -2.92
N VAL Z 268 -39.25 108.97 -2.44
CA VAL Z 268 -38.34 109.77 -3.29
C VAL Z 268 -37.42 108.84 -4.11
N GLY Z 269 -36.29 109.47 -4.59
CA GLY Z 269 -35.19 108.82 -5.27
C GLY Z 269 -34.45 107.83 -4.33
N HIS Z 270 -34.41 108.17 -3.05
CA HIS Z 270 -33.79 107.31 -2.02
C HIS Z 270 -34.72 106.16 -1.67
N HIS Z 271 -34.27 104.96 -2.03
CA HIS Z 271 -34.99 103.72 -1.68
C HIS Z 271 -34.98 103.43 -0.17
N GLU Z 272 -34.15 104.17 0.57
CA GLU Z 272 -34.11 104.07 2.04
C GLU Z 272 -35.42 104.54 2.69
N ARG Z 273 -36.23 105.22 1.88
CA ARG Z 273 -37.61 105.58 2.27
C ARG Z 273 -38.49 104.34 2.47
N TYR Z 274 -38.20 103.28 1.70
CA TYR Z 274 -38.87 101.99 1.90
C TYR Z 274 -38.51 101.38 3.26
N LEU Z 275 -39.51 100.77 3.87
CA LEU Z 275 -39.34 100.06 5.15
C LEU Z 275 -38.66 98.70 4.94
N TRP Z 276 -37.35 98.74 4.85
CA TRP Z 276 -36.52 97.52 4.72
C TRP Z 276 -36.47 96.77 6.05
N GLY Z 277 -36.40 95.44 5.94
CA GLY Z 277 -36.39 94.53 7.09
C GLY Z 277 -35.15 93.64 7.08
N HIS Z 278 -34.77 93.22 8.27
CA HIS Z 278 -33.60 92.35 8.48
C HIS Z 278 -33.88 90.94 7.96
N ALA Z 279 -33.16 90.54 6.92
CA ALA Z 279 -33.32 89.21 6.30
C ALA Z 279 -33.13 88.02 7.26
N SER Z 280 -32.40 88.26 8.37
CA SER Z 280 -32.14 87.23 9.39
C SER Z 280 -33.43 86.58 9.90
N VAL Z 281 -34.51 87.38 9.95
CA VAL Z 281 -35.84 86.89 10.35
C VAL Z 281 -36.41 85.87 9.33
N ALA Z 282 -36.19 86.16 8.06
CA ALA Z 282 -36.65 85.30 6.96
C ALA Z 282 -35.96 83.94 7.04
N LEU Z 283 -34.65 83.99 7.33
CA LEU Z 283 -33.87 82.77 7.55
C LEU Z 283 -34.36 82.02 8.81
N THR Z 284 -34.75 82.78 9.81
CA THR Z 284 -35.27 82.18 11.08
C THR Z 284 -36.59 81.48 10.78
N SER Z 285 -37.42 81.95 9.90
CA SER Z 285 -38.68 81.27 9.58
C SER Z 285 -38.44 79.93 8.84
N ARG Z 286 -37.30 79.89 8.12
CA ARG Z 286 -36.86 78.67 7.42
C ARG Z 286 -36.55 77.55 8.40
N VAL Z 287 -35.84 77.95 9.46
CA VAL Z 287 -35.48 77.00 10.55
C VAL Z 287 -36.74 76.46 11.24
N ALA Z 288 -37.70 77.38 11.45
CA ALA Z 288 -38.96 77.07 12.15
C ALA Z 288 -39.81 76.07 11.37
N ASP Z 289 -39.90 76.27 10.05
CA ASP Z 289 -40.71 75.39 9.18
C ASP Z 289 -40.17 73.97 9.12
N SER Z 290 -38.85 73.87 8.96
CA SER Z 290 -38.16 72.57 8.93
C SER Z 290 -38.40 71.78 10.22
N PHE Z 291 -38.31 72.50 11.34
CA PHE Z 291 -38.55 71.92 12.68
C PHE Z 291 -40.03 71.56 12.88
N ALA Z 292 -40.92 72.43 12.44
CA ALA Z 292 -42.38 72.23 12.59
C ALA Z 292 -42.83 70.93 11.89
N LYS Z 293 -42.20 70.65 10.75
CA LYS Z 293 -42.52 69.46 9.95
C LYS Z 293 -41.80 68.19 10.42
N PHE Z 294 -40.54 68.32 10.80
CA PHE Z 294 -39.67 67.15 11.04
C PHE Z 294 -39.02 67.07 12.42
N ARG Z 295 -38.99 68.18 13.13
CA ARG Z 295 -38.29 68.33 14.41
C ARG Z 295 -36.76 68.35 14.22
N TRP Z 296 -36.37 68.64 12.99
CA TRP Z 296 -34.96 68.83 12.60
C TRP Z 296 -34.88 70.05 11.68
N SER Z 297 -33.73 70.70 11.68
CA SER Z 297 -33.52 71.90 10.83
C SER Z 297 -32.39 71.77 9.78
N PRO Z 298 -32.56 70.86 8.81
CA PRO Z 298 -31.65 70.82 7.64
C PRO Z 298 -32.31 71.32 6.34
N ASN Z 299 -33.64 71.38 6.30
CA ASN Z 299 -34.36 71.72 5.06
C ASN Z 299 -34.63 73.22 4.95
N ILE Z 300 -33.56 73.94 4.61
CA ILE Z 300 -33.59 75.42 4.61
C ILE Z 300 -32.79 76.05 3.46
N ILE Z 301 -32.47 75.26 2.44
CA ILE Z 301 -31.53 75.70 1.38
C ILE Z 301 -31.98 75.40 -0.05
N GLY Z 302 -33.23 75.72 -0.36
CA GLY Z 302 -33.74 75.38 -1.69
C GLY Z 302 -35.13 75.93 -2.00
N PRO Z 303 -35.34 76.24 -3.28
CA PRO Z 303 -36.65 76.69 -3.81
C PRO Z 303 -37.75 75.67 -3.51
N GLN Z 304 -37.37 74.40 -3.53
CA GLN Z 304 -38.30 73.28 -3.27
C GLN Z 304 -38.04 72.58 -1.93
N SER Z 305 -36.78 72.65 -1.47
CA SER Z 305 -36.38 71.95 -0.23
C SER Z 305 -36.99 72.57 1.03
N GLY Z 306 -37.17 73.90 0.98
CA GLY Z 306 -37.82 74.66 2.08
C GLY Z 306 -37.01 75.88 2.53
N GLY Z 307 -36.13 76.34 1.62
CA GLY Z 307 -35.39 77.61 1.80
C GLY Z 307 -36.03 78.74 0.97
N ALA Z 308 -37.23 78.48 0.46
CA ALA Z 308 -38.01 79.45 -0.31
C ALA Z 308 -38.81 80.35 0.63
N VAL Z 309 -38.72 81.63 0.35
CA VAL Z 309 -39.46 82.69 1.07
C VAL Z 309 -40.59 83.15 0.15
N GLU Z 310 -41.80 82.83 0.55
CA GLU Z 310 -42.98 83.11 -0.29
C GLU Z 310 -43.76 84.30 0.26
N ASN Z 311 -44.44 84.98 -0.66
CA ASN Z 311 -45.36 86.10 -0.35
C ASN Z 311 -44.61 87.38 0.07
N LEU Z 312 -43.78 87.86 -0.83
CA LEU Z 312 -43.06 89.12 -0.63
C LEU Z 312 -43.91 90.30 -1.11
N PRO Z 313 -43.80 91.44 -0.42
CA PRO Z 313 -44.47 92.70 -0.81
C PRO Z 313 -44.01 93.11 -2.22
N LEU Z 314 -44.95 93.65 -2.97
CA LEU Z 314 -44.69 94.15 -4.34
C LEU Z 314 -45.10 95.62 -4.41
N HIS Z 315 -44.50 96.37 -5.34
CA HIS Z 315 -44.83 97.79 -5.53
C HIS Z 315 -44.62 98.25 -6.97
N GLN Z 316 -45.66 98.20 -7.77
CA GLN Z 316 -45.62 98.69 -9.16
C GLN Z 316 -45.72 100.21 -9.18
N TYR Z 317 -44.83 100.83 -9.93
CA TYR Z 317 -44.76 102.30 -10.08
C TYR Z 317 -44.22 102.63 -11.47
N GLU Z 318 -44.45 103.87 -11.87
CA GLU Z 318 -44.04 104.33 -13.22
C GLU Z 318 -42.52 104.32 -13.34
N ALA Z 319 -42.10 103.87 -14.50
CA ALA Z 319 -40.67 103.88 -14.85
C ALA Z 319 -40.42 104.99 -15.87
N MET Z 320 -39.80 104.68 -17.00
CA MET Z 320 -39.53 105.64 -18.10
C MET Z 320 -40.72 105.72 -19.09
N GLY Z 321 -41.93 105.76 -18.52
CA GLY Z 321 -43.17 105.71 -19.33
C GLY Z 321 -43.86 104.34 -19.24
N GLU Z 322 -43.15 103.37 -18.70
CA GLU Z 322 -43.63 102.00 -18.48
C GLU Z 322 -43.90 101.81 -16.99
N ILE Z 323 -44.12 100.57 -16.60
CA ILE Z 323 -44.34 100.20 -15.20
C ILE Z 323 -43.32 99.13 -14.79
N GLN Z 324 -42.91 99.22 -13.55
CA GLN Z 324 -42.01 98.23 -12.92
C GLN Z 324 -42.31 98.15 -11.43
N THR Z 325 -41.94 97.03 -10.85
CA THR Z 325 -42.12 96.81 -9.41
C THR Z 325 -40.78 96.93 -8.70
N LYS Z 326 -40.81 97.61 -7.57
CA LYS Z 326 -39.66 97.65 -6.68
C LYS Z 326 -39.35 96.21 -6.21
N ILE Z 327 -38.15 95.78 -6.52
CA ILE Z 327 -37.68 94.43 -6.15
C ILE Z 327 -37.75 94.31 -4.61
N PRO Z 328 -38.37 93.23 -4.14
CA PRO Z 328 -38.51 92.90 -2.71
C PRO Z 328 -37.18 92.93 -1.98
N THR Z 329 -36.13 92.54 -2.65
CA THR Z 329 -34.75 92.71 -2.17
C THR Z 329 -34.16 93.87 -2.97
N GLU Z 330 -33.21 94.57 -2.41
CA GLU Z 330 -32.58 95.77 -3.02
C GLU Z 330 -32.19 95.50 -4.48
N VAL Z 331 -31.64 94.30 -4.71
CA VAL Z 331 -31.20 93.88 -6.06
C VAL Z 331 -31.76 92.53 -6.49
N MET Z 332 -31.62 92.28 -7.79
CA MET Z 332 -31.92 90.98 -8.40
C MET Z 332 -30.59 90.25 -8.61
N LEU Z 333 -30.24 89.49 -7.59
CA LEU Z 333 -28.98 88.76 -7.57
C LEU Z 333 -28.96 87.65 -8.67
N THR Z 334 -27.90 87.71 -9.51
CA THR Z 334 -27.56 86.69 -10.53
C THR Z 334 -26.97 85.43 -9.87
N GLU Z 335 -27.01 84.33 -10.60
CA GLU Z 335 -26.45 83.06 -10.08
C GLU Z 335 -24.95 83.17 -9.77
N ARG Z 336 -24.24 83.90 -10.63
CA ARG Z 336 -22.79 84.08 -10.48
C ARG Z 336 -22.47 84.93 -9.24
N ARG Z 337 -23.26 85.97 -9.05
CA ARG Z 337 -23.03 86.86 -7.89
C ARG Z 337 -23.41 86.18 -6.57
N GLU Z 338 -24.46 85.35 -6.60
CA GLU Z 338 -24.87 84.54 -5.43
C GLU Z 338 -23.75 83.59 -5.04
N PHE Z 339 -23.19 82.95 -6.06
CA PHE Z 339 -22.12 81.96 -5.86
C PHE Z 339 -20.87 82.62 -5.26
N GLU Z 340 -20.60 83.85 -5.71
CA GLU Z 340 -19.48 84.65 -5.21
C GLU Z 340 -19.65 84.95 -3.71
N LEU Z 341 -20.86 85.37 -3.36
CA LEU Z 341 -21.24 85.63 -1.96
C LEU Z 341 -21.16 84.38 -1.08
N SER Z 342 -21.54 83.25 -1.68
CA SER Z 342 -21.48 81.95 -0.99
C SER Z 342 -20.04 81.55 -0.68
N GLU Z 343 -19.13 81.87 -1.61
CA GLU Z 343 -17.69 81.63 -1.47
C GLU Z 343 -17.08 82.49 -0.34
N GLU Z 344 -17.68 83.66 -0.14
CA GLU Z 344 -17.25 84.59 0.92
C GLU Z 344 -18.05 84.45 2.23
N GLY Z 345 -18.75 83.31 2.33
CA GLY Z 345 -19.47 82.90 3.55
C GLY Z 345 -20.64 83.83 3.93
N PHE Z 346 -21.32 84.36 2.90
CA PHE Z 346 -22.55 85.13 3.11
C PHE Z 346 -23.77 84.30 2.72
N ILE Z 347 -24.87 84.58 3.37
CA ILE Z 347 -26.17 83.93 3.09
C ILE Z 347 -27.03 84.94 2.34
N GLY Z 348 -26.96 84.83 1.02
CA GLY Z 348 -27.68 85.74 0.11
C GLY Z 348 -29.08 85.22 -0.22
N LEU Z 349 -30.07 86.00 0.18
CA LEU Z 349 -31.47 85.77 -0.19
C LEU Z 349 -31.71 86.31 -1.60
N VAL Z 350 -31.71 85.43 -2.57
CA VAL Z 350 -31.92 85.83 -3.97
C VAL Z 350 -33.41 85.98 -4.28
N PHE Z 351 -33.69 86.92 -5.17
CA PHE Z 351 -35.06 87.18 -5.63
C PHE Z 351 -35.33 86.43 -6.94
N ARG Z 352 -36.45 85.74 -6.97
CA ARG Z 352 -36.93 85.04 -8.18
C ARG Z 352 -37.54 86.09 -9.11
N LYS Z 353 -36.86 86.33 -10.22
CA LYS Z 353 -37.23 87.38 -11.18
C LYS Z 353 -38.71 87.27 -11.58
N ASP Z 354 -39.37 88.43 -11.54
CA ASP Z 354 -40.78 88.59 -11.97
C ASP Z 354 -41.80 87.89 -11.03
N SER Z 355 -41.41 87.61 -9.80
CA SER Z 355 -42.35 86.98 -8.85
C SER Z 355 -42.34 87.73 -7.52
N ASP Z 356 -42.90 87.13 -6.49
CA ASP Z 356 -42.84 87.62 -5.10
C ASP Z 356 -42.18 86.56 -4.20
N ASN Z 357 -41.32 85.75 -4.80
CA ASN Z 357 -40.63 84.65 -4.11
C ASN Z 357 -39.12 84.85 -4.16
N ALA Z 358 -38.50 84.56 -3.04
CA ALA Z 358 -37.04 84.57 -2.88
C ALA Z 358 -36.59 83.22 -2.32
N ALA Z 359 -35.31 82.88 -2.48
CA ALA Z 359 -34.78 81.61 -1.97
C ALA Z 359 -33.36 81.72 -1.42
N PHE Z 360 -33.08 80.91 -0.43
CA PHE Z 360 -31.73 80.72 0.14
C PHE Z 360 -31.12 79.47 -0.50
N PHE Z 361 -30.29 79.69 -1.51
CA PHE Z 361 -29.62 78.57 -2.21
C PHE Z 361 -28.66 77.75 -1.32
N SER Z 362 -28.08 78.40 -0.32
CA SER Z 362 -27.20 77.74 0.65
C SER Z 362 -27.03 78.57 1.92
N ALA Z 363 -26.68 77.89 2.99
CA ALA Z 363 -26.46 78.50 4.31
C ALA Z 363 -25.06 78.16 4.85
N ASN Z 364 -24.04 78.59 4.09
CA ASN Z 364 -22.65 78.45 4.56
C ASN Z 364 -22.41 79.37 5.76
N SER Z 365 -21.65 78.89 6.72
CA SER Z 365 -21.28 79.71 7.88
C SER Z 365 -20.17 80.69 7.47
N THR Z 366 -19.74 81.50 8.41
CA THR Z 366 -18.60 82.41 8.17
C THR Z 366 -17.29 81.63 7.92
N GLN Z 367 -17.15 80.48 8.57
CA GLN Z 367 -15.89 79.71 8.49
C GLN Z 367 -15.49 79.39 7.05
N LYS Z 368 -14.22 79.62 6.80
CA LYS Z 368 -13.58 79.33 5.51
C LYS Z 368 -13.05 77.88 5.52
N PRO Z 369 -13.40 77.10 4.50
CA PRO Z 369 -12.91 75.70 4.35
C PRO Z 369 -11.39 75.66 4.25
N ARG Z 370 -10.82 74.61 4.83
CA ARG Z 370 -9.37 74.34 4.77
C ARG Z 370 -9.06 73.42 3.59
N PHE Z 371 -7.90 73.63 2.98
CA PHE Z 371 -7.42 72.79 1.89
C PHE Z 371 -6.38 71.79 2.42
N PHE Z 372 -6.50 70.57 1.94
CA PHE Z 372 -5.59 69.47 2.31
C PHE Z 372 -4.94 68.87 1.06
N GLY Z 373 -3.86 68.11 1.30
CA GLY Z 373 -3.13 67.42 0.22
C GLY Z 373 -4.09 66.54 -0.59
N ASN Z 374 -3.89 66.52 -1.89
CA ASN Z 374 -4.74 65.77 -2.82
C ASN Z 374 -4.44 64.27 -2.81
N THR Z 375 -4.75 63.66 -1.68
CA THR Z 375 -4.58 62.22 -1.47
C THR Z 375 -5.91 61.64 -0.98
N PRO Z 376 -6.06 60.32 -0.88
CA PRO Z 376 -7.30 59.68 -0.40
C PRO Z 376 -7.69 60.19 1.00
N GLU Z 377 -6.69 60.26 1.88
CA GLU Z 377 -6.87 60.74 3.26
C GLU Z 377 -7.11 62.26 3.30
N GLY Z 378 -6.35 62.97 2.45
CA GLY Z 378 -6.41 64.44 2.39
C GLY Z 378 -7.78 64.96 1.91
N LYS Z 379 -8.35 64.26 0.95
CA LYS Z 379 -9.66 64.60 0.37
C LYS Z 379 -10.79 64.26 1.33
N ALA Z 380 -10.58 63.19 2.10
CA ALA Z 380 -11.51 62.79 3.18
C ALA Z 380 -11.54 63.85 4.29
N ALA Z 381 -10.37 64.43 4.56
CA ALA Z 381 -10.21 65.52 5.55
C ALA Z 381 -10.97 66.77 5.12
N GLU Z 382 -10.87 67.06 3.82
CA GLU Z 382 -11.57 68.19 3.21
C GLU Z 382 -13.09 68.01 3.26
N THR Z 383 -13.54 66.80 2.92
CA THR Z 383 -14.99 66.43 2.97
C THR Z 383 -15.54 66.67 4.38
N ASN Z 384 -14.82 66.17 5.37
CA ASN Z 384 -15.24 66.27 6.78
C ASN Z 384 -15.28 67.71 7.28
N TYR Z 385 -14.27 68.48 6.87
CA TYR Z 385 -14.15 69.88 7.31
C TYR Z 385 -15.23 70.76 6.69
N ARG Z 386 -15.54 70.49 5.41
CA ARG Z 386 -16.57 71.23 4.67
C ARG Z 386 -17.98 71.00 5.23
N LEU Z 387 -18.23 69.77 5.70
CA LEU Z 387 -19.51 69.45 6.35
C LEU Z 387 -19.73 70.31 7.61
N GLY Z 388 -18.60 70.53 8.31
CA GLY Z 388 -18.55 71.38 9.52
C GLY Z 388 -18.86 72.84 9.20
N THR Z 389 -18.44 73.29 8.03
CA THR Z 389 -18.57 74.72 7.63
C THR Z 389 -20.00 75.11 7.22
N GLN Z 390 -20.86 74.13 7.01
CA GLN Z 390 -22.23 74.40 6.54
C GLN Z 390 -23.26 74.19 7.64
N LEU Z 391 -24.09 75.19 7.80
CA LEU Z 391 -25.17 75.23 8.80
C LEU Z 391 -26.21 74.09 8.69
N PRO Z 392 -26.63 73.70 7.46
CA PRO Z 392 -27.58 72.59 7.27
C PRO Z 392 -27.17 71.28 7.96
N TYR Z 393 -25.87 71.11 8.19
CA TYR Z 393 -25.33 69.91 8.85
C TYR Z 393 -25.02 70.16 10.34
N MET Z 394 -24.58 71.37 10.65
CA MET Z 394 -24.30 71.79 12.04
C MET Z 394 -25.58 71.78 12.88
N PHE Z 395 -26.71 72.01 12.25
CA PHE Z 395 -28.00 71.99 12.97
C PHE Z 395 -28.33 70.59 13.48
N ILE Z 396 -27.89 69.61 12.71
CA ILE Z 396 -28.03 68.18 13.09
C ILE Z 396 -27.21 67.91 14.35
N MET Z 397 -25.95 68.31 14.31
CA MET Z 397 -25.06 68.09 15.46
C MET Z 397 -25.52 68.86 16.71
N THR Z 398 -26.09 70.05 16.50
CA THR Z 398 -26.59 70.90 17.58
C THR Z 398 -27.72 70.20 18.34
N ARG Z 399 -28.65 69.64 17.59
CA ARG Z 399 -29.80 68.93 18.19
C ARG Z 399 -29.36 67.65 18.89
N LEU Z 400 -28.36 66.98 18.29
CA LEU Z 400 -27.76 65.78 18.88
C LEU Z 400 -27.09 66.09 20.22
N ALA Z 401 -26.40 67.22 20.26
CA ALA Z 401 -25.73 67.72 21.46
C ALA Z 401 -26.74 68.04 22.57
N HIS Z 402 -27.87 68.60 22.16
CA HIS Z 402 -28.95 68.93 23.11
C HIS Z 402 -29.64 67.69 23.70
N TYR Z 403 -29.82 66.69 22.85
CA TYR Z 403 -30.45 65.42 23.28
C TYR Z 403 -29.54 64.63 24.22
N ILE Z 404 -28.25 64.64 23.93
CA ILE Z 404 -27.24 63.91 24.73
C ILE Z 404 -27.14 64.50 26.14
N LYS Z 405 -27.08 65.84 26.20
CA LYS Z 405 -26.96 66.57 27.46
C LYS Z 405 -28.13 66.24 28.40
N VAL Z 406 -29.33 66.35 27.85
CA VAL Z 406 -30.58 66.10 28.61
C VAL Z 406 -30.67 64.62 29.05
N LEU Z 407 -30.73 63.75 28.05
CA LEU Z 407 -30.97 62.31 28.27
C LEU Z 407 -29.90 61.64 29.13
N GLN Z 408 -28.67 62.12 29.02
CA GLN Z 408 -27.54 61.56 29.80
C GLN Z 408 -27.58 61.93 31.28
N ARG Z 409 -28.08 63.12 31.58
CA ARG Z 409 -28.23 63.56 32.98
C ARG Z 409 -29.23 62.68 33.75
N GLU Z 410 -30.23 62.19 33.02
CA GLU Z 410 -31.22 61.24 33.56
C GLU Z 410 -30.61 59.89 33.95
N GLN Z 411 -29.53 59.55 33.26
CA GLN Z 411 -28.83 58.26 33.43
C GLN Z 411 -27.76 58.29 34.53
N ILE Z 412 -27.33 59.47 34.95
CA ILE Z 412 -26.32 59.59 36.02
C ILE Z 412 -26.81 58.85 37.29
N GLY Z 413 -25.91 58.00 37.80
CA GLY Z 413 -26.21 57.23 39.02
C GLY Z 413 -26.54 55.77 38.70
N SER Z 414 -26.89 55.48 37.46
CA SER Z 414 -27.22 54.12 37.01
C SER Z 414 -25.96 53.24 36.93
N TRP Z 415 -26.17 51.94 37.08
CA TRP Z 415 -25.09 50.94 37.01
C TRP Z 415 -24.64 50.73 35.56
N LYS Z 416 -23.75 51.58 35.09
CA LYS Z 416 -23.25 51.50 33.71
C LYS Z 416 -21.77 51.17 33.67
N GLU Z 417 -21.46 50.05 33.04
CA GLU Z 417 -20.08 49.66 32.69
C GLU Z 417 -19.80 50.20 31.28
N LYS Z 418 -18.55 50.16 30.86
CA LYS Z 418 -18.13 50.73 29.56
C LYS Z 418 -18.99 50.26 28.37
N SER Z 419 -19.11 48.93 28.24
CA SER Z 419 -19.88 48.30 27.15
C SER Z 419 -21.39 48.53 27.27
N ASP Z 420 -21.84 48.89 28.49
CA ASP Z 420 -23.26 49.26 28.70
C ASP Z 420 -23.63 50.55 27.97
N LEU Z 421 -22.68 51.50 27.99
CA LEU Z 421 -22.84 52.76 27.27
C LEU Z 421 -22.82 52.58 25.75
N GLU Z 422 -21.93 51.69 25.28
CA GLU Z 422 -21.85 51.42 23.84
C GLU Z 422 -23.14 50.76 23.32
N ARG Z 423 -23.69 49.85 24.12
CA ARG Z 423 -24.93 49.15 23.76
C ARG Z 423 -26.12 50.13 23.69
N GLU Z 424 -26.28 50.91 24.75
CA GLU Z 424 -27.42 51.83 24.87
C GLU Z 424 -27.32 53.02 23.91
N LEU Z 425 -26.13 53.61 23.83
CA LEU Z 425 -25.86 54.72 22.91
C LEU Z 425 -26.07 54.34 21.44
N ASN Z 426 -25.73 53.10 21.11
CA ASN Z 426 -25.96 52.57 19.74
C ASN Z 426 -27.44 52.43 19.43
N HIS Z 427 -28.17 51.86 20.39
CA HIS Z 427 -29.63 51.69 20.24
C HIS Z 427 -30.35 53.04 20.15
N TRP Z 428 -29.81 54.03 20.84
CA TRP Z 428 -30.37 55.38 20.85
C TRP Z 428 -30.19 56.08 19.50
N LEU Z 429 -28.95 56.09 19.02
CA LEU Z 429 -28.63 56.85 17.81
C LEU Z 429 -29.38 56.29 16.58
N SER Z 430 -29.58 54.98 16.57
CA SER Z 430 -30.33 54.31 15.50
C SER Z 430 -31.71 54.92 15.26
N GLN Z 431 -32.24 55.57 16.31
CA GLN Z 431 -33.53 56.26 16.24
C GLN Z 431 -33.62 57.29 15.11
N TYR Z 432 -32.48 57.92 14.79
CA TYR Z 432 -32.44 58.98 13.75
C TYR Z 432 -31.66 58.56 12.50
N ILE Z 433 -31.57 57.26 12.27
CA ILE Z 433 -30.82 56.74 11.12
C ILE Z 433 -31.78 56.14 10.09
N SER Z 434 -31.54 56.50 8.85
CA SER Z 434 -32.27 55.93 7.69
C SER Z 434 -31.25 55.35 6.72
N ASP Z 435 -30.92 54.10 6.95
CA ASP Z 435 -29.84 53.38 6.22
C ASP Z 435 -30.43 52.42 5.17
N MET Z 436 -31.50 52.85 4.52
CA MET Z 436 -32.12 52.03 3.48
C MET Z 436 -31.48 52.33 2.12
N ASP Z 437 -31.72 51.43 1.19
CA ASP Z 437 -31.18 51.54 -0.19
C ASP Z 437 -31.55 52.89 -0.85
N ASP Z 438 -32.78 53.32 -0.60
CA ASP Z 438 -33.35 54.55 -1.19
C ASP Z 438 -34.58 54.99 -0.40
N PRO Z 439 -34.39 55.70 0.67
CA PRO Z 439 -35.46 56.31 1.49
C PRO Z 439 -36.16 57.35 0.66
N ALA Z 440 -37.47 57.47 0.93
CA ALA Z 440 -38.25 58.47 0.20
C ALA Z 440 -37.59 59.86 0.32
N PRO Z 441 -37.42 60.53 -0.81
CA PRO Z 441 -36.71 61.83 -0.88
C PRO Z 441 -37.43 62.83 0.03
N ALA Z 442 -36.64 63.58 0.79
CA ALA Z 442 -37.16 64.53 1.79
C ALA Z 442 -37.95 63.82 2.91
N VAL Z 443 -37.56 62.58 3.19
CA VAL Z 443 -38.15 61.75 4.26
C VAL Z 443 -37.04 61.30 5.21
N ARG Z 444 -35.92 60.93 4.59
CA ARG Z 444 -34.55 61.33 5.00
C ARG Z 444 -34.51 62.59 5.88
N SER Z 445 -35.49 63.48 5.65
CA SER Z 445 -35.66 64.69 6.44
C SER Z 445 -35.86 64.44 7.94
N ARG Z 446 -36.84 63.60 8.32
CA ARG Z 446 -37.06 63.26 9.74
C ARG Z 446 -35.93 62.41 10.34
N ARG Z 447 -35.25 61.64 9.47
CA ARG Z 447 -34.07 60.84 9.85
C ARG Z 447 -32.84 61.31 9.06
N PRO Z 448 -32.22 62.38 9.54
CA PRO Z 448 -31.12 63.09 8.84
C PRO Z 448 -29.85 62.25 8.64
N LEU Z 449 -29.63 61.28 9.51
CA LEU Z 449 -28.40 60.46 9.48
C LEU Z 449 -28.55 59.21 8.62
N ARG Z 450 -27.45 58.84 8.00
CA ARG Z 450 -27.36 57.62 7.18
C ARG Z 450 -26.58 56.52 7.93
N ALA Z 451 -25.48 56.93 8.54
CA ALA Z 451 -24.64 56.04 9.36
C ALA Z 451 -24.13 56.77 10.58
N ALA Z 452 -23.75 56.00 11.57
CA ALA Z 452 -23.11 56.53 12.79
C ALA Z 452 -22.35 55.48 13.57
N ARG Z 453 -21.30 55.95 14.18
CA ARG Z 453 -20.38 55.10 14.94
C ARG Z 453 -20.12 55.68 16.33
N VAL Z 454 -20.17 54.80 17.31
CA VAL Z 454 -19.91 55.16 18.72
C VAL Z 454 -18.83 54.22 19.30
N VAL Z 455 -17.85 54.85 19.93
CA VAL Z 455 -16.84 54.15 20.75
C VAL Z 455 -16.82 54.76 22.15
N VAL Z 456 -16.67 53.90 23.14
CA VAL Z 456 -16.60 54.35 24.54
C VAL Z 456 -15.36 53.75 25.19
N GLU Z 457 -14.59 54.59 25.82
CA GLU Z 457 -13.41 54.15 26.59
C GLU Z 457 -13.56 54.63 28.04
N ASP Z 458 -12.62 54.21 28.87
CA ASP Z 458 -12.64 54.54 30.30
C ASP Z 458 -11.63 55.66 30.59
N VAL Z 459 -12.05 56.58 31.43
CA VAL Z 459 -11.14 57.61 31.99
C VAL Z 459 -10.31 56.92 33.07
N GLU Z 460 -9.10 56.53 32.71
CA GLU Z 460 -8.22 55.76 33.60
C GLU Z 460 -7.93 56.57 34.88
N GLY Z 461 -8.04 55.84 36.00
CA GLY Z 461 -7.86 56.42 37.35
C GLY Z 461 -9.04 57.31 37.78
N GLN Z 462 -10.19 57.10 37.14
CA GLN Z 462 -11.45 57.79 37.50
C GLN Z 462 -12.64 56.86 37.17
N PRO Z 463 -12.93 55.95 38.10
CA PRO Z 463 -13.98 54.93 37.94
C PRO Z 463 -15.36 55.60 37.88
N GLY Z 464 -16.13 55.22 36.87
CA GLY Z 464 -17.48 55.78 36.68
C GLY Z 464 -17.54 56.82 35.55
N TRP Z 465 -16.36 57.29 35.13
CA TRP Z 465 -16.24 58.28 34.05
C TRP Z 465 -15.75 57.62 32.76
N TYR Z 466 -16.32 58.10 31.68
CA TYR Z 466 -16.08 57.53 30.33
C TYR Z 466 -15.77 58.62 29.30
N ARG Z 467 -15.08 58.20 28.26
CA ARG Z 467 -14.76 59.05 27.11
C ARG Z 467 -15.45 58.48 25.86
N CYS Z 468 -16.41 59.24 25.36
CA CYS Z 468 -17.26 58.77 24.25
C CYS Z 468 -16.97 59.56 22.97
N SER Z 469 -16.90 58.83 21.88
CA SER Z 469 -16.73 59.41 20.53
C SER Z 469 -17.91 59.03 19.64
N LEU Z 470 -18.54 60.07 19.12
CA LEU Z 470 -19.70 59.95 18.24
C LEU Z 470 -19.42 60.61 16.87
N GLN Z 471 -19.41 59.78 15.85
CA GLN Z 471 -19.20 60.24 14.46
C GLN Z 471 -20.39 59.82 13.60
N VAL Z 472 -20.86 60.76 12.79
CA VAL Z 472 -22.08 60.56 11.98
C VAL Z 472 -21.87 60.94 10.51
N ARG Z 473 -22.59 60.24 9.66
CA ARG Z 473 -22.59 60.47 8.20
C ARG Z 473 -24.02 60.87 7.80
N PRO Z 474 -24.28 62.16 7.69
CA PRO Z 474 -25.59 62.72 7.29
C PRO Z 474 -25.85 62.48 5.80
N HIS Z 475 -27.12 62.46 5.42
CA HIS Z 475 -27.48 62.46 3.98
C HIS Z 475 -27.02 63.77 3.34
N PHE Z 476 -26.61 63.71 2.09
CA PHE Z 476 -26.06 64.88 1.40
C PHE Z 476 -27.10 65.70 0.66
N LYS Z 477 -26.95 67.00 0.81
CA LYS Z 477 -27.74 67.98 0.04
C LYS Z 477 -27.14 68.16 -1.35
N TYR Z 478 -28.02 68.26 -2.33
CA TYR Z 478 -27.65 68.57 -3.72
C TYR Z 478 -27.33 70.06 -3.84
N MET Z 479 -26.07 70.38 -4.05
CA MET Z 479 -25.62 71.79 -4.00
C MET Z 479 -24.77 72.25 -5.19
N GLY Z 480 -25.00 71.63 -6.36
CA GLY Z 480 -24.27 72.00 -7.58
C GLY Z 480 -23.75 70.78 -8.33
N ALA Z 481 -23.48 71.01 -9.60
CA ALA Z 481 -23.05 69.95 -10.55
C ALA Z 481 -22.59 70.58 -11.87
N SER Z 482 -21.68 69.88 -12.52
CA SER Z 482 -21.17 70.26 -13.85
C SER Z 482 -21.67 69.25 -14.88
N PHE Z 483 -22.09 69.76 -16.02
CA PHE Z 483 -22.63 68.93 -17.11
C PHE Z 483 -21.78 69.05 -18.38
N THR Z 484 -21.55 67.91 -18.99
CA THR Z 484 -20.84 67.78 -20.28
C THR Z 484 -21.79 67.21 -21.33
N LEU Z 485 -22.19 68.07 -22.26
CA LEU Z 485 -23.09 67.64 -23.33
C LEU Z 485 -22.29 67.21 -24.56
N SER Z 486 -22.79 66.20 -25.25
CA SER Z 486 -22.09 65.66 -26.43
C SER Z 486 -23.05 64.91 -27.36
N LEU Z 487 -23.02 65.35 -28.61
CA LEU Z 487 -23.65 64.60 -29.72
C LEU Z 487 -22.76 63.40 -30.04
N VAL Z 488 -23.37 62.30 -30.44
CA VAL Z 488 -22.65 61.05 -30.70
C VAL Z 488 -23.45 60.16 -31.65
N GLY Z 489 -22.70 59.52 -32.54
CA GLY Z 489 -23.24 58.48 -33.42
C GLY Z 489 -22.82 57.13 -32.87
N LYS Z 490 -23.55 56.10 -33.14
CA LYS Z 490 -23.31 54.68 -32.72
C LYS Z 490 -23.27 54.52 -31.18
N LEU Z 491 -23.97 55.41 -30.49
CA LEU Z 491 -24.12 55.30 -29.03
C LEU Z 491 -24.90 54.02 -28.72
N ASP Z 492 -24.50 53.32 -27.66
CA ASP Z 492 -25.28 52.16 -27.20
C ASP Z 492 -26.70 52.62 -26.87
N LYS Z 493 -27.68 51.92 -27.40
CA LYS Z 493 -29.10 52.32 -27.27
C LYS Z 493 -29.62 52.31 -25.81
N LEU AA 30 -2.53 65.83 -47.04
CA LEU AA 30 -1.44 66.46 -47.79
C LEU AA 30 -1.69 66.37 -49.29
N PRO AA 31 -1.76 67.55 -49.94
CA PRO AA 31 -1.89 67.65 -51.40
C PRO AA 31 -0.70 66.95 -52.08
N LEU AA 32 -0.90 66.64 -53.35
CA LEU AA 32 0.19 66.13 -54.20
C LEU AA 32 0.65 67.27 -55.10
N LYS AA 33 1.75 67.90 -54.70
CA LYS AA 33 2.28 69.04 -55.45
C LYS AA 33 3.53 68.61 -56.21
N VAL AA 34 3.50 68.95 -57.50
CA VAL AA 34 4.62 68.69 -58.42
C VAL AA 34 5.26 70.03 -58.79
N LEU AA 35 6.55 69.95 -59.07
CA LEU AA 35 7.34 71.11 -59.52
C LEU AA 35 7.89 70.84 -60.92
N MET AA 36 7.36 71.59 -61.87
CA MET AA 36 7.80 71.52 -63.27
C MET AA 36 8.90 72.57 -63.53
N LEU AA 37 10.11 72.06 -63.70
CA LEU AA 37 11.27 72.92 -63.93
C LEU AA 37 11.72 72.72 -65.38
N GLY AA 38 11.93 73.85 -66.06
CA GLY AA 38 12.28 73.84 -67.49
C GLY AA 38 12.43 75.26 -68.04
N ASP AA 39 12.93 75.28 -69.27
CA ASP AA 39 13.17 76.54 -70.01
C ASP AA 39 11.90 76.98 -70.75
N PHE AA 40 11.04 77.66 -70.00
CA PHE AA 40 9.75 78.16 -70.53
C PHE AA 40 9.84 79.47 -71.32
N THR AA 41 11.01 80.10 -71.27
CA THR AA 41 11.24 81.37 -71.99
C THR AA 41 12.34 81.18 -73.04
N GLY AA 42 12.41 82.17 -73.94
CA GLY AA 42 13.42 82.19 -75.03
C GLY AA 42 14.84 82.56 -74.57
N GLN AA 43 14.97 82.93 -73.29
CA GLN AA 43 16.24 83.41 -72.72
C GLN AA 43 16.34 83.11 -71.22
N GLU AA 44 17.59 83.00 -70.76
CA GLU AA 44 17.89 82.90 -69.32
C GLU AA 44 17.57 84.23 -68.61
N ASP AA 45 17.22 84.12 -67.34
CA ASP AA 45 16.97 85.32 -66.51
C ASP AA 45 18.25 85.72 -65.77
N ALA AA 46 18.40 87.04 -65.60
CA ALA AA 46 19.46 87.66 -64.77
C ALA AA 46 19.27 87.36 -63.27
N ARG AA 47 18.00 87.25 -62.85
CA ARG AA 47 17.65 86.97 -61.45
C ARG AA 47 18.21 85.59 -61.02
N PRO AA 48 18.86 85.55 -59.85
CA PRO AA 48 19.38 84.31 -59.25
C PRO AA 48 18.24 83.30 -59.08
N LEU AA 49 18.60 82.02 -59.15
CA LEU AA 49 17.64 80.92 -58.99
C LEU AA 49 16.86 80.98 -57.67
N GLU AA 50 17.58 81.30 -56.60
CA GLU AA 50 16.97 81.45 -55.27
C GLU AA 50 15.99 82.63 -55.15
N GLN AA 51 16.16 83.60 -56.05
CA GLN AA 51 15.37 84.82 -56.02
C GLN AA 51 14.10 84.71 -56.90
N ARG AA 52 14.26 84.17 -58.12
CA ARG AA 52 13.11 83.95 -59.01
C ARG AA 52 12.11 83.03 -58.30
N ALA AA 53 10.84 83.34 -58.51
CA ALA AA 53 9.76 82.65 -57.78
C ALA AA 53 9.01 81.65 -58.65
N PRO AA 54 8.46 80.60 -58.02
CA PRO AA 54 7.58 79.62 -58.67
C PRO AA 54 6.19 80.21 -58.91
N ILE AA 55 5.52 79.69 -59.92
CA ILE AA 55 4.17 80.12 -60.31
C ILE AA 55 3.18 78.94 -60.17
N ASN AA 56 2.12 79.18 -59.42
CA ASN AA 56 1.05 78.17 -59.27
C ASN AA 56 0.14 78.20 -60.51
N VAL AA 57 0.00 77.03 -61.12
CA VAL AA 57 -0.81 76.89 -62.36
C VAL AA 57 -1.96 75.90 -62.12
N ASP AA 58 -3.09 76.22 -62.72
CA ASP AA 58 -4.28 75.36 -62.75
C ASP AA 58 -5.11 75.64 -64.01
N LYS AA 59 -6.13 74.82 -64.21
CA LYS AA 59 -7.05 74.93 -65.37
C LYS AA 59 -7.72 76.30 -65.55
N ALA AA 60 -7.94 77.01 -64.44
CA ALA AA 60 -8.69 78.28 -64.44
C ALA AA 60 -7.82 79.54 -64.56
N ASN AA 61 -6.54 79.36 -64.88
CA ASN AA 61 -5.59 80.50 -65.01
C ASN AA 61 -4.37 80.18 -65.88
N PHE AA 62 -4.40 79.04 -66.57
CA PHE AA 62 -3.26 78.61 -67.40
C PHE AA 62 -2.85 79.69 -68.41
N ASN AA 63 -3.85 80.18 -69.15
CA ASN AA 63 -3.64 81.25 -70.14
C ASN AA 63 -3.12 82.56 -69.51
N GLU AA 64 -3.64 82.85 -68.32
CA GLU AA 64 -3.32 84.07 -67.57
C GLU AA 64 -1.84 84.02 -67.18
N VAL AA 65 -1.38 82.82 -66.86
CA VAL AA 65 0.02 82.56 -66.52
C VAL AA 65 0.93 82.84 -67.72
N MET AA 66 0.52 82.39 -68.90
CA MET AA 66 1.32 82.62 -70.12
C MET AA 66 1.43 84.11 -70.46
N ALA AA 67 0.29 84.80 -70.32
CA ALA AA 67 0.19 86.25 -70.56
C ALA AA 67 1.10 87.03 -69.61
N GLN AA 68 1.09 86.65 -68.34
CA GLN AA 68 1.94 87.28 -67.32
C GLN AA 68 3.43 86.93 -67.45
N GLN AA 69 3.70 85.72 -67.92
CA GLN AA 69 5.08 85.24 -68.13
C GLN AA 69 5.77 86.03 -69.24
N ASN AA 70 4.99 86.43 -70.25
CA ASN AA 70 5.48 87.23 -71.39
C ASN AA 70 6.54 86.44 -72.16
N LEU AA 71 6.07 85.86 -73.26
CA LEU AA 71 6.95 85.05 -74.12
C LEU AA 71 7.34 85.85 -75.37
N LYS AA 72 8.59 85.64 -75.79
CA LYS AA 72 9.15 86.32 -76.97
C LYS AA 72 10.25 85.47 -77.60
N VAL AA 73 10.20 85.43 -78.93
CA VAL AA 73 11.21 84.74 -79.75
C VAL AA 73 11.79 85.68 -80.82
N THR AA 74 13.09 85.90 -80.67
CA THR AA 74 13.87 86.63 -81.68
C THR AA 74 14.77 85.59 -82.35
N LEU AA 75 14.42 85.29 -83.59
CA LEU AA 75 15.09 84.22 -84.35
C LEU AA 75 15.08 84.54 -85.85
N THR AA 76 16.05 83.95 -86.51
CA THR AA 76 16.21 84.09 -87.96
C THR AA 76 16.01 82.73 -88.66
N ALA AA 77 15.19 82.77 -89.70
CA ALA AA 77 14.89 81.61 -90.56
C ALA AA 77 15.28 81.94 -92.01
N ALA AA 78 15.52 80.90 -92.79
CA ALA AA 78 15.78 81.05 -94.24
C ALA AA 78 14.59 81.75 -94.91
N ASP AA 79 14.91 82.81 -95.65
CA ASP AA 79 13.91 83.56 -96.40
C ASP AA 79 13.60 82.81 -97.71
N LYS AA 80 12.46 82.14 -97.72
CA LYS AA 80 12.04 81.37 -98.90
C LYS AA 80 10.96 82.08 -99.72
N LEU AA 81 10.85 83.40 -99.51
CA LEU AA 81 9.95 84.25 -100.29
C LEU AA 81 10.60 84.75 -101.59
N SER AA 82 11.89 84.44 -101.72
CA SER AA 82 12.69 84.75 -102.91
C SER AA 82 13.50 83.50 -103.33
N ALA AA 83 14.45 83.72 -104.22
CA ALA AA 83 15.35 82.69 -104.76
C ALA AA 83 16.84 83.00 -104.46
N ASP AA 84 17.08 83.50 -103.26
CA ASP AA 84 18.45 83.85 -102.83
C ASP AA 84 18.83 83.07 -101.56
N PRO AA 85 19.90 82.27 -101.64
CA PRO AA 85 20.45 81.53 -100.48
C PRO AA 85 20.97 82.42 -99.35
N ASN AA 86 21.40 83.64 -99.69
CA ASN AA 86 21.87 84.65 -98.73
C ASN AA 86 20.76 85.45 -98.05
N ALA AA 87 19.53 85.30 -98.57
CA ALA AA 87 18.34 85.95 -98.00
C ALA AA 87 17.89 85.24 -96.71
N THR AA 88 17.86 86.03 -95.65
CA THR AA 88 17.44 85.56 -94.33
C THR AA 88 16.34 86.46 -93.77
N MET AA 89 15.45 85.86 -92.97
CA MET AA 89 14.35 86.60 -92.34
C MET AA 89 14.43 86.49 -90.82
N ASN AA 90 14.48 87.66 -90.18
CA ASN AA 90 14.47 87.73 -88.72
C ASN AA 90 13.08 88.20 -88.25
N VAL AA 91 12.55 87.42 -87.32
CA VAL AA 91 11.20 87.64 -86.75
C VAL AA 91 11.28 87.86 -85.23
N SER AA 92 10.30 88.59 -84.73
CA SER AA 92 10.17 88.84 -83.28
C SER AA 92 8.75 88.48 -82.82
N LEU AA 93 8.54 87.19 -82.57
CA LEU AA 93 7.21 86.70 -82.16
C LEU AA 93 7.00 86.88 -80.65
N GLN AA 94 5.74 87.15 -80.32
CA GLN AA 94 5.28 87.36 -78.94
C GLN AA 94 4.05 86.49 -78.70
N PHE AA 95 4.02 85.89 -77.52
CA PHE AA 95 2.91 84.98 -77.16
C PHE AA 95 2.30 85.39 -75.81
N LYS AA 96 0.98 85.31 -75.79
CA LYS AA 96 0.16 85.57 -74.58
C LYS AA 96 -0.59 84.31 -74.15
N ASN AA 97 -0.97 83.51 -75.14
CA ASN AA 97 -1.64 82.22 -74.95
C ASN AA 97 -1.17 81.21 -76.03
N LEU AA 98 -1.62 79.97 -75.87
CA LEU AA 98 -1.30 78.89 -76.82
C LEU AA 98 -1.83 79.12 -78.24
N ASN AA 99 -2.92 79.87 -78.33
CA ASN AA 99 -3.53 80.25 -79.62
C ASN AA 99 -2.54 81.08 -80.46
N ASP AA 100 -1.61 81.75 -79.80
CA ASP AA 100 -0.58 82.58 -80.46
C ASP AA 100 0.54 81.78 -81.13
N PHE AA 101 0.48 80.45 -81.03
CA PHE AA 101 1.43 79.57 -81.75
C PHE AA 101 0.84 79.06 -83.07
N SER AA 102 -0.42 79.39 -83.32
CA SER AA 102 -1.08 79.01 -84.57
C SER AA 102 -0.51 79.81 -85.75
N PRO AA 103 -0.45 79.21 -86.94
CA PRO AA 103 0.05 79.87 -88.16
C PRO AA 103 -0.63 81.22 -88.43
N GLU AA 104 -1.89 81.33 -88.02
CA GLU AA 104 -2.67 82.58 -88.14
C GLU AA 104 -2.06 83.74 -87.35
N SER AA 105 -1.54 83.46 -86.16
CA SER AA 105 -0.89 84.48 -85.32
C SER AA 105 0.55 84.74 -85.78
N VAL AA 106 1.21 83.68 -86.27
CA VAL AA 106 2.58 83.77 -86.82
C VAL AA 106 2.61 84.75 -88.00
N VAL AA 107 1.65 84.60 -88.90
CA VAL AA 107 1.50 85.50 -90.06
C VAL AA 107 1.26 86.95 -89.64
N ASN AA 108 0.39 87.12 -88.63
CA ASN AA 108 -0.01 88.44 -88.15
C ASN AA 108 1.17 89.20 -87.52
N GLN AA 109 2.13 88.47 -86.99
CA GLN AA 109 3.32 89.06 -86.36
C GLN AA 109 4.54 89.11 -87.27
N VAL AA 110 4.36 88.67 -88.52
CA VAL AA 110 5.43 88.68 -89.53
C VAL AA 110 4.93 89.48 -90.74
N PRO AA 111 5.30 90.77 -90.81
CA PRO AA 111 4.89 91.69 -91.90
C PRO AA 111 5.12 91.14 -93.31
N GLU AA 112 6.21 90.40 -93.48
CA GLU AA 112 6.62 89.77 -94.74
C GLU AA 112 5.64 88.69 -95.20
N LEU AA 113 4.86 88.17 -94.25
CA LEU AA 113 3.78 87.21 -94.52
C LEU AA 113 2.39 87.86 -94.39
N LYS AA 114 2.26 88.79 -93.45
CA LYS AA 114 1.00 89.51 -93.20
C LYS AA 114 0.53 90.26 -94.45
N LYS AA 115 1.47 90.92 -95.13
CA LYS AA 115 1.20 91.63 -96.39
C LYS AA 115 0.77 90.68 -97.51
N LEU AA 116 1.35 89.48 -97.51
CA LEU AA 116 0.99 88.42 -98.47
C LEU AA 116 -0.41 87.85 -98.22
N LEU AA 117 -0.80 87.82 -96.94
CA LEU AA 117 -2.15 87.40 -96.55
C LEU AA 117 -3.17 88.47 -96.94
N GLU AA 118 -2.78 89.73 -96.78
CA GLU AA 118 -3.61 90.88 -97.20
C GLU AA 118 -3.79 90.89 -98.72
N LEU AA 119 -2.71 90.52 -99.41
CA LEU AA 119 -2.70 90.32 -100.87
C LEU AA 119 -3.66 89.20 -101.27
N ARG AA 120 -3.56 88.09 -100.54
CA ARG AA 120 -4.42 86.91 -100.77
C ARG AA 120 -5.88 87.35 -100.72
N SER AA 121 -6.25 88.06 -99.65
CA SER AA 121 -7.63 88.54 -99.43
C SER AA 121 -8.09 89.51 -100.54
N ALA AA 122 -7.16 90.34 -101.02
CA ALA AA 122 -7.41 91.27 -102.14
C ALA AA 122 -7.67 90.51 -103.45
N LEU AA 123 -6.97 89.47 -103.65
CA LEU AA 123 -7.11 88.76 -104.93
C LEU AA 123 -8.37 87.88 -104.91
N ASN AA 124 -8.70 87.27 -103.77
CA ASN AA 124 -9.90 86.44 -103.66
C ASN AA 124 -11.15 87.32 -103.82
N ALA AA 125 -11.12 88.53 -103.20
CA ALA AA 125 -12.22 89.52 -103.29
C ALA AA 125 -12.42 89.92 -104.75
N LEU AA 126 -11.32 90.27 -105.44
CA LEU AA 126 -11.36 90.64 -106.85
C LEU AA 126 -11.91 89.48 -107.71
N LYS AA 127 -11.33 88.26 -107.55
CA LYS AA 127 -11.75 87.10 -108.35
C LYS AA 127 -13.19 86.67 -108.08
N GLY AA 128 -13.72 86.89 -106.85
CA GLY AA 128 -15.12 86.59 -106.54
C GLY AA 128 -16.03 87.77 -106.87
N PRO AA 129 -15.47 88.83 -107.50
CA PRO AA 129 -16.18 90.06 -107.89
C PRO AA 129 -16.79 90.86 -106.73
N LEU AA 130 -16.21 90.75 -105.52
CA LEU AA 130 -16.71 91.43 -104.33
C LEU AA 130 -16.33 92.90 -104.25
N GLY AA 131 -15.35 93.33 -105.06
CA GLY AA 131 -15.00 94.73 -105.15
C GLY AA 131 -14.67 95.09 -106.57
N ASN AA 132 -14.83 96.37 -106.94
CA ASN AA 132 -14.53 96.83 -108.30
C ASN AA 132 -13.04 97.14 -108.43
N LEU AA 133 -12.57 97.36 -109.69
CA LEU AA 133 -11.17 97.63 -110.01
C LEU AA 133 -10.59 98.84 -109.28
N PRO AA 134 -11.36 99.92 -109.13
CA PRO AA 134 -10.89 101.15 -108.46
C PRO AA 134 -10.53 100.86 -106.97
N ALA AA 135 -11.39 100.10 -106.26
CA ALA AA 135 -11.16 99.75 -104.85
C ALA AA 135 -9.95 98.80 -104.78
N PHE AA 136 -9.92 97.78 -105.65
CA PHE AA 136 -8.82 96.83 -105.75
C PHE AA 136 -7.49 97.59 -105.84
N ARG AA 137 -7.34 98.54 -106.81
CA ARG AA 137 -6.07 99.28 -106.99
C ARG AA 137 -5.72 100.14 -105.78
N LYS AA 138 -6.72 100.73 -105.10
CA LYS AA 138 -6.52 101.56 -103.90
C LYS AA 138 -5.98 100.69 -102.76
N LYS AA 139 -6.60 99.51 -102.56
CA LYS AA 139 -6.17 98.58 -101.52
C LYS AA 139 -4.82 97.96 -101.83
N LEU AA 140 -4.51 97.76 -103.08
CA LEU AA 140 -3.27 97.17 -103.46
C LEU AA 140 -2.15 98.08 -103.09
N GLN AA 141 -2.29 99.35 -103.39
CA GLN AA 141 -1.26 100.30 -103.06
C GLN AA 141 -1.02 100.40 -101.56
N ALA AA 142 -2.06 100.31 -100.76
CA ALA AA 142 -1.95 100.28 -99.31
C ALA AA 142 -1.13 99.08 -98.79
N LEU AA 143 -1.44 97.90 -99.28
CA LEU AA 143 -0.69 96.72 -98.96
C LEU AA 143 0.81 96.91 -99.29
N LEU AA 144 1.14 97.36 -100.48
CA LEU AA 144 2.51 97.37 -100.94
C LEU AA 144 3.33 98.59 -100.48
N ALA AA 145 2.65 99.51 -99.84
CA ALA AA 145 3.21 100.72 -99.27
C ALA AA 145 4.11 100.41 -98.04
N ASP AA 146 3.90 99.27 -97.32
CA ASP AA 146 4.68 98.91 -96.13
C ASP AA 146 6.20 99.05 -96.37
N GLU AA 147 6.87 99.99 -95.66
CA GLU AA 147 8.30 100.21 -95.95
C GLU AA 147 9.23 99.07 -95.50
N ASP AA 148 8.72 98.14 -94.67
CA ASP AA 148 9.50 97.00 -94.18
C ASP AA 148 9.58 95.88 -95.24
N GLY AA 149 8.79 95.99 -96.34
CA GLY AA 149 8.81 94.97 -97.41
C GLY AA 149 9.99 95.13 -98.31
N ARG AA 150 10.48 94.02 -98.89
CA ARG AA 150 11.55 94.12 -99.86
C ARG AA 150 10.90 94.45 -101.23
N LYS AA 151 11.63 95.10 -102.14
CA LYS AA 151 11.08 95.40 -103.45
C LYS AA 151 10.91 94.09 -104.25
N ALA AA 152 11.76 93.08 -103.95
CA ALA AA 152 11.67 91.76 -104.59
C ALA AA 152 10.31 91.14 -104.23
N LEU AA 153 9.91 91.19 -102.95
CA LEU AA 153 8.60 90.68 -102.56
C LEU AA 153 7.46 91.48 -103.20
N ILE AA 154 7.55 92.83 -103.24
CA ILE AA 154 6.51 93.67 -103.85
C ILE AA 154 6.26 93.24 -105.31
N LYS AA 155 7.35 92.98 -106.08
CA LYS AA 155 7.34 92.52 -107.47
C LYS AA 155 6.63 91.20 -107.66
N GLU AA 156 6.90 90.21 -106.78
CA GLU AA 156 6.26 88.89 -106.77
C GLU AA 156 4.77 89.04 -106.43
N LEU AA 157 4.43 89.99 -105.53
CA LEU AA 157 3.03 90.26 -105.18
C LEU AA 157 2.25 90.91 -106.35
N GLY AA 158 2.86 91.91 -107.01
CA GLY AA 158 2.29 92.59 -108.19
C GLY AA 158 2.16 91.64 -109.38
N LEU AA 159 3.04 90.63 -109.49
CA LEU AA 159 2.99 89.62 -110.57
C LEU AA 159 1.78 88.69 -110.46
N THR AA 160 1.11 88.67 -109.30
CA THR AA 160 -0.08 87.86 -109.08
C THR AA 160 -1.35 88.58 -109.52
N GLU AA 161 -1.24 89.89 -109.80
CA GLU AA 161 -2.41 90.67 -110.22
C GLU AA 161 -2.88 90.32 -111.65
N GLU AA 162 -4.16 89.93 -111.88
CA GLU AA 162 -4.61 89.67 -113.26
C GLU AA 162 -4.49 90.96 -114.09
N THR AA 163 -4.09 90.83 -115.36
CA THR AA 163 -3.91 91.97 -116.27
C THR AA 163 -5.08 92.94 -116.34
N LYS AA 164 -6.32 92.41 -116.34
CA LYS AA 164 -7.54 93.24 -116.42
C LYS AA 164 -7.81 94.08 -115.17
N ASP BA 63 -11.59 83.70 -116.72
CA ASP BA 63 -10.62 84.67 -116.14
C ASP BA 63 -10.28 84.39 -114.67
N LYS BA 64 -11.32 84.07 -113.89
CA LYS BA 64 -11.23 83.81 -112.45
C LYS BA 64 -10.32 82.60 -112.19
N ALA BA 65 -10.33 81.65 -113.13
CA ALA BA 65 -9.48 80.46 -113.04
C ALA BA 65 -8.00 80.82 -112.93
N LEU BA 66 -7.58 81.84 -113.67
CA LEU BA 66 -6.21 82.38 -113.60
C LEU BA 66 -5.94 83.08 -112.27
N VAL BA 67 -6.93 83.80 -111.79
CA VAL BA 67 -6.88 84.47 -110.47
C VAL BA 67 -6.71 83.43 -109.34
N ASP BA 68 -7.43 82.32 -109.47
CA ASP BA 68 -7.35 81.21 -108.51
C ASP BA 68 -5.97 80.56 -108.52
N ALA BA 69 -5.39 80.46 -109.72
CA ALA BA 69 -4.02 79.95 -109.90
C ALA BA 69 -2.98 80.86 -109.23
N MET BA 70 -3.26 82.16 -109.27
CA MET BA 70 -2.43 83.17 -108.58
C MET BA 70 -2.49 82.97 -107.07
N ILE BA 71 -3.70 82.65 -106.59
CA ILE BA 71 -3.92 82.33 -105.15
C ILE BA 71 -3.21 81.04 -104.74
N ALA BA 72 -3.20 80.08 -105.64
CA ALA BA 72 -2.55 78.79 -105.39
C ALA BA 72 -1.03 78.97 -105.21
N GLU BA 73 -0.45 79.76 -106.11
CA GLU BA 73 1.00 80.07 -106.10
C GLU BA 73 1.39 80.99 -104.94
N ILE BA 74 0.50 81.92 -104.61
CA ILE BA 74 0.72 82.84 -103.48
C ILE BA 74 0.79 82.07 -102.15
N ASP BA 75 -0.18 81.17 -101.95
CA ASP BA 75 -0.26 80.36 -100.73
C ASP BA 75 0.86 79.33 -100.68
N LYS BA 76 1.25 78.85 -101.87
CA LYS BA 76 2.38 77.93 -102.01
C LYS BA 76 3.66 78.59 -101.46
N ARG BA 77 3.89 79.83 -101.85
CA ARG BA 77 5.07 80.59 -101.39
C ARG BA 77 4.99 80.94 -99.91
N LEU BA 78 3.79 81.36 -99.49
CA LEU BA 78 3.55 81.74 -98.09
C LEU BA 78 3.75 80.52 -97.17
N SER BA 79 3.26 79.38 -97.60
CA SER BA 79 3.40 78.09 -96.88
C SER BA 79 4.84 77.60 -96.79
N SER BA 80 5.60 77.90 -97.80
CA SER BA 80 7.03 77.54 -97.84
C SER BA 80 7.81 78.29 -96.75
N GLN BA 81 7.40 79.55 -96.54
CA GLN BA 81 8.00 80.41 -95.51
C GLN BA 81 7.49 80.04 -94.12
N VAL BA 82 6.23 79.82 -93.99
CA VAL BA 82 5.59 79.46 -92.69
C VAL BA 82 6.15 78.13 -92.14
N ASN BA 83 6.52 77.21 -93.03
CA ASN BA 83 7.16 75.95 -92.64
C ASN BA 83 8.48 76.21 -91.90
N GLU BA 84 9.20 77.23 -92.34
CA GLU BA 84 10.49 77.62 -91.76
C GLU BA 84 10.38 78.07 -90.30
N ILE BA 85 9.34 78.86 -90.01
CA ILE BA 85 9.08 79.34 -88.64
C ILE BA 85 8.57 78.19 -87.75
N LEU BA 86 7.60 77.46 -88.29
CA LEU BA 86 6.97 76.35 -87.56
C LEU BA 86 7.93 75.20 -87.27
N HIS BA 87 8.93 75.06 -88.14
CA HIS BA 87 9.95 74.01 -87.99
C HIS BA 87 11.27 74.54 -87.44
N ALA BA 88 11.24 75.78 -86.96
CA ALA BA 88 12.40 76.37 -86.29
C ALA BA 88 12.56 75.71 -84.91
N LYS BA 89 13.79 75.32 -84.62
CA LYS BA 89 14.13 74.64 -83.36
C LYS BA 89 13.86 75.49 -82.11
N GLU BA 90 14.14 76.80 -82.24
CA GLU BA 90 13.88 77.79 -81.18
C GLU BA 90 12.36 77.93 -80.97
N PHE BA 91 11.63 77.96 -82.06
CA PHE BA 91 10.17 78.11 -82.00
C PHE BA 91 9.51 76.88 -81.35
N GLN BA 92 9.95 75.70 -81.80
CA GLN BA 92 9.42 74.42 -81.30
C GLN BA 92 9.78 74.19 -79.83
N LYS BA 93 10.96 74.65 -79.42
CA LYS BA 93 11.38 74.51 -78.01
C LYS BA 93 10.40 75.27 -77.09
N LEU BA 94 10.03 76.49 -77.54
CA LEU BA 94 9.08 77.33 -76.79
C LEU BA 94 7.69 76.68 -76.80
N GLU BA 95 7.21 76.34 -78.00
CA GLU BA 95 5.85 75.79 -78.15
C GLU BA 95 5.69 74.47 -77.39
N SER BA 96 6.56 73.51 -77.69
CA SER BA 96 6.52 72.18 -77.07
C SER BA 96 6.56 72.27 -75.55
N SER BA 97 7.26 73.27 -75.00
CA SER BA 97 7.34 73.47 -73.54
C SER BA 97 5.98 73.80 -72.93
N TRP BA 98 5.32 74.80 -73.52
CA TRP BA 98 4.01 75.26 -73.04
C TRP BA 98 2.85 74.34 -73.43
N ARG BA 99 2.89 73.79 -74.63
CA ARG BA 99 1.87 72.87 -75.11
C ARG BA 99 1.90 71.56 -74.30
N SER BA 100 3.09 71.04 -74.09
CA SER BA 100 3.28 69.84 -73.24
C SER BA 100 2.87 70.10 -71.79
N LEU BA 101 3.07 71.35 -71.35
CA LEU BA 101 2.69 71.76 -70.00
C LEU BA 101 1.15 71.71 -69.81
N LYS BA 102 0.44 72.27 -70.78
CA LYS BA 102 -1.04 72.26 -70.73
C LYS BA 102 -1.56 70.82 -70.86
N PHE BA 103 -0.94 70.06 -71.74
CA PHE BA 103 -1.28 68.64 -71.93
C PHE BA 103 -1.24 67.89 -70.59
N MET BA 104 -0.26 68.25 -69.75
CA MET BA 104 -0.18 67.77 -68.37
C MET BA 104 -1.32 68.33 -67.52
N VAL BA 105 -1.36 69.66 -67.46
CA VAL BA 105 -2.27 70.41 -66.56
C VAL BA 105 -3.73 69.98 -66.75
N ASP BA 106 -4.19 69.97 -67.99
CA ASP BA 106 -5.63 69.74 -68.24
C ASP BA 106 -6.06 68.27 -68.11
N ARG BA 107 -5.10 67.39 -67.85
CA ARG BA 107 -5.40 65.97 -67.60
C ARG BA 107 -5.31 65.63 -66.11
N THR BA 108 -5.11 66.64 -65.29
CA THR BA 108 -5.11 66.52 -63.83
C THR BA 108 -6.48 67.01 -63.32
N ASP BA 109 -6.68 66.85 -62.03
CA ASP BA 109 -7.91 67.31 -61.38
C ASP BA 109 -7.55 68.07 -60.10
N PHE BA 110 -7.61 69.38 -60.20
CA PHE BA 110 -7.26 70.30 -59.09
C PHE BA 110 -8.22 70.25 -57.90
N ARG BA 111 -9.38 69.64 -58.11
CA ARG BA 111 -10.38 69.42 -57.05
C ARG BA 111 -10.00 68.25 -56.13
N GLU BA 112 -9.03 67.45 -56.57
CA GLU BA 112 -8.56 66.28 -55.82
C GLU BA 112 -7.27 66.56 -55.04
N ASN BA 113 -7.06 67.84 -54.70
CA ASN BA 113 -5.88 68.29 -53.93
C ASN BA 113 -4.57 68.04 -54.71
N THR BA 114 -4.63 68.33 -56.01
CA THR BA 114 -3.44 68.25 -56.86
C THR BA 114 -2.99 69.67 -57.18
N ARG BA 115 -1.69 69.91 -57.07
CA ARG BA 115 -1.11 71.24 -57.30
C ARG BA 115 0.17 71.12 -58.14
N VAL BA 116 0.44 72.15 -58.90
CA VAL BA 116 1.65 72.23 -59.74
C VAL BA 116 2.16 73.68 -59.75
N GLU BA 117 3.48 73.79 -59.67
CA GLU BA 117 4.16 75.08 -59.77
C GLU BA 117 5.19 75.03 -60.90
N MET BA 118 5.38 76.17 -61.54
CA MET BA 118 6.37 76.31 -62.63
C MET BA 118 7.58 77.10 -62.12
N LEU BA 119 8.74 76.58 -62.44
CA LEU BA 119 10.03 77.21 -62.08
C LEU BA 119 10.95 77.23 -63.29
N ASN BA 120 11.02 78.39 -63.92
CA ASN BA 120 11.85 78.58 -65.13
C ASN BA 120 13.34 78.45 -64.82
N ALA BA 121 13.95 77.41 -65.36
CA ALA BA 121 15.39 77.14 -65.20
C ALA BA 121 15.93 76.30 -66.35
N SER BA 122 17.05 76.72 -66.88
CA SER BA 122 17.79 75.96 -67.92
C SER BA 122 18.77 74.98 -67.25
N LYS BA 123 19.16 73.93 -67.97
CA LYS BA 123 20.13 72.97 -67.39
C LYS BA 123 21.46 73.63 -67.04
N GLU BA 124 21.87 74.56 -67.91
CA GLU BA 124 23.14 75.29 -67.75
C GLU BA 124 23.17 76.05 -66.41
N ASP BA 125 22.06 76.73 -66.10
CA ASP BA 125 21.99 77.53 -64.86
C ASP BA 125 21.77 76.66 -63.62
N LEU BA 126 21.24 75.45 -63.83
CA LEU BA 126 21.11 74.46 -62.74
C LEU BA 126 22.49 74.07 -62.23
N GLN BA 127 23.37 73.83 -63.21
CA GLN BA 127 24.78 73.53 -62.93
C GLN BA 127 25.50 74.75 -62.35
N LYS BA 128 25.18 75.93 -62.90
CA LYS BA 128 25.72 77.19 -62.39
C LYS BA 128 25.45 77.36 -60.90
N ASP BA 129 24.21 77.09 -60.50
CA ASP BA 129 23.79 77.27 -59.10
C ASP BA 129 24.40 76.21 -58.19
N PHE BA 130 24.36 74.96 -58.65
CA PHE BA 130 24.86 73.86 -57.85
C PHE BA 130 26.39 73.86 -57.71
N GLU BA 131 27.08 74.36 -58.73
CA GLU BA 131 28.55 74.52 -58.71
C GLU BA 131 28.94 75.75 -57.89
N ASP BA 132 28.11 76.81 -57.99
CA ASP BA 132 28.34 78.06 -57.26
C ASP BA 132 28.24 77.84 -55.74
N ALA BA 133 27.15 77.19 -55.34
CA ALA BA 133 26.89 76.89 -53.93
C ALA BA 133 28.01 75.99 -53.34
N PRO BA 134 28.35 76.23 -52.08
CA PRO BA 134 29.34 75.41 -51.35
C PRO BA 134 28.82 73.99 -51.07
N GLU BA 135 27.51 73.89 -50.88
CA GLU BA 135 26.83 72.61 -50.63
C GLU BA 135 25.39 72.68 -51.14
N VAL BA 136 24.82 71.51 -51.38
CA VAL BA 136 23.44 71.37 -51.89
C VAL BA 136 22.41 72.04 -50.97
N THR BA 137 22.67 72.01 -49.67
CA THR BA 137 21.73 72.61 -48.68
C THR BA 137 21.59 74.13 -48.84
N LYS BA 138 22.51 74.73 -49.59
CA LYS BA 138 22.53 76.18 -49.83
C LYS BA 138 22.22 76.53 -51.29
N SER BA 139 21.87 75.52 -52.10
CA SER BA 139 21.45 75.75 -53.49
C SER BA 139 20.08 76.44 -53.50
N GLY BA 140 19.84 77.19 -54.58
CA GLY BA 140 18.58 77.94 -54.79
C GLY BA 140 17.40 76.99 -54.94
N LEU BA 141 17.63 75.89 -55.67
CA LEU BA 141 16.62 74.85 -55.88
C LEU BA 141 16.25 74.13 -54.59
N TYR BA 142 17.26 73.81 -53.79
CA TYR BA 142 17.05 73.22 -52.45
C TYR BA 142 16.18 74.14 -51.59
N LYS BA 143 16.43 75.44 -51.71
CA LYS BA 143 15.73 76.43 -50.90
C LYS BA 143 14.22 76.36 -51.07
N LEU BA 144 13.70 76.22 -52.29
CA LEU BA 144 12.23 76.24 -52.43
C LEU BA 144 11.62 74.89 -52.88
N VAL BA 145 12.43 73.86 -52.80
CA VAL BA 145 11.95 72.47 -52.84
C VAL BA 145 11.83 72.00 -51.37
N TYR BA 146 12.98 71.97 -50.70
CA TYR BA 146 13.06 71.49 -49.31
C TYR BA 146 12.68 72.58 -48.29
N SER BA 147 13.47 73.64 -48.27
CA SER BA 147 13.41 74.65 -47.19
C SER BA 147 12.05 75.34 -47.05
N ASN BA 148 11.51 75.76 -48.19
CA ASN BA 148 10.20 76.46 -48.21
C ASN BA 148 9.00 75.51 -48.17
N GLU BA 149 9.26 74.21 -48.14
CA GLU BA 149 8.20 73.20 -48.17
C GLU BA 149 8.30 72.16 -47.04
N TYR BA 150 8.98 71.06 -47.35
CA TYR BA 150 9.12 69.92 -46.42
C TYR BA 150 9.67 70.32 -45.05
N GLY BA 151 10.65 71.24 -45.06
CA GLY BA 151 11.32 71.67 -43.82
C GLY BA 151 10.75 72.95 -43.23
N VAL BA 152 9.48 73.23 -43.49
CA VAL BA 152 8.79 74.42 -42.96
C VAL BA 152 7.52 74.04 -42.20
N PHE BA 153 7.51 74.38 -40.92
CA PHE BA 153 6.31 74.24 -40.08
C PHE BA 153 5.17 75.08 -40.65
N GLY BA 154 4.07 74.39 -40.97
CA GLY BA 154 2.88 75.05 -41.56
C GLY BA 154 2.84 74.92 -43.09
N GLY BA 155 3.98 74.53 -43.68
CA GLY BA 155 4.09 74.38 -45.14
C GLY BA 155 3.60 73.01 -45.61
N LYS BA 156 4.08 72.65 -46.78
CA LYS BA 156 3.73 71.39 -47.45
C LYS BA 156 4.93 70.87 -48.25
N PRO BA 157 5.09 69.55 -48.36
CA PRO BA 157 6.21 68.94 -49.11
C PRO BA 157 5.89 68.74 -50.59
N TYR BA 158 6.88 69.00 -51.43
CA TYR BA 158 6.78 68.73 -52.88
C TYR BA 158 6.73 67.21 -53.12
N GLY BA 159 5.67 66.82 -53.86
CA GLY BA 159 5.42 65.41 -54.17
C GLY BA 159 6.51 64.84 -55.07
N ILE BA 160 6.75 65.52 -56.18
CA ILE BA 160 7.69 65.09 -57.22
C ILE BA 160 8.16 66.30 -58.07
N ILE BA 161 9.28 66.14 -58.72
CA ILE BA 161 9.84 67.18 -59.62
C ILE BA 161 9.93 66.60 -61.04
N SER BA 162 9.32 67.34 -61.96
CA SER BA 162 9.34 66.99 -63.38
C SER BA 162 10.22 67.99 -64.13
N ALA BA 163 11.31 67.47 -64.67
CA ALA BA 163 12.20 68.34 -65.43
C ALA BA 163 12.11 68.07 -66.91
N ASN BA 164 11.87 69.18 -67.57
CA ASN BA 164 11.70 69.16 -69.01
C ASN BA 164 13.06 69.26 -69.72
N TYR BA 165 13.82 68.19 -69.60
CA TYR BA 165 15.18 68.12 -70.15
C TYR BA 165 15.44 66.78 -70.81
N ASP BA 166 16.37 66.81 -71.74
CA ASP BA 166 16.94 65.60 -72.34
C ASP BA 166 18.39 65.45 -71.83
N PHE BA 167 18.76 64.27 -71.44
CA PHE BA 167 20.11 64.04 -70.91
C PHE BA 167 20.93 63.16 -71.84
N ASN BA 168 22.18 63.53 -71.98
CA ASN BA 168 23.17 62.73 -72.73
C ASN BA 168 24.11 62.06 -71.72
N VAL BA 169 25.16 61.43 -72.23
CA VAL BA 169 26.23 60.84 -71.37
C VAL BA 169 27.31 61.86 -70.98
N GLY BA 170 27.15 63.07 -71.47
CA GLY BA 170 28.04 64.20 -71.22
C GLY BA 170 28.25 64.36 -69.72
N PRO BA 171 29.46 64.74 -69.35
CA PRO BA 171 29.84 64.94 -67.95
C PRO BA 171 29.00 65.99 -67.20
N GLN BA 172 28.64 67.04 -67.86
CA GLN BA 172 27.75 68.08 -67.30
C GLN BA 172 26.37 67.49 -66.95
N ASP BA 173 25.83 66.68 -67.86
CA ASP BA 173 24.52 66.04 -67.66
C ASP BA 173 24.53 65.03 -66.52
N MET BA 174 25.65 64.33 -66.42
CA MET BA 174 25.80 63.35 -65.35
C MET BA 174 25.93 64.00 -63.97
N GLU BA 175 26.65 65.12 -63.93
CA GLU BA 175 26.81 65.89 -62.70
C GLU BA 175 25.48 66.49 -62.24
N LEU BA 176 24.68 66.93 -63.22
CA LEU BA 176 23.35 67.50 -62.95
C LEU BA 176 22.42 66.47 -62.32
N LEU BA 177 22.49 65.26 -62.86
CA LEU BA 177 21.74 64.12 -62.32
C LEU BA 177 22.16 63.75 -60.90
N ARG BA 178 23.46 63.90 -60.64
CA ARG BA 178 24.00 63.62 -59.30
C ARG BA 178 23.40 64.54 -58.24
N LYS BA 179 23.31 65.81 -58.61
CA LYS BA 179 22.77 66.85 -57.71
C LYS BA 179 21.26 66.71 -57.51
N CYS BA 180 20.57 66.35 -58.58
CA CYS BA 180 19.12 66.13 -58.53
C CYS BA 180 18.76 64.87 -57.72
N ALA BA 181 19.66 63.89 -57.75
CA ALA BA 181 19.51 62.67 -56.95
C ALA BA 181 19.65 62.99 -55.45
N SER BA 182 20.61 63.85 -55.13
CA SER BA 182 20.87 64.29 -53.74
C SER BA 182 19.68 65.10 -53.19
N VAL BA 183 19.17 66.01 -54.01
CA VAL BA 183 18.01 66.86 -53.63
C VAL BA 183 16.77 66.01 -53.35
N ALA BA 184 16.50 65.11 -54.29
CA ALA BA 184 15.34 64.22 -54.25
C ALA BA 184 15.39 63.32 -53.03
N ALA BA 185 16.60 62.87 -52.69
CA ALA BA 185 16.84 62.01 -51.52
C ALA BA 185 16.55 62.73 -50.20
N MET BA 186 17.00 63.99 -50.14
CA MET BA 186 16.84 64.82 -48.93
C MET BA 186 15.39 65.20 -48.69
N ALA BA 187 14.66 65.39 -49.78
CA ALA BA 187 13.26 65.68 -49.48
C ALA BA 187 12.19 64.72 -49.90
N HIS BA 188 12.74 63.55 -50.18
CA HIS BA 188 11.96 62.32 -50.38
C HIS BA 188 11.05 62.53 -51.58
N ALA BA 189 11.55 63.12 -52.65
CA ALA BA 189 10.73 63.19 -53.86
C ALA BA 189 11.56 62.92 -55.11
N PRO BA 190 11.02 62.07 -55.98
CA PRO BA 190 11.72 61.64 -57.20
C PRO BA 190 11.86 62.76 -58.23
N PHE BA 191 12.93 62.68 -58.98
CA PHE BA 191 13.20 63.59 -60.10
C PHE BA 191 13.06 62.81 -61.42
N ILE BA 192 12.11 63.23 -62.22
CA ILE BA 192 11.80 62.57 -63.50
C ILE BA 192 12.16 63.51 -64.65
N GLY BA 193 12.75 62.90 -65.68
CA GLY BA 193 13.13 63.60 -66.92
C GLY BA 193 13.19 62.61 -68.07
N ASN BA 194 13.83 63.03 -69.15
CA ASN BA 194 13.97 62.19 -70.35
C ASN BA 194 15.42 62.04 -70.81
N ALA BA 195 15.66 61.02 -71.59
CA ALA BA 195 16.95 60.75 -72.24
C ALA BA 195 16.91 61.14 -73.72
N ALA BA 196 18.04 61.68 -74.17
CA ALA BA 196 18.18 62.10 -75.57
C ALA BA 196 18.54 60.89 -76.46
N PRO BA 197 18.19 60.89 -77.77
CA PRO BA 197 18.48 59.80 -78.70
C PRO BA 197 19.98 59.30 -78.77
N GLU BA 198 20.86 60.39 -78.72
CA GLU BA 198 22.31 60.21 -78.75
C GLU BA 198 22.88 59.46 -77.56
N VAL BA 199 22.08 59.35 -76.47
CA VAL BA 199 22.48 58.55 -75.31
C VAL BA 199 22.78 57.09 -75.70
N PHE BA 200 22.07 56.63 -76.74
CA PHE BA 200 22.22 55.25 -77.24
C PHE BA 200 23.12 55.20 -78.49
N GLY BA 201 23.79 56.34 -78.74
CA GLY BA 201 24.71 56.51 -79.88
C GLY BA 201 23.99 56.44 -81.23
N GLU BA 202 22.74 56.89 -81.24
CA GLU BA 202 21.93 56.95 -82.48
C GLU BA 202 21.48 58.38 -82.74
N GLU BA 203 21.30 58.70 -84.00
CA GLU BA 203 20.89 60.05 -84.44
C GLU BA 203 19.50 60.42 -83.87
N SER BA 204 18.55 59.49 -83.94
CA SER BA 204 17.19 59.70 -83.37
C SER BA 204 16.73 58.36 -82.80
N PHE BA 205 15.59 58.40 -82.09
CA PHE BA 205 14.97 57.17 -81.56
C PHE BA 205 14.48 56.19 -82.63
N LEU BA 206 14.41 56.67 -83.88
CA LEU BA 206 13.94 55.85 -85.02
C LEU BA 206 14.94 54.72 -85.38
N LYS BA 207 16.12 54.74 -84.78
CA LYS BA 207 17.10 53.66 -85.00
C LYS BA 207 17.24 52.71 -83.80
N LEU BA 208 16.32 52.77 -82.86
CA LEU BA 208 16.30 51.81 -81.73
C LEU BA 208 16.19 50.34 -82.19
N PRO BA 209 15.37 50.06 -83.21
CA PRO BA 209 15.26 48.71 -83.81
C PRO BA 209 16.60 48.15 -84.32
N ASP BA 210 17.52 49.04 -84.71
CA ASP BA 210 18.83 48.63 -85.24
C ASP BA 210 19.84 48.23 -84.14
N LEU BA 211 19.58 48.65 -82.92
CA LEU BA 211 20.46 48.31 -81.79
C LEU BA 211 20.29 46.84 -81.42
N LYS BA 212 21.38 46.11 -81.62
CA LYS BA 212 21.41 44.65 -81.39
C LYS BA 212 21.45 44.25 -79.91
N ASP BA 213 22.08 45.07 -79.08
CA ASP BA 213 22.25 44.76 -77.64
C ASP BA 213 22.66 46.01 -76.85
N LEU BA 214 21.70 46.55 -76.10
CA LEU BA 214 21.92 47.72 -75.23
C LEU BA 214 22.88 47.44 -74.08
N LYS BA 215 22.73 46.26 -73.48
CA LYS BA 215 23.58 45.83 -72.35
C LYS BA 215 25.07 45.90 -72.71
N SER BA 216 25.40 45.40 -73.90
CA SER BA 216 26.79 45.41 -74.40
C SER BA 216 27.23 46.82 -74.79
N LEU BA 217 26.30 47.61 -75.31
CA LEU BA 217 26.55 48.99 -75.72
C LEU BA 217 27.03 49.83 -74.52
N PHE BA 218 26.45 49.59 -73.35
CA PHE BA 218 26.77 50.35 -72.13
C PHE BA 218 28.04 49.89 -71.43
N GLU BA 219 28.78 48.99 -72.07
CA GLU BA 219 30.07 48.54 -71.52
C GLU BA 219 31.22 49.45 -71.90
N GLY BA 220 30.94 50.24 -72.95
CA GLY BA 220 31.98 51.13 -73.42
C GLY BA 220 32.39 52.17 -72.33
N PRO BA 221 33.64 52.60 -72.42
CA PRO BA 221 34.24 53.63 -71.53
C PRO BA 221 33.45 54.93 -71.50
N GLN BA 222 32.75 55.24 -72.57
CA GLN BA 222 31.88 56.42 -72.73
C GLN BA 222 30.83 56.54 -71.61
N TYR BA 223 30.42 55.41 -71.05
CA TYR BA 223 29.36 55.38 -70.01
C TYR BA 223 29.92 55.10 -68.61
N ALA BA 224 31.20 55.39 -68.40
CA ALA BA 224 31.87 55.16 -67.10
C ALA BA 224 31.16 55.86 -65.95
N ARG BA 225 30.84 57.15 -66.16
CA ARG BA 225 30.18 57.96 -65.13
C ARG BA 225 28.72 57.52 -64.90
N TRP BA 226 28.03 57.17 -65.99
CA TRP BA 226 26.64 56.71 -65.90
C TRP BA 226 26.53 55.41 -65.10
N HIS BA 227 27.53 54.54 -65.30
CA HIS BA 227 27.60 53.25 -64.60
C HIS BA 227 27.81 53.44 -63.09
N SER BA 228 28.64 54.43 -62.74
CA SER BA 228 28.88 54.74 -61.31
C SER BA 228 27.64 55.36 -60.67
N PHE BA 229 26.92 56.15 -61.47
CA PHE BA 229 25.69 56.84 -61.03
C PHE BA 229 24.60 55.84 -60.64
N ARG BA 230 24.50 54.76 -61.41
CA ARG BA 230 23.51 53.70 -61.16
C ARG BA 230 23.78 52.91 -59.86
N GLU BA 231 25.02 53.00 -59.38
CA GLU BA 231 25.44 52.31 -58.15
C GLU BA 231 25.25 53.15 -56.87
N SER BA 232 25.07 54.45 -57.04
CA SER BA 232 24.83 55.33 -55.88
C SER BA 232 23.49 55.01 -55.21
N GLU BA 233 23.47 55.17 -53.90
CA GLU BA 233 22.25 55.03 -53.08
C GLU BA 233 21.20 56.13 -53.35
N ASP BA 234 21.67 57.20 -53.99
CA ASP BA 234 20.78 58.33 -54.36
C ASP BA 234 20.03 58.10 -55.68
N ALA BA 235 20.51 57.11 -56.45
CA ALA BA 235 19.93 56.76 -57.75
C ALA BA 235 18.46 56.36 -57.67
N ARG BA 236 18.00 55.94 -56.49
CA ARG BA 236 16.58 55.59 -56.28
C ARG BA 236 15.60 56.75 -56.57
N TYR BA 237 16.12 57.97 -56.54
CA TYR BA 237 15.27 59.16 -56.74
C TYR BA 237 15.43 59.79 -58.13
N VAL BA 238 16.01 59.04 -59.04
CA VAL BA 238 16.10 59.45 -60.45
C VAL BA 238 15.33 58.45 -61.32
N GLY BA 239 14.66 59.02 -62.30
CA GLY BA 239 13.89 58.26 -63.29
C GLY BA 239 13.88 58.99 -64.62
N LEU BA 240 14.43 58.32 -65.61
CA LEU BA 240 14.50 58.87 -66.98
C LEU BA 240 13.65 58.04 -67.94
N ALA BA 241 12.97 58.74 -68.83
CA ALA BA 241 12.09 58.14 -69.84
C ALA BA 241 12.79 58.07 -71.20
N LEU BA 242 12.30 57.20 -72.05
CA LEU BA 242 12.93 56.97 -73.39
C LEU BA 242 12.31 57.88 -74.47
N PRO BA 243 11.43 57.21 -75.45
CA PRO BA 243 11.18 57.96 -76.64
C PRO BA 243 10.17 59.06 -76.33
N ARG BA 244 10.23 60.13 -77.11
CA ARG BA 244 9.24 61.22 -77.00
C ARG BA 244 7.89 60.76 -77.57
N PHE BA 245 7.01 61.71 -77.78
CA PHE BA 245 5.68 61.45 -78.36
C PHE BA 245 5.10 62.73 -78.95
N LEU BA 246 4.28 62.57 -79.97
CA LEU BA 246 3.64 63.69 -80.67
C LEU BA 246 2.75 64.53 -79.76
N LEU BA 247 2.81 65.82 -79.99
CA LEU BA 247 1.94 66.80 -79.28
C LEU BA 247 0.87 67.36 -80.21
N ARG BA 248 1.26 67.53 -81.48
CA ARG BA 248 0.41 68.17 -82.47
C ARG BA 248 0.37 67.39 -83.78
N LEU BA 249 -0.82 67.29 -84.31
CA LEU BA 249 -1.04 66.77 -85.66
C LEU BA 249 -0.77 67.92 -86.65
N PRO BA 250 0.05 67.63 -87.69
CA PRO BA 250 0.48 68.61 -88.70
C PRO BA 250 -0.74 69.32 -89.29
N TYR BA 251 -0.58 70.61 -89.59
CA TYR BA 251 -1.67 71.45 -90.14
C TYR BA 251 -2.18 70.94 -91.49
N GLY BA 252 -3.50 70.93 -91.63
CA GLY BA 252 -4.15 70.37 -92.83
C GLY BA 252 -5.55 70.97 -92.96
N GLU BA 253 -5.90 71.25 -94.21
CA GLU BA 253 -7.20 71.85 -94.57
C GLU BA 253 -8.40 71.07 -93.98
N LYS BA 254 -8.20 69.76 -93.80
CA LYS BA 254 -9.26 68.89 -93.26
C LYS BA 254 -9.04 68.53 -91.79
N THR BA 255 -7.89 67.94 -91.50
CA THR BA 255 -7.58 67.43 -90.15
C THR BA 255 -7.29 68.51 -89.09
N VAL BA 256 -6.62 69.57 -89.52
CA VAL BA 256 -6.24 70.69 -88.62
C VAL BA 256 -6.14 72.03 -89.38
N PRO BA 257 -7.27 72.55 -89.74
CA PRO BA 257 -7.41 73.77 -90.54
C PRO BA 257 -7.10 75.03 -89.73
N VAL BA 258 -6.67 76.03 -90.44
CA VAL BA 258 -6.43 77.40 -89.91
C VAL BA 258 -7.35 78.38 -90.65
N LYS BA 259 -7.49 79.58 -90.09
CA LYS BA 259 -8.36 80.62 -90.66
C LYS BA 259 -7.68 81.31 -91.84
N ALA BA 260 -8.51 81.78 -92.78
CA ALA BA 260 -8.10 82.56 -93.97
C ALA BA 260 -7.10 81.79 -94.85
N PHE BA 261 -5.82 81.89 -94.50
CA PHE BA 261 -4.70 81.27 -95.18
C PHE BA 261 -4.91 79.75 -95.29
N ASN BA 262 -4.88 79.28 -96.53
CA ASN BA 262 -5.02 77.83 -96.80
C ASN BA 262 -3.67 77.13 -96.61
N PHE BA 263 -3.35 76.93 -95.35
CA PHE BA 263 -2.07 76.33 -94.94
C PHE BA 263 -2.17 74.81 -94.84
N THR BA 264 -1.24 74.16 -95.53
CA THR BA 264 -1.04 72.70 -95.46
C THR BA 264 0.40 72.41 -95.06
N GLU BA 265 0.61 72.11 -93.79
CA GLU BA 265 1.98 71.86 -93.30
C GLU BA 265 2.59 70.66 -94.04
N ASP BA 266 3.84 70.86 -94.44
CA ASP BA 266 4.58 69.84 -95.18
C ASP BA 266 5.76 69.30 -94.35
N VAL BA 267 5.50 68.20 -93.69
CA VAL BA 267 6.56 67.44 -92.97
C VAL BA 267 7.45 66.75 -94.01
N VAL BA 268 8.72 67.12 -94.02
CA VAL BA 268 9.73 66.52 -94.92
C VAL BA 268 10.05 65.06 -94.49
N GLY BA 269 11.23 64.60 -94.99
CA GLY BA 269 11.86 63.33 -94.63
C GLY BA 269 12.26 63.30 -93.15
N HIS BA 270 12.65 64.47 -92.62
CA HIS BA 270 13.02 64.61 -91.21
C HIS BA 270 11.78 64.65 -90.33
N HIS BA 271 11.63 63.60 -89.53
CA HIS BA 271 10.54 63.51 -88.54
C HIS BA 271 10.67 64.56 -87.41
N GLU BA 272 11.84 65.21 -87.34
CA GLU BA 272 12.07 66.28 -86.37
C GLU BA 272 11.19 67.51 -86.64
N ARG BA 273 10.61 67.53 -87.85
CA ARG BA 273 9.58 68.51 -88.22
C ARG BA 273 8.31 68.36 -87.36
N TYR BA 274 8.01 67.13 -86.95
CA TYR BA 274 6.92 66.87 -85.99
C TYR BA 274 7.21 67.50 -84.63
N LEU BA 275 6.17 68.05 -84.04
CA LEU BA 275 6.24 68.64 -82.68
C LEU BA 275 6.27 67.54 -81.62
N TRP BA 276 7.45 67.01 -81.38
CA TRP BA 276 7.66 65.98 -80.33
C TRP BA 276 7.62 66.63 -78.95
N GLY BA 277 7.13 65.86 -77.99
CA GLY BA 277 6.95 66.30 -76.59
C GLY BA 277 7.70 65.40 -75.62
N HIS BA 278 8.06 65.98 -74.49
CA HIS BA 278 8.80 65.26 -73.44
C HIS BA 278 7.88 64.26 -72.73
N ALA BA 279 8.20 62.98 -72.87
CA ALA BA 279 7.41 61.88 -72.27
C ALA BA 279 7.26 61.98 -70.74
N SER BA 280 8.19 62.69 -70.09
CA SER BA 280 8.18 62.88 -68.63
C SER BA 280 6.83 63.43 -68.12
N VAL BA 281 6.19 64.27 -68.96
CA VAL BA 281 4.86 64.81 -68.68
C VAL BA 281 3.77 63.73 -68.64
N ALA BA 282 3.88 62.78 -69.58
CA ALA BA 282 2.93 61.67 -69.69
C ALA BA 282 3.02 60.79 -68.43
N LEU BA 283 4.25 60.57 -67.99
CA LEU BA 283 4.50 59.83 -66.74
C LEU BA 283 3.96 60.62 -65.53
N THR BA 284 4.08 61.94 -65.59
CA THR BA 284 3.57 62.83 -64.50
C THR BA 284 2.05 62.73 -64.46
N SER BA 285 1.36 62.57 -65.54
CA SER BA 285 -0.12 62.44 -65.52
C SER BA 285 -0.55 61.11 -64.89
N ARG BA 286 0.33 60.12 -65.02
CA ARG BA 286 0.12 58.79 -64.40
C ARG BA 286 0.11 58.88 -62.88
N VAL BA 287 1.07 59.65 -62.37
CA VAL BA 287 1.19 59.89 -60.92
C VAL BA 287 -0.05 60.63 -60.39
N ALA BA 288 -0.52 61.60 -61.20
CA ALA BA 288 -1.65 62.45 -60.83
C ALA BA 288 -2.95 61.65 -60.75
N ASP BA 289 -3.16 60.76 -61.72
CA ASP BA 289 -4.39 59.93 -61.75
C ASP BA 289 -4.50 58.98 -60.57
N SER BA 290 -3.38 58.32 -60.28
CA SER BA 290 -3.29 57.38 -59.14
C SER BA 290 -3.62 58.10 -57.82
N PHE BA 291 -3.07 59.30 -57.68
CA PHE BA 291 -3.30 60.14 -56.49
C PHE BA 291 -4.74 60.66 -56.45
N ALA BA 292 -5.26 61.08 -57.59
CA ALA BA 292 -6.63 61.63 -57.69
C ALA BA 292 -7.67 60.60 -57.22
N LYS BA 293 -7.41 59.33 -57.54
CA LYS BA 293 -8.32 58.23 -57.19
C LYS BA 293 -8.11 57.70 -55.76
N PHE BA 294 -6.86 57.60 -55.34
CA PHE BA 294 -6.51 56.88 -54.09
C PHE BA 294 -5.75 57.68 -53.06
N ARG BA 295 -5.15 58.78 -53.47
CA ARG BA 295 -4.24 59.61 -52.64
C ARG BA 295 -2.90 58.90 -52.41
N TRP BA 296 -2.63 57.94 -53.29
CA TRP BA 296 -1.35 57.21 -53.32
C TRP BA 296 -0.93 57.08 -54.78
N SER BA 297 0.38 56.98 -55.01
CA SER BA 297 0.92 56.83 -56.38
C SER BA 297 1.71 55.53 -56.65
N PRO BA 298 1.03 54.38 -56.58
CA PRO BA 298 1.64 53.12 -57.03
C PRO BA 298 1.05 52.58 -58.35
N ASN BA 299 -0.14 53.07 -58.74
CA ASN BA 299 -0.86 52.54 -59.91
C ASN BA 299 -0.49 53.30 -61.18
N ILE BA 300 0.69 52.99 -61.68
CA ILE BA 300 1.28 53.75 -62.81
C ILE BA 300 2.07 52.88 -63.81
N ILE BA 301 1.87 51.56 -63.73
CA ILE BA 301 2.73 50.60 -64.48
C ILE BA 301 1.97 49.49 -65.23
N GLY BA 302 0.92 49.88 -65.94
CA GLY BA 302 0.11 48.85 -66.61
C GLY BA 302 -0.96 49.40 -67.55
N PRO BA 303 -1.23 48.62 -68.60
CA PRO BA 303 -2.31 48.91 -69.57
C PRO BA 303 -3.67 49.04 -68.89
N GLN BA 304 -3.86 48.25 -67.82
CA GLN BA 304 -5.10 48.23 -67.04
C GLN BA 304 -4.94 48.84 -65.64
N SER BA 305 -3.70 48.77 -65.11
CA SER BA 305 -3.43 49.24 -63.74
C SER BA 305 -3.52 50.77 -63.60
N GLY BA 306 -3.14 51.47 -64.69
CA GLY BA 306 -3.23 52.93 -64.77
C GLY BA 306 -1.94 53.61 -65.24
N GLY BA 307 -1.11 52.81 -65.92
CA GLY BA 307 0.10 53.31 -66.62
C GLY BA 307 -0.15 53.46 -68.12
N ALA BA 308 -1.42 53.38 -68.51
CA ALA BA 308 -1.85 53.54 -69.91
C ALA BA 308 -2.05 55.03 -70.22
N VAL BA 309 -1.50 55.42 -71.34
CA VAL BA 309 -1.61 56.79 -71.89
C VAL BA 309 -2.59 56.71 -73.07
N GLU BA 310 -3.73 57.31 -72.88
CA GLU BA 310 -4.83 57.23 -73.87
C GLU BA 310 -4.94 58.54 -74.64
N ASN BA 311 -5.43 58.40 -75.87
CA ASN BA 311 -5.75 59.54 -76.75
C ASN BA 311 -4.48 60.25 -77.30
N LEU BA 312 -3.68 59.46 -78.01
CA LEU BA 312 -2.51 59.99 -78.69
C LEU BA 312 -2.86 60.53 -80.09
N PRO BA 313 -2.18 61.59 -80.50
CA PRO BA 313 -2.33 62.16 -81.87
C PRO BA 313 -1.98 61.10 -82.92
N LEU BA 314 -2.73 61.13 -84.01
CA LEU BA 314 -2.51 60.21 -85.13
C LEU BA 314 -2.29 61.05 -86.40
N HIS BA 315 -1.60 60.48 -87.39
CA HIS BA 315 -1.35 61.16 -88.66
C HIS BA 315 -1.20 60.17 -89.83
N GLN BA 316 -2.29 59.90 -90.52
CA GLN BA 316 -2.28 59.05 -91.72
C GLN BA 316 -1.75 59.84 -92.92
N TYR BA 317 -0.82 59.23 -93.62
CA TYR BA 317 -0.18 59.82 -94.82
C TYR BA 317 0.21 58.70 -95.79
N GLU BA 318 0.44 59.09 -97.03
CA GLU BA 318 0.78 58.12 -98.08
C GLU BA 318 2.13 57.45 -97.79
N ALA BA 319 2.14 56.16 -98.04
CA ALA BA 319 3.36 55.36 -97.91
C ALA BA 319 3.89 55.03 -99.32
N MET BA 320 4.12 53.77 -99.62
CA MET BA 320 4.57 53.29 -100.94
C MET BA 320 3.39 52.99 -101.89
N GLY BA 321 2.41 53.90 -101.85
CA GLY BA 321 1.14 53.70 -102.60
C GLY BA 321 -0.02 53.34 -101.67
N GLU BA 322 0.30 53.01 -100.43
CA GLU BA 322 -0.64 52.66 -99.36
C GLU BA 322 -0.74 53.85 -98.39
N ILE BA 323 -1.36 53.60 -97.27
CA ILE BA 323 -1.48 54.60 -96.19
C ILE BA 323 -0.94 54.02 -94.89
N GLN BA 324 -0.33 54.88 -94.12
CA GLN BA 324 0.18 54.54 -92.77
C GLN BA 324 0.11 55.78 -91.88
N THR BA 325 0.08 55.54 -90.59
CA THR BA 325 0.07 56.63 -89.60
C THR BA 325 1.43 56.75 -88.95
N LYS BA 326 1.85 57.98 -88.79
CA LYS BA 326 3.06 58.27 -88.01
C LYS BA 326 2.82 57.81 -86.58
N ILE BA 327 3.68 56.90 -86.14
CA ILE BA 327 3.61 56.35 -84.77
C ILE BA 327 3.75 57.52 -83.77
N PRO BA 328 2.82 57.57 -82.81
CA PRO BA 328 2.80 58.59 -81.73
C PRO BA 328 4.12 58.69 -81.00
N THR BA 329 4.80 57.57 -80.85
CA THR BA 329 6.19 57.53 -80.37
C THR BA 329 7.07 57.26 -81.59
N GLU BA 330 8.29 57.71 -81.58
CA GLU BA 330 9.24 57.59 -82.71
C GLU BA 330 9.25 56.16 -83.28
N VAL BA 331 9.21 55.19 -82.37
CA VAL BA 331 9.22 53.77 -82.76
C VAL BA 331 8.10 52.95 -82.11
N MET BA 332 7.91 51.77 -82.67
CA MET BA 332 7.02 50.74 -82.11
C MET BA 332 7.88 49.72 -81.37
N LEU BA 333 8.05 50.01 -80.09
CA LEU BA 333 8.90 49.19 -79.22
C LEU BA 333 8.28 47.77 -79.03
N THR BA 334 9.12 46.75 -79.32
CA THR BA 334 8.84 45.33 -79.08
C THR BA 334 8.98 44.99 -77.58
N GLU BA 335 8.36 43.88 -77.18
CA GLU BA 335 8.42 43.45 -75.78
C GLU BA 335 9.88 43.19 -75.32
N ARG BA 336 10.68 42.62 -76.22
CA ARG BA 336 12.08 42.29 -75.92
C ARG BA 336 12.91 43.58 -75.74
N ARG BA 337 12.66 44.54 -76.62
CA ARG BA 337 13.41 45.80 -76.54
C ARG BA 337 13.01 46.65 -75.32
N GLU BA 338 11.73 46.59 -74.96
CA GLU BA 338 11.21 47.25 -73.74
C GLU BA 338 11.89 46.66 -72.51
N PHE BA 339 11.97 45.34 -72.49
CA PHE BA 339 12.56 44.61 -71.37
C PHE BA 339 14.05 44.94 -71.22
N GLU BA 340 14.72 45.11 -72.36
CA GLU BA 340 16.14 45.50 -72.40
C GLU BA 340 16.35 46.88 -71.77
N LEU BA 341 15.49 47.81 -72.17
CA LEU BA 341 15.48 49.17 -71.61
C LEU BA 341 15.19 49.21 -70.12
N SER BA 342 14.29 48.32 -69.70
CA SER BA 342 13.92 48.18 -68.29
C SER BA 342 15.11 47.69 -67.45
N GLU BA 343 15.89 46.79 -68.04
CA GLU BA 343 17.13 46.26 -67.43
C GLU BA 343 18.20 47.34 -67.26
N GLU BA 344 18.17 48.31 -68.17
CA GLU BA 344 19.10 49.44 -68.14
C GLU BA 344 18.54 50.69 -67.45
N GLY BA 345 17.46 50.46 -66.69
CA GLY BA 345 16.85 51.49 -65.81
C GLY BA 345 16.24 52.67 -66.57
N PHE BA 346 15.67 52.38 -67.74
CA PHE BA 346 14.92 53.39 -68.51
C PHE BA 346 13.42 53.10 -68.41
N ILE BA 347 12.65 54.16 -68.49
CA ILE BA 347 11.17 54.10 -68.46
C ILE BA 347 10.68 54.33 -69.89
N GLY BA 348 10.49 53.21 -70.59
CA GLY BA 348 10.07 53.22 -72.01
C GLY BA 348 8.55 53.21 -72.14
N LEU BA 349 8.04 54.29 -72.71
CA LEU BA 349 6.62 54.39 -73.10
C LEU BA 349 6.41 53.66 -74.42
N VAL BA 350 5.88 52.45 -74.33
CA VAL BA 350 5.64 51.63 -75.52
C VAL BA 350 4.31 52.02 -76.18
N PHE BA 351 4.29 51.89 -77.49
CA PHE BA 351 3.10 52.16 -78.29
C PHE BA 351 2.33 50.86 -78.58
N ARG BA 352 1.05 50.90 -78.34
CA ARG BA 352 0.13 49.78 -78.65
C ARG BA 352 -0.15 49.80 -80.15
N LYS BA 353 0.39 48.79 -80.82
CA LYS BA 353 0.33 48.72 -82.29
C LYS BA 353 -1.11 48.88 -82.81
N ASP BA 354 -1.23 49.75 -83.82
CA ASP BA 354 -2.50 50.02 -84.54
C ASP BA 354 -3.54 50.77 -83.69
N SER BA 355 -3.12 51.44 -82.65
CA SER BA 355 -4.06 52.22 -81.82
C SER BA 355 -3.53 53.64 -81.59
N ASP BA 356 -4.11 54.35 -80.64
CA ASP BA 356 -3.64 55.66 -80.17
C ASP BA 356 -3.33 55.60 -78.66
N ASN BA 357 -2.97 54.40 -78.20
CA ASN BA 357 -2.70 54.13 -76.79
C ASN BA 357 -1.26 53.64 -76.61
N ALA BA 358 -0.65 54.14 -75.57
CA ALA BA 358 0.70 53.74 -75.13
C ALA BA 358 0.65 53.34 -73.65
N ALA BA 359 1.62 52.57 -73.20
CA ALA BA 359 1.67 52.14 -71.78
C ALA BA 359 3.09 52.11 -71.20
N PHE BA 360 3.16 52.37 -69.91
CA PHE BA 360 4.39 52.21 -69.12
C PHE BA 360 4.32 50.87 -68.39
N PHE BA 361 5.00 49.88 -68.97
CA PHE BA 361 5.03 48.52 -68.37
C PHE BA 361 5.70 48.46 -66.99
N SER BA 362 6.65 49.36 -66.75
CA SER BA 362 7.33 49.46 -65.44
C SER BA 362 8.03 50.81 -65.29
N ALA BA 363 8.24 51.18 -64.03
CA ALA BA 363 8.90 52.44 -63.66
C ALA BA 363 10.11 52.17 -62.74
N ASN BA 364 11.07 51.42 -63.28
CA ASN BA 364 12.34 51.20 -62.57
C ASN BA 364 13.12 52.52 -62.49
N SER BA 365 13.77 52.74 -61.36
CA SER BA 365 14.62 53.94 -61.21
C SER BA 365 15.95 53.69 -61.93
N THR BA 366 16.83 54.68 -61.88
CA THR BA 366 18.18 54.53 -62.46
C THR BA 366 18.99 53.46 -61.71
N GLN BA 367 18.76 53.34 -60.40
CA GLN BA 367 19.56 52.44 -59.56
C GLN BA 367 19.55 51.00 -60.09
N LYS BA 368 20.76 50.44 -60.10
CA LYS BA 368 21.00 49.05 -60.51
C LYS BA 368 20.89 48.14 -59.27
N PRO BA 369 20.10 47.07 -59.36
CA PRO BA 369 19.94 46.09 -58.27
C PRO BA 369 21.28 45.43 -57.93
N ARG BA 370 21.45 45.13 -56.65
CA ARG BA 370 22.63 44.43 -56.14
C ARG BA 370 22.36 42.92 -56.06
N PHE BA 371 23.38 42.13 -56.32
CA PHE BA 371 23.28 40.67 -56.21
C PHE BA 371 23.90 40.20 -54.89
N PHE BA 372 23.23 39.27 -54.27
CA PHE BA 372 23.65 38.67 -52.99
C PHE BA 372 23.80 37.16 -53.13
N GLY BA 373 24.50 36.56 -52.15
CA GLY BA 373 24.70 35.10 -52.09
C GLY BA 373 23.35 34.38 -52.14
N ASN BA 374 23.31 33.27 -52.86
CA ASN BA 374 22.07 32.48 -53.05
C ASN BA 374 21.73 31.63 -51.82
N THR BA 375 21.39 32.32 -50.75
CA THR BA 375 20.99 31.70 -49.49
C THR BA 375 19.64 32.29 -49.06
N PRO BA 376 18.99 31.76 -48.03
CA PRO BA 376 17.69 32.27 -47.55
C PRO BA 376 17.77 33.76 -47.19
N GLU BA 377 18.84 34.12 -46.47
CA GLU BA 377 19.10 35.51 -46.07
C GLU BA 377 19.51 36.39 -47.25
N GLY BA 378 20.35 35.81 -48.13
CA GLY BA 378 20.88 36.52 -49.30
C GLY BA 378 19.79 36.90 -50.31
N LYS BA 379 18.83 36.00 -50.49
CA LYS BA 379 17.70 36.21 -51.41
C LYS BA 379 16.69 37.21 -50.84
N ALA BA 380 16.58 37.20 -49.51
CA ALA BA 380 15.75 38.18 -48.78
C ALA BA 380 16.33 39.60 -48.93
N ALA BA 381 17.67 39.67 -48.93
CA ALA BA 381 18.41 40.93 -49.12
C ALA BA 381 18.17 41.50 -50.53
N GLU BA 382 18.17 40.59 -51.50
CA GLU BA 382 17.90 40.93 -52.89
C GLU BA 382 16.47 41.44 -53.10
N THR BA 383 15.51 40.74 -52.48
CA THR BA 383 14.08 41.12 -52.51
C THR BA 383 13.90 42.55 -51.98
N ASN BA 384 14.51 42.80 -50.83
CA ASN BA 384 14.39 44.11 -50.16
C ASN BA 384 15.03 45.24 -50.98
N TYR BA 385 16.19 44.94 -51.56
CA TYR BA 385 16.93 45.94 -52.34
C TYR BA 385 16.22 46.29 -53.65
N ARG BA 386 15.63 45.27 -54.28
CA ARG BA 386 14.88 45.44 -55.54
C ARG BA 386 13.61 46.29 -55.35
N LEU BA 387 12.96 46.12 -54.20
CA LEU BA 387 11.79 46.95 -53.87
C LEU BA 387 12.14 48.44 -53.83
N GLY BA 388 13.36 48.69 -53.29
CA GLY BA 388 13.94 50.03 -53.20
C GLY BA 388 14.22 50.64 -54.59
N THR BA 389 14.59 49.79 -55.54
CA THR BA 389 14.98 50.23 -56.89
C THR BA 389 13.79 50.64 -57.78
N GLN BA 390 12.58 50.30 -57.36
CA GLN BA 390 11.39 50.57 -58.18
C GLN BA 390 10.55 51.71 -57.60
N LEU BA 391 10.24 52.65 -58.48
CA LEU BA 391 9.44 53.85 -58.16
C LEU BA 391 8.03 53.57 -57.61
N PRO BA 392 7.30 52.56 -58.14
CA PRO BA 392 5.96 52.20 -57.64
C PRO BA 392 5.91 51.95 -56.12
N TYR BA 393 7.05 51.56 -55.54
CA TYR BA 393 7.15 51.28 -54.10
C TYR BA 393 7.77 52.44 -53.32
N MET BA 394 8.71 53.14 -53.97
CA MET BA 394 9.34 54.33 -53.38
C MET BA 394 8.33 55.46 -53.18
N PHE BA 395 7.31 55.50 -53.99
CA PHE BA 395 6.26 56.53 -53.86
C PHE BA 395 5.47 56.35 -52.56
N ILE BA 396 5.34 55.09 -52.16
CA ILE BA 396 4.70 54.72 -50.89
C ILE BA 396 5.53 55.27 -49.73
N MET BA 397 6.82 54.98 -49.75
CA MET BA 397 7.72 55.44 -48.68
C MET BA 397 7.81 56.97 -48.63
N THR BA 398 7.75 57.61 -49.80
CA THR BA 398 7.84 59.08 -49.92
C THR BA 398 6.65 59.73 -49.20
N ARG BA 399 5.45 59.21 -49.44
CA ARG BA 399 4.23 59.75 -48.81
C ARG BA 399 4.22 59.49 -47.31
N LEU BA 400 4.75 58.32 -46.92
CA LEU BA 400 4.89 57.96 -45.51
C LEU BA 400 5.84 58.92 -44.78
N ALA BA 401 6.93 59.25 -45.46
CA ALA BA 401 7.93 60.21 -44.96
C ALA BA 401 7.33 61.61 -44.78
N HIS BA 402 6.47 61.98 -45.72
CA HIS BA 402 5.80 63.29 -45.66
C HIS BA 402 4.77 63.39 -44.54
N TYR BA 403 4.06 62.29 -44.31
CA TYR BA 403 3.05 62.22 -43.23
C TYR BA 403 3.69 62.23 -41.84
N ILE BA 404 4.81 61.52 -41.73
CA ILE BA 404 5.55 61.41 -40.45
C ILE BA 404 6.11 62.77 -40.03
N LYS BA 405 6.71 63.48 -41.00
CA LYS BA 405 7.33 64.79 -40.77
C LYS BA 405 6.30 65.79 -40.24
N VAL BA 406 5.17 65.85 -40.93
CA VAL BA 406 4.07 66.77 -40.59
C VAL BA 406 3.46 66.41 -39.22
N LEU BA 407 2.88 65.22 -39.17
CA LEU BA 407 2.12 64.76 -37.99
C LEU BA 407 2.94 64.70 -36.70
N GLN BA 408 4.22 64.40 -36.84
CA GLN BA 408 5.14 64.32 -35.68
C GLN BA 408 5.49 65.67 -35.09
N ARG BA 409 5.58 66.69 -35.94
CA ARG BA 409 5.84 68.06 -35.46
C ARG BA 409 4.72 68.60 -34.56
N GLU BA 410 3.50 68.14 -34.87
CA GLU BA 410 2.31 68.45 -34.06
C GLU BA 410 2.37 67.85 -32.65
N GLN BA 411 3.10 66.75 -32.54
CA GLN BA 411 3.22 65.98 -31.29
C GLN BA 411 4.37 66.46 -30.40
N ILE BA 412 5.31 67.23 -30.94
CA ILE BA 412 6.44 67.75 -30.15
C ILE BA 412 5.90 68.56 -28.95
N GLY BA 413 6.45 68.21 -27.78
CA GLY BA 413 6.07 68.88 -26.52
C GLY BA 413 5.11 68.03 -25.67
N SER BA 414 4.48 67.04 -26.29
CA SER BA 414 3.56 66.12 -25.59
C SER BA 414 4.32 65.15 -24.67
N TRP BA 415 3.63 64.70 -23.64
CA TRP BA 415 4.18 63.75 -22.65
C TRP BA 415 4.26 62.33 -23.26
N LYS BA 416 5.34 62.08 -23.98
CA LYS BA 416 5.53 60.76 -24.63
C LYS BA 416 6.73 60.02 -24.06
N GLU BA 417 6.44 58.86 -23.50
CA GLU BA 417 7.46 57.88 -23.08
C GLU BA 417 7.71 56.93 -24.27
N LYS BA 418 8.75 56.13 -24.20
CA LYS BA 418 9.14 55.23 -25.32
C LYS BA 418 7.99 54.39 -25.88
N SER BA 419 7.32 53.66 -24.97
CA SER BA 419 6.20 52.78 -25.32
C SER BA 419 4.96 53.56 -25.79
N ASP BA 420 4.88 54.85 -25.44
CA ASP BA 420 3.79 55.72 -25.93
C ASP BA 420 3.88 55.92 -27.45
N LEU BA 421 5.11 56.07 -27.92
CA LEU BA 421 5.37 56.20 -29.37
C LEU BA 421 5.07 54.91 -30.13
N GLU BA 422 5.43 53.77 -29.53
CA GLU BA 422 5.16 52.47 -30.16
C GLU BA 422 3.66 52.21 -30.29
N ARG BA 423 2.91 52.59 -29.24
CA ARG BA 423 1.46 52.40 -29.21
C ARG BA 423 0.78 53.28 -30.28
N GLU BA 424 1.12 54.56 -30.28
CA GLU BA 424 0.49 55.54 -31.18
C GLU BA 424 0.91 55.35 -32.64
N LEU BA 425 2.21 55.13 -32.85
CA LEU BA 425 2.75 54.87 -34.19
C LEU BA 425 2.17 53.61 -34.83
N ASN BA 426 1.91 52.60 -34.00
CA ASN BA 426 1.28 51.36 -34.47
C ASN BA 426 -0.17 51.58 -34.91
N HIS BA 427 -0.90 52.33 -34.07
CA HIS BA 427 -2.31 52.65 -34.37
C HIS BA 427 -2.43 53.52 -35.64
N TRP BA 428 -1.41 54.36 -35.85
CA TRP BA 428 -1.37 55.26 -37.01
C TRP BA 428 -1.13 54.48 -38.31
N LEU BA 429 -0.10 53.65 -38.31
CA LEU BA 429 0.30 52.97 -39.54
C LEU BA 429 -0.79 52.00 -40.03
N SER BA 430 -1.51 51.40 -39.09
CA SER BA 430 -2.64 50.51 -39.39
C SER BA 430 -3.66 51.14 -40.33
N GLN BA 431 -3.70 52.47 -40.33
CA GLN BA 431 -4.60 53.25 -41.20
C GLN BA 431 -4.43 52.91 -42.69
N TYR BA 432 -3.21 52.55 -43.09
CA TYR BA 432 -2.91 52.26 -44.50
C TYR BA 432 -2.59 50.79 -44.75
N ILE BA 433 -3.06 49.92 -43.88
CA ILE BA 433 -2.79 48.47 -44.00
C ILE BA 433 -4.06 47.73 -44.39
N SER BA 434 -3.91 46.84 -45.34
CA SER BA 434 -4.98 45.92 -45.78
C SER BA 434 -4.45 44.49 -45.66
N ASP BA 435 -4.62 43.92 -44.51
CA ASP BA 435 -4.07 42.60 -44.15
C ASP BA 435 -5.16 41.51 -44.18
N MET BA 436 -6.05 41.61 -45.15
CA MET BA 436 -7.11 40.61 -45.29
C MET BA 436 -6.64 39.46 -46.18
N ASP BA 437 -7.36 38.36 -46.11
CA ASP BA 437 -7.06 37.14 -46.89
C ASP BA 437 -6.94 37.44 -48.40
N ASP BA 438 -7.83 38.31 -48.88
CA ASP BA 438 -7.94 38.67 -50.30
C ASP BA 438 -8.75 39.97 -50.46
N PRO BA 439 -8.11 41.08 -50.32
CA PRO BA 439 -8.69 42.42 -50.55
C PRO BA 439 -9.03 42.55 -52.01
N ALA BA 440 -10.12 43.31 -52.26
CA ALA BA 440 -10.53 43.52 -53.65
C ALA BA 440 -9.35 44.07 -54.47
N PRO BA 441 -9.10 43.45 -55.62
CA PRO BA 441 -7.95 43.79 -56.48
C PRO BA 441 -8.04 45.26 -56.88
N ALA BA 442 -6.90 45.94 -56.80
CA ALA BA 442 -6.82 47.40 -57.06
C ALA BA 442 -7.64 48.21 -56.02
N VAL BA 443 -7.74 47.66 -54.83
CA VAL BA 443 -8.45 48.30 -53.68
C VAL BA 443 -7.48 48.42 -52.50
N ARG BA 444 -6.72 47.33 -52.34
CA ARG BA 444 -5.27 47.35 -52.06
C ARG BA 444 -4.57 48.67 -52.49
N SER BA 445 -5.13 49.28 -53.54
CA SER BA 445 -4.66 50.57 -54.03
C SER BA 445 -4.70 51.71 -52.98
N ARG BA 446 -5.86 51.93 -52.35
CA ARG BA 446 -5.97 52.95 -51.29
C ARG BA 446 -5.20 52.58 -50.01
N ARG BA 447 -5.04 51.27 -49.79
CA ARG BA 447 -4.24 50.74 -48.67
C ARG BA 447 -3.07 49.89 -49.20
N PRO BA 448 -2.00 50.58 -49.58
CA PRO BA 448 -0.84 49.98 -50.28
C PRO BA 448 -0.07 48.93 -49.47
N LEU BA 449 -0.13 49.05 -48.14
CA LEU BA 449 0.63 48.16 -47.24
C LEU BA 449 -0.15 46.92 -46.84
N ARG BA 450 0.59 45.85 -46.66
CA ARG BA 450 0.04 44.56 -46.20
C ARG BA 450 0.41 44.30 -44.73
N ALA BA 451 1.68 44.58 -44.41
CA ALA BA 451 2.19 44.47 -43.04
C ALA BA 451 3.15 45.62 -42.75
N ALA BA 452 3.34 45.86 -41.47
CA ALA BA 452 4.33 46.83 -41.00
C ALA BA 452 4.70 46.64 -39.54
N ARG BA 453 5.95 46.97 -39.28
CA ARG BA 453 6.54 46.80 -37.95
C ARG BA 453 7.24 48.09 -37.51
N VAL BA 454 7.00 48.44 -36.26
CA VAL BA 454 7.61 49.62 -35.62
C VAL BA 454 8.28 49.21 -34.31
N VAL BA 455 9.52 49.66 -34.17
CA VAL BA 455 10.28 49.58 -32.91
C VAL BA 455 10.78 50.98 -32.53
N VAL BA 456 10.71 51.27 -31.25
CA VAL BA 456 11.19 52.56 -30.72
C VAL BA 456 12.17 52.31 -29.58
N GLU BA 457 13.31 52.94 -29.66
CA GLU BA 457 14.31 52.89 -28.58
C GLU BA 457 14.60 54.31 -28.11
N ASP BA 458 15.41 54.41 -27.07
CA ASP BA 458 15.75 55.70 -26.48
C ASP BA 458 17.16 56.12 -26.91
N VAL BA 459 17.30 57.40 -27.21
CA VAL BA 459 18.62 58.01 -27.44
C VAL BA 459 19.27 58.22 -26.06
N GLU BA 460 20.14 57.29 -25.70
CA GLU BA 460 20.76 57.29 -24.37
C GLU BA 460 21.56 58.58 -24.15
N GLY BA 461 21.34 59.14 -22.94
CA GLY BA 461 21.95 60.41 -22.54
C GLY BA 461 21.33 61.64 -23.24
N GLN BA 462 20.11 61.45 -23.74
CA GLN BA 462 19.31 62.53 -24.34
C GLN BA 462 17.82 62.26 -24.12
N PRO BA 463 17.33 62.63 -22.93
CA PRO BA 463 15.94 62.39 -22.51
C PRO BA 463 14.96 63.19 -23.37
N GLY BA 464 13.95 62.48 -23.88
CA GLY BA 464 12.93 63.11 -24.75
C GLY BA 464 13.14 62.77 -26.22
N TRP BA 465 14.31 62.24 -26.56
CA TRP BA 465 14.65 61.85 -27.93
C TRP BA 465 14.61 60.34 -28.09
N TYR BA 466 14.11 59.93 -29.25
CA TYR BA 466 13.89 58.50 -29.56
C TYR BA 466 14.44 58.12 -30.93
N ARG BA 467 14.72 56.85 -31.07
CA ARG BA 467 15.16 56.24 -32.34
C ARG BA 467 14.12 55.25 -32.82
N CYS BA 468 13.49 55.58 -33.92
CA CYS BA 468 12.36 54.78 -34.43
C CYS BA 468 12.73 54.07 -35.74
N SER BA 469 12.31 52.83 -35.82
CA SER BA 469 12.47 52.01 -37.03
C SER BA 469 11.12 51.55 -37.55
N LEU BA 470 10.90 51.90 -38.81
CA LEU BA 470 9.66 51.56 -39.53
C LEU BA 470 9.96 50.73 -40.78
N GLN BA 471 9.47 49.50 -40.76
CA GLN BA 471 9.62 48.57 -41.89
C GLN BA 471 8.25 48.13 -42.38
N VAL BA 472 8.06 48.14 -43.69
CA VAL BA 472 6.76 47.85 -44.31
C VAL BA 472 6.86 46.81 -45.43
N ARG BA 473 5.79 46.05 -45.59
CA ARG BA 473 5.65 45.03 -46.63
C ARG BA 473 4.46 45.44 -47.52
N PRO BA 474 4.74 46.08 -48.64
CA PRO BA 474 3.73 46.55 -49.61
C PRO BA 474 3.15 45.35 -50.38
N HIS BA 475 1.95 45.52 -50.91
CA HIS BA 475 1.39 44.53 -51.85
C HIS BA 475 2.24 44.52 -53.12
N PHE BA 476 2.38 43.34 -53.73
CA PHE BA 476 3.25 43.20 -54.91
C PHE BA 476 2.52 43.40 -56.23
N LYS BA 477 3.20 44.12 -57.10
CA LYS BA 477 2.77 44.30 -58.48
C LYS BA 477 3.15 43.08 -59.32
N TYR BA 478 2.25 42.69 -60.20
CA TYR BA 478 2.47 41.60 -61.17
C TYR BA 478 3.35 42.15 -62.31
N MET BA 479 4.59 41.67 -62.38
CA MET BA 479 5.58 42.26 -63.32
C MET BA 479 6.33 41.24 -64.19
N GLY BA 480 5.68 40.11 -64.47
CA GLY BA 480 6.28 39.06 -65.31
C GLY BA 480 6.15 37.67 -64.71
N ALA BA 481 6.27 36.69 -65.58
CA ALA BA 481 6.08 35.26 -65.24
C ALA BA 481 6.53 34.36 -66.39
N SER BA 482 6.96 33.17 -66.04
CA SER BA 482 7.36 32.13 -67.00
C SER BA 482 6.34 31.00 -66.97
N PHE BA 483 5.98 30.52 -68.14
CA PHE BA 483 4.98 29.45 -68.30
C PHE BA 483 5.59 28.21 -68.94
N THR BA 484 5.23 27.07 -68.38
CA THR BA 484 5.61 25.75 -68.89
C THR BA 484 4.35 24.97 -69.33
N LEU BA 485 4.19 24.82 -70.61
CA LEU BA 485 3.03 24.10 -71.16
C LEU BA 485 3.38 22.63 -71.36
N SER BA 486 2.41 21.78 -71.14
CA SER BA 486 2.63 20.32 -71.27
C SER BA 486 1.31 19.56 -71.47
N LEU BA 487 1.31 18.79 -72.55
CA LEU BA 487 0.27 17.78 -72.79
C LEU BA 487 0.52 16.60 -71.86
N VAL BA 488 -0.54 15.97 -71.42
CA VAL BA 488 -0.45 14.87 -70.44
C VAL BA 488 -1.68 13.97 -70.51
N GLY BA 489 -1.42 12.68 -70.39
CA GLY BA 489 -2.46 11.66 -70.25
C GLY BA 489 -2.54 11.27 -68.78
N LYS BA 490 -3.68 10.81 -68.34
CA LYS BA 490 -3.96 10.33 -66.94
C LYS BA 490 -3.74 11.45 -65.89
N LEU BA 491 -3.89 12.70 -66.31
CA LEU BA 491 -3.83 13.83 -65.39
C LEU BA 491 -5.01 13.72 -64.41
N ASP BA 492 -4.77 14.05 -63.15
CA ASP BA 492 -5.87 14.11 -62.17
C ASP BA 492 -6.90 15.14 -62.67
N LYS BA 493 -8.16 14.73 -62.67
CA LYS BA 493 -9.24 15.55 -63.24
C LYS BA 493 -9.48 16.89 -62.49
N LEU CA 30 16.95 -2.95 -79.10
CA LEU CA 30 18.06 -3.62 -79.77
C LEU CA 30 17.56 -4.75 -80.67
N PRO CA 31 17.87 -4.64 -81.97
CA PRO CA 31 17.56 -5.69 -82.96
C PRO CA 31 18.24 -7.00 -82.54
N LEU CA 32 17.72 -8.08 -83.11
CA LEU CA 32 18.36 -9.40 -82.98
C LEU CA 32 19.09 -9.70 -84.28
N LYS CA 33 20.40 -9.48 -84.25
CA LYS CA 33 21.22 -9.69 -85.45
C LYS CA 33 22.05 -10.97 -85.28
N VAL CA 34 21.95 -11.79 -86.32
CA VAL CA 34 22.70 -13.05 -86.41
C VAL CA 34 23.77 -12.91 -87.51
N LEU CA 35 24.84 -13.65 -87.30
CA LEU CA 35 25.95 -13.70 -88.27
C LEU CA 35 26.11 -15.13 -88.77
N MET CA 36 25.79 -15.31 -90.05
CA MET CA 36 25.93 -16.61 -90.72
C MET CA 36 27.29 -16.68 -91.41
N LEU CA 37 28.14 -17.53 -90.85
CA LEU CA 37 29.50 -17.70 -91.37
C LEU CA 37 29.60 -19.09 -91.97
N GLY CA 38 30.14 -19.14 -93.20
CA GLY CA 38 30.21 -20.39 -93.95
C GLY CA 38 30.84 -20.18 -95.34
N ASP CA 39 31.10 -21.31 -95.98
CA ASP CA 39 31.71 -21.34 -97.31
C ASP CA 39 30.63 -21.23 -98.41
N PHE CA 40 30.25 -19.99 -98.68
CA PHE CA 40 29.22 -19.68 -99.68
C PHE CA 40 29.70 -19.67 -101.15
N THR CA 41 31.02 -19.75 -101.32
CA THR CA 41 31.63 -19.77 -102.66
C THR CA 41 32.38 -21.08 -102.89
N GLY CA 42 32.69 -21.33 -104.16
CA GLY CA 42 33.42 -22.54 -104.59
C GLY CA 42 34.93 -22.51 -104.26
N GLN CA 43 35.40 -21.38 -103.74
CA GLN CA 43 36.83 -21.15 -103.47
C GLN CA 43 37.05 -20.17 -102.30
N GLU CA 44 38.19 -20.31 -101.66
CA GLU CA 44 38.66 -19.35 -100.65
C GLU CA 44 39.02 -18.02 -101.31
N ASP CA 45 38.88 -16.94 -100.55
CA ASP CA 45 39.27 -15.60 -101.01
C ASP CA 45 40.71 -15.28 -100.57
N ALA CA 46 41.40 -14.56 -101.44
CA ALA CA 46 42.73 -13.98 -101.16
C ALA CA 46 42.69 -12.89 -100.09
N ARG CA 47 41.58 -12.15 -100.06
CA ARG CA 47 41.37 -11.07 -99.08
C ARG CA 47 41.39 -11.62 -97.64
N PRO CA 48 42.14 -10.96 -96.76
CA PRO CA 48 42.20 -11.32 -95.32
C PRO CA 48 40.79 -11.25 -94.71
N LEU CA 49 40.59 -12.08 -93.69
CA LEU CA 49 39.29 -12.16 -92.99
C LEU CA 49 38.83 -10.81 -92.43
N GLU CA 50 39.78 -10.07 -91.86
CA GLU CA 50 39.50 -8.74 -91.31
C GLU CA 50 39.12 -7.70 -92.38
N GLN CA 51 39.53 -7.97 -93.61
CA GLN CA 51 39.32 -7.05 -94.73
C GLN CA 51 38.00 -7.33 -95.47
N ARG CA 52 37.73 -8.61 -95.76
CA ARG CA 52 36.45 -8.99 -96.39
C ARG CA 52 35.29 -8.53 -95.50
N ALA CA 53 34.25 -8.07 -96.17
CA ALA CA 53 33.12 -7.44 -95.46
C ALA CA 53 31.89 -8.36 -95.40
N PRO CA 54 31.07 -8.18 -94.35
CA PRO CA 54 29.77 -8.86 -94.20
C PRO CA 54 28.73 -8.24 -95.13
N ILE CA 55 27.74 -9.05 -95.49
CA ILE CA 55 26.65 -8.63 -96.38
C ILE CA 55 25.30 -8.76 -95.64
N ASN CA 56 24.56 -7.65 -95.61
CA ASN CA 56 23.22 -7.66 -95.01
C ASN CA 56 22.21 -8.28 -95.99
N VAL CA 57 21.50 -9.29 -95.50
CA VAL CA 57 20.53 -10.03 -96.32
C VAL CA 57 19.13 -9.92 -95.70
N ASP CA 58 18.14 -9.81 -96.58
CA ASP CA 58 16.72 -9.83 -96.21
C ASP CA 58 15.88 -10.37 -97.39
N LYS CA 59 14.59 -10.56 -97.13
CA LYS CA 59 13.64 -11.08 -98.13
C LYS CA 59 13.55 -10.29 -99.44
N ALA CA 60 13.82 -8.98 -99.37
CA ALA CA 60 13.67 -8.07 -100.51
C ALA CA 60 14.95 -7.85 -101.35
N ASN CA 61 15.98 -8.66 -101.09
CA ASN CA 61 17.27 -8.54 -101.82
C ASN CA 61 18.09 -9.83 -101.80
N PHE CA 62 17.49 -10.93 -101.36
CA PHE CA 62 18.21 -12.22 -101.26
C PHE CA 62 18.85 -12.62 -102.59
N ASN CA 63 18.04 -12.59 -103.65
CA ASN CA 63 18.51 -12.91 -105.01
C ASN CA 63 19.60 -11.94 -105.50
N GLU CA 64 19.45 -10.67 -105.14
CA GLU CA 64 20.35 -9.59 -105.54
C GLU CA 64 21.73 -9.86 -104.91
N VAL CA 65 21.69 -10.37 -103.69
CA VAL CA 65 22.91 -10.76 -102.95
C VAL CA 65 23.65 -11.89 -103.68
N MET CA 66 22.90 -12.89 -104.14
CA MET CA 66 23.52 -14.03 -104.86
C MET CA 66 24.17 -13.57 -106.17
N ALA CA 67 23.45 -12.71 -106.88
CA ALA CA 67 23.90 -12.13 -108.16
C ALA CA 67 25.21 -11.34 -107.98
N GLN CA 68 25.24 -10.53 -106.91
CA GLN CA 68 26.43 -9.71 -106.59
C GLN CA 68 27.60 -10.56 -106.05
N GLN CA 69 27.28 -11.63 -105.34
CA GLN CA 69 28.29 -12.54 -104.76
C GLN CA 69 29.05 -13.26 -105.87
N ASN CA 70 28.35 -13.56 -106.97
CA ASN CA 70 28.92 -14.23 -108.14
C ASN CA 70 29.43 -15.63 -107.76
N LEU CA 71 28.61 -16.61 -108.08
CA LEU CA 71 28.92 -18.02 -107.78
C LEU CA 71 29.40 -18.73 -109.03
N LYS CA 72 30.37 -19.62 -108.84
CA LYS CA 72 30.95 -20.42 -109.93
C LYS CA 72 31.49 -21.75 -109.40
N VAL CA 73 31.22 -22.78 -110.18
CA VAL CA 73 31.71 -24.15 -109.90
C VAL CA 73 32.45 -24.73 -111.12
N THR CA 74 33.72 -24.98 -110.90
CA THR CA 74 34.56 -25.69 -111.86
C THR CA 74 34.84 -27.07 -111.26
N LEU CA 75 34.21 -28.07 -111.86
CA LEU CA 75 34.26 -29.44 -111.34
C LEU CA 75 34.12 -30.44 -112.48
N THR CA 76 34.66 -31.62 -112.20
CA THR CA 76 34.63 -32.75 -113.13
C THR CA 76 33.76 -33.89 -112.56
N ALA CA 77 32.88 -34.39 -113.42
CA ALA CA 77 32.01 -35.54 -113.13
C ALA CA 77 32.26 -36.65 -114.16
N ALA CA 78 31.92 -37.88 -113.77
CA ALA CA 78 31.98 -39.03 -114.69
C ALA CA 78 31.08 -38.76 -115.91
N ASP CA 79 31.69 -38.93 -117.09
CA ASP CA 79 30.97 -38.77 -118.35
C ASP CA 79 30.18 -40.05 -118.64
N LYS CA 80 28.88 -39.98 -118.40
CA LYS CA 80 28.00 -41.15 -118.62
C LYS CA 80 27.18 -41.02 -119.91
N LEU CA 81 27.66 -40.16 -120.81
CA LEU CA 81 27.06 -40.01 -122.16
C LEU CA 81 27.64 -41.02 -123.16
N SER CA 82 28.66 -41.76 -122.69
CA SER CA 82 29.31 -42.83 -123.45
C SER CA 82 29.45 -44.08 -122.56
N ALA CA 83 30.26 -45.02 -123.04
CA ALA CA 83 30.56 -46.29 -122.36
C ALA CA 83 32.07 -46.45 -122.07
N ASP CA 84 32.70 -45.34 -121.67
CA ASP CA 84 34.13 -45.34 -121.35
C ASP CA 84 34.36 -44.87 -119.90
N PRO CA 85 34.98 -45.72 -119.07
CA PRO CA 85 35.36 -45.40 -117.68
C PRO CA 85 36.38 -44.25 -117.57
N ASN CA 86 37.20 -44.07 -118.59
CA ASN CA 86 38.19 -42.98 -118.68
C ASN CA 86 37.62 -41.64 -119.15
N ALA CA 87 36.38 -41.67 -119.64
CA ALA CA 87 35.67 -40.45 -120.08
C ALA CA 87 35.19 -39.65 -118.87
N THR CA 88 35.65 -38.40 -118.85
CA THR CA 88 35.29 -37.45 -117.80
C THR CA 88 34.76 -36.15 -118.40
N MET CA 89 33.85 -35.50 -117.68
CA MET CA 89 33.26 -34.23 -118.12
C MET CA 89 33.53 -33.13 -117.11
N ASN CA 90 34.16 -32.07 -117.60
CA ASN CA 90 34.41 -30.87 -116.79
C ASN CA 90 33.44 -29.76 -117.19
N VAL CA 91 32.78 -29.22 -116.17
CA VAL CA 91 31.75 -28.18 -116.32
C VAL CA 91 32.16 -26.91 -115.55
N SER CA 92 31.66 -25.78 -116.04
CA SER CA 92 31.87 -24.48 -115.40
C SER CA 92 30.53 -23.77 -115.18
N LEU CA 93 29.86 -24.14 -114.10
CA LEU CA 93 28.53 -23.58 -113.79
C LEU CA 93 28.65 -22.23 -113.07
N GLN CA 94 27.68 -21.37 -113.39
CA GLN CA 94 27.58 -20.01 -112.82
C GLN CA 94 26.16 -19.81 -112.31
N PHE CA 95 26.07 -19.18 -111.15
CA PHE CA 95 24.78 -18.94 -110.50
C PHE CA 95 24.61 -17.46 -110.15
N LYS CA 96 23.39 -16.99 -110.39
CA LYS CA 96 22.96 -15.62 -110.07
C LYS CA 96 21.85 -15.64 -109.02
N ASN CA 97 21.01 -16.68 -109.09
CA ASN CA 97 19.92 -16.92 -108.15
C ASN CA 97 19.75 -18.43 -107.93
N LEU CA 98 18.87 -18.77 -106.99
CA LEU CA 98 18.56 -20.18 -106.66
C LEU CA 98 17.95 -20.98 -107.81
N ASN CA 99 17.25 -20.27 -108.70
CA ASN CA 99 16.67 -20.87 -109.91
C ASN CA 99 17.75 -21.48 -110.81
N ASP CA 100 18.97 -20.96 -110.70
CA ASP CA 100 20.13 -21.45 -111.48
C ASP CA 100 20.70 -22.78 -111.00
N PHE CA 101 20.13 -23.35 -109.95
CA PHE CA 101 20.49 -24.71 -109.48
C PHE CA 101 19.54 -25.78 -110.02
N SER CA 102 18.50 -25.34 -110.72
CA SER CA 102 17.54 -26.27 -111.34
C SER CA 102 18.21 -27.00 -112.53
N PRO CA 103 17.83 -28.26 -112.77
CA PRO CA 103 18.34 -29.07 -113.89
C PRO CA 103 18.24 -28.36 -115.24
N GLU CA 104 17.21 -27.51 -115.38
CA GLU CA 104 17.00 -26.70 -116.59
C GLU CA 104 18.16 -25.71 -116.85
N SER CA 105 18.69 -25.12 -115.80
CA SER CA 105 19.83 -24.19 -115.92
C SER CA 105 21.16 -24.95 -116.05
N VAL CA 106 21.25 -26.10 -115.39
CA VAL CA 106 22.43 -26.99 -115.45
C VAL CA 106 22.67 -27.44 -116.91
N VAL CA 107 21.59 -27.86 -117.56
CA VAL CA 107 21.63 -28.27 -118.98
C VAL CA 107 22.08 -27.12 -119.90
N ASN CA 108 21.52 -25.93 -119.62
CA ASN CA 108 21.79 -24.74 -120.43
C ASN CA 108 23.25 -24.29 -120.37
N GLN CA 109 23.91 -24.62 -119.25
CA GLN CA 109 25.31 -24.25 -119.04
C GLN CA 109 26.29 -25.39 -119.34
N VAL CA 110 25.74 -26.52 -119.79
CA VAL CA 110 26.55 -27.70 -120.15
C VAL CA 110 26.22 -28.07 -121.61
N PRO CA 111 27.07 -27.62 -122.55
CA PRO CA 111 26.90 -27.86 -124.01
C PRO CA 111 26.66 -29.33 -124.38
N GLU CA 112 27.32 -30.22 -123.65
CA GLU CA 112 27.23 -31.68 -123.82
C GLU CA 112 25.82 -32.22 -123.52
N LEU CA 113 25.06 -31.45 -122.73
CA LEU CA 113 23.66 -31.74 -122.43
C LEU CA 113 22.69 -30.82 -123.17
N LYS CA 114 23.10 -29.56 -123.35
CA LYS CA 114 22.31 -28.53 -124.05
C LYS CA 114 22.00 -28.97 -125.49
N LYS CA 115 22.99 -29.51 -126.16
CA LYS CA 115 22.83 -30.05 -127.54
C LYS CA 115 21.88 -31.24 -127.58
N LEU CA 116 21.92 -32.05 -126.53
CA LEU CA 116 21.01 -33.20 -126.37
C LEU CA 116 19.56 -32.78 -126.13
N LEU CA 117 19.40 -31.66 -125.43
CA LEU CA 117 18.08 -31.06 -125.19
C LEU CA 117 17.53 -30.44 -126.49
N GLU CA 118 18.42 -29.84 -127.26
CA GLU CA 118 18.08 -29.28 -128.59
C GLU CA 118 17.67 -30.42 -129.54
N LEU CA 119 18.39 -31.53 -129.43
CA LEU CA 119 18.07 -32.78 -130.16
C LEU CA 119 16.70 -33.30 -129.76
N ARG CA 120 16.44 -33.33 -128.46
CA ARG CA 120 15.17 -33.77 -127.89
C ARG CA 120 14.03 -32.98 -128.54
N SER CA 121 14.16 -31.65 -128.54
CA SER CA 121 13.15 -30.73 -129.11
C SER CA 121 12.95 -30.94 -130.61
N ALA CA 122 14.05 -31.25 -131.31
CA ALA CA 122 14.03 -31.57 -132.76
C ALA CA 122 13.27 -32.87 -133.03
N LEU CA 123 13.44 -33.82 -132.19
CA LEU CA 123 12.81 -35.12 -132.44
C LEU CA 123 11.33 -35.08 -132.06
N ASN CA 124 10.97 -34.36 -130.99
CA ASN CA 124 9.57 -34.26 -130.58
C ASN CA 124 8.80 -33.48 -131.64
N ALA CA 125 9.40 -32.40 -132.19
CA ALA CA 125 8.81 -31.58 -133.26
C ALA CA 125 8.55 -32.44 -134.48
N LEU CA 126 9.56 -33.21 -134.90
CA LEU CA 126 9.45 -34.12 -136.04
C LEU CA 126 8.35 -35.17 -135.80
N LYS CA 127 8.39 -35.87 -134.64
CA LYS CA 127 7.42 -36.92 -134.33
C LYS CA 127 5.99 -36.40 -134.19
N GLY CA 128 5.81 -35.13 -133.75
CA GLY CA 128 4.48 -34.52 -133.66
C GLY CA 128 4.08 -33.85 -134.98
N PRO CA 129 4.92 -34.01 -136.03
CA PRO CA 129 4.73 -33.45 -137.38
C PRO CA 129 4.68 -31.92 -137.43
N LEU CA 130 5.36 -31.24 -136.48
CA LEU CA 130 5.37 -29.77 -136.41
C LEU CA 130 6.32 -29.12 -137.39
N GLY CA 131 7.25 -29.90 -137.97
CA GLY CA 131 8.13 -29.39 -139.02
C GLY CA 131 8.34 -30.46 -140.08
N ASN CA 132 8.65 -30.04 -141.31
CA ASN CA 132 8.88 -30.98 -142.39
C ASN CA 132 10.34 -31.48 -142.36
N LEU CA 133 10.65 -32.52 -143.16
CA LEU CA 133 11.97 -33.15 -143.23
C LEU CA 133 13.09 -32.19 -143.59
N PRO CA 134 12.86 -31.25 -144.51
CA PRO CA 134 13.90 -30.28 -144.91
C PRO CA 134 14.34 -29.40 -143.72
N ALA CA 135 13.37 -28.89 -142.92
CA ALA CA 135 13.66 -28.06 -141.74
C ALA CA 135 14.38 -28.93 -140.70
N PHE CA 136 13.85 -30.13 -140.44
CA PHE CA 136 14.45 -31.08 -139.51
C PHE CA 136 15.93 -31.27 -139.82
N ARG CA 137 16.30 -31.60 -141.10
CA ARG CA 137 17.71 -31.84 -141.47
C ARG CA 137 18.57 -30.59 -141.31
N LYS CA 138 18.02 -29.40 -141.60
CA LYS CA 138 18.73 -28.12 -141.46
C LYS CA 138 19.04 -27.84 -139.99
N LYS CA 139 18.04 -28.06 -139.11
CA LYS CA 139 18.21 -27.88 -137.67
C LYS CA 139 19.14 -28.93 -137.06
N LEU CA 140 19.13 -30.12 -137.59
CA LEU CA 140 19.94 -31.17 -137.07
C LEU CA 140 21.38 -30.82 -137.28
N GLN CA 141 21.71 -30.37 -138.45
CA GLN CA 141 23.08 -30.03 -138.75
C GLN CA 141 23.58 -28.88 -137.86
N ALA CA 142 22.74 -27.92 -137.55
CA ALA CA 142 23.06 -26.84 -136.64
C ALA CA 142 23.39 -27.34 -135.21
N LEU CA 143 22.55 -28.19 -134.69
CA LEU CA 143 22.80 -28.82 -133.42
C LEU CA 143 24.17 -29.53 -133.39
N LEU CA 144 24.45 -30.36 -134.37
CA LEU CA 144 25.62 -31.21 -134.33
C LEU CA 144 26.92 -30.54 -134.79
N ALA CA 145 26.78 -29.33 -135.27
CA ALA CA 145 27.89 -28.49 -135.72
C ALA CA 145 28.77 -28.02 -134.53
N ASP CA 146 28.22 -27.94 -133.28
CA ASP CA 146 28.97 -27.47 -132.11
C ASP CA 146 30.36 -28.15 -132.00
N GLU CA 147 31.46 -27.38 -132.13
CA GLU CA 147 32.79 -28.01 -132.12
C GLU CA 147 33.23 -28.57 -130.76
N ASP CA 148 32.53 -28.21 -129.68
CA ASP CA 148 32.84 -28.68 -128.33
C ASP CA 148 32.29 -30.10 -128.08
N GLY CA 149 31.44 -30.62 -129.01
CA GLY CA 149 30.88 -31.97 -128.88
C GLY CA 149 31.86 -33.03 -129.26
N ARG CA 150 31.75 -34.22 -128.65
CA ARG CA 150 32.59 -35.33 -129.05
C ARG CA 150 31.93 -35.99 -130.27
N LYS CA 151 32.70 -36.65 -131.14
CA LYS CA 151 32.11 -37.32 -132.30
C LYS CA 151 31.29 -38.55 -131.81
N ALA CA 152 31.69 -39.13 -130.66
CA ALA CA 152 30.97 -40.26 -130.05
C ALA CA 152 29.57 -39.78 -129.70
N LEU CA 153 29.43 -38.60 -129.06
CA LEU CA 153 28.11 -38.08 -128.74
C LEU CA 153 27.30 -37.76 -130.02
N ILE CA 154 27.92 -37.14 -131.05
CA ILE CA 154 27.23 -36.83 -132.31
C ILE CA 154 26.60 -38.08 -132.91
N LYS CA 155 27.35 -39.23 -132.92
CA LYS CA 155 26.93 -40.54 -133.40
C LYS CA 155 25.71 -41.09 -132.67
N GLU CA 156 25.70 -41.00 -131.33
CA GLU CA 156 24.58 -41.41 -130.46
C GLU CA 156 23.36 -40.53 -130.73
N LEU CA 157 23.59 -39.22 -130.99
CA LEU CA 157 22.51 -38.29 -131.33
C LEU CA 157 21.89 -38.60 -132.70
N GLY CA 158 22.74 -38.84 -133.73
CA GLY CA 158 22.30 -39.20 -135.08
C GLY CA 158 21.60 -40.58 -135.11
N LEU CA 159 21.96 -41.49 -134.19
CA LEU CA 159 21.34 -42.82 -134.08
C LEU CA 159 19.89 -42.76 -133.59
N THR CA 160 19.47 -41.62 -133.05
CA THR CA 160 18.11 -41.40 -132.56
C THR CA 160 17.19 -40.93 -133.69
N GLU CA 161 17.76 -40.52 -134.83
CA GLU CA 161 16.96 -40.03 -135.97
C GLU CA 161 16.18 -41.15 -136.67
N GLU CA 162 14.83 -41.06 -136.80
CA GLU CA 162 14.09 -42.11 -137.55
C GLU CA 162 14.59 -42.15 -139.00
N THR CA 163 14.69 -43.36 -139.57
CA THR CA 163 15.17 -43.57 -140.94
C THR CA 163 14.50 -42.72 -142.00
N LYS CA 164 13.18 -42.51 -141.89
CA LYS CA 164 12.40 -41.72 -142.86
C LYS CA 164 12.70 -40.22 -142.82
N ASP DA 63 4.83 -45.23 -136.72
CA ASP DA 63 6.19 -44.66 -136.89
C ASP DA 63 6.62 -43.77 -135.71
N LYS DA 64 5.68 -42.94 -135.25
CA LYS DA 64 5.88 -41.98 -134.16
C LYS DA 64 6.25 -42.70 -132.86
N ALA DA 65 5.71 -43.92 -132.71
CA ALA DA 65 5.99 -44.77 -131.54
C ALA DA 65 7.50 -45.04 -131.38
N LEU DA 66 8.17 -45.26 -132.53
CA LEU DA 66 9.62 -45.43 -132.57
C LEU DA 66 10.38 -44.15 -132.24
N VAL DA 67 9.85 -43.03 -132.73
CA VAL DA 67 10.38 -41.68 -132.43
C VAL DA 67 10.29 -41.39 -130.92
N ASP DA 68 9.17 -41.78 -130.32
CA ASP DA 68 8.95 -41.62 -128.88
C ASP DA 68 9.93 -42.46 -128.06
N ALA DA 69 10.21 -43.66 -128.58
CA ALA DA 69 11.20 -44.56 -127.97
C ALA DA 69 12.61 -43.96 -128.01
N MET DA 70 12.90 -43.24 -129.10
CA MET DA 70 14.16 -42.50 -129.26
C MET DA 70 14.26 -41.39 -128.21
N ILE DA 71 13.13 -40.72 -127.97
CA ILE DA 71 13.03 -39.68 -126.91
C ILE DA 71 13.21 -40.28 -125.51
N ALA DA 72 12.69 -41.45 -125.31
CA ALA DA 72 12.78 -42.15 -124.02
C ALA DA 72 14.25 -42.47 -123.69
N GLU DA 73 14.95 -43.00 -124.70
CA GLU DA 73 16.37 -43.37 -124.57
C GLU DA 73 17.28 -42.15 -124.49
N ILE DA 74 16.92 -41.09 -125.21
CA ILE DA 74 17.68 -39.82 -125.19
C ILE DA 74 17.64 -39.20 -123.78
N ASP DA 75 16.44 -39.13 -123.21
CA ASP DA 75 16.23 -38.55 -121.87
C ASP DA 75 16.83 -39.44 -120.79
N LYS DA 76 16.79 -40.75 -121.05
CA LYS DA 76 17.41 -41.75 -120.16
C LYS DA 76 18.92 -41.46 -120.03
N ARG DA 77 19.56 -41.23 -121.16
CA ARG DA 77 21.01 -40.93 -121.18
C ARG DA 77 21.32 -39.56 -120.57
N LEU DA 78 20.48 -38.57 -120.94
CA LEU DA 78 20.64 -37.20 -120.44
C LEU DA 78 20.48 -37.16 -118.91
N SER DA 79 19.50 -37.90 -118.41
CA SER DA 79 19.22 -38.03 -116.97
C SER DA 79 20.33 -38.73 -116.19
N SER DA 80 20.98 -39.65 -116.85
CA SER DA 80 22.10 -40.38 -116.25
C SER DA 80 23.28 -39.44 -115.99
N GLN DA 81 23.46 -38.50 -116.92
CA GLN DA 81 24.52 -37.48 -116.81
C GLN DA 81 24.13 -36.40 -115.82
N VAL DA 82 22.94 -35.94 -115.88
CA VAL DA 82 22.42 -34.87 -114.98
C VAL DA 82 22.48 -35.29 -113.49
N ASN DA 83 22.28 -36.60 -113.24
CA ASN DA 83 22.41 -37.15 -111.89
C ASN DA 83 23.83 -36.93 -111.33
N GLU DA 84 24.82 -37.04 -112.20
CA GLU DA 84 26.23 -36.86 -111.83
C GLU DA 84 26.55 -35.45 -111.34
N ILE DA 85 25.98 -34.45 -112.01
CA ILE DA 85 26.17 -33.03 -111.62
C ILE DA 85 25.38 -32.72 -110.33
N LEU DA 86 24.13 -33.16 -110.32
CA LEU DA 86 23.23 -32.91 -109.19
C LEU DA 86 23.66 -33.62 -107.90
N HIS DA 87 24.37 -34.72 -108.08
CA HIS DA 87 24.88 -35.52 -106.96
C HIS DA 87 26.37 -35.31 -106.71
N ALA DA 88 26.93 -34.29 -107.36
CA ALA DA 88 28.32 -33.90 -107.15
C ALA DA 88 28.42 -33.21 -105.78
N LYS DA 89 29.41 -33.63 -105.02
CA LYS DA 89 29.64 -33.11 -103.65
C LYS DA 89 29.95 -31.60 -103.62
N GLU DA 90 30.71 -31.15 -104.64
CA GLU DA 90 31.05 -29.74 -104.81
C GLU DA 90 29.77 -28.94 -105.15
N PHE DA 91 28.96 -29.51 -106.01
CA PHE DA 91 27.71 -28.85 -106.42
C PHE DA 91 26.73 -28.72 -105.25
N GLN DA 92 26.57 -29.81 -104.53
CA GLN DA 92 25.66 -29.87 -103.37
C GLN DA 92 26.12 -28.97 -102.24
N LYS DA 93 27.43 -28.85 -102.05
CA LYS DA 93 27.99 -27.97 -101.01
C LYS DA 93 27.56 -26.50 -101.27
N LEU DA 94 27.66 -26.11 -102.55
CA LEU DA 94 27.26 -24.76 -102.97
C LEU DA 94 25.74 -24.58 -102.82
N GLU DA 95 24.98 -25.51 -103.38
CA GLU DA 95 23.51 -25.41 -103.38
C GLU DA 95 22.96 -25.41 -101.96
N SER DA 96 23.29 -26.44 -101.20
CA SER DA 96 22.81 -26.61 -99.81
C SER DA 96 23.13 -25.40 -98.96
N SER DA 97 24.25 -24.71 -99.23
CA SER DA 97 24.66 -23.51 -98.48
C SER DA 97 23.66 -22.35 -98.70
N TRP DA 98 23.38 -22.08 -99.97
CA TRP DA 98 22.46 -20.98 -100.34
C TRP DA 98 20.98 -21.32 -100.15
N ARG DA 99 20.61 -22.56 -100.46
CA ARG DA 99 19.22 -23.03 -100.28
C ARG DA 99 18.86 -23.05 -98.79
N SER DA 100 19.76 -23.58 -97.97
CA SER DA 100 19.57 -23.60 -96.50
C SER DA 100 19.54 -22.17 -95.94
N LEU DA 101 20.30 -21.28 -96.57
CA LEU DA 101 20.34 -19.87 -96.17
C LEU DA 101 18.98 -19.18 -96.38
N LYS DA 102 18.39 -19.40 -97.55
CA LYS DA 102 17.08 -18.82 -97.87
C LYS DA 102 15.99 -19.45 -96.97
N PHE DA 103 16.10 -20.76 -96.78
CA PHE DA 103 15.20 -21.50 -95.89
C PHE DA 103 15.13 -20.83 -94.50
N MET DA 104 16.30 -20.35 -94.05
CA MET DA 104 16.41 -19.54 -92.83
C MET DA 104 15.75 -18.17 -93.01
N VAL DA 105 16.26 -17.44 -93.99
CA VAL DA 105 15.90 -16.04 -94.25
C VAL DA 105 14.38 -15.86 -94.39
N ASP DA 106 13.75 -16.65 -95.23
CA ASP DA 106 12.32 -16.45 -95.55
C ASP DA 106 11.36 -16.92 -94.45
N ARG DA 107 11.90 -17.52 -93.39
CA ARG DA 107 11.10 -17.93 -92.22
C ARG DA 107 11.28 -16.96 -91.05
N THR DA 108 12.01 -15.88 -91.30
CA THR DA 108 12.20 -14.80 -90.32
C THR DA 108 11.25 -13.65 -90.71
N ASP DA 109 11.21 -12.64 -89.86
CA ASP DA 109 10.40 -11.45 -90.12
C ASP DA 109 11.24 -10.20 -89.85
N PHE DA 110 11.70 -9.60 -90.93
CA PHE DA 110 12.57 -8.41 -90.87
C PHE DA 110 11.88 -7.14 -90.35
N ARG DA 111 10.55 -7.18 -90.30
CA ARG DA 111 9.74 -6.09 -89.72
C ARG DA 111 9.75 -6.10 -88.18
N GLU DA 112 10.23 -7.20 -87.61
CA GLU DA 112 10.29 -7.38 -86.15
C GLU DA 112 11.69 -7.10 -85.60
N ASN DA 113 12.45 -6.26 -86.32
CA ASN DA 113 13.82 -5.88 -85.92
C ASN DA 113 14.77 -7.09 -85.88
N THR DA 114 14.63 -7.93 -86.89
CA THR DA 114 15.53 -9.09 -87.06
C THR DA 114 16.47 -8.78 -88.23
N ARG DA 115 17.74 -9.07 -88.04
CA ARG DA 115 18.76 -8.79 -89.06
C ARG DA 115 19.73 -9.97 -89.15
N VAL DA 116 20.27 -10.16 -90.34
CA VAL DA 116 21.26 -11.21 -90.61
C VAL DA 116 22.31 -10.69 -91.60
N GLU DA 117 23.54 -11.05 -91.32
CA GLU DA 117 24.67 -10.74 -92.22
C GLU DA 117 25.39 -12.03 -92.61
N MET DA 118 25.92 -12.03 -93.82
CA MET DA 118 26.69 -13.17 -94.33
C MET DA 118 28.19 -12.83 -94.34
N LEU DA 119 28.97 -13.77 -93.86
CA LEU DA 119 30.44 -13.64 -93.82
C LEU DA 119 31.08 -14.92 -94.34
N ASN DA 120 31.52 -14.86 -95.59
CA ASN DA 120 32.14 -16.01 -96.28
C ASN DA 120 33.49 -16.38 -95.63
N ALA DA 121 33.51 -17.55 -95.01
CA ALA DA 121 34.73 -18.09 -94.36
C ALA DA 121 34.68 -19.61 -94.28
N SER DA 122 35.78 -20.23 -94.66
CA SER DA 122 35.97 -21.69 -94.53
C SER DA 122 36.56 -22.03 -93.14
N LYS DA 123 36.36 -23.26 -92.68
CA LYS DA 123 36.93 -23.65 -91.37
C LYS DA 123 38.46 -23.53 -91.34
N GLU DA 124 39.06 -23.90 -92.48
CA GLU DA 124 40.52 -23.87 -92.64
C GLU DA 124 41.07 -22.45 -92.41
N ASP DA 125 40.41 -21.46 -93.00
CA ASP DA 125 40.88 -20.06 -92.89
C ASP DA 125 40.52 -19.44 -91.53
N LEU DA 126 39.52 -20.01 -90.86
CA LEU DA 126 39.17 -19.61 -89.48
C LEU DA 126 40.34 -19.92 -88.55
N GLN DA 127 40.88 -21.12 -88.74
CA GLN DA 127 42.07 -21.58 -88.01
C GLN DA 127 43.30 -20.78 -88.42
N LYS DA 128 43.41 -20.50 -89.72
CA LYS DA 128 44.49 -19.66 -90.26
C LYS DA 128 44.56 -18.31 -89.55
N ASP DA 129 43.40 -17.68 -89.41
CA ASP DA 129 43.31 -16.34 -88.79
C ASP DA 129 43.58 -16.39 -87.29
N PHE DA 130 42.97 -17.36 -86.64
CA PHE DA 130 43.09 -17.47 -85.20
C PHE DA 130 44.49 -17.91 -84.73
N GLU DA 131 45.14 -18.72 -85.57
CA GLU DA 131 46.53 -19.16 -85.34
C GLU DA 131 47.52 -18.04 -85.69
N ASP DA 132 47.20 -17.30 -86.76
CA ASP DA 132 48.03 -16.17 -87.21
C ASP DA 132 48.09 -15.06 -86.17
N ALA DA 133 46.91 -14.67 -85.69
CA ALA DA 133 46.78 -13.62 -84.67
C ALA DA 133 47.52 -14.02 -83.37
N PRO DA 134 48.13 -13.04 -82.71
CA PRO DA 134 48.80 -13.24 -81.41
C PRO DA 134 47.80 -13.55 -80.28
N GLU DA 135 46.61 -12.96 -80.40
CA GLU DA 135 45.52 -13.16 -79.44
C GLU DA 135 44.17 -12.99 -80.13
N VAL DA 136 43.15 -13.55 -79.53
CA VAL DA 136 41.76 -13.51 -80.06
C VAL DA 136 41.26 -12.08 -80.26
N THR DA 137 41.70 -11.17 -79.40
CA THR DA 137 41.24 -9.76 -79.48
C THR DA 137 41.72 -9.06 -80.77
N LYS DA 138 42.68 -9.70 -81.46
CA LYS DA 138 43.23 -9.17 -82.71
C LYS DA 138 42.86 -10.02 -83.93
N SER DA 139 42.01 -11.02 -83.72
CA SER DA 139 41.50 -11.84 -84.84
C SER DA 139 40.55 -11.00 -85.70
N GLY DA 140 40.47 -11.39 -86.97
CA GLY DA 140 39.61 -10.72 -87.97
C GLY DA 140 38.12 -10.86 -87.61
N LEU DA 141 37.78 -12.08 -87.16
CA LEU DA 141 36.41 -12.39 -86.74
C LEU DA 141 35.98 -11.60 -85.49
N TYR DA 142 36.89 -11.50 -84.53
CA TYR DA 142 36.68 -10.68 -83.33
C TYR DA 142 36.41 -9.23 -83.72
N LYS DA 143 37.15 -8.76 -84.72
CA LYS DA 143 37.06 -7.36 -85.17
C LYS DA 143 35.64 -6.98 -85.56
N LEU DA 144 34.92 -7.81 -86.32
CA LEU DA 144 33.58 -7.38 -86.76
C LEU DA 144 32.41 -8.18 -86.16
N VAL DA 145 32.74 -8.94 -85.11
CA VAL DA 145 31.73 -9.48 -84.20
C VAL DA 145 31.67 -8.53 -82.99
N TYR DA 146 32.81 -8.43 -82.29
CA TYR DA 146 32.90 -7.62 -81.08
C TYR DA 146 33.16 -6.14 -81.37
N SER DA 147 34.31 -5.88 -81.99
CA SER DA 147 34.85 -4.50 -82.13
C SER DA 147 33.93 -3.55 -82.90
N ASN DA 148 33.42 -4.02 -84.03
CA ASN DA 148 32.53 -3.22 -84.88
C ASN DA 148 31.06 -3.21 -84.43
N GLU DA 149 30.79 -3.95 -83.35
CA GLU DA 149 29.41 -4.08 -82.85
C GLU DA 149 29.26 -3.75 -81.36
N TYR DA 150 29.37 -4.79 -80.53
CA TYR DA 150 29.18 -4.69 -79.08
C TYR DA 150 30.07 -3.62 -78.43
N GLY DA 151 31.31 -3.53 -78.91
CA GLY DA 151 32.30 -2.59 -78.33
C GLY DA 151 32.40 -1.27 -79.09
N VAL DA 152 31.33 -0.87 -79.75
CA VAL DA 152 31.28 0.40 -80.51
C VAL DA 152 30.10 1.26 -80.07
N PHE DA 153 30.44 2.44 -79.57
CA PHE DA 153 29.45 3.47 -79.24
C PHE DA 153 28.66 3.87 -80.50
N GLY DA 154 27.34 3.68 -80.43
CA GLY DA 154 26.46 3.98 -81.57
C GLY DA 154 26.12 2.74 -82.40
N GLY DA 155 26.88 1.66 -82.17
CA GLY DA 155 26.69 0.40 -82.90
C GLY DA 155 25.61 -0.48 -82.27
N LYS DA 156 25.71 -1.76 -82.57
CA LYS DA 156 24.77 -2.78 -82.09
C LYS DA 156 25.51 -4.11 -81.90
N PRO DA 157 25.10 -4.91 -80.92
CA PRO DA 157 25.74 -6.21 -80.62
C PRO DA 157 25.12 -7.36 -81.44
N TYR DA 158 25.98 -8.24 -81.92
CA TYR DA 158 25.56 -9.49 -82.60
C TYR DA 158 24.84 -10.41 -81.60
N GLY DA 159 23.63 -10.80 -81.99
CA GLY DA 159 22.76 -11.66 -81.17
C GLY DA 159 23.37 -13.05 -81.00
N ILE DA 160 23.68 -13.66 -82.14
CA ILE DA 160 24.20 -15.06 -82.21
C ILE DA 160 24.97 -15.28 -83.53
N ILE DA 161 25.80 -16.29 -83.53
CA ILE DA 161 26.58 -16.67 -84.73
C ILE DA 161 26.20 -18.11 -85.13
N SER DA 162 25.81 -18.23 -86.39
CA SER DA 162 25.45 -19.53 -86.97
C SER DA 162 26.53 -19.94 -87.98
N ALA DA 163 27.21 -21.01 -87.64
CA ALA DA 163 28.24 -21.51 -88.54
C ALA DA 163 27.81 -22.77 -89.25
N ASN DA 164 27.94 -22.63 -90.54
CA ASN DA 164 27.54 -23.71 -91.44
C ASN DA 164 28.69 -24.72 -91.62
N TYR DA 165 28.96 -25.44 -90.55
CA TYR DA 165 30.07 -26.40 -90.51
C TYR DA 165 29.65 -27.70 -89.81
N ASP DA 166 30.34 -28.76 -90.17
CA ASP DA 166 30.28 -30.04 -89.46
C ASP DA 166 31.59 -30.25 -88.70
N PHE DA 167 31.50 -30.66 -87.48
CA PHE DA 167 32.71 -30.86 -86.66
C PHE DA 167 32.93 -32.33 -86.36
N ASN DA 168 34.19 -32.72 -86.42
CA ASN DA 168 34.63 -34.07 -86.03
C ASN DA 168 35.37 -33.97 -84.68
N VAL DA 169 35.98 -35.06 -84.26
CA VAL DA 169 36.83 -35.09 -83.04
C VAL DA 169 38.28 -34.66 -83.33
N GLY DA 170 38.55 -34.39 -84.59
CA GLY DA 170 39.85 -33.94 -85.08
C GLY DA 170 40.35 -32.75 -84.26
N PRO DA 171 41.65 -32.73 -84.03
CA PRO DA 171 42.30 -31.67 -83.26
C PRO DA 171 42.09 -30.25 -83.80
N GLN DA 172 42.09 -30.11 -85.09
CA GLN DA 172 41.81 -28.82 -85.76
C GLN DA 172 40.39 -28.33 -85.44
N ASP DA 173 39.42 -29.26 -85.49
CA ASP DA 173 38.01 -28.94 -85.20
C ASP DA 173 37.80 -28.56 -83.74
N MET DA 174 38.54 -29.25 -82.87
CA MET DA 174 38.44 -28.95 -81.44
C MET DA 174 39.05 -27.58 -81.09
N GLU DA 175 40.16 -27.26 -81.75
CA GLU DA 175 40.82 -25.97 -81.55
C GLU DA 175 39.93 -24.82 -82.06
N LEU DA 176 39.25 -25.08 -83.17
CA LEU DA 176 38.32 -24.08 -83.76
C LEU DA 176 37.17 -23.76 -82.82
N LEU DA 177 36.64 -24.82 -82.20
CA LEU DA 177 35.59 -24.70 -81.18
C LEU DA 177 36.05 -23.93 -79.95
N ARG DA 178 37.31 -24.12 -79.59
CA ARG DA 178 37.91 -23.41 -78.45
C ARG DA 178 37.92 -21.90 -78.67
N LYS DA 179 38.30 -21.52 -79.87
CA LYS DA 179 38.37 -20.09 -80.26
C LYS DA 179 37.00 -19.45 -80.40
N CYS DA 180 36.06 -20.23 -80.92
CA CYS DA 180 34.67 -19.75 -81.07
C CYS DA 180 33.97 -19.62 -79.71
N ALA DA 181 34.38 -20.46 -78.77
CA ALA DA 181 33.88 -20.39 -77.38
C ALA DA 181 34.36 -19.12 -76.69
N SER DA 182 35.63 -18.78 -76.93
CA SER DA 182 36.26 -17.57 -76.38
C SER DA 182 35.62 -16.30 -76.94
N VAL DA 183 35.40 -16.29 -78.25
CA VAL DA 183 34.77 -15.15 -78.94
C VAL DA 183 33.35 -14.89 -78.42
N ALA DA 184 32.58 -15.98 -78.38
CA ALA DA 184 31.20 -15.97 -77.95
C ALA DA 184 31.06 -15.49 -76.50
N ALA DA 185 32.02 -15.89 -75.67
CA ALA DA 185 32.08 -15.49 -74.26
C ALA DA 185 32.32 -13.99 -74.09
N MET DA 186 33.25 -13.47 -74.89
CA MET DA 186 33.64 -12.05 -74.85
C MET DA 186 32.53 -11.14 -75.34
N ALA DA 187 31.78 -11.63 -76.32
CA ALA DA 187 30.68 -10.74 -76.69
C ALA DA 187 29.27 -11.17 -76.46
N HIS DA 188 29.23 -12.16 -75.61
CA HIS DA 188 28.00 -12.65 -74.98
C HIS DA 188 27.07 -13.15 -76.08
N ALA DA 189 27.59 -13.88 -77.05
CA ALA DA 189 26.69 -14.48 -78.02
C ALA DA 189 27.12 -15.90 -78.36
N PRO DA 190 26.15 -16.82 -78.37
CA PRO DA 190 26.40 -18.24 -78.60
C PRO DA 190 26.82 -18.54 -80.04
N PHE DA 191 27.62 -19.56 -80.18
CA PHE DA 191 28.06 -20.09 -81.49
C PHE DA 191 27.41 -21.46 -81.72
N ILE DA 192 26.59 -21.51 -82.74
CA ILE DA 192 25.84 -22.74 -83.08
C ILE DA 192 26.36 -23.30 -84.40
N GLY DA 193 26.47 -24.63 -84.41
CA GLY DA 193 26.90 -25.39 -85.60
C GLY DA 193 26.37 -26.82 -85.52
N ASN DA 194 26.94 -27.68 -86.33
CA ASN DA 194 26.53 -29.09 -86.39
C ASN DA 194 27.70 -30.05 -86.20
N ALA DA 195 27.36 -31.27 -85.84
CA ALA DA 195 28.31 -32.40 -85.71
C ALA DA 195 28.20 -33.34 -86.92
N ALA DA 196 29.36 -33.84 -87.32
CA ALA DA 196 29.43 -34.78 -88.44
C ALA DA 196 29.12 -36.21 -87.97
N PRO DA 197 28.60 -37.11 -88.84
CA PRO DA 197 28.27 -38.49 -88.49
C PRO DA 197 29.39 -39.35 -87.79
N GLU DA 198 30.65 -39.08 -88.39
CA GLU DA 198 31.88 -39.74 -87.93
C GLU DA 198 32.26 -39.38 -86.50
N VAL DA 199 31.66 -38.30 -85.96
CA VAL DA 199 31.90 -37.93 -84.55
C VAL DA 199 31.50 -39.08 -83.60
N PHE DA 200 30.51 -39.87 -84.04
CA PHE DA 200 30.00 -41.00 -83.25
C PHE DA 200 30.60 -42.33 -83.75
N GLY DA 201 31.62 -42.21 -84.61
CA GLY DA 201 32.33 -43.35 -85.20
C GLY DA 201 31.43 -44.18 -86.13
N GLU DA 202 30.49 -43.51 -86.78
CA GLU DA 202 29.59 -44.15 -87.76
C GLU DA 202 29.72 -43.47 -89.12
N GLU DA 203 29.48 -44.24 -90.16
CA GLU DA 203 29.59 -43.75 -91.55
C GLU DA 203 28.59 -42.61 -91.83
N SER DA 204 27.35 -42.77 -91.39
CA SER DA 204 26.31 -41.73 -91.52
C SER DA 204 25.43 -41.77 -90.27
N PHE DA 205 24.54 -40.79 -90.15
CA PHE DA 205 23.57 -40.76 -89.04
C PHE DA 205 22.56 -41.90 -89.05
N LEU DA 206 22.49 -42.62 -90.18
CA LEU DA 206 21.55 -43.76 -90.34
C LEU DA 206 21.93 -44.96 -89.46
N LYS DA 207 23.09 -44.92 -88.84
CA LYS DA 207 23.50 -46.00 -87.91
C LYS DA 207 23.44 -45.59 -86.44
N LEU DA 208 22.78 -44.49 -86.14
CA LEU DA 208 22.55 -44.08 -84.73
C LEU DA 208 21.78 -45.12 -83.91
N PRO DA 209 20.77 -45.76 -84.50
CA PRO DA 209 20.02 -46.87 -83.86
C PRO DA 209 20.91 -48.04 -83.43
N ASP DA 210 22.04 -48.23 -84.12
CA ASP DA 210 22.97 -49.34 -83.80
C ASP DA 210 23.89 -49.04 -82.60
N LEU DA 211 24.02 -47.78 -82.25
CA LEU DA 211 24.86 -47.40 -81.11
C LEU DA 211 24.17 -47.78 -79.79
N LYS DA 212 24.81 -48.70 -79.10
CA LYS DA 212 24.29 -49.27 -77.83
C LYS DA 212 24.39 -48.32 -76.64
N ASP DA 213 25.44 -47.49 -76.61
CA ASP DA 213 25.69 -46.59 -75.49
C ASP DA 213 26.70 -45.48 -75.85
N LEU DA 214 26.17 -44.29 -76.05
CA LEU DA 214 26.99 -43.09 -76.37
C LEU DA 214 27.93 -42.69 -75.24
N LYS DA 215 27.41 -42.75 -74.00
CA LYS DA 215 28.17 -42.39 -72.81
C LYS DA 215 29.49 -43.19 -72.72
N SER DA 216 29.39 -44.49 -72.97
CA SER DA 216 30.57 -45.38 -72.95
C SER DA 216 31.48 -45.16 -74.15
N LEU DA 217 30.86 -44.82 -75.29
CA LEU DA 217 31.60 -44.54 -76.53
C LEU DA 217 32.56 -43.35 -76.34
N PHE DA 218 32.12 -42.35 -75.59
CA PHE DA 218 32.92 -41.13 -75.36
C PHE DA 218 33.99 -41.28 -74.28
N GLU DA 219 34.19 -42.49 -73.80
CA GLU DA 219 35.24 -42.77 -72.81
C GLU DA 219 36.60 -43.03 -73.48
N GLY DA 220 36.50 -43.36 -74.78
CA GLY DA 220 37.72 -43.66 -75.49
C GLY DA 220 38.68 -42.44 -75.52
N PRO DA 221 39.97 -42.75 -75.62
CA PRO DA 221 41.07 -41.76 -75.72
C PRO DA 221 40.88 -40.80 -76.89
N GLN DA 222 40.22 -41.23 -77.93
CA GLN DA 222 39.89 -40.45 -79.13
C GLN DA 222 39.18 -39.12 -78.81
N TYR DA 223 38.43 -39.09 -77.70
CA TYR DA 223 37.65 -37.90 -77.31
C TYR DA 223 38.26 -37.16 -76.12
N ALA DA 224 39.56 -37.32 -75.92
CA ALA DA 224 40.27 -36.66 -74.80
C ALA DA 224 40.11 -35.14 -74.81
N ARG DA 225 40.31 -34.54 -76.00
CA ARG DA 225 40.22 -33.09 -76.15
C ARG DA 225 38.76 -32.59 -76.03
N TRP DA 226 37.83 -33.37 -76.58
CA TRP DA 226 36.40 -33.01 -76.50
C TRP DA 226 35.90 -33.01 -75.06
N HIS DA 227 36.41 -33.96 -74.27
CA HIS DA 227 36.07 -34.09 -72.86
C HIS DA 227 36.58 -32.88 -72.05
N SER DA 228 37.77 -32.41 -72.39
CA SER DA 228 38.36 -31.23 -71.71
C SER DA 228 37.60 -29.96 -72.10
N PHE DA 229 37.14 -29.92 -73.36
CA PHE DA 229 36.38 -28.79 -73.91
C PHE DA 229 35.07 -28.58 -73.16
N ARG DA 230 34.41 -29.68 -72.83
CA ARG DA 230 33.13 -29.66 -72.10
C ARG DA 230 33.27 -29.14 -70.66
N GLU DA 231 34.48 -29.17 -70.15
CA GLU DA 231 34.78 -28.70 -68.79
C GLU DA 231 35.16 -27.22 -68.69
N SER DA 232 35.50 -26.63 -69.84
CA SER DA 232 35.83 -25.19 -69.88
C SER DA 232 34.60 -24.34 -69.55
N GLU DA 233 34.87 -23.22 -68.88
CA GLU DA 233 33.84 -22.20 -68.58
C GLU DA 233 33.31 -21.47 -69.82
N ASP DA 234 34.05 -21.60 -70.92
CA ASP DA 234 33.65 -21.01 -72.21
C ASP DA 234 32.68 -21.88 -73.01
N ALA DA 235 32.59 -23.15 -72.60
CA ALA DA 235 31.71 -24.14 -73.25
C ALA DA 235 30.23 -23.73 -73.25
N ARG DA 236 29.84 -22.85 -72.32
CA ARG DA 236 28.47 -22.33 -72.28
C ARG DA 236 28.01 -21.63 -73.56
N TYR DA 237 28.97 -21.18 -74.37
CA TYR DA 237 28.66 -20.43 -75.59
C TYR DA 237 28.84 -21.25 -76.87
N VAL DA 238 28.92 -22.55 -76.70
CA VAL DA 238 28.93 -23.49 -77.83
C VAL DA 238 27.69 -24.39 -77.77
N GLY DA 239 27.16 -24.63 -78.97
CA GLY DA 239 25.99 -25.50 -79.15
C GLY DA 239 26.07 -26.18 -80.52
N LEU DA 240 26.13 -27.50 -80.48
CA LEU DA 240 26.20 -28.32 -81.70
C LEU DA 240 24.94 -29.16 -81.85
N ALA DA 241 24.47 -29.26 -83.08
CA ALA DA 241 23.27 -30.03 -83.43
C ALA DA 241 23.65 -31.39 -84.03
N LEU DA 242 22.72 -32.31 -84.00
CA LEU DA 242 22.98 -33.70 -84.47
C LEU DA 242 22.61 -33.87 -85.95
N PRO DA 243 21.39 -34.65 -86.25
CA PRO DA 243 21.28 -35.12 -87.60
C PRO DA 243 20.86 -33.95 -88.49
N ARG DA 244 21.23 -34.04 -89.75
CA ARG DA 244 20.81 -33.06 -90.75
C ARG DA 244 19.31 -33.23 -91.07
N PHE DA 245 18.88 -32.60 -92.13
CA PHE DA 245 17.48 -32.69 -92.60
C PHE DA 245 17.39 -32.30 -94.08
N LEU DA 246 16.43 -32.88 -94.76
CA LEU DA 246 16.19 -32.63 -96.19
C LEU DA 246 15.88 -31.16 -96.49
N LEU DA 247 16.42 -30.71 -97.60
CA LEU DA 247 16.16 -29.35 -98.12
C LEU DA 247 15.27 -29.41 -99.37
N ARG DA 248 15.49 -30.45 -100.16
CA ARG DA 248 14.81 -30.60 -101.45
C ARG DA 248 14.27 -32.01 -101.65
N LEU DA 249 13.05 -32.04 -102.18
CA LEU DA 249 12.43 -33.27 -102.64
C LEU DA 249 12.98 -33.58 -104.04
N PRO DA 250 13.43 -34.83 -104.25
CA PRO DA 250 14.05 -35.29 -105.51
C PRO DA 250 13.14 -34.95 -106.69
N TYR DA 251 13.77 -34.60 -107.83
CA TYR DA 251 13.05 -34.20 -109.06
C TYR DA 251 12.16 -35.33 -109.60
N GLY DA 252 10.95 -34.96 -109.99
CA GLY DA 252 9.95 -35.94 -110.44
C GLY DA 252 8.91 -35.23 -111.30
N GLU DA 253 8.51 -35.94 -112.35
CA GLU DA 253 7.51 -35.45 -113.33
C GLU DA 253 6.22 -34.92 -112.67
N LYS DA 254 5.89 -35.51 -111.52
CA LYS DA 254 4.68 -35.14 -110.78
C LYS DA 254 4.96 -34.25 -109.57
N THR DA 255 5.81 -34.74 -108.66
CA THR DA 255 6.10 -34.06 -107.39
C THR DA 255 6.97 -32.80 -107.52
N VAL DA 256 7.93 -32.84 -108.43
CA VAL DA 256 8.87 -31.71 -108.66
C VAL DA 256 9.39 -31.68 -110.10
N PRO DA 257 8.52 -31.28 -110.99
CA PRO DA 257 8.76 -31.25 -112.44
C PRO DA 257 9.68 -30.09 -112.83
N VAL DA 258 10.37 -30.30 -113.93
CA VAL DA 258 11.23 -29.30 -114.60
C VAL DA 258 10.68 -29.04 -116.01
N LYS DA 259 11.14 -27.95 -116.61
CA LYS DA 259 10.69 -27.56 -117.96
C LYS DA 259 11.39 -28.39 -119.04
N ALA DA 260 10.68 -28.58 -120.16
CA ALA DA 260 11.18 -29.28 -121.36
C ALA DA 260 11.62 -30.72 -121.07
N PHE DA 261 12.87 -30.86 -120.63
CA PHE DA 261 13.51 -32.12 -120.30
C PHE DA 261 12.68 -32.89 -119.25
N ASN DA 262 12.32 -34.11 -119.62
CA ASN DA 262 11.56 -34.99 -118.73
C ASN DA 262 12.51 -35.68 -117.76
N PHE DA 263 12.93 -34.92 -116.75
CA PHE DA 263 13.90 -35.38 -115.76
C PHE DA 263 13.21 -36.02 -114.56
N THR DA 264 13.66 -37.22 -114.25
CA THR DA 264 13.26 -37.98 -113.06
C THR DA 264 14.50 -38.34 -112.25
N GLU DA 265 14.78 -37.57 -111.22
CA GLU DA 265 15.98 -37.82 -110.39
C GLU DA 265 15.93 -39.23 -109.78
N ASP DA 266 17.07 -39.89 -109.87
CA ASP DA 266 17.19 -41.26 -109.37
C ASP DA 266 18.16 -41.31 -108.17
N VAL DA 267 17.59 -41.25 -106.99
CA VAL DA 267 18.36 -41.45 -105.74
C VAL DA 267 18.71 -42.95 -105.62
N VAL DA 268 19.99 -43.23 -105.60
CA VAL DA 268 20.52 -44.62 -105.44
C VAL DA 268 20.28 -45.12 -104.00
N GLY DA 269 21.07 -46.18 -103.66
CA GLY DA 269 21.16 -46.77 -102.33
C GLY DA 269 21.76 -45.77 -101.31
N HIS DA 270 22.68 -44.91 -101.80
CA HIS DA 270 23.30 -43.87 -100.97
C HIS DA 270 22.34 -42.71 -100.77
N HIS DA 271 21.90 -42.54 -99.53
CA HIS DA 271 21.04 -41.42 -99.12
C HIS DA 271 21.77 -40.07 -99.21
N GLU DA 272 23.10 -40.11 -99.39
CA GLU DA 272 23.90 -38.89 -99.57
C GLU DA 272 23.56 -38.17 -100.88
N ARG DA 273 22.85 -38.89 -101.76
CA ARG DA 273 22.26 -38.31 -102.97
C ARG DA 273 21.20 -37.25 -102.66
N TYR DA 274 20.51 -37.42 -101.53
CA TYR DA 274 19.56 -36.40 -101.02
C TYR DA 274 20.32 -35.13 -100.62
N LEU DA 275 19.69 -34.01 -100.93
CA LEU DA 275 20.21 -32.68 -100.55
C LEU DA 275 19.96 -32.40 -99.06
N TRP DA 276 20.84 -32.92 -98.23
CA TRP DA 276 20.80 -32.69 -96.78
C TRP DA 276 21.24 -31.27 -96.44
N GLY DA 277 20.64 -30.73 -95.40
CA GLY DA 277 20.89 -29.35 -94.94
C GLY DA 277 21.35 -29.31 -93.48
N HIS DA 278 22.08 -28.27 -93.16
CA HIS DA 278 22.63 -28.06 -91.81
C HIS DA 278 21.51 -27.68 -90.83
N ALA DA 279 21.25 -28.55 -89.87
CA ALA DA 279 20.21 -28.34 -88.86
C ALA DA 279 20.35 -27.04 -88.04
N SER DA 280 21.58 -26.51 -87.98
CA SER DA 280 21.88 -25.27 -87.25
C SER DA 280 20.97 -24.10 -87.70
N VAL DA 281 20.60 -24.10 -88.98
CA VAL DA 281 19.68 -23.12 -89.55
C VAL DA 281 18.27 -23.23 -88.97
N ALA DA 282 17.83 -24.48 -88.77
CA ALA DA 282 16.50 -24.78 -88.22
C ALA DA 282 16.42 -24.26 -86.77
N LEU DA 283 17.52 -24.48 -86.03
CA LEU DA 283 17.64 -23.96 -84.67
C LEU DA 283 17.68 -22.41 -84.68
N THR DA 284 18.30 -21.85 -85.69
CA THR DA 284 18.38 -20.37 -85.84
C THR DA 284 16.98 -19.83 -86.10
N SER DA 285 16.13 -20.49 -86.79
CA SER DA 285 14.76 -20.00 -87.03
C SER DA 285 13.92 -20.01 -85.73
N ARG DA 286 14.28 -20.93 -84.85
CA ARG DA 286 13.65 -21.04 -83.52
C ARG DA 286 13.93 -19.80 -82.67
N VAL DA 287 15.18 -19.37 -82.73
CA VAL DA 287 15.63 -18.16 -82.02
C VAL DA 287 14.90 -16.91 -82.55
N ALA DA 288 14.74 -16.89 -83.89
CA ALA DA 288 14.12 -15.76 -84.59
C ALA DA 288 12.64 -15.61 -84.23
N ASP DA 289 11.93 -16.74 -84.19
CA ASP DA 289 10.49 -16.73 -83.88
C ASP DA 289 10.20 -16.26 -82.46
N SER DA 290 10.99 -16.77 -81.52
CA SER DA 290 10.87 -16.37 -80.10
C SER DA 290 11.07 -14.86 -79.92
N PHE DA 291 12.09 -14.35 -80.62
CA PHE DA 291 12.41 -12.91 -80.61
C PHE DA 291 11.33 -12.08 -81.32
N ALA DA 292 10.85 -12.57 -82.45
CA ALA DA 292 9.84 -11.88 -83.26
C ALA DA 292 8.55 -11.64 -82.45
N LYS DA 293 8.22 -12.63 -81.61
CA LYS DA 293 7.01 -12.57 -80.77
C LYS DA 293 7.20 -11.79 -79.46
N PHE DA 294 8.36 -11.98 -78.84
CA PHE DA 294 8.59 -11.49 -77.46
C PHE DA 294 9.76 -10.55 -77.26
N ARG DA 295 10.68 -10.54 -78.20
CA ARG DA 295 11.97 -9.81 -78.12
C ARG DA 295 12.93 -10.48 -77.13
N TRP DA 296 12.64 -11.76 -76.85
CA TRP DA 296 13.48 -12.62 -76.01
C TRP DA 296 13.57 -13.99 -76.69
N SER DA 297 14.67 -14.69 -76.44
CA SER DA 297 14.87 -16.03 -77.02
C SER DA 297 15.00 -17.18 -76.00
N PRO DA 298 13.95 -17.45 -75.23
CA PRO DA 298 13.90 -18.67 -74.39
C PRO DA 298 12.94 -19.75 -74.92
N ASN DA 299 12.01 -19.38 -75.81
CA ASN DA 299 10.96 -20.30 -76.27
C ASN DA 299 11.39 -21.05 -77.54
N ILE DA 300 12.26 -22.03 -77.32
CA ILE DA 300 12.90 -22.75 -78.44
C ILE DA 300 13.09 -24.26 -78.17
N ILE DA 301 12.38 -24.78 -77.18
CA ILE DA 301 12.65 -26.17 -76.69
C ILE DA 301 11.39 -27.02 -76.48
N GLY DA 302 10.49 -27.01 -77.45
CA GLY DA 302 9.23 -27.75 -77.26
C GLY DA 302 8.35 -27.82 -78.49
N PRO DA 303 7.63 -28.93 -78.60
CA PRO DA 303 6.62 -29.15 -79.65
C PRO DA 303 5.55 -28.04 -79.66
N GLN DA 304 5.24 -27.54 -78.47
CA GLN DA 304 4.24 -26.48 -78.28
C GLN DA 304 4.86 -25.13 -77.87
N SER DA 305 6.03 -25.21 -77.20
CA SER DA 305 6.69 -24.01 -76.67
C SER DA 305 7.25 -23.09 -77.78
N GLY DA 306 7.70 -23.74 -78.88
CA GLY DA 306 8.20 -23.03 -80.07
C GLY DA 306 9.57 -23.53 -80.55
N GLY DA 307 9.87 -24.78 -80.16
CA GLY DA 307 11.04 -25.50 -80.66
C GLY DA 307 10.64 -26.53 -81.74
N ALA DA 308 9.40 -26.41 -82.22
CA ALA DA 308 8.86 -27.26 -83.28
C ALA DA 308 9.23 -26.69 -84.65
N VAL DA 309 9.71 -27.58 -85.50
CA VAL DA 309 10.08 -27.28 -86.90
C VAL DA 309 8.97 -27.88 -87.77
N GLU DA 310 8.21 -27.01 -88.38
CA GLU DA 310 7.04 -27.43 -89.18
C GLU DA 310 7.35 -27.32 -90.67
N ASN DA 311 6.65 -28.18 -91.42
CA ASN DA 311 6.69 -28.19 -92.90
C ASN DA 311 8.03 -28.73 -93.46
N LEU DA 312 8.30 -29.97 -93.10
CA LEU DA 312 9.48 -30.67 -93.63
C LEU DA 312 9.15 -31.36 -94.97
N PRO DA 313 10.12 -31.40 -95.87
CA PRO DA 313 10.00 -32.13 -97.15
C PRO DA 313 9.71 -33.61 -96.89
N LEU DA 314 8.89 -34.18 -97.74
CA LEU DA 314 8.52 -35.61 -97.66
C LEU DA 314 8.84 -36.26 -99.01
N HIS DA 315 9.08 -37.58 -99.00
CA HIS DA 315 9.38 -38.33 -100.23
C HIS DA 315 8.92 -39.78 -100.14
N GLN DA 316 7.72 -40.06 -100.61
CA GLN DA 316 7.19 -41.43 -100.68
C GLN DA 316 7.80 -42.17 -101.87
N TYR DA 317 8.27 -43.37 -101.61
CA TYR DA 317 8.89 -44.24 -102.63
C TYR DA 317 8.64 -45.71 -102.26
N GLU DA 318 8.80 -46.57 -103.24
CA GLU DA 318 8.53 -48.01 -103.05
C GLU DA 318 9.52 -48.61 -102.06
N ALA DA 319 8.96 -49.45 -101.22
CA ALA DA 319 9.76 -50.21 -100.25
C ALA DA 319 9.87 -51.66 -100.70
N MET DA 320 9.52 -52.62 -99.86
CA MET DA 320 9.52 -54.06 -100.18
C MET DA 320 8.18 -54.52 -100.80
N GLY DA 321 7.66 -53.67 -101.71
CA GLY DA 321 6.32 -53.89 -102.31
C GLY DA 321 5.29 -52.91 -101.75
N GLU DA 322 5.65 -52.23 -100.69
CA GLU DA 322 4.82 -51.22 -100.01
C GLU DA 322 5.38 -49.83 -100.34
N ILE DA 323 4.89 -48.84 -99.64
CA ILE DA 323 5.37 -47.46 -99.78
C ILE DA 323 5.83 -46.93 -98.42
N GLN DA 324 6.85 -46.11 -98.46
CA GLN DA 324 7.39 -45.42 -97.28
C GLN DA 324 7.98 -44.07 -97.71
N THR DA 325 8.06 -43.16 -96.76
CA THR DA 325 8.65 -41.84 -97.00
C THR DA 325 10.03 -41.78 -96.37
N LYS DA 326 10.95 -41.20 -97.13
CA LYS DA 326 12.27 -40.87 -96.59
C LYS DA 326 12.10 -39.90 -95.43
N ILE DA 327 12.57 -40.32 -94.27
CA ILE DA 327 12.50 -39.50 -93.04
C ILE DA 327 13.27 -38.19 -93.31
N PRO DA 328 12.62 -37.06 -92.99
CA PRO DA 328 13.17 -35.71 -93.12
C PRO DA 328 14.53 -35.57 -92.45
N THR DA 329 14.71 -36.27 -91.35
CA THR DA 329 16.01 -36.41 -90.69
C THR DA 329 16.50 -37.83 -91.01
N GLU DA 330 17.79 -38.04 -91.05
CA GLU DA 330 18.41 -39.34 -91.41
C GLU DA 330 17.74 -40.50 -90.67
N VAL DA 331 17.46 -40.27 -89.38
CA VAL DA 331 16.84 -41.29 -88.53
C VAL DA 331 15.58 -40.77 -87.78
N MET DA 332 14.85 -41.74 -87.25
CA MET DA 332 13.71 -41.48 -86.35
C MET DA 332 14.20 -41.73 -84.92
N LEU DA 333 14.67 -40.65 -84.33
CA LEU DA 333 15.24 -40.69 -82.99
C LEU DA 333 14.14 -41.03 -81.93
N THR DA 334 14.43 -42.07 -81.14
CA THR DA 334 13.64 -42.49 -79.97
C THR DA 334 13.86 -41.54 -78.78
N GLU DA 335 12.94 -41.56 -77.84
CA GLU DA 335 13.04 -40.69 -76.65
C GLU DA 335 14.31 -41.00 -75.84
N ARG DA 336 14.64 -42.29 -75.74
CA ARG DA 336 15.83 -42.72 -74.97
C ARG DA 336 17.12 -42.25 -75.66
N ARG DA 337 17.15 -42.36 -76.97
CA ARG DA 337 18.34 -41.95 -77.72
C ARG DA 337 18.53 -40.42 -77.72
N GLU DA 338 17.40 -39.69 -77.77
CA GLU DA 338 17.42 -38.22 -77.67
C GLU DA 338 17.99 -37.80 -76.32
N PHE DA 339 17.52 -38.48 -75.28
CA PHE DA 339 17.93 -38.18 -73.91
C PHE DA 339 19.43 -38.44 -73.71
N GLU DA 340 19.92 -39.50 -74.36
CA GLU DA 340 21.34 -39.86 -74.35
C GLU DA 340 22.20 -38.75 -74.98
N LEU DA 341 21.74 -38.28 -76.13
CA LEU DA 341 22.38 -37.16 -76.84
C LEU DA 341 22.37 -35.86 -76.05
N SER DA 342 21.27 -35.66 -75.33
CA SER DA 342 21.11 -34.48 -74.46
C SER DA 342 22.11 -34.50 -73.30
N GLU DA 343 22.35 -35.71 -72.78
CA GLU DA 343 23.35 -35.94 -71.71
C GLU DA 343 24.78 -35.67 -72.18
N GLU DA 344 25.00 -35.89 -73.48
CA GLU DA 344 26.31 -35.64 -74.10
C GLU DA 344 26.43 -34.26 -74.77
N GLY DA 345 25.48 -33.38 -74.39
CA GLY DA 345 25.48 -31.96 -74.79
C GLY DA 345 25.30 -31.74 -76.30
N PHE DA 346 24.48 -32.59 -76.92
CA PHE DA 346 24.09 -32.41 -78.32
C PHE DA 346 22.65 -31.92 -78.41
N ILE DA 347 22.37 -31.16 -79.45
CA ILE DA 347 21.03 -30.64 -79.74
C ILE DA 347 20.45 -31.47 -80.89
N GLY DA 348 19.70 -32.49 -80.50
CA GLY DA 348 19.10 -33.45 -81.45
C GLY DA 348 17.71 -32.99 -81.90
N LEU DA 349 17.59 -32.72 -83.18
CA LEU DA 349 16.30 -32.44 -83.83
C LEU DA 349 15.59 -33.78 -84.11
N VAL DA 350 14.64 -34.11 -83.26
CA VAL DA 350 13.91 -35.38 -83.41
C VAL DA 350 12.76 -35.21 -84.42
N PHE DA 351 12.48 -36.29 -85.10
CA PHE DA 351 11.39 -36.33 -86.08
C PHE DA 351 10.12 -36.94 -85.44
N ARG DA 352 9.02 -36.25 -85.64
CA ARG DA 352 7.69 -36.71 -85.18
C ARG DA 352 7.21 -37.78 -86.16
N LYS DA 353 7.17 -39.01 -85.68
CA LYS DA 353 6.85 -40.19 -86.51
C LYS DA 353 5.54 -39.97 -87.29
N ASP DA 354 5.63 -40.30 -88.58
CA ASP DA 354 4.48 -40.26 -89.52
C ASP DA 354 3.97 -38.83 -89.83
N SER DA 355 4.80 -37.82 -89.62
CA SER DA 355 4.41 -36.43 -89.94
C SER DA 355 5.50 -35.74 -90.76
N ASP DA 356 5.42 -34.43 -90.88
CA ASP DA 356 6.46 -33.58 -91.48
C ASP DA 356 6.96 -32.55 -90.46
N ASN DA 357 6.85 -32.91 -89.18
CA ASN DA 357 7.23 -32.04 -88.07
C ASN DA 357 8.35 -32.67 -87.25
N ALA DA 358 9.27 -31.84 -86.85
CA ALA DA 358 10.39 -32.20 -85.96
C ALA DA 358 10.42 -31.22 -84.78
N ALA DA 359 11.05 -31.60 -83.68
CA ALA DA 359 11.14 -30.72 -82.50
C ALA DA 359 12.50 -30.81 -81.78
N PHE DA 360 12.88 -29.70 -81.19
CA PHE DA 360 14.05 -29.60 -80.31
C PHE DA 360 13.56 -29.69 -78.86
N PHE DA 361 13.67 -30.88 -78.29
CA PHE DA 361 13.25 -31.10 -76.88
C PHE DA 361 14.05 -30.30 -75.84
N SER DA 362 15.30 -30.01 -76.17
CA SER DA 362 16.16 -29.18 -75.30
C SER DA 362 17.37 -28.64 -76.07
N ALA DA 363 17.91 -27.56 -75.55
CA ALA DA 363 19.08 -26.88 -76.12
C ALA DA 363 20.21 -26.73 -75.09
N ASN DA 364 20.68 -27.88 -74.61
CA ASN DA 364 21.85 -27.90 -73.70
C ASN DA 364 23.10 -27.47 -74.47
N SER DA 365 23.95 -26.72 -73.82
CA SER DA 365 25.22 -26.31 -74.44
C SER DA 365 26.21 -27.48 -74.36
N THR DA 366 27.40 -27.27 -74.89
CA THR DA 366 28.47 -28.29 -74.79
C THR DA 366 28.88 -28.54 -73.32
N GLN DA 367 28.84 -27.49 -72.51
CA GLN DA 367 29.32 -27.58 -71.12
C GLN DA 367 28.64 -28.71 -70.34
N LYS DA 368 29.50 -29.45 -69.65
CA LYS DA 368 29.08 -30.55 -68.78
C LYS DA 368 28.81 -30.00 -67.35
N PRO DA 369 27.65 -30.31 -66.78
CA PRO DA 369 27.29 -29.90 -65.42
C PRO DA 369 28.27 -30.45 -64.38
N ARG DA 370 28.52 -29.66 -63.36
CA ARG DA 370 29.37 -30.04 -62.22
C ARG DA 370 28.52 -30.64 -61.09
N PHE DA 371 29.08 -31.61 -60.40
CA PHE DA 371 28.42 -32.23 -59.25
C PHE DA 371 29.00 -31.65 -57.95
N PHE DA 372 28.11 -31.39 -57.02
CA PHE DA 372 28.45 -30.84 -55.70
C PHE DA 372 27.94 -31.76 -54.59
N GLY DA 373 28.48 -31.54 -53.38
CA GLY DA 373 28.08 -32.31 -52.19
C GLY DA 373 26.56 -32.20 -51.98
N ASN DA 374 25.97 -33.31 -51.58
CA ASN DA 374 24.51 -33.41 -51.38
C ASN DA 374 24.06 -32.75 -50.07
N THR DA 375 24.20 -31.44 -50.04
CA THR DA 375 23.79 -30.61 -48.91
C THR DA 375 22.88 -29.48 -49.43
N PRO DA 376 22.24 -28.70 -48.55
CA PRO DA 376 21.36 -27.59 -48.97
C PRO DA 376 22.10 -26.59 -49.88
N GLU DA 377 23.32 -26.24 -49.46
CA GLU DA 377 24.19 -25.31 -50.22
C GLU DA 377 24.73 -25.96 -51.49
N GLY DA 378 25.10 -27.25 -51.37
CA GLY DA 378 25.68 -28.02 -52.50
C GLY DA 378 24.70 -28.20 -53.66
N LYS DA 379 23.44 -28.45 -53.30
CA LYS DA 379 22.35 -28.65 -54.29
C LYS DA 379 21.95 -27.33 -54.95
N ALA DA 380 22.05 -26.24 -54.17
CA ALA DA 380 21.83 -24.87 -54.67
C ALA DA 380 22.91 -24.51 -55.71
N ALA DA 381 24.14 -24.96 -55.45
CA ALA DA 381 25.28 -24.76 -56.35
C ALA DA 381 25.08 -25.48 -57.68
N GLU DA 382 24.54 -26.69 -57.57
CA GLU DA 382 24.23 -27.52 -58.73
C GLU DA 382 23.10 -26.89 -59.59
N THR DA 383 22.06 -26.41 -58.91
CA THR DA 383 20.93 -25.71 -59.56
C THR DA 383 21.43 -24.51 -60.38
N ASN DA 384 22.27 -23.71 -59.74
CA ASN DA 384 22.81 -22.49 -60.36
C ASN DA 384 23.70 -22.79 -61.56
N TYR DA 385 24.53 -23.83 -61.41
CA TYR DA 385 25.48 -24.21 -62.46
C TYR DA 385 24.77 -24.80 -63.68
N ARG DA 386 23.73 -25.59 -63.42
CA ARG DA 386 22.92 -26.21 -64.48
C ARG DA 386 22.15 -25.19 -65.32
N LEU DA 387 21.69 -24.12 -64.66
CA LEU DA 387 21.02 -23.01 -65.37
C LEU DA 387 21.96 -22.36 -66.40
N GLY DA 388 23.23 -22.27 -65.97
CA GLY DA 388 24.32 -21.74 -66.82
C GLY DA 388 24.59 -22.62 -68.05
N THR DA 389 24.43 -23.93 -67.88
CA THR DA 389 24.74 -24.92 -68.93
C THR DA 389 23.70 -24.97 -70.06
N GLN DA 390 22.54 -24.37 -69.84
CA GLN DA 390 21.44 -24.43 -70.81
C GLN DA 390 21.25 -23.10 -71.54
N LEU DA 391 21.21 -23.20 -72.85
CA LEU DA 391 21.03 -22.06 -73.77
C LEU DA 391 19.73 -21.25 -73.57
N PRO DA 392 18.58 -21.90 -73.29
CA PRO DA 392 17.31 -21.19 -73.03
C PRO DA 392 17.40 -20.12 -71.93
N TYR DA 393 18.37 -20.28 -71.03
CA TYR DA 393 18.58 -19.32 -69.92
C TYR DA 393 19.73 -18.36 -70.20
N MET DA 394 20.76 -18.85 -70.89
CA MET DA 394 21.91 -18.03 -71.30
C MET DA 394 21.49 -16.94 -72.28
N PHE DA 395 20.46 -17.18 -73.04
CA PHE DA 395 19.96 -16.18 -74.00
C PHE DA 395 19.38 -14.96 -73.27
N ILE DA 396 18.82 -15.23 -72.10
CA ILE DA 396 18.29 -14.17 -71.21
C ILE DA 396 19.46 -13.29 -70.73
N MET DA 397 20.50 -13.93 -70.22
CA MET DA 397 21.66 -13.20 -69.71
C MET DA 397 22.38 -12.43 -70.82
N THR DA 398 22.40 -13.00 -72.03
CA THR DA 398 23.04 -12.39 -73.20
C THR DA 398 22.37 -11.06 -73.56
N ARG DA 399 21.04 -11.08 -73.58
CA ARG DA 399 20.26 -9.87 -73.91
C ARG DA 399 20.38 -8.81 -72.81
N LEU DA 400 20.45 -9.29 -71.57
CA LEU DA 400 20.66 -8.41 -70.40
C LEU DA 400 22.02 -7.72 -70.47
N ALA DA 401 23.03 -8.48 -70.88
CA ALA DA 401 24.40 -7.98 -71.06
C ALA DA 401 24.46 -6.91 -72.17
N HIS DA 402 23.68 -7.15 -73.23
CA HIS DA 402 23.62 -6.19 -74.34
C HIS DA 402 22.92 -4.88 -73.99
N TYR DA 403 21.86 -4.99 -73.19
CA TYR DA 403 21.11 -3.82 -72.73
C TYR DA 403 21.90 -2.96 -71.75
N ILE DA 404 22.64 -3.63 -70.87
CA ILE DA 404 23.47 -2.96 -69.85
C ILE DA 404 24.60 -2.16 -70.50
N LYS DA 405 25.27 -2.79 -71.48
CA LYS DA 405 26.39 -2.17 -72.19
C LYS DA 405 25.96 -0.87 -72.88
N VAL DA 406 24.86 -0.98 -73.62
CA VAL DA 406 24.30 0.16 -74.38
C VAL DA 406 23.82 1.28 -73.43
N LEU DA 407 22.83 0.92 -72.62
CA LEU DA 407 22.15 1.90 -71.74
C LEU DA 407 23.07 2.58 -70.73
N GLN DA 408 24.08 1.84 -70.28
CA GLN DA 408 25.05 2.38 -69.30
C GLN DA 408 26.02 3.40 -69.89
N ARG DA 409 26.38 3.21 -71.16
CA ARG DA 409 27.26 4.17 -71.86
C ARG DA 409 26.60 5.55 -72.00
N GLU DA 410 25.28 5.53 -72.13
CA GLU DA 410 24.47 6.77 -72.16
C GLU DA 410 24.51 7.54 -70.84
N GLN DA 411 24.72 6.81 -69.76
CA GLN DA 411 24.72 7.36 -68.40
C GLN DA 411 26.09 7.89 -67.95
N ILE DA 412 27.16 7.50 -68.65
CA ILE DA 412 28.52 7.95 -68.30
C ILE DA 412 28.56 9.50 -68.31
N GLY DA 413 29.10 10.03 -67.21
CA GLY DA 413 29.23 11.49 -67.06
C GLY DA 413 28.17 12.08 -66.13
N SER DA 414 27.10 11.34 -65.90
CA SER DA 414 26.01 11.76 -65.00
C SER DA 414 26.44 11.73 -63.53
N TRP DA 415 25.80 12.57 -62.72
CA TRP DA 415 26.06 12.65 -61.27
C TRP DA 415 25.47 11.44 -60.54
N LYS DA 416 26.22 10.35 -60.51
CA LYS DA 416 25.75 9.12 -59.85
C LYS DA 416 26.61 8.75 -58.67
N GLU DA 417 25.97 8.71 -57.50
CA GLU DA 417 26.56 8.17 -56.27
C GLU DA 417 26.21 6.68 -56.20
N LYS DA 418 26.82 5.94 -55.30
CA LYS DA 418 26.63 4.47 -55.19
C LYS DA 418 25.16 4.04 -55.15
N SER DA 419 24.41 4.63 -54.23
CA SER DA 419 22.98 4.33 -54.03
C SER DA 419 22.11 4.81 -55.19
N ASP DA 420 22.62 5.75 -55.98
CA ASP DA 420 21.92 6.21 -57.20
C ASP DA 420 21.84 5.09 -58.25
N LEU DA 421 22.93 4.33 -58.36
CA LEU DA 421 22.97 3.17 -59.25
C LEU DA 421 22.07 2.04 -58.80
N GLU DA 422 22.01 1.81 -57.48
CA GLU DA 422 21.14 0.76 -56.94
C GLU DA 422 19.66 1.09 -57.17
N ARG DA 423 19.32 2.37 -57.00
CA ARG DA 423 17.94 2.84 -57.21
C ARG DA 423 17.51 2.69 -58.67
N GLU DA 424 18.34 3.21 -59.57
CA GLU DA 424 18.03 3.22 -61.01
C GLU DA 424 18.09 1.82 -61.63
N LEU DA 425 19.14 1.08 -61.29
CA LEU DA 425 19.30 -0.31 -61.77
C LEU DA 425 18.17 -1.22 -61.32
N ASN DA 426 17.66 -0.99 -60.11
CA ASN DA 426 16.51 -1.74 -59.60
C ASN DA 426 15.22 -1.44 -60.37
N HIS DA 427 15.01 -0.15 -60.62
CA HIS DA 427 13.82 0.30 -61.38
C HIS DA 427 13.87 -0.21 -62.83
N TRP DA 428 15.09 -0.33 -63.36
CA TRP DA 428 15.30 -0.80 -64.73
C TRP DA 428 14.99 -2.31 -64.86
N LEU DA 429 15.58 -3.10 -63.98
CA LEU DA 429 15.46 -4.55 -64.10
C LEU DA 429 14.00 -5.01 -63.92
N SER DA 430 13.27 -4.31 -63.07
CA SER DA 430 11.85 -4.58 -62.84
C SER DA 430 11.02 -4.63 -64.13
N GLN DA 431 11.54 -3.94 -65.15
CA GLN DA 431 10.91 -3.91 -66.48
C GLN DA 431 10.67 -5.31 -67.07
N TYR DA 432 11.56 -6.24 -66.75
CA TYR DA 432 11.49 -7.61 -67.31
C TYR DA 432 11.13 -8.67 -66.25
N ILE DA 433 10.49 -8.24 -65.18
CA ILE DA 433 10.13 -9.15 -64.08
C ILE DA 433 8.62 -9.36 -64.05
N SER DA 434 8.25 -10.61 -63.90
CA SER DA 434 6.84 -11.02 -63.72
C SER DA 434 6.74 -11.85 -62.44
N ASP DA 435 6.55 -11.16 -61.35
CA ASP DA 435 6.56 -11.75 -59.99
C ASP DA 435 5.13 -11.92 -59.43
N MET DA 436 4.23 -12.30 -60.30
CA MET DA 436 2.84 -12.52 -59.89
C MET DA 436 2.65 -13.97 -59.42
N ASP DA 437 1.56 -14.19 -58.72
CA ASP DA 437 1.22 -15.54 -58.19
C ASP DA 437 1.19 -16.61 -59.29
N ASP DA 438 0.67 -16.22 -60.46
CA ASP DA 438 0.49 -17.11 -61.60
C ASP DA 438 0.26 -16.29 -62.88
N PRO DA 439 1.32 -15.86 -63.50
CA PRO DA 439 1.31 -15.16 -64.81
C PRO DA 439 0.82 -16.11 -65.86
N ALA DA 440 0.11 -15.52 -66.84
CA ALA DA 440 -0.39 -16.35 -67.93
C ALA DA 440 0.76 -17.16 -68.56
N PRO DA 441 0.54 -18.45 -68.73
CA PRO DA 441 1.57 -19.38 -69.22
C PRO DA 441 2.03 -18.93 -70.61
N ALA DA 442 3.34 -18.94 -70.82
CA ALA DA 442 3.96 -18.44 -72.06
C ALA DA 442 3.73 -16.93 -72.25
N VAL DA 443 3.60 -16.21 -71.14
CA VAL DA 443 3.41 -14.75 -71.11
C VAL DA 443 4.52 -14.12 -70.26
N ARG DA 444 4.79 -14.81 -69.15
CA ARG DA 444 6.15 -15.12 -68.66
C ARG DA 444 7.24 -15.06 -69.75
N SER DA 445 6.82 -15.36 -70.98
CA SER DA 445 7.68 -15.27 -72.15
C SER DA 445 8.28 -13.88 -72.40
N ARG DA 446 7.44 -12.84 -72.47
CA ARG DA 446 7.93 -11.45 -72.64
C ARG DA 446 8.67 -10.91 -71.40
N ARG DA 447 8.31 -11.46 -70.23
CA ARG DA 447 8.99 -11.15 -68.96
C ARG DA 447 9.61 -12.42 -68.36
N PRO DA 448 10.80 -12.77 -68.85
CA PRO DA 448 11.48 -14.04 -68.54
C PRO DA 448 11.88 -14.21 -67.07
N LEU DA 449 12.09 -13.10 -66.37
CA LEU DA 449 12.56 -13.11 -64.99
C LEU DA 449 11.41 -13.14 -63.97
N ARG DA 450 11.67 -13.80 -62.87
CA ARG DA 450 10.72 -13.89 -61.74
C ARG DA 450 11.20 -13.00 -60.58
N ALA DA 451 12.49 -13.06 -60.30
CA ALA DA 451 13.13 -12.24 -59.27
C ALA DA 451 14.51 -11.79 -59.74
N ALA DA 452 14.98 -10.74 -59.11
CA ALA DA 452 16.34 -10.25 -59.34
C ALA DA 452 16.85 -9.34 -58.23
N ARG DA 453 18.13 -9.43 -58.02
CA ARG DA 453 18.82 -8.69 -56.96
C ARG DA 453 20.04 -7.96 -57.51
N VAL DA 454 20.17 -6.71 -57.08
CA VAL DA 454 21.30 -5.84 -57.45
C VAL DA 454 21.95 -5.26 -56.19
N VAL DA 455 23.27 -5.39 -56.16
CA VAL DA 455 24.12 -4.72 -55.16
C VAL DA 455 25.21 -3.91 -55.88
N VAL DA 456 25.47 -2.73 -55.35
CA VAL DA 456 26.51 -1.85 -55.91
C VAL DA 456 27.47 -1.44 -54.80
N GLU DA 457 28.74 -1.61 -55.06
CA GLU DA 457 29.79 -1.16 -54.13
C GLU DA 457 30.71 -0.18 -54.87
N ASP DA 458 31.64 0.38 -54.12
CA ASP DA 458 32.58 1.37 -54.67
C ASP DA 458 33.94 0.73 -54.92
N VAL DA 459 34.54 1.07 -56.04
CA VAL DA 459 35.94 0.72 -56.34
C VAL DA 459 36.83 1.66 -55.50
N GLU DA 460 37.29 1.16 -54.38
CA GLU DA 460 38.06 1.97 -53.42
C GLU DA 460 39.35 2.49 -54.09
N GLY DA 461 39.57 3.80 -53.84
CA GLY DA 461 40.71 4.53 -54.43
C GLY DA 461 40.53 4.83 -55.93
N GLN DA 462 39.28 4.79 -56.38
CA GLN DA 462 38.91 5.15 -57.75
C GLN DA 462 37.49 5.75 -57.77
N PRO DA 463 37.39 7.04 -57.46
CA PRO DA 463 36.11 7.75 -57.34
C PRO DA 463 35.42 7.83 -58.71
N GLY DA 464 34.14 7.47 -58.71
CA GLY DA 464 33.34 7.47 -59.95
C GLY DA 464 33.14 6.07 -60.54
N TRP DA 465 33.92 5.11 -60.05
CA TRP DA 465 33.85 3.71 -60.50
C TRP DA 465 33.17 2.84 -59.45
N TYR DA 466 32.37 1.92 -59.95
CA TYR DA 466 31.55 1.04 -59.10
C TYR DA 466 31.67 -0.43 -59.50
N ARG DA 467 31.38 -1.28 -58.54
CA ARG DA 467 31.33 -2.73 -58.74
C ARG DA 467 29.89 -3.23 -58.51
N CYS DA 468 29.29 -3.70 -59.58
CA CYS DA 468 27.86 -4.07 -59.55
C CYS DA 468 27.69 -5.59 -59.70
N SER DA 469 26.80 -6.12 -58.90
CA SER DA 469 26.42 -7.54 -58.95
C SER DA 469 24.94 -7.68 -59.25
N LEU DA 470 24.67 -8.41 -60.32
CA LEU DA 470 23.31 -8.69 -60.79
C LEU DA 470 23.04 -10.19 -60.83
N GLN DA 471 22.10 -10.62 -60.00
CA GLN DA 471 21.67 -12.02 -59.94
C GLN DA 471 20.17 -12.12 -60.21
N VAL DA 472 19.81 -13.08 -61.05
CA VAL DA 472 18.41 -13.22 -61.52
C VAL DA 472 17.90 -14.66 -61.37
N ARG DA 473 16.60 -14.77 -61.14
CA ARG DA 473 15.89 -16.05 -61.02
C ARG DA 473 14.85 -16.10 -62.15
N PRO DA 474 15.19 -16.76 -63.25
CA PRO DA 474 14.30 -16.92 -64.43
C PRO DA 474 13.18 -17.91 -64.12
N HIS DA 475 12.07 -17.80 -64.84
CA HIS DA 475 11.01 -18.83 -64.79
C HIS DA 475 11.56 -20.14 -65.34
N PHE DA 476 11.12 -21.25 -64.77
CA PHE DA 476 11.64 -22.57 -65.17
C PHE DA 476 10.87 -23.23 -66.28
N LYS DA 477 11.63 -23.81 -67.19
CA LYS DA 477 11.09 -24.64 -68.28
C LYS DA 477 10.80 -26.05 -67.75
N TYR DA 478 9.68 -26.60 -68.18
CA TYR DA 478 9.30 -27.99 -67.89
C TYR DA 478 10.12 -28.94 -68.78
N MET DA 479 11.02 -29.68 -68.17
CA MET DA 479 12.00 -30.48 -68.94
C MET DA 479 12.12 -31.95 -68.50
N GLY DA 480 11.03 -32.50 -67.96
CA GLY DA 480 11.02 -33.91 -67.53
C GLY DA 480 10.42 -34.07 -66.13
N ALA DA 481 9.99 -35.30 -65.87
CA ALA DA 481 9.28 -35.68 -64.64
C ALA DA 481 9.14 -37.20 -64.53
N SER DA 482 9.11 -37.68 -63.31
CA SER DA 482 8.88 -39.09 -62.99
C SER DA 482 7.50 -39.26 -62.35
N PHE DA 483 6.80 -40.29 -62.78
CA PHE DA 483 5.44 -40.59 -62.29
C PHE DA 483 5.38 -41.93 -61.59
N THR DA 484 4.68 -41.93 -60.47
CA THR DA 484 4.40 -43.14 -59.68
C THR DA 484 2.89 -43.40 -59.64
N LEU DA 485 2.47 -44.42 -60.33
CA LEU DA 485 1.04 -44.79 -60.39
C LEU DA 485 0.74 -45.81 -59.30
N SER DA 486 -0.46 -45.71 -58.74
CA SER DA 486 -0.88 -46.61 -57.66
C SER DA 486 -2.40 -46.67 -57.52
N LEU DA 487 -2.89 -47.90 -57.59
CA LEU DA 487 -4.28 -48.21 -57.20
C LEU DA 487 -4.37 -48.17 -55.68
N VAL DA 488 -5.52 -47.75 -55.19
CA VAL DA 488 -5.73 -47.56 -53.73
C VAL DA 488 -7.21 -47.62 -53.39
N GLY DA 489 -7.47 -48.27 -52.26
CA GLY DA 489 -8.82 -48.28 -51.66
C GLY DA 489 -8.80 -47.31 -50.49
N LYS DA 490 -9.94 -46.77 -50.14
CA LYS DA 490 -10.16 -45.80 -49.02
C LYS DA 490 -9.35 -44.50 -49.18
N LEU DA 491 -9.03 -44.15 -50.42
CA LEU DA 491 -8.38 -42.88 -50.72
C LEU DA 491 -9.31 -41.74 -50.33
N ASP DA 492 -8.76 -40.67 -49.78
CA ASP DA 492 -9.57 -39.47 -49.50
C ASP DA 492 -10.15 -38.97 -50.81
N LYS DA 493 -11.46 -38.72 -50.81
CA LYS DA 493 -12.20 -38.35 -52.03
C LYS DA 493 -11.74 -37.01 -52.66
N LEU EA 30 1.25 -69.68 -41.19
CA LEU EA 30 1.87 -70.95 -40.81
C LEU EA 30 0.82 -72.04 -40.61
N PRO EA 31 0.93 -73.10 -41.40
CA PRO EA 31 0.07 -74.29 -41.27
C PRO EA 31 0.20 -74.87 -39.85
N LEU EA 32 -0.79 -75.68 -39.49
CA LEU EA 32 -0.74 -76.47 -38.25
C LEU EA 32 -0.41 -77.91 -38.63
N LYS EA 33 0.87 -78.25 -38.48
CA LYS EA 33 1.32 -79.61 -38.84
C LYS EA 33 1.57 -80.41 -37.56
N VAL EA 34 0.98 -81.60 -37.58
CA VAL EA 34 1.13 -82.58 -36.48
C VAL EA 34 1.95 -83.76 -37.00
N LEU EA 35 2.66 -84.36 -36.06
CA LEU EA 35 3.48 -85.56 -36.33
C LEU EA 35 2.96 -86.73 -35.50
N MET EA 36 2.39 -87.70 -36.22
CA MET EA 36 1.88 -88.93 -35.59
C MET EA 36 2.96 -90.02 -35.62
N LEU EA 37 3.48 -90.30 -34.44
CA LEU EA 37 4.55 -91.29 -34.29
C LEU EA 37 3.96 -92.50 -33.57
N GLY EA 38 4.24 -93.68 -34.14
CA GLY EA 38 3.67 -94.93 -33.62
C GLY EA 38 4.10 -96.14 -34.47
N ASP EA 39 3.76 -97.30 -33.93
CA ASP EA 39 4.08 -98.59 -34.56
C ASP EA 39 2.98 -98.99 -35.55
N PHE EA 40 3.11 -98.45 -36.76
CA PHE EA 40 2.14 -98.70 -37.85
C PHE EA 40 2.35 -100.02 -38.60
N THR EA 41 3.46 -100.68 -38.34
CA THR EA 41 3.79 -101.96 -38.99
C THR EA 41 3.89 -103.08 -37.94
N GLY EA 42 3.87 -104.32 -38.44
CA GLY EA 42 3.96 -105.52 -37.60
C GLY EA 42 5.38 -105.80 -37.07
N GLN EA 43 6.35 -105.00 -37.51
CA GLN EA 43 7.77 -105.20 -37.17
C GLN EA 43 8.55 -103.88 -37.18
N GLU EA 44 9.63 -103.87 -36.40
CA GLU EA 44 10.60 -102.76 -36.41
C GLU EA 44 11.37 -102.75 -37.75
N ASP EA 45 11.80 -101.55 -38.15
CA ASP EA 45 12.62 -101.40 -39.36
C ASP EA 45 14.11 -101.42 -38.99
N ALA EA 46 14.89 -101.99 -39.91
CA ALA EA 46 16.37 -101.98 -39.87
C ALA EA 46 16.95 -100.57 -40.06
N ARG EA 47 16.26 -99.76 -40.87
CA ARG EA 47 16.66 -98.38 -41.16
C ARG EA 47 16.69 -97.54 -39.87
N PRO EA 48 17.78 -96.79 -39.65
CA PRO EA 48 17.92 -95.86 -38.51
C PRO EA 48 16.78 -94.85 -38.54
N LEU EA 49 16.42 -94.39 -37.34
CA LEU EA 49 15.34 -93.39 -37.15
C LEU EA 49 15.56 -92.10 -37.97
N GLU EA 50 16.81 -91.64 -37.97
CA GLU EA 50 17.20 -90.44 -38.73
C GLU EA 50 17.10 -90.62 -40.25
N GLN EA 51 17.16 -91.88 -40.68
CA GLN EA 51 17.16 -92.20 -42.11
C GLN EA 51 15.75 -92.44 -42.65
N ARG EA 52 14.93 -93.21 -41.91
CA ARG EA 52 13.53 -93.42 -42.30
C ARG EA 52 12.81 -92.07 -42.40
N ALA EA 53 11.95 -91.97 -43.40
CA ALA EA 53 11.32 -90.70 -43.72
C ALA EA 53 9.85 -90.65 -43.28
N PRO EA 54 9.36 -89.43 -42.97
CA PRO EA 54 7.94 -89.18 -42.68
C PRO EA 54 7.10 -89.21 -43.96
N ILE EA 55 5.82 -89.55 -43.79
CA ILE EA 55 4.86 -89.63 -44.90
C ILE EA 55 3.73 -88.61 -44.69
N ASN EA 56 3.51 -87.77 -45.69
CA ASN EA 56 2.40 -86.80 -45.65
C ASN EA 56 1.09 -87.52 -45.99
N VAL EA 57 0.11 -87.38 -45.10
CA VAL EA 57 -1.20 -88.03 -45.26
C VAL EA 57 -2.31 -86.97 -45.31
N ASP EA 58 -3.29 -87.25 -46.15
CA ASP EA 58 -4.53 -86.45 -46.25
C ASP EA 58 -5.69 -87.33 -46.75
N LYS EA 59 -6.88 -86.74 -46.76
CA LYS EA 59 -8.12 -87.44 -47.19
C LYS EA 59 -8.07 -88.04 -48.60
N ALA EA 60 -7.29 -87.43 -49.49
CA ALA EA 60 -7.24 -87.81 -50.91
C ALA EA 60 -6.13 -88.83 -51.27
N ASN EA 61 -5.50 -89.41 -50.26
CA ASN EA 61 -4.42 -90.39 -50.47
C ASN EA 61 -4.18 -91.33 -49.28
N PHE EA 62 -5.11 -91.32 -48.32
CA PHE EA 62 -4.98 -92.14 -47.10
C PHE EA 62 -4.77 -93.63 -47.45
N ASN EA 63 -5.66 -94.13 -48.29
CA ASN EA 63 -5.59 -95.54 -48.76
C ASN EA 63 -4.30 -95.84 -49.53
N GLU EA 64 -3.85 -94.87 -50.32
CA GLU EA 64 -2.67 -94.96 -51.17
C GLU EA 64 -1.44 -95.12 -50.26
N VAL EA 65 -1.48 -94.41 -49.14
CA VAL EA 65 -0.42 -94.46 -48.12
C VAL EA 65 -0.34 -95.88 -47.50
N MET EA 66 -1.49 -96.46 -47.20
CA MET EA 66 -1.52 -97.82 -46.63
C MET EA 66 -0.97 -98.86 -47.60
N ALA EA 67 -1.37 -98.73 -48.86
CA ALA EA 67 -0.93 -99.60 -49.96
C ALA EA 67 0.59 -99.54 -50.14
N GLN EA 68 1.12 -98.31 -50.11
CA GLN EA 68 2.57 -98.08 -50.25
C GLN EA 68 3.37 -98.52 -49.02
N GLN EA 69 2.76 -98.38 -47.84
CA GLN EA 69 3.39 -98.76 -46.57
C GLN EA 69 3.61 -100.27 -46.49
N ASN EA 70 2.67 -101.02 -47.09
CA ASN EA 70 2.73 -102.49 -47.15
C ASN EA 70 2.67 -103.07 -45.73
N LEU EA 71 1.48 -103.52 -45.37
CA LEU EA 71 1.24 -104.09 -44.04
C LEU EA 71 1.18 -105.62 -44.13
N LYS EA 72 1.71 -106.26 -43.10
CA LYS EA 72 1.74 -107.73 -43.01
C LYS EA 72 1.77 -108.18 -41.55
N VAL EA 73 0.98 -109.22 -41.29
CA VAL EA 73 0.92 -109.86 -39.97
C VAL EA 73 1.14 -111.37 -40.08
N THR EA 74 2.22 -111.79 -39.45
CA THR EA 74 2.53 -113.22 -39.28
C THR EA 74 2.31 -113.53 -37.81
N LEU EA 75 1.24 -114.27 -37.56
CA LEU EA 75 0.81 -114.56 -36.19
C LEU EA 75 0.10 -115.91 -36.14
N THR EA 76 0.15 -116.48 -34.94
CA THR EA 76 -0.49 -117.77 -34.65
C THR EA 76 -1.64 -117.58 -33.63
N ALA EA 77 -2.77 -118.18 -33.98
CA ALA EA 77 -3.98 -118.20 -33.13
C ALA EA 77 -4.38 -119.65 -32.84
N ALA EA 78 -5.12 -119.85 -31.75
CA ALA EA 78 -5.69 -121.16 -31.41
C ALA EA 78 -6.58 -121.66 -32.56
N ASP EA 79 -6.30 -122.88 -33.00
CA ASP EA 79 -7.08 -123.53 -34.05
C ASP EA 79 -8.36 -124.10 -33.43
N LYS EA 80 -9.46 -123.40 -33.66
CA LYS EA 80 -10.77 -123.84 -33.11
C LYS EA 80 -11.66 -124.49 -34.17
N LEU EA 81 -11.02 -124.94 -35.25
CA LEU EA 81 -11.71 -125.69 -36.31
C LEU EA 81 -11.77 -127.20 -36.01
N SER EA 82 -11.07 -127.57 -34.93
CA SER EA 82 -11.04 -128.95 -34.41
C SER EA 82 -11.28 -128.94 -32.88
N ALA EA 83 -11.03 -130.07 -32.26
CA ALA EA 83 -11.16 -130.28 -30.81
C ALA EA 83 -9.81 -130.69 -30.16
N ASP EA 84 -8.74 -130.05 -30.62
CA ASP EA 84 -7.40 -130.33 -30.09
C ASP EA 84 -6.76 -129.04 -29.52
N PRO EA 85 -6.42 -129.06 -28.22
CA PRO EA 85 -5.73 -127.94 -27.55
C PRO EA 85 -4.32 -127.65 -28.11
N ASN EA 86 -3.68 -128.67 -28.67
CA ASN EA 86 -2.35 -128.56 -29.31
C ASN EA 86 -2.40 -128.04 -30.76
N ALA EA 87 -3.60 -127.98 -31.33
CA ALA EA 87 -3.82 -127.46 -32.68
C ALA EA 87 -3.73 -125.93 -32.69
N THR EA 88 -2.80 -125.46 -33.51
CA THR EA 88 -2.57 -124.03 -33.69
C THR EA 88 -2.61 -123.64 -35.18
N MET EA 89 -3.06 -122.42 -35.45
CA MET EA 89 -3.14 -121.92 -36.84
C MET EA 89 -2.28 -120.67 -37.01
N ASN EA 90 -1.36 -120.76 -37.96
CA ASN EA 90 -0.51 -119.62 -38.33
C ASN EA 90 -1.00 -119.01 -39.65
N VAL EA 91 -1.20 -117.70 -39.60
CA VAL EA 91 -1.73 -116.92 -40.74
C VAL EA 91 -0.72 -115.84 -41.14
N SER EA 92 -0.80 -115.47 -42.42
CA SER EA 92 0.04 -114.39 -42.98
C SER EA 92 -0.86 -113.37 -43.70
N LEU EA 93 -1.43 -112.47 -42.92
CA LEU EA 93 -2.34 -111.45 -43.49
C LEU EA 93 -1.57 -110.26 -44.08
N GLN EA 94 -2.14 -109.72 -45.14
CA GLN EA 94 -1.59 -108.56 -45.86
C GLN EA 94 -2.70 -107.53 -46.05
N PHE EA 95 -2.33 -106.27 -45.86
CA PHE EA 95 -3.30 -105.16 -45.96
C PHE EA 95 -2.78 -104.09 -46.92
N LYS EA 96 -3.73 -103.59 -47.71
CA LYS EA 96 -3.50 -102.50 -48.66
C LYS EA 96 -4.35 -101.27 -48.29
N ASN EA 97 -5.53 -101.54 -47.74
CA ASN EA 97 -6.47 -100.53 -47.24
C ASN EA 97 -7.19 -101.04 -45.99
N LEU EA 98 -7.97 -100.15 -45.38
CA LEU EA 98 -8.77 -100.49 -44.18
C LEU EA 98 -9.84 -101.58 -44.41
N ASN EA 99 -10.32 -101.65 -45.65
CA ASN EA 99 -11.27 -102.68 -46.06
C ASN EA 99 -10.69 -104.10 -45.87
N ASP EA 100 -9.37 -104.20 -45.92
CA ASP EA 100 -8.67 -105.48 -45.74
C ASP EA 100 -8.62 -105.99 -44.29
N PHE EA 101 -9.19 -105.23 -43.36
CA PHE EA 101 -9.33 -105.68 -41.97
C PHE EA 101 -10.71 -106.29 -41.69
N SER EA 102 -11.58 -106.25 -42.70
CA SER EA 102 -12.92 -106.84 -42.59
C SER EA 102 -12.82 -108.38 -42.58
N PRO EA 103 -13.71 -109.05 -41.86
CA PRO EA 103 -13.75 -110.52 -41.79
C PRO EA 103 -13.77 -111.20 -43.17
N GLU EA 104 -14.38 -110.50 -44.14
CA GLU EA 104 -14.44 -110.96 -45.55
C GLU EA 104 -13.03 -111.11 -46.17
N SER EA 105 -12.13 -110.18 -45.87
CA SER EA 105 -10.75 -110.22 -46.38
C SER EA 105 -9.90 -111.20 -45.56
N VAL EA 106 -10.19 -111.29 -44.26
CA VAL EA 106 -9.49 -112.22 -43.34
C VAL EA 106 -9.69 -113.67 -43.82
N VAL EA 107 -10.94 -114.00 -44.14
CA VAL EA 107 -11.30 -115.33 -44.66
C VAL EA 107 -10.57 -115.62 -46.00
N ASN EA 108 -10.55 -114.62 -46.87
CA ASN EA 108 -9.95 -114.76 -48.20
C ASN EA 108 -8.44 -115.02 -48.15
N GLN EA 109 -7.81 -114.54 -47.08
CA GLN EA 109 -6.36 -114.72 -46.90
C GLN EA 109 -6.00 -115.88 -45.97
N VAL EA 110 -7.02 -116.61 -45.52
CA VAL EA 110 -6.84 -117.77 -44.64
C VAL EA 110 -7.51 -118.97 -45.30
N PRO EA 111 -6.73 -119.80 -46.01
CA PRO EA 111 -7.21 -121.00 -46.75
C PRO EA 111 -8.08 -121.94 -45.91
N GLU EA 112 -7.74 -122.05 -44.64
CA GLU EA 112 -8.44 -122.89 -43.65
C GLU EA 112 -9.88 -122.40 -43.38
N LEU EA 113 -10.12 -121.13 -43.68
CA LEU EA 113 -11.45 -120.51 -43.60
C LEU EA 113 -12.06 -120.28 -44.99
N LYS EA 114 -11.20 -119.94 -45.96
CA LYS EA 114 -11.61 -119.68 -47.34
C LYS EA 114 -12.31 -120.90 -47.96
N LYS EA 115 -11.74 -122.08 -47.70
CA LYS EA 115 -12.32 -123.35 -48.17
C LYS EA 115 -13.67 -123.64 -47.51
N LEU EA 116 -13.80 -123.24 -46.24
CA LEU EA 116 -15.06 -123.36 -45.48
C LEU EA 116 -16.15 -122.42 -46.00
N LEU EA 117 -15.72 -121.26 -46.48
CA LEU EA 117 -16.63 -120.28 -47.12
C LEU EA 117 -17.08 -120.79 -48.49
N GLU EA 118 -16.16 -121.42 -49.21
CA GLU EA 118 -16.46 -122.06 -50.51
C GLU EA 118 -17.44 -123.22 -50.32
N LEU EA 119 -17.23 -123.96 -49.22
CA LEU EA 119 -18.14 -125.03 -48.79
C LEU EA 119 -19.53 -124.48 -48.48
N ARG EA 120 -19.55 -123.37 -47.73
CA ARG EA 120 -20.79 -122.68 -47.36
C ARG EA 120 -21.59 -122.38 -48.63
N SER EA 121 -20.93 -121.76 -49.61
CA SER EA 121 -21.56 -121.37 -50.89
C SER EA 121 -22.07 -122.58 -51.68
N ALA EA 122 -21.32 -123.69 -51.61
CA ALA EA 122 -21.70 -124.97 -52.23
C ALA EA 122 -22.96 -125.56 -51.58
N LEU EA 123 -23.05 -125.45 -50.32
CA LEU EA 123 -24.18 -126.06 -49.63
C LEU EA 123 -25.45 -125.20 -49.77
N ASN EA 124 -25.30 -123.86 -49.76
CA ASN EA 124 -26.45 -122.97 -49.93
C ASN EA 124 -27.00 -123.13 -51.35
N ALA EA 125 -26.12 -123.24 -52.35
CA ALA EA 125 -26.48 -123.45 -53.77
C ALA EA 125 -27.26 -124.74 -53.91
N LEU EA 126 -26.73 -125.84 -53.33
CA LEU EA 126 -27.39 -127.14 -53.35
C LEU EA 126 -28.77 -127.07 -52.67
N LYS EA 127 -28.82 -126.53 -51.43
CA LYS EA 127 -30.07 -126.45 -50.67
C LYS EA 127 -31.12 -125.57 -51.32
N GLY EA 128 -30.70 -124.51 -52.07
CA GLY EA 128 -31.64 -123.65 -52.79
C GLY EA 128 -31.93 -124.19 -54.19
N PRO EA 129 -31.42 -125.41 -54.51
CA PRO EA 129 -31.58 -126.11 -55.78
C PRO EA 129 -31.00 -125.37 -57.00
N LEU EA 130 -29.96 -124.55 -56.79
CA LEU EA 130 -29.34 -123.75 -57.86
C LEU EA 130 -28.37 -124.55 -58.72
N GLY EA 131 -27.95 -125.73 -58.25
CA GLY EA 131 -27.13 -126.62 -59.06
C GLY EA 131 -27.54 -128.06 -58.83
N ASN EA 132 -27.28 -128.93 -59.81
CA ASN EA 132 -27.64 -130.34 -59.69
C ASN EA 132 -26.54 -131.10 -58.93
N LEU EA 133 -26.81 -132.36 -58.55
CA LEU EA 133 -25.90 -133.22 -57.80
C LEU EA 133 -24.55 -133.42 -58.48
N PRO EA 134 -24.52 -133.59 -59.80
CA PRO EA 134 -23.26 -133.81 -60.54
C PRO EA 134 -22.30 -132.60 -60.39
N ALA EA 135 -22.85 -131.36 -60.53
CA ALA EA 135 -22.05 -130.12 -60.39
C ALA EA 135 -21.59 -130.00 -58.94
N PHE EA 136 -22.52 -130.20 -57.99
CA PHE EA 136 -22.22 -130.18 -56.56
C PHE EA 136 -21.01 -131.06 -56.25
N ARG EA 137 -21.02 -132.36 -56.68
CA ARG EA 137 -19.91 -133.29 -56.38
C ARG EA 137 -18.60 -132.86 -57.03
N LYS EA 138 -18.66 -132.29 -58.24
CA LYS EA 138 -17.48 -131.80 -58.97
C LYS EA 138 -16.84 -130.61 -58.22
N LYS EA 139 -17.69 -129.67 -57.76
CA LYS EA 139 -17.23 -128.51 -57.00
C LYS EA 139 -16.72 -128.90 -55.62
N LEU EA 140 -17.31 -129.90 -55.02
CA LEU EA 140 -16.92 -130.32 -53.72
C LEU EA 140 -15.52 -130.85 -53.76
N GLN EA 141 -15.22 -131.67 -54.74
CA GLN EA 141 -13.90 -132.22 -54.84
C GLN EA 141 -12.84 -131.14 -55.08
N ALA EA 142 -13.16 -130.11 -55.82
CA ALA EA 142 -12.28 -128.97 -56.01
C ALA EA 142 -11.95 -128.22 -54.70
N LEU EA 143 -12.97 -127.93 -53.93
CA LEU EA 143 -12.81 -127.34 -52.64
C LEU EA 143 -11.86 -128.18 -51.75
N LEU EA 144 -12.11 -129.47 -51.64
CA LEU EA 144 -11.39 -130.29 -50.69
C LEU EA 144 -10.02 -130.80 -51.16
N ALA EA 145 -9.73 -130.51 -52.41
CA ALA EA 145 -8.47 -130.86 -53.06
C ALA EA 145 -7.29 -130.01 -52.50
N ASP EA 146 -7.54 -128.79 -51.94
CA ASP EA 146 -6.50 -127.92 -51.41
C ASP EA 146 -5.51 -128.67 -50.49
N GLU EA 147 -4.23 -128.79 -50.91
CA GLU EA 147 -3.29 -129.59 -50.10
C GLU EA 147 -2.90 -128.97 -48.74
N ASP EA 148 -3.21 -127.68 -48.54
CA ASP EA 148 -2.90 -126.98 -47.30
C ASP EA 148 -3.93 -127.29 -46.20
N GLY EA 149 -5.06 -127.98 -46.56
CA GLY EA 149 -6.09 -128.34 -45.59
C GLY EA 149 -5.71 -129.53 -44.77
N ARG EA 150 -6.19 -129.60 -43.52
CA ARG EA 150 -5.95 -130.79 -42.71
C ARG EA 150 -7.02 -131.83 -43.11
N LYS EA 151 -6.73 -133.12 -42.94
CA LYS EA 151 -7.72 -134.15 -43.24
C LYS EA 151 -8.87 -134.07 -42.23
N ALA EA 152 -8.57 -133.62 -40.99
CA ALA EA 152 -9.57 -133.44 -39.93
C ALA EA 152 -10.59 -132.41 -40.41
N LEU EA 153 -10.12 -131.27 -40.97
CA LEU EA 153 -11.05 -130.27 -41.51
C LEU EA 153 -11.86 -130.81 -42.70
N ILE EA 154 -11.19 -131.54 -43.64
CA ILE EA 154 -11.90 -132.12 -44.81
C ILE EA 154 -13.08 -132.99 -44.36
N LYS EA 155 -12.87 -133.84 -43.31
CA LYS EA 155 -13.86 -134.73 -42.69
C LYS EA 155 -15.06 -133.97 -42.12
N GLU EA 156 -14.82 -132.87 -41.40
CA GLU EA 156 -15.85 -131.99 -40.82
C GLU EA 156 -16.63 -131.31 -41.95
N LEU EA 157 -15.94 -130.95 -43.05
CA LEU EA 157 -16.59 -130.34 -44.22
C LEU EA 157 -17.50 -131.35 -44.96
N GLY EA 158 -16.99 -132.58 -45.19
CA GLY EA 158 -17.75 -133.67 -45.83
C GLY EA 158 -18.94 -134.12 -44.97
N LEU EA 159 -18.84 -133.98 -43.62
CA LEU EA 159 -19.93 -134.34 -42.70
C LEU EA 159 -21.13 -133.39 -42.79
N THR EA 160 -20.95 -132.24 -43.43
CA THR EA 160 -22.01 -131.25 -43.64
C THR EA 160 -22.83 -131.56 -44.89
N GLU EA 161 -22.33 -132.46 -45.76
CA GLU EA 161 -23.03 -132.80 -47.00
C GLU EA 161 -24.31 -133.63 -46.75
N GLU EA 162 -25.51 -133.18 -47.22
CA GLU EA 162 -26.71 -134.03 -47.05
C GLU EA 162 -26.51 -135.37 -47.76
N THR EA 163 -27.01 -136.46 -47.16
CA THR EA 163 -26.89 -137.82 -47.69
C THR EA 163 -27.31 -137.97 -49.16
N LYS EA 164 -28.40 -137.30 -49.56
CA LYS EA 164 -28.93 -137.37 -50.93
C LYS EA 164 -28.04 -136.70 -51.99
N ASP FA 63 -36.18 -131.54 -46.37
CA ASP FA 63 -34.74 -131.88 -46.58
C ASP FA 63 -33.81 -130.68 -46.45
N LYS FA 64 -34.24 -129.55 -47.04
CA LYS FA 64 -33.49 -128.29 -47.07
C LYS FA 64 -33.25 -127.78 -45.64
N ALA FA 65 -34.20 -128.06 -44.76
CA ALA FA 65 -34.10 -127.68 -43.34
C ALA FA 65 -32.83 -128.25 -42.68
N LEU FA 66 -32.51 -129.49 -43.04
CA LEU FA 66 -31.27 -130.15 -42.58
C LEU FA 66 -30.02 -129.53 -43.19
N VAL FA 67 -30.12 -129.16 -44.46
CA VAL FA 67 -29.04 -128.45 -45.18
C VAL FA 67 -28.77 -127.09 -44.52
N ASP FA 68 -29.84 -126.41 -44.13
CA ASP FA 68 -29.74 -125.10 -43.45
C ASP FA 68 -29.07 -125.25 -42.08
N ALA FA 69 -29.38 -126.35 -41.40
CA ALA FA 69 -28.76 -126.69 -40.11
C ALA FA 69 -27.25 -126.94 -40.26
N MET FA 70 -26.88 -127.54 -41.40
CA MET FA 70 -25.48 -127.76 -41.76
C MET FA 70 -24.75 -126.42 -41.95
N ILE FA 71 -25.46 -125.48 -42.58
CA ILE FA 71 -24.96 -124.09 -42.76
C ILE FA 71 -24.82 -123.36 -41.42
N ALA FA 72 -25.73 -123.60 -40.53
CA ALA FA 72 -25.71 -122.98 -39.20
C ALA FA 72 -24.48 -123.42 -38.41
N GLU FA 73 -24.23 -124.73 -38.44
CA GLU FA 73 -23.08 -125.34 -37.76
C GLU FA 73 -21.74 -124.99 -38.42
N ILE FA 74 -21.76 -124.91 -39.74
CA ILE FA 74 -20.56 -124.52 -40.52
C ILE FA 74 -20.10 -123.10 -40.15
N ASP FA 75 -21.08 -122.17 -40.15
CA ASP FA 75 -20.81 -120.76 -39.84
C ASP FA 75 -20.46 -120.58 -38.37
N LYS FA 76 -21.07 -121.42 -37.53
CA LYS FA 76 -20.78 -121.45 -36.09
C LYS FA 76 -19.28 -121.76 -35.87
N ARG FA 77 -18.79 -122.77 -36.57
CA ARG FA 77 -17.37 -123.17 -36.48
C ARG FA 77 -16.44 -122.12 -37.08
N LEU FA 78 -16.84 -121.59 -38.25
CA LEU FA 78 -16.06 -120.58 -38.97
C LEU FA 78 -15.95 -119.31 -38.12
N SER FA 79 -17.04 -118.92 -37.48
CA SER FA 79 -17.12 -117.75 -36.59
C SER FA 79 -16.28 -117.90 -35.31
N SER FA 80 -16.18 -119.11 -34.85
CA SER FA 80 -15.36 -119.43 -33.66
C SER FA 80 -13.88 -119.19 -33.96
N GLN FA 81 -13.49 -119.51 -35.18
CA GLN FA 81 -12.10 -119.30 -35.64
C GLN FA 81 -11.85 -117.84 -35.97
N VAL FA 82 -12.75 -117.22 -36.63
CA VAL FA 82 -12.62 -115.79 -37.03
C VAL FA 82 -12.51 -114.86 -35.81
N ASN FA 83 -13.17 -115.24 -34.71
CA ASN FA 83 -13.08 -114.51 -33.45
C ASN FA 83 -11.62 -114.48 -32.94
N GLU FA 84 -10.91 -115.59 -33.15
CA GLU FA 84 -9.50 -115.72 -32.72
C GLU FA 84 -8.57 -114.74 -33.44
N ILE FA 85 -8.79 -114.56 -34.74
CA ILE FA 85 -7.97 -113.62 -35.54
C ILE FA 85 -8.34 -112.16 -35.19
N LEU FA 86 -9.65 -111.91 -35.15
CA LEU FA 86 -10.17 -110.57 -34.87
C LEU FA 86 -9.86 -110.08 -33.45
N HIS FA 87 -9.71 -111.03 -32.55
CA HIS FA 87 -9.38 -110.73 -31.15
C HIS FA 87 -7.92 -110.99 -30.81
N ALA FA 88 -7.12 -111.19 -31.85
CA ALA FA 88 -5.66 -111.34 -31.69
C ALA FA 88 -5.08 -109.97 -31.36
N LYS FA 89 -4.23 -109.94 -30.34
CA LYS FA 89 -3.59 -108.69 -29.87
C LYS FA 89 -2.69 -108.03 -30.93
N GLU FA 90 -1.98 -108.87 -31.70
CA GLU FA 90 -1.13 -108.42 -32.80
C GLU FA 90 -2.01 -107.82 -33.92
N PHE FA 91 -3.13 -108.48 -34.20
CA PHE FA 91 -4.04 -108.02 -35.25
C PHE FA 91 -4.68 -106.67 -34.87
N GLN FA 92 -5.16 -106.60 -33.64
CA GLN FA 92 -5.81 -105.38 -33.12
C GLN FA 92 -4.85 -104.21 -33.02
N LYS FA 93 -3.58 -104.49 -32.69
CA LYS FA 93 -2.56 -103.42 -32.60
C LYS FA 93 -2.38 -102.75 -33.97
N LEU FA 94 -2.35 -103.58 -35.02
CA LEU FA 94 -2.23 -103.09 -36.40
C LEU FA 94 -3.48 -102.34 -36.80
N GLU FA 95 -4.65 -102.96 -36.62
CA GLU FA 95 -5.92 -102.36 -37.05
C GLU FA 95 -6.19 -101.05 -36.32
N SER FA 96 -6.19 -101.10 -35.00
CA SER FA 96 -6.47 -99.92 -34.16
C SER FA 96 -5.54 -98.75 -34.49
N SER FA 97 -4.30 -99.04 -34.90
CA SER FA 97 -3.33 -98.00 -35.28
C SER FA 97 -3.79 -97.23 -36.53
N TRP FA 98 -4.13 -97.97 -37.57
CA TRP FA 98 -4.58 -97.39 -38.85
C TRP FA 98 -6.00 -96.86 -38.83
N ARG FA 99 -6.90 -97.58 -38.16
CA ARG FA 99 -8.30 -97.16 -38.02
C ARG FA 99 -8.40 -95.87 -37.19
N SER FA 100 -7.68 -95.83 -36.08
CA SER FA 100 -7.61 -94.62 -35.24
C SER FA 100 -6.96 -93.45 -35.99
N LEU FA 101 -6.02 -93.78 -36.87
CA LEU FA 101 -5.35 -92.78 -37.70
C LEU FA 101 -6.33 -92.10 -38.67
N LYS FA 102 -7.13 -92.91 -39.35
CA LYS FA 102 -8.13 -92.38 -40.29
C LYS FA 102 -9.21 -91.60 -39.54
N PHE FA 103 -9.61 -92.14 -38.40
CA PHE FA 103 -10.59 -91.48 -37.51
C PHE FA 103 -10.15 -90.03 -37.21
N MET FA 104 -8.83 -89.86 -37.02
CA MET FA 104 -8.21 -88.55 -36.88
C MET FA 104 -8.28 -87.76 -38.19
N VAL FA 105 -7.68 -88.35 -39.22
CA VAL FA 105 -7.47 -87.72 -40.53
C VAL FA 105 -8.78 -87.18 -41.12
N ASP FA 106 -9.81 -88.01 -41.16
CA ASP FA 106 -11.06 -87.62 -41.85
C ASP FA 106 -11.95 -86.65 -41.06
N ARG FA 107 -11.53 -86.32 -39.84
CA ARG FA 107 -12.22 -85.31 -39.02
C ARG FA 107 -11.48 -83.98 -39.01
N THR FA 108 -10.43 -83.89 -39.80
CA THR FA 108 -9.66 -82.65 -40.01
C THR FA 108 -10.10 -82.04 -41.34
N ASP FA 109 -9.60 -80.85 -41.61
CA ASP FA 109 -9.88 -80.15 -42.87
C ASP FA 109 -8.57 -79.63 -43.46
N PHE FA 110 -8.08 -80.35 -44.46
CA PHE FA 110 -6.80 -80.02 -45.12
C PHE FA 110 -6.83 -78.72 -45.94
N ARG FA 111 -8.03 -78.21 -46.19
CA ARG FA 111 -8.22 -76.92 -46.87
C ARG FA 111 -7.97 -75.72 -45.95
N GLU FA 112 -7.89 -76.00 -44.65
CA GLU FA 112 -7.68 -74.97 -43.61
C GLU FA 112 -6.21 -74.91 -43.16
N ASN FA 113 -5.31 -75.34 -44.06
CA ASN FA 113 -3.85 -75.34 -43.78
C ASN FA 113 -3.49 -76.26 -42.61
N THR FA 114 -4.11 -77.43 -42.60
CA THR FA 114 -3.81 -78.47 -41.61
C THR FA 114 -3.04 -79.58 -42.33
N ARG FA 115 -1.97 -80.03 -41.69
CA ARG FA 115 -1.11 -81.08 -42.27
C ARG FA 115 -0.74 -82.09 -41.20
N VAL FA 116 -0.51 -83.32 -41.63
CA VAL FA 116 -0.10 -84.42 -40.76
C VAL FA 116 0.89 -85.32 -41.49
N GLU FA 117 1.90 -85.75 -40.77
CA GLU FA 117 2.90 -86.70 -41.27
C GLU FA 117 2.97 -87.91 -40.35
N MET FA 118 3.24 -89.06 -40.94
CA MET FA 118 3.40 -90.32 -40.20
C MET FA 118 4.87 -90.70 -40.12
N LEU FA 119 5.26 -91.09 -38.92
CA LEU FA 119 6.65 -91.53 -38.65
C LEU FA 119 6.62 -92.82 -37.82
N ASN FA 120 6.83 -93.92 -38.52
CA ASN FA 120 6.81 -95.26 -37.90
C ASN FA 120 7.98 -95.43 -36.91
N ALA FA 121 7.62 -95.56 -35.64
CA ALA FA 121 8.60 -95.76 -34.55
C ALA FA 121 7.95 -96.44 -33.34
N SER FA 122 8.62 -97.46 -32.84
CA SER FA 122 8.21 -98.14 -31.60
C SER FA 122 8.84 -97.45 -30.38
N LYS FA 123 8.24 -97.63 -29.20
CA LYS FA 123 8.80 -97.01 -27.99
C LYS FA 123 10.23 -97.49 -27.70
N GLU FA 124 10.43 -98.79 -27.95
CA GLU FA 124 11.74 -99.44 -27.72
C GLU FA 124 12.84 -98.75 -28.54
N ASP FA 125 12.55 -98.47 -29.81
CA ASP FA 125 13.56 -97.85 -30.69
C ASP FA 125 13.71 -96.35 -30.45
N LEU FA 126 12.69 -95.74 -29.84
CA LEU FA 126 12.76 -94.34 -29.40
C LEU FA 126 13.83 -94.19 -28.33
N GLN FA 127 13.80 -95.14 -27.40
CA GLN FA 127 14.81 -95.23 -26.32
C GLN FA 127 16.17 -95.61 -26.89
N LYS FA 128 16.17 -96.52 -27.86
CA LYS FA 128 17.40 -96.93 -28.56
C LYS FA 128 18.13 -95.72 -29.15
N ASP FA 129 17.36 -94.86 -29.83
CA ASP FA 129 17.92 -93.69 -30.49
C ASP FA 129 18.40 -92.62 -29.50
N PHE FA 130 17.55 -92.37 -28.52
CA PHE FA 130 17.86 -91.35 -27.53
C PHE FA 130 19.00 -91.72 -26.58
N GLU FA 131 19.13 -93.02 -26.30
CA GLU FA 131 20.23 -93.57 -25.50
C GLU FA 131 21.52 -93.65 -26.33
N ASP FA 132 21.36 -93.99 -27.62
CA ASP FA 132 22.49 -94.09 -28.56
C ASP FA 132 23.16 -92.73 -28.76
N ALA FA 133 22.34 -91.73 -29.05
CA ALA FA 133 22.83 -90.37 -29.27
C ALA FA 133 23.53 -89.81 -28.01
N PRO FA 134 24.58 -89.03 -28.21
CA PRO FA 134 25.32 -88.36 -27.12
C PRO FA 134 24.47 -87.27 -26.46
N GLU FA 135 23.62 -86.63 -27.25
CA GLU FA 135 22.71 -85.57 -26.78
C GLU FA 135 21.46 -85.53 -27.66
N VAL FA 136 20.41 -84.97 -27.11
CA VAL FA 136 19.10 -84.85 -27.78
C VAL FA 136 19.19 -84.10 -29.12
N THR FA 137 20.10 -83.14 -29.19
CA THR FA 137 20.26 -82.32 -30.43
C THR FA 137 20.75 -83.17 -31.63
N LYS FA 138 21.25 -84.37 -31.31
CA LYS FA 138 21.76 -85.29 -32.34
C LYS FA 138 20.88 -86.53 -32.52
N SER FA 139 19.74 -86.56 -31.83
CA SER FA 139 18.77 -87.65 -31.98
C SER FA 139 18.12 -87.56 -33.38
N GLY FA 140 17.69 -88.72 -33.86
CA GLY FA 140 17.03 -88.86 -35.18
C GLY FA 140 15.69 -88.10 -35.21
N LEU FA 141 14.95 -88.22 -34.09
CA LEU FA 141 13.66 -87.55 -33.92
C LEU FA 141 13.81 -86.03 -33.89
N TYR FA 142 14.82 -85.55 -33.16
CA TYR FA 142 15.15 -84.12 -33.12
C TYR FA 142 15.44 -83.61 -34.53
N LYS FA 143 16.14 -84.42 -35.31
CA LYS FA 143 16.55 -84.04 -36.66
C LYS FA 143 15.37 -83.64 -37.54
N LEU FA 144 14.26 -84.38 -37.52
CA LEU FA 144 13.15 -84.02 -38.44
C LEU FA 144 11.88 -83.52 -37.75
N VAL FA 145 12.03 -83.20 -36.46
CA VAL FA 145 11.05 -82.39 -35.74
C VAL FA 145 11.58 -80.94 -35.75
N TYR FA 146 12.75 -80.75 -35.14
CA TYR FA 146 13.36 -79.43 -35.00
C TYR FA 146 14.16 -79.02 -36.26
N SER FA 147 15.21 -79.79 -36.55
CA SER FA 147 16.22 -79.41 -37.55
C SER FA 147 15.66 -79.20 -38.96
N ASN FA 148 14.82 -80.14 -39.40
CA ASN FA 148 14.21 -80.07 -40.74
C ASN FA 148 12.98 -79.18 -40.82
N GLU FA 149 12.60 -78.60 -39.68
CA GLU FA 149 11.39 -77.76 -39.60
C GLU FA 149 11.62 -76.37 -39.00
N TYR FA 150 11.43 -76.30 -37.68
CA TYR FA 150 11.54 -75.04 -36.93
C TYR FA 150 12.88 -74.31 -37.15
N GLY FA 151 13.97 -75.10 -37.21
CA GLY FA 151 15.32 -74.54 -37.33
C GLY FA 151 15.84 -74.52 -38.79
N VAL FA 152 14.92 -74.44 -39.74
CA VAL FA 152 15.28 -74.39 -41.17
C VAL FA 152 14.63 -73.16 -41.85
N PHE FA 153 15.51 -72.30 -42.36
CA PHE FA 153 15.09 -71.16 -43.19
C PHE FA 153 14.34 -71.67 -44.44
N GLY FA 154 13.08 -71.22 -44.56
CA GLY FA 154 12.22 -71.63 -45.69
C GLY FA 154 11.28 -72.78 -45.32
N GLY FA 155 11.57 -73.43 -44.18
CA GLY FA 155 10.76 -74.57 -43.71
C GLY FA 155 9.54 -74.11 -42.91
N LYS FA 156 9.05 -75.02 -42.09
CA LYS FA 156 7.87 -74.81 -41.25
C LYS FA 156 8.02 -75.60 -39.94
N PRO FA 157 7.49 -75.09 -38.84
CA PRO FA 157 7.58 -75.75 -37.51
C PRO FA 157 6.42 -76.73 -37.27
N TYR FA 158 6.76 -77.87 -36.68
CA TYR FA 158 5.76 -78.86 -36.24
C TYR FA 158 4.90 -78.28 -35.10
N GLY FA 159 3.59 -78.33 -35.34
CA GLY FA 159 2.60 -77.79 -34.39
C GLY FA 159 2.60 -78.59 -33.09
N ILE FA 160 2.45 -79.92 -33.22
CA ILE FA 160 2.33 -80.84 -32.09
C ILE FA 160 2.72 -82.27 -32.52
N ILE FA 161 3.06 -83.10 -31.55
CA ILE FA 161 3.41 -84.51 -31.79
C ILE FA 161 2.42 -85.39 -31.03
N SER FA 162 1.82 -86.30 -31.78
CA SER FA 162 0.87 -87.28 -31.22
C SER FA 162 1.51 -88.66 -31.26
N ALA FA 163 1.73 -89.19 -30.07
CA ALA FA 163 2.31 -90.53 -30.00
C ALA FA 163 1.30 -91.55 -29.55
N ASN FA 164 1.26 -92.55 -30.40
CA ASN FA 164 0.32 -93.65 -30.23
C ASN FA 164 0.92 -94.72 -29.28
N TYR FA 165 1.03 -94.33 -28.02
CA TYR FA 165 1.65 -95.19 -27.00
C TYR FA 165 0.86 -95.14 -25.70
N ASP FA 166 0.98 -96.20 -24.94
CA ASP FA 166 0.52 -96.27 -23.55
C ASP FA 166 1.74 -96.26 -22.62
N PHE FA 167 1.70 -95.48 -21.58
CA PHE FA 167 2.83 -95.38 -20.65
C PHE FA 167 2.48 -95.96 -19.30
N ASN FA 168 3.43 -96.67 -18.74
CA ASN FA 168 3.35 -97.20 -17.37
C ASN FA 168 4.28 -96.36 -16.46
N VAL FA 169 4.44 -96.81 -15.23
CA VAL FA 169 5.40 -96.18 -14.28
C VAL FA 169 6.83 -96.72 -14.43
N GLY FA 170 6.97 -97.67 -15.33
CA GLY FA 170 8.24 -98.32 -15.66
C GLY FA 170 9.31 -97.26 -15.95
N PRO FA 171 10.53 -97.56 -15.52
CA PRO FA 171 11.67 -96.65 -15.71
C PRO FA 171 11.97 -96.29 -17.17
N GLN FA 172 11.82 -97.23 -18.05
CA GLN FA 172 11.98 -97.00 -19.51
C GLN FA 172 10.95 -95.97 -20.02
N ASP FA 173 9.70 -96.13 -19.59
CA ASP FA 173 8.62 -95.22 -19.98
C ASP FA 173 8.81 -93.81 -19.45
N MET FA 174 9.34 -93.75 -18.24
CA MET FA 174 9.60 -92.45 -17.62
C MET FA 174 10.76 -91.70 -18.30
N GLU FA 175 11.79 -92.47 -18.67
CA GLU FA 175 12.94 -91.91 -19.39
C GLU FA 175 12.52 -91.41 -20.78
N LEU FA 176 11.62 -92.15 -21.42
CA LEU FA 176 11.10 -91.78 -22.75
C LEU FA 176 10.34 -90.45 -22.70
N LEU FA 177 9.55 -90.31 -21.65
CA LEU FA 177 8.81 -89.07 -21.39
C LEU FA 177 9.74 -87.88 -21.12
N ARG FA 178 10.86 -88.16 -20.47
CA ARG FA 178 11.86 -87.14 -20.17
C ARG FA 178 12.46 -86.54 -21.46
N LYS FA 179 12.75 -87.44 -22.39
CA LYS FA 179 13.34 -87.06 -23.68
C LYS FA 179 12.34 -86.34 -24.58
N CYS FA 180 11.09 -86.78 -24.54
CA CYS FA 180 10.02 -86.16 -25.31
C CYS FA 180 9.66 -84.76 -24.76
N ALA FA 181 9.84 -84.60 -23.45
CA ALA FA 181 9.63 -83.31 -22.80
C ALA FA 181 10.71 -82.30 -23.25
N SER FA 182 11.94 -82.78 -23.34
CA SER FA 182 13.10 -81.97 -23.79
C SER FA 182 12.95 -81.54 -25.24
N VAL FA 183 12.54 -82.49 -26.09
CA VAL FA 183 12.33 -82.22 -27.53
C VAL FA 183 11.24 -81.17 -27.76
N ALA FA 184 10.11 -81.39 -27.08
CA ALA FA 184 8.94 -80.53 -27.16
C ALA FA 184 9.25 -79.11 -26.70
N ALA FA 185 10.08 -79.02 -25.66
CA ALA FA 185 10.52 -77.72 -25.10
C ALA FA 185 11.38 -76.93 -26.09
N MET FA 186 12.30 -77.66 -26.75
CA MET FA 186 13.24 -77.06 -27.70
C MET FA 186 12.54 -76.58 -28.96
N ALA FA 187 11.49 -77.30 -29.36
CA ALA FA 187 10.81 -76.75 -30.52
C ALA FA 187 9.41 -76.25 -30.39
N HIS FA 188 9.10 -76.08 -29.13
CA HIS FA 188 7.90 -75.37 -28.67
C HIS FA 188 6.68 -76.14 -29.16
N ALA FA 189 6.70 -77.45 -29.08
CA ALA FA 189 5.49 -78.20 -29.41
C ALA FA 189 5.24 -79.34 -28.43
N PRO FA 190 3.99 -79.44 -27.97
CA PRO FA 190 3.60 -80.43 -26.96
C PRO FA 190 3.62 -81.86 -27.50
N PHE FA 191 3.92 -82.78 -26.61
CA PHE FA 191 3.87 -84.22 -26.88
C PHE FA 191 2.70 -84.85 -26.13
N ILE FA 192 1.77 -85.38 -26.89
CA ILE FA 192 0.54 -85.98 -26.34
C ILE FA 192 0.55 -87.49 -26.59
N GLY FA 193 0.13 -88.20 -25.55
CA GLY FA 193 0.00 -89.67 -25.58
C GLY FA 193 -1.04 -90.13 -24.58
N ASN FA 194 -1.02 -91.41 -24.26
CA ASN FA 194 -1.97 -92.01 -23.31
C ASN FA 194 -1.27 -92.77 -22.19
N ALA FA 195 -2.02 -92.97 -21.11
CA ALA FA 195 -1.60 -93.79 -19.96
C ALA FA 195 -2.28 -95.16 -19.98
N ALA FA 196 -1.50 -96.16 -19.58
CA ALA FA 196 -2.00 -97.54 -19.51
C ALA FA 196 -2.79 -97.77 -18.21
N PRO FA 197 -3.76 -98.71 -18.17
CA PRO FA 197 -4.57 -99.01 -16.98
C PRO FA 197 -3.79 -99.30 -15.65
N GLU FA 198 -2.66 -100.10 -15.90
CA GLU FA 198 -1.75 -100.51 -14.84
C GLU FA 198 -1.02 -99.37 -14.17
N VAL FA 199 -1.03 -98.18 -14.80
CA VAL FA 199 -0.45 -96.97 -14.18
C VAL FA 199 -1.11 -96.66 -12.82
N PHE FA 200 -2.39 -97.02 -12.73
CA PHE FA 200 -3.18 -96.80 -11.51
C PHE FA 200 -3.28 -98.07 -10.65
N GLY FA 201 -2.45 -99.06 -11.01
CA GLY FA 201 -2.37 -100.36 -10.33
C GLY FA 201 -3.67 -101.17 -10.46
N GLU FA 202 -4.34 -101.00 -11.60
CA GLU FA 202 -5.56 -101.75 -11.91
C GLU FA 202 -5.39 -102.53 -13.21
N GLU FA 203 -6.09 -103.64 -13.31
CA GLU FA 203 -6.02 -104.52 -14.49
C GLU FA 203 -6.50 -103.80 -15.77
N SER FA 204 -7.61 -103.08 -15.67
CA SER FA 204 -8.14 -102.28 -16.80
C SER FA 204 -8.74 -101.00 -16.22
N PHE FA 205 -9.12 -100.08 -17.11
CA PHE FA 205 -9.80 -98.84 -16.69
C PHE FA 205 -11.18 -99.05 -16.08
N LEU FA 206 -11.72 -100.27 -16.23
CA LEU FA 206 -13.05 -100.62 -15.67
C LEU FA 206 -13.06 -100.68 -14.14
N LYS FA 207 -11.90 -100.59 -13.53
CA LYS FA 207 -11.82 -100.56 -12.04
C LYS FA 207 -11.47 -99.18 -11.48
N LEU FA 208 -11.56 -98.14 -12.30
CA LEU FA 208 -11.37 -96.75 -11.83
C LEU FA 208 -12.36 -96.35 -10.73
N PRO FA 209 -13.63 -96.76 -10.82
CA PRO FA 209 -14.65 -96.54 -9.78
C PRO FA 209 -14.26 -97.11 -8.41
N ASP FA 210 -13.43 -98.17 -8.41
CA ASP FA 210 -12.99 -98.81 -7.15
C ASP FA 210 -11.86 -98.07 -6.44
N LEU FA 211 -11.16 -97.20 -7.16
CA LEU FA 211 -10.07 -96.43 -6.56
C LEU FA 211 -10.63 -95.34 -5.65
N LYS FA 212 -10.31 -95.49 -4.37
CA LYS FA 212 -10.82 -94.60 -3.31
C LYS FA 212 -10.15 -93.22 -3.29
N ASP FA 213 -8.86 -93.17 -3.66
CA ASP FA 213 -8.08 -91.93 -3.62
C ASP FA 213 -6.79 -92.04 -4.43
N LEU FA 214 -6.80 -91.38 -5.59
CA LEU FA 214 -5.63 -91.34 -6.50
C LEU FA 214 -4.45 -90.59 -5.91
N LYS FA 215 -4.74 -89.47 -5.25
CA LYS FA 215 -3.71 -88.63 -4.61
C LYS FA 215 -2.84 -89.44 -3.64
N SER FA 216 -3.50 -90.27 -2.83
CA SER FA 216 -2.81 -91.13 -1.84
C SER FA 216 -2.09 -92.29 -2.53
N LEU FA 217 -2.68 -92.80 -3.61
CA LEU FA 217 -2.11 -93.89 -4.40
C LEU FA 217 -0.74 -93.50 -4.96
N PHE FA 218 -0.59 -92.25 -5.38
CA PHE FA 218 0.65 -91.75 -5.98
C PHE FA 218 1.74 -91.37 -4.97
N GLU FA 219 1.49 -91.69 -3.71
CA GLU FA 219 2.49 -91.44 -2.64
C GLU FA 219 3.49 -92.58 -2.53
N GLY FA 220 3.06 -93.73 -3.08
CA GLY FA 220 3.92 -94.89 -2.98
C GLY FA 220 5.27 -94.66 -3.71
N PRO FA 221 6.29 -95.36 -3.22
CA PRO FA 221 7.67 -95.35 -3.77
C PRO FA 221 7.71 -95.71 -5.25
N GLN FA 222 6.76 -96.50 -5.71
CA GLN FA 222 6.60 -96.93 -7.11
C GLN FA 222 6.55 -95.75 -8.10
N TYR FA 223 6.06 -94.59 -7.63
CA TYR FA 223 5.91 -93.41 -8.50
C TYR FA 223 6.95 -92.33 -8.21
N ALA FA 224 8.09 -92.72 -7.65
CA ALA FA 224 9.18 -91.77 -7.30
C ALA FA 224 9.65 -90.96 -8.52
N ARG FA 225 9.88 -91.66 -9.63
CA ARG FA 225 10.36 -91.03 -10.86
C ARG FA 225 9.29 -90.14 -11.51
N TRP FA 226 8.04 -90.62 -11.47
CA TRP FA 226 6.91 -89.86 -12.04
C TRP FA 226 6.69 -88.54 -11.29
N HIS FA 227 6.89 -88.60 -9.98
CA HIS FA 227 6.77 -87.43 -9.11
C HIS FA 227 7.84 -86.37 -9.42
N SER FA 228 9.06 -86.84 -9.70
CA SER FA 228 10.16 -85.93 -10.06
C SER FA 228 9.94 -85.32 -11.44
N PHE FA 229 9.34 -86.12 -12.33
CA PHE FA 229 9.04 -85.72 -13.71
C PHE FA 229 8.06 -84.53 -13.74
N ARG FA 230 7.07 -84.59 -12.85
CA ARG FA 230 6.04 -83.52 -12.73
C ARG FA 230 6.62 -82.19 -12.24
N GLU FA 231 7.78 -82.25 -11.62
CA GLU FA 231 8.45 -81.06 -11.08
C GLU FA 231 9.43 -80.38 -12.07
N SER FA 232 9.78 -81.11 -13.13
CA SER FA 232 10.66 -80.54 -14.16
C SER FA 232 9.95 -79.40 -14.91
N GLU FA 233 10.74 -78.42 -15.30
CA GLU FA 233 10.29 -77.29 -16.14
C GLU FA 233 9.91 -77.70 -17.57
N ASP FA 234 10.35 -78.91 -17.95
CA ASP FA 234 10.03 -79.47 -19.28
C ASP FA 234 8.67 -80.18 -19.33
N ALA FA 235 8.13 -80.46 -18.13
CA ALA FA 235 6.84 -81.14 -17.97
C ALA FA 235 5.66 -80.39 -18.63
N ARG FA 236 5.83 -79.08 -18.85
CA ARG FA 236 4.82 -78.28 -19.55
C ARG FA 236 4.47 -78.77 -20.97
N TYR FA 237 5.40 -79.52 -21.56
CA TYR FA 237 5.22 -80.00 -22.94
C TYR FA 237 4.84 -81.47 -23.03
N VAL FA 238 4.41 -82.02 -21.92
CA VAL FA 238 3.85 -83.39 -21.89
C VAL FA 238 2.38 -83.33 -21.46
N GLY FA 239 1.62 -84.19 -22.12
CA GLY FA 239 0.18 -84.35 -21.85
C GLY FA 239 -0.25 -85.78 -22.13
N LEU FA 240 -0.72 -86.43 -21.08
CA LEU FA 240 -1.19 -87.82 -21.17
C LEU FA 240 -2.69 -87.90 -20.91
N ALA FA 241 -3.35 -88.74 -21.69
CA ALA FA 241 -4.80 -88.95 -21.60
C ALA FA 241 -5.10 -90.25 -20.83
N LEU FA 242 -6.31 -90.35 -20.33
CA LEU FA 242 -6.72 -91.51 -19.49
C LEU FA 242 -7.36 -92.61 -20.34
N PRO FA 243 -8.82 -92.79 -20.21
CA PRO FA 243 -9.33 -94.04 -20.68
C PRO FA 243 -9.37 -94.01 -22.21
N ARG FA 244 -9.28 -95.17 -22.81
CA ARG FA 244 -9.42 -95.31 -24.27
C ARG FA 244 -10.89 -95.09 -24.69
N PHE FA 245 -11.20 -95.45 -25.92
CA PHE FA 245 -12.57 -95.35 -26.45
C PHE FA 245 -12.73 -96.28 -27.66
N LEU FA 246 -13.94 -96.74 -27.86
CA LEU FA 246 -14.29 -97.66 -28.95
C LEU FA 246 -14.02 -97.04 -30.33
N LEU FA 247 -13.52 -97.88 -31.21
CA LEU FA 247 -13.30 -97.51 -32.62
C LEU FA 247 -14.30 -98.19 -33.55
N ARG FA 248 -14.67 -99.42 -33.17
CA ARG FA 248 -15.54 -100.25 -34.00
C ARG FA 248 -16.64 -100.92 -33.17
N LEU FA 249 -17.82 -100.90 -33.76
CA LEU FA 249 -18.97 -101.65 -33.24
C LEU FA 249 -18.82 -103.11 -33.71
N PRO FA 250 -18.95 -104.05 -32.78
CA PRO FA 250 -18.79 -105.51 -33.03
C PRO FA 250 -19.66 -105.93 -34.22
N TYR FA 251 -19.14 -106.86 -35.02
CA TYR FA 251 -19.82 -107.37 -36.23
C TYR FA 251 -21.17 -108.03 -35.91
N GLY FA 252 -22.17 -107.69 -36.71
CA GLY FA 252 -23.55 -108.18 -36.47
C GLY FA 252 -24.33 -108.12 -37.78
N GLU FA 253 -25.15 -109.14 -37.96
CA GLU FA 253 -25.99 -109.30 -39.16
C GLU FA 253 -26.84 -108.05 -39.48
N LYS FA 254 -27.19 -107.32 -38.42
CA LYS FA 254 -28.01 -106.11 -38.55
C LYS FA 254 -27.19 -104.81 -38.43
N THR FA 255 -26.49 -104.67 -37.32
CA THR FA 255 -25.75 -103.44 -37.00
C THR FA 255 -24.47 -103.22 -37.83
N VAL FA 256 -23.76 -104.31 -38.11
CA VAL FA 256 -22.50 -104.27 -38.89
C VAL FA 256 -22.25 -105.58 -39.65
N PRO FA 257 -23.02 -105.75 -40.70
CA PRO FA 257 -23.02 -106.96 -41.54
C PRO FA 257 -21.78 -107.03 -42.44
N VAL FA 258 -21.43 -108.25 -42.77
CA VAL FA 258 -20.36 -108.58 -43.74
C VAL FA 258 -20.96 -109.36 -44.91
N LYS FA 259 -20.22 -109.45 -46.00
CA LYS FA 259 -20.68 -110.15 -47.21
C LYS FA 259 -20.56 -111.67 -47.06
N ALA FA 260 -21.46 -112.38 -47.75
CA ALA FA 260 -21.49 -113.85 -47.82
C ALA FA 260 -21.63 -114.52 -46.45
N PHE FA 261 -20.49 -114.69 -45.78
CA PHE FA 261 -20.38 -115.30 -44.45
C PHE FA 261 -21.27 -114.56 -43.43
N ASN FA 262 -22.15 -115.34 -42.82
CA ASN FA 262 -23.05 -114.79 -41.79
C ASN FA 262 -22.31 -114.72 -40.44
N PHE FA 263 -21.46 -113.72 -40.33
CA PHE FA 263 -20.62 -113.52 -39.15
C PHE FA 263 -21.31 -112.65 -38.10
N THR FA 264 -21.35 -113.18 -36.90
CA THR FA 264 -21.82 -112.46 -35.69
C THR FA 264 -20.72 -112.48 -34.64
N GLU FA 265 -19.99 -111.38 -34.54
CA GLU FA 265 -18.88 -111.30 -33.57
C GLU FA 265 -19.40 -111.51 -32.14
N ASP FA 266 -18.66 -112.35 -31.42
CA ASP FA 266 -19.03 -112.67 -30.03
C ASP FA 266 -17.99 -112.12 -29.05
N VAL FA 267 -18.27 -110.95 -28.52
CA VAL FA 267 -17.47 -110.35 -27.44
C VAL FA 267 -17.74 -111.14 -26.15
N VAL FA 268 -16.70 -111.74 -25.61
CA VAL FA 268 -16.77 -112.50 -24.33
C VAL FA 268 -16.96 -111.54 -23.13
N GLY FA 269 -16.63 -112.09 -21.94
CA GLY FA 269 -16.56 -111.38 -20.67
C GLY FA 269 -15.45 -110.31 -20.67
N HIS FA 270 -14.37 -110.60 -21.40
CA HIS FA 270 -13.24 -109.64 -21.55
C HIS FA 270 -13.61 -108.55 -22.55
N HIS FA 271 -13.73 -107.34 -22.03
CA HIS FA 271 -13.97 -106.14 -22.86
C HIS FA 271 -12.78 -105.80 -23.77
N GLU FA 272 -11.64 -106.45 -23.52
CA GLU FA 272 -10.44 -106.28 -24.37
C GLU FA 272 -10.67 -106.82 -25.80
N ARG FA 273 -11.75 -107.61 -25.94
CA ARG FA 273 -12.24 -108.05 -27.24
C ARG FA 273 -12.70 -106.88 -28.12
N TYR FA 274 -13.22 -105.83 -27.48
CA TYR FA 274 -13.56 -104.58 -28.18
C TYR FA 274 -12.31 -103.90 -28.72
N LEU FA 275 -12.47 -103.35 -29.92
CA LEU FA 275 -11.39 -102.58 -30.58
C LEU FA 275 -11.26 -101.18 -29.96
N TRP FA 276 -10.55 -101.11 -28.86
CA TRP FA 276 -10.26 -99.84 -28.16
C TRP FA 276 -9.22 -99.03 -28.95
N GLY FA 277 -9.37 -97.72 -28.88
CA GLY FA 277 -8.52 -96.76 -29.59
C GLY FA 277 -7.85 -95.77 -28.64
N HIS FA 278 -6.71 -95.27 -29.07
CA HIS FA 278 -5.92 -94.31 -28.28
C HIS FA 278 -6.62 -92.93 -28.26
N ALA FA 279 -7.05 -92.53 -27.06
CA ALA FA 279 -7.74 -91.24 -26.88
C ALA FA 279 -6.95 -90.01 -27.36
N SER FA 280 -5.62 -90.15 -27.43
CA SER FA 280 -4.73 -89.06 -27.87
C SER FA 280 -5.14 -88.49 -29.24
N VAL FA 281 -5.68 -89.36 -30.09
CA VAL FA 281 -6.20 -88.97 -31.41
C VAL FA 281 -7.42 -88.05 -31.31
N ALA FA 282 -8.30 -88.37 -30.34
CA ALA FA 282 -9.52 -87.59 -30.09
C ALA FA 282 -9.14 -86.17 -29.64
N LEU FA 283 -8.13 -86.10 -28.77
CA LEU FA 283 -7.59 -84.82 -28.32
C LEU FA 283 -6.93 -84.06 -29.49
N THR FA 284 -6.29 -84.81 -30.38
CA THR FA 284 -5.64 -84.21 -31.59
C THR FA 284 -6.72 -83.62 -32.49
N SER FA 285 -7.87 -84.19 -32.59
CA SER FA 285 -8.95 -83.62 -33.45
C SER FA 285 -9.49 -82.30 -32.86
N ARG FA 286 -9.40 -82.21 -31.54
CA ARG FA 286 -9.80 -80.99 -30.81
C ARG FA 286 -8.91 -79.81 -31.18
N VAL FA 287 -7.61 -80.09 -31.24
CA VAL FA 287 -6.60 -79.09 -31.64
C VAL FA 287 -6.84 -78.62 -33.09
N ALA FA 288 -7.18 -79.61 -33.94
CA ALA FA 288 -7.39 -79.36 -35.37
C ALA FA 288 -8.60 -78.47 -35.63
N ASP FA 289 -9.69 -78.73 -34.90
CA ASP FA 289 -10.93 -77.95 -35.06
C ASP FA 289 -10.78 -76.49 -34.65
N SER FA 290 -10.12 -76.30 -33.51
CA SER FA 290 -9.85 -74.94 -32.99
C SER FA 290 -9.01 -74.12 -33.98
N PHE FA 291 -8.01 -74.79 -34.56
CA PHE FA 291 -7.13 -74.19 -35.57
C PHE FA 291 -7.88 -73.92 -36.89
N ALA FA 292 -8.69 -74.89 -37.30
CA ALA FA 292 -9.45 -74.79 -38.56
C ALA FA 292 -10.38 -73.56 -38.55
N LYS FA 293 -10.94 -73.28 -37.38
CA LYS FA 293 -11.88 -72.15 -37.21
C LYS FA 293 -11.17 -70.81 -36.97
N PHE FA 294 -10.10 -70.82 -36.18
CA PHE FA 294 -9.47 -69.59 -35.68
C PHE FA 294 -8.01 -69.40 -35.98
N ARG FA 295 -7.33 -70.47 -36.35
CA ARG FA 295 -5.86 -70.52 -36.54
C ARG FA 295 -5.12 -70.43 -35.21
N TRP FA 296 -5.84 -70.74 -34.14
CA TRP FA 296 -5.30 -70.83 -32.77
C TRP FA 296 -5.90 -72.07 -32.11
N SER FA 297 -5.15 -72.63 -31.16
CA SER FA 297 -5.60 -73.84 -30.45
C SER FA 297 -5.79 -73.66 -28.91
N PRO FA 298 -6.73 -72.81 -28.50
CA PRO FA 298 -7.14 -72.74 -27.08
C PRO FA 298 -8.52 -73.34 -26.80
N ASN FA 299 -9.34 -73.52 -27.84
CA ASN FA 299 -10.74 -73.95 -27.67
C ASN FA 299 -10.86 -75.48 -27.75
N ILE FA 300 -10.45 -76.12 -26.67
CA ILE FA 300 -10.35 -77.59 -26.63
C ILE FA 300 -10.74 -78.20 -25.28
N ILE FA 301 -11.43 -77.43 -24.44
CA ILE FA 301 -11.68 -77.84 -23.03
C ILE FA 301 -13.13 -77.63 -22.55
N GLY FA 302 -14.09 -78.06 -23.35
CA GLY FA 302 -15.48 -77.83 -22.98
C GLY FA 302 -16.51 -78.50 -23.88
N PRO FA 303 -17.63 -78.87 -23.27
CA PRO FA 303 -18.80 -79.44 -23.97
C PRO FA 303 -19.31 -78.50 -25.08
N GLN FA 304 -19.19 -77.19 -24.82
CA GLN FA 304 -19.62 -76.14 -25.76
C GLN FA 304 -18.46 -75.38 -26.38
N SER FA 305 -17.33 -75.32 -25.65
CA SER FA 305 -16.16 -74.56 -26.10
C SER FA 305 -15.46 -75.17 -27.32
N GLY FA 306 -15.50 -76.51 -27.38
CA GLY FA 306 -14.95 -77.27 -28.52
C GLY FA 306 -14.01 -78.41 -28.10
N GLY FA 307 -14.18 -78.84 -26.84
CA GLY FA 307 -13.50 -80.03 -26.30
C GLY FA 307 -14.45 -81.24 -26.27
N ALA FA 308 -15.59 -81.10 -26.93
CA ALA FA 308 -16.59 -82.15 -27.06
C ALA FA 308 -16.25 -83.09 -28.23
N VAL FA 309 -16.32 -84.36 -27.95
CA VAL FA 309 -16.10 -85.44 -28.92
C VAL FA 309 -17.47 -86.02 -29.25
N GLU FA 310 -17.90 -85.79 -30.47
CA GLU FA 310 -19.25 -86.20 -30.90
C GLU FA 310 -19.18 -87.42 -31.81
N ASN FA 311 -20.27 -88.18 -31.77
CA ASN FA 311 -20.48 -89.36 -32.64
C ASN FA 311 -19.59 -90.55 -32.25
N LEU FA 312 -19.78 -91.00 -31.02
CA LEU FA 312 -19.10 -92.20 -30.52
C LEU FA 312 -19.89 -93.47 -30.86
N PRO FA 313 -19.18 -94.56 -31.14
CA PRO FA 313 -19.79 -95.88 -31.39
C PRO FA 313 -20.61 -96.31 -30.17
N LEU FA 314 -21.73 -96.96 -30.44
CA LEU FA 314 -22.63 -97.48 -29.39
C LEU FA 314 -22.82 -98.99 -29.64
N HIS FA 315 -23.14 -99.72 -28.57
CA HIS FA 315 -23.38 -101.17 -28.66
C HIS FA 315 -24.36 -101.67 -27.60
N GLN FA 316 -25.64 -101.72 -27.95
CA GLN FA 316 -26.69 -102.28 -27.08
C GLN FA 316 -26.63 -103.80 -27.08
N TYR FA 317 -26.65 -104.37 -25.90
CA TYR FA 317 -26.62 -105.83 -25.70
C TYR FA 317 -27.38 -106.19 -24.42
N GLU FA 318 -27.75 -107.45 -24.31
CA GLU FA 318 -28.54 -107.93 -23.17
C GLU FA 318 -27.73 -107.81 -21.87
N ALA FA 319 -28.44 -107.37 -20.85
CA ALA FA 319 -27.88 -107.27 -19.50
C ALA FA 319 -28.44 -108.40 -18.63
N MET FA 320 -29.01 -108.10 -17.48
CA MET FA 320 -29.66 -109.07 -16.58
C MET FA 320 -31.15 -109.28 -16.92
N GLY FA 321 -31.41 -109.39 -18.23
CA GLY FA 321 -32.80 -109.47 -18.74
C GLY FA 321 -33.25 -108.16 -19.40
N GLU FA 322 -32.47 -107.12 -19.20
CA GLU FA 322 -32.69 -105.77 -19.77
C GLU FA 322 -31.68 -105.55 -20.89
N ILE FA 323 -31.59 -104.32 -21.35
CA ILE FA 323 -30.62 -103.91 -22.38
C ILE FA 323 -29.78 -102.76 -21.85
N GLN FA 324 -28.53 -102.75 -22.26
CA GLN FA 324 -27.58 -101.68 -21.95
C GLN FA 324 -26.56 -101.56 -23.09
N THR FA 325 -25.97 -100.39 -23.19
CA THR FA 325 -24.94 -100.13 -24.21
C THR FA 325 -23.58 -100.13 -23.56
N LYS FA 326 -22.63 -100.75 -24.23
CA LYS FA 326 -21.22 -100.66 -23.84
C LYS FA 326 -20.80 -99.20 -23.92
N ILE FA 327 -20.36 -98.68 -22.80
CA ILE FA 327 -19.89 -97.28 -22.70
C ILE FA 327 -18.72 -97.10 -23.68
N PRO FA 328 -18.78 -96.05 -24.51
CA PRO FA 328 -17.75 -95.68 -25.49
C PRO FA 328 -16.37 -95.58 -24.87
N THR FA 329 -16.32 -95.14 -23.63
CA THR FA 329 -15.09 -95.18 -22.81
C THR FA 329 -15.29 -96.32 -21.80
N GLU FA 330 -14.23 -96.93 -21.36
CA GLU FA 330 -14.25 -98.09 -20.44
C GLU FA 330 -15.20 -97.84 -19.26
N VAL FA 331 -15.16 -96.62 -18.73
CA VAL FA 331 -16.00 -96.22 -17.60
C VAL FA 331 -16.78 -94.93 -17.83
N MET FA 332 -17.75 -94.73 -16.96
CA MET FA 332 -18.53 -93.47 -16.88
C MET FA 332 -17.96 -92.65 -15.72
N LEU FA 333 -17.00 -91.82 -16.08
CA LEU FA 333 -16.29 -91.01 -15.11
C LEU FA 333 -17.24 -89.94 -14.48
N THR FA 334 -17.28 -89.95 -13.14
CA THR FA 334 -17.97 -88.95 -12.30
C THR FA 334 -17.19 -87.62 -12.26
N GLU FA 335 -17.89 -86.55 -11.90
CA GLU FA 335 -17.25 -85.22 -11.82
C GLU FA 335 -16.09 -85.21 -10.80
N ARG FA 336 -16.30 -85.90 -9.68
CA ARG FA 336 -15.30 -85.96 -8.61
C ARG FA 336 -14.06 -86.74 -9.07
N ARG FA 337 -14.28 -87.83 -9.77
CA ARG FA 337 -13.16 -88.64 -10.25
C ARG FA 337 -12.37 -87.95 -11.37
N GLU FA 338 -13.09 -87.21 -12.22
CA GLU FA 338 -12.47 -86.40 -13.28
C GLU FA 338 -11.56 -85.35 -12.66
N PHE FA 339 -12.09 -84.70 -11.63
CA PHE FA 339 -11.38 -83.62 -10.93
C PHE FA 339 -10.11 -84.16 -10.26
N GLU FA 340 -10.20 -85.38 -9.73
CA GLU FA 340 -9.06 -86.06 -9.09
C GLU FA 340 -7.95 -86.31 -10.12
N LEU FA 341 -8.36 -86.82 -11.28
CA LEU FA 341 -7.44 -87.04 -12.41
C LEU FA 341 -6.79 -85.77 -12.93
N SER FA 342 -7.58 -84.69 -12.92
CA SER FA 342 -7.10 -83.36 -13.33
C SER FA 342 -6.02 -82.84 -12.38
N GLU FA 343 -6.21 -83.13 -11.09
CA GLU FA 343 -5.25 -82.77 -10.03
C GLU FA 343 -3.91 -83.53 -10.18
N GLU FA 344 -4.02 -84.73 -10.74
CA GLU FA 344 -2.85 -85.59 -10.99
C GLU FA 344 -2.28 -85.46 -12.42
N GLY FA 345 -2.71 -84.38 -13.09
CA GLY FA 345 -2.20 -83.98 -14.41
C GLY FA 345 -2.52 -84.98 -15.53
N PHE FA 346 -3.69 -85.60 -15.45
CA PHE FA 346 -4.20 -86.45 -16.53
C PHE FA 346 -5.32 -85.75 -17.29
N ILE FA 347 -5.42 -86.09 -18.55
CA ILE FA 347 -6.47 -85.55 -19.45
C ILE FA 347 -7.51 -86.65 -19.64
N GLY FA 348 -8.54 -86.59 -18.81
CA GLY FA 348 -9.62 -87.59 -18.80
C GLY FA 348 -10.76 -87.20 -19.74
N LEU FA 349 -10.96 -88.03 -20.75
CA LEU FA 349 -12.11 -87.92 -21.65
C LEU FA 349 -13.33 -88.54 -20.98
N VAL FA 350 -14.18 -87.70 -20.43
CA VAL FA 350 -15.39 -88.17 -19.74
C VAL FA 350 -16.51 -88.46 -20.74
N PHE FA 351 -17.32 -89.44 -20.40
CA PHE FA 351 -18.48 -89.82 -21.21
C PHE FA 351 -19.75 -89.17 -20.66
N ARG FA 352 -20.50 -88.56 -21.57
CA ARG FA 352 -21.80 -87.95 -21.26
C ARG FA 352 -22.83 -89.08 -21.15
N LYS FA 353 -23.29 -89.30 -19.93
CA LYS FA 353 -24.19 -90.43 -19.60
C LYS FA 353 -25.40 -90.45 -20.55
N ASP FA 354 -25.67 -91.65 -21.06
CA ASP FA 354 -26.84 -91.93 -21.93
C ASP FA 354 -26.76 -91.28 -23.33
N SER FA 355 -25.56 -90.93 -23.77
CA SER FA 355 -25.41 -90.34 -25.11
C SER FA 355 -24.28 -91.03 -25.87
N ASP FA 356 -23.83 -90.44 -26.95
CA ASP FA 356 -22.66 -90.87 -27.73
C ASP FA 356 -21.62 -89.72 -27.78
N ASN FA 357 -21.66 -88.88 -26.77
CA ASN FA 357 -20.79 -87.70 -26.67
C ASN FA 357 -19.91 -87.79 -25.42
N ALA FA 358 -18.67 -87.40 -25.61
CA ALA FA 358 -17.67 -87.28 -24.53
C ALA FA 358 -17.05 -85.88 -24.56
N ALA FA 359 -16.46 -85.45 -23.46
CA ALA FA 359 -15.83 -84.12 -23.40
C ALA FA 359 -14.53 -84.10 -22.58
N PHE FA 360 -13.64 -83.23 -22.99
CA PHE FA 360 -12.40 -82.91 -22.25
C PHE FA 360 -12.65 -81.64 -21.44
N PHE FA 361 -12.94 -81.82 -20.15
CA PHE FA 361 -13.18 -80.69 -19.24
C PHE FA 361 -11.97 -79.77 -19.04
N SER FA 362 -10.78 -80.33 -19.15
CA SER FA 362 -9.53 -79.55 -19.06
C SER FA 362 -8.34 -80.33 -19.65
N ALA FA 363 -7.33 -79.57 -20.04
CA ALA FA 363 -6.09 -80.12 -20.63
C ALA FA 363 -4.86 -79.65 -19.84
N ASN FA 364 -4.82 -80.02 -18.56
CA ASN FA 364 -3.63 -79.75 -17.73
C ASN FA 364 -2.47 -80.60 -18.23
N SER FA 365 -1.29 -80.02 -18.21
CA SER FA 365 -0.07 -80.77 -18.58
C SER FA 365 0.34 -81.67 -17.40
N THR FA 366 1.42 -82.41 -17.59
CA THR FA 366 1.97 -83.23 -16.50
C THR FA 366 2.48 -82.37 -15.34
N GLN FA 367 3.00 -81.19 -15.65
CA GLN FA 367 3.64 -80.32 -14.64
C GLN FA 367 2.69 -80.02 -13.47
N LYS FA 368 3.26 -80.16 -12.29
CA LYS FA 368 2.58 -79.88 -11.02
C LYS FA 368 2.80 -78.40 -10.65
N PRO FA 369 1.72 -77.67 -10.35
CA PRO FA 369 1.78 -76.26 -9.94
C PRO FA 369 2.60 -76.09 -8.65
N ARG FA 370 3.31 -74.98 -8.58
CA ARG FA 370 4.11 -74.61 -7.40
C ARG FA 370 3.29 -73.70 -6.49
N PHE FA 371 3.51 -73.85 -5.19
CA PHE FA 371 2.84 -73.02 -4.18
C PHE FA 371 3.80 -71.92 -3.70
N PHE FA 372 3.27 -70.74 -3.56
CA PHE FA 372 4.01 -69.55 -3.11
C PHE FA 372 3.36 -68.95 -1.86
N GLY FA 373 4.13 -68.11 -1.16
CA GLY FA 373 3.64 -67.40 0.04
C GLY FA 373 2.36 -66.63 -0.28
N ASN FA 374 1.43 -66.65 0.67
CA ASN FA 374 0.12 -66.00 0.50
C ASN FA 374 0.19 -64.48 0.68
N THR FA 375 0.85 -63.85 -0.27
CA THR FA 375 1.01 -62.40 -0.31
C THR FA 375 0.58 -61.90 -1.71
N PRO FA 376 0.46 -60.59 -1.92
CA PRO FA 376 0.06 -60.04 -3.23
C PRO FA 376 0.98 -60.52 -4.37
N GLU FA 377 2.29 -60.47 -4.09
CA GLU FA 377 3.31 -60.92 -5.04
C GLU FA 377 3.34 -62.44 -5.19
N GLY FA 378 3.16 -63.13 -4.05
CA GLY FA 378 3.19 -64.61 -4.00
C GLY FA 378 2.04 -65.25 -4.79
N LYS FA 379 0.86 -64.63 -4.69
CA LYS FA 379 -0.34 -65.11 -5.38
C LYS FA 379 -0.29 -64.81 -6.88
N ALA FA 380 0.38 -63.70 -7.23
CA ALA FA 380 0.66 -63.33 -8.62
C ALA FA 380 1.61 -64.34 -9.27
N ALA FA 381 2.57 -64.82 -8.47
CA ALA FA 381 3.54 -65.85 -8.90
C ALA FA 381 2.84 -67.18 -9.19
N GLU FA 382 1.88 -67.51 -8.33
CA GLU FA 382 1.07 -68.71 -8.47
C GLU FA 382 0.19 -68.65 -9.73
N THR FA 383 -0.45 -67.50 -9.94
CA THR FA 383 -1.29 -67.24 -11.13
C THR FA 383 -0.48 -67.46 -12.41
N ASN FA 384 0.71 -66.87 -12.44
CA ASN FA 384 1.59 -66.94 -13.62
C ASN FA 384 2.08 -68.37 -13.89
N TYR FA 385 2.42 -69.07 -12.81
CA TYR FA 385 2.95 -70.44 -12.92
C TYR FA 385 1.87 -71.42 -13.38
N ARG FA 386 0.66 -71.23 -12.88
CA ARG FA 386 -0.49 -72.08 -13.23
C ARG FA 386 -0.91 -71.93 -14.70
N LEU FA 387 -0.78 -70.72 -15.22
CA LEU FA 387 -1.04 -70.48 -16.66
C LEU FA 387 -0.11 -71.30 -17.55
N GLY FA 388 1.15 -71.39 -17.06
CA GLY FA 388 2.20 -72.18 -17.71
C GLY FA 388 1.89 -73.68 -17.71
N THR FA 389 1.24 -74.15 -16.64
CA THR FA 389 0.95 -75.58 -16.45
C THR FA 389 -0.19 -76.12 -17.33
N GLN FA 390 -0.95 -75.21 -17.95
CA GLN FA 390 -2.12 -75.60 -18.74
C GLN FA 390 -1.87 -75.43 -20.24
N LEU FA 391 -2.16 -76.50 -20.96
CA LEU FA 391 -2.00 -76.57 -22.42
C LEU FA 391 -2.81 -75.54 -23.23
N PRO FA 392 -4.06 -75.22 -22.85
CA PRO FA 392 -4.87 -74.20 -23.54
C PRO FA 392 -4.18 -72.84 -23.67
N TYR FA 393 -3.23 -72.55 -22.77
CA TYR FA 393 -2.46 -71.29 -22.79
C TYR FA 393 -1.08 -71.45 -23.42
N MET FA 394 -0.48 -72.61 -23.20
CA MET FA 394 0.83 -72.95 -23.80
C MET FA 394 0.74 -73.02 -25.33
N PHE FA 395 -0.41 -73.35 -25.85
CA PHE FA 395 -0.62 -73.41 -27.31
C PHE FA 395 -0.51 -72.02 -27.94
N ILE FA 396 -0.93 -71.04 -27.16
CA ILE FA 396 -0.83 -69.62 -27.56
C ILE FA 396 0.65 -69.22 -27.66
N MET FA 397 1.40 -69.53 -26.62
CA MET FA 397 2.83 -69.19 -26.61
C MET FA 397 3.61 -69.95 -27.70
N THR FA 398 3.20 -71.18 -27.97
CA THR FA 398 3.84 -72.03 -28.98
C THR FA 398 3.72 -71.39 -30.37
N ARG FA 399 2.51 -70.94 -30.70
CA ARG FA 399 2.25 -70.29 -32.00
C ARG FA 399 2.97 -68.95 -32.12
N LEU FA 400 3.03 -68.23 -30.99
CA LEU FA 400 3.77 -66.97 -30.91
C LEU FA 400 5.27 -67.16 -31.16
N ALA FA 401 5.80 -68.24 -30.58
CA ALA FA 401 7.20 -68.64 -30.75
C ALA FA 401 7.51 -69.00 -32.21
N HIS FA 402 6.55 -69.66 -32.85
CA HIS FA 402 6.69 -70.03 -34.27
C HIS FA 402 6.65 -68.83 -35.22
N TYR FA 403 5.79 -67.88 -34.90
CA TYR FA 403 5.67 -66.65 -35.71
C TYR FA 403 6.89 -65.75 -35.58
N ILE FA 404 7.42 -65.67 -34.37
CA ILE FA 404 8.60 -64.83 -34.06
C ILE FA 404 9.84 -65.36 -34.81
N LYS FA 405 10.03 -66.69 -34.75
CA LYS FA 405 11.17 -67.35 -35.37
C LYS FA 405 11.20 -67.08 -36.89
N VAL FA 406 10.05 -67.30 -37.52
CA VAL FA 406 9.90 -67.12 -38.97
C VAL FA 406 10.07 -65.65 -39.37
N LEU FA 407 9.16 -64.82 -38.85
CA LEU FA 407 9.09 -63.40 -39.24
C LEU FA 407 10.36 -62.60 -38.92
N GLN FA 408 11.04 -62.98 -37.85
CA GLN FA 408 12.29 -62.32 -37.44
C GLN FA 408 13.48 -62.62 -38.35
N ARG FA 409 13.52 -63.85 -38.88
CA ARG FA 409 14.59 -64.23 -39.83
C ARG FA 409 14.55 -63.41 -41.12
N GLU FA 410 13.32 -63.03 -41.50
CA GLU FA 410 13.09 -62.14 -42.65
C GLU FA 410 13.66 -60.73 -42.44
N GLN FA 411 13.73 -60.33 -41.18
CA GLN FA 411 14.17 -58.99 -40.78
C GLN FA 411 15.68 -58.88 -40.59
N ILE FA 412 16.37 -60.01 -40.45
CA ILE FA 412 17.84 -60.00 -40.27
C ILE FA 412 18.50 -59.27 -41.45
N GLY FA 413 19.39 -58.33 -41.08
CA GLY FA 413 20.12 -57.52 -42.06
C GLY FA 413 19.55 -56.11 -42.21
N SER FA 414 18.32 -55.91 -41.75
CA SER FA 414 17.66 -54.59 -41.79
C SER FA 414 18.29 -53.62 -40.78
N TRP FA 415 18.18 -52.34 -41.09
CA TRP FA 415 18.68 -51.25 -40.22
C TRP FA 415 17.77 -51.07 -39.01
N LYS FA 416 18.00 -51.87 -37.97
CA LYS FA 416 17.18 -51.79 -36.75
C LYS FA 416 18.01 -51.36 -35.55
N GLU FA 417 17.61 -50.24 -34.98
CA GLU FA 417 18.11 -49.76 -33.68
C GLU FA 417 17.20 -50.32 -32.58
N LYS FA 418 17.60 -50.20 -31.33
CA LYS FA 418 16.85 -50.79 -30.19
C LYS FA 418 15.34 -50.44 -30.19
N SER FA 419 15.06 -49.14 -30.27
CA SER FA 419 13.69 -48.61 -30.26
C SER FA 419 12.91 -48.95 -31.53
N ASP FA 420 13.63 -49.29 -32.60
CA ASP FA 420 13.00 -49.77 -33.85
C ASP FA 420 12.29 -51.12 -33.65
N LEU FA 421 12.94 -51.98 -32.87
CA LEU FA 421 12.37 -53.29 -32.51
C LEU FA 421 11.16 -53.16 -31.59
N GLU FA 422 11.24 -52.23 -30.65
CA GLU FA 422 10.12 -51.99 -29.72
C GLU FA 422 8.88 -51.48 -30.47
N ARG FA 423 9.12 -50.58 -31.42
CA ARG FA 423 8.04 -49.99 -32.23
C ARG FA 423 7.36 -51.05 -33.09
N GLU FA 424 8.17 -51.80 -33.83
CA GLU FA 424 7.65 -52.81 -34.78
C GLU FA 424 7.05 -54.02 -34.07
N LEU FA 425 7.74 -54.52 -33.05
CA LEU FA 425 7.24 -55.65 -32.23
C LEU FA 425 5.92 -55.33 -31.54
N ASN FA 426 5.76 -54.08 -31.12
CA ASN FA 426 4.50 -53.63 -30.51
C ASN FA 426 3.34 -53.62 -31.51
N HIS FA 427 3.63 -53.08 -32.70
CA HIS FA 427 2.63 -53.02 -33.77
C HIS FA 427 2.23 -54.43 -34.25
N TRP FA 428 3.18 -55.35 -34.18
CA TRP FA 428 2.96 -56.74 -34.59
C TRP FA 428 2.05 -57.48 -33.60
N LEU FA 429 2.40 -57.40 -32.33
CA LEU FA 429 1.68 -58.19 -31.31
C LEU FA 429 0.22 -57.74 -31.19
N SER FA 430 -0.01 -56.44 -31.40
CA SER FA 430 -1.36 -55.87 -31.39
C SER FA 430 -2.34 -56.62 -32.33
N GLN FA 431 -1.76 -57.25 -33.34
CA GLN FA 431 -2.53 -58.04 -34.32
C GLN FA 431 -3.41 -59.13 -33.67
N TYR FA 432 -2.94 -59.68 -32.54
CA TYR FA 432 -3.65 -60.76 -31.85
C TYR FA 432 -4.23 -60.34 -30.49
N ILE FA 433 -4.46 -59.05 -30.32
CA ILE FA 433 -4.98 -58.51 -29.05
C ILE FA 433 -6.41 -58.03 -29.24
N SER FA 434 -7.24 -58.41 -28.28
CA SER FA 434 -8.64 -57.96 -28.19
C SER FA 434 -8.85 -57.33 -26.82
N ASP FA 435 -8.57 -56.06 -26.74
CA ASP FA 435 -8.58 -55.30 -25.47
C ASP FA 435 -9.84 -54.42 -25.34
N MET FA 436 -10.96 -54.96 -25.80
CA MET FA 436 -12.23 -54.24 -25.71
C MET FA 436 -12.90 -54.53 -24.37
N ASP FA 437 -13.86 -53.68 -24.03
CA ASP FA 437 -14.64 -53.82 -22.77
C ASP FA 437 -15.28 -55.21 -22.62
N ASP FA 438 -15.78 -55.73 -23.74
CA ASP FA 438 -16.48 -57.02 -23.79
C ASP FA 438 -16.56 -57.52 -25.24
N PRO FA 439 -15.53 -58.17 -25.69
CA PRO FA 439 -15.46 -58.84 -27.01
C PRO FA 439 -16.47 -59.96 -27.03
N ALA FA 440 -17.02 -60.18 -28.23
CA ALA FA 440 -18.00 -61.26 -28.38
C ALA FA 440 -17.38 -62.59 -27.87
N PRO FA 441 -18.14 -63.28 -27.03
CA PRO FA 441 -17.67 -64.52 -26.37
C PRO FA 441 -17.30 -65.54 -27.44
N ALA FA 442 -16.15 -66.20 -27.25
CA ALA FA 442 -15.59 -67.15 -28.23
C ALA FA 442 -15.21 -66.45 -29.56
N VAL FA 443 -14.86 -65.18 -29.46
CA VAL FA 443 -14.43 -64.35 -30.61
C VAL FA 443 -13.04 -63.78 -30.31
N ARG FA 444 -12.90 -63.36 -29.05
CA ARG FA 444 -11.72 -63.62 -28.20
C ARG FA 444 -10.91 -64.84 -28.64
N SER FA 445 -11.59 -65.81 -29.25
CA SER FA 445 -10.96 -66.99 -29.81
C SER FA 445 -9.90 -66.71 -30.89
N ARG FA 446 -10.26 -65.93 -31.92
CA ARG FA 446 -9.28 -65.56 -32.96
C ARG FA 446 -8.20 -64.59 -32.45
N ARG FA 447 -8.55 -63.82 -31.42
CA ARG FA 447 -7.60 -62.91 -30.73
C ARG FA 447 -7.46 -63.31 -29.26
N PRO FA 448 -6.62 -64.31 -29.01
CA PRO FA 448 -6.47 -64.96 -27.69
C PRO FA 448 -5.94 -64.03 -26.57
N LEU FA 449 -5.19 -63.00 -26.95
CA LEU FA 449 -4.55 -62.10 -26.00
C LEU FA 449 -5.43 -60.89 -25.66
N ARG FA 450 -5.29 -60.47 -24.41
CA ARG FA 450 -5.99 -59.27 -23.90
C ARG FA 450 -5.02 -58.09 -23.77
N ALA FA 451 -3.84 -58.38 -23.24
CA ALA FA 451 -2.77 -57.39 -23.09
C ALA FA 451 -1.41 -58.04 -23.40
N ALA FA 452 -0.45 -57.20 -23.71
CA ALA FA 452 0.94 -57.63 -23.90
C ALA FA 452 1.92 -56.49 -23.81
N ARG FA 453 3.09 -56.85 -23.31
CA ARG FA 453 4.18 -55.90 -23.07
C ARG FA 453 5.48 -56.41 -23.66
N VAL FA 454 6.17 -55.49 -24.32
CA VAL FA 454 7.48 -55.77 -24.94
C VAL FA 454 8.51 -54.74 -24.47
N VAL FA 455 9.64 -55.25 -24.05
CA VAL FA 455 10.85 -54.45 -23.75
C VAL FA 455 12.04 -55.00 -24.55
N VAL FA 456 12.83 -54.10 -25.06
CA VAL FA 456 14.04 -54.47 -25.83
C VAL FA 456 15.25 -53.75 -25.25
N GLU FA 457 16.27 -54.51 -24.97
CA GLU FA 457 17.56 -53.95 -24.51
C GLU FA 457 18.66 -54.37 -25.48
N ASP FA 458 19.85 -53.85 -25.24
CA ASP FA 458 21.01 -54.13 -26.10
C ASP FA 458 21.93 -55.15 -25.43
N VAL FA 459 22.43 -56.07 -26.23
CA VAL FA 459 23.49 -56.99 -25.79
C VAL FA 459 24.80 -56.20 -25.81
N GLU FA 460 25.20 -55.73 -24.64
CA GLU FA 460 26.38 -54.86 -24.51
C GLU FA 460 27.65 -55.60 -25.00
N GLY FA 461 28.41 -54.83 -25.79
CA GLY FA 461 29.65 -55.34 -26.43
C GLY FA 461 29.36 -56.30 -27.59
N GLN FA 462 28.15 -56.21 -28.14
CA GLN FA 462 27.74 -56.98 -29.33
C GLN FA 462 26.70 -56.17 -30.13
N PRO FA 463 27.20 -55.24 -30.95
CA PRO FA 463 26.35 -54.32 -31.73
C PRO FA 463 25.55 -55.10 -32.79
N GLY FA 464 24.25 -54.82 -32.81
CA GLY FA 464 23.33 -55.49 -33.75
C GLY FA 464 22.48 -56.58 -33.08
N TRP FA 465 22.88 -56.96 -31.86
CA TRP FA 465 22.17 -57.99 -31.09
C TRP FA 465 21.37 -57.35 -29.95
N TYR FA 466 20.20 -57.91 -29.74
CA TYR FA 466 19.23 -57.38 -28.76
C TYR FA 466 18.68 -58.48 -27.85
N ARG FA 467 18.23 -58.04 -26.69
CA ARG FA 467 17.55 -58.91 -25.70
C ARG FA 467 16.10 -58.45 -25.53
N CYS FA 468 15.19 -59.30 -25.97
CA CYS FA 468 13.76 -58.95 -25.99
C CYS FA 468 12.97 -59.76 -24.97
N SER FA 469 12.08 -59.07 -24.29
CA SER FA 469 11.15 -59.69 -23.33
C SER FA 469 9.71 -59.44 -23.75
N LEU FA 470 9.01 -60.55 -23.91
CA LEU FA 470 7.59 -60.55 -24.29
C LEU FA 470 6.73 -61.24 -23.24
N GLN FA 471 5.84 -60.46 -22.64
CA GLN FA 471 4.89 -60.94 -21.63
C GLN FA 471 3.46 -60.66 -22.08
N VAL FA 472 2.62 -61.67 -21.94
CA VAL FA 472 1.22 -61.59 -22.44
C VAL FA 472 0.20 -62.01 -21.37
N ARG FA 473 -0.97 -61.41 -21.47
CA ARG FA 473 -2.11 -61.69 -20.59
C ARG FA 473 -3.26 -62.22 -21.47
N PRO FA 474 -3.40 -63.53 -21.55
CA PRO FA 474 -4.45 -64.20 -22.34
C PRO FA 474 -5.82 -64.05 -21.67
N HIS FA 475 -6.88 -64.14 -22.45
CA HIS FA 475 -8.24 -64.23 -21.89
C HIS FA 475 -8.37 -65.52 -21.08
N PHE FA 476 -9.14 -65.48 -20.01
CA PHE FA 476 -9.26 -66.64 -19.10
C PHE FA 476 -10.41 -67.55 -19.46
N LYS FA 477 -10.10 -68.85 -19.38
CA LYS FA 477 -11.11 -69.90 -19.51
C LYS FA 477 -11.85 -70.09 -18.20
N TYR FA 478 -13.15 -70.30 -18.31
CA TYR FA 478 -14.02 -70.63 -17.17
C TYR FA 478 -13.81 -72.10 -16.79
N MET FA 479 -13.20 -72.33 -15.62
CA MET FA 479 -12.77 -73.69 -15.25
C MET FA 479 -13.18 -74.13 -13.84
N GLY FA 480 -14.31 -73.58 -13.35
CA GLY FA 480 -14.83 -73.94 -12.02
C GLY FA 480 -15.20 -72.72 -11.18
N ALA FA 481 -16.04 -72.97 -10.21
CA ALA FA 481 -16.63 -71.92 -9.34
C ALA FA 481 -17.36 -72.55 -8.15
N SER FA 482 -17.39 -71.82 -7.06
CA SER FA 482 -18.13 -72.20 -5.84
C SER FA 482 -19.32 -71.28 -5.65
N PHE FA 483 -20.44 -71.86 -5.30
CA PHE FA 483 -21.71 -71.13 -5.11
C PHE FA 483 -22.19 -71.23 -3.66
N THR FA 484 -22.64 -70.10 -3.16
CA THR FA 484 -23.26 -69.97 -1.83
C THR FA 484 -24.71 -69.52 -1.97
N LEU FA 485 -25.62 -70.43 -1.71
CA LEU FA 485 -27.07 -70.13 -1.80
C LEU FA 485 -27.58 -69.68 -0.44
N SER FA 486 -28.53 -68.75 -0.46
CA SER FA 486 -29.09 -68.20 0.78
C SER FA 486 -30.46 -67.56 0.55
N LEU FA 487 -31.42 -68.05 1.33
CA LEU FA 487 -32.72 -67.39 1.47
C LEU FA 487 -32.56 -66.14 2.32
N VAL FA 488 -33.33 -65.12 2.03
CA VAL FA 488 -33.20 -63.81 2.71
C VAL FA 488 -34.51 -63.03 2.59
N GLY FA 489 -34.83 -62.38 3.71
CA GLY FA 489 -35.94 -61.41 3.77
C GLY FA 489 -35.35 -60.01 3.72
N LYS FA 490 -36.09 -59.05 3.25
CA LYS FA 490 -35.72 -57.61 3.14
C LYS FA 490 -34.48 -57.38 2.24
N LEU FA 491 -34.27 -58.30 1.30
CA LEU FA 491 -33.19 -58.14 0.30
C LEU FA 491 -33.52 -56.91 -0.55
N ASP FA 492 -32.49 -56.15 -0.90
CA ASP FA 492 -32.68 -55.02 -1.84
C ASP FA 492 -33.22 -55.59 -3.16
N LYS FA 493 -34.27 -54.98 -3.66
CA LYS FA 493 -34.99 -55.49 -4.85
C LYS FA 493 -34.13 -55.47 -6.14
N LEU GA 30 -33.93 -67.63 28.78
CA LEU GA 30 -33.82 -68.20 30.13
C LEU GA 30 -35.17 -68.20 30.82
N PRO GA 31 -35.64 -69.39 31.20
CA PRO GA 31 -36.88 -69.58 31.98
C PRO GA 31 -36.76 -68.81 33.30
N LEU GA 32 -37.93 -68.55 33.89
CA LEU GA 32 -37.99 -68.01 35.25
C LEU GA 32 -38.35 -69.14 36.21
N LYS GA 33 -37.32 -69.67 36.86
CA LYS GA 33 -37.51 -70.79 37.79
C LYS GA 33 -37.42 -70.29 39.23
N VAL GA 34 -38.44 -70.68 39.98
CA VAL GA 34 -38.53 -70.37 41.42
C VAL GA 34 -38.35 -71.67 42.21
N LEU GA 35 -37.80 -71.50 43.41
CA LEU GA 35 -37.60 -72.60 44.35
C LEU GA 35 -38.41 -72.35 45.62
N MET GA 36 -39.43 -73.18 45.80
CA MET GA 36 -40.29 -73.12 46.99
C MET GA 36 -39.76 -74.09 48.06
N LEU GA 37 -39.22 -73.50 49.11
CA LEU GA 37 -38.65 -74.27 50.21
C LEU GA 37 -39.55 -74.09 51.43
N GLY GA 38 -39.87 -75.23 52.06
CA GLY GA 38 -40.80 -75.25 53.18
C GLY GA 38 -41.06 -76.67 53.70
N ASP GA 39 -41.74 -76.71 54.84
CA ASP GA 39 -42.08 -77.97 55.52
C ASP GA 39 -43.40 -78.54 54.97
N PHE GA 40 -43.25 -79.26 53.85
CA PHE GA 40 -44.40 -79.88 53.16
C PHE GA 40 -44.87 -81.21 53.76
N THR GA 41 -44.10 -81.75 54.69
CA THR GA 41 -44.43 -83.02 55.35
C THR GA 41 -44.63 -82.79 56.85
N GLY GA 42 -45.23 -83.79 57.50
CA GLY GA 42 -45.50 -83.78 58.95
C GLY GA 42 -44.26 -84.02 59.81
N GLN GA 43 -43.13 -84.32 59.17
CA GLN GA 43 -41.88 -84.69 59.87
C GLN GA 43 -40.64 -84.31 59.04
N GLU GA 44 -39.54 -84.09 59.75
CA GLU GA 44 -38.21 -83.91 59.13
C GLU GA 44 -37.74 -85.23 58.50
N ASP GA 45 -36.93 -85.10 57.46
CA ASP GA 45 -36.33 -86.27 56.80
C ASP GA 45 -34.94 -86.55 57.39
N ALA GA 46 -34.62 -87.83 57.47
CA ALA GA 46 -33.27 -88.33 57.84
C ALA GA 46 -32.21 -88.00 56.78
N ARG GA 47 -32.63 -87.97 55.52
CA ARG GA 47 -31.75 -87.66 54.39
C ARG GA 47 -31.18 -86.24 54.52
N PRO GA 48 -29.86 -86.10 54.34
CA PRO GA 48 -29.18 -84.79 54.35
C PRO GA 48 -29.79 -83.87 53.29
N LEU GA 49 -29.73 -82.57 53.57
CA LEU GA 49 -30.26 -81.54 52.66
C LEU GA 49 -29.67 -81.61 51.25
N GLU GA 50 -28.37 -81.84 51.20
CA GLU GA 50 -27.65 -81.97 49.92
C GLU GA 50 -28.04 -83.22 49.11
N GLN GA 51 -28.59 -84.21 49.82
CA GLN GA 51 -28.94 -85.50 49.22
C GLN GA 51 -30.41 -85.52 48.74
N ARG GA 52 -31.32 -85.02 49.56
CA ARG GA 52 -32.74 -84.92 49.16
C ARG GA 52 -32.84 -84.06 47.90
N ALA GA 53 -33.73 -84.48 47.03
CA ALA GA 53 -33.85 -83.85 45.71
C ALA GA 53 -35.07 -82.94 45.59
N PRO GA 54 -34.97 -81.91 44.73
CA PRO GA 54 -36.10 -81.03 44.37
C PRO GA 54 -37.08 -81.74 43.43
N ILE GA 55 -38.32 -81.31 43.49
CA ILE GA 55 -39.41 -81.87 42.64
C ILE GA 55 -39.97 -80.77 41.73
N ASN GA 56 -39.98 -81.06 40.44
CA ASN GA 56 -40.58 -80.13 39.45
C ASN GA 56 -42.11 -80.27 39.47
N VAL GA 57 -42.79 -79.15 39.68
CA VAL GA 57 -44.25 -79.11 39.77
C VAL GA 57 -44.83 -78.22 38.66
N ASP GA 58 -45.96 -78.66 38.13
CA ASP GA 58 -46.75 -77.88 37.17
C ASP GA 58 -48.24 -78.28 37.27
N LYS GA 59 -49.08 -77.56 36.53
CA LYS GA 59 -50.54 -77.78 36.52
C LYS GA 59 -50.97 -79.21 36.13
N ALA GA 60 -50.16 -79.88 35.32
CA ALA GA 60 -50.50 -81.21 34.77
C ALA GA 60 -49.99 -82.40 35.59
N ASN GA 61 -49.50 -82.14 36.80
CA ASN GA 61 -48.94 -83.20 37.68
C ASN GA 61 -48.93 -82.82 39.16
N PHE GA 62 -49.61 -81.72 39.51
CA PHE GA 62 -49.62 -81.23 40.90
C PHE GA 62 -50.10 -82.32 41.87
N ASN GA 63 -51.24 -82.92 41.54
CA ASN GA 63 -51.82 -84.00 42.35
C ASN GA 63 -50.90 -85.24 42.43
N GLU GA 64 -50.24 -85.53 41.31
CA GLU GA 64 -49.35 -86.68 41.17
C GLU GA 64 -48.17 -86.50 42.12
N VAL GA 65 -47.73 -85.25 42.24
CA VAL GA 65 -46.64 -84.87 43.15
C VAL GA 65 -47.04 -85.12 44.61
N MET GA 66 -48.27 -84.76 44.97
CA MET GA 66 -48.76 -84.98 46.35
C MET GA 66 -48.83 -86.46 46.69
N ALA GA 67 -49.35 -87.23 45.73
CA ALA GA 67 -49.49 -88.70 45.84
C ALA GA 67 -48.12 -89.37 46.05
N GLN GA 68 -47.14 -88.93 45.27
CA GLN GA 68 -45.76 -89.46 45.34
C GLN GA 68 -45.02 -89.00 46.61
N GLN GA 69 -45.33 -87.77 47.06
CA GLN GA 69 -44.71 -87.20 48.26
C GLN GA 69 -45.11 -87.98 49.52
N ASN GA 70 -46.36 -88.48 49.51
CA ASN GA 70 -46.92 -89.28 50.61
C ASN GA 70 -46.98 -88.45 51.90
N LEU GA 71 -48.17 -87.94 52.16
CA LEU GA 71 -48.40 -87.11 53.35
C LEU GA 71 -49.10 -87.92 54.44
N LYS GA 72 -48.71 -87.63 55.68
CA LYS GA 72 -49.27 -88.31 56.86
C LYS GA 72 -49.19 -87.40 58.09
N VAL GA 73 -50.28 -87.42 58.84
CA VAL GA 73 -50.39 -86.68 60.11
C VAL GA 73 -50.82 -87.61 61.25
N THR GA 74 -49.92 -87.72 62.21
CA THR GA 74 -50.20 -88.43 63.47
C THR GA 74 -50.29 -87.34 64.55
N LEU GA 75 -51.51 -87.13 65.01
CA LEU GA 75 -51.80 -86.04 65.95
C LEU GA 75 -52.98 -86.42 66.85
N THR GA 76 -52.98 -85.78 68.00
CA THR GA 76 -54.03 -85.96 69.01
C THR GA 76 -54.81 -84.66 69.20
N ALA GA 77 -56.13 -84.80 69.18
CA ALA GA 77 -57.09 -83.70 69.42
C ALA GA 77 -57.99 -84.06 70.60
N ALA GA 78 -58.56 -83.03 71.23
CA ALA GA 78 -59.55 -83.22 72.30
C ALA GA 78 -60.74 -84.03 71.78
N ASP GA 79 -61.05 -85.09 72.53
CA ASP GA 79 -62.19 -85.96 72.20
C ASP GA 79 -63.48 -85.29 72.70
N LYS GA 80 -64.22 -84.71 71.77
CA LYS GA 80 -65.47 -84.02 72.12
C LYS GA 80 -66.72 -84.85 71.77
N LEU GA 81 -66.51 -86.15 71.61
CA LEU GA 81 -67.60 -87.11 71.40
C LEU GA 81 -68.21 -87.60 72.72
N SER GA 82 -67.57 -87.20 73.80
CA SER GA 82 -68.02 -87.50 75.17
C SER GA 82 -67.98 -86.20 76.03
N ALA GA 83 -68.12 -86.38 77.33
CA ALA GA 83 -68.08 -85.30 78.34
C ALA GA 83 -66.94 -85.48 79.35
N ASP GA 84 -65.79 -85.92 78.84
CA ASP GA 84 -64.61 -86.14 79.70
C ASP GA 84 -63.43 -85.28 79.20
N PRO GA 85 -62.91 -84.40 80.08
CA PRO GA 85 -61.72 -83.57 79.80
C PRO GA 85 -60.43 -84.38 79.56
N ASN GA 86 -60.36 -85.57 80.17
CA ASN GA 86 -59.23 -86.50 80.01
C ASN GA 86 -59.29 -87.35 78.74
N ALA GA 87 -60.44 -87.34 78.07
CA ALA GA 87 -60.64 -88.05 76.80
C ALA GA 87 -59.93 -87.33 75.64
N THR GA 88 -59.05 -88.07 75.02
CA THR GA 88 -58.29 -87.59 73.87
C THR GA 88 -58.41 -88.54 72.68
N MET GA 89 -58.35 -87.98 71.47
CA MET GA 89 -58.44 -88.78 70.24
C MET GA 89 -57.19 -88.61 69.39
N ASN GA 90 -56.55 -89.74 69.10
CA ASN GA 90 -55.39 -89.76 68.21
C ASN GA 90 -55.80 -90.32 66.84
N VAL GA 91 -55.44 -89.55 65.82
CA VAL GA 91 -55.77 -89.84 64.41
C VAL GA 91 -54.49 -90.00 63.59
N SER GA 92 -54.61 -90.79 62.52
CA SER GA 92 -53.51 -90.99 61.56
C SER GA 92 -54.02 -90.72 60.13
N LEU GA 93 -54.04 -89.44 59.77
CA LEU GA 93 -54.55 -89.05 58.44
C LEU GA 93 -53.45 -89.18 57.37
N GLN GA 94 -53.92 -89.53 56.17
CA GLN GA 94 -53.07 -89.73 54.99
C GLN GA 94 -53.68 -88.95 53.82
N PHE GA 95 -52.80 -88.31 53.07
CA PHE GA 95 -53.24 -87.47 51.93
C PHE GA 95 -52.50 -87.88 50.66
N LYS GA 96 -53.26 -87.90 49.59
CA LYS GA 96 -52.77 -88.18 48.22
C LYS GA 96 -52.98 -86.96 47.31
N ASN GA 97 -54.05 -86.23 47.57
CA ASN GA 97 -54.40 -84.99 46.86
C ASN GA 97 -55.07 -84.01 47.84
N LEU GA 98 -55.30 -82.79 47.35
CA LEU GA 98 -55.96 -81.73 48.13
C LEU GA 98 -57.39 -82.06 48.56
N ASN GA 99 -58.05 -82.89 47.76
CA ASN GA 99 -59.41 -83.38 48.07
C ASN GA 99 -59.43 -84.16 49.41
N ASP GA 100 -58.30 -84.73 49.78
CA ASP GA 100 -58.15 -85.49 51.03
C ASP GA 100 -58.09 -84.63 52.29
N PHE GA 101 -58.14 -83.31 52.14
CA PHE GA 101 -58.22 -82.39 53.28
C PHE GA 101 -59.67 -81.97 53.59
N SER GA 102 -60.59 -82.41 52.74
CA SER GA 102 -62.02 -82.14 52.94
C SER GA 102 -62.55 -82.94 54.14
N PRO GA 103 -63.51 -82.37 54.88
CA PRO GA 103 -64.15 -83.05 56.04
C PRO GA 103 -64.66 -84.46 55.71
N GLU GA 104 -65.07 -84.65 54.46
CA GLU GA 104 -65.54 -85.96 53.96
C GLU GA 104 -64.44 -87.04 54.03
N SER GA 105 -63.20 -86.66 53.71
CA SER GA 105 -62.07 -87.60 53.76
C SER GA 105 -61.56 -87.76 55.20
N VAL GA 106 -61.65 -86.68 55.98
CA VAL GA 106 -61.25 -86.68 57.41
C VAL GA 106 -62.10 -87.71 58.18
N VAL GA 107 -63.41 -87.67 57.95
CA VAL GA 107 -64.36 -88.62 58.56
C VAL GA 107 -64.04 -90.06 58.16
N ASN GA 108 -63.75 -90.26 56.88
CA ASN GA 108 -63.48 -91.59 56.32
C ASN GA 108 -62.23 -92.24 56.91
N GLN GA 109 -61.29 -91.39 57.35
CA GLN GA 109 -60.03 -91.88 57.94
C GLN GA 109 -60.03 -91.86 59.47
N VAL GA 110 -61.17 -91.49 60.04
CA VAL GA 110 -61.34 -91.45 61.50
C VAL GA 110 -62.54 -92.33 61.87
N PRO GA 111 -62.28 -93.59 62.26
CA PRO GA 111 -63.32 -94.59 62.61
C PRO GA 111 -64.36 -94.07 63.63
N GLU GA 112 -63.89 -93.27 64.57
CA GLU GA 112 -64.71 -92.65 65.63
C GLU GA 112 -65.75 -91.67 65.07
N LEU GA 113 -65.50 -91.17 63.87
CA LEU GA 113 -66.43 -90.32 63.12
C LEU GA 113 -67.11 -91.06 61.97
N LYS GA 114 -66.36 -91.97 61.33
CA LYS GA 114 -66.84 -92.77 60.20
C LYS GA 114 -68.07 -93.61 60.60
N LYS GA 115 -67.99 -94.22 61.79
CA LYS GA 115 -69.11 -95.00 62.35
C LYS GA 115 -70.34 -94.13 62.65
N LEU GA 116 -70.09 -92.89 63.06
CA LEU GA 116 -71.15 -91.89 63.30
C LEU GA 116 -71.83 -91.43 62.02
N LEU GA 117 -71.05 -91.38 60.94
CA LEU GA 117 -71.57 -91.05 59.60
C LEU GA 117 -72.40 -92.22 59.06
N GLU GA 118 -71.94 -93.44 59.33
CA GLU GA 118 -72.68 -94.66 58.97
C GLU GA 118 -74.00 -94.73 59.73
N LEU GA 119 -73.94 -94.32 61.00
CA LEU GA 119 -75.13 -94.18 61.87
C LEU GA 119 -76.10 -93.15 61.30
N ARG GA 120 -75.55 -92.00 60.90
CA ARG GA 120 -76.32 -90.92 60.30
C ARG GA 120 -77.12 -91.46 59.11
N SER GA 121 -76.44 -92.16 58.21
CA SER GA 121 -77.05 -92.74 56.99
C SER GA 121 -78.13 -93.78 57.33
N ALA GA 122 -77.88 -94.55 58.38
CA ALA GA 122 -78.86 -95.54 58.90
C ALA GA 122 -80.13 -94.87 59.46
N LEU GA 123 -79.95 -93.78 60.10
CA LEU GA 123 -81.12 -93.13 60.71
C LEU GA 123 -81.92 -92.35 59.66
N ASN GA 124 -81.24 -91.73 58.69
CA ASN GA 124 -81.94 -90.99 57.64
C ASN GA 124 -82.74 -91.98 56.77
N ALA GA 125 -82.14 -93.15 56.46
CA ALA GA 125 -82.78 -94.22 55.68
C ALA GA 125 -84.03 -94.69 56.41
N LEU GA 126 -83.92 -94.99 57.71
CA LEU GA 126 -85.03 -95.41 58.54
C LEU GA 126 -86.14 -94.34 58.57
N LYS GA 127 -85.76 -93.07 58.89
CA LYS GA 127 -86.74 -91.97 58.98
C LYS GA 127 -87.42 -91.65 57.66
N GLY GA 128 -86.73 -91.88 56.51
CA GLY GA 128 -87.34 -91.67 55.19
C GLY GA 128 -88.05 -92.93 54.70
N PRO GA 129 -88.14 -93.97 55.56
CA PRO GA 129 -88.78 -95.26 55.29
C PRO GA 129 -88.15 -96.06 54.13
N LEU GA 130 -86.84 -95.86 53.88
CA LEU GA 130 -86.14 -96.52 52.78
C LEU GA 130 -85.74 -97.96 53.10
N GLY GA 131 -85.76 -98.33 54.39
CA GLY GA 131 -85.51 -99.72 54.78
C GLY GA 131 -86.43 -100.11 55.91
N ASN GA 132 -86.72 -101.41 56.05
CA ASN GA 132 -87.58 -101.89 57.12
C ASN GA 132 -86.78 -102.08 58.41
N LEU GA 133 -87.48 -102.32 59.53
CA LEU GA 133 -86.88 -102.49 60.86
C LEU GA 133 -85.87 -103.62 60.95
N PRO GA 134 -86.12 -104.76 60.27
CA PRO GA 134 -85.20 -105.91 60.30
C PRO GA 134 -83.83 -105.54 59.68
N ALA GA 135 -83.82 -104.82 58.53
CA ALA GA 135 -82.59 -104.39 57.86
C ALA GA 135 -81.89 -103.36 58.75
N PHE GA 136 -82.66 -102.37 59.26
CA PHE GA 136 -82.15 -101.35 60.16
C PHE GA 136 -81.36 -102.00 61.31
N ARG GA 137 -81.98 -102.98 62.04
CA ARG GA 137 -81.31 -103.61 63.20
C ARG GA 137 -80.06 -104.39 62.79
N LYS GA 138 -80.08 -105.03 61.60
CA LYS GA 138 -78.93 -105.80 61.08
C LYS GA 138 -77.76 -104.84 60.78
N LYS GA 139 -78.06 -103.70 60.12
CA LYS GA 139 -77.05 -102.70 59.81
C LYS GA 139 -76.54 -102.00 61.06
N LEU GA 140 -77.38 -101.82 62.05
CA LEU GA 140 -76.98 -101.15 63.23
C LEU GA 140 -75.94 -101.95 63.95
N GLN GA 141 -76.17 -103.24 64.06
CA GLN GA 141 -75.23 -104.09 64.73
C GLN GA 141 -73.88 -104.12 64.02
N ALA GA 142 -73.86 -104.07 62.71
CA ALA GA 142 -72.64 -103.97 61.93
C ALA GA 142 -71.83 -102.69 62.22
N LEU GA 143 -72.49 -101.56 62.23
CA LEU GA 143 -71.89 -100.32 62.59
C LEU GA 143 -71.25 -100.39 63.99
N LEU GA 144 -71.97 -100.87 64.98
CA LEU GA 144 -71.51 -100.79 66.36
C LEU GA 144 -70.56 -101.92 66.77
N ALA GA 145 -70.38 -102.86 65.88
CA ALA GA 145 -69.50 -104.00 66.06
C ALA GA 145 -68.00 -103.57 66.03
N ASP GA 146 -67.64 -102.44 65.38
CA ASP GA 146 -66.25 -101.97 65.27
C ASP GA 146 -65.53 -102.00 66.63
N GLU GA 147 -64.50 -102.85 66.78
CA GLU GA 147 -63.84 -102.96 68.10
C GLU GA 147 -63.03 -101.74 68.53
N ASP GA 148 -62.74 -100.82 67.60
CA ASP GA 148 -61.98 -99.60 67.87
C ASP GA 148 -62.86 -98.52 68.53
N GLY GA 149 -64.21 -98.72 68.57
CA GLY GA 149 -65.13 -97.77 69.18
C GLY GA 149 -65.14 -97.87 70.68
N ARG GA 150 -65.39 -96.74 71.36
CA ARG GA 150 -65.53 -96.79 72.81
C ARG GA 150 -66.98 -97.23 73.12
N LYS GA 151 -67.22 -97.85 74.28
CA LYS GA 151 -68.58 -98.26 74.63
C LYS GA 151 -69.42 -96.99 74.92
N ALA GA 152 -68.76 -95.91 75.38
CA ALA GA 152 -69.42 -94.62 75.64
C ALA GA 152 -70.00 -94.10 74.32
N LEU GA 153 -69.20 -94.12 73.24
CA LEU GA 153 -69.72 -93.71 71.93
C LEU GA 153 -70.86 -94.62 71.44
N ILE GA 154 -70.71 -95.96 71.58
CA ILE GA 154 -71.76 -96.91 71.15
C ILE GA 154 -73.10 -96.56 71.81
N LYS GA 155 -73.09 -96.25 73.13
CA LYS GA 155 -74.24 -95.84 73.95
C LYS GA 155 -74.92 -94.58 73.43
N GLU GA 156 -74.14 -93.54 73.09
CA GLU GA 156 -74.62 -92.27 72.51
C GLU GA 156 -75.22 -92.53 71.12
N LEU GA 157 -74.63 -93.47 70.36
CA LEU GA 157 -75.15 -93.84 69.03
C LEU GA 157 -76.50 -94.58 69.14
N GLY GA 158 -76.59 -95.57 70.06
CA GLY GA 158 -77.82 -96.34 70.33
C GLY GA 158 -78.93 -95.45 70.91
N LEU GA 159 -78.57 -94.37 71.64
CA LEU GA 159 -79.54 -93.41 72.20
C LEU GA 159 -80.25 -92.58 71.14
N THR GA 160 -79.72 -92.56 69.91
CA THR GA 160 -80.31 -91.84 68.79
C THR GA 160 -81.36 -92.68 68.07
N GLU GA 161 -81.43 -93.99 68.36
CA GLU GA 161 -82.40 -94.88 67.71
C GLU GA 161 -83.84 -94.62 68.19
N GLU GA 162 -84.82 -94.33 67.28
CA GLU GA 162 -86.22 -94.17 67.74
C GLU GA 162 -86.70 -95.48 68.38
N THR GA 163 -87.49 -95.37 69.45
CA THR GA 163 -88.02 -96.53 70.21
C THR GA 163 -88.70 -97.58 69.34
N LYS GA 164 -89.47 -97.16 68.33
CA LYS GA 164 -90.20 -98.07 67.43
C LYS GA 164 -89.30 -98.90 66.49
N ASP HA 63 -93.60 -88.92 63.99
CA ASP HA 63 -92.49 -89.78 64.47
C ASP HA 63 -91.13 -89.41 63.84
N LYS HA 64 -91.16 -89.16 62.54
CA LYS HA 64 -89.97 -88.82 61.73
C LYS HA 64 -89.31 -87.53 62.25
N ALA HA 65 -90.15 -86.64 62.77
CA ALA HA 65 -89.67 -85.37 63.35
C ALA HA 65 -88.66 -85.60 64.49
N LEU HA 66 -88.93 -86.62 65.30
CA LEU HA 66 -88.02 -87.05 66.38
C LEU HA 66 -86.73 -87.67 65.84
N VAL HA 67 -86.87 -88.45 64.76
CA VAL HA 67 -85.73 -89.06 64.05
C VAL HA 67 -84.83 -87.96 63.46
N ASP HA 68 -85.44 -86.92 62.92
CA ASP HA 68 -84.71 -85.77 62.37
C ASP HA 68 -83.94 -85.02 63.45
N ALA HA 69 -84.57 -84.92 64.64
CA ALA HA 69 -83.95 -84.32 65.82
C ALA HA 69 -82.72 -85.11 66.28
N MET HA 70 -82.81 -86.43 66.13
CA MET HA 70 -81.69 -87.34 66.43
C MET HA 70 -80.53 -87.09 65.45
N ILE HA 71 -80.89 -86.85 64.19
CA ILE HA 71 -79.90 -86.49 63.13
C ILE HA 71 -79.25 -85.12 63.41
N ALA HA 72 -80.04 -84.21 63.92
CA ALA HA 72 -79.55 -82.86 64.24
C ALA HA 72 -78.49 -82.91 65.36
N GLU HA 73 -78.80 -83.69 66.40
CA GLU HA 73 -77.90 -83.88 67.55
C GLU HA 73 -76.68 -84.72 67.21
N ILE HA 74 -76.87 -85.70 66.34
CA ILE HA 74 -75.76 -86.56 65.87
C ILE HA 74 -74.71 -85.73 65.11
N ASP HA 75 -75.21 -84.91 64.16
CA ASP HA 75 -74.34 -84.05 63.34
C ASP HA 75 -73.72 -82.94 64.17
N LYS HA 76 -74.47 -82.48 65.16
CA LYS HA 76 -73.99 -81.48 66.12
C LYS HA 76 -72.73 -82.01 66.85
N ARG HA 77 -72.81 -83.25 67.31
CA ARG HA 77 -71.68 -83.89 68.02
C ARG HA 77 -70.52 -84.18 67.07
N LEU HA 78 -70.85 -84.68 65.88
CA LEU HA 78 -69.85 -85.03 64.86
C LEU HA 78 -69.09 -83.77 64.42
N SER HA 79 -69.83 -82.67 64.25
CA SER HA 79 -69.27 -81.35 63.86
C SER HA 79 -68.37 -80.75 64.95
N SER HA 80 -68.70 -81.03 66.18
CA SER HA 80 -67.90 -80.56 67.33
C SER HA 80 -66.52 -81.20 67.32
N GLN HA 81 -66.50 -82.48 66.92
CA GLN HA 81 -65.24 -83.24 66.82
C GLN HA 81 -64.47 -82.86 65.57
N VAL HA 82 -65.13 -82.73 64.48
CA VAL HA 82 -64.51 -82.38 63.18
C VAL HA 82 -63.83 -81.00 63.23
N ASN HA 83 -64.40 -80.09 64.02
CA ASN HA 83 -63.80 -78.75 64.25
C ASN HA 83 -62.40 -78.88 64.87
N GLU HA 84 -62.25 -79.86 65.76
CA GLU HA 84 -60.98 -80.11 66.45
C GLU HA 84 -59.84 -80.52 65.51
N ILE HA 85 -60.18 -81.37 64.54
CA ILE HA 85 -59.19 -81.82 63.52
C ILE HA 85 -58.89 -80.69 62.54
N LEU HA 86 -59.95 -80.05 62.06
CA LEU HA 86 -59.83 -78.97 61.07
C LEU HA 86 -59.12 -77.73 61.63
N HIS HA 87 -59.22 -77.55 62.93
CA HIS HA 87 -58.57 -76.42 63.62
C HIS HA 87 -57.31 -76.83 64.37
N ALA HA 88 -56.84 -78.04 64.10
CA ALA HA 88 -55.57 -78.52 64.64
C ALA HA 88 -54.43 -77.79 63.93
N LYS HA 89 -53.49 -77.29 64.73
CA LYS HA 89 -52.34 -76.53 64.21
C LYS HA 89 -51.43 -77.35 63.28
N GLU HA 90 -51.26 -78.63 63.64
CA GLU HA 90 -50.50 -79.60 62.83
C GLU HA 90 -51.22 -79.85 61.50
N PHE HA 91 -52.53 -80.00 61.57
CA PHE HA 91 -53.33 -80.24 60.36
C PHE HA 91 -53.30 -79.04 59.40
N GLN HA 92 -53.49 -77.85 59.98
CA GLN HA 92 -53.51 -76.61 59.21
C GLN HA 92 -52.14 -76.29 58.60
N LYS HA 93 -51.06 -76.64 59.31
CA LYS HA 93 -49.71 -76.41 58.80
C LYS HA 93 -49.50 -77.21 57.50
N LEU HA 94 -49.98 -78.47 57.51
CA LEU HA 94 -49.88 -79.35 56.35
C LEU HA 94 -50.77 -78.82 55.21
N GLU HA 95 -52.04 -78.56 55.53
CA GLU HA 95 -53.01 -78.12 54.52
C GLU HA 95 -52.61 -76.79 53.88
N SER HA 96 -52.41 -75.78 54.71
CA SER HA 96 -52.04 -74.43 54.25
C SER HA 96 -50.79 -74.46 53.38
N SER HA 97 -49.85 -75.38 53.65
CA SER HA 97 -48.61 -75.51 52.85
C SER HA 97 -48.91 -75.94 51.41
N TRP HA 98 -49.70 -77.00 51.28
CA TRP HA 98 -50.06 -77.55 49.96
C TRP HA 98 -51.14 -76.73 49.22
N ARG HA 99 -52.11 -76.24 49.97
CA ARG HA 99 -53.18 -75.41 49.39
C ARG HA 99 -52.62 -74.08 48.88
N SER HA 100 -51.78 -73.45 49.69
CA SER HA 100 -51.08 -72.20 49.29
C SER HA 100 -50.15 -72.45 48.10
N LEU HA 101 -49.57 -73.65 48.04
CA LEU HA 101 -48.69 -74.05 46.93
C LEU HA 101 -49.46 -74.10 45.61
N LYS HA 102 -50.62 -74.75 45.62
CA LYS HA 102 -51.46 -74.85 44.42
C LYS HA 102 -51.99 -73.48 44.02
N PHE HA 103 -52.38 -72.70 45.02
CA PHE HA 103 -52.85 -71.32 44.81
C PHE HA 103 -51.81 -70.52 44.00
N MET HA 104 -50.54 -70.77 44.29
CA MET HA 104 -49.41 -70.23 43.51
C MET HA 104 -49.37 -70.84 42.12
N VAL HA 105 -49.23 -72.16 42.10
CA VAL HA 105 -49.00 -72.95 40.87
C VAL HA 105 -50.05 -72.65 39.80
N ASP HA 106 -51.32 -72.72 40.16
CA ASP HA 106 -52.40 -72.62 39.16
C ASP HA 106 -52.67 -71.18 38.67
N ARG HA 107 -51.97 -70.21 39.25
CA ARG HA 107 -52.05 -68.80 38.81
C ARG HA 107 -50.83 -68.40 37.97
N THR HA 108 -49.98 -69.38 37.69
CA THR HA 108 -48.82 -69.19 36.80
C THR HA 108 -49.19 -69.77 35.42
N ASP HA 109 -48.29 -69.57 34.47
CA ASP HA 109 -48.47 -70.11 33.13
C ASP HA 109 -47.17 -70.79 32.68
N PHE HA 110 -47.19 -72.10 32.75
CA PHE HA 110 -46.01 -72.93 32.40
C PHE HA 110 -45.64 -72.92 30.91
N ARG HA 111 -46.55 -72.41 30.09
CA ARG HA 111 -46.30 -72.24 28.65
C ARG HA 111 -45.43 -71.00 28.34
N GLU HA 112 -45.27 -70.14 29.36
CA GLU HA 112 -44.48 -68.91 29.24
C GLU HA 112 -43.07 -69.06 29.81
N ASN HA 113 -42.57 -70.30 29.82
CA ASN HA 113 -41.23 -70.62 30.33
C ASN HA 113 -41.09 -70.31 31.83
N THR HA 114 -42.13 -70.65 32.56
CA THR HA 114 -42.12 -70.50 34.04
C THR HA 114 -41.99 -71.90 34.64
N ARG HA 115 -41.11 -72.02 35.62
CA ARG HA 115 -40.85 -73.32 36.27
C ARG HA 115 -40.76 -73.13 37.78
N VAL HA 116 -41.13 -74.17 38.51
CA VAL HA 116 -41.07 -74.19 39.98
C VAL HA 116 -40.66 -75.58 40.46
N GLU HA 117 -39.81 -75.59 41.46
CA GLU HA 117 -39.38 -76.82 42.12
C GLU HA 117 -39.67 -76.74 43.62
N MET HA 118 -39.99 -77.88 44.20
CA MET HA 118 -40.25 -77.99 45.64
C MET HA 118 -39.06 -78.66 46.34
N LEU HA 119 -38.67 -78.06 47.45
CA LEU HA 119 -37.57 -78.58 48.28
C LEU HA 119 -37.98 -78.57 49.75
N ASN HA 120 -38.34 -79.74 50.23
CA ASN HA 120 -38.80 -79.92 51.62
C ASN HA 120 -37.68 -79.66 52.62
N ALA HA 121 -37.84 -78.60 53.39
CA ALA HA 121 -36.87 -78.21 54.43
C ALA HA 121 -37.54 -77.37 55.52
N SER HA 122 -37.25 -77.72 56.76
CA SER HA 122 -37.71 -76.95 57.94
C SER HA 122 -36.67 -75.87 58.27
N LYS HA 123 -37.09 -74.82 58.98
CA LYS HA 123 -36.13 -73.76 59.37
C LYS HA 123 -35.00 -74.31 60.26
N GLU HA 124 -35.39 -75.23 61.15
CA GLU HA 124 -34.45 -75.85 62.09
C GLU HA 124 -33.30 -76.55 61.34
N ASP HA 125 -33.64 -77.30 60.29
CA ASP HA 125 -32.64 -78.06 59.52
C ASP HA 125 -31.84 -77.16 58.56
N LEU HA 126 -32.42 -76.01 58.22
CA LEU HA 126 -31.72 -74.99 57.43
C LEU HA 126 -30.51 -74.47 58.21
N GLN HA 127 -30.78 -74.20 59.49
CA GLN HA 127 -29.74 -73.78 60.44
C GLN HA 127 -28.76 -74.91 60.71
N LYS HA 128 -29.29 -76.13 60.83
CA LYS HA 128 -28.47 -77.33 61.02
C LYS HA 128 -27.42 -77.45 59.91
N ASP HA 129 -27.86 -77.28 58.67
CA ASP HA 129 -26.99 -77.41 57.50
C ASP HA 129 -25.96 -76.28 57.40
N PHE HA 130 -26.47 -75.06 57.59
CA PHE HA 130 -25.61 -73.90 57.48
C PHE HA 130 -24.58 -73.76 58.61
N GLU HA 131 -24.96 -74.25 59.79
CA GLU HA 131 -24.06 -74.30 60.96
C GLU HA 131 -23.06 -75.46 60.84
N ASP HA 132 -23.56 -76.58 60.27
CA ASP HA 132 -22.74 -77.78 60.07
C ASP HA 132 -21.60 -77.52 59.07
N ALA HA 133 -21.98 -76.93 57.93
CA ALA HA 133 -21.03 -76.60 56.87
C ALA HA 133 -19.97 -75.60 57.38
N PRO HA 134 -18.73 -75.75 56.91
CA PRO HA 134 -17.63 -74.83 57.21
C PRO HA 134 -17.84 -73.45 56.58
N GLU HA 135 -18.47 -73.44 55.41
CA GLU HA 135 -18.77 -72.21 54.67
C GLU HA 135 -20.03 -72.41 53.83
N VAL HA 136 -20.65 -71.31 53.47
CA VAL HA 136 -21.89 -71.30 52.67
C VAL HA 136 -21.72 -72.01 51.30
N THR HA 137 -20.52 -71.91 50.74
CA THR HA 137 -20.24 -72.53 49.43
C THR HA 137 -20.34 -74.07 49.47
N LYS HA 138 -20.34 -74.62 50.68
CA LYS HA 138 -20.41 -76.07 50.90
C LYS HA 138 -21.74 -76.51 51.53
N SER HA 139 -22.66 -75.56 51.70
CA SER HA 139 -24.01 -75.88 52.20
C SER HA 139 -24.78 -76.68 51.15
N GLY HA 140 -25.72 -77.49 51.63
CA GLY HA 140 -26.58 -78.33 50.79
C GLY HA 140 -27.49 -77.48 49.88
N LEU HA 141 -28.01 -76.41 50.47
CA LEU HA 141 -28.87 -75.46 49.74
C LEU HA 141 -28.11 -74.72 48.64
N TYR HA 142 -26.89 -74.29 48.96
CA TYR HA 142 -26.00 -73.67 47.96
C TYR HA 142 -25.76 -74.61 46.79
N LYS HA 143 -25.60 -75.89 47.11
CA LYS HA 143 -25.29 -76.91 46.10
C LYS HA 143 -26.33 -76.96 44.99
N LEU HA 144 -27.63 -76.91 45.30
CA LEU HA 144 -28.61 -77.04 44.22
C LEU HA 144 -29.44 -75.78 43.96
N VAL HA 145 -28.98 -74.67 44.51
CA VAL HA 145 -29.41 -73.34 44.09
C VAL HA 145 -28.34 -72.82 43.10
N TYR HA 146 -27.12 -72.67 43.61
CA TYR HA 146 -26.00 -72.13 42.82
C TYR HA 146 -25.32 -73.20 41.95
N SER HA 147 -24.75 -74.20 42.61
CA SER HA 147 -23.83 -75.17 41.96
C SER HA 147 -24.48 -75.96 40.82
N ASN HA 148 -25.69 -76.46 41.07
CA ASN HA 148 -26.43 -77.26 40.07
C ASN HA 148 -27.19 -76.42 39.05
N GLU HA 149 -27.11 -75.09 39.20
CA GLU HA 149 -27.85 -74.17 38.32
C GLU HA 149 -26.97 -73.08 37.69
N TYR HA 150 -26.89 -71.94 38.37
CA TYR HA 150 -26.16 -70.76 37.88
C TYR HA 150 -24.69 -71.06 37.51
N GLY HA 151 -24.06 -71.91 38.33
CA GLY HA 151 -22.63 -72.23 38.16
C GLY HA 151 -22.39 -73.54 37.39
N VAL HA 152 -23.34 -73.92 36.54
CA VAL HA 152 -23.22 -75.14 35.73
C VAL HA 152 -23.41 -74.82 34.23
N PHE HA 153 -22.37 -75.11 33.48
CA PHE HA 153 -22.41 -75.03 32.01
C PHE HA 153 -23.49 -75.99 31.47
N GLY HA 154 -24.45 -75.40 30.75
CA GLY HA 154 -25.58 -76.18 30.18
C GLY HA 154 -26.84 -76.12 31.06
N GLY HA 155 -26.67 -75.66 32.31
CA GLY HA 155 -27.77 -75.55 33.26
C GLY HA 155 -28.55 -74.25 33.10
N LYS HA 156 -29.23 -73.90 34.18
CA LYS HA 156 -30.07 -72.69 34.24
C LYS HA 156 -30.04 -72.12 35.66
N PRO HA 157 -30.13 -70.80 35.81
CA PRO HA 157 -30.11 -70.13 37.12
C PRO HA 157 -31.51 -70.00 37.74
N TYR HA 158 -31.57 -70.22 39.05
CA TYR HA 158 -32.81 -70.02 39.83
C TYR HA 158 -33.16 -68.52 39.87
N GLY HA 159 -34.40 -68.25 39.46
CA GLY HA 159 -34.92 -66.87 39.38
C GLY HA 159 -35.02 -66.25 40.78
N ILE HA 160 -35.72 -66.96 41.67
CA ILE HA 160 -36.03 -66.50 43.03
C ILE HA 160 -36.33 -67.69 43.95
N ILE HA 161 -36.20 -67.47 45.23
CA ILE HA 161 -36.50 -68.50 46.27
C ILE HA 161 -37.63 -67.98 47.16
N SER HA 162 -38.67 -68.80 47.26
CA SER HA 162 -39.82 -68.50 48.11
C SER HA 162 -39.82 -69.46 49.30
N ALA HA 163 -39.64 -68.88 50.47
CA ALA HA 163 -39.65 -69.70 51.67
C ALA HA 163 -40.90 -69.50 52.48
N ASN HA 164 -41.48 -70.65 52.72
CA ASN HA 164 -42.75 -70.71 53.44
C ASN HA 164 -42.49 -70.72 54.96
N TYR HA 165 -42.04 -69.58 55.46
CA TYR HA 165 -41.67 -69.44 56.88
C TYR HA 165 -42.15 -68.10 57.43
N ASP HA 166 -42.34 -68.09 58.73
CA ASP HA 166 -42.56 -66.86 59.50
C ASP HA 166 -41.31 -66.59 60.34
N PHE HA 167 -40.87 -65.37 60.36
CA PHE HA 167 -39.66 -65.00 61.11
C PHE HA 167 -39.99 -64.11 62.29
N ASN HA 168 -39.33 -64.38 63.38
CA ASN HA 168 -39.40 -63.54 64.59
C ASN HA 168 -38.08 -62.75 64.71
N VAL HA 169 -37.91 -62.06 65.83
CA VAL HA 169 -36.64 -61.36 66.15
C VAL HA 169 -35.60 -62.27 66.82
N GLY HA 170 -36.00 -63.51 67.04
CA GLY HA 170 -35.18 -64.55 67.64
C GLY HA 170 -33.83 -64.65 66.92
N PRO HA 171 -32.79 -64.91 67.68
CA PRO HA 171 -31.43 -65.02 67.15
C PRO HA 171 -31.25 -66.10 66.07
N GLN HA 172 -31.90 -67.19 66.22
CA GLN HA 172 -31.90 -68.28 65.22
C GLN HA 172 -32.49 -67.80 63.88
N ASP HA 173 -33.60 -67.07 63.96
CA ASP HA 173 -34.28 -66.53 62.77
C ASP HA 173 -33.44 -65.47 62.06
N MET HA 174 -32.75 -64.69 62.86
CA MET HA 174 -31.88 -63.65 62.30
C MET HA 174 -30.65 -64.23 61.60
N GLU HA 175 -30.10 -65.29 62.20
CA GLU HA 175 -28.96 -66.00 61.62
C GLU HA 175 -29.35 -66.69 60.30
N LEU HA 176 -30.56 -67.22 60.28
CA LEU HA 176 -31.08 -67.89 59.07
C LEU HA 176 -31.23 -66.91 57.91
N LEU HA 177 -31.71 -65.71 58.23
CA LEU HA 177 -31.82 -64.62 57.27
C LEU HA 177 -30.46 -64.15 56.74
N ARG HA 178 -29.47 -64.20 57.63
CA ARG HA 178 -28.10 -63.81 57.25
C ARG HA 178 -27.53 -64.75 56.18
N LYS HA 179 -27.78 -66.04 56.38
CA LYS HA 179 -27.31 -67.07 55.44
C LYS HA 179 -28.05 -67.05 54.11
N CYS HA 180 -29.35 -66.78 54.19
CA CYS HA 180 -30.19 -66.68 52.98
C CYS HA 180 -29.85 -65.42 52.16
N ALA HA 181 -29.41 -64.38 52.87
CA ALA HA 181 -28.95 -63.14 52.21
C ALA HA 181 -27.65 -63.39 51.43
N SER HA 182 -26.77 -64.16 52.05
CA SER HA 182 -25.47 -64.52 51.44
C SER HA 182 -25.67 -65.39 50.19
N VAL HA 183 -26.56 -66.37 50.31
CA VAL HA 183 -26.87 -67.30 49.20
C VAL HA 183 -27.45 -66.55 47.99
N ALA HA 184 -28.44 -65.71 48.30
CA ALA HA 184 -29.17 -64.91 47.33
C ALA HA 184 -28.23 -63.95 46.59
N ALA HA 185 -27.28 -63.40 47.34
CA ALA HA 185 -26.26 -62.47 46.79
C ALA HA 185 -25.33 -63.16 45.80
N MET HA 186 -24.91 -64.38 46.17
CA MET HA 186 -23.97 -65.18 45.36
C MET HA 186 -24.61 -65.66 44.07
N ALA HA 187 -25.91 -65.95 44.14
CA ALA HA 187 -26.48 -66.34 42.86
C ALA HA 187 -27.53 -65.48 42.22
N HIS HA 188 -27.51 -64.28 42.77
CA HIS HA 188 -28.24 -63.13 42.23
C HIS HA 188 -29.73 -63.45 42.23
N ALA HA 189 -30.23 -64.05 43.28
CA ALA HA 189 -31.68 -64.23 43.36
C ALA HA 189 -32.21 -63.95 44.77
N PRO HA 190 -33.29 -63.18 44.82
CA PRO HA 190 -33.89 -62.73 46.09
C PRO HA 190 -34.54 -63.88 46.86
N PHE HA 191 -34.51 -63.75 48.16
CA PHE HA 191 -35.18 -64.67 49.09
C PHE HA 191 -36.37 -63.97 49.74
N ILE HA 192 -37.54 -64.49 49.47
CA ILE HA 192 -38.80 -63.91 49.97
C ILE HA 192 -39.44 -64.86 50.98
N GLY HA 193 -39.94 -64.25 52.05
CA GLY HA 193 -40.66 -64.97 53.12
C GLY HA 193 -41.63 -64.02 53.83
N ASN HA 194 -42.07 -64.43 55.00
CA ASN HA 194 -43.02 -63.64 55.79
C ASN HA 194 -42.53 -63.39 57.22
N ALA HA 195 -43.10 -62.38 57.84
CA ALA HA 195 -42.87 -62.04 59.25
C ALA HA 195 -44.04 -62.49 60.12
N ALA HA 196 -43.68 -62.95 61.32
CA ALA HA 196 -44.69 -63.41 62.29
C ALA HA 196 -45.29 -62.22 63.06
N PRO HA 197 -46.53 -62.30 63.57
CA PRO HA 197 -47.19 -61.22 64.32
C PRO HA 197 -46.40 -60.60 65.53
N GLU HA 198 -45.75 -61.63 66.25
CA GLU HA 198 -44.92 -61.34 67.43
C GLU HA 198 -43.68 -60.50 67.13
N VAL HA 199 -43.31 -60.40 65.83
CA VAL HA 199 -42.20 -59.53 65.42
C VAL HA 199 -42.45 -58.06 65.84
N PHE HA 200 -43.74 -57.70 65.88
CA PHE HA 200 -44.16 -56.34 66.24
C PHE HA 200 -44.63 -56.27 67.71
N GLY HA 201 -44.34 -57.36 68.45
CA GLY HA 201 -44.69 -57.50 69.86
C GLY HA 201 -46.21 -57.53 70.09
N GLU HA 202 -46.92 -58.09 69.12
CA GLU HA 202 -48.38 -58.26 69.22
C GLU HA 202 -48.76 -59.73 69.07
N GLU HA 203 -49.85 -60.12 69.69
CA GLU HA 203 -50.33 -61.50 69.68
C GLU HA 203 -50.68 -61.96 68.25
N SER HA 204 -51.37 -61.12 67.49
CA SER HA 204 -51.70 -61.41 66.08
C SER HA 204 -51.63 -60.09 65.30
N PHE HA 205 -51.75 -60.19 63.98
CA PHE HA 205 -51.78 -58.99 63.11
C PHE HA 205 -53.01 -58.10 63.32
N LEU HA 206 -54.01 -58.64 64.02
CA LEU HA 206 -55.25 -57.89 64.32
C LEU HA 206 -55.04 -56.70 65.28
N LYS HA 207 -53.86 -56.61 65.86
CA LYS HA 207 -53.54 -55.47 66.74
C LYS HA 207 -52.57 -54.47 66.10
N LEU HA 208 -52.37 -54.55 64.80
CA LEU HA 208 -51.55 -53.55 64.06
C LEU HA 208 -52.10 -52.12 64.19
N PRO HA 209 -53.43 -51.94 64.14
CA PRO HA 209 -54.08 -50.63 64.35
C PRO HA 209 -53.74 -50.00 65.71
N ASP HA 210 -53.43 -50.82 66.72
CA ASP HA 210 -53.09 -50.33 68.07
C ASP HA 210 -51.65 -49.80 68.19
N LEU HA 211 -50.79 -50.19 67.26
CA LEU HA 211 -49.40 -49.75 67.29
C LEU HA 211 -49.31 -48.28 66.87
N LYS HA 212 -48.88 -47.47 67.83
CA LYS HA 212 -48.80 -46.01 67.67
C LYS HA 212 -47.63 -45.54 66.78
N ASP HA 213 -46.51 -46.28 66.83
CA ASP HA 213 -45.30 -45.91 66.10
C ASP HA 213 -44.31 -47.09 66.00
N LEU HA 214 -44.25 -47.66 64.80
CA LEU HA 214 -43.33 -48.78 64.50
C LEU HA 214 -41.86 -48.38 64.57
N LYS HA 215 -41.56 -47.20 64.04
CA LYS HA 215 -40.19 -46.66 64.03
C LYS HA 215 -39.58 -46.62 65.43
N SER HA 216 -40.37 -46.15 66.39
CA SER HA 216 -39.95 -46.07 67.81
C SER HA 216 -39.88 -47.45 68.46
N LEU HA 217 -40.80 -48.32 68.05
CA LEU HA 217 -40.86 -49.70 68.55
C LEU HA 217 -39.56 -50.45 68.24
N PHE HA 218 -38.98 -50.21 67.07
CA PHE HA 218 -37.76 -50.89 66.63
C PHE HA 218 -36.47 -50.31 67.20
N GLU HA 219 -36.61 -49.38 68.14
CA GLU HA 219 -35.45 -48.80 68.82
C GLU HA 219 -35.00 -49.65 70.01
N GLY HA 220 -35.94 -50.50 70.45
CA GLY HA 220 -35.62 -51.31 71.60
C GLY HA 220 -34.42 -52.27 71.31
N PRO HA 221 -33.72 -52.61 72.38
CA PRO HA 221 -32.56 -53.55 72.36
C PRO HA 221 -32.92 -54.90 71.76
N GLN HA 222 -34.15 -55.30 71.87
CA GLN HA 222 -34.72 -56.55 71.31
C GLN HA 222 -34.43 -56.72 69.81
N TYR HA 223 -34.32 -55.60 69.10
CA TYR HA 223 -34.11 -55.62 67.63
C TYR HA 223 -32.69 -55.24 67.22
N ALA HA 224 -31.74 -55.42 68.13
CA ALA HA 224 -30.32 -55.08 67.89
C ALA HA 224 -29.76 -55.79 66.64
N ARG HA 225 -30.01 -57.11 66.57
CA ARG HA 225 -29.52 -57.92 65.46
C ARG HA 225 -30.24 -57.59 64.13
N TRP HA 226 -31.54 -57.34 64.23
CA TRP HA 226 -32.34 -56.99 63.04
C TRP HA 226 -31.88 -55.67 62.42
N HIS HA 227 -31.51 -54.74 63.30
CA HIS HA 227 -31.01 -53.42 62.90
C HIS HA 227 -29.66 -53.54 62.16
N SER HA 228 -28.81 -54.43 62.64
CA SER HA 228 -27.50 -54.67 62.00
C SER HA 228 -27.67 -55.37 60.65
N PHE HA 229 -28.69 -56.24 60.58
CA PHE HA 229 -29.02 -57.01 59.37
C PHE HA 229 -29.42 -56.08 58.22
N ARG HA 230 -30.19 -55.05 58.56
CA ARG HA 230 -30.66 -54.05 57.57
C ARG HA 230 -29.52 -53.19 56.98
N GLU HA 231 -28.39 -53.17 57.69
CA GLU HA 231 -27.22 -52.40 57.26
C GLU HA 231 -26.23 -53.19 56.38
N SER HA 232 -26.38 -54.51 56.38
CA SER HA 232 -25.52 -55.36 55.54
C SER HA 232 -25.81 -55.13 54.05
N GLU HA 233 -24.76 -55.22 53.25
CA GLU HA 233 -24.84 -55.15 51.78
C GLU HA 233 -25.59 -56.34 51.15
N ASP HA 234 -25.75 -57.40 51.94
CA ASP HA 234 -26.48 -58.61 51.51
C ASP HA 234 -28.00 -58.49 51.70
N ALA HA 235 -28.40 -57.50 52.49
CA ALA HA 235 -29.82 -57.25 52.80
C ALA HA 235 -30.67 -56.95 51.55
N ARG HA 236 -30.02 -56.52 50.47
CA ARG HA 236 -30.73 -56.30 49.19
C ARG HA 236 -31.45 -57.53 48.62
N TYR HA 237 -31.04 -58.71 49.07
CA TYR HA 237 -31.60 -59.97 48.56
C TYR HA 237 -32.56 -60.64 49.54
N VAL HA 238 -33.00 -59.88 50.52
CA VAL HA 238 -34.05 -60.34 51.45
C VAL HA 238 -35.28 -59.44 51.32
N GLY HA 239 -36.42 -60.10 51.39
CA GLY HA 239 -37.73 -59.44 51.33
C GLY HA 239 -38.74 -60.22 52.17
N LEU HA 240 -39.27 -59.56 53.17
CA LEU HA 240 -40.27 -60.14 54.07
C LEU HA 240 -41.61 -59.43 53.93
N ALA HA 241 -42.67 -60.22 53.95
CA ALA HA 241 -44.04 -59.72 53.82
C ALA HA 241 -44.73 -59.65 55.20
N LEU HA 242 -45.76 -58.86 55.29
CA LEU HA 242 -46.48 -58.63 56.58
C LEU HA 242 -47.64 -59.63 56.75
N PRO HA 243 -49.00 -59.08 56.62
CA PRO HA 243 -50.05 -59.89 57.17
C PRO HA 243 -50.31 -61.05 56.21
N ARG HA 244 -50.81 -62.13 56.76
CA ARG HA 244 -51.22 -63.30 55.96
C ARG HA 244 -52.51 -62.97 55.20
N PHE HA 245 -53.14 -64.00 54.66
CA PHE HA 245 -54.42 -63.86 53.94
C PHE HA 245 -55.13 -65.21 53.88
N LEU HA 246 -56.45 -65.15 53.83
CA LEU HA 246 -57.31 -66.35 53.79
C LEU HA 246 -57.04 -67.22 52.56
N LEU HA 247 -57.08 -68.51 52.79
CA LEU HA 247 -56.95 -69.52 51.71
C LEU HA 247 -58.29 -70.22 51.44
N ARG HA 248 -59.05 -70.39 52.51
CA ARG HA 248 -60.31 -71.15 52.45
C ARG HA 248 -61.44 -70.42 53.18
N LEU HA 249 -62.58 -70.43 52.53
CA LEU HA 249 -63.83 -69.98 53.15
C LEU HA 249 -64.38 -71.14 54.02
N PRO HA 250 -64.74 -70.84 55.26
CA PRO HA 250 -65.22 -71.82 56.25
C PRO HA 250 -66.36 -72.64 55.67
N TYR HA 251 -66.40 -73.93 56.02
CA TYR HA 251 -67.42 -74.87 55.52
C TYR HA 251 -68.83 -74.46 55.89
N GLY HA 252 -69.74 -74.55 54.92
CA GLY HA 252 -71.13 -74.10 55.10
C GLY HA 252 -72.03 -74.81 54.09
N GLU HA 253 -73.21 -75.17 54.57
CA GLU HA 253 -74.22 -75.88 53.76
C GLU HA 253 -74.52 -75.18 52.42
N LYS HA 254 -74.38 -73.86 52.41
CA LYS HA 254 -74.63 -73.05 51.22
C LYS HA 254 -73.35 -72.61 50.49
N THR HA 255 -72.48 -71.92 51.22
CA THR HA 255 -71.26 -71.33 50.64
C THR HA 255 -70.16 -72.35 50.28
N VAL HA 256 -70.02 -73.38 51.12
CA VAL HA 256 -68.99 -74.42 50.91
C VAL HA 256 -69.43 -75.77 51.52
N PRO HA 257 -70.35 -76.39 50.84
CA PRO HA 257 -70.98 -77.65 51.26
C PRO HA 257 -70.03 -78.85 51.06
N VAL HA 258 -70.28 -79.86 51.88
CA VAL HA 258 -69.60 -81.16 51.80
C VAL HA 258 -70.66 -82.25 51.55
N LYS HA 259 -70.20 -83.43 51.16
CA LYS HA 259 -71.09 -84.56 50.84
C LYS HA 259 -71.58 -85.24 52.12
N ALA HA 260 -72.79 -85.81 52.03
CA ALA HA 260 -73.42 -86.60 53.11
C ALA HA 260 -73.60 -85.79 54.42
N PHE HA 261 -72.54 -85.78 55.23
CA PHE HA 261 -72.47 -85.09 56.50
C PHE HA 261 -72.81 -83.60 56.34
N ASN HA 262 -73.81 -83.17 57.10
CA ASN HA 262 -74.23 -81.76 57.08
C ASN HA 262 -73.33 -80.95 58.01
N PHE HA 263 -72.14 -80.67 57.51
CA PHE HA 263 -71.11 -79.96 58.27
C PHE HA 263 -71.21 -78.45 58.06
N THR HA 264 -71.25 -77.75 59.18
CA THR HA 264 -71.20 -76.28 59.25
C THR HA 264 -70.04 -75.86 60.16
N GLU HA 265 -68.93 -75.50 59.56
CA GLU HA 265 -67.74 -75.12 60.34
C GLU HA 265 -68.06 -73.91 61.23
N ASP HA 266 -67.62 -74.03 62.48
CA ASP HA 266 -67.85 -72.97 63.47
C ASP HA 266 -66.54 -72.31 63.89
N VAL HA 267 -66.24 -71.20 63.24
CA VAL HA 267 -65.10 -70.35 63.63
C VAL HA 267 -65.45 -69.63 64.94
N VAL HA 268 -64.67 -69.89 65.97
CA VAL HA 268 -64.84 -69.25 67.30
C VAL HA 268 -64.43 -67.76 67.24
N GLY HA 269 -64.16 -67.22 68.47
CA GLY HA 269 -63.60 -65.89 68.69
C GLY HA 269 -62.17 -65.77 68.14
N HIS HA 270 -61.43 -66.88 68.18
CA HIS HA 270 -60.06 -66.94 67.63
C HIS HA 270 -60.10 -67.04 66.11
N HIS HA 271 -59.63 -65.98 65.47
CA HIS HA 271 -59.49 -65.94 64.00
C HIS HA 271 -58.43 -66.92 63.47
N GLU HA 272 -57.63 -67.47 64.39
CA GLU HA 272 -56.62 -68.49 64.04
C GLU HA 272 -57.28 -69.80 63.53
N ARG HA 273 -58.58 -69.90 63.79
CA ARG HA 273 -59.42 -70.98 63.23
C ARG HA 273 -59.50 -70.91 61.71
N TYR HA 274 -59.43 -69.68 61.17
CA TYR HA 274 -59.35 -69.48 59.71
C TYR HA 274 -58.03 -70.03 59.16
N LEU HA 275 -58.14 -70.62 57.98
CA LEU HA 275 -56.97 -71.15 57.26
C LEU HA 275 -56.18 -70.01 56.60
N TRP HA 276 -55.33 -69.38 57.38
CA TRP HA 276 -54.45 -68.31 56.88
C TRP HA 276 -53.32 -68.89 56.04
N GLY HA 277 -52.91 -68.13 55.04
CA GLY HA 277 -51.85 -68.52 54.08
C GLY HA 277 -50.71 -67.52 54.07
N HIS HA 278 -49.54 -68.03 53.70
CA HIS HA 278 -48.32 -67.22 53.63
C HIS HA 278 -48.38 -66.27 52.43
N ALA HA 279 -48.41 -64.97 52.73
CA ALA HA 279 -48.47 -63.91 51.69
C ALA HA 279 -47.34 -63.96 50.65
N SER HA 280 -46.21 -64.58 51.03
CA SER HA 280 -45.03 -64.71 50.15
C SER HA 280 -45.39 -65.35 48.80
N VAL HA 281 -46.37 -66.25 48.82
CA VAL HA 281 -46.89 -66.90 47.61
C VAL HA 281 -47.61 -65.90 46.67
N ALA HA 282 -48.36 -64.99 47.29
CA ALA HA 282 -49.10 -63.96 46.56
C ALA HA 282 -48.11 -63.03 45.82
N LEU HA 283 -47.04 -62.68 46.54
CA LEU HA 283 -45.95 -61.89 45.97
C LEU HA 283 -45.24 -62.68 44.84
N THR HA 284 -45.12 -63.97 45.02
CA THR HA 284 -44.48 -64.86 44.00
C THR HA 284 -45.36 -64.87 42.76
N SER HA 285 -46.65 -64.81 42.84
CA SER HA 285 -47.51 -64.80 41.65
C SER HA 285 -47.38 -63.49 40.86
N ARG HA 286 -47.04 -62.43 41.60
CA ARG HA 286 -46.78 -61.10 41.02
C ARG HA 286 -45.56 -61.13 40.10
N VAL HA 287 -44.52 -61.80 40.59
CA VAL HA 287 -43.27 -61.98 39.83
C VAL HA 287 -43.52 -62.79 38.55
N ALA HA 288 -44.37 -63.82 38.70
CA ALA HA 288 -44.69 -64.75 37.61
C ALA HA 288 -45.45 -64.05 36.49
N ASP HA 289 -46.43 -63.22 36.86
CA ASP HA 289 -47.25 -62.50 35.87
C ASP HA 289 -46.45 -61.50 35.04
N SER HA 290 -45.60 -60.75 35.73
CA SER HA 290 -44.72 -59.76 35.08
C SER HA 290 -43.79 -60.44 34.07
N PHE HA 291 -43.25 -61.59 34.46
CA PHE HA 291 -42.38 -62.40 33.60
C PHE HA 291 -43.16 -63.03 32.43
N ALA HA 292 -44.35 -63.54 32.72
CA ALA HA 292 -45.19 -64.20 31.72
C ALA HA 292 -45.53 -63.23 30.56
N LYS HA 293 -45.73 -61.96 30.91
CA LYS HA 293 -46.08 -60.93 29.93
C LYS HA 293 -44.86 -60.32 29.22
N PHE HA 294 -43.78 -60.12 29.96
CA PHE HA 294 -42.64 -59.32 29.47
C PHE HA 294 -41.28 -60.01 29.49
N ARG HA 295 -41.17 -61.07 30.26
CA ARG HA 295 -39.91 -61.80 30.52
C ARG HA 295 -38.98 -60.98 31.42
N TRP HA 296 -39.59 -60.03 32.13
CA TRP HA 296 -38.92 -59.21 33.15
C TRP HA 296 -39.84 -59.10 34.35
N SER HA 297 -39.26 -58.91 35.53
CA SER HA 297 -40.05 -58.78 36.78
C SER HA 297 -39.89 -57.43 37.52
N PRO HA 298 -40.32 -56.33 36.89
CA PRO HA 298 -40.42 -55.03 37.59
C PRO HA 298 -41.87 -54.61 37.89
N ASN HA 299 -42.84 -55.20 37.20
CA ASN HA 299 -44.25 -54.78 37.30
C ASN HA 299 -45.00 -55.55 38.39
N ILE HA 300 -44.71 -55.18 39.63
CA ILE HA 300 -45.21 -55.93 40.79
C ILE HA 300 -45.60 -55.03 41.99
N ILE HA 301 -45.78 -53.73 41.73
CA ILE HA 301 -45.94 -52.74 42.83
C ILE HA 301 -47.07 -51.73 42.62
N GLY HA 302 -48.24 -52.23 42.23
CA GLY HA 302 -49.33 -51.30 41.94
C GLY HA 302 -50.67 -51.96 41.67
N PRO HA 303 -51.74 -51.26 42.05
CA PRO HA 303 -53.13 -51.67 41.79
C PRO HA 303 -53.38 -51.87 40.29
N GLN HA 304 -52.71 -51.05 39.48
CA GLN HA 304 -52.82 -51.11 38.01
C GLN HA 304 -51.56 -51.64 37.33
N SER HA 305 -50.41 -51.45 37.99
CA SER HA 305 -49.11 -51.85 37.41
C SER HA 305 -48.93 -53.38 37.31
N GLY HA 306 -49.53 -54.08 38.30
CA GLY HA 306 -49.53 -55.55 38.32
C GLY HA 306 -49.08 -56.13 39.67
N GLY HA 307 -49.20 -55.30 40.71
CA GLY HA 307 -48.99 -55.74 42.11
C GLY HA 307 -50.33 -55.96 42.83
N ALA HA 308 -51.40 -56.00 42.04
CA ALA HA 308 -52.76 -56.25 42.54
C ALA HA 308 -53.02 -57.76 42.63
N VAL HA 309 -53.55 -58.15 43.76
CA VAL HA 309 -53.96 -59.54 44.05
C VAL HA 309 -55.48 -59.58 43.97
N GLU HA 310 -55.96 -60.26 42.96
CA GLU HA 310 -57.41 -60.31 42.68
C GLU HA 310 -57.99 -61.66 43.09
N ASN HA 311 -59.28 -61.61 43.43
CA ASN HA 311 -60.09 -62.81 43.76
C ASN HA 311 -59.71 -63.42 45.13
N LEU HA 312 -59.87 -62.61 46.16
CA LEU HA 312 -59.67 -63.07 47.54
C LEU HA 312 -60.95 -63.69 48.11
N PRO HA 313 -60.80 -64.71 48.94
CA PRO HA 313 -61.93 -65.35 49.66
C PRO HA 313 -62.65 -64.31 50.52
N LEU HA 314 -63.95 -64.43 50.58
CA LEU HA 314 -64.81 -63.55 51.40
C LEU HA 314 -65.62 -64.40 52.36
N HIS HA 315 -66.04 -63.83 53.49
CA HIS HA 315 -66.86 -64.53 54.48
C HIS HA 315 -67.78 -63.59 55.26
N GLN HA 316 -69.00 -63.43 54.79
CA GLN HA 316 -70.02 -62.63 55.49
C GLN HA 316 -70.60 -63.42 56.66
N TYR HA 317 -70.66 -62.77 57.80
CA TYR HA 317 -71.20 -63.36 59.04
C TYR HA 317 -71.82 -62.26 59.90
N GLU HA 318 -72.64 -62.67 60.85
CA GLU HA 318 -73.36 -61.72 61.70
C GLU HA 318 -72.38 -60.93 62.59
N ALA HA 319 -72.67 -59.66 62.69
CA ALA HA 319 -71.91 -58.76 63.56
C ALA HA 319 -72.74 -58.44 64.81
N MET HA 320 -72.94 -57.17 65.13
CA MET HA 320 -73.77 -56.72 66.27
C MET HA 320 -75.26 -56.55 65.87
N GLY HA 321 -75.74 -57.54 65.10
CA GLY HA 321 -77.11 -57.46 64.52
C GLY HA 321 -77.09 -57.16 63.02
N GLU HA 322 -75.92 -56.76 62.53
CA GLU HA 322 -75.67 -56.45 61.12
C GLU HA 322 -74.85 -57.59 60.52
N ILE HA 323 -74.35 -57.36 59.32
CA ILE HA 323 -73.48 -58.32 58.62
C ILE HA 323 -72.15 -57.64 58.26
N GLN HA 324 -71.10 -58.42 58.31
CA GLN HA 324 -69.76 -57.99 57.90
C GLN HA 324 -68.99 -59.20 57.36
N THR HA 325 -67.99 -58.90 56.54
CA THR HA 325 -67.12 -59.95 55.98
C THR HA 325 -65.78 -59.94 56.70
N LYS HA 326 -65.32 -61.13 57.00
CA LYS HA 326 -63.95 -61.30 57.50
C LYS HA 326 -62.98 -60.79 56.43
N ILE HA 327 -62.19 -59.80 56.82
CA ILE HA 327 -61.18 -59.21 55.92
C ILE HA 327 -60.20 -60.31 55.47
N PRO HA 328 -59.98 -60.41 54.16
CA PRO HA 328 -59.06 -61.37 53.53
C PRO HA 328 -57.67 -61.35 54.16
N THR HA 329 -57.24 -60.17 54.58
CA THR HA 329 -56.03 -60.00 55.39
C THR HA 329 -56.51 -59.71 56.82
N GLU HA 330 -55.73 -60.06 57.80
CA GLU HA 330 -56.07 -59.91 59.23
C GLU HA 330 -56.63 -58.51 59.53
N VAL HA 331 -56.02 -57.51 58.92
CA VAL HA 331 -56.42 -56.11 59.10
C VAL HA 331 -56.64 -55.36 57.78
N MET HA 332 -57.29 -54.21 57.92
CA MET HA 332 -57.46 -53.24 56.83
C MET HA 332 -56.43 -52.13 57.03
N LEU HA 333 -55.28 -52.35 56.42
CA LEU HA 333 -54.16 -51.43 56.53
C LEU HA 333 -54.48 -50.06 55.88
N THR HA 334 -54.30 -48.99 56.69
CA THR HA 334 -54.38 -47.59 56.26
C THR HA 334 -53.13 -47.18 55.45
N GLU HA 335 -53.26 -46.11 54.69
CA GLU HA 335 -52.13 -45.62 53.87
C GLU HA 335 -50.92 -45.23 54.75
N ARG HA 336 -51.21 -44.62 55.89
CA ARG HA 336 -50.16 -44.18 56.83
C ARG HA 336 -49.43 -45.39 57.43
N ARG HA 337 -50.20 -46.40 57.80
CA ARG HA 337 -49.59 -47.59 58.40
C ARG HA 337 -48.79 -48.42 57.38
N GLU HA 338 -49.27 -48.46 56.14
CA GLU HA 338 -48.55 -49.10 55.03
C GLU HA 338 -47.20 -48.42 54.82
N PHE HA 339 -47.26 -47.09 54.81
CA PHE HA 339 -46.06 -46.28 54.58
C PHE HA 339 -45.02 -46.48 55.69
N GLU HA 340 -45.52 -46.63 56.92
CA GLU HA 340 -44.68 -46.90 58.10
C GLU HA 340 -43.95 -48.24 57.94
N LEU HA 341 -44.71 -49.25 57.53
CA LEU HA 341 -44.15 -50.59 57.24
C LEU HA 341 -43.14 -50.60 56.11
N SER HA 342 -43.40 -49.76 55.12
CA SER HA 342 -42.50 -49.59 53.96
C SER HA 342 -41.16 -48.98 54.40
N GLU HA 343 -41.24 -48.05 55.34
CA GLU HA 343 -40.06 -47.40 55.93
C GLU HA 343 -39.20 -48.37 56.73
N GLU HA 344 -39.87 -49.39 57.30
CA GLU HA 344 -39.20 -50.44 58.07
C GLU HA 344 -38.88 -51.71 57.26
N GLY HA 345 -38.93 -51.52 55.92
CA GLY HA 345 -38.52 -52.56 54.95
C GLY HA 345 -39.40 -53.81 54.96
N PHE HA 346 -40.69 -53.63 55.21
CA PHE HA 346 -41.67 -54.72 55.10
C PHE HA 346 -42.50 -54.54 53.83
N ILE HA 347 -42.95 -55.67 53.31
CA ILE HA 347 -43.81 -55.71 52.11
C ILE HA 347 -45.23 -56.04 52.59
N GLY HA 348 -45.99 -54.97 52.79
CA GLY HA 348 -47.37 -55.07 53.32
C GLY HA 348 -48.38 -55.19 52.17
N LEU HA 349 -49.07 -56.32 52.15
CA LEU HA 349 -50.20 -56.56 51.25
C LEU HA 349 -51.44 -55.89 51.84
N VAL HA 350 -51.78 -54.72 51.32
CA VAL HA 350 -52.94 -53.97 51.82
C VAL HA 350 -54.24 -54.49 51.16
N PHE HA 351 -55.30 -54.42 51.93
CA PHE HA 351 -56.63 -54.82 51.46
C PHE HA 351 -57.42 -53.60 50.98
N ARG HA 352 -57.99 -53.72 49.79
CA ARG HA 352 -58.87 -52.69 49.21
C ARG HA 352 -60.24 -52.80 49.89
N LYS HA 353 -60.54 -51.78 50.67
CA LYS HA 353 -61.75 -51.76 51.52
C LYS HA 353 -63.00 -52.06 50.68
N ASP HA 354 -63.81 -52.97 51.23
CA ASP HA 354 -65.12 -53.37 50.65
C ASP HA 354 -65.02 -54.16 49.33
N SER HA 355 -63.87 -54.77 49.07
CA SER HA 355 -63.70 -55.58 47.85
C SER HA 355 -63.10 -56.94 48.19
N ASP HA 356 -62.62 -57.65 47.20
CA ASP HA 356 -61.86 -58.91 47.35
C ASP HA 356 -60.48 -58.76 46.68
N ASN HA 357 -60.00 -57.52 46.64
CA ASN HA 357 -58.72 -57.18 46.01
C ASN HA 357 -57.76 -56.57 47.02
N ALA HA 358 -56.53 -56.98 46.91
CA ALA HA 358 -55.41 -56.45 47.71
C ALA HA 358 -54.28 -56.00 46.77
N ALA HA 359 -53.39 -55.14 47.24
CA ALA HA 359 -52.27 -54.65 46.42
C ALA HA 359 -50.97 -54.47 47.20
N PHE HA 360 -49.88 -54.69 46.50
CA PHE HA 360 -48.52 -54.41 46.99
C PHE HA 360 -48.09 -53.04 46.46
N PHE HA 361 -48.23 -52.02 47.30
CA PHE HA 361 -47.83 -50.65 46.92
C PHE HA 361 -46.34 -50.48 46.63
N SER HA 362 -45.51 -51.28 47.27
CA SER HA 362 -44.05 -51.29 47.04
C SER HA 362 -43.40 -52.57 47.55
N ALA HA 363 -42.25 -52.86 46.99
CA ALA HA 363 -41.45 -54.05 47.34
C ALA HA 363 -40.02 -53.66 47.75
N ASN HA 364 -39.93 -52.86 48.81
CA ASN HA 364 -38.62 -52.50 49.39
C ASN HA 364 -37.99 -53.75 50.02
N SER HA 365 -36.70 -53.88 49.87
CA SER HA 365 -35.98 -55.00 50.51
C SER HA 365 -35.77 -54.67 52.00
N THR HA 366 -35.14 -55.58 52.71
CA THR HA 366 -34.81 -55.35 54.12
C THR HA 366 -33.81 -54.20 54.28
N GLN HA 367 -32.91 -54.04 53.31
CA GLN HA 367 -31.82 -53.04 53.41
C GLN HA 367 -32.37 -51.63 53.66
N LYS HA 368 -31.71 -50.98 54.61
CA LYS HA 368 -32.00 -49.60 54.99
C LYS HA 368 -31.14 -48.65 54.13
N PRO HA 369 -31.78 -47.66 53.51
CA PRO HA 369 -31.07 -46.64 52.69
C PRO HA 369 -30.06 -45.86 53.53
N ARG HA 370 -28.96 -45.51 52.89
CA ARG HA 370 -27.90 -44.69 53.50
C ARG HA 370 -28.12 -43.21 53.18
N PHE HA 371 -27.77 -42.36 54.11
CA PHE HA 371 -27.87 -40.90 53.92
C PHE HA 371 -26.48 -40.34 53.60
N PHE HA 372 -26.46 -39.43 52.65
CA PHE HA 372 -25.23 -38.75 52.20
C PHE HA 372 -25.38 -37.23 52.34
N GLY HA 373 -24.23 -36.55 52.28
CA GLY HA 373 -24.18 -35.07 52.36
C GLY HA 373 -25.07 -34.46 51.27
N ASN HA 374 -25.75 -33.39 51.63
CA ASN HA 374 -26.70 -32.72 50.73
C ASN HA 374 -25.99 -31.84 49.69
N THR HA 375 -25.29 -32.51 48.80
CA THR HA 375 -24.57 -31.88 47.69
C THR HA 375 -24.98 -32.56 46.38
N PRO HA 376 -24.59 -32.03 45.22
CA PRO HA 376 -24.94 -32.63 43.91
C PRO HA 376 -24.48 -34.09 43.83
N GLU HA 377 -23.24 -34.34 44.26
CA GLU HA 377 -22.66 -35.69 44.28
C GLU HA 377 -23.28 -36.58 45.36
N GLY HA 378 -23.54 -35.96 46.53
CA GLY HA 378 -24.11 -36.68 47.69
C GLY HA 378 -25.53 -37.19 47.43
N LYS HA 379 -26.31 -36.37 46.75
CA LYS HA 379 -27.70 -36.70 46.40
C LYS HA 379 -27.77 -37.76 45.28
N ALA HA 380 -26.77 -37.70 44.40
CA ALA HA 380 -26.61 -38.72 43.34
C ALA HA 380 -26.27 -40.09 43.95
N ALA HA 381 -25.47 -40.05 45.02
CA ALA HA 381 -25.08 -41.26 45.78
C ALA HA 381 -26.30 -41.90 46.45
N GLU HA 382 -27.15 -41.04 47.00
CA GLU HA 382 -28.40 -41.45 47.64
C GLU HA 382 -29.37 -42.08 46.63
N THR HA 383 -29.50 -41.43 45.47
CA THR HA 383 -30.35 -41.93 44.36
C THR HA 383 -29.92 -43.35 43.95
N ASN HA 384 -28.62 -43.51 43.76
CA ASN HA 384 -28.05 -44.79 43.31
C ASN HA 384 -28.23 -45.90 44.35
N TYR HA 385 -28.04 -45.54 45.62
CA TYR HA 385 -28.13 -46.50 46.73
C TYR HA 385 -29.58 -46.95 46.95
N ARG HA 386 -30.51 -46.01 46.82
CA ARG HA 386 -31.95 -46.29 46.98
C ARG HA 386 -32.49 -47.22 45.89
N LEU HA 387 -31.98 -47.06 44.68
CA LEU HA 387 -32.34 -47.98 43.57
C LEU HA 387 -31.97 -49.43 43.88
N GLY HA 388 -30.81 -49.55 44.54
CA GLY HA 388 -30.28 -50.85 45.01
C GLY HA 388 -31.18 -51.48 46.09
N THR HA 389 -31.78 -50.64 46.93
CA THR HA 389 -32.60 -51.11 48.07
C THR HA 389 -33.98 -51.64 47.67
N GLN HA 390 -34.40 -51.39 46.43
CA GLN HA 390 -35.74 -51.77 45.97
C GLN HA 390 -35.69 -52.95 45.01
N LEU HA 391 -36.49 -53.95 45.32
CA LEU HA 391 -36.62 -55.20 44.53
C LEU HA 391 -37.05 -55.00 43.07
N PRO HA 392 -37.99 -54.08 42.76
CA PRO HA 392 -38.41 -53.81 41.37
C PRO HA 392 -37.25 -53.49 40.42
N TYR HA 393 -36.13 -53.00 40.97
CA TYR HA 393 -34.94 -52.65 40.17
C TYR HA 393 -33.86 -53.74 40.25
N MET HA 394 -33.76 -54.38 41.40
CA MET HA 394 -32.82 -55.50 41.61
C MET HA 394 -33.17 -56.69 40.73
N PHE HA 395 -34.43 -56.84 40.39
CA PHE HA 395 -34.87 -57.95 39.52
C PHE HA 395 -34.32 -57.78 38.10
N ILE HA 396 -34.17 -56.52 37.71
CA ILE HA 396 -33.56 -56.17 36.42
C ILE HA 396 -32.09 -56.60 36.41
N MET HA 397 -31.37 -56.20 37.45
CA MET HA 397 -29.95 -56.55 37.54
C MET HA 397 -29.72 -58.06 37.66
N THR HA 398 -30.65 -58.75 38.32
CA THR HA 398 -30.57 -60.20 38.52
C THR HA 398 -30.66 -60.93 37.17
N ARG HA 399 -31.61 -60.50 36.34
CA ARG HA 399 -31.79 -61.11 35.01
C ARG HA 399 -30.61 -60.80 34.08
N LEU HA 400 -30.08 -59.58 34.22
CA LEU HA 400 -28.89 -59.15 33.47
C LEU HA 400 -27.67 -60.00 33.84
N ALA HA 401 -27.54 -60.27 35.13
CA ALA HA 401 -26.46 -61.12 35.67
C ALA HA 401 -26.57 -62.57 35.14
N HIS HA 402 -27.80 -63.04 35.03
CA HIS HA 402 -28.05 -64.39 34.51
C HIS HA 402 -27.76 -64.53 33.01
N TYR HA 403 -28.09 -63.48 32.26
CA TYR HA 403 -27.83 -63.44 30.81
C TYR HA 403 -26.34 -63.34 30.50
N ILE HA 404 -25.64 -62.56 31.29
CA ILE HA 404 -24.19 -62.33 31.10
C ILE HA 404 -23.41 -63.63 31.36
N LYS HA 405 -23.76 -64.32 32.46
CA LYS HA 405 -23.11 -65.57 32.86
C LYS HA 405 -23.22 -66.63 31.75
N VAL HA 406 -24.44 -66.81 31.27
CA VAL HA 406 -24.75 -67.80 30.22
C VAL HA 406 -24.05 -67.43 28.90
N LEU HA 407 -24.45 -66.28 28.36
CA LEU HA 407 -24.00 -65.84 27.03
C LEU HA 407 -22.48 -65.67 26.91
N GLN HA 408 -21.85 -65.27 28.00
CA GLN HA 408 -20.39 -65.07 28.04
C GLN HA 408 -19.59 -66.37 28.02
N ARG HA 409 -20.14 -67.42 28.64
CA ARG HA 409 -19.49 -68.74 28.62
C ARG HA 409 -19.41 -69.33 27.21
N GLU HA 410 -20.41 -68.98 26.40
CA GLU HA 410 -20.44 -69.36 24.98
C GLU HA 410 -19.32 -68.70 24.15
N GLN HA 411 -18.90 -67.53 24.62
CA GLN HA 411 -17.89 -66.71 23.93
C GLN HA 411 -16.45 -67.07 24.34
N ILE HA 412 -16.27 -67.77 25.45
CA ILE HA 412 -14.92 -68.18 25.91
C ILE HA 412 -14.21 -68.97 24.79
N GLY HA 413 -12.97 -68.53 24.51
CA GLY HA 413 -12.14 -69.18 23.47
C GLY HA 413 -12.10 -68.37 22.17
N SER HA 414 -13.06 -67.46 22.00
CA SER HA 414 -13.12 -66.59 20.81
C SER HA 414 -12.00 -65.54 20.82
N TRP HA 415 -11.63 -65.10 19.62
CA TRP HA 415 -10.58 -64.06 19.45
C TRP HA 415 -11.14 -62.68 19.82
N LYS HA 416 -11.09 -62.35 21.10
CA LYS HA 416 -11.60 -61.06 21.58
C LYS HA 416 -10.48 -60.20 22.17
N GLU HA 417 -10.30 -59.05 21.57
CA GLU HA 417 -9.43 -57.98 22.09
C GLU HA 417 -10.31 -57.06 22.96
N LYS HA 418 -9.70 -56.17 23.73
CA LYS HA 418 -10.43 -55.30 24.67
C LYS HA 418 -11.64 -54.56 24.06
N SER HA 419 -11.37 -53.87 22.94
CA SER HA 419 -12.39 -53.09 22.22
C SER HA 419 -13.44 -53.98 21.53
N ASP HA 420 -13.10 -55.25 21.32
CA ASP HA 420 -14.06 -56.22 20.78
C ASP HA 420 -15.21 -56.49 21.77
N LEU HA 421 -14.85 -56.56 23.04
CA LEU HA 421 -15.84 -56.72 24.13
C LEU HA 421 -16.72 -55.49 24.28
N GLU HA 422 -16.12 -54.31 24.16
CA GLU HA 422 -16.89 -53.06 24.28
C GLU HA 422 -17.91 -52.92 23.14
N ARG HA 423 -17.48 -53.31 21.94
CA ARG HA 423 -18.35 -53.24 20.75
C ARG HA 423 -19.54 -54.21 20.88
N GLU HA 424 -19.22 -55.46 21.20
CA GLU HA 424 -20.25 -56.52 21.28
C GLU HA 424 -21.17 -56.35 22.48
N LEU HA 425 -20.59 -56.05 23.64
CA LEU HA 425 -21.37 -55.80 24.87
C LEU HA 425 -22.33 -54.61 24.74
N ASN HA 426 -21.89 -53.59 23.99
CA ASN HA 426 -22.74 -52.42 23.71
C ASN HA 426 -23.93 -52.78 22.82
N HIS HA 427 -23.65 -53.54 21.77
CA HIS HA 427 -24.69 -53.99 20.84
C HIS HA 427 -25.70 -54.92 21.54
N TRP HA 428 -25.20 -55.68 22.51
CA TRP HA 428 -26.04 -56.61 23.28
C TRP HA 428 -27.00 -55.87 24.21
N LEU HA 429 -26.45 -54.96 25.01
CA LEU HA 429 -27.25 -54.31 26.03
C LEU HA 429 -28.36 -53.44 25.41
N SER HA 430 -28.08 -52.87 24.25
CA SER HA 430 -29.07 -52.07 23.49
C SER HA 430 -30.39 -52.83 23.27
N GLN HA 431 -30.30 -54.15 23.28
CA GLN HA 431 -31.47 -55.03 23.12
C GLN HA 431 -32.59 -54.74 24.13
N TYR HA 432 -32.21 -54.31 25.34
CA TYR HA 432 -33.18 -54.05 26.42
C TYR HA 432 -33.31 -52.57 26.77
N ILE HA 433 -32.96 -51.71 25.83
CA ILE HA 433 -33.01 -50.25 26.05
C ILE HA 433 -34.13 -49.62 25.24
N SER HA 434 -34.87 -48.76 25.90
CA SER HA 434 -35.93 -47.94 25.28
C SER HA 434 -35.65 -46.48 25.57
N ASP HA 435 -34.86 -45.88 24.72
CA ASP HA 435 -34.36 -44.50 24.88
C ASP HA 435 -35.11 -43.50 24.00
N MET HA 436 -36.41 -43.71 23.87
CA MET HA 436 -37.24 -42.81 23.07
C MET HA 436 -37.76 -41.65 23.93
N ASP HA 437 -38.21 -40.62 23.27
CA ASP HA 437 -38.76 -39.42 23.94
C ASP HA 437 -39.88 -39.76 24.94
N ASP HA 438 -40.73 -40.71 24.55
CA ASP HA 438 -41.89 -41.13 25.33
C ASP HA 438 -42.40 -42.49 24.83
N PRO HA 439 -41.82 -43.55 25.30
CA PRO HA 439 -42.24 -44.95 25.03
C PRO HA 439 -43.60 -45.16 25.63
N ALA HA 440 -44.38 -46.01 24.94
CA ALA HA 440 -45.72 -46.30 25.45
C ALA HA 440 -45.63 -46.80 26.91
N PRO HA 441 -46.45 -46.21 27.78
CA PRO HA 441 -46.43 -46.49 29.23
C PRO HA 441 -46.68 -47.97 29.45
N ALA HA 442 -45.90 -48.56 30.34
CA ALA HA 442 -45.93 -50.02 30.62
C ALA HA 442 -45.52 -50.84 29.38
N VAL HA 443 -44.67 -50.26 28.54
CA VAL HA 443 -44.13 -50.91 27.32
C VAL HA 443 -42.61 -50.90 27.39
N ARG HA 444 -42.10 -49.76 27.86
CA ARG HA 444 -41.02 -49.65 28.86
C ARG HA 444 -40.85 -50.92 29.72
N SER HA 445 -41.96 -51.62 29.94
CA SER HA 445 -41.98 -52.88 30.66
C SER HA 445 -41.07 -53.98 30.04
N ARG HA 446 -41.24 -54.27 28.74
CA ARG HA 446 -40.38 -55.25 28.06
C ARG HA 446 -38.92 -54.77 27.89
N ARG HA 447 -38.76 -53.43 27.84
CA ARG HA 447 -37.42 -52.80 27.78
C ARG HA 447 -37.23 -51.90 29.01
N PRO HA 448 -36.83 -52.50 30.12
CA PRO HA 448 -36.75 -51.85 31.44
C PRO HA 448 -35.72 -50.71 31.53
N LEU HA 449 -34.70 -50.77 30.69
CA LEU HA 449 -33.59 -49.80 30.72
C LEU HA 449 -33.83 -48.60 29.81
N ARG HA 450 -33.33 -47.47 30.26
CA ARG HA 450 -33.39 -46.21 29.48
C ARG HA 450 -32.01 -45.87 28.90
N ALA HA 451 -30.99 -46.03 29.72
CA ALA HA 451 -29.60 -45.83 29.30
C ALA HA 451 -28.70 -46.88 29.94
N ALA HA 452 -27.54 -47.05 29.34
CA ALA HA 452 -26.51 -47.94 29.88
C ALA HA 452 -25.13 -47.66 29.31
N ARG HA 453 -24.15 -47.88 30.16
CA ARG HA 453 -22.74 -47.61 29.83
C ARG HA 453 -21.88 -48.82 30.17
N VAL HA 454 -20.99 -49.13 29.24
CA VAL HA 454 -20.03 -50.24 29.39
C VAL HA 454 -18.61 -49.73 29.13
N VAL HA 455 -17.73 -50.07 30.06
CA VAL HA 455 -16.27 -49.88 29.91
C VAL HA 455 -15.56 -51.22 30.14
N VAL HA 456 -14.55 -51.46 29.32
CA VAL HA 456 -13.74 -52.69 29.44
C VAL HA 456 -12.27 -52.31 29.52
N GLU HA 457 -11.61 -52.86 30.52
CA GLU HA 457 -10.16 -52.69 30.66
C GLU HA 457 -9.49 -54.07 30.67
N ASP HA 458 -8.17 -54.06 30.69
CA ASP HA 458 -7.38 -55.30 30.67
C ASP HA 458 -6.87 -55.62 32.07
N VAL HA 459 -6.92 -56.88 32.41
CA VAL HA 459 -6.27 -57.40 33.63
C VAL HA 459 -4.77 -57.50 33.33
N GLU HA 460 -4.04 -56.49 33.77
CA GLU HA 460 -2.60 -56.38 33.47
C GLU HA 460 -1.84 -57.60 34.03
N GLY HA 461 -0.97 -58.12 33.16
CA GLY HA 461 -0.17 -59.33 33.46
C GLY HA 461 -1.01 -60.63 33.42
N GLN HA 462 -2.15 -60.57 32.74
CA GLN HA 462 -3.02 -61.72 32.51
C GLN HA 462 -3.75 -61.56 31.17
N PRO HA 463 -3.07 -61.93 30.08
CA PRO HA 463 -3.57 -61.77 28.70
C PRO HA 463 -4.78 -62.68 28.48
N GLY HA 464 -5.84 -62.08 27.94
CA GLY HA 464 -7.09 -62.83 27.68
C GLY HA 464 -8.19 -62.53 28.70
N TRP HA 465 -7.79 -61.91 29.82
CA TRP HA 465 -8.72 -61.56 30.90
C TRP HA 465 -8.99 -60.06 30.91
N TYR HA 466 -10.24 -59.74 31.18
CA TYR HA 466 -10.73 -58.35 31.14
C TYR HA 466 -11.54 -57.98 32.39
N ARG HA 467 -11.57 -56.69 32.64
CA ARG HA 467 -12.38 -56.11 33.74
C ARG HA 467 -13.47 -55.21 33.14
N CYS HA 468 -14.70 -55.64 33.32
CA CYS HA 468 -15.84 -54.95 32.69
C CYS HA 468 -16.72 -54.27 33.73
N SER HA 469 -17.13 -53.07 33.41
CA SER HA 469 -18.07 -52.28 34.23
C SER HA 469 -19.33 -51.96 33.44
N LEU HA 470 -20.43 -52.37 34.02
CA LEU HA 470 -21.77 -52.17 33.46
C LEU HA 470 -22.66 -51.36 34.41
N GLN HA 471 -23.05 -50.17 33.96
CA GLN HA 471 -23.92 -49.27 34.73
C GLN HA 471 -25.17 -48.96 33.90
N VAL HA 472 -26.32 -49.04 34.54
CA VAL HA 472 -27.63 -48.88 33.86
C VAL HA 472 -28.54 -47.88 34.57
N ARG HA 473 -29.36 -47.23 33.77
CA ARG HA 473 -30.36 -46.25 34.24
C ARG HA 473 -31.74 -46.79 33.85
N PRO HA 474 -32.42 -47.47 34.76
CA PRO HA 474 -33.77 -48.03 34.55
C PRO HA 474 -34.82 -46.92 34.51
N HIS HA 475 -35.94 -47.20 33.87
CA HIS HA 475 -37.11 -46.29 33.94
C HIS HA 475 -37.63 -46.27 35.39
N PHE HA 476 -38.11 -45.12 35.81
CA PHE HA 476 -38.55 -44.95 37.21
C PHE HA 476 -40.02 -45.26 37.43
N LYS HA 477 -40.26 -45.95 38.53
CA LYS HA 477 -41.62 -46.23 39.02
C LYS HA 477 -42.15 -45.01 39.78
N TYR HA 478 -43.42 -44.73 39.55
CA TYR HA 478 -44.15 -43.67 40.29
C TYR HA 478 -44.50 -44.18 41.69
N MET HA 479 -43.86 -43.63 42.70
CA MET HA 479 -43.96 -44.16 44.08
C MET HA 479 -44.29 -43.12 45.16
N GLY HA 480 -44.99 -42.06 44.76
CA GLY HA 480 -45.38 -41.00 45.71
C GLY HA 480 -45.10 -39.60 45.18
N ALA HA 481 -45.80 -38.64 45.77
CA ALA HA 481 -45.76 -37.23 45.35
C ALA HA 481 -46.48 -36.35 46.37
N SER HA 482 -46.03 -35.11 46.45
CA SER HA 482 -46.65 -34.08 47.31
C SER HA 482 -47.31 -33.03 46.42
N PHE HA 483 -48.51 -32.63 46.82
CA PHE HA 483 -49.32 -31.66 46.08
C PHE HA 483 -49.56 -30.39 46.91
N THR HA 484 -49.43 -29.26 46.23
CA THR HA 484 -49.71 -27.93 46.80
C THR HA 484 -50.86 -27.28 46.01
N LEU HA 485 -52.00 -27.19 46.65
CA LEU HA 485 -53.19 -26.59 46.02
C LEU HA 485 -53.26 -25.10 46.37
N SER HA 486 -53.72 -24.31 45.41
CA SER HA 486 -53.81 -22.85 45.61
C SER HA 486 -54.81 -22.22 44.66
N LEU HA 487 -55.75 -21.49 45.27
CA LEU HA 487 -56.64 -20.58 44.54
C LEU HA 487 -55.83 -19.34 44.14
N VAL HA 488 -56.17 -18.78 43.00
CA VAL HA 488 -55.41 -17.64 42.44
C VAL HA 488 -56.28 -16.84 41.46
N GLY HA 489 -56.12 -15.53 41.56
CA GLY HA 489 -56.71 -14.60 40.60
C GLY HA 489 -55.62 -14.14 39.64
N LYS HA 490 -55.97 -13.76 38.44
CA LYS HA 490 -55.06 -13.26 37.36
C LYS HA 490 -54.01 -14.31 36.94
N LEU HA 491 -54.33 -15.58 37.13
CA LEU HA 491 -53.48 -16.68 36.67
C LEU HA 491 -53.40 -16.61 35.15
N ASP HA 492 -52.22 -16.88 34.59
CA ASP HA 492 -52.09 -16.99 33.12
C ASP HA 492 -53.02 -18.10 32.64
N LYS HA 493 -53.81 -17.80 31.62
CA LYS HA 493 -54.85 -18.73 31.12
C LYS HA 493 -54.27 -20.05 30.53
N LEU IA 30 -53.40 1.14 60.83
CA LEU IA 30 -53.31 1.87 62.10
C LEU IA 30 -54.42 2.92 62.20
N PRO IA 31 -55.27 2.78 63.22
CA PRO IA 31 -56.32 3.76 63.52
C PRO IA 31 -55.70 5.14 63.77
N LEU IA 32 -56.54 6.16 63.65
CA LEU IA 32 -56.16 7.52 64.03
C LEU IA 32 -56.79 7.83 65.40
N LYS IA 33 -55.98 7.71 66.43
CA LYS IA 33 -56.45 7.95 67.80
C LYS IA 33 -55.93 9.29 68.30
N VAL IA 34 -56.88 10.06 68.81
CA VAL IA 34 -56.61 11.37 69.41
C VAL IA 34 -56.85 11.28 70.93
N LEU IA 35 -56.09 12.09 71.64
CA LEU IA 35 -56.21 12.20 73.10
C LEU IA 35 -56.63 13.62 73.48
N MET IA 36 -57.86 13.72 73.98
CA MET IA 36 -58.41 15.00 74.44
C MET IA 36 -58.16 15.16 75.95
N LEU IA 37 -57.27 16.08 76.25
CA LEU IA 37 -56.89 16.34 77.64
C LEU IA 37 -57.43 17.72 78.02
N GLY IA 38 -58.08 17.75 79.19
CA GLY IA 38 -58.75 18.97 79.66
C GLY IA 38 -59.46 18.76 80.99
N ASP IA 39 -59.91 19.89 81.54
CA ASP IA 39 -60.62 19.91 82.82
C ASP IA 39 -62.12 19.67 82.62
N PHE IA 40 -62.47 18.39 82.53
CA PHE IA 40 -63.87 17.96 82.32
C PHE IA 40 -64.74 17.94 83.58
N THR IA 41 -64.11 18.12 84.74
CA THR IA 41 -64.81 18.12 86.03
C THR IA 41 -64.66 19.49 86.71
N GLY IA 42 -65.51 19.71 87.71
CA GLY IA 42 -65.51 20.95 88.51
C GLY IA 42 -64.35 21.04 89.52
N GLN IA 43 -63.56 19.98 89.63
CA GLN IA 43 -62.47 19.89 90.61
C GLN IA 43 -61.34 18.96 90.13
N GLU IA 44 -60.15 19.23 90.65
CA GLU IA 44 -58.98 18.35 90.46
C GLU IA 44 -59.19 17.02 91.20
N ASP IA 45 -58.58 15.97 90.67
CA ASP IA 45 -58.62 14.64 91.31
C ASP IA 45 -57.39 14.45 92.21
N ALA IA 46 -57.62 13.75 93.31
CA ALA IA 46 -56.56 13.30 94.24
C ALA IA 46 -55.63 12.25 93.61
N ARG IA 47 -56.21 11.43 92.72
CA ARG IA 47 -55.47 10.37 92.02
C ARG IA 47 -54.36 10.97 91.15
N PRO IA 48 -53.14 10.42 91.24
CA PRO IA 48 -51.99 10.83 90.41
C PRO IA 48 -52.34 10.68 88.93
N LEU IA 49 -51.71 11.53 88.12
CA LEU IA 49 -51.92 11.54 86.66
C LEU IA 49 -51.65 10.18 86.01
N GLU IA 50 -50.57 9.54 86.46
CA GLU IA 50 -50.18 8.21 85.96
C GLU IA 50 -51.17 7.10 86.34
N GLN IA 51 -51.95 7.36 87.40
CA GLN IA 51 -52.90 6.37 87.93
C GLN IA 51 -54.29 6.52 87.31
N ARG IA 52 -54.79 7.76 87.21
CA ARG IA 52 -56.08 8.01 86.55
C ARG IA 52 -56.03 7.50 85.11
N ALA IA 53 -57.14 6.93 84.69
CA ALA IA 53 -57.20 6.25 83.40
C ALA IA 53 -57.95 7.07 82.34
N PRO IA 54 -57.59 6.86 81.06
CA PRO IA 54 -58.29 7.45 79.91
C PRO IA 54 -59.62 6.71 79.65
N ILE IA 55 -60.54 7.43 79.05
CA ILE IA 55 -61.89 6.89 78.72
C ILE IA 55 -62.10 6.93 77.20
N ASN IA 56 -62.43 5.78 76.63
CA ASN IA 56 -62.75 5.70 75.20
C ASN IA 56 -64.17 6.20 74.96
N VAL IA 57 -64.29 7.17 74.05
CA VAL IA 57 -65.59 7.80 73.73
C VAL IA 57 -65.91 7.60 72.25
N ASP IA 58 -67.20 7.37 72.00
CA ASP IA 58 -67.75 7.30 70.64
C ASP IA 58 -69.23 7.73 70.66
N LYS IA 59 -69.81 7.82 69.46
CA LYS IA 59 -71.22 8.23 69.27
C LYS IA 59 -72.25 7.38 70.02
N ALA IA 60 -71.93 6.11 70.25
CA ALA IA 60 -72.86 5.14 70.85
C ALA IA 60 -72.75 4.98 72.37
N ASN IA 61 -72.01 5.88 73.02
CA ASN IA 61 -71.80 5.83 74.48
C ASN IA 61 -71.40 7.18 75.09
N PHE IA 62 -71.50 8.26 74.29
CA PHE IA 62 -71.08 9.60 74.76
C PHE IA 62 -71.80 9.99 76.05
N ASN IA 63 -73.12 9.85 76.03
CA ASN IA 63 -73.96 10.16 77.21
C ASN IA 63 -73.63 9.27 78.42
N GLU IA 64 -73.33 8.00 78.13
CA GLU IA 64 -73.03 6.98 79.14
C GLU IA 64 -71.73 7.39 79.86
N VAL IA 65 -70.81 7.94 79.08
CA VAL IA 65 -69.53 8.45 79.59
C VAL IA 65 -69.75 9.61 80.56
N MET IA 66 -70.65 10.53 80.21
CA MET IA 66 -70.95 11.67 81.08
C MET IA 66 -71.57 11.22 82.41
N ALA IA 67 -72.51 10.28 82.30
CA ALA IA 67 -73.20 9.69 83.45
C ALA IA 67 -72.22 9.01 84.42
N GLN IA 68 -71.29 8.25 83.84
CA GLN IA 68 -70.26 7.55 84.62
C GLN IA 68 -69.19 8.49 85.20
N GLN IA 69 -68.91 9.57 84.47
CA GLN IA 69 -67.91 10.57 84.89
C GLN IA 69 -68.40 11.31 86.15
N ASN IA 70 -69.72 11.51 86.23
CA ASN IA 70 -70.38 12.18 87.37
C ASN IA 70 -69.87 13.62 87.49
N LEU IA 71 -70.70 14.53 86.98
CA LEU IA 71 -70.38 15.97 87.00
C LEU IA 71 -71.15 16.66 88.11
N LYS IA 72 -70.49 17.63 88.72
CA LYS IA 72 -71.08 18.42 89.81
C LYS IA 72 -70.44 19.82 89.88
N VAL IA 73 -71.30 20.80 90.09
CA VAL IA 73 -70.90 22.20 90.25
C VAL IA 73 -71.48 22.79 91.56
N THR IA 74 -70.56 23.15 92.42
CA THR IA 74 -70.90 23.89 93.65
C THR IA 74 -70.36 25.30 93.46
N LEU IA 75 -71.29 26.22 93.27
CA LEU IA 75 -70.95 27.62 92.94
C LEU IA 75 -72.02 28.56 93.48
N THR IA 76 -71.58 29.79 93.70
CA THR IA 76 -72.43 30.87 94.19
C THR IA 76 -72.58 31.97 93.12
N ALA IA 77 -73.82 32.36 92.90
CA ALA IA 77 -74.20 33.45 91.97
C ALA IA 77 -74.96 34.53 92.75
N ALA IA 78 -74.95 35.75 92.20
CA ALA IA 78 -75.74 36.86 92.75
C ALA IA 78 -77.24 36.48 92.78
N ASP IA 79 -77.83 36.64 93.95
CA ASP IA 79 -79.26 36.38 94.15
C ASP IA 79 -80.05 37.58 93.64
N LYS IA 80 -80.64 37.42 92.46
CA LYS IA 80 -81.43 38.50 91.84
C LYS IA 80 -82.94 38.26 91.97
N LEU IA 81 -83.31 37.41 92.91
CA LEU IA 81 -84.72 37.16 93.26
C LEU IA 81 -85.26 38.17 94.29
N SER IA 82 -84.34 39.00 94.79
CA SER IA 82 -84.65 40.08 95.72
C SER IA 82 -83.95 41.38 95.26
N ALA IA 83 -83.92 42.37 96.15
CA ALA IA 83 -83.29 43.67 95.93
C ALA IA 83 -82.18 43.96 96.96
N ASP IA 84 -81.40 42.93 97.26
CA ASP IA 84 -80.29 43.04 98.21
C ASP IA 84 -78.96 42.65 97.55
N PRO IA 85 -77.99 43.59 97.51
CA PRO IA 85 -76.63 43.35 97.00
C PRO IA 85 -75.84 42.29 97.78
N ASN IA 86 -76.17 42.14 99.07
CA ASN IA 86 -75.55 41.14 99.96
C ASN IA 86 -76.16 39.72 99.84
N ALA IA 87 -77.30 39.64 99.14
CA ALA IA 87 -77.97 38.35 98.88
C ALA IA 87 -77.23 37.56 97.80
N THR IA 88 -76.84 36.37 98.21
CA THR IA 88 -76.14 35.42 97.33
C THR IA 88 -76.83 34.07 97.32
N MET IA 89 -76.75 33.38 96.18
CA MET IA 89 -77.35 32.04 96.03
C MET IA 89 -76.30 31.00 95.68
N ASN IA 90 -76.23 29.98 96.52
CA ASN IA 90 -75.33 28.84 96.29
C ASN IA 90 -76.15 27.65 95.79
N VAL IA 91 -75.67 27.10 94.68
CA VAL IA 91 -76.33 25.97 93.98
C VAL IA 91 -75.37 24.77 93.89
N SER IA 92 -75.98 23.58 93.83
CA SER IA 92 -75.23 22.33 93.68
C SER IA 92 -75.80 21.54 92.49
N LEU IA 93 -75.36 21.89 91.30
CA LEU IA 93 -75.87 21.23 90.07
C LEU IA 93 -75.11 19.93 89.80
N GLN IA 94 -75.87 18.99 89.24
CA GLN IA 94 -75.37 17.65 88.87
C GLN IA 94 -75.79 17.35 87.43
N PHE IA 95 -74.87 16.76 86.71
CA PHE IA 95 -75.10 16.44 85.28
C PHE IA 95 -74.80 14.97 85.01
N LYS IA 96 -75.68 14.40 84.18
CA LYS IA 96 -75.57 13.01 83.70
C LYS IA 96 -75.40 12.99 82.17
N ASN IA 97 -76.03 13.95 81.52
CA ASN IA 97 -75.95 14.15 80.06
C ASN IA 97 -75.99 15.65 79.74
N LEU IA 98 -75.79 15.95 78.47
CA LEU IA 98 -75.83 17.34 77.96
C LEU IA 98 -77.18 18.05 78.12
N ASN IA 99 -78.24 17.25 78.13
CA ASN IA 99 -79.60 17.75 78.37
C ASN IA 99 -79.73 18.41 79.74
N ASP IA 100 -78.88 17.99 80.68
CA ASP IA 100 -78.86 18.54 82.05
C ASP IA 100 -78.24 19.93 82.17
N PHE IA 101 -77.77 20.49 81.05
CA PHE IA 101 -77.29 21.89 81.02
C PHE IA 101 -78.37 22.86 80.53
N SER IA 102 -79.52 22.32 80.15
CA SER IA 102 -80.65 23.14 79.72
C SER IA 102 -81.27 23.88 80.93
N PRO IA 103 -81.78 25.08 80.71
CA PRO IA 103 -82.43 25.90 81.77
C PRO IA 103 -83.53 25.12 82.53
N GLU IA 104 -84.18 24.19 81.82
CA GLU IA 104 -85.22 23.32 82.41
C GLU IA 104 -84.65 22.42 83.54
N SER IA 105 -83.45 21.91 83.35
CA SER IA 105 -82.79 21.07 84.37
C SER IA 105 -82.17 21.93 85.48
N VAL IA 106 -81.68 23.11 85.10
CA VAL IA 106 -81.10 24.09 86.05
C VAL IA 106 -82.15 24.49 87.09
N VAL IA 107 -83.35 24.80 86.61
CA VAL IA 107 -84.48 25.16 87.48
C VAL IA 107 -84.86 24.00 88.42
N ASN IA 108 -84.89 22.79 87.87
CA ASN IA 108 -85.28 21.60 88.61
C ASN IA 108 -84.31 21.27 89.76
N GLN IA 109 -83.06 21.69 89.60
CA GLN IA 109 -82.03 21.44 90.62
C GLN IA 109 -81.78 22.64 91.54
N VAL IA 110 -82.56 23.71 91.33
CA VAL IA 110 -82.45 24.93 92.13
C VAL IA 110 -83.84 25.21 92.73
N PRO IA 111 -84.06 24.80 93.99
CA PRO IA 111 -85.34 24.96 94.72
C PRO IA 111 -85.90 26.40 94.69
N GLU IA 112 -84.99 27.36 94.75
CA GLU IA 112 -85.30 28.80 94.72
C GLU IA 112 -85.94 29.24 93.38
N LEU IA 113 -85.70 28.45 92.35
CA LEU IA 113 -86.31 28.64 91.02
C LEU IA 113 -87.41 27.61 90.74
N LYS IA 114 -87.21 26.39 91.22
CA LYS IA 114 -88.16 25.28 91.04
C LYS IA 114 -89.53 25.62 91.63
N LYS IA 115 -89.52 26.22 92.83
CA LYS IA 115 -90.75 26.68 93.49
C LYS IA 115 -91.45 27.79 92.71
N LEU IA 116 -90.66 28.65 92.08
CA LEU IA 116 -91.16 29.72 91.21
C LEU IA 116 -91.80 29.20 89.92
N LEU IA 117 -91.25 28.10 89.43
CA LEU IA 117 -91.78 27.40 88.25
C LEU IA 117 -93.11 26.70 88.62
N GLU IA 118 -93.15 26.14 89.81
CA GLU IA 118 -94.37 25.51 90.36
C GLU IA 118 -95.46 26.56 90.56
N LEU IA 119 -95.03 27.73 91.02
CA LEU IA 119 -95.90 28.92 91.15
C LEU IA 119 -96.46 29.35 89.79
N ARG IA 120 -95.55 29.40 88.81
CA ARG IA 120 -95.90 29.77 87.43
C ARG IA 120 -97.04 28.86 86.94
N SER IA 121 -96.85 27.55 87.09
CA SER IA 121 -97.83 26.54 86.67
C SER IA 121 -99.17 26.66 87.40
N ALA IA 122 -99.10 27.03 88.69
CA ALA IA 122 -100.29 27.29 89.52
C ALA IA 122 -101.07 28.53 89.03
N LEU IA 123 -100.36 29.50 88.64
CA LEU IA 123 -101.04 30.74 88.23
C LEU IA 123 -101.62 30.61 86.81
N ASN IA 124 -100.92 29.91 85.91
CA ASN IA 124 -101.41 29.70 84.55
C ASN IA 124 -102.67 28.82 84.59
N ALA IA 125 -102.66 27.78 85.44
CA ALA IA 125 -103.80 26.87 85.64
C ALA IA 125 -105.00 27.66 86.14
N LEU IA 126 -104.80 28.49 87.17
CA LEU IA 126 -105.84 29.34 87.73
C LEU IA 126 -106.39 30.31 86.67
N LYS IA 127 -105.49 31.05 85.98
CA LYS IA 127 -105.90 32.03 84.97
C LYS IA 127 -106.60 31.41 83.76
N GLY IA 128 -106.26 30.15 83.40
CA GLY IA 128 -106.94 29.44 82.31
C GLY IA 128 -108.16 28.68 82.82
N PRO IA 129 -108.53 28.88 84.10
CA PRO IA 129 -109.67 28.25 84.78
C PRO IA 129 -109.63 26.72 84.83
N LEU IA 130 -108.40 26.13 84.84
CA LEU IA 130 -108.23 24.68 84.85
C LEU IA 130 -108.40 24.06 86.24
N GLY IA 131 -108.36 24.89 87.30
CA GLY IA 131 -108.63 24.41 88.65
C GLY IA 131 -109.44 25.44 89.41
N ASN IA 132 -110.21 25.01 90.42
CA ASN IA 132 -111.01 25.92 91.21
C ASN IA 132 -110.16 26.54 92.33
N LEU IA 133 -110.70 27.57 93.02
CA LEU IA 133 -110.02 28.29 94.08
C LEU IA 133 -109.56 27.41 95.24
N PRO IA 134 -110.35 26.41 95.64
CA PRO IA 134 -109.99 25.52 96.77
C PRO IA 134 -108.70 24.72 96.44
N ALA IA 135 -108.59 24.18 95.20
CA ALA IA 135 -107.42 23.41 94.76
C ALA IA 135 -106.22 24.37 94.67
N PHE IA 136 -106.43 25.54 94.04
CA PHE IA 136 -105.40 26.58 93.92
C PHE IA 136 -104.78 26.87 95.29
N ARG IA 137 -105.62 27.17 96.33
CA ARG IA 137 -105.09 27.51 97.68
C ARG IA 137 -104.35 26.34 98.33
N LYS IA 138 -104.81 25.10 98.10
CA LYS IA 138 -104.18 23.89 98.64
C LYS IA 138 -102.80 23.69 98.01
N LYS IA 139 -102.70 23.87 96.68
CA LYS IA 139 -101.44 23.75 95.96
C LYS IA 139 -100.49 24.89 96.30
N LEU IA 140 -101.00 26.07 96.55
CA LEU IA 140 -100.18 27.19 96.85
C LEU IA 140 -99.47 26.95 98.13
N GLN IA 141 -100.18 26.48 99.13
CA GLN IA 141 -99.57 26.23 100.41
C GLN IA 141 -98.47 25.17 100.32
N ALA IA 142 -98.65 24.16 99.51
CA ALA IA 142 -97.64 23.15 99.26
C ALA IA 142 -96.34 23.73 98.65
N LEU IA 143 -96.49 24.53 97.63
CA LEU IA 143 -95.38 25.22 97.04
C LEU IA 143 -94.60 26.05 98.09
N LEU IA 144 -95.28 26.85 98.87
CA LEU IA 144 -94.63 27.79 99.75
C LEU IA 144 -94.16 27.20 101.09
N ALA IA 145 -94.53 25.97 101.32
CA ALA IA 145 -94.16 25.21 102.50
C ALA IA 145 -92.65 24.85 102.51
N ASP IA 146 -91.98 24.77 101.34
CA ASP IA 146 -90.55 24.43 101.24
C ASP IA 146 -89.69 25.21 102.26
N GLU IA 147 -89.09 24.52 103.25
CA GLU IA 147 -88.32 25.26 104.28
C GLU IA 147 -87.02 25.90 103.80
N ASP IA 148 -86.55 25.53 102.60
CA ASP IA 148 -85.32 26.07 102.02
C ASP IA 148 -85.56 27.45 101.38
N GLY IA 149 -86.85 27.87 101.25
CA GLY IA 149 -87.20 29.17 100.66
C GLY IA 149 -87.00 30.30 101.63
N ARG IA 150 -86.66 31.50 101.12
CA ARG IA 150 -86.58 32.66 102.00
C ARG IA 150 -88.01 33.21 102.17
N LYS IA 151 -88.29 33.90 103.29
CA LYS IA 151 -89.61 34.48 103.49
C LYS IA 151 -89.81 35.65 102.48
N ALA IA 152 -88.69 36.30 102.09
CA ALA IA 152 -88.73 37.39 101.11
C ALA IA 152 -89.25 36.83 99.79
N LEU IA 153 -88.72 35.67 99.35
CA LEU IA 153 -89.22 35.04 98.12
C LEU IA 153 -90.70 34.62 98.25
N ILE IA 154 -91.09 34.01 99.39
CA ILE IA 154 -92.48 33.59 99.60
C ILE IA 154 -93.45 34.77 99.41
N LYS IA 155 -93.09 35.96 99.97
CA LYS IA 155 -93.84 37.22 99.87
C LYS IA 155 -94.01 37.71 98.44
N GLU IA 156 -92.94 37.67 97.63
CA GLU IA 156 -92.95 38.02 96.20
C GLU IA 156 -93.82 37.03 95.41
N LEU IA 157 -93.80 35.74 95.82
CA LEU IA 157 -94.64 34.71 95.18
C LEU IA 157 -96.13 34.91 95.49
N GLY IA 158 -96.46 35.19 96.78
CA GLY IA 158 -97.83 35.46 97.23
C GLY IA 158 -98.38 36.76 96.64
N LEU IA 159 -97.50 37.74 96.33
CA LEU IA 159 -97.89 39.03 95.71
C LEU IA 159 -98.35 38.87 94.27
N THR IA 160 -98.07 37.72 93.64
CA THR IA 160 -98.49 37.42 92.27
C THR IA 160 -99.90 36.83 92.24
N GLU IA 161 -100.44 36.42 93.39
CA GLU IA 161 -101.78 35.83 93.46
C GLU IA 161 -102.90 36.86 93.20
N GLU IA 162 -103.80 36.65 92.21
CA GLU IA 162 -104.92 37.60 92.02
C GLU IA 162 -105.79 37.64 93.29
N THR IA 163 -106.28 38.82 93.66
CA THR IA 163 -107.10 39.02 94.87
C THR IA 163 -108.28 38.07 95.00
N LYS IA 164 -108.98 37.76 93.89
CA LYS IA 164 -110.13 36.87 93.87
C LYS IA 164 -109.82 35.41 94.16
N ASP JA 63 -110.03 40.02 84.00
CA ASP JA 63 -109.30 39.55 85.22
C ASP JA 63 -108.03 38.74 84.89
N LYS JA 64 -108.15 37.86 83.89
CA LYS JA 64 -107.09 36.96 83.44
C LYS JA 64 -105.89 37.77 82.93
N ALA JA 65 -106.19 38.94 82.35
CA ALA JA 65 -105.14 39.85 81.85
C ALA JA 65 -104.14 40.25 82.94
N LEU JA 66 -104.68 40.48 84.15
CA LEU JA 66 -103.86 40.77 85.34
C LEU JA 66 -103.04 39.55 85.79
N VAL JA 67 -103.66 38.39 85.71
CA VAL JA 67 -103.00 37.10 86.02
C VAL JA 67 -101.83 36.86 85.05
N ASP JA 68 -102.05 37.18 83.78
CA ASP JA 68 -101.02 37.05 82.74
C ASP JA 68 -99.84 38.00 83.01
N ALA JA 69 -100.18 39.20 83.49
CA ALA JA 69 -99.17 40.21 83.88
C ALA JA 69 -98.32 39.71 85.05
N MET JA 70 -98.96 38.97 85.96
CA MET JA 70 -98.28 38.33 87.10
C MET JA 70 -97.29 37.27 86.59
N ILE JA 71 -97.72 36.53 85.57
CA ILE JA 71 -96.85 35.53 84.90
C ILE JA 71 -95.67 36.19 84.18
N ALA JA 72 -95.92 37.33 83.60
CA ALA JA 72 -94.89 38.08 82.88
C ALA JA 72 -93.78 38.54 83.84
N GLU JA 73 -94.20 39.07 84.98
CA GLU JA 73 -93.29 39.55 86.03
C GLU JA 73 -92.57 38.41 86.75
N ILE JA 74 -93.28 37.31 86.94
CA ILE JA 74 -92.72 36.10 87.58
C ILE JA 74 -91.56 35.54 86.74
N ASP JA 75 -91.82 35.39 85.43
CA ASP JA 75 -90.83 34.86 84.48
C ASP JA 75 -89.69 35.84 84.28
N LYS JA 76 -90.02 37.12 84.35
CA LYS JA 76 -89.01 38.19 84.28
C LYS JA 76 -87.99 38.04 85.41
N ARG JA 77 -88.49 37.81 86.61
CA ARG JA 77 -87.62 37.63 87.80
C ARG JA 77 -86.85 36.30 87.73
N LEU JA 78 -87.55 35.25 87.32
CA LEU JA 78 -86.95 33.91 87.21
C LEU JA 78 -85.82 33.93 86.16
N SER JA 79 -86.06 34.60 85.05
CA SER JA 79 -85.09 34.76 83.96
C SER JA 79 -83.87 35.59 84.35
N SER JA 80 -84.08 36.52 85.22
CA SER JA 80 -82.98 37.37 85.74
C SER JA 80 -82.00 36.52 86.56
N GLN JA 81 -82.56 35.57 87.31
CA GLN JA 81 -81.76 34.64 88.13
C GLN JA 81 -81.12 33.57 87.26
N VAL JA 82 -81.83 33.02 86.36
CA VAL JA 82 -81.33 31.95 85.45
C VAL JA 82 -80.15 32.44 84.58
N ASN JA 83 -80.17 33.73 84.23
CA ASN JA 83 -79.06 34.35 83.50
C ASN JA 83 -77.75 34.25 84.30
N GLU JA 84 -77.87 34.42 85.62
CA GLU JA 84 -76.71 34.35 86.53
C GLU JA 84 -76.02 32.99 86.54
N ILE JA 85 -76.82 31.92 86.52
CA ILE JA 85 -76.28 30.55 86.50
C ILE JA 85 -75.69 30.23 85.12
N LEU JA 86 -76.47 30.57 84.10
CA LEU JA 86 -76.08 30.29 82.70
C LEU JA 86 -74.85 31.08 82.25
N HIS JA 87 -74.66 32.23 82.87
CA HIS JA 87 -73.51 33.11 82.58
C HIS JA 87 -72.42 33.02 83.64
N ALA JA 88 -72.53 32.03 84.52
CA ALA JA 88 -71.49 31.75 85.52
C ALA JA 88 -70.28 31.13 84.80
N LYS JA 89 -69.11 31.66 85.13
CA LYS JA 89 -67.84 31.21 84.51
C LYS JA 89 -67.52 29.74 84.80
N GLU JA 90 -67.84 29.32 86.03
CA GLU JA 90 -67.67 27.92 86.46
C GLU JA 90 -68.64 27.01 85.67
N PHE JA 91 -69.86 27.48 85.51
CA PHE JA 91 -70.88 26.71 84.79
C PHE JA 91 -70.52 26.55 83.31
N GLN JA 92 -70.11 27.65 82.70
CA GLN JA 92 -69.74 27.69 81.28
C GLN JA 92 -68.49 26.86 81.00
N LYS JA 93 -67.54 26.85 81.95
CA LYS JA 93 -66.31 26.06 81.80
C LYS JA 93 -66.66 24.58 81.68
N LEU JA 94 -67.59 24.13 82.53
CA LEU JA 94 -68.06 22.74 82.52
C LEU JA 94 -68.83 22.44 81.22
N GLU JA 95 -69.81 23.28 80.92
CA GLU JA 95 -70.67 23.07 79.74
C GLU JA 95 -69.86 23.08 78.44
N SER JA 96 -69.15 24.17 78.22
CA SER JA 96 -68.34 24.36 77.00
C SER JA 96 -67.36 23.21 76.79
N SER JA 97 -66.85 22.60 77.88
CA SER JA 97 -65.93 21.46 77.80
C SER JA 97 -66.60 20.23 77.18
N TRP JA 98 -67.76 19.87 77.73
CA TRP JA 98 -68.52 18.71 77.27
C TRP JA 98 -69.28 18.93 75.95
N ARG JA 99 -69.83 20.12 75.79
CA ARG JA 99 -70.55 20.48 74.55
C ARG JA 99 -69.58 20.54 73.36
N SER JA 100 -68.44 21.17 73.57
CA SER JA 100 -67.37 21.22 72.54
C SER JA 100 -66.82 19.83 72.24
N LEU JA 101 -66.82 18.97 73.26
CA LEU JA 101 -66.36 17.59 73.10
C LEU JA 101 -67.28 16.79 72.18
N LYS JA 102 -68.58 16.91 72.41
CA LYS JA 102 -69.57 16.22 71.56
C LYS JA 102 -69.55 16.79 70.13
N PHE JA 103 -69.43 18.12 70.05
CA PHE JA 103 -69.32 18.81 68.76
C PHE JA 103 -68.20 18.20 67.90
N MET JA 104 -67.10 17.84 68.58
CA MET JA 104 -66.00 17.09 67.97
C MET JA 104 -66.43 15.67 67.61
N VAL JA 105 -66.85 14.93 68.64
CA VAL JA 105 -67.16 13.49 68.56
C VAL JA 105 -68.16 13.19 67.43
N ASP JA 106 -69.27 13.91 67.41
CA ASP JA 106 -70.36 13.58 66.47
C ASP JA 106 -70.09 14.01 65.02
N ARG JA 107 -68.97 14.69 64.79
CA ARG JA 107 -68.55 15.08 63.43
C ARG JA 107 -67.42 14.18 62.91
N THR JA 108 -67.10 13.15 63.68
CA THR JA 108 -66.13 12.12 63.29
C THR JA 108 -66.91 10.89 62.82
N ASP JA 109 -66.18 9.91 62.31
CA ASP JA 109 -66.78 8.65 61.86
C ASP JA 109 -65.96 7.49 62.42
N PHE JA 110 -66.50 6.89 63.47
CA PHE JA 110 -65.83 5.76 64.18
C PHE JA 110 -65.73 4.47 63.36
N ARG JA 111 -66.48 4.42 62.26
CA ARG JA 111 -66.41 3.28 61.32
C ARG JA 111 -65.18 3.35 60.40
N GLU JA 112 -64.53 4.51 60.39
CA GLU JA 112 -63.34 4.75 59.56
C GLU JA 112 -62.04 4.60 60.36
N ASN JA 113 -62.09 3.81 61.44
CA ASN JA 113 -60.93 3.54 62.30
C ASN JA 113 -60.44 4.83 63.00
N THR JA 114 -61.38 5.62 63.46
CA THR JA 114 -61.08 6.83 64.23
C THR JA 114 -61.44 6.56 65.69
N ARG JA 115 -60.54 6.95 66.58
CA ARG JA 115 -60.74 6.72 68.03
C ARG JA 115 -60.33 7.95 68.81
N VAL JA 116 -60.96 8.14 69.95
CA VAL JA 116 -60.68 9.26 70.85
C VAL JA 116 -60.80 8.79 72.30
N GLU JA 117 -59.87 9.25 73.12
CA GLU JA 117 -59.89 9.00 74.56
C GLU JA 117 -59.87 10.32 75.32
N MET JA 118 -60.53 10.32 76.47
CA MET JA 118 -60.58 11.49 77.36
C MET JA 118 -59.66 11.26 78.57
N LEU JA 119 -58.89 12.29 78.87
CA LEU JA 119 -57.98 12.28 80.02
C LEU JA 119 -58.11 13.58 80.80
N ASN JA 120 -58.84 13.50 81.89
CA ASN JA 120 -59.10 14.68 82.75
C ASN JA 120 -57.81 15.18 83.43
N ALA JA 121 -57.41 16.37 83.04
CA ALA JA 121 -56.20 17.02 83.60
C ALA JA 121 -56.28 18.54 83.46
N SER JA 122 -55.98 19.23 84.53
CA SER JA 122 -55.89 20.70 84.54
C SER JA 122 -54.45 21.13 84.17
N LYS JA 123 -54.29 22.36 83.69
CA LYS JA 123 -52.93 22.86 83.35
C LYS JA 123 -52.00 22.86 84.56
N GLU JA 124 -52.58 23.23 85.71
CA GLU JA 124 -51.83 23.30 86.97
C GLU JA 124 -51.21 21.95 87.33
N ASP JA 125 -52.00 20.88 87.20
CA ASP JA 125 -51.52 19.53 87.55
C ASP JA 125 -50.60 18.93 86.48
N LEU JA 126 -50.70 19.46 85.25
CA LEU JA 126 -49.78 19.08 84.17
C LEU JA 126 -48.36 19.52 84.53
N GLN JA 127 -48.28 20.75 85.03
CA GLN JA 127 -47.03 21.33 85.53
C GLN JA 127 -46.57 20.61 86.79
N LYS JA 128 -47.52 20.29 87.67
CA LYS JA 128 -47.23 19.53 88.88
C LYS JA 128 -46.52 18.21 88.57
N ASP JA 129 -47.05 17.50 87.58
CA ASP JA 129 -46.51 16.18 87.20
C ASP JA 129 -45.14 16.31 86.51
N PHE JA 130 -45.07 17.25 85.58
CA PHE JA 130 -43.84 17.43 84.82
C PHE JA 130 -42.68 18.01 85.64
N GLU JA 131 -43.02 18.82 86.64
CA GLU JA 131 -42.04 19.37 87.59
C GLU JA 131 -41.65 18.34 88.64
N ASP JA 132 -42.64 17.52 89.04
CA ASP JA 132 -42.42 16.45 90.03
C ASP JA 132 -41.45 15.39 89.49
N ALA JA 133 -41.74 14.92 88.28
CA ALA JA 133 -40.92 13.91 87.61
C ALA JA 133 -39.48 14.42 87.40
N PRO JA 134 -38.51 13.52 87.53
CA PRO JA 134 -37.08 13.82 87.28
C PRO JA 134 -36.81 14.09 85.79
N GLU JA 135 -37.57 13.41 84.93
CA GLU JA 135 -37.46 13.56 83.48
C GLU JA 135 -38.80 13.26 82.82
N VAL JA 136 -38.97 13.76 81.62
CA VAL JA 136 -40.21 13.59 80.84
C VAL JA 136 -40.57 12.11 80.60
N THR JA 137 -39.55 11.27 80.47
CA THR JA 137 -39.77 9.83 80.22
C THR JA 137 -40.46 9.13 81.40
N LYS JA 138 -40.49 9.80 82.55
CA LYS JA 138 -41.12 9.27 83.77
C LYS JA 138 -42.39 10.04 84.17
N SER JA 139 -42.81 10.98 83.32
CA SER JA 139 -44.06 11.71 83.55
C SER JA 139 -45.25 10.76 83.35
N GLY JA 140 -46.35 11.10 84.03
CA GLY JA 140 -47.60 10.32 83.96
C GLY JA 140 -48.22 10.37 82.56
N LEU JA 141 -48.15 11.56 81.96
CA LEU JA 141 -48.65 11.78 80.60
C LEU JA 141 -47.86 11.01 79.54
N TYR JA 142 -46.53 11.03 79.71
CA TYR JA 142 -45.64 10.23 78.84
C TYR JA 142 -46.00 8.76 78.91
N LYS JA 143 -46.32 8.30 80.13
CA LYS JA 143 -46.62 6.90 80.37
C LYS JA 143 -47.75 6.38 79.49
N LEU JA 144 -48.84 7.12 79.33
CA LEU JA 144 -49.97 6.57 78.55
C LEU JA 144 -50.23 7.31 77.23
N VAL JA 145 -49.27 8.12 76.83
CA VAL JA 145 -49.19 8.62 75.46
C VAL JA 145 -48.17 7.72 74.72
N TYR JA 146 -46.93 7.73 75.20
CA TYR JA 146 -45.84 6.98 74.59
C TYR JA 146 -45.80 5.51 75.03
N SER JA 147 -45.59 5.31 76.34
CA SER JA 147 -45.27 3.99 76.90
C SER JA 147 -46.36 2.93 76.66
N ASN JA 148 -47.60 3.33 76.92
CA ASN JA 148 -48.75 2.42 76.75
C ASN JA 148 -49.27 2.32 75.30
N GLU JA 149 -48.63 3.06 74.41
CA GLU JA 149 -49.05 3.11 73.00
C GLU JA 149 -47.92 2.82 72.00
N TYR JA 150 -47.29 3.91 71.55
CA TYR JA 150 -46.23 3.85 70.54
C TYR JA 150 -45.09 2.87 70.89
N GLY JA 151 -44.73 2.86 72.19
CA GLY JA 151 -43.61 2.03 72.66
C GLY JA 151 -44.05 0.69 73.26
N VAL JA 152 -45.19 0.18 72.81
CA VAL JA 152 -45.72 -1.12 73.28
C VAL JA 152 -45.99 -2.06 72.11
N PHE JA 153 -45.30 -3.17 72.11
CA PHE JA 153 -45.55 -4.28 71.17
C PHE JA 153 -47.00 -4.78 71.32
N GLY JA 154 -47.74 -4.69 70.21
CA GLY JA 154 -49.15 -5.11 70.19
C GLY JA 154 -50.12 -3.93 70.37
N GLY JA 155 -49.56 -2.78 70.80
CA GLY JA 155 -50.37 -1.57 71.04
C GLY JA 155 -50.57 -0.76 69.75
N LYS JA 156 -50.86 0.51 69.98
CA LYS JA 156 -51.12 1.47 68.89
C LYS JA 156 -50.62 2.86 69.31
N PRO JA 157 -50.14 3.67 68.38
CA PRO JA 157 -49.63 5.03 68.66
C PRO JA 157 -50.74 6.09 68.60
N TYR JA 158 -50.67 7.02 69.54
CA TYR JA 158 -51.58 8.19 69.56
C TYR JA 158 -51.28 9.10 68.35
N GLY JA 159 -52.35 9.37 67.59
CA GLY JA 159 -52.27 10.19 66.37
C GLY JA 159 -51.88 11.64 66.72
N ILE JA 160 -52.66 12.24 67.62
CA ILE JA 160 -52.52 13.65 68.02
C ILE JA 160 -53.13 13.87 69.40
N ILE JA 161 -52.72 14.95 70.04
CA ILE JA 161 -53.24 15.36 71.37
C ILE JA 161 -53.89 16.73 71.25
N SER JA 162 -55.15 16.78 71.68
CA SER JA 162 -55.93 18.02 71.70
C SER JA 162 -56.12 18.47 73.14
N ALA JA 163 -55.54 19.61 73.44
CA ALA JA 163 -55.69 20.15 74.78
C ALA JA 163 -56.61 21.34 74.81
N ASN JA 164 -57.56 21.17 75.71
CA ASN JA 164 -58.60 22.17 75.88
C ASN JA 164 -58.13 23.26 76.87
N TYR JA 165 -57.17 24.05 76.41
CA TYR JA 165 -56.55 25.09 77.23
C TYR JA 165 -56.35 26.37 76.43
N ASP JA 166 -56.31 27.46 77.16
CA ASP JA 166 -55.88 28.77 76.63
C ASP JA 166 -54.51 29.11 77.22
N PHE JA 167 -53.61 29.57 76.40
CA PHE JA 167 -52.25 29.90 76.86
C PHE JA 167 -52.00 31.39 76.81
N ASN JA 168 -51.34 31.88 77.83
CA ASN JA 168 -50.86 33.26 77.90
C ASN JA 168 -49.34 33.27 77.68
N VAL JA 169 -48.72 34.42 77.88
CA VAL JA 169 -47.24 34.57 77.82
C VAL JA 169 -46.58 34.24 79.17
N GLY JA 170 -47.41 33.94 80.15
CA GLY JA 170 -46.99 33.59 81.51
C GLY JA 170 -45.94 32.48 81.46
N PRO JA 171 -44.99 32.56 82.37
CA PRO JA 171 -43.89 31.59 82.46
C PRO JA 171 -44.34 30.13 82.68
N GLN JA 172 -45.35 29.95 83.45
CA GLN JA 172 -45.96 28.62 83.68
C GLN JA 172 -46.50 28.02 82.37
N ASP JA 173 -47.19 28.87 81.59
CA ASP JA 173 -47.78 28.46 80.30
C ASP JA 173 -46.71 28.11 79.27
N MET JA 174 -45.64 28.89 79.32
CA MET JA 174 -44.52 28.65 78.41
C MET JA 174 -43.77 27.36 78.72
N GLU JA 175 -43.61 27.09 80.02
CA GLU JA 175 -42.96 25.86 80.49
C GLU JA 175 -43.80 24.63 80.12
N LEU JA 176 -45.11 24.79 80.22
CA LEU JA 176 -46.05 23.71 79.88
C LEU JA 176 -45.98 23.33 78.40
N LEU JA 177 -45.87 24.36 77.58
CA LEU JA 177 -45.68 24.20 76.13
C LEU JA 177 -44.35 23.52 75.78
N ARG JA 178 -43.33 23.82 76.58
CA ARG JA 178 -42.01 23.21 76.39
C ARG JA 178 -42.05 21.70 76.60
N LYS JA 179 -42.77 21.30 77.64
CA LYS JA 179 -42.92 19.87 77.98
C LYS JA 179 -43.79 19.11 76.99
N CYS JA 180 -44.84 19.79 76.52
CA CYS JA 180 -45.74 19.20 75.52
C CYS JA 180 -45.06 19.07 74.15
N ALA JA 181 -44.13 19.98 73.88
CA ALA JA 181 -43.31 19.93 72.65
C ALA JA 181 -42.38 18.71 72.68
N SER JA 182 -41.78 18.48 73.85
CA SER JA 182 -40.87 17.34 74.07
C SER JA 182 -41.60 16.01 73.94
N VAL JA 183 -42.78 15.92 74.55
CA VAL JA 183 -43.62 14.71 74.51
C VAL JA 183 -44.03 14.36 73.07
N ALA JA 184 -44.53 15.38 72.39
CA ALA JA 184 -45.02 15.29 71.02
C ALA JA 184 -43.90 14.85 70.06
N ALA JA 185 -42.70 15.36 70.32
CA ALA JA 185 -41.50 15.02 69.53
C ALA JA 185 -41.11 13.55 69.69
N MET JA 186 -41.15 13.08 70.94
CA MET JA 186 -40.77 11.70 71.27
C MET JA 186 -41.76 10.69 70.73
N ALA JA 187 -43.03 11.07 70.68
CA ALA JA 187 -43.90 10.08 70.07
C ALA JA 187 -44.60 10.40 68.77
N HIS JA 188 -44.01 11.43 68.19
CA HIS JA 188 -44.27 11.84 66.82
C HIS JA 188 -45.74 12.22 66.71
N ALA JA 189 -46.27 12.95 67.68
CA ALA JA 189 -47.64 13.45 67.53
C ALA JA 189 -47.77 14.87 68.02
N PRO JA 190 -48.43 15.71 67.21
CA PRO JA 190 -48.57 17.15 67.49
C PRO JA 190 -49.51 17.41 68.67
N PHE JA 191 -49.21 18.50 69.37
CA PHE JA 191 -50.03 19.00 70.47
C PHE JA 191 -50.71 20.30 70.03
N ILE JA 192 -52.03 20.26 70.00
CA ILE JA 192 -52.83 21.40 69.55
C ILE JA 192 -53.63 21.96 70.73
N GLY JA 193 -53.68 23.28 70.78
CA GLY JA 193 -54.43 24.02 71.79
C GLY JA 193 -54.80 25.41 71.27
N ASN JA 194 -55.17 26.28 72.18
CA ASN JA 194 -55.58 27.65 71.82
C ASN JA 194 -54.81 28.72 72.61
N ALA JA 195 -54.82 29.91 72.08
CA ALA JA 195 -54.24 31.11 72.71
C ALA JA 195 -55.34 32.00 73.31
N ALA JA 196 -55.01 32.57 74.47
CA ALA JA 196 -55.94 33.47 75.16
C ALA JA 196 -55.87 34.88 74.57
N PRO JA 197 -56.94 35.71 74.63
CA PRO JA 197 -56.97 37.07 74.11
C PRO JA 197 -55.80 38.04 74.55
N GLU JA 198 -55.52 37.85 75.92
CA GLU JA 198 -54.47 38.62 76.60
C GLU JA 198 -53.07 38.35 76.08
N VAL JA 199 -52.90 37.25 75.32
CA VAL JA 199 -51.61 36.96 74.67
C VAL JA 199 -51.17 38.10 73.74
N PHE JA 200 -52.18 38.79 73.17
CA PHE JA 200 -51.95 39.91 72.25
C PHE JA 200 -52.10 41.26 72.97
N GLY JA 201 -52.17 41.19 74.32
CA GLY JA 201 -52.30 42.37 75.19
C GLY JA 201 -53.65 43.09 74.99
N GLU JA 202 -54.68 42.31 74.66
CA GLU JA 202 -56.04 42.83 74.50
C GLU JA 202 -57.00 42.12 75.45
N GLU JA 203 -58.03 42.82 75.85
CA GLU JA 203 -59.04 42.29 76.79
C GLU JA 203 -59.77 41.07 76.20
N SER JA 204 -60.17 41.15 74.94
CA SER JA 204 -60.81 40.02 74.23
C SER JA 204 -60.34 40.04 72.78
N PHE JA 205 -60.69 39.00 72.03
CA PHE JA 205 -60.37 38.94 70.59
C PHE JA 205 -61.09 40.00 69.74
N LEU JA 206 -62.09 40.66 70.33
CA LEU JA 206 -62.86 41.71 69.64
C LEU JA 206 -62.04 42.97 69.37
N LYS JA 207 -60.84 43.05 69.92
CA LYS JA 207 -59.93 44.19 69.65
C LYS JA 207 -58.76 43.84 68.73
N LEU JA 208 -58.82 42.70 68.07
CA LEU JA 208 -57.81 42.32 67.06
C LEU JA 208 -57.69 43.33 65.91
N PRO JA 209 -58.82 43.88 65.43
CA PRO JA 209 -58.84 44.94 64.40
C PRO JA 209 -58.05 46.20 64.81
N ASP JA 210 -57.95 46.45 66.12
CA ASP JA 210 -57.23 47.63 66.63
C ASP JA 210 -55.70 47.47 66.66
N LEU JA 211 -55.24 46.23 66.60
CA LEU JA 211 -53.80 45.97 66.60
C LEU JA 211 -53.19 46.34 65.25
N LYS JA 212 -52.33 47.34 65.31
CA LYS JA 212 -51.67 47.91 64.12
C LYS JA 212 -50.58 47.03 63.51
N ASP JA 213 -49.86 46.28 64.37
CA ASP JA 213 -48.74 45.45 63.93
C ASP JA 213 -48.36 44.41 65.01
N LEU JA 214 -48.73 43.16 64.75
CA LEU JA 214 -48.40 42.03 65.64
C LEU JA 214 -46.91 41.74 65.72
N LYS JA 215 -46.24 41.82 64.57
CA LYS JA 215 -44.78 41.56 64.48
C LYS JA 215 -44.00 42.47 65.44
N SER JA 216 -44.36 43.75 65.47
CA SER JA 216 -43.71 44.73 66.35
C SER JA 216 -44.12 44.52 67.82
N LEU JA 217 -45.37 44.11 68.02
CA LEU JA 217 -45.91 43.83 69.36
C LEU JA 217 -45.08 42.73 70.07
N PHE JA 218 -44.66 41.73 69.31
CA PHE JA 218 -43.91 40.58 69.85
C PHE JA 218 -42.41 40.85 70.05
N GLU JA 219 -42.01 42.11 69.89
CA GLU JA 219 -40.62 42.51 70.12
C GLU JA 219 -40.37 42.85 71.59
N GLY JA 220 -41.49 43.12 72.28
CA GLY JA 220 -41.35 43.48 73.66
C GLY JA 220 -40.71 42.34 74.50
N PRO JA 221 -40.05 42.75 75.58
CA PRO JA 221 -39.39 41.84 76.56
C PRO JA 221 -40.36 40.82 77.16
N GLN JA 222 -41.62 41.16 77.22
CA GLN JA 222 -42.72 40.30 77.71
C GLN JA 222 -42.77 38.94 77.00
N TYR JA 223 -42.34 38.90 75.75
CA TYR JA 223 -42.40 37.66 74.94
C TYR JA 223 -41.03 37.01 74.74
N ALA JA 224 -40.09 37.29 75.65
CA ALA JA 224 -38.73 36.74 75.58
C ALA JA 224 -38.72 35.20 75.51
N ARG JA 225 -39.49 34.58 76.40
CA ARG JA 225 -39.56 33.13 76.47
C ARG JA 225 -40.28 32.51 75.26
N TRP JA 226 -41.34 33.19 74.82
CA TRP JA 226 -42.11 32.73 73.65
C TRP JA 226 -41.25 32.74 72.37
N HIS JA 227 -40.40 33.76 72.28
CA HIS JA 227 -39.48 33.91 71.15
C HIS JA 227 -38.43 32.79 71.13
N SER JA 228 -37.95 32.40 72.30
CA SER JA 228 -36.97 31.30 72.41
C SER JA 228 -37.63 29.95 72.08
N PHE JA 229 -38.90 29.83 72.47
CA PHE JA 229 -39.71 28.63 72.25
C PHE JA 229 -39.88 28.34 70.75
N ARG JA 230 -40.10 29.39 69.99
CA ARG JA 230 -40.27 29.30 68.52
C ARG JA 230 -39.00 28.85 67.79
N GLU JA 231 -37.86 29.00 68.46
CA GLU JA 231 -36.56 28.62 67.89
C GLU JA 231 -36.14 27.16 68.20
N SER JA 232 -36.81 26.56 69.18
CA SER JA 232 -36.52 25.16 69.52
C SER JA 232 -36.92 24.23 68.39
N GLU JA 233 -36.15 23.16 68.23
CA GLU JA 233 -36.43 22.07 67.27
C GLU JA 233 -37.69 21.26 67.63
N ASP JA 234 -38.14 21.40 68.88
CA ASP JA 234 -39.36 20.73 69.35
C ASP JA 234 -40.64 21.49 69.01
N ALA JA 235 -40.48 22.77 68.64
CA ALA JA 235 -41.59 23.65 68.30
C ALA JA 235 -42.44 23.13 67.13
N ARG JA 236 -41.86 22.25 66.30
CA ARG JA 236 -42.61 21.63 65.19
C ARG JA 236 -43.85 20.84 65.62
N TYR JA 237 -43.89 20.45 66.88
CA TYR JA 237 -44.99 19.62 67.40
C TYR JA 237 -45.97 20.40 68.28
N VAL JA 238 -45.90 21.72 68.19
CA VAL JA 238 -46.88 22.61 68.84
C VAL JA 238 -47.63 23.40 67.77
N GLY JA 239 -48.92 23.54 68.06
CA GLY JA 239 -49.84 24.32 67.21
C GLY JA 239 -50.93 24.95 68.06
N LEU JA 240 -50.96 26.26 68.03
CA LEU JA 240 -51.97 27.04 68.78
C LEU JA 240 -52.90 27.78 67.83
N ALA JA 241 -54.18 27.79 68.19
CA ALA JA 241 -55.23 28.44 67.41
C ALA JA 241 -55.59 29.81 68.03
N LEU JA 242 -56.18 30.66 67.23
CA LEU JA 242 -56.52 32.04 67.66
C LEU JA 242 -57.94 32.11 68.25
N PRO JA 243 -58.96 32.79 67.42
CA PRO JA 243 -60.15 33.20 68.12
C PRO JA 243 -61.01 31.96 68.38
N ARG JA 244 -61.81 32.03 69.41
CA ARG JA 244 -62.78 30.97 69.72
C ARG JA 244 -63.94 31.01 68.70
N PHE JA 245 -65.01 30.31 69.01
CA PHE JA 245 -66.22 30.27 68.17
C PHE JA 245 -67.42 29.82 69.00
N LEU JA 246 -68.58 30.29 68.61
CA LEU JA 246 -69.85 29.98 69.30
C LEU JA 246 -70.16 28.47 69.28
N LEU JA 247 -70.69 28.02 70.40
CA LEU JA 247 -71.16 26.63 70.55
C LEU JA 247 -72.68 26.56 70.60
N ARG JA 248 -73.28 27.59 71.20
CA ARG JA 248 -74.71 27.63 71.43
C ARG JA 248 -75.32 28.98 71.05
N LEU JA 249 -76.46 28.90 70.40
CA LEU JA 249 -77.30 30.05 70.12
C LEU JA 249 -78.11 30.36 71.40
N PRO JA 250 -78.11 31.62 71.83
CA PRO JA 250 -78.79 32.08 73.07
C PRO JA 250 -80.24 31.62 73.07
N TYR JA 251 -80.75 31.28 74.25
CA TYR JA 251 -82.13 30.78 74.43
C TYR JA 251 -83.18 31.80 74.01
N GLY JA 252 -84.19 31.32 73.28
CA GLY JA 252 -85.23 32.21 72.71
C GLY JA 252 -86.48 31.39 72.43
N GLU JA 253 -87.61 32.02 72.70
CA GLU JA 253 -88.94 31.41 72.52
C GLU JA 253 -89.15 30.82 71.12
N LYS JA 254 -88.47 31.41 70.14
CA LYS JA 254 -88.56 30.98 68.73
C LYS JA 254 -87.36 30.16 68.27
N THR JA 255 -86.18 30.76 68.40
CA THR JA 255 -84.93 30.16 67.88
C THR JA 255 -84.41 28.96 68.71
N VAL JA 256 -84.57 29.05 70.02
CA VAL JA 256 -84.10 27.98 70.95
C VAL JA 256 -84.95 27.93 72.23
N PRO JA 257 -86.15 27.44 72.08
CA PRO JA 257 -87.15 27.36 73.15
C PRO JA 257 -86.83 26.27 74.17
N VAL JA 258 -87.33 26.49 75.37
CA VAL JA 258 -87.26 25.53 76.49
C VAL JA 258 -88.69 25.17 76.92
N LYS JA 259 -88.82 24.10 77.68
CA LYS JA 259 -90.14 23.63 78.15
C LYS JA 259 -90.65 24.46 79.32
N ALA JA 260 -91.98 24.56 79.41
CA ALA JA 260 -92.70 25.24 80.50
C ALA JA 260 -92.32 26.72 80.63
N PHE JA 261 -91.23 26.97 81.36
CA PHE JA 261 -90.68 28.30 81.61
C PHE JA 261 -90.40 29.04 80.30
N ASN JA 262 -91.01 30.21 80.19
CA ASN JA 262 -90.82 31.07 79.01
C ASN JA 262 -89.52 31.87 79.16
N PHE JA 263 -88.42 31.18 78.93
CA PHE JA 263 -87.08 31.75 79.09
C PHE JA 263 -86.57 32.38 77.79
N THR JA 264 -86.16 33.63 77.92
CA THR JA 264 -85.50 34.40 76.84
C THR JA 264 -84.14 34.89 77.34
N GLU JA 265 -83.09 34.19 76.98
CA GLU JA 265 -81.74 34.55 77.44
C GLU JA 265 -81.40 35.97 76.97
N ASP JA 266 -80.85 36.74 77.91
CA ASP JA 266 -80.46 38.12 77.65
C ASP JA 266 -78.95 38.30 77.71
N VAL JA 267 -78.33 38.24 76.55
CA VAL JA 267 -76.90 38.55 76.40
C VAL JA 267 -76.71 40.07 76.55
N VAL JA 268 -75.95 40.46 77.56
CA VAL JA 268 -75.62 41.88 77.83
C VAL JA 268 -74.65 42.43 76.75
N GLY JA 269 -74.00 43.56 77.14
CA GLY JA 269 -72.91 44.20 76.40
C GLY JA 269 -71.67 43.29 76.31
N HIS JA 270 -71.45 42.50 77.36
CA HIS JA 270 -70.33 41.54 77.39
C HIS JA 270 -70.66 40.31 76.55
N HIS JA 271 -69.90 40.17 75.47
CA HIS JA 271 -70.00 38.99 74.59
C HIS JA 271 -69.53 37.70 75.28
N GLU JA 272 -68.88 37.84 76.44
CA GLU JA 272 -68.46 36.69 77.24
C GLU JA 272 -69.66 35.88 77.79
N ARG JA 273 -70.83 36.51 77.71
CA ARG JA 273 -72.11 35.84 78.00
C ARG JA 273 -72.40 34.71 76.99
N TYR JA 274 -71.93 34.87 75.75
CA TYR JA 274 -72.01 33.80 74.74
C TYR JA 274 -71.14 32.61 75.15
N LEU JA 275 -71.66 31.43 74.88
CA LEU JA 275 -70.95 30.17 75.13
C LEU JA 275 -69.89 29.93 74.04
N TRP JA 276 -68.74 30.55 74.23
CA TRP JA 276 -67.58 30.37 73.33
C TRP JA 276 -66.94 29.01 73.54
N GLY JA 277 -66.42 28.45 72.46
CA GLY JA 277 -65.79 27.12 72.42
C GLY JA 277 -64.36 27.19 71.93
N HIS JA 278 -63.57 26.21 72.37
CA HIS JA 278 -62.15 26.11 72.01
C HIS JA 278 -62.02 25.67 70.54
N ALA JA 279 -61.47 26.57 69.73
CA ALA JA 279 -61.26 26.31 68.27
C ALA JA 279 -60.42 25.05 67.96
N SER JA 280 -59.60 24.63 68.93
CA SER JA 280 -58.74 23.44 68.78
C SER JA 280 -59.53 22.19 68.37
N VAL JA 281 -60.78 22.12 68.84
CA VAL JA 281 -61.71 21.03 68.48
C VAL JA 281 -62.10 21.06 67.00
N ALA JA 282 -62.30 22.27 66.49
CA ALA JA 282 -62.67 22.49 65.08
C ALA JA 282 -61.53 22.02 64.17
N LEU JA 283 -60.30 22.36 64.59
CA LEU JA 283 -59.09 21.91 63.89
C LEU JA 283 -58.95 20.37 63.99
N THR JA 284 -59.34 19.82 65.12
CA THR JA 284 -59.30 18.34 65.33
C THR JA 284 -60.30 17.68 64.39
N SER JA 285 -61.41 18.25 64.09
CA SER JA 285 -62.38 17.65 63.16
C SER JA 285 -61.85 17.63 61.71
N ARG JA 286 -61.00 18.62 61.44
CA ARG JA 286 -60.31 18.74 60.13
C ARG JA 286 -59.37 17.55 59.89
N VAL JA 287 -58.64 17.22 60.95
CA VAL JA 287 -57.71 16.07 60.93
C VAL JA 287 -58.48 14.75 60.72
N ALA JA 288 -59.63 14.67 61.39
CA ALA JA 288 -60.47 13.46 61.37
C ALA JA 288 -61.06 13.21 59.97
N ASP JA 289 -61.53 14.28 59.33
CA ASP JA 289 -62.14 14.17 57.99
C ASP JA 289 -61.15 13.73 56.93
N SER JA 290 -59.96 14.33 56.97
CA SER JA 290 -58.87 13.99 56.04
C SER JA 290 -58.48 12.52 56.16
N PHE JA 291 -58.40 12.05 57.41
CA PHE JA 291 -58.09 10.65 57.71
C PHE JA 291 -59.23 9.71 57.32
N ALA JA 292 -60.47 10.12 57.59
CA ALA JA 292 -61.65 9.31 57.29
C ALA JA 292 -61.76 9.01 55.78
N LYS JA 293 -61.36 9.99 54.98
CA LYS JA 293 -61.40 9.88 53.51
C LYS JA 293 -60.18 9.17 52.91
N PHE JA 294 -59.00 9.46 53.46
CA PHE JA 294 -57.72 9.05 52.83
C PHE JA 294 -56.80 8.22 53.69
N ARG JA 295 -57.00 8.25 54.99
CA ARG JA 295 -56.12 7.63 55.99
C ARG JA 295 -54.81 8.41 56.14
N TRP JA 296 -54.85 9.66 55.69
CA TRP JA 296 -53.75 10.62 55.83
C TRP JA 296 -54.34 11.97 56.26
N SER JA 297 -53.54 12.76 56.95
CA SER JA 297 -54.00 14.10 57.41
C SER JA 297 -53.19 15.29 56.86
N PRO JA 298 -53.24 15.51 55.54
CA PRO JA 298 -52.68 16.74 54.95
C PRO JA 298 -53.76 17.73 54.46
N ASN JA 299 -54.99 17.25 54.27
CA ASN JA 299 -56.07 18.07 53.67
C ASN JA 299 -56.88 18.80 54.74
N ILE JA 300 -56.27 19.84 55.27
CA ILE JA 300 -56.83 20.58 56.42
C ILE JA 300 -56.62 22.10 56.35
N ILE JA 301 -56.29 22.61 55.17
CA ILE JA 301 -55.86 24.02 55.03
C ILE JA 301 -56.50 24.79 53.87
N GLY JA 302 -57.82 24.66 53.73
CA GLY JA 302 -58.47 25.31 52.58
C GLY JA 302 -59.99 25.25 52.61
N PRO JA 303 -60.60 26.29 52.05
CA PRO JA 303 -62.06 26.40 51.87
C PRO JA 303 -62.61 25.21 51.06
N GLN JA 304 -61.79 24.74 50.12
CA GLN JA 304 -62.16 23.61 49.25
C GLN JA 304 -61.35 22.34 49.55
N SER JA 305 -60.13 22.52 50.08
CA SER JA 305 -59.23 21.40 50.34
C SER JA 305 -59.70 20.49 51.49
N GLY JA 306 -60.36 21.13 52.48
CA GLY JA 306 -60.96 20.41 53.62
C GLY JA 306 -60.57 21.01 54.98
N GLY JA 307 -60.18 22.29 54.94
CA GLY JA 307 -59.94 23.09 56.16
C GLY JA 307 -61.12 24.02 56.44
N ALA JA 308 -62.23 23.79 55.74
CA ALA JA 308 -63.46 24.55 55.91
C ALA JA 308 -64.30 23.96 57.06
N VAL JA 309 -64.75 24.85 57.90
CA VAL JA 309 -65.63 24.53 59.05
C VAL JA 309 -67.04 25.01 58.67
N GLU JA 310 -67.91 24.05 58.47
CA GLU JA 310 -69.28 24.34 58.00
C GLU JA 310 -70.29 24.20 59.13
N ASN JA 311 -71.36 24.97 59.00
CA ASN JA 311 -72.52 24.92 59.91
C ASN JA 311 -72.22 25.54 61.28
N LEU JA 312 -71.87 26.82 61.25
CA LEU JA 312 -71.65 27.59 62.48
C LEU JA 312 -72.96 28.20 62.99
N PRO JA 313 -73.11 28.29 64.29
CA PRO JA 313 -74.26 28.95 64.94
C PRO JA 313 -74.34 30.41 64.50
N LEU JA 314 -75.57 30.88 64.32
CA LEU JA 314 -75.84 32.27 63.93
C LEU JA 314 -76.77 32.90 64.97
N HIS JA 315 -76.72 34.23 65.10
CA HIS JA 315 -77.59 34.94 66.05
C HIS JA 315 -77.90 36.37 65.57
N GLN JA 316 -79.01 36.52 64.88
CA GLN JA 316 -79.49 37.85 64.44
C GLN JA 316 -80.15 38.59 65.62
N TYR JA 317 -79.75 39.82 65.79
CA TYR JA 317 -80.26 40.71 66.85
C TYR JA 317 -80.24 42.16 66.38
N GLU JA 318 -81.00 42.99 67.06
CA GLU JA 318 -81.12 44.41 66.68
C GLU JA 318 -79.77 45.12 66.85
N ALA JA 319 -79.51 45.96 65.87
CA ALA JA 319 -78.32 46.81 65.89
C ALA JA 319 -78.72 48.25 66.20
N MET JA 320 -78.34 49.22 65.37
CA MET JA 320 -78.71 50.63 65.50
C MET JA 320 -80.04 50.95 64.79
N GLY JA 321 -81.01 50.05 64.96
CA GLY JA 321 -82.29 50.12 64.23
C GLY JA 321 -82.39 49.09 63.10
N GLU JA 322 -81.26 48.48 62.78
CA GLU JA 322 -81.14 47.44 61.76
C GLU JA 322 -80.96 46.09 62.46
N ILE JA 323 -80.61 45.09 61.69
CA ILE JA 323 -80.34 43.74 62.20
C ILE JA 323 -78.93 43.30 61.79
N GLN JA 324 -78.30 42.57 62.66
CA GLN JA 324 -76.97 41.96 62.40
C GLN JA 324 -76.85 40.66 63.19
N THR JA 325 -75.98 39.80 62.72
CA THR JA 325 -75.72 38.52 63.39
C THR JA 325 -74.39 38.59 64.12
N LYS JA 326 -74.40 38.05 65.32
CA LYS JA 326 -73.15 37.86 66.08
C LYS JA 326 -72.25 36.91 65.28
N ILE JA 327 -71.08 37.42 64.95
CA ILE JA 327 -70.08 36.64 64.19
C ILE JA 327 -69.73 35.39 65.01
N PRO JA 328 -69.77 34.24 64.34
CA PRO JA 328 -69.44 32.92 64.93
C PRO JA 328 -68.08 32.92 65.61
N THR JA 329 -67.15 33.66 65.06
CA THR JA 329 -65.85 33.95 65.71
C THR JA 329 -65.93 35.38 66.23
N GLU JA 330 -65.22 35.70 67.28
CA GLU JA 330 -65.24 37.02 67.94
C GLU JA 330 -65.13 38.16 66.92
N VAL JA 331 -64.26 37.95 65.93
CA VAL JA 331 -64.02 38.95 64.87
C VAL JA 331 -64.13 38.37 63.46
N MET JA 332 -64.22 39.29 62.51
CA MET JA 332 -64.16 38.99 61.07
C MET JA 332 -62.75 39.31 60.59
N LEU JA 333 -61.91 38.30 60.66
CA LEU JA 333 -60.50 38.45 60.30
C LEU JA 333 -60.34 38.74 58.79
N THR JA 334 -59.61 39.84 58.49
CA THR JA 334 -59.18 40.23 57.15
C THR JA 334 -58.02 39.34 56.65
N GLU JA 335 -57.82 39.34 55.34
CA GLU JA 335 -56.74 38.52 54.74
C GLU JA 335 -55.35 38.97 55.26
N ARG JA 336 -55.18 40.28 55.43
CA ARG JA 336 -53.90 40.84 55.89
C ARG JA 336 -53.64 40.45 57.36
N ARG JA 337 -54.69 40.51 58.16
CA ARG JA 337 -54.53 40.15 59.58
C ARG JA 337 -54.31 38.65 59.80
N GLU JA 338 -54.96 37.83 58.96
CA GLU JA 338 -54.76 36.36 58.95
C GLU JA 338 -53.30 36.04 58.63
N PHE JA 339 -52.81 36.73 57.59
CA PHE JA 339 -51.43 36.52 57.12
C PHE JA 339 -50.41 36.91 58.19
N GLU JA 340 -50.72 37.97 58.93
CA GLU JA 340 -49.88 38.45 60.04
C GLU JA 340 -49.80 37.39 61.15
N LEU JA 341 -50.95 36.84 61.49
CA LEU JA 341 -51.05 35.75 62.47
C LEU JA 341 -50.32 34.48 62.04
N SER JA 342 -50.38 34.22 60.74
CA SER JA 342 -49.70 33.06 60.13
C SER JA 342 -48.17 33.21 60.25
N GLU JA 343 -47.71 34.45 60.07
CA GLU JA 343 -46.28 34.81 60.22
C GLU JA 343 -45.78 34.62 61.65
N GLU JA 344 -46.70 34.80 62.60
CA GLU JA 344 -46.41 34.64 64.03
C GLU JA 344 -46.76 33.25 64.58
N GLY JA 345 -46.95 32.32 63.64
CA GLY JA 345 -47.16 30.89 63.93
C GLY JA 345 -48.45 30.59 64.69
N PHE JA 346 -49.50 31.35 64.39
CA PHE JA 346 -50.84 31.08 64.92
C PHE JA 346 -51.73 30.48 63.83
N ILE JA 347 -52.67 29.67 64.26
CA ILE JA 347 -53.67 29.02 63.38
C ILE JA 347 -54.99 29.76 63.58
N GLY JA 348 -55.20 30.74 62.71
CA GLY JA 348 -56.40 31.60 62.76
C GLY JA 348 -57.54 31.01 61.92
N LEU JA 349 -58.62 30.69 62.62
CA LEU JA 349 -59.89 30.29 61.99
C LEU JA 349 -60.63 31.54 61.53
N VAL JA 350 -60.55 31.83 60.25
CA VAL JA 350 -61.20 33.04 59.70
C VAL JA 350 -62.68 32.73 59.39
N PHE JA 351 -63.49 33.76 59.54
CA PHE JA 351 -64.92 33.68 59.25
C PHE JA 351 -65.21 34.21 57.84
N ARG JA 352 -65.97 33.42 57.10
CA ARG JA 352 -66.43 33.81 55.74
C ARG JA 352 -67.59 34.79 55.91
N LYS JA 353 -67.33 36.03 55.53
CA LYS JA 353 -68.28 37.14 55.73
C LYS JA 353 -69.65 36.79 55.16
N ASP JA 354 -70.67 37.06 55.99
CA ASP JA 354 -72.09 36.91 55.63
C ASP JA 354 -72.53 35.43 55.47
N SER JA 355 -71.79 34.50 56.05
CA SER JA 355 -72.18 33.08 55.98
C SER JA 355 -72.12 32.44 57.38
N ASP JA 356 -72.16 31.13 57.43
CA ASP JA 356 -71.95 30.34 58.66
C ASP JA 356 -70.76 29.38 58.48
N ASN JA 357 -69.84 29.79 57.62
CA ASN JA 357 -68.64 29.00 57.28
C ASN JA 357 -67.37 29.74 57.66
N ALA JA 358 -66.44 29.00 58.20
CA ALA JA 358 -65.09 29.48 58.54
C ALA JA 358 -64.05 28.55 57.90
N ALA JA 359 -62.83 29.02 57.73
CA ALA JA 359 -61.75 28.22 57.14
C ALA JA 359 -60.39 28.43 57.78
N PHE JA 360 -59.60 27.39 57.78
CA PHE JA 360 -58.18 27.41 58.19
C PHE JA 360 -57.33 27.51 56.93
N PHE JA 361 -56.90 28.73 56.62
CA PHE JA 361 -56.05 28.98 55.43
C PHE JA 361 -54.68 28.29 55.48
N SER JA 362 -54.16 28.08 56.69
CA SER JA 362 -52.89 27.36 56.90
C SER JA 362 -52.74 26.88 58.34
N ALA JA 363 -51.92 25.86 58.50
CA ALA JA 363 -51.63 25.26 59.81
C ALA JA 363 -50.12 25.26 60.09
N ASN JA 364 -49.54 26.44 60.13
CA ASN JA 364 -48.13 26.60 60.53
C ASN JA 364 -47.97 26.23 62.01
N SER JA 365 -46.88 25.58 62.33
CA SER JA 365 -46.58 25.25 63.73
C SER JA 365 -46.03 26.50 64.43
N THR JA 366 -45.71 26.36 65.71
CA THR JA 366 -45.09 27.47 66.46
C THR JA 366 -43.69 27.81 65.90
N GLN JA 367 -42.98 26.79 65.42
CA GLN JA 367 -41.59 26.97 64.97
C GLN JA 367 -41.46 28.07 63.91
N LYS JA 368 -40.45 28.91 64.16
CA LYS JA 368 -40.08 30.00 63.25
C LYS JA 368 -39.07 29.49 62.22
N PRO JA 369 -39.33 29.73 60.93
CA PRO JA 369 -38.43 29.34 59.84
C PRO JA 369 -37.06 30.02 59.98
N ARG JA 370 -36.02 29.29 59.59
CA ARG JA 370 -34.63 29.78 59.58
C ARG JA 370 -34.29 30.35 58.20
N PHE JA 371 -33.48 31.39 58.20
CA PHE JA 371 -33.00 32.00 56.95
C PHE JA 371 -31.57 31.53 56.66
N PHE JA 372 -31.34 31.23 55.41
CA PHE JA 372 -30.03 30.76 54.91
C PHE JA 372 -29.52 31.69 53.80
N GLY JA 373 -28.22 31.56 53.52
CA GLY JA 373 -27.56 32.34 52.45
C GLY JA 373 -28.29 32.12 51.11
N ASN JA 374 -28.41 33.19 50.35
CA ASN JA 374 -29.13 33.17 49.06
C ASN JA 374 -28.30 32.53 47.94
N THR JA 375 -28.09 31.25 48.09
CA THR JA 375 -27.36 30.43 47.11
C THR JA 375 -28.22 29.21 46.75
N PRO JA 376 -27.84 28.42 45.75
CA PRO JA 376 -28.61 27.23 45.33
C PRO JA 376 -28.82 26.25 46.51
N GLU JA 377 -27.73 26.03 47.25
CA GLU JA 377 -27.75 25.14 48.43
C GLU JA 377 -28.50 25.77 49.61
N GLY JA 378 -28.30 27.09 49.78
CA GLY JA 378 -28.91 27.85 50.89
C GLY JA 378 -30.44 27.92 50.79
N LYS JA 379 -30.91 28.08 49.56
CA LYS JA 379 -32.36 28.14 49.27
C LYS JA 379 -33.03 26.78 49.39
N ALA JA 380 -32.26 25.74 49.06
CA ALA JA 380 -32.69 24.34 49.24
C ALA JA 380 -32.85 24.01 50.73
N ALA JA 381 -31.94 24.57 51.54
CA ALA JA 381 -31.96 24.42 53.01
C ALA JA 381 -33.21 25.08 53.60
N GLU JA 382 -33.53 26.25 53.08
CA GLU JA 382 -34.71 27.00 53.48
C GLU JA 382 -36.01 26.25 53.11
N THR JA 383 -36.06 25.71 51.89
CA THR JA 383 -37.20 24.90 51.41
C THR JA 383 -37.46 23.72 52.35
N ASN JA 384 -36.38 23.01 52.67
CA ASN JA 384 -36.47 21.81 53.51
C ASN JA 384 -36.90 22.14 54.94
N TYR JA 385 -36.38 23.25 55.47
CA TYR JA 385 -36.68 23.66 56.85
C TYR JA 385 -38.13 24.14 56.99
N ARG JA 386 -38.61 24.85 55.96
CA ARG JA 386 -39.99 25.37 55.93
C ARG JA 386 -41.03 24.24 55.86
N LEU JA 387 -40.69 23.18 55.13
CA LEU JA 387 -41.57 22.00 55.07
C LEU JA 387 -41.79 21.37 56.46
N GLY JA 388 -40.68 21.41 57.23
CA GLY JA 388 -40.66 20.93 58.62
C GLY JA 388 -41.55 21.78 59.55
N THR JA 389 -41.62 23.08 59.26
CA THR JA 389 -42.36 24.05 60.10
C THR JA 389 -43.89 23.98 59.95
N GLN JA 390 -44.34 23.28 58.91
CA GLN JA 390 -45.79 23.23 58.62
C GLN JA 390 -46.38 21.86 58.94
N LEU JA 391 -47.45 21.90 59.70
CA LEU JA 391 -48.21 20.71 60.15
C LEU JA 391 -48.75 19.81 59.02
N PRO JA 392 -49.26 20.38 57.91
CA PRO JA 392 -49.76 19.58 56.78
C PRO JA 392 -48.74 18.56 56.23
N TYR JA 393 -47.45 18.84 56.45
CA TYR JA 393 -46.37 17.94 55.99
C TYR JA 393 -45.83 17.07 57.12
N MET JA 394 -45.81 17.62 58.33
CA MET JA 394 -45.38 16.87 59.53
C MET JA 394 -46.34 15.70 59.83
N PHE JA 395 -47.58 15.84 59.45
CA PHE JA 395 -48.57 14.75 59.66
C PHE JA 395 -48.23 13.53 58.81
N ILE JA 396 -47.65 13.80 57.65
CA ILE JA 396 -47.17 12.74 56.74
C ILE JA 396 -46.02 11.98 57.42
N MET JA 397 -45.05 12.72 57.91
CA MET JA 397 -43.89 12.09 58.57
C MET JA 397 -44.29 11.34 59.85
N THR JA 398 -45.29 11.86 60.56
CA THR JA 398 -45.79 11.26 61.81
C THR JA 398 -46.37 9.87 61.52
N ARG JA 399 -47.19 9.78 60.48
CA ARG JA 399 -47.81 8.50 60.10
C ARG JA 399 -46.78 7.51 59.58
N LEU JA 400 -45.78 8.03 58.87
CA LEU JA 400 -44.66 7.22 58.38
C LEU JA 400 -43.85 6.63 59.53
N ALA JA 401 -43.63 7.47 60.55
CA ALA JA 401 -42.92 7.06 61.77
C ALA JA 401 -43.70 5.96 62.53
N HIS JA 402 -45.01 6.09 62.53
CA HIS JA 402 -45.87 5.09 63.19
C HIS JA 402 -45.90 3.74 62.47
N TYR JA 403 -45.89 3.81 61.14
CA TYR JA 403 -45.89 2.59 60.31
C TYR JA 403 -44.56 1.84 60.40
N ILE JA 404 -43.47 2.61 60.44
CA ILE JA 404 -42.11 2.04 60.50
C ILE JA 404 -41.89 1.30 61.83
N LYS JA 405 -42.33 1.95 62.93
CA LYS JA 405 -42.18 1.40 64.28
C LYS JA 405 -42.89 0.04 64.40
N VAL JA 406 -44.14 0.02 63.96
CA VAL JA 406 -44.98 -1.18 64.01
C VAL JA 406 -44.42 -2.29 63.10
N LEU JA 407 -44.40 -1.99 61.80
CA LEU JA 407 -44.03 -2.98 60.78
C LEU JA 407 -42.61 -3.55 60.94
N GLN JA 408 -41.71 -2.72 61.45
CA GLN JA 408 -40.31 -3.14 61.66
C GLN JA 408 -40.13 -4.10 62.83
N ARG JA 409 -40.95 -3.93 63.87
CA ARG JA 409 -40.90 -4.85 65.02
C ARG JA 409 -41.29 -6.28 64.64
N GLU JA 410 -42.19 -6.37 63.66
CA GLU JA 410 -42.59 -7.67 63.08
C GLU JA 410 -41.46 -8.38 62.35
N GLN JA 411 -40.52 -7.59 61.84
CA GLN JA 411 -39.38 -8.09 61.04
C GLN JA 411 -38.17 -8.48 61.90
N ILE JA 412 -38.12 -8.03 63.15
CA ILE JA 412 -37.00 -8.38 64.05
C ILE JA 412 -36.87 -9.91 64.14
N GLY JA 413 -35.62 -10.36 63.94
CA GLY JA 413 -35.31 -11.80 64.01
C GLY JA 413 -35.15 -12.44 62.63
N SER JA 414 -35.66 -11.76 61.60
CA SER JA 414 -35.56 -12.24 60.20
C SER JA 414 -34.12 -12.11 59.68
N TRP JA 415 -33.80 -12.95 58.72
CA TRP JA 415 -32.47 -12.97 58.06
C TRP JA 415 -32.34 -11.78 57.10
N LYS JA 416 -31.96 -10.63 57.63
CA LYS JA 416 -31.81 -9.42 56.82
C LYS JA 416 -30.37 -8.93 56.78
N GLU JA 417 -29.83 -8.90 55.58
CA GLU JA 417 -28.53 -8.26 55.28
C GLU JA 417 -28.81 -6.80 54.90
N LYS JA 418 -27.77 -5.99 54.82
CA LYS JA 418 -27.91 -4.54 54.54
C LYS JA 418 -28.81 -4.22 53.33
N SER JA 419 -28.46 -4.83 52.19
CA SER JA 419 -29.18 -4.64 50.92
C SER JA 419 -30.58 -5.23 50.93
N ASP JA 420 -30.84 -6.16 51.86
CA ASP JA 420 -32.19 -6.72 52.05
C ASP JA 420 -33.17 -5.65 52.57
N LEU JA 421 -32.67 -4.82 53.48
CA LEU JA 421 -33.45 -3.69 54.01
C LEU JA 421 -33.72 -2.62 52.96
N GLU JA 422 -32.71 -2.34 52.13
CA GLU JA 422 -32.88 -1.35 51.05
C GLU JA 422 -33.91 -1.80 50.03
N ARG JA 423 -33.89 -3.09 49.71
CA ARG JA 423 -34.84 -3.67 48.74
C ARG JA 423 -36.27 -3.62 49.27
N GLU JA 424 -36.46 -4.11 50.49
CA GLU JA 424 -37.79 -4.19 51.10
C GLU JA 424 -38.36 -2.82 51.47
N LEU JA 425 -37.53 -1.99 52.07
CA LEU JA 425 -37.92 -0.61 52.44
C LEU JA 425 -38.32 0.24 51.22
N ASN JA 426 -37.63 0.00 50.11
CA ASN JA 426 -37.97 0.68 48.85
C ASN JA 426 -39.33 0.25 48.30
N HIS JA 427 -39.55 -1.07 48.32
CA HIS JA 427 -40.82 -1.63 47.85
C HIS JA 427 -42.00 -1.18 48.73
N TRP JA 428 -41.71 -0.99 50.02
CA TRP JA 428 -42.72 -0.55 50.99
C TRP JA 428 -43.12 0.91 50.76
N LEU JA 429 -42.12 1.78 50.68
CA LEU JA 429 -42.41 3.21 50.59
C LEU JA 429 -43.17 3.57 49.30
N SER JA 430 -42.87 2.84 48.24
CA SER JA 430 -43.55 3.01 46.95
C SER JA 430 -45.08 2.94 47.07
N GLN JA 431 -45.54 2.26 48.11
CA GLN JA 431 -46.97 2.12 48.40
C GLN JA 431 -47.69 3.48 48.52
N TYR JA 432 -46.98 4.49 49.00
CA TYR JA 432 -47.58 5.82 49.21
C TYR JA 432 -47.03 6.89 48.26
N ILE JA 433 -46.52 6.45 47.13
CA ILE JA 433 -45.93 7.38 46.14
C ILE JA 433 -46.82 7.47 44.90
N SER JA 434 -47.03 8.70 44.47
CA SER JA 434 -47.75 9.00 43.22
C SER JA 434 -46.85 9.86 42.35
N ASP JA 435 -46.04 9.20 41.56
CA ASP JA 435 -44.99 9.84 40.73
C ASP JA 435 -45.41 9.92 39.25
N MET JA 436 -46.67 10.20 39.03
CA MET JA 436 -47.19 10.33 37.66
C MET JA 436 -47.04 11.77 37.18
N ASP JA 437 -47.14 11.94 35.87
CA ASP JA 437 -47.03 13.26 35.23
C ASP JA 437 -48.01 14.29 35.83
N ASP JA 438 -49.22 13.82 36.12
CA ASP JA 438 -50.32 14.64 36.63
C ASP JA 438 -51.41 13.76 37.26
N PRO JA 439 -51.24 13.39 38.48
CA PRO JA 439 -52.22 12.63 39.28
C PRO JA 439 -53.45 13.50 39.48
N ALA JA 440 -54.61 12.82 39.52
CA ALA JA 440 -55.84 13.57 39.74
C ALA JA 440 -55.73 14.43 41.02
N PRO JA 441 -56.08 15.70 40.89
CA PRO JA 441 -55.95 16.69 41.97
C PRO JA 441 -56.75 16.22 43.18
N ALA JA 442 -56.13 16.32 44.36
CA ALA JA 442 -56.72 15.83 45.62
C ALA JA 442 -56.89 14.28 45.61
N VAL JA 443 -56.02 13.62 44.87
CA VAL JA 443 -55.99 12.14 44.76
C VAL JA 443 -54.60 11.64 45.15
N ARG JA 444 -53.61 12.39 44.69
CA ARG JA 444 -52.43 12.82 45.46
C ARG JA 444 -52.66 12.80 46.99
N SER JA 445 -53.91 13.03 47.39
CA SER JA 445 -54.32 12.96 48.78
C SER JA 445 -54.06 11.60 49.46
N ARG JA 446 -54.54 10.50 48.86
CA ARG JA 446 -54.27 9.16 49.41
C ARG JA 446 -52.79 8.73 49.29
N ARG JA 447 -52.11 9.29 48.28
CA ARG JA 447 -50.67 9.08 48.08
C ARG JA 447 -49.91 10.42 48.16
N PRO JA 448 -49.63 10.84 49.39
CA PRO JA 448 -49.07 12.17 49.70
C PRO JA 448 -47.67 12.43 49.13
N LEU JA 449 -46.91 11.37 48.93
CA LEU JA 449 -45.52 11.48 48.47
C LEU JA 449 -45.40 11.45 46.95
N ARG JA 450 -44.42 12.18 46.47
CA ARG JA 450 -44.08 12.23 45.03
C ARG JA 450 -42.80 11.43 44.75
N ALA JA 451 -41.81 11.61 45.60
CA ALA JA 451 -40.54 10.88 45.53
C ALA JA 451 -40.06 10.52 46.93
N ALA JA 452 -39.19 9.54 46.99
CA ALA JA 452 -38.53 9.14 48.22
C ALA JA 452 -37.27 8.33 47.99
N ARG JA 453 -36.35 8.52 48.90
CA ARG JA 453 -35.02 7.89 48.84
C ARG JA 453 -34.68 7.23 50.17
N VAL JA 454 -34.16 6.02 50.06
CA VAL JA 454 -33.72 5.23 51.23
C VAL JA 454 -32.27 4.76 51.02
N VAL JA 455 -31.48 4.98 52.05
CA VAL JA 455 -30.12 4.43 52.16
C VAL JA 455 -29.98 3.68 53.48
N VAL JA 456 -29.31 2.55 53.42
CA VAL JA 456 -29.07 1.73 54.62
C VAL JA 456 -27.57 1.44 54.74
N GLU JA 457 -27.04 1.70 55.91
CA GLU JA 457 -25.64 1.37 56.22
C GLU JA 457 -25.61 0.44 57.43
N ASP JA 458 -24.41 -0.03 57.75
CA ASP JA 458 -24.21 -0.96 58.87
C ASP JA 458 -23.64 -0.21 60.07
N VAL JA 459 -24.16 -0.56 61.24
CA VAL JA 459 -23.59 -0.10 62.52
C VAL JA 459 -22.33 -0.94 62.77
N GLU JA 460 -21.19 -0.37 62.44
CA GLU JA 460 -19.89 -1.07 62.52
C GLU JA 460 -19.63 -1.52 63.97
N GLY JA 461 -19.20 -2.79 64.05
CA GLY JA 461 -18.92 -3.45 65.34
C GLY JA 461 -20.20 -3.82 66.12
N GLN JA 462 -21.31 -3.90 65.38
CA GLN JA 462 -22.61 -4.34 65.92
C GLN JA 462 -23.42 -5.05 64.82
N PRO JA 463 -23.12 -6.33 64.61
CA PRO JA 463 -23.74 -7.15 63.54
C PRO JA 463 -25.23 -7.33 63.81
N GLY JA 464 -26.03 -7.06 62.78
CA GLY JA 464 -27.50 -7.18 62.88
C GLY JA 464 -28.19 -5.83 63.02
N TRP JA 465 -27.42 -4.79 63.32
CA TRP JA 465 -27.93 -3.42 63.47
C TRP JA 465 -27.56 -2.56 62.26
N TYR JA 466 -28.50 -1.73 61.89
CA TYR JA 466 -28.39 -0.89 60.68
C TYR JA 466 -28.76 0.56 60.96
N ARG JA 467 -28.22 1.43 60.12
CA ARG JA 467 -28.53 2.87 60.14
C ARG JA 467 -29.24 3.25 58.84
N CYS JA 468 -30.50 3.63 58.97
CA CYS JA 468 -31.35 3.90 57.81
C CYS JA 468 -31.69 5.39 57.70
N SER JA 469 -31.62 5.88 56.49
CA SER JA 469 -32.01 7.27 56.16
C SER JA 469 -33.14 7.28 55.14
N LEU JA 470 -34.20 7.93 55.54
CA LEU JA 470 -35.41 8.09 54.72
C LEU JA 470 -35.74 9.57 54.47
N GLN JA 471 -35.67 9.94 53.21
CA GLN JA 471 -35.97 11.32 52.77
C GLN JA 471 -37.10 11.29 51.73
N VAL JA 472 -38.06 12.18 51.91
CA VAL JA 472 -39.27 12.20 51.07
C VAL JA 472 -39.58 13.59 50.51
N ARG JA 473 -40.17 13.60 49.34
CA ARG JA 473 -40.60 14.83 48.65
C ARG JA 473 -42.13 14.75 48.48
N PRO JA 474 -42.86 15.39 49.38
CA PRO JA 474 -44.34 15.42 49.37
C PRO JA 474 -44.84 16.34 48.25
N HIS JA 475 -46.07 16.11 47.80
CA HIS JA 475 -46.73 17.05 46.88
C HIS JA 475 -46.95 18.39 47.61
N PHE JA 476 -46.86 19.47 46.86
CA PHE JA 476 -46.96 20.82 47.46
C PHE JA 476 -48.37 21.37 47.49
N LYS JA 477 -48.68 21.97 48.62
CA LYS JA 477 -49.93 22.72 48.80
C LYS JA 477 -49.79 24.12 48.20
N TYR JA 478 -50.86 24.56 47.55
CA TYR JA 478 -50.97 25.92 47.01
C TYR JA 478 -51.27 26.89 48.16
N MET JA 479 -50.29 27.73 48.48
CA MET JA 479 -50.39 28.58 49.70
C MET JA 479 -50.08 30.07 49.49
N GLY JA 480 -50.34 30.55 48.26
CA GLY JA 480 -50.12 31.97 47.93
C GLY JA 480 -49.36 32.15 46.61
N ALA JA 481 -49.52 33.34 46.06
CA ALA JA 481 -48.97 33.71 44.74
C ALA JA 481 -49.10 35.22 44.51
N SER JA 482 -48.17 35.74 43.72
CA SER JA 482 -48.17 37.15 43.31
C SER JA 482 -48.48 37.23 41.81
N PHE JA 483 -49.33 38.18 41.46
CA PHE JA 483 -49.78 38.38 40.08
C PHE JA 483 -49.35 39.76 39.55
N THR JA 484 -48.88 39.74 38.31
CA THR JA 484 -48.51 40.95 37.57
C THR JA 484 -49.40 41.09 36.33
N LEU JA 485 -50.28 42.05 36.37
CA LEU JA 485 -51.20 42.30 35.25
C LEU JA 485 -50.60 43.34 34.31
N SER JA 486 -50.86 43.16 33.02
CA SER JA 486 -50.31 44.08 32.01
C SER JA 486 -51.10 44.02 30.71
N LEU JA 487 -51.55 45.20 30.30
CA LEU JA 487 -52.10 45.42 28.95
C LEU JA 487 -50.94 45.43 27.96
N VAL JA 488 -51.18 44.94 26.76
CA VAL JA 488 -50.14 44.80 25.74
C VAL JA 488 -50.75 44.75 24.34
N GLY JA 489 -50.06 45.42 23.43
CA GLY JA 489 -50.36 45.35 21.99
C GLY JA 489 -49.35 44.42 21.34
N LYS JA 490 -49.71 43.82 20.25
CA LYS JA 490 -48.86 42.88 19.44
C LYS JA 490 -48.40 41.64 20.23
N LEU JA 491 -49.19 41.27 21.23
CA LEU JA 491 -48.94 40.04 22.00
C LEU JA 491 -49.09 38.85 21.06
N ASP JA 492 -48.22 37.85 21.21
CA ASP JA 492 -48.39 36.60 20.44
C ASP JA 492 -49.75 36.00 20.78
N LYS JA 493 -50.51 35.65 19.75
CA LYS JA 493 -51.90 35.18 19.91
C LYS JA 493 -52.01 33.84 20.70
#